data_7CW3
#
_entry.id   7CW3
#
loop_
_entity.id
_entity.type
_entity.pdbx_description
1 polymer 'E1 glycoprotein'
2 polymer 'E2 glycoprotein'
3 polymer 'Fab heavy chain'
4 polymer 'Fab light chain'
5 polymer 'Capsid protein'
#
loop_
_entity_poly.entity_id
_entity_poly.type
_entity_poly.pdbx_seq_one_letter_code
_entity_poly.pdbx_strand_id
1 'polypeptide(L)'
;YEHVTVIPNTVGVPYKTLVNRPGYSPMVLEMELLSVTLEPTLSLDYITCEYKTVIPSPYVKCCGTAECKDKNLPDYSCKV
FTGVYPFMWGGAYCFCDAENTQLSEAHVEKSESCKTEFASAYRAHTASASAKLRVLYQGNNITVTAYANGDHAVTVKDAK
FIVGPMSSAWTPFDNKIVVYKGDVYNMDYPPFGAGRPGQFGDIQSRTPESKDVYANTQLVLQRPAAGTVHVPYSQAPSGF
KYWLKERGASLQHTAPFGCQIATNPVRAVNCAVGNMPISIDIPEAAFTRVVDAPSLTDMSCEVPACTHSSDFGGVAIIKY
AASKKGKCAVHSMTNAVTIREAEIEVEGNSQLQISFSTALASAEFRVQVCSTQVHCAAECHPPKRTTVYYPASHTTLGVQ
DISATAMSWVQKITGGVGLVVAVAALILIVVLCVSFSRH
;
A,C,G,E,K,I,i,g,e,W,U,Y,S,c,a,Q,O,M
2 'polypeptide(L)'
;NFNVYKATRPYLAHCPDCGEGHSCHSPVALERIRNEATDGTLKIQVSLQIGIKTDDSHDWTKLRYMDNHMPADAERAGLF
VRTSAPCTITGTIGHFILARCPKGETLTVGFTDSRKISHSCTHPFHHDPPVIGREKFHSRPQHGKELPCSTYVQSTAATT
EEIEVHMPPDTPDHTLMSQQSGNVKITVNGQTVRYKCNCGGSNEGLTTTDKVINNCKVDQCHAAVTNHKKWQYNSPLVPR
NAELGDRKGKIHIPFPLANVTCRVPKARNPTVTYGKNQVIMLLYPDHPTLLSYRNMGEEPNYQEEWVMHKKEVVLTVPTE
GLEVTWGNNEPYKYWPQLSTNGTAHGHPHEIILYYYELYPTMTVVVVSVATFILLSMVGMAAGMCMCARRRCITPYELTP
GATVPFLLSLICCIRTAKA
;
B,D,H,F,L,J,j,h,f,X,V,Z,T,d,b,R,P,N
3 'polypeptide(L)'
;VQLQQSGAELVKPGASVKISCKASGYAFSSYWMNWVKQRPGKGLEWIGQIYPGDGDTNYNGKFKGKATLTADKSSSTAYM
QLSSLTSEDSAVYFCARGGLTIDYWGQGTTLTVSSAKTTAPSVYPLAPVCGGTTGSSVTLGCLVKGYFPEPVTLTWNSGS
LSSGVHTFPALLQSGLYTLSSSVTVTSNTWPSQTITCNVAHPASSTKVDKKIESRR
;
q,k,m,o
4 'polypeptide(L)'
;DIVLTQSPATLSVTPGDSVSLSCRASQSISDNLHWYQQKSHESPGLLIKYASQSISGIPSRFSGSGSGTDFTLSINSVET
EDFGMYFCQQSNSWPYTFGGGTKLEIKRADAAPTVSIFPPSSEQLTSGGASVVCFLNNFYPKDINVKWKIDGSERQNGVL
NSWTDQDSKDSTYSMSSTLTLTKDEYERHNSYTCEATHKTSTSPIVKSFNRNE
;
r,l,n,p
5 'polypeptide(L)'
;NDCIFEVKHEGKVTGYACLVGDKVMKPAHVKGTIDNADLAKLAFKRSSKYDLECAQIPVHMKSDASKFTHEKPEGYYNWH
HGAVQYSGGRFTIPTGAGKPGDSGRPIFDNKGRVVAIVLGGANEGARTALSVVTWNKDIVTKITPEGAEEW
;
s,t
#
# COMPACT_ATOMS: atom_id res chain seq x y z
CA TYR A 1 -14.53 49.15 8.56
CA GLU A 2 -14.49 51.53 11.52
CA HIS A 3 -12.77 49.47 14.20
CA VAL A 4 -13.67 51.10 17.51
CA THR A 5 -11.60 49.55 20.28
CA VAL A 6 -10.91 50.41 23.92
CA ILE A 7 -7.27 50.03 24.90
CA PRO A 8 -6.18 50.16 28.55
CA ASN A 9 -3.83 52.78 29.99
CA THR A 10 -0.28 51.52 30.51
CA VAL A 11 3.38 52.19 30.13
CA GLY A 12 4.57 50.51 26.95
CA VAL A 13 2.66 47.20 27.21
CA PRO A 14 1.45 46.14 23.73
CA TYR A 15 -2.22 45.25 24.03
CA LYS A 16 -3.32 42.74 21.38
CA THR A 17 -6.02 44.47 19.35
CA LEU A 18 -8.14 42.18 17.21
CA VAL A 19 -8.76 44.02 13.96
CA ASN A 20 -11.23 41.51 12.53
CA ARG A 21 -12.06 42.17 8.94
CA PRO A 22 -15.66 41.89 7.71
CA GLY A 23 -15.47 38.63 5.82
CA TYR A 24 -11.72 38.47 5.40
CA SER A 25 -8.74 37.13 7.34
CA PRO A 26 -8.08 39.44 10.34
CA MET A 27 -4.81 41.19 11.05
CA VAL A 28 -4.70 41.33 14.85
CA LEU A 29 -2.45 44.28 15.65
CA GLU A 30 -0.97 45.22 19.02
CA MET A 31 -0.70 48.76 20.35
CA GLU A 32 1.04 50.32 23.32
CA LEU A 33 0.77 53.89 24.52
CA LEU A 34 3.78 55.86 25.71
CA SER A 35 2.68 59.09 27.43
CA VAL A 36 -0.61 60.36 28.85
CA THR A 37 0.09 64.08 28.92
CA LEU A 38 -2.83 65.87 30.57
CA GLU A 39 -2.28 69.51 31.38
CA PRO A 40 -3.93 71.72 33.99
CA THR A 41 -4.24 75.47 33.66
CA LEU A 42 -2.16 78.17 35.28
CA SER A 43 -3.79 81.28 36.68
CA LEU A 44 -1.67 83.59 38.79
CA ASP A 45 -2.82 84.46 42.28
CA TYR A 46 0.50 85.87 43.44
CA ILE A 47 4.21 85.34 43.40
CA THR A 48 6.37 85.79 46.47
CA CYS A 49 9.93 86.99 46.96
CA GLU A 50 12.36 87.36 49.77
CA TYR A 51 12.00 90.51 51.80
CA LYS A 52 14.35 93.43 51.20
CA THR A 53 14.16 95.84 54.09
CA VAL A 54 15.68 98.74 52.17
CA ILE A 55 16.97 100.89 55.02
CA PRO A 56 18.20 104.32 53.93
CA SER A 57 20.14 106.64 56.19
CA PRO A 58 18.48 107.62 59.48
CA TYR A 59 16.86 110.98 60.15
CA VAL A 60 18.70 112.59 63.07
CA LYS A 61 18.26 116.05 64.60
CA CYS A 62 20.62 118.10 66.79
CA CYS A 63 19.16 119.42 70.08
CA GLY A 64 15.64 118.97 68.76
CA THR A 65 12.90 116.44 68.20
CA ALA A 66 12.85 114.68 64.84
CA GLU A 67 9.48 114.19 63.16
CA CYS A 68 7.67 111.13 61.81
CA LYS A 69 6.51 111.98 58.31
CA ASP A 70 4.22 109.12 57.32
CA LYS A 71 3.73 108.24 53.68
CA ASN A 72 3.09 105.20 51.60
CA LEU A 73 6.10 102.97 51.08
CA PRO A 74 5.70 99.18 50.80
CA ASP A 75 5.52 98.25 54.49
CA TYR A 76 6.56 101.77 55.45
CA SER A 77 8.08 102.31 58.88
CA CYS A 78 9.67 105.30 60.56
CA LYS A 79 9.99 105.94 64.29
CA VAL A 80 11.75 108.86 65.94
CA PHE A 81 14.26 107.73 68.54
CA THR A 82 14.95 110.45 71.05
CA GLY A 83 17.69 111.09 73.57
CA VAL A 84 20.37 109.16 71.67
CA TYR A 85 23.91 110.57 71.88
CA PRO A 86 25.37 109.08 68.70
CA PHE A 87 29.08 108.65 68.09
CA MET A 88 31.17 108.61 64.97
CA TRP A 89 34.93 107.99 64.53
CA GLY A 90 36.07 110.98 66.53
CA GLY A 91 33.51 110.53 69.28
CA ALA A 92 30.04 111.97 69.40
CA TYR A 93 28.09 113.11 66.33
CA CYS A 94 26.89 116.15 68.28
CA PHE A 95 27.46 117.72 71.68
CA CYS A 96 23.96 117.89 72.85
CA ASP A 97 24.16 117.12 76.57
CA ALA A 98 21.55 114.38 76.21
CA GLU A 99 18.99 115.20 73.10
CA ASN A 100 19.69 113.88 69.66
CA THR A 101 16.57 112.47 68.05
CA GLN A 102 17.16 109.98 65.25
CA LEU A 103 14.33 108.63 63.11
CA SER A 104 15.12 105.33 61.47
CA GLU A 105 13.52 104.75 58.09
CA ALA A 106 12.88 101.21 56.88
CA HIS A 107 10.50 99.69 54.36
CA VAL A 108 10.44 96.62 52.15
CA GLU A 109 10.54 96.15 48.37
CA LYS A 110 10.50 93.14 46.05
CA SER A 111 13.51 91.25 44.80
CA GLU A 112 15.59 91.41 41.66
CA SER A 113 16.25 87.74 42.35
CA CYS A 114 12.49 87.03 42.45
CA LYS A 115 12.20 88.58 39.00
CA THR A 116 13.59 85.39 37.50
CA GLU A 117 13.68 82.82 40.34
CA PHE A 118 10.80 82.84 42.76
CA ALA A 119 7.92 80.90 44.26
CA SER A 120 4.67 81.51 42.42
CA ALA A 121 1.19 80.79 43.72
CA TYR A 122 -1.47 79.88 41.18
CA ARG A 123 -4.41 77.62 40.41
CA ALA A 124 -4.26 74.69 38.02
CA HIS A 125 -7.65 73.64 36.72
CA THR A 126 -8.38 71.83 33.46
CA ALA A 127 -8.18 68.43 31.79
CA SER A 128 -6.48 68.56 28.40
CA ALA A 129 -5.00 65.13 27.72
CA SER A 130 -2.32 64.26 25.16
CA ALA A 131 -1.33 60.80 23.96
CA LYS A 132 1.73 59.09 22.49
CA LEU A 133 0.59 55.81 20.94
CA ARG A 134 2.54 53.09 19.10
CA VAL A 135 1.03 50.82 16.43
CA LEU A 136 2.65 48.12 14.36
CA TYR A 137 0.95 49.12 11.18
CA GLN A 138 0.56 45.88 9.28
CA GLY A 139 3.64 45.08 11.34
CA ASN A 140 5.24 48.48 10.64
CA ASN A 141 6.39 49.83 14.00
CA ILE A 142 5.19 53.44 13.96
CA THR A 143 4.24 55.82 16.76
CA VAL A 144 1.27 58.16 16.37
CA THR A 145 0.67 61.30 18.40
CA ALA A 146 -2.74 62.10 19.83
CA TYR A 147 -4.74 63.94 22.35
CA ALA A 148 -6.14 61.39 24.79
CA ASN A 149 -9.56 63.03 24.75
CA GLY A 150 -12.03 63.00 21.87
CA ASP A 151 -10.73 66.03 19.96
CA HIS A 152 -7.45 65.33 18.12
CA ALA A 153 -7.71 63.05 15.10
CA VAL A 154 -5.14 62.94 12.30
CA THR A 155 -4.82 60.55 9.39
CA VAL A 156 -1.49 58.75 9.05
CA LYS A 157 -0.81 55.89 6.59
CA ASP A 158 -4.40 55.38 5.29
CA ALA A 159 -5.99 55.37 8.78
CA LYS A 160 -6.93 57.83 11.51
CA PHE A 161 -8.09 57.45 15.10
CA ILE A 162 -10.34 58.82 17.80
CA VAL A 163 -8.18 58.34 20.89
CA GLY A 164 -10.35 58.80 23.94
CA PRO A 165 -12.24 60.59 25.42
CA MET A 166 -10.72 59.85 28.78
CA SER A 167 -12.64 57.62 31.16
CA SER A 168 -10.83 58.49 34.39
CA ALA A 169 -10.84 62.23 35.11
CA TRP A 170 -8.35 61.98 37.98
CA THR A 171 -5.79 64.75 38.32
CA PRO A 172 -2.86 65.01 40.76
CA PHE A 173 -3.27 68.81 40.65
CA ASP A 174 -5.10 70.64 43.43
CA ASN A 175 -6.60 74.11 43.29
CA LYS A 176 -3.86 75.86 45.28
CA ILE A 177 -0.36 75.07 44.09
CA VAL A 178 2.99 76.89 44.11
CA VAL A 179 5.75 76.56 41.52
CA TYR A 180 9.31 77.62 42.37
CA LYS A 181 12.18 78.14 39.85
CA GLY A 182 11.91 74.56 38.60
CA ASP A 183 9.65 72.53 40.88
CA VAL A 184 5.93 72.72 41.67
CA TYR A 185 4.43 72.27 45.15
CA ASN A 186 0.76 71.59 45.85
CA MET A 187 0.67 73.29 49.22
CA ASP A 188 -2.66 75.01 49.74
CA TYR A 189 -1.18 78.50 49.99
CA PRO A 190 -2.73 81.38 51.85
CA PRO A 191 -3.83 83.47 48.86
CA PHE A 192 -3.13 87.07 47.81
CA GLY A 193 -2.95 89.58 50.65
CA ALA A 194 -2.92 86.84 53.31
CA GLY A 195 0.81 86.56 53.94
CA ARG A 196 1.38 86.75 57.67
CA PRO A 197 4.67 88.03 59.20
CA GLY A 198 7.14 85.22 58.83
CA GLN A 199 4.72 83.28 56.67
CA PHE A 200 5.36 82.10 53.11
CA GLY A 201 4.12 84.90 50.90
CA ASP A 202 4.33 87.83 53.32
CA ILE A 203 5.78 89.77 50.39
CA GLN A 204 2.95 89.19 48.01
CA SER A 205 2.51 90.46 44.47
CA ARG A 206 0.95 88.93 41.38
CA THR A 207 3.71 89.11 38.77
CA PRO A 208 7.43 89.68 39.58
CA GLU A 209 7.33 93.17 38.05
CA SER A 210 3.96 94.00 39.62
CA LYS A 211 4.15 96.48 42.49
CA ASP A 212 0.80 95.44 44.02
CA VAL A 213 2.78 94.87 47.19
CA TYR A 214 1.04 93.20 50.05
CA ALA A 215 3.68 93.38 52.74
CA ASN A 216 2.84 92.12 56.21
CA THR A 217 6.36 91.20 57.30
CA GLN A 218 7.05 93.09 60.59
CA LEU A 219 8.95 96.25 59.60
CA VAL A 220 9.64 97.67 63.08
CA LEU A 221 12.61 99.45 64.71
CA GLN A 222 13.23 99.39 68.45
CA ARG A 223 15.80 102.18 69.33
CA PRO A 224 19.54 102.84 69.14
CA ALA A 225 19.85 103.27 72.87
CA ALA A 226 22.15 106.22 73.64
CA GLY A 227 25.48 105.32 72.16
CA THR A 228 26.33 105.48 68.45
CA VAL A 229 25.15 105.98 64.89
CA HIS A 230 23.11 102.87 64.86
CA VAL A 231 20.02 101.12 63.58
CA PRO A 232 19.04 98.01 65.55
CA TYR A 233 16.37 96.01 63.80
CA SER A 234 13.87 93.65 65.32
CA GLN A 235 13.35 91.09 62.61
CA ALA A 236 11.43 91.07 59.40
CA PRO A 237 10.65 87.33 59.27
CA SER A 238 10.39 86.13 55.77
CA GLY A 239 8.64 84.39 52.91
CA PHE A 240 11.66 82.62 51.32
CA LYS A 241 14.00 82.19 54.32
CA TYR A 242 10.82 80.74 55.87
CA TRP A 243 10.16 78.63 52.74
CA LEU A 244 13.60 77.07 52.09
CA LYS A 245 13.12 74.43 54.82
CA GLU A 246 9.44 73.69 54.17
CA ARG A 247 9.71 73.06 50.44
CA GLY A 248 9.13 69.37 50.98
CA ALA A 249 8.14 67.18 48.04
CA SER A 250 7.22 68.27 44.53
CA LEU A 251 4.25 66.93 42.57
CA GLN A 252 6.59 64.51 40.81
CA HIS A 253 7.34 63.30 44.36
CA THR A 254 3.81 62.99 45.74
CA ALA A 255 1.55 61.99 42.85
CA PRO A 256 -0.13 58.58 43.06
CA PHE A 257 0.02 56.11 40.14
CA GLY A 258 3.79 56.71 40.36
CA CYS A 259 4.19 59.09 37.43
CA GLN A 260 6.26 62.23 37.33
CA ILE A 261 4.95 65.70 36.60
CA ALA A 262 6.58 67.48 33.67
CA THR A 263 7.02 71.20 34.20
CA ASN A 264 7.28 74.52 32.31
CA PRO A 265 4.27 74.56 31.67
CA VAL A 266 3.20 72.02 34.30
CA ARG A 267 1.38 68.82 33.28
CA ALA A 268 1.15 65.19 34.34
CA VAL A 269 2.91 62.64 32.17
CA ASN A 270 1.51 59.08 31.95
CA CYS A 271 -0.13 57.97 35.15
CA ALA A 272 -1.57 54.63 33.99
CA VAL A 273 -5.21 55.21 34.97
CA GLY A 274 -8.32 54.01 33.17
CA ASN A 275 -8.57 53.11 29.49
CA MET A 276 -8.42 54.62 26.00
CA PRO A 277 -11.40 54.37 23.66
CA ILE A 278 -9.72 54.20 20.26
CA SER A 279 -11.86 54.48 17.12
CA ILE A 280 -9.69 53.61 14.11
CA ASP A 281 -10.74 52.66 10.58
CA ILE A 282 -9.57 50.17 7.96
CA PRO A 283 -10.79 49.65 4.40
CA GLU A 284 -11.10 46.32 2.70
CA ALA A 285 -8.92 47.67 -0.11
CA ALA A 286 -5.55 48.19 1.61
CA PHE A 287 -6.27 44.98 3.53
CA THR A 288 -6.24 41.53 2.01
CA ARG A 289 -8.76 38.75 1.52
CA VAL A 290 -9.32 35.45 3.30
CA VAL A 291 -8.87 33.59 0.00
CA ASP A 292 -5.32 34.75 -0.83
CA ALA A 293 -4.44 34.41 2.83
CA PRO A 294 -3.74 30.71 3.42
CA SER A 295 -6.51 28.75 5.10
CA LEU A 296 -5.05 26.37 7.64
CA THR A 297 -5.76 23.03 9.27
CA ASP A 298 -3.78 20.27 11.01
CA MET A 299 -2.96 22.55 13.95
CA SER A 300 -1.74 20.34 16.80
CA CYS A 301 -2.07 22.10 20.15
CA GLU A 302 1.00 22.01 22.39
CA VAL A 303 3.45 24.29 24.13
CA PRO A 304 7.14 23.71 24.69
CA ALA A 305 6.73 25.57 27.99
CA CYS A 306 4.77 28.36 29.66
CA THR A 307 5.34 30.17 32.96
CA HIS A 308 2.33 31.96 34.43
CA SER A 309 3.78 35.16 35.85
CA SER A 310 3.94 38.73 34.55
CA ASP A 311 6.85 37.71 32.30
CA PHE A 312 6.79 36.47 28.70
CA GLY A 313 7.61 32.98 29.99
CA GLY A 314 5.17 31.33 27.63
CA VAL A 315 5.50 30.11 24.07
CA ALA A 316 3.39 27.77 21.96
CA ILE A 317 4.56 25.76 18.95
CA ILE A 318 1.82 24.88 16.49
CA LYS A 319 2.56 22.16 13.94
CA TYR A 320 0.19 22.58 11.02
CA ALA A 321 -0.54 22.52 7.29
CA ALA A 322 -1.90 25.65 5.61
CA SER A 323 -2.86 26.11 1.95
CA LYS A 324 -1.04 28.95 0.18
CA LYS A 325 1.79 31.39 0.68
CA GLY A 326 0.98 34.48 2.72
CA LYS A 327 1.07 36.21 6.09
CA CYS A 328 -1.33 35.53 8.93
CA ALA A 329 -2.57 36.81 12.29
CA VAL A 330 -2.80 35.22 15.76
CA HIS A 331 -5.46 35.90 18.39
CA SER A 332 -6.62 34.16 21.54
CA MET A 333 -9.80 35.46 23.23
CA THR A 334 -8.16 34.72 26.55
CA ASN A 335 -7.20 38.26 27.49
CA ALA A 336 -5.34 37.26 30.66
CA VAL A 337 -2.90 35.37 28.41
CA THR A 338 -1.38 38.07 26.23
CA ILE A 339 0.28 36.85 23.04
CA ARG A 340 3.50 38.63 22.09
CA GLU A 341 3.46 38.51 18.29
CA ALA A 342 0.67 37.91 15.79
CA GLU A 343 1.89 38.65 12.25
CA ILE A 344 3.68 35.59 10.87
CA GLU A 345 4.22 34.55 7.26
CA VAL A 346 2.09 30.36 7.00
CA GLU A 347 3.40 29.04 3.64
CA GLY A 348 1.35 25.84 3.55
CA ASN A 349 2.73 22.81 5.36
CA SER A 350 4.97 24.22 8.09
CA GLN A 351 5.29 25.06 11.79
CA LEU A 352 5.24 28.47 13.45
CA GLN A 353 5.91 30.01 16.85
CA ILE A 354 3.97 32.37 19.09
CA SER A 355 5.19 33.48 22.50
CA PHE A 356 2.96 34.91 25.20
CA SER A 357 2.78 36.30 28.69
CA THR A 358 1.06 33.56 30.62
CA ALA A 359 -1.78 33.50 33.11
CA LEU A 360 -3.45 30.12 33.43
CA ALA A 361 -1.90 27.15 35.22
CA SER A 362 -3.60 24.78 32.78
CA ALA A 363 -3.73 27.10 29.76
CA GLU A 364 -6.52 25.38 27.84
CA PHE A 365 -7.71 28.09 25.44
CA ARG A 366 -8.36 28.66 21.74
CA VAL A 367 -6.49 30.69 19.16
CA GLN A 368 -8.23 32.38 16.25
CA VAL A 369 -5.81 32.09 13.34
CA CYS A 370 -7.16 34.18 10.41
CA SER A 371 -10.89 33.35 10.74
CA THR A 372 -10.03 29.72 11.61
CA GLN A 373 -10.37 28.38 15.12
CA VAL A 374 -7.91 26.04 16.80
CA HIS A 375 -7.75 25.24 20.49
CA CYS A 376 -4.39 25.55 22.28
CA ALA A 377 -3.46 23.05 24.99
CA ALA A 378 -0.97 23.83 27.75
CA GLU A 379 -0.03 22.86 31.29
CA CYS A 380 2.00 25.75 32.68
CA HIS A 381 5.48 26.62 35.26
CA PRO A 382 4.83 28.32 38.59
CA PRO A 383 6.56 31.68 38.97
CA LYS A 384 10.15 31.31 40.14
CA ARG A 385 13.35 33.35 39.79
CA THR A 386 11.44 35.49 36.32
CA THR A 387 13.18 38.51 39.13
CA VAL A 388 12.91 42.20 40.21
CA TYR A 389 13.26 44.72 37.52
CA TYR A 390 10.51 42.99 34.44
CA PRO A 391 9.35 46.45 33.36
CA ALA A 392 5.74 45.47 32.62
CA SER A 393 2.77 43.39 33.65
CA HIS A 394 -0.11 42.02 31.59
CA THR A 395 -2.58 39.11 33.93
CA THR A 396 -5.99 39.01 35.63
CA LEU A 397 -6.28 36.07 38.00
CA GLY A 398 -9.05 35.93 40.56
CA VAL A 399 -11.67 36.23 37.87
CA GLN A 400 -14.43 32.87 38.55
CA ASP A 401 -12.78 30.01 36.69
CA ILE A 402 -9.31 29.05 37.99
CA SER A 403 -9.61 25.54 36.52
CA ALA A 404 -6.15 23.98 36.58
CA THR A 405 -4.66 20.47 36.77
CA ALA A 406 -5.71 20.16 40.44
CA MET A 407 -9.27 21.34 39.70
CA SER A 408 -10.15 17.90 38.29
CA TRP A 409 -10.59 16.64 41.85
CA VAL A 410 -12.60 19.72 42.80
CA GLN A 411 -14.83 20.00 39.72
CA LYS A 412 -15.50 16.31 39.05
CA ILE A 413 -15.53 14.05 42.09
CA THR A 414 -16.78 16.20 44.96
CA GLY A 415 -18.91 18.15 42.52
CA GLY A 416 -20.76 14.87 41.95
CA VAL A 417 -21.79 14.35 45.58
CA GLY A 418 -25.16 16.07 45.41
CA LEU A 419 -27.19 13.21 43.93
CA VAL A 420 -28.29 11.87 47.29
CA VAL A 421 -31.13 14.34 47.90
CA ALA A 422 -33.73 12.09 46.21
CA VAL A 423 -33.88 9.41 48.94
CA ALA A 424 -36.42 11.25 51.09
CA ALA A 425 -38.57 11.67 47.96
CA LEU A 426 -37.73 8.34 46.29
CA ILE A 427 -39.93 5.81 48.07
CA LEU A 428 -40.08 7.77 51.30
CA ILE A 429 -42.72 9.89 49.53
CA VAL A 430 -45.39 7.31 50.40
CA VAL A 431 -44.44 7.93 54.07
CA LEU A 432 -43.45 11.60 54.10
CA CYS A 433 -45.85 14.48 54.29
CA VAL A 434 -48.36 16.02 56.69
CA SER A 435 -50.57 16.86 53.70
CA PHE A 436 -48.79 16.94 50.33
CA SER A 437 -47.87 13.76 48.59
CA ARG A 438 -49.57 10.49 47.88
CA HIS A 439 -53.00 9.91 46.34
CA ASN B 1 33.44 100.80 32.04
CA PHE B 2 32.30 100.91 35.72
CA ASN B 3 32.43 104.72 35.62
CA VAL B 4 30.50 105.17 38.87
CA TYR B 5 33.10 103.73 41.25
CA LYS B 6 35.30 106.68 40.39
CA ALA B 7 33.61 109.88 41.62
CA THR B 8 32.52 108.12 44.83
CA ARG B 9 34.18 107.95 48.23
CA PRO B 10 34.19 105.43 51.09
CA TYR B 11 33.07 106.02 54.65
CA LEU B 12 34.71 105.11 57.95
CA ALA B 13 31.98 103.69 60.15
CA HIS B 14 31.64 101.50 63.21
CA CYS B 15 32.13 97.82 62.65
CA PRO B 16 29.89 95.80 65.02
CA ASP B 17 32.98 93.77 65.94
CA CYS B 18 36.40 94.81 64.65
CA GLY B 19 37.95 91.57 65.86
CA GLU B 20 39.43 90.96 69.33
CA GLY B 21 35.91 90.44 70.74
CA HIS B 22 35.10 94.16 70.64
CA SER B 23 34.20 96.90 68.19
CA CYS B 24 35.57 100.11 66.70
CA HIS B 25 35.38 102.10 63.47
CA SER B 26 36.25 100.64 60.14
CA PRO B 27 36.77 101.29 56.42
CA VAL B 28 35.39 97.77 55.86
CA ALA B 29 32.25 98.33 57.95
CA LEU B 30 29.72 96.07 56.19
CA GLU B 31 26.36 97.36 55.01
CA ARG B 32 24.85 94.62 52.83
CA ILE B 33 24.96 90.80 52.84
CA ARG B 34 23.51 88.67 50.02
CA ASN B 35 23.82 84.95 49.28
CA GLU B 36 20.71 84.30 47.15
CA ALA B 37 23.00 82.38 44.77
CA THR B 38 22.07 78.71 45.25
CA ASP B 39 25.61 77.50 44.63
CA GLY B 40 26.58 79.37 47.80
CA THR B 41 28.57 82.35 46.54
CA LEU B 42 28.08 85.30 48.86
CA LYS B 43 27.89 88.93 47.73
CA ILE B 44 28.83 91.61 50.24
CA GLN B 45 29.09 95.33 49.62
CA VAL B 46 32.07 96.59 51.59
CA SER B 47 32.02 100.25 52.61
CA LEU B 48 35.18 101.07 50.69
CA GLN B 49 35.74 100.18 47.06
CA ILE B 50 38.47 98.01 45.61
CA GLY B 51 40.11 98.04 42.21
CA ILE B 52 40.21 101.81 41.64
CA LYS B 53 42.62 104.30 43.22
CA THR B 54 41.68 107.79 44.36
CA ASP B 55 42.55 108.92 40.81
CA ASP B 56 38.94 107.99 39.86
CA SER B 57 40.30 106.00 36.91
CA HIS B 58 39.76 102.65 35.17
CA ASP B 59 42.37 101.18 37.52
CA TRP B 60 42.75 97.69 38.87
CA THR B 61 45.95 97.75 40.89
CA LYS B 62 44.87 99.56 44.08
CA LEU B 63 41.80 100.24 46.23
CA ARG B 64 40.14 103.42 47.49
CA TYR B 65 39.54 103.46 51.23
CA MET B 66 38.54 106.24 53.62
CA ASP B 67 41.15 107.76 55.95
CA ASN B 68 41.94 111.19 57.46
CA HIS B 69 38.78 112.94 56.20
CA MET B 70 39.52 111.84 52.61
CA PRO B 71 39.63 108.82 50.29
CA ALA B 72 43.00 107.13 50.74
CA ASP B 73 44.66 104.39 48.69
CA ALA B 74 45.77 100.88 49.53
CA GLU B 75 46.79 98.00 47.27
CA ARG B 76 44.36 95.66 45.52
CA ALA B 77 45.97 92.45 46.78
CA GLY B 78 45.78 93.33 50.49
CA LEU B 79 42.39 91.67 51.05
CA PHE B 80 41.73 88.69 53.34
CA VAL B 81 38.46 87.12 54.48
CA ARG B 82 37.63 84.32 56.92
CA THR B 83 34.25 82.79 57.71
CA SER B 84 35.49 79.85 59.78
CA ALA B 85 38.53 79.11 57.61
CA PRO B 86 40.31 81.67 55.41
CA CYS B 87 38.04 81.12 52.46
CA THR B 88 38.38 81.57 48.72
CA ILE B 89 37.38 84.42 46.41
CA THR B 90 35.71 84.22 43.00
CA GLY B 91 35.81 87.82 41.73
CA THR B 92 35.56 91.28 43.29
CA ILE B 93 35.03 94.70 41.72
CA GLY B 94 33.99 98.10 43.10
CA HIS B 95 32.48 98.30 46.58
CA PHE B 96 31.52 94.64 46.20
CA ILE B 97 33.13 91.39 47.40
CA LEU B 98 32.27 87.84 46.36
CA ALA B 99 33.66 84.70 47.97
CA ARG B 100 33.51 80.92 47.55
CA CYS B 101 33.41 79.10 50.88
CA PRO B 102 31.09 76.70 52.77
CA LYS B 103 29.07 76.84 56.00
CA GLY B 104 30.10 79.25 58.74
CA GLU B 105 28.31 81.48 61.21
CA THR B 106 31.09 84.01 61.82
CA LEU B 107 32.67 86.01 59.03
CA THR B 108 35.37 88.65 59.28
CA VAL B 109 36.78 90.84 56.53
CA GLY B 110 40.18 92.48 56.28
CA PHE B 111 42.62 94.13 53.95
CA THR B 112 46.27 94.94 54.47
CA ASP B 113 46.37 98.69 53.93
CA SER B 114 49.19 101.04 52.93
CA ARG B 115 50.48 101.05 56.53
CA LYS B 116 50.36 97.21 56.81
CA ILE B 117 47.66 96.81 59.48
CA SER B 118 44.48 94.73 59.58
CA HIS B 119 41.33 96.73 59.05
CA SER B 120 39.19 94.05 60.64
CA CYS B 121 35.42 93.76 60.76
CA THR B 122 33.82 90.57 62.09
CA HIS B 123 30.18 89.80 61.36
CA PRO B 124 27.73 87.10 62.44
CA PHE B 125 26.10 85.51 59.42
CA HIS B 126 25.25 81.83 59.22
CA HIS B 127 26.46 81.43 55.66
CA ASP B 128 24.74 78.53 54.03
CA PRO B 129 24.90 77.14 50.55
CA PRO B 130 21.63 75.19 50.32
CA VAL B 131 21.65 71.44 49.80
CA ILE B 132 22.07 71.73 46.07
CA GLY B 133 20.52 69.18 43.74
CA ARG B 134 19.37 66.12 45.64
CA GLU B 135 22.56 65.19 47.50
CA LYS B 136 24.45 66.17 50.65
CA PHE B 137 27.94 66.38 49.19
CA HIS B 138 30.49 69.18 49.36
CA SER B 139 32.30 69.02 46.01
CA ARG B 140 31.76 67.24 42.70
CA PRO B 141 33.77 64.71 40.70
CA GLN B 142 33.51 64.19 36.97
CA HIS B 143 30.31 62.15 37.36
CA GLY B 144 27.42 64.48 38.09
CA LYS B 145 24.01 65.40 36.79
CA GLU B 146 22.76 68.80 35.56
CA LEU B 147 20.57 71.11 37.62
CA PRO B 148 20.06 74.82 37.06
CA CYS B 149 21.36 76.90 39.93
CA SER B 150 21.44 80.59 40.78
CA THR B 151 24.90 82.14 40.75
CA TYR B 152 26.47 85.53 40.11
CA VAL B 153 27.74 86.71 36.75
CA GLN B 154 31.10 88.50 36.88
CA SER B 155 29.76 91.58 35.07
CA THR B 156 30.45 95.04 36.51
CA ALA B 157 28.36 96.97 33.96
CA ALA B 158 25.04 95.73 35.36
CA THR B 159 21.83 97.61 36.06
CA THR B 160 18.09 97.23 36.94
CA GLU B 161 19.04 96.85 40.58
CA GLU B 162 20.47 100.11 41.79
CA ILE B 163 22.04 101.70 44.85
CA GLU B 164 21.71 105.47 44.93
CA VAL B 165 24.60 107.88 45.47
CA HIS B 166 24.50 111.23 47.27
CA MET B 167 26.76 113.90 48.69
CA PRO B 168 28.17 113.01 52.13
CA PRO B 169 26.89 115.49 54.73
CA ASP B 170 29.74 115.57 57.23
CA THR B 171 32.93 113.88 58.43
CA PRO B 172 33.83 115.20 61.87
CA ASP B 173 36.76 115.14 64.27
CA HIS B 174 37.34 115.80 67.96
CA THR B 175 41.10 115.49 67.37
CA LEU B 176 40.91 118.77 65.39
CA MET B 177 40.43 120.64 68.69
CA SER B 178 43.41 121.55 70.84
CA GLN B 179 42.98 123.88 73.81
CA GLN B 180 45.47 126.58 74.82
CA SER B 181 44.29 126.77 78.45
CA GLY B 182 40.73 127.89 77.76
CA ASN B 183 41.50 128.93 74.17
CA VAL B 184 40.72 126.46 71.39
CA LYS B 185 43.48 126.11 68.86
CA ILE B 186 40.97 124.37 66.58
CA THR B 187 42.87 122.59 63.82
CA VAL B 188 41.12 122.80 60.44
CA ASN B 189 43.75 121.63 57.88
CA GLY B 190 42.04 123.31 54.94
CA GLN B 191 38.57 121.75 54.97
CA THR B 192 34.99 122.92 55.51
CA VAL B 193 34.82 122.54 59.28
CA ARG B 194 31.19 122.89 60.36
CA TYR B 195 32.36 124.57 64.40
CA LYS B 196 28.89 125.74 65.27
CA CYS B 197 29.38 125.43 68.97
CA ASN B 198 28.81 126.92 72.42
CA CYS B 199 32.02 128.96 72.59
CA GLY B 200 29.38 131.88 71.03
CA GLY B 201 29.57 129.18 68.40
CA SER B 202 32.38 129.91 66.04
CA ASN B 203 30.99 132.80 67.40
CA GLU B 204 29.04 131.29 64.58
CA GLY B 205 29.59 129.50 61.26
CA LEU B 206 31.72 127.12 59.17
CA THR B 207 35.41 127.73 58.57
CA THR B 208 37.76 126.46 55.88
CA THR B 209 41.08 127.89 57.14
CA ASP B 210 42.87 127.15 60.41
CA LYS B 211 41.47 128.95 63.45
CA VAL B 212 42.72 129.83 66.92
CA ILE B 213 39.75 130.89 69.04
CA ASN B 214 40.01 132.13 72.62
CA ASN B 215 37.53 131.82 75.54
CA CYS B 216 36.63 128.21 74.80
CA LYS B 217 37.38 124.64 75.91
CA VAL B 218 36.37 121.21 74.50
CA ASP B 219 33.25 121.35 76.71
CA GLN B 220 32.01 124.16 74.43
CA CYS B 221 33.09 123.11 70.95
CA HIS B 222 33.37 120.68 68.00
CA ALA B 223 35.02 120.31 64.59
CA ALA B 224 33.23 118.78 61.61
CA VAL B 225 34.47 118.60 58.02
CA THR B 226 31.44 118.70 55.75
CA ASN B 227 33.00 116.71 52.94
CA HIS B 228 31.85 117.85 49.51
CA LYS B 229 34.21 116.55 46.81
CA LYS B 230 33.13 112.98 45.97
CA TRP B 231 29.86 111.06 46.17
CA GLN B 232 28.57 108.90 49.01
CA TYR B 233 26.16 106.06 48.37
CA ASN B 234 23.08 105.27 50.43
CA SER B 235 24.45 103.22 53.30
CA PRO B 236 22.84 102.51 56.71
CA LEU B 237 26.11 103.60 58.41
CA VAL B 238 26.48 107.10 56.95
CA PRO B 239 23.53 109.47 57.53
CA ARG B 240 21.73 112.35 55.77
CA ASN B 241 22.11 116.14 55.88
CA ALA B 242 18.95 116.90 57.98
CA GLU B 243 16.54 116.91 55.11
CA LEU B 244 17.91 115.03 52.14
CA GLY B 245 21.21 113.27 51.97
CA ASP B 246 19.30 110.88 49.78
CA ARG B 247 20.05 113.37 47.02
CA LYS B 248 20.22 112.55 43.35
CA GLY B 249 22.94 110.37 41.83
CA LYS B 250 23.44 106.85 40.48
CA ILE B 251 26.01 104.14 41.12
CA HIS B 252 25.15 101.02 39.17
CA ILE B 253 25.47 97.45 40.34
CA PRO B 254 28.01 94.75 39.49
CA PHE B 255 27.46 90.97 39.50
CA PRO B 256 23.98 90.08 38.16
CA LEU B 257 22.42 86.65 38.68
CA ALA B 258 22.16 83.64 36.38
CA ASN B 259 19.81 80.66 36.56
CA VAL B 260 22.49 78.45 35.02
CA THR B 261 24.09 75.05 35.38
CA CYS B 262 25.52 73.71 38.59
CA ARG B 263 26.44 70.03 38.89
CA VAL B 264 25.62 67.64 41.71
CA PRO B 265 27.31 64.20 41.87
CA LYS B 266 25.31 61.08 41.23
CA ALA B 267 25.30 58.67 44.13
CA ARG B 268 27.05 55.39 43.48
CA ASN B 269 24.82 52.41 42.85
CA PRO B 270 24.18 50.11 45.82
CA THR B 271 23.90 46.35 45.64
CA VAL B 272 20.41 44.93 45.19
CA THR B 273 19.05 41.45 45.92
CA TYR B 274 15.77 39.71 46.68
CA GLY B 275 13.90 38.89 49.85
CA LYS B 276 10.50 37.46 50.82
CA ASN B 277 8.19 39.32 48.39
CA GLN B 278 10.67 42.18 48.82
CA VAL B 279 14.13 43.60 48.23
CA ILE B 280 17.05 43.05 50.59
CA MET B 281 19.89 45.38 49.61
CA LEU B 282 22.95 46.80 51.33
CA LEU B 283 22.77 50.54 50.75
CA TYR B 284 25.91 52.51 49.92
CA PRO B 285 26.25 56.18 50.82
CA ASP B 286 29.51 57.60 52.08
CA HIS B 287 28.31 61.22 52.12
CA PRO B 288 24.64 61.77 53.12
CA THR B 289 22.24 60.57 50.45
CA LEU B 290 18.46 60.46 50.29
CA LEU B 291 16.16 57.49 49.76
CA SER B 292 12.60 57.84 48.48
CA TYR B 293 10.15 55.10 47.53
CA ARG B 294 6.48 55.03 46.54
CA ASN B 295 4.18 52.54 44.83
CA MET B 296 2.01 52.33 41.72
CA GLY B 297 -1.24 51.90 43.65
CA GLU B 298 -4.10 54.32 44.15
CA GLU B 299 -2.26 55.35 47.32
CA PRO B 300 1.27 56.80 46.95
CA ASN B 301 2.93 54.94 49.89
CA TYR B 302 5.60 57.60 49.70
CA GLN B 303 8.46 57.62 52.23
CA GLU B 304 11.63 59.75 52.26
CA GLU B 305 14.78 59.43 54.37
CA TRP B 306 18.45 60.42 54.22
CA VAL B 307 21.42 58.11 54.80
CA MET B 308 25.17 58.61 55.07
CA HIS B 309 26.06 55.14 56.35
CA LYS B 310 26.43 51.76 54.70
CA LYS B 311 23.43 49.86 55.99
CA GLU B 312 20.95 47.13 55.10
CA VAL B 313 17.51 48.34 54.04
CA VAL B 314 14.59 45.95 53.56
CA LEU B 315 12.40 47.12 50.69
CA THR B 316 8.92 45.57 50.66
CA VAL B 317 7.56 45.31 47.13
CA PRO B 318 3.78 44.93 46.67
CA THR B 319 2.63 42.86 43.68
CA GLU B 320 1.78 46.08 41.81
CA GLY B 321 5.38 47.17 42.39
CA LEU B 322 6.98 50.36 43.65
CA GLU B 323 9.77 52.79 42.83
CA VAL B 324 12.95 53.68 44.67
CA THR B 325 15.15 56.74 44.02
CA TRP B 326 18.80 56.93 45.11
CA GLY B 327 20.81 60.11 45.20
CA ASN B 328 20.93 61.68 41.77
CA ASN B 329 20.17 58.44 39.94
CA GLU B 330 16.99 57.54 38.07
CA PRO B 331 14.12 55.75 39.88
CA TYR B 332 14.18 51.95 39.95
CA LYS B 333 10.80 50.19 39.70
CA TYR B 334 10.27 46.60 40.78
CA TRP B 335 7.80 43.74 40.27
CA PRO B 336 7.87 40.91 42.78
CA GLN B 337 7.36 37.16 42.80
CA LEU B 338 7.21 34.72 45.68
CA SER B 339 9.50 33.00 48.80
CA THR B 340 11.02 29.18 47.42
CA ASN B 341 11.28 26.75 50.91
CA GLY B 342 8.33 24.47 51.61
CA THR B 343 9.33 20.48 52.80
CA ALA B 344 7.88 17.60 50.88
CA HIS B 345 3.87 17.57 49.34
CA GLY B 346 2.22 14.43 48.05
CA HIS B 347 -0.07 13.18 46.06
CA PRO B 348 -0.98 9.97 47.15
CA HIS B 349 -3.69 13.22 47.96
CA GLU B 350 -1.95 16.46 48.98
CA ILE B 351 -0.76 18.89 46.31
CA ILE B 352 -1.70 22.23 47.87
CA LEU B 353 1.95 23.10 48.38
CA TYR B 354 1.64 23.42 44.60
CA TYR B 355 -0.99 25.97 45.67
CA TYR B 356 1.30 27.41 48.38
CA GLU B 357 3.85 29.07 46.09
CA LEU B 358 0.87 29.75 43.80
CA TYR B 359 0.36 33.47 44.60
CA PRO B 360 -0.11 33.14 48.42
CA THR B 361 -2.37 35.13 50.73
CA MET B 362 -4.56 34.14 47.78
CA THR B 363 -5.59 30.54 46.97
CA VAL B 364 -3.82 29.64 50.20
CA VAL B 365 -6.18 31.47 52.58
CA VAL B 366 -8.89 32.88 50.31
CA VAL B 367 -9.42 29.33 49.22
CA SER B 368 -9.92 28.54 52.94
CA VAL B 369 -12.82 30.96 53.32
CA ALA B 370 -14.22 29.43 50.11
CA THR B 371 -14.37 25.89 51.45
CA PHE B 372 -17.62 26.69 53.26
CA ILE B 373 -19.46 25.68 50.07
CA LEU B 374 -17.47 22.47 50.51
CA LEU B 375 -18.25 22.39 54.23
CA SER B 376 -22.01 23.00 53.97
CA MET B 377 -22.52 19.20 54.07
CA VAL B 378 -22.57 18.49 57.81
CA GLY B 379 -25.91 20.12 58.68
CA MET B 380 -27.27 18.87 55.37
CA ALA B 381 -26.62 15.39 56.77
CA ALA B 382 -28.18 16.15 60.16
CA GLY B 383 -31.86 17.13 59.81
CA MET B 384 -31.79 14.91 56.77
CA CYS B 385 -31.25 12.03 59.16
CA MET B 386 -33.70 13.13 61.89
CA CYS B 387 -36.30 12.54 59.20
CA ALA B 388 -34.63 9.13 58.75
CA ARG B 389 -34.37 7.77 62.32
CA ARG B 390 -36.53 9.94 64.56
CA ARG B 391 -39.55 9.51 62.28
CA CYS B 392 -39.20 5.71 62.02
CA ILE B 393 -41.69 4.69 64.70
CA THR B 394 -43.09 8.21 65.10
CA PRO B 395 -45.54 9.48 62.47
CA TYR B 396 -48.21 6.95 61.34
CA GLU B 397 -49.52 4.10 63.47
CA LEU B 398 -52.29 3.31 61.06
CA THR B 399 -51.23 -0.01 59.50
CA PRO B 400 -50.69 -2.70 62.15
CA GLY B 401 -47.41 -4.70 62.12
CA ALA B 402 -45.92 -3.99 65.64
CA THR B 403 -42.93 -2.81 63.52
CA VAL B 404 -41.65 -3.06 59.97
CA PRO B 405 -40.58 -6.74 60.05
CA PHE B 406 -38.36 -6.74 56.98
CA LEU B 407 -37.32 -3.28 55.82
CA LEU B 408 -35.60 -1.97 58.93
CA SER B 409 -31.89 -2.10 58.06
CA LEU B 410 -33.13 -0.15 55.02
CA ILE B 411 -34.22 2.40 57.68
CA CYS B 412 -31.72 1.62 60.55
CA CYS B 413 -33.26 3.67 63.27
CA ILE B 414 -31.94 3.92 66.82
CA ARG B 415 -29.75 1.93 69.23
CA THR B 416 -29.30 -0.52 66.39
CA ALA B 417 -28.45 -3.42 68.68
CA LYS B 418 -30.94 -6.33 68.68
CA ALA B 419 -30.30 -9.96 67.55
CA TYR C 1 -8.72 108.15 113.46
CA GLU C 2 -6.27 105.24 113.39
CA HIS C 3 -7.39 103.30 110.33
CA VAL C 4 -5.94 99.81 110.74
CA THR C 5 -6.46 97.86 107.51
CA VAL C 6 -5.15 94.58 106.13
CA ILE C 7 -4.15 94.77 102.48
CA PRO C 8 -3.37 91.61 100.48
CA ASN C 9 0.00 90.85 98.89
CA THR C 10 0.10 91.49 95.15
CA VAL C 11 2.00 92.94 92.27
CA GLY C 12 0.60 96.40 91.55
CA VAL C 13 -3.14 95.70 91.99
CA PRO C 14 -4.81 98.68 93.73
CA TYR C 15 -6.91 97.33 96.56
CA LYS C 16 -9.83 99.61 97.42
CA THR C 17 -9.31 100.64 101.04
CA LEU C 18 -12.35 102.13 102.75
CA VAL C 19 -11.10 104.96 104.92
CA ASN C 20 -14.40 105.68 106.63
CA ARG C 21 -14.35 108.82 108.67
CA PRO C 22 -15.96 108.89 112.13
CA GLY C 23 -19.08 110.89 111.36
CA TYR C 24 -17.93 112.43 108.11
CA SER C 25 -17.99 111.54 104.41
CA PRO C 26 -15.39 108.79 103.76
CA MET C 27 -12.55 109.04 101.27
CA VAL C 28 -12.10 105.46 100.10
CA LEU C 29 -8.51 105.27 98.91
CA GLU C 30 -6.88 102.47 96.93
CA MET C 31 -3.37 101.15 97.56
CA GLU C 32 -1.08 98.78 95.70
CA LEU C 33 2.25 97.42 96.85
CA LEU C 34 5.23 97.12 94.53
CA SER C 35 7.99 95.03 96.15
CA VAL C 36 8.12 92.62 99.08
CA THR C 37 11.84 92.62 99.76
CA LEU C 38 12.61 90.10 102.50
CA GLU C 39 16.25 89.35 103.07
CA PRO C 40 17.94 86.28 104.54
CA THR C 41 21.31 86.35 106.25
CA LEU C 42 24.67 85.34 104.89
CA SER C 43 27.11 83.39 107.02
CA LEU C 44 30.17 81.93 105.33
CA ASP C 45 30.82 78.21 105.64
CA TYR C 46 33.39 78.07 102.85
CA ILE C 47 34.20 79.26 99.38
CA THR C 48 35.60 76.98 96.73
CA CYS C 49 38.01 77.54 93.86
CA GLU C 50 39.41 75.59 90.99
CA TYR C 51 42.38 73.42 91.82
CA LYS C 52 45.87 74.60 90.96
CA THR C 53 48.28 71.70 91.14
CA VAL C 54 51.37 73.87 91.38
CA ILE C 55 54.04 71.46 90.16
CA PRO C 56 57.60 72.73 90.62
CA SER C 57 60.61 71.09 89.06
CA PRO C 58 61.18 67.41 89.90
CA TYR C 59 63.80 66.15 92.32
CA VAL C 60 66.17 63.86 90.40
CA LYS C 61 69.35 62.14 91.57
CA CYS C 62 72.25 60.69 89.56
CA CYS C 63 73.22 57.06 90.34
CA GLY C 64 71.47 57.26 93.69
CA THR C 65 68.10 57.07 95.38
CA ALA C 66 66.19 60.32 95.80
CA GLU C 67 64.43 60.91 99.12
CA CYS C 68 60.84 61.76 100.03
CA LYS C 69 60.96 64.71 102.40
CA ASP C 70 57.42 65.08 103.70
CA LYS C 71 56.17 68.42 104.91
CA ASN C 72 52.95 70.33 105.00
CA LEU C 73 51.88 71.83 101.72
CA PRO C 74 48.18 72.12 100.79
CA ASP C 75 47.52 68.58 99.52
CA TYR C 76 51.25 67.85 99.57
CA SER C 77 52.54 65.03 97.40
CA CYS C 78 56.00 63.80 96.55
CA LYS C 79 56.98 60.32 95.39
CA VAL C 80 60.45 59.16 94.38
CA PHE C 81 60.47 57.50 90.97
CA THR C 82 63.43 55.21 90.58
CA GLY C 83 65.18 53.62 87.64
CA VAL C 84 64.18 56.32 85.14
CA TYR C 85 66.76 57.15 82.45
CA PRO C 86 65.65 60.67 81.58
CA PHE C 87 66.50 62.40 78.31
CA MET C 88 66.97 66.01 77.38
CA TRP C 89 67.68 67.59 73.95
CA GLY C 90 71.01 65.92 73.41
CA GLY C 91 69.89 62.53 74.70
CA ALA C 92 70.03 61.31 78.26
CA TYR C 93 70.19 63.59 81.31
CA CYS C 94 72.74 61.25 82.87
CA PHE C 95 74.66 58.13 81.91
CA CYS C 96 73.69 55.94 84.72
CA ASP C 97 73.29 52.51 83.16
CA ALA C 98 69.79 52.15 84.61
CA GLU C 99 69.45 54.31 88.09
CA ASN C 100 68.20 57.83 88.02
CA THR C 101 65.67 58.49 90.77
CA GLN C 102 63.35 61.42 90.19
CA LEU C 103 60.95 62.64 92.86
CA SER C 104 58.02 64.58 91.46
CA GLU C 105 56.65 67.35 93.69
CA ALA C 106 53.04 68.43 93.34
CA HIS C 107 50.61 70.17 95.66
CA VAL C 108 47.55 72.38 95.28
CA GLU C 109 46.87 76.02 96.15
CA LYS C 110 43.88 78.34 95.80
CA SER C 111 43.08 80.53 92.83
CA GLU C 112 43.73 84.14 91.98
CA SER C 113 40.59 83.83 89.89
CA CYS C 114 38.62 82.61 92.93
CA LYS C 115 39.70 85.75 94.78
CA THR C 116 37.10 87.73 92.86
CA GLU C 117 34.95 85.15 91.01
CA PHE C 118 34.12 81.97 92.85
CA ALA C 119 31.42 79.74 94.25
CA SER C 120 30.72 80.48 97.90
CA ALA C 121 28.90 78.21 100.35
CA TYR C 122 26.96 79.86 103.13
CA ARG C 123 23.76 79.78 105.16
CA ALA C 124 20.88 82.23 104.69
CA HIS C 125 18.63 82.47 107.71
CA THR C 126 16.44 85.43 108.68
CA ALA C 127 13.22 87.21 107.79
CA SER C 128 13.69 90.95 107.33
CA ALA C 129 10.95 92.17 105.00
CA SER C 130 10.89 95.46 103.08
CA ALA C 131 7.92 97.05 101.34
CA LYS C 132 7.28 99.44 98.45
CA LEU C 133 3.71 100.70 98.75
CA ARG C 134 1.73 103.16 96.61
CA VAL C 135 -1.13 105.31 97.93
CA LEU C 136 -3.22 107.89 96.16
CA TYR C 137 -3.12 110.37 98.96
CA GLN C 138 -6.43 112.18 98.72
CA GLY C 139 -5.94 111.19 95.09
CA ASN C 140 -2.26 112.21 95.09
CA ASN C 141 -0.35 109.30 93.56
CA ILE C 142 2.60 108.83 95.91
CA THR C 143 4.69 105.79 96.78
CA VAL C 144 5.81 105.16 100.35
CA THR C 145 8.67 102.92 101.40
CA ALA C 146 8.33 100.49 104.28
CA TYR C 147 9.54 97.40 105.96
CA ALA C 148 6.84 94.77 105.57
CA ASN C 149 7.17 93.70 109.18
CA GLY C 150 6.07 95.70 112.22
CA ASP C 151 9.21 97.78 112.71
CA HIS C 152 9.57 100.56 110.10
CA ALA C 153 7.13 103.44 110.42
CA VAL C 154 7.72 106.90 108.95
CA THR C 155 5.39 109.86 108.67
CA VAL C 156 4.85 111.27 105.18
CA LYS C 157 2.24 113.93 104.30
CA ASP C 158 0.42 114.09 107.69
CA ALA C 159 0.10 110.29 108.05
CA LYS C 160 2.27 107.31 108.95
CA PHE C 161 1.77 103.56 108.77
CA ILE C 162 2.45 100.25 110.45
CA VAL C 163 2.99 97.99 107.44
CA GLY C 164 2.89 94.41 108.62
CA PRO C 165 4.00 92.34 110.50
CA MET C 166 4.10 89.64 107.88
CA SER C 167 1.51 86.88 108.07
CA SER C 168 3.20 84.33 105.83
CA ALA C 169 6.73 83.48 106.96
CA TRP C 170 7.58 81.52 103.80
CA THR C 171 11.09 81.86 102.41
CA PRO C 172 12.54 80.42 99.19
CA PHE C 173 15.93 80.25 100.93
CA ASP C 174 17.21 76.98 102.39
CA ASN C 175 19.91 76.51 104.99
CA LYS C 176 22.66 75.38 102.61
CA ILE C 177 23.05 77.61 99.57
CA VAL C 178 25.93 78.53 97.24
CA VAL C 179 26.41 81.86 95.45
CA TYR C 180 28.70 82.11 92.42
CA LYS C 181 30.01 85.35 90.81
CA GLY C 182 26.48 86.58 90.15
CA ASP C 183 23.96 83.81 90.76
CA VAL C 184 22.89 81.92 93.88
CA TYR C 185 22.21 78.18 94.01
CA ASN C 186 20.33 76.42 96.81
CA MET C 187 22.13 73.11 96.50
CA ASP C 188 22.61 71.54 99.90
CA TYR C 189 26.40 71.61 99.75
CA PRO C 190 28.70 69.25 101.60
CA PRO C 191 30.04 71.70 104.21
CA PHE C 192 33.56 72.76 105.19
CA GLY C 193 36.17 70.01 105.07
CA ALA C 194 33.82 67.60 103.29
CA GLY C 195 34.91 68.14 99.70
CA ARG C 196 35.57 64.75 98.14
CA PRO C 197 38.03 64.26 95.23
CA GLY C 198 36.24 65.46 92.15
CA GLN C 199 33.43 66.85 94.25
CA PHE C 200 32.29 70.50 94.32
CA GLY C 201 34.31 72.10 97.07
CA ASP C 202 37.29 69.75 97.20
CA ILE C 203 39.40 72.90 97.49
CA GLN C 204 37.69 74.33 100.50
CA SER C 205 38.46 77.52 102.41
CA ARG C 206 36.26 80.04 104.15
CA THR C 207 37.21 83.36 102.55
CA PRO C 208 39.09 83.69 99.22
CA GLU C 209 42.21 84.99 101.01
CA SER C 210 41.92 82.42 103.82
CA LYS C 211 44.51 79.67 103.68
CA ASP C 212 42.47 77.23 105.81
CA VAL C 213 42.87 74.84 102.93
CA TYR C 214 40.90 71.65 103.01
CA ALA C 215 42.20 69.89 99.93
CA ASN C 216 40.99 66.37 99.19
CA THR C 217 41.44 66.44 95.44
CA GLN C 218 43.70 63.45 94.52
CA LEU C 219 47.23 64.84 94.25
CA VAL C 220 49.06 61.69 93.12
CA LEU C 221 51.88 60.97 90.63
CA GLN C 222 52.32 57.60 88.94
CA ARG C 223 55.90 57.43 87.39
CA PRO C 224 57.81 58.74 84.39
CA ALA C 225 58.59 55.26 83.14
CA ALA C 226 62.20 55.11 81.93
CA GLY C 227 62.43 57.57 79.10
CA THR C 228 62.60 61.34 79.51
CA VAL C 229 62.39 64.35 81.80
CA HIS C 230 58.77 63.88 82.51
CA VAL C 231 55.95 64.23 85.00
CA PRO C 232 52.85 62.18 84.17
CA TYR C 233 49.92 63.12 86.34
CA SER C 234 46.96 61.00 87.26
CA GLN C 235 44.17 63.52 87.62
CA ALA C 236 43.25 65.99 90.26
CA PRO C 237 39.48 66.02 89.67
CA SER C 238 38.01 69.32 90.51
CA GLY C 239 35.57 71.59 92.29
CA PHE C 240 34.86 74.09 89.46
CA LYS C 241 35.49 71.96 86.35
CA TYR C 242 33.13 69.58 88.18
CA TRP C 243 30.71 72.44 88.93
CA LEU C 244 30.40 74.17 85.54
CA LYS C 245 27.99 71.53 84.20
CA GLU C 246 25.94 71.05 87.40
CA ARG C 247 25.19 74.71 88.04
CA GLY C 248 21.56 74.17 87.09
CA ALA C 249 18.97 76.75 88.06
CA SER C 250 19.40 79.77 90.30
CA LEU C 251 16.97 80.79 93.03
CA GLN C 252 15.40 83.27 90.63
CA HIS C 253 14.79 80.17 88.47
CA THR C 254 13.36 77.78 91.07
CA ALA C 255 11.43 79.89 93.59
CA PRO C 256 7.67 79.32 93.79
CA PHE C 257 5.20 82.23 93.65
CA GLY C 258 7.10 83.15 90.47
CA CYS C 259 9.24 85.97 91.83
CA GLN C 260 12.90 86.57 91.14
CA ILE C 261 15.62 86.72 93.76
CA ALA C 262 17.64 89.94 93.82
CA THR C 263 21.30 89.42 94.60
CA ASN C 264 24.36 91.17 96.12
CA PRO C 265 23.29 90.86 98.98
CA VAL C 266 20.74 88.13 98.24
CA ARG C 267 17.04 88.69 99.03
CA ALA C 268 13.64 87.74 97.61
CA VAL C 269 11.72 90.45 95.79
CA ASN C 270 7.90 90.38 95.83
CA CYS C 271 6.52 86.86 95.93
CA ALA C 272 2.81 87.67 96.37
CA VAL C 273 2.14 85.60 99.50
CA GLY C 274 -0.19 86.42 102.37
CA ASN C 275 -1.40 89.88 103.36
CA MET C 276 -0.19 93.19 104.80
CA PRO C 277 -1.64 94.52 108.06
CA ILE C 278 -1.46 98.28 107.52
CA SER C 279 -2.18 100.60 110.43
CA ILE C 280 -2.45 104.16 109.10
CA ASP C 281 -3.96 107.24 110.74
CA ILE C 282 -6.07 110.19 109.61
CA PRO C 283 -7.26 113.22 111.56
CA GLU C 284 -10.60 114.88 111.16
CA ALA C 285 -8.77 118.17 110.54
CA ALA C 286 -6.98 117.53 107.24
CA PHE C 287 -10.09 115.61 106.16
CA THR C 288 -13.41 117.20 105.34
CA ARG C 289 -16.92 117.02 106.74
CA VAL C 290 -20.08 115.28 105.53
CA VAL C 291 -21.90 118.63 105.45
CA ASP C 292 -19.62 120.45 102.97
CA ALA C 293 -19.36 117.24 100.97
CA PRO C 294 -22.52 117.05 98.87
CA SER C 295 -25.21 114.69 100.11
CA LEU C 296 -26.72 112.81 97.22
CA THR C 297 -29.98 111.16 96.17
CA ASP C 298 -31.73 110.22 92.91
CA MET C 299 -29.10 107.58 92.12
CA SER C 300 -30.52 105.33 89.42
CA CYS C 301 -28.75 101.97 89.34
CA GLU C 302 -27.60 100.78 85.92
CA VAL C 303 -24.49 99.78 84.04
CA PRO C 304 -23.69 100.39 80.41
CA ALA C 305 -21.84 97.05 80.44
CA CYS C 306 -19.82 94.75 82.68
CA THR C 307 -17.68 91.71 81.84
CA HIS C 308 -16.96 89.33 84.70
CA SER C 309 -13.35 88.29 84.14
CA SER C 310 -10.06 89.43 85.66
CA ASP C 311 -10.16 92.49 83.38
CA PHE C 312 -11.60 95.96 84.05
CA GLY C 313 -14.47 95.12 81.71
CA GLY C 314 -17.05 96.68 83.98
CA VAL C 315 -18.32 100.22 84.32
CA ALA C 316 -21.42 101.68 85.99
CA ILE C 317 -23.10 104.98 85.12
CA ILE C 318 -25.06 106.53 87.97
CA LYS C 319 -27.52 109.29 87.11
CA TYR C 320 -28.18 111.33 90.23
CA ALA C 321 -28.76 114.66 91.96
CA ALA C 322 -26.44 115.73 94.78
CA SER C 323 -26.62 118.89 96.88
CA LYS C 324 -23.46 121.02 96.82
CA LYS C 325 -20.15 121.31 95.02
CA GLY C 326 -17.40 119.00 96.23
CA LYS C 327 -15.50 115.76 95.77
CA CYS C 328 -16.78 112.35 96.81
CA ALA C 329 -15.77 108.72 97.36
CA VAL C 330 -17.08 105.41 95.96
CA HIS C 331 -17.18 102.07 97.77
CA SER C 332 -18.99 98.78 97.25
CA MET C 333 -18.77 96.17 100.03
CA THR C 334 -18.64 93.54 97.31
CA ASN C 335 -14.92 92.78 97.45
CA ALA C 336 -14.98 90.37 94.50
CA VAL C 337 -16.06 93.33 92.35
CA THR C 338 -13.16 95.77 92.60
CA ILE C 339 -13.94 99.35 91.65
CA ARG C 340 -11.22 101.16 89.71
CA GLU C 341 -11.64 104.77 90.84
CA ALA C 342 -13.35 106.33 93.84
CA GLU C 343 -12.49 110.04 94.07
CA ILE C 344 -14.82 112.03 91.82
CA GLU C 345 -15.86 115.66 92.04
CA VAL C 346 -20.54 115.42 92.50
CA GLU C 347 -21.56 119.06 91.87
CA GLY C 348 -25.28 118.66 92.59
CA ASN C 349 -27.49 117.47 89.74
CA SER C 350 -25.19 115.50 87.45
CA GLN C 351 -24.03 112.04 86.36
CA LEU C 352 -20.74 110.32 87.13
CA GLN C 353 -18.81 107.22 86.07
CA ILE C 354 -17.12 104.42 87.95
CA SER C 355 -15.41 101.49 86.26
CA PHE C 356 -14.66 98.19 87.94
CA SER C 357 -13.18 94.75 87.56
CA THR C 358 -16.17 92.51 87.53
CA ALA C 359 -17.04 89.26 89.28
CA LEU C 360 -20.77 88.60 89.45
CA ALA C 361 -22.87 87.48 86.49
CA SER C 362 -25.86 89.37 87.89
CA ALA C 363 -23.95 92.12 89.72
CA GLU C 364 -26.69 93.18 92.16
CA PHE C 365 -24.75 94.98 94.89
CA ARG C 366 -24.71 98.27 96.77
CA VAL C 367 -22.35 101.23 96.61
CA GLN C 368 -21.60 103.41 99.62
CA VAL C 369 -21.24 106.92 98.22
CA CYS C 370 -19.98 109.22 101.05
CA SER C 371 -22.04 107.80 103.96
CA THR C 372 -25.06 107.37 101.65
CA GLN C 373 -26.16 103.99 100.42
CA VAL C 374 -27.38 103.23 96.91
CA HIS C 375 -27.79 99.79 95.38
CA CYS C 376 -26.19 99.11 92.00
CA ALA C 377 -28.00 96.91 89.47
CA ALA C 378 -26.19 95.00 86.72
CA GLU C 379 -26.50 91.95 84.48
CA CYS C 380 -23.01 91.14 83.31
CA HIS C 381 -20.76 89.70 79.75
CA PRO C 382 -19.17 86.27 79.95
CA PRO C 383 -15.40 86.30 79.50
CA LYS C 384 -14.40 86.31 75.84
CA ARG C 385 -11.40 87.52 73.84
CA THR C 386 -10.32 90.15 77.32
CA THR C 387 -6.69 87.90 76.03
CA VAL C 388 -3.26 86.64 77.26
CA TYR C 389 -0.98 89.20 78.65
CA TYR C 390 -3.79 91.38 81.39
CA PRO C 391 -1.04 91.91 83.97
CA ALA C 392 -3.29 91.55 87.03
CA SER C 393 -6.19 89.74 88.62
CA HIS C 394 -8.63 90.90 91.29
CA THR C 395 -12.04 88.03 91.75
CA THR C 396 -13.20 85.39 94.23
CA LEU C 397 -15.87 83.15 92.73
CA GLY C 398 -16.79 79.88 94.38
CA VAL C 399 -17.63 81.63 97.60
CA GLN C 400 -21.68 80.28 98.65
CA ASP C 401 -23.90 82.67 96.71
CA ILE C 402 -23.49 82.51 92.92
CA SER C 403 -26.98 83.96 92.37
CA ALA C 404 -27.22 85.02 88.72
CA THR C 405 -29.96 85.42 86.10
CA ALA C 406 -30.35 81.63 85.84
CA MET C 407 -30.54 81.20 89.62
CA SER C 408 -34.18 82.41 89.60
CA TRP C 409 -35.25 78.94 88.48
CA VAL C 410 -33.00 77.30 91.07
CA GLN C 411 -33.75 79.54 94.06
CA LYS C 412 -37.48 80.13 93.55
CA ILE C 413 -39.38 77.31 91.86
CA THR C 414 -37.60 74.12 92.88
CA GLY C 415 -36.70 75.71 96.19
CA GLY C 416 -40.46 75.81 96.83
CA VAL C 417 -41.04 72.08 96.48
CA GLY C 418 -40.63 71.14 100.13
CA LEU C 419 -44.12 72.05 101.34
CA VAL C 420 -45.50 68.57 100.83
CA VAL C 421 -44.15 67.02 104.05
CA ALA C 422 -47.29 67.94 106.06
CA VAL C 423 -49.65 65.39 104.42
CA ALA C 424 -48.66 62.51 106.69
CA ALA C 425 -49.25 64.81 109.67
CA LEU C 426 -52.18 66.79 108.24
CA ILE C 427 -55.20 64.52 108.75
CA LEU C 428 -53.18 61.32 108.62
CA ILE C 429 -52.25 62.13 112.25
CA VAL C 430 -55.54 60.58 113.43
CA VAL C 431 -54.36 57.36 111.72
CA LEU C 432 -50.58 57.49 112.14
CA CYS C 433 -48.71 56.47 115.24
CA VAL C 434 -48.00 53.36 117.30
CA SER C 435 -48.20 55.49 120.44
CA PHE C 436 -47.75 59.24 119.89
CA SER C 437 -50.51 61.30 118.47
CA ARG C 438 -54.21 61.59 119.01
CA HIS C 439 -56.07 62.04 122.30
CA ASN D 1 59.26 97.87 82.89
CA PHE D 2 59.12 94.04 82.81
CA ASN D 3 62.70 93.90 84.12
CA VAL D 4 62.57 90.19 84.96
CA TYR D 5 62.29 88.81 81.42
CA LYS D 6 65.80 90.10 80.81
CA ALA D 7 68.21 88.18 83.09
CA THR D 8 66.34 84.93 82.43
CA ARG D 9 66.94 82.21 79.86
CA PRO D 10 64.75 79.67 78.06
CA TYR D 11 65.06 75.92 78.17
CA LEU D 12 64.97 73.34 75.38
CA ALA D 13 62.75 70.52 76.59
CA HIS D 14 60.74 67.65 75.16
CA CYS D 15 57.48 68.60 73.57
CA PRO D 16 54.90 65.81 74.09
CA ASP D 17 54.18 66.01 70.35
CA CYS D 18 56.34 68.19 68.11
CA GLY D 19 53.94 67.74 65.20
CA GLU D 20 54.10 64.93 62.61
CA GLY D 21 52.39 62.57 65.08
CA HIS D 22 55.55 62.16 67.18
CA SER D 23 57.65 64.02 69.71
CA CYS D 24 61.06 65.63 70.14
CA HIS D 25 62.69 68.50 72.01
CA SER D 26 61.49 72.02 71.75
CA PRO D 27 62.09 75.67 72.66
CA VAL D 28 58.30 76.04 72.77
CA ALA D 29 57.76 73.07 75.09
CA LEU D 30 54.66 74.12 77.03
CA GLU D 31 54.57 74.14 80.82
CA ARG D 32 51.36 75.95 81.83
CA ILE D 33 47.86 76.24 80.35
CA ARG D 34 45.21 78.64 81.71
CA ASN D 35 41.83 79.69 80.33
CA GLU D 36 39.98 80.81 83.47
CA ALA D 37 38.91 83.91 81.49
CA THR D 38 35.19 83.42 80.83
CA ASP D 39 35.34 85.19 77.47
CA GLY D 40 37.58 82.32 76.32
CA THR D 41 41.02 83.91 76.04
CA LEU D 42 43.70 81.35 76.83
CA LYS D 43 46.94 82.12 78.66
CA ILE D 44 49.90 79.83 78.03
CA GLN D 45 53.43 80.23 79.35
CA VAL D 46 55.78 79.18 76.56
CA SER D 47 59.22 77.94 77.63
CA LEU D 48 61.04 80.67 75.74
CA GLN D 49 60.25 84.34 76.04
CA ILE D 50 59.15 86.69 73.29
CA GLY D 51 59.62 90.41 72.89
CA ILE D 52 63.14 90.74 74.35
CA LYS D 53 66.40 89.79 72.65
CA THR D 54 69.36 88.17 74.39
CA ASP D 55 70.56 91.74 75.13
CA ASP D 56 68.33 91.61 78.26
CA SER D 57 66.83 94.96 77.25
CA HIS D 58 63.44 96.69 77.05
CA ASP D 59 63.14 95.35 73.50
CA TRP D 60 60.09 94.42 71.48
CA THR D 61 61.44 93.47 68.06
CA LYS D 62 62.87 89.98 68.70
CA LEU D 63 62.48 86.96 70.98
CA ARG D 64 64.89 85.04 73.21
CA TYR D 65 64.88 81.29 72.60
CA MET D 66 67.22 78.53 73.76
CA ASP D 67 69.70 77.00 71.29
CA ASN D 68 73.25 75.57 71.37
CA HIS D 69 73.65 75.68 75.19
CA MET D 70 72.72 79.39 75.23
CA PRO D 71 69.85 81.84 74.76
CA ALA D 72 69.54 82.56 71.04
CA ASP D 73 67.49 85.20 69.21
CA ALA D 74 64.68 84.99 66.71
CA GLU D 75 62.27 87.63 65.46
CA ARG D 76 59.12 88.73 67.28
CA ALA D 77 56.79 88.24 64.31
CA GLY D 78 57.72 84.60 63.66
CA LEU D 79 54.96 83.16 65.86
CA PHE D 80 52.06 80.99 64.68
CA VAL D 81 49.46 79.01 66.62
CA ARG D 82 46.67 76.66 65.59
CA THR D 83 44.04 74.99 67.77
CA SER D 84 41.87 73.60 64.98
CA ALA D 85 42.19 76.63 62.70
CA PRO D 86 45.11 79.08 62.74
CA CYS D 87 43.64 81.24 65.44
CA THR D 88 43.99 84.85 66.46
CA ILE D 89 46.17 86.57 69.08
CA THR D 90 45.19 89.31 71.52
CA GLY D 91 48.52 90.29 73.12
CA THR D 92 51.72 88.49 74.12
CA ILE D 93 54.64 89.58 76.32
CA GLY D 94 57.47 87.72 78.04
CA HIS D 95 57.27 83.94 78.38
CA PHE D 96 53.51 84.27 77.99
CA ILE D 97 51.14 83.85 75.04
CA LEU D 98 47.47 84.83 74.83
CA ALA D 99 45.13 83.93 71.98
CA ARG D 100 41.55 84.55 70.86
CA CYS D 101 39.98 81.48 69.27
CA PRO D 102 36.99 79.15 69.86
CA LYS D 103 36.53 75.46 70.69
CA GLY D 104 39.28 73.00 69.83
CA GLU D 105 40.83 69.96 71.44
CA THR D 106 44.23 70.04 69.74
CA LEU D 107 46.53 73.02 69.91
CA THR D 108 49.98 73.43 68.42
CA VAL D 109 52.40 76.30 68.82
CA GLY D 110 55.15 77.46 66.50
CA PHE D 111 57.46 80.30 65.67
CA THR D 112 59.59 80.85 62.59
CA ASP D 113 63.08 81.14 64.03
CA SER D 114 66.25 82.77 62.71
CA ARG D 115 66.91 79.74 60.47
CA LYS D 116 63.31 79.70 59.10
CA ILE D 117 62.07 76.38 60.51
CA SER D 118 58.97 75.47 62.52
CA HIS D 119 59.66 74.89 66.19
CA SER D 120 56.46 72.91 66.60
CA CYS D 121 54.82 71.67 69.79
CA THR D 122 51.34 70.14 69.62
CA HIS D 123 49.25 69.80 72.77
CA PRO D 124 45.89 68.21 73.62
CA PHE D 125 43.67 70.70 75.41
CA HIS D 126 39.93 70.90 74.88
CA HIS D 127 39.84 74.68 74.77
CA ASP D 128 36.43 75.91 75.72
CA PRO D 129 35.03 79.35 76.15
CA PRO D 130 32.00 78.73 78.38
CA VAL D 131 28.51 79.49 77.17
CA ILE D 132 28.75 83.14 78.04
CA GLY D 133 25.70 85.06 79.21
CA ARG D 134 22.52 83.14 78.53
CA GLU D 135 22.92 82.39 74.81
CA LYS D 136 24.68 79.90 72.53
CA PHE D 137 26.08 82.33 69.98
CA HIS D 138 29.62 82.74 68.70
CA SER D 139 29.97 86.49 68.09
CA ARG D 140 27.96 89.59 68.93
CA PRO D 141 26.25 92.27 66.86
CA GLN D 142 25.49 95.77 68.05
CA HIS D 143 22.45 94.57 70.00
CA GLY D 144 23.58 92.85 73.16
CA LYS D 145 23.13 92.99 76.90
CA GLU D 146 25.77 93.54 79.60
CA LEU D 147 27.22 90.75 81.74
CA PRO D 148 30.45 90.87 83.71
CA CYS D 149 33.00 88.39 82.43
CA SER D 150 36.50 87.35 83.44
CA THR D 151 39.20 88.31 80.97
CA TYR D 152 42.89 89.18 81.01
CA VAL D 153 44.29 92.67 81.36
CA GLN D 154 47.20 93.44 79.01
CA SER D 155 49.49 94.54 81.85
CA THR D 156 53.02 93.13 82.07
CA ALA D 157 53.92 94.78 85.39
CA ALA D 158 51.62 92.53 87.42
CA THR D 159 52.24 90.77 90.73
CA THR D 160 50.54 88.83 93.60
CA GLU D 161 50.73 85.69 91.50
CA GLU D 162 54.34 84.73 91.07
CA ILE D 163 56.53 82.20 89.32
CA GLU D 164 59.92 81.75 90.96
CA VAL D 165 63.25 81.94 89.12
CA HIS D 166 66.40 79.97 89.88
CA MET D 167 69.78 79.11 88.41
CA PRO D 168 69.64 76.33 85.79
CA PRO D 169 71.60 73.30 87.02
CA ASP D 170 72.83 71.78 83.78
CA THR D 171 72.49 71.73 79.99
CA PRO D 172 74.22 68.64 78.62
CA ASP D 173 75.35 67.24 75.28
CA HIS D 174 76.34 63.86 73.88
CA THR D 175 77.41 65.59 70.64
CA LEU D 176 80.29 67.19 72.60
CA MET D 177 82.02 63.76 72.69
CA SER D 178 84.05 62.56 69.74
CA GLN D 179 86.20 59.45 70.04
CA GLN D 180 89.67 59.06 68.53
CA SER D 181 89.59 55.22 68.52
CA GLY D 182 89.29 54.73 72.27
CA ASN D 183 90.37 58.30 73.07
CA VAL D 184 87.66 60.88 73.72
CA LYS D 185 88.23 64.16 71.95
CA ILE D 186 85.58 65.67 74.20
CA THR D 187 84.48 69.01 72.74
CA VAL D 188 83.88 71.67 75.39
CA ASN D 189 83.63 74.98 73.45
CA GLY D 190 84.43 77.13 76.46
CA GLN D 191 81.70 76.17 78.93
CA THR D 192 81.51 74.50 82.34
CA VAL D 193 81.27 70.88 81.19
CA ARG D 194 80.32 68.73 84.18
CA TYR D 195 82.50 65.14 82.53
CA LYS D 196 82.36 63.17 85.75
CA CYS D 197 82.43 59.81 84.07
CA ASN D 198 83.77 56.27 84.05
CA CYS D 199 86.85 56.93 81.91
CA GLY D 200 88.52 57.40 85.77
CA GLY D 201 85.96 60.16 85.43
CA SER D 202 87.55 63.21 83.94
CA ASN D 203 89.80 61.28 85.80
CA GLU D 204 87.54 63.49 87.84
CA GLY D 205 85.92 66.92 87.71
CA LEU D 206 84.39 69.74 85.63
CA THR D 207 86.29 71.37 82.78
CA THR D 208 85.83 74.72 81.09
CA THR D 209 88.43 74.44 78.29
CA ASP D 210 88.56 71.92 75.44
CA LYS D 211 89.87 68.48 76.39
CA VAL D 212 91.30 65.50 74.55
CA ILE D 213 91.31 62.51 76.90
CA ASN D 214 92.73 59.10 76.03
CA ASN D 215 91.67 55.58 77.19
CA CYS D 216 87.95 56.28 76.89
CA LYS D 217 84.96 55.71 74.61
CA VAL D 218 81.35 56.98 74.68
CA ASP D 219 80.43 53.92 76.80
CA GLN D 220 82.47 55.51 79.61
CA CYS D 221 81.73 59.22 79.35
CA HIS D 222 79.43 62.29 79.12
CA ALA D 223 79.53 66.06 78.59
CA ALA D 224 77.31 68.45 80.53
CA VAL D 225 77.43 72.24 80.48
CA THR D 226 76.30 73.48 83.87
CA ASN D 227 74.89 76.77 82.64
CA HIS D 228 75.35 79.59 85.11
CA LYS D 229 74.87 82.97 83.40
CA LYS D 230 71.13 83.70 83.31
CA TRP D 231 68.16 82.65 85.43
CA GLN D 232 65.81 79.71 84.91
CA TYR D 233 62.26 79.79 86.20
CA ASN D 234 60.49 76.95 87.98
CA SER D 235 59.23 74.78 85.16
CA PRO D 236 58.15 71.11 85.26
CA LEU D 237 60.43 70.40 82.28
CA VAL D 238 63.75 71.66 83.66
CA PRO D 239 64.91 70.05 86.93
CA ARG D 240 66.85 70.97 90.11
CA ASN D 241 70.51 70.72 91.11
CA ALA D 242 70.15 67.70 93.52
CA GLU D 243 69.14 69.70 96.52
CA LEU D 244 67.75 73.08 95.55
CA GLY D 245 67.32 74.36 92.06
CA ASP D 246 64.30 76.02 93.55
CA ARG D 247 66.75 78.71 94.64
CA LYS D 248 65.88 82.31 95.32
CA GLY D 249 64.77 84.72 92.60
CA LYS D 250 61.62 86.41 91.30
CA ILE D 251 60.08 86.77 87.86
CA HIS D 252 56.77 88.58 88.09
CA ILE D 253 53.61 87.81 86.14
CA PRO D 254 52.00 89.57 83.19
CA PHE D 255 48.28 89.66 82.30
CA PRO D 256 46.12 89.96 85.45
CA LEU D 257 42.39 89.23 85.42
CA ALA D 258 39.38 91.54 85.27
CA ASN D 259 35.76 90.87 86.20
CA VAL D 260 34.62 93.30 83.51
CA THR D 261 32.05 93.68 80.76
CA CYS D 262 31.49 91.16 78.01
CA ARG D 263 28.43 91.41 75.80
CA VAL D 264 26.03 88.64 74.78
CA PRO D 265 23.46 89.25 71.99
CA LYS D 266 19.81 89.46 72.83
CA ALA D 267 17.70 86.87 71.07
CA ARG D 268 15.27 88.25 68.54
CA ASN D 269 11.65 88.39 69.61
CA PRO D 270 9.42 85.53 68.43
CA THR D 271 5.81 85.88 67.37
CA VAL D 272 3.19 85.34 70.07
CA THR D 273 -0.50 84.49 69.77
CA TYR D 274 -3.29 82.90 71.80
CA GLY D 275 -4.58 79.36 72.16
CA LYS D 276 -7.11 77.52 74.35
CA ASN D 277 -6.34 79.00 77.80
CA GLN D 278 -2.76 79.14 76.52
CA VAL D 279 -0.19 80.64 74.17
CA ILE D 280 0.47 79.33 70.68
CA MET D 281 3.64 80.96 69.33
CA LEU D 282 6.16 80.16 66.61
CA LEU D 283 9.54 80.39 68.32
CA TYR D 284 12.48 81.98 66.51
CA PRO D 285 16.06 80.99 67.28
CA ASP D 286 18.64 80.67 64.53
CA HIS D 287 21.56 80.00 66.89
CA PRO D 288 20.78 77.91 70.02
CA THR D 289 18.65 79.81 72.50
CA LEU D 290 17.16 78.82 75.85
CA LEU D 291 13.52 78.85 76.95
CA SER D 292 12.50 78.95 80.61
CA TYR D 293 9.01 79.31 82.07
CA ARG D 294 7.55 79.14 85.57
CA ASN D 295 4.30 80.25 87.21
CA MET D 296 3.16 82.56 90.01
CA GLY D 297 1.67 79.77 92.11
CA GLU D 298 2.89 78.25 95.36
CA GLU D 299 4.69 75.74 93.14
CA PRO D 300 7.29 77.05 90.66
CA ASN D 301 6.33 74.89 87.63
CA TYR D 302 9.77 75.69 86.30
CA GLN D 303 10.95 74.16 83.02
CA GLU D 304 14.09 74.93 81.00
CA GLU D 305 15.04 73.90 77.47
CA TRP D 306 17.31 75.09 74.65
CA VAL D 307 16.27 75.61 71.00
CA MET D 308 18.12 76.44 67.80
CA HIS D 309 15.30 75.74 65.37
CA LYS D 310 12.21 77.66 64.32
CA LYS D 311 9.41 75.65 65.87
CA GLU D 312 5.92 75.93 67.34
CA VAL D 313 5.72 75.82 71.13
CA VAL D 314 2.41 75.55 72.98
CA LEU D 315 2.56 77.54 76.22
CA THR D 316 -0.15 76.63 78.72
CA VAL D 317 -1.06 79.59 80.92
CA PRO D 318 -2.81 78.91 84.24
CA THR D 319 -5.31 81.54 85.43
CA GLU D 320 -2.72 82.84 87.91
CA GLY D 321 -0.36 83.30 84.96
CA LEU D 322 3.25 82.36 84.33
CA GLU D 323 6.49 83.82 83.00
CA VAL D 324 8.57 82.98 79.96
CA THR D 325 12.18 84.04 79.33
CA TRP D 326 13.75 84.10 75.86
CA GLY D 327 17.45 84.39 75.21
CA ASN D 328 18.78 87.57 76.73
CA ASN D 329 15.40 89.32 76.79
CA GLU D 330 13.32 90.19 79.83
CA PRO D 331 10.69 87.74 81.15
CA TYR D 332 7.18 87.96 79.71
CA LYS D 333 4.30 87.29 82.11
CA TYR D 334 0.82 86.36 80.94
CA TRP D 335 -2.75 86.29 82.24
CA PRO D 336 -5.25 84.12 80.38
CA GLN D 337 -8.92 84.21 79.47
CA LEU D 338 -11.11 81.60 77.82
CA SER D 339 -11.72 79.45 74.23
CA THR D 340 -14.77 81.48 71.93
CA ASN D 341 -16.77 78.42 69.75
CA GLY D 342 -19.93 77.02 71.31
CA THR D 343 -23.22 76.48 68.61
CA ALA D 344 -26.52 78.06 69.44
CA HIS D 345 -28.09 78.31 73.41
CA GLY D 346 -31.68 79.26 74.14
CA HIS D 347 -33.76 80.54 76.30
CA PRO D 348 -37.03 79.46 75.60
CA HIS D 349 -34.97 77.64 78.92
CA GLU D 350 -31.27 76.97 78.25
CA ILE D 351 -28.70 79.70 78.91
CA ILE D 352 -25.87 77.70 80.46
CA LEU D 353 -23.70 78.26 77.42
CA TYR D 354 -23.70 81.72 78.96
CA TYR D 355 -22.24 79.75 81.87
CA TYR D 356 -19.94 77.75 79.56
CA GLU D 357 -17.56 80.59 78.61
CA LEU D 358 -18.14 81.82 82.18
CA TYR D 359 -14.82 80.64 83.73
CA PRO D 360 -15.13 76.89 82.85
CA THR D 361 -13.99 73.88 84.85
CA MET D 362 -15.85 76.08 87.33
CA THR D 363 -19.62 76.79 87.18
CA VAL D 364 -19.66 74.32 84.30
CA VAL D 365 -18.70 71.22 86.30
CA VAL D 366 -18.48 72.45 89.90
CA VAL D 367 -22.04 73.58 89.42
CA SER D 368 -22.78 69.96 88.42
CA VAL D 369 -21.57 68.55 91.73
CA ALA D 370 -23.65 71.28 93.41
CA THR D 371 -26.92 70.20 91.84
CA PHE D 372 -27.30 67.45 94.44
CA ILE D 373 -29.06 69.99 96.66
CA LEU D 374 -31.29 70.40 93.62
CA LEU D 375 -31.47 66.63 93.14
CA SER D 376 -32.30 65.69 96.73
CA MET D 377 -36.01 65.72 95.79
CA VAL D 378 -36.52 62.20 94.43
CA GLY D 379 -36.17 60.24 97.67
CA MET D 380 -37.99 63.07 99.45
CA ALA D 381 -40.92 62.18 97.18
CA ALA D 382 -40.62 58.43 97.79
CA GLY D 383 -41.08 57.58 101.50
CA MET D 384 -43.26 60.65 101.55
CA CYS D 385 -45.63 58.74 99.30
CA MET D 386 -45.36 55.33 101.02
CA CYS D 387 -47.00 57.14 103.91
CA ALA D 388 -49.57 58.30 101.34
CA ARG D 389 -50.57 55.09 99.53
CA ARG D 390 -49.25 52.15 101.54
CA ARG D 391 -50.86 53.44 104.73
CA CYS D 392 -54.28 54.05 103.13
CA ILE D 393 -56.00 50.83 104.12
CA THR D 394 -53.22 49.77 106.51
CA PRO D 395 -53.07 51.44 109.95
CA TYR D 396 -56.45 51.89 111.72
CA GLU D 397 -59.48 49.66 111.17
CA LEU D 398 -61.34 51.17 114.08
CA THR D 399 -64.11 53.22 112.42
CA PRO D 400 -66.29 51.04 110.15
CA GLY D 401 -66.95 52.20 106.55
CA ALA D 402 -65.56 49.26 104.41
CA THR D 403 -63.48 52.10 102.86
CA VAL D 404 -63.42 55.88 102.73
CA PRO D 405 -66.44 56.38 100.43
CA PHE D 406 -65.78 59.98 99.42
CA LEU D 407 -62.23 61.15 100.12
CA LEU D 408 -60.23 58.61 98.13
CA SER D 409 -59.04 60.58 95.08
CA LEU D 410 -57.82 62.95 97.81
CA ILE D 411 -55.73 59.92 98.87
CA CYS D 412 -55.41 58.00 95.52
CA CYS D 413 -53.94 54.81 96.79
CA ILE D 414 -53.04 51.82 94.61
CA ARG D 415 -53.97 50.33 91.23
CA THR D 416 -56.22 53.34 90.81
CA ALA D 417 -58.49 51.62 88.31
CA LYS D 418 -62.11 51.07 89.45
CA ALA D 419 -65.31 52.58 87.92
CA TYR E 1 -14.51 93.33 67.45
CA GLU E 2 -14.62 91.12 64.34
CA HIS E 3 -18.03 91.94 62.90
CA VAL E 4 -18.88 89.07 60.57
CA THR E 5 -22.00 89.94 58.57
CA VAL E 6 -23.74 88.46 55.55
CA ILE E 7 -24.91 91.08 53.05
CA PRO E 8 -27.25 90.15 50.18
CA ASN E 9 -26.36 90.48 46.50
CA THR E 10 -27.89 93.53 44.82
CA VAL E 11 -27.37 96.45 42.55
CA GLY E 12 -26.67 99.51 44.66
CA VAL E 13 -29.22 98.95 47.47
CA PRO E 14 -27.68 99.99 50.82
CA TYR E 15 -28.32 97.20 53.29
CA LYS E 16 -28.43 98.42 56.89
CA THR E 17 -25.62 96.62 58.70
CA LEU E 18 -25.82 96.71 62.48
CA VAL E 19 -22.29 97.14 63.75
CA ASN E 20 -23.10 96.68 67.43
CA ARG E 21 -20.22 97.51 69.67
CA PRO E 22 -19.39 95.27 72.65
CA GLY E 23 -20.64 97.45 75.47
CA TYR E 24 -20.75 100.73 73.63
CA SER E 25 -23.22 102.67 71.47
CA PRO E 26 -23.46 100.99 68.04
CA MET E 27 -22.81 102.69 64.73
CA VAL E 28 -25.16 100.91 62.34
CA LEU E 29 -23.60 101.36 58.91
CA GLU E 30 -25.17 100.63 55.54
CA MET E 31 -23.37 99.00 52.62
CA GLU E 32 -24.22 98.45 48.98
CA LEU E 33 -22.27 96.45 46.44
CA LEU E 34 -21.75 97.64 42.89
CA SER E 35 -20.33 94.84 40.71
CA VAL E 36 -20.08 91.06 41.08
CA THR E 37 -17.36 90.35 38.56
CA LEU E 38 -16.86 86.58 38.30
CA GLU E 39 -14.67 85.40 35.47
CA PRO E 40 -14.57 82.07 33.66
CA THR E 41 -11.49 80.71 31.95
CA LEU E 42 -10.63 80.70 28.29
CA SER E 43 -9.06 77.65 26.67
CA LEU E 44 -8.83 77.58 22.90
CA ASP E 45 -10.35 74.67 21.02
CA TYR E 46 -10.25 76.33 17.60
CA ILE E 47 -10.88 79.54 15.76
CA THR E 48 -12.66 79.65 12.44
CA CYS E 49 -12.31 81.89 9.41
CA GLU E 50 -14.01 82.39 6.12
CA TYR E 51 -12.91 80.06 3.37
CA LYS E 52 -10.47 81.26 0.73
CA THR E 53 -10.49 78.91 -2.22
CA VAL E 54 -7.16 80.07 -3.57
CA ILE E 55 -7.47 79.02 -7.21
CA PRO E 56 -4.23 79.37 -9.19
CA SER E 57 -4.06 79.07 -12.95
CA PRO E 58 -5.35 75.82 -14.48
CA TYR E 59 -3.13 73.06 -15.79
CA VAL E 60 -3.92 72.60 -19.50
CA LYS E 61 -2.25 70.34 -22.07
CA CYS E 62 -2.28 70.50 -25.88
CA CYS E 63 -3.32 67.30 -27.71
CA GLY E 64 -2.56 65.23 -24.62
CA THR E 65 -3.94 64.14 -21.29
CA ALA E 66 -3.09 66.31 -18.30
CA GLU E 67 -2.14 64.55 -15.06
CA CYS E 68 -3.47 64.76 -11.50
CA LYS E 69 -0.48 65.22 -9.22
CA ASP E 70 -1.86 64.81 -5.72
CA LYS E 71 -0.13 66.46 -2.79
CA ASN E 72 -1.05 67.96 0.51
CA LEU E 73 -2.60 71.41 0.31
CA PRO E 74 -5.27 72.50 2.82
CA ASP E 75 -8.37 70.90 1.25
CA TYR E 76 -6.37 70.08 -1.88
CA SER E 77 -8.28 69.49 -5.10
CA CYS E 78 -7.23 68.96 -8.69
CA LYS E 79 -9.17 67.22 -11.43
CA VAL E 80 -8.14 66.86 -15.06
CA PHE E 81 -10.85 68.03 -17.44
CA THR E 82 -10.46 66.46 -20.83
CA GLY E 83 -11.80 67.26 -24.28
CA VAL E 84 -12.20 70.99 -23.65
CA TYR E 85 -11.50 73.28 -26.62
CA PRO E 86 -10.66 76.48 -24.76
CA PHE E 87 -10.85 79.92 -26.33
CA MET E 88 -8.99 83.13 -25.68
CA TRP E 89 -9.43 86.60 -27.28
CA GLY E 90 -8.54 85.55 -30.79
CA GLY E 91 -10.50 82.31 -30.66
CA ALA E 92 -9.24 78.96 -29.51
CA TYR E 93 -6.26 78.45 -27.19
CA CYS E 94 -5.14 75.52 -29.33
CA PHE E 95 -6.19 73.82 -32.55
CA CYS E 96 -6.58 70.37 -31.30
CA ASP E 97 -9.59 69.02 -33.18
CA ALA E 98 -11.27 67.99 -29.92
CA GLU E 99 -8.45 67.14 -27.05
CA ASN E 100 -7.28 69.80 -24.70
CA THR E 101 -7.08 68.52 -21.13
CA GLN E 102 -7.21 71.19 -18.43
CA LEU E 103 -6.66 70.38 -14.77
CA SER E 104 -8.15 72.94 -12.42
CA GLU E 105 -6.29 73.45 -9.15
CA ALA E 106 -8.15 74.71 -6.10
CA HIS E 107 -7.52 74.51 -2.38
CA VAL E 108 -8.42 76.57 0.68
CA GLU E 109 -6.32 78.62 3.11
CA LYS E 110 -7.10 80.71 6.18
CA SER E 111 -7.92 84.39 6.22
CA GLU E 112 -5.90 87.53 6.76
CA SER E 113 -9.18 88.97 8.03
CA CYS E 114 -9.53 86.13 10.55
CA LYS E 115 -6.10 87.01 11.91
CA THR E 116 -7.64 89.94 13.75
CA GLU E 117 -11.43 89.52 13.46
CA PHE E 118 -12.81 86.02 13.70
CA ALA E 119 -15.06 83.63 15.56
CA SER E 120 -13.18 81.67 18.19
CA ALA E 121 -14.34 78.47 19.87
CA TYR E 122 -13.19 77.85 23.42
CA ARG E 123 -14.22 76.60 26.85
CA ALA E 124 -14.91 78.87 29.81
CA HIS E 125 -14.64 77.10 33.14
CA THR E 126 -13.84 78.69 36.50
CA ALA E 127 -15.35 80.79 39.27
CA SER E 128 -13.17 83.76 40.21
CA ALA E 129 -15.43 86.43 41.65
CA SER E 130 -14.61 90.14 42.08
CA ALA E 131 -16.52 92.68 44.15
CA LYS E 132 -17.08 96.45 44.18
CA LEU E 133 -18.48 97.38 47.59
CA ARG E 134 -19.48 100.76 49.06
CA VAL E 135 -19.38 101.58 52.78
CA LEU E 136 -20.19 104.79 54.57
CA TYR E 137 -17.25 104.62 56.88
CA GLN E 138 -18.45 106.30 60.04
CA GLY E 139 -20.60 108.09 57.47
CA ASN E 140 -17.68 108.55 55.06
CA ASN E 141 -18.91 107.42 51.65
CA ILE E 142 -16.06 105.24 50.36
CA THR E 143 -16.01 102.33 47.94
CA VAL E 144 -13.79 99.32 48.60
CA THR E 145 -12.68 96.79 46.00
CA ALA E 146 -12.77 93.08 46.69
CA TYR E 147 -12.87 89.62 45.34
CA ALA E 148 -16.29 88.18 46.14
CA ASN E 149 -14.79 84.89 47.24
CA GLY E 150 -12.78 84.28 50.41
CA ASP E 151 -9.34 85.22 49.08
CA HIS E 152 -8.90 89.00 48.65
CA ALA E 153 -8.66 91.00 51.86
CA VAL E 154 -7.09 94.46 52.08
CA THR E 155 -7.05 96.93 54.95
CA VAL E 156 -8.42 100.40 54.20
CA LYS E 157 -9.03 103.09 56.86
CA ASP E 158 -8.34 100.97 60.00
CA ALA E 159 -10.49 98.03 58.87
CA LYS E 160 -10.34 95.12 56.44
CA PHE E 161 -12.88 92.59 55.21
CA ILE E 162 -13.45 89.01 54.16
CA VAL E 163 -15.95 89.44 51.33
CA GLY E 164 -17.42 86.07 50.54
CA PRO E 165 -16.91 83.21 49.77
CA MET E 166 -19.74 83.09 47.30
CA SER E 167 -22.85 81.15 48.26
CA SER E 168 -24.40 80.77 44.81
CA ALA E 169 -22.03 79.15 42.31
CA TRP E 170 -24.25 79.88 39.29
CA THR E 171 -22.55 80.85 36.06
CA PRO E 172 -24.12 81.96 32.76
CA PHE E 173 -21.14 80.39 30.96
CA ASP E 174 -21.42 76.96 29.35
CA ASN E 175 -18.60 74.63 28.38
CA LYS E 176 -18.75 75.29 24.63
CA ILE E 177 -18.81 78.97 23.74
CA VAL E 178 -17.68 81.06 20.75
CA VAL E 179 -16.42 84.66 20.86
CA TYR E 180 -16.41 86.78 17.70
CA LYS E 181 -14.57 90.13 17.22
CA GLY E 182 -16.46 91.72 20.10
CA ASP E 183 -19.33 89.48 21.22
CA VAL E 184 -19.44 86.02 22.81
CA TYR E 185 -21.93 83.30 21.86
CA ASN E 186 -22.66 80.22 23.98
CA MET E 187 -23.55 77.95 21.09
CA ASP E 188 -22.36 74.42 21.77
CA TYR E 189 -19.98 74.32 18.82
CA PRO E 190 -18.89 71.20 17.01
CA PRO E 191 -15.30 71.04 18.26
CA PHE E 192 -11.94 70.89 16.47
CA GLY E 193 -11.88 68.83 13.30
CA ALA E 194 -15.68 68.49 13.22
CA GLY E 195 -16.55 71.31 10.84
CA ARG E 196 -18.87 69.92 8.19
CA PRO E 197 -19.10 71.41 4.65
CA GLY E 198 -21.17 74.55 4.99
CA GLN E 199 -21.08 74.28 8.76
CA PHE E 200 -19.70 76.91 11.14
CA GLY E 201 -16.07 76.01 11.62
CA ASP E 202 -15.43 74.03 8.43
CA ILE E 203 -12.15 75.94 8.24
CA GLN E 204 -10.86 74.99 11.62
CA SER E 205 -7.57 75.91 13.28
CA ARG E 206 -6.63 76.64 16.86
CA THR E 207 -4.98 80.07 16.70
CA PRO E 208 -5.32 82.49 13.73
CA GLU E 209 -1.68 81.98 12.76
CA SER E 210 -1.85 78.20 13.32
CA LYS E 211 -1.83 76.15 10.14
CA ASP E 212 -3.39 73.06 11.76
CA VAL E 213 -6.00 73.33 9.05
CA TYR E 214 -9.01 71.12 9.30
CA ALA E 215 -10.79 71.90 6.07
CA ASN E 216 -13.95 69.98 5.21
CA THR E 217 -15.59 72.61 3.03
CA GLN E 218 -16.32 70.97 -0.38
CA LEU E 219 -13.43 71.90 -2.66
CA VAL E 220 -14.63 70.31 -5.91
CA LEU E 221 -14.55 71.33 -9.59
CA GLN E 222 -17.05 70.06 -12.14
CA ARG E 223 -15.68 70.78 -15.73
CA PRO E 224 -15.29 73.66 -18.14
CA ALA E 225 -17.41 71.99 -20.77
CA ALA E 226 -15.83 72.49 -24.21
CA GLY E 227 -15.77 76.19 -24.78
CA THR E 228 -13.31 78.60 -23.17
CA VAL E 229 -10.54 79.19 -20.65
CA HIS E 230 -12.74 78.60 -17.72
CA VAL E 231 -13.04 77.31 -14.18
CA PRO E 232 -16.61 76.63 -13.04
CA TYR E 233 -16.81 75.98 -9.33
CA SER E 234 -19.42 74.02 -7.48
CA GLN E 235 -19.58 75.77 -4.13
CA ALA E 236 -17.38 75.76 -1.11
CA PRO E 237 -20.08 76.46 1.51
CA SER E 238 -18.71 78.32 4.40
CA GLY E 239 -18.06 78.88 8.07
CA PHE E 240 -18.57 82.68 8.24
CA LYS E 241 -21.00 83.28 5.34
CA TYR E 242 -22.89 80.46 7.09
CA TRP E 243 -22.41 82.14 10.49
CA LEU E 244 -23.41 85.77 9.75
CA LYS E 245 -27.15 84.96 9.88
CA GLU E 246 -27.05 82.54 12.83
CA ARG E 247 -25.12 84.76 15.22
CA GLY E 248 -28.24 85.28 17.30
CA ALA E 249 -27.92 86.63 20.84
CA SER E 250 -24.76 87.21 22.83
CA LEU E 251 -24.31 86.19 26.47
CA GLN E 252 -25.17 89.76 27.50
CA HIS E 253 -28.42 89.07 25.63
CA THR E 254 -29.33 85.65 27.04
CA ALA E 255 -28.06 85.55 30.63
CA PRO E 256 -30.67 85.26 33.40
CA PHE E 257 -30.67 87.60 36.40
CA GLY E 258 -30.60 90.34 33.74
CA CYS E 259 -26.92 91.27 33.92
CA GLN E 260 -24.61 91.93 31.02
CA ILE E 261 -21.42 90.04 30.28
CA ALA E 262 -18.27 92.16 30.07
CA THR E 263 -15.83 91.01 27.44
CA ASN E 264 -12.10 90.99 26.55
CA PRO E 265 -11.46 88.87 28.66
CA VAL E 266 -15.02 87.58 29.15
CA ARG E 267 -16.66 87.69 32.59
CA ALA E 268 -20.10 88.22 34.12
CA VAL E 269 -20.74 91.56 35.79
CA ASN E 270 -23.19 91.73 38.73
CA CYS E 271 -26.01 89.24 38.41
CA ALA E 272 -27.69 89.76 41.79
CA VAL E 273 -27.65 86.15 43.01
CA GLY E 274 -27.18 84.90 46.55
CA ASN E 275 -25.47 86.77 49.38
CA MET E 276 -22.07 88.06 50.51
CA PRO E 277 -20.54 86.84 53.78
CA ILE E 278 -18.57 89.90 54.91
CA SER E 279 -16.19 89.58 57.86
CA ILE E 280 -15.04 93.08 58.85
CA ASP E 281 -13.40 94.24 62.08
CA ILE E 282 -13.68 97.28 64.34
CA PRO E 283 -11.69 98.18 67.45
CA GLU E 284 -13.08 99.87 70.49
CA ALA E 285 -10.39 102.54 70.12
CA ALA E 286 -11.33 104.25 66.85
CA PHE E 287 -14.96 103.84 67.93
CA THR E 288 -16.60 105.77 70.73
CA ARG E 289 -18.22 104.90 74.03
CA VAL E 290 -21.83 104.70 75.15
CA VAL E 291 -21.15 107.29 77.88
CA ASP E 292 -19.97 110.16 75.64
CA ALA E 293 -22.65 109.22 73.15
CA PRO E 294 -25.89 110.76 74.46
CA SER E 295 -28.28 108.39 76.18
CA LEU E 296 -31.82 109.15 75.14
CA THR E 297 -35.38 108.93 76.45
CA ASP E 298 -38.73 110.63 75.80
CA MET E 299 -38.96 109.11 72.31
CA SER E 300 -42.56 109.48 71.14
CA CYS E 301 -43.37 107.01 68.38
CA GLU E 302 -45.09 108.46 65.32
CA VAL E 303 -44.66 108.83 61.58
CA PRO E 304 -45.70 111.75 59.43
CA ALA E 305 -46.41 109.20 56.67
CA CYS E 306 -45.25 105.87 55.28
CA THR E 307 -46.04 104.13 51.99
CA HIS E 308 -45.44 100.39 51.88
CA SER E 309 -44.03 99.79 48.40
CA SER E 310 -40.49 99.33 47.09
CA ASP E 311 -40.01 103.12 47.30
CA PHE E 312 -38.61 105.22 50.15
CA GLY E 313 -42.12 106.44 50.85
CA GLY E 314 -41.71 106.15 54.59
CA VAL E 315 -40.34 108.54 57.17
CA ALA E 316 -40.60 108.63 60.97
CA ILE E 317 -40.27 111.71 63.18
CA ILE E 318 -39.15 110.97 66.73
CA LYS E 319 -39.60 113.72 69.31
CA TYR E 320 -37.24 113.05 72.20
CA ALA E 321 -34.83 114.28 74.86
CA ALA E 322 -31.26 112.93 74.91
CA SER E 323 -28.49 113.74 77.38
CA LYS E 324 -25.30 115.10 75.78
CA LYS E 325 -23.97 116.33 72.47
CA GLY E 326 -22.89 113.65 70.02
CA LYS E 327 -23.76 111.52 67.02
CA CYS E 328 -25.95 108.44 67.11
CA ALA E 329 -27.08 105.39 65.12
CA VAL E 330 -30.52 104.08 64.09
CA HIS E 331 -31.54 100.43 63.71
CA SER E 332 -34.81 98.57 63.50
CA MET E 333 -34.72 94.77 63.63
CA THR E 334 -37.54 94.74 61.12
CA ASN E 335 -35.52 93.87 58.03
CA ALA E 336 -38.46 94.19 55.63
CA VAL E 337 -38.60 97.88 56.59
CA THR E 338 -35.24 99.24 55.49
CA ILE E 339 -34.21 102.54 57.08
CA ARG E 340 -32.46 105.00 54.78
CA GLU E 341 -30.09 106.82 57.12
CA ALA E 342 -28.73 105.97 60.56
CA GLU E 343 -25.96 108.41 61.52
CA ILE E 344 -27.50 111.55 63.01
CA GLU E 345 -25.99 114.07 65.39
CA VAL E 346 -28.86 113.89 69.12
CA GLU E 347 -27.78 117.00 71.08
CA GLY E 348 -30.01 116.47 74.12
CA ASN E 349 -33.57 117.75 73.93
CA SER E 350 -34.42 117.77 70.22
CA GLN E 351 -36.21 115.97 67.39
CA LEU E 352 -34.69 113.98 64.54
CA GLN E 353 -35.77 112.38 61.27
CA ILE E 354 -35.30 108.95 59.76
CA SER E 355 -36.74 107.91 56.41
CA PHE E 356 -37.27 104.32 55.32
CA SER E 357 -38.47 102.03 52.60
CA THR E 358 -41.66 100.65 53.97
CA ALA E 359 -43.14 97.17 54.18
CA LEU E 360 -45.80 96.81 56.85
CA ALA E 361 -49.32 98.22 56.55
CA SER E 362 -49.42 98.80 60.30
CA ALA E 363 -45.69 99.37 60.87
CA GLU E 364 -45.57 98.62 64.60
CA PHE E 365 -41.88 97.88 65.20
CA ARG E 366 -39.00 98.93 67.45
CA VAL E 367 -35.91 101.00 66.76
CA GLN E 368 -32.63 100.41 68.56
CA VAL E 369 -31.14 103.87 69.03
CA CYS E 370 -27.55 103.48 70.38
CA SER E 371 -28.15 100.58 72.83
CA THR E 372 -31.52 102.08 73.82
CA GLN E 373 -34.79 100.58 72.69
CA VAL E 374 -37.83 102.55 71.58
CA HIS E 375 -40.83 101.19 69.74
CA CYS E 376 -41.97 102.94 66.56
CA ALA E 377 -45.69 103.25 65.81
CA ALA E 378 -47.05 103.67 62.28
CA GLU E 379 -50.15 103.06 60.17
CA CYS E 380 -48.99 103.06 56.57
CA HIS E 381 -50.24 104.34 52.51
CA PRO E 382 -51.06 101.64 49.98
CA PRO E 383 -48.87 101.73 46.88
CA LYS E 384 -50.15 104.21 44.29
CA ARG E 385 -48.60 106.27 41.50
CA THR E 386 -44.60 105.65 43.47
CA THR E 387 -44.24 104.69 39.12
CA VAL E 388 -42.12 102.71 36.59
CA TYR E 389 -38.49 103.43 36.57
CA TYR E 390 -37.62 103.26 40.96
CA PRO E 391 -34.22 101.67 40.35
CA ALA E 392 -34.25 99.44 43.44
CA SER E 393 -36.29 97.23 45.73
CA HIS E 394 -35.81 96.38 49.38
CA THR E 395 -39.36 94.23 51.06
CA THR E 396 -40.31 90.69 52.09
CA LEU E 397 -44.05 90.32 52.49
CA GLY E 398 -45.63 86.89 52.67
CA VAL E 399 -43.49 85.95 55.63
CA GLN E 400 -46.29 84.53 58.70
CA ASP E 401 -47.37 87.74 60.44
CA ILE E 402 -49.17 90.23 58.18
CA SER E 403 -50.86 91.89 61.17
CA ALA E 404 -52.32 95.20 59.98
CA THR E 405 -55.21 97.49 60.96
CA ALA E 406 -57.75 94.99 59.57
CA MET E 407 -56.13 92.06 61.43
CA SER E 408 -57.77 93.19 64.70
CA TRP E 409 -61.01 91.56 63.56
CA VAL E 410 -59.15 88.43 62.44
CA GLN E 411 -56.79 88.01 65.41
CA LYS E 412 -59.12 89.03 68.25
CA ILE E 413 -62.80 88.31 67.73
CA THR E 414 -62.94 85.20 65.57
CA GLY E 415 -59.74 83.98 67.16
CA GLY E 416 -61.74 83.87 70.41
CA VAL E 417 -64.41 81.47 69.16
CA GLY E 418 -62.78 78.24 70.26
CA LEU E 419 -63.85 78.28 73.91
CA VAL E 420 -66.97 76.24 73.31
CA VAL E 421 -65.30 72.80 73.22
CA ALA E 422 -65.74 72.27 77.00
CA VAL E 423 -69.54 71.75 76.97
CA ALA E 424 -69.36 68.04 76.15
CA ALA E 425 -66.87 67.66 79.02
CA LEU E 426 -68.36 70.26 81.37
CA ILE E 427 -71.30 68.49 83.02
CA LEU E 428 -71.89 66.15 80.09
CA ILE E 429 -68.96 64.15 81.50
CA VAL E 430 -71.32 62.44 83.98
CA VAL E 431 -73.27 61.24 80.91
CA LEU E 432 -70.58 60.79 78.27
CA CYS E 433 -68.35 57.78 77.96
CA VAL E 434 -68.58 54.07 77.15
CA SER E 435 -65.86 53.43 79.73
CA PHE E 436 -63.74 56.47 80.65
CA SER E 437 -65.07 59.11 82.90
CA ARG E 438 -66.98 59.18 86.13
CA HIS E 439 -66.20 57.35 89.37
CA ASN F 1 5.36 102.55 -4.18
CA PHE F 2 3.10 99.80 -5.66
CA ASN F 3 5.98 98.63 -7.86
CA VAL F 4 4.32 95.36 -8.82
CA TYR F 5 1.44 96.77 -10.89
CA LYS F 6 4.02 97.95 -13.39
CA ALA F 7 5.72 94.89 -14.93
CA THR F 8 2.38 93.05 -15.09
CA ARG F 9 -0.16 92.79 -17.90
CA PRO F 10 -3.92 92.27 -18.08
CA TYR F 11 -5.75 89.43 -19.77
CA LEU F 12 -8.75 89.45 -22.09
CA ALA F 13 -11.04 86.69 -20.90
CA HIS F 14 -14.68 85.67 -21.18
CA CYS F 15 -17.08 87.60 -19.04
CA PRO F 16 -19.95 85.34 -17.90
CA ASP F 17 -22.33 88.07 -19.08
CA CYS F 18 -21.00 91.09 -20.97
CA GLY F 19 -24.35 92.86 -20.70
CA GLU F 20 -27.23 92.57 -23.20
CA GLY F 21 -28.25 89.24 -21.62
CA HIS F 22 -25.35 87.36 -23.22
CA SER F 23 -21.62 86.88 -22.88
CA CYS F 24 -18.36 87.59 -24.68
CA HIS F 25 -14.72 88.33 -23.89
CA SER F 26 -13.67 91.16 -21.67
CA PRO F 27 -10.76 93.16 -20.25
CA VAL F 28 -12.88 93.55 -17.10
CA ALA F 29 -13.58 89.82 -16.74
CA LEU F 30 -13.88 89.42 -12.96
CA GLU F 31 -11.85 86.85 -11.04
CA ARG F 32 -12.32 87.66 -7.35
CA ILE F 33 -15.17 89.05 -5.21
CA ARG F 34 -14.75 90.01 -1.53
CA ASN F 35 -17.04 91.89 0.84
CA GLU F 36 -15.86 90.65 4.26
CA ALA F 37 -15.90 94.32 5.35
CA THR F 38 -18.86 94.60 7.74
CA ASP F 39 -19.64 98.16 6.69
CA GLY F 40 -20.44 96.74 3.25
CA THR F 41 -17.55 97.93 1.08
CA LEU F 42 -16.87 95.38 -1.65
CA LYS F 43 -13.41 94.54 -2.97
CA ILE F 44 -13.16 93.15 -6.50
CA GLN F 45 -10.00 92.37 -8.43
CA VAL F 46 -10.64 93.38 -12.03
CA SER F 47 -8.60 91.57 -14.68
CA LEU F 48 -6.96 94.76 -15.94
CA GLN F 49 -5.27 97.28 -13.70
CA ILE F 50 -6.16 100.93 -13.24
CA GLY F 51 -4.02 103.89 -12.31
CA ILE F 52 -0.83 102.95 -14.21
CA LYS F 53 -0.24 103.26 -17.95
CA THR F 54 1.67 100.74 -20.05
CA ASP F 55 4.79 102.79 -19.20
CA ASP F 56 5.05 100.68 -15.99
CA SER F 57 5.41 103.88 -13.99
CA HIS F 58 4.12 105.45 -10.74
CA ASP F 59 1.25 106.91 -12.78
CA TRP F 60 -2.28 107.76 -11.76
CA THR F 61 -3.83 109.33 -14.85
CA LYS F 62 -4.52 106.27 -17.04
CA LEU F 63 -5.19 102.52 -16.84
CA ARG F 64 -3.52 99.48 -18.39
CA TYR F 65 -5.93 97.17 -20.19
CA MET F 66 -5.36 94.25 -22.55
CA ASP F 67 -6.01 94.68 -26.29
CA ASN F 68 -4.53 93.40 -29.59
CA HIS F 69 -2.12 90.87 -28.00
CA MET F 70 -0.63 93.59 -25.77
CA PRO F 71 -1.33 95.84 -22.79
CA ALA F 72 -3.16 98.92 -24.06
CA ASP F 73 -3.99 102.20 -22.30
CA ALA F 74 -7.24 103.89 -21.41
CA GLU F 75 -7.97 106.80 -19.09
CA ARG F 76 -8.33 106.50 -15.32
CA ALA F 77 -11.70 108.29 -15.14
CA GLY F 78 -13.49 106.03 -17.64
CA LEU F 79 -14.81 103.62 -15.00
CA PHE F 80 -18.47 102.99 -14.20
CA VAL F 81 -20.13 100.35 -12.01
CA ARG F 82 -23.76 99.47 -11.29
CA THR F 83 -25.14 96.89 -8.86
CA SER F 84 -28.79 97.90 -9.07
CA ALA F 85 -28.16 101.64 -9.22
CA PRO F 86 -24.96 103.26 -10.50
CA CYS F 87 -23.20 103.07 -7.17
CA THR F 88 -20.42 105.00 -5.51
CA ILE F 89 -16.68 104.36 -5.25
CA THR F 90 -14.43 104.74 -2.20
CA GLY F 91 -10.92 104.19 -3.62
CA THR F 92 -9.37 102.04 -6.34
CA ILE F 93 -5.73 101.20 -7.11
CA GLY F 94 -4.03 98.53 -9.21
CA HIS F 95 -6.08 95.54 -10.41
CA PHE F 96 -8.46 96.23 -7.53
CA ILE F 97 -11.80 98.05 -7.30
CA LEU F 98 -13.67 99.09 -4.16
CA ALA F 99 -17.20 100.51 -4.08
CA ARG F 100 -19.71 101.90 -1.59
CA CYS F 101 -23.26 100.81 -2.37
CA PRO F 102 -26.11 98.87 -0.71
CA LYS F 103 -27.99 95.62 -1.41
CA GLY F 104 -28.10 94.28 -4.96
CA GLU F 105 -27.93 90.87 -6.58
CA THR F 106 -26.69 91.93 -10.03
CA LEU F 107 -23.50 93.87 -10.54
CA THR F 108 -21.93 95.01 -13.78
CA VAL F 109 -18.59 96.73 -14.31
CA GLY F 110 -17.49 99.01 -17.12
CA PHE F 111 -14.93 101.54 -18.18
CA THR F 112 -14.97 103.93 -21.11
CA ASP F 113 -11.83 102.98 -23.01
CA SER F 114 -9.67 104.92 -25.47
CA ARG F 115 -12.17 104.20 -28.27
CA LYS F 116 -15.19 105.28 -26.15
CA ILE F 117 -17.04 101.96 -25.85
CA SER F 118 -18.38 100.07 -22.82
CA HIS F 119 -16.27 97.12 -21.81
CA SER F 120 -19.14 95.55 -19.90
CA CYS F 121 -19.11 92.56 -17.58
CA THR F 122 -22.23 91.73 -15.56
CA HIS F 123 -22.01 89.44 -12.55
CA PRO F 124 -24.53 87.86 -10.16
CA PHE F 125 -23.56 88.58 -6.57
CA HIS F 126 -26.09 89.27 -3.84
CA HIS F 127 -24.12 92.12 -2.31
CA ASP F 128 -25.06 92.53 1.29
CA PRO F 129 -23.77 94.83 3.96
CA PRO F 130 -24.80 93.00 7.15
CA VAL F 131 -27.24 94.54 9.59
CA ILE F 132 -24.58 96.61 11.28
CA GLY F 133 -24.79 97.38 14.98
CA ARG F 134 -28.22 96.59 16.35
CA GLU F 135 -30.43 98.56 13.94
CA LYS F 136 -31.96 98.19 10.48
CA PHE F 137 -31.12 101.65 9.12
CA HIS F 138 -29.37 102.64 5.91
CA SER F 139 -27.42 105.78 6.83
CA ARG F 140 -26.49 107.58 10.04
CA PRO F 141 -27.21 111.02 11.44
CA GLN F 142 -25.10 112.81 14.01
CA HIS F 143 -26.60 110.76 16.84
CA GLY F 144 -25.12 107.29 16.80
CA LYS F 145 -23.28 104.87 19.04
CA GLU F 146 -19.84 103.30 18.51
CA LEU F 147 -19.30 99.73 17.31
CA PRO F 148 -16.13 98.31 15.80
CA CYS F 149 -16.61 97.24 12.21
CA SER F 150 -14.44 95.63 9.57
CA THR F 151 -13.56 97.87 6.64
CA TYR F 152 -10.74 98.28 4.14
CA VAL F 153 -7.74 100.53 4.62
CA GLN F 154 -6.79 102.55 1.53
CA SER F 155 -3.18 101.29 1.57
CA THR F 156 -1.62 99.95 -1.64
CA ALA F 157 1.67 98.85 -0.06
CA ALA F 158 0.10 95.94 1.81
CA THR F 159 1.31 92.37 2.23
CA THR F 160 0.75 89.07 4.17
CA GLU F 161 -2.02 88.20 1.75
CA GLU F 162 -0.53 87.62 -1.64
CA ILE F 163 -1.51 86.85 -5.21
CA GLU F 164 1.25 85.24 -7.23
CA VAL F 165 2.45 86.46 -10.64
CA HIS F 166 3.75 84.35 -13.51
CA MET F 167 4.60 84.55 -17.19
CA PRO F 168 1.52 84.31 -19.46
CA PRO F 169 1.74 81.17 -21.61
CA ASP F 170 -0.09 82.21 -24.75
CA THR F 171 -2.42 84.77 -26.34
CA PRO F 172 -3.79 83.35 -29.59
CA ASP F 173 -5.68 84.55 -32.65
CA HIS F 174 -7.69 83.00 -35.44
CA THR F 175 -7.85 86.41 -37.17
CA LEU F 176 -4.09 86.10 -37.81
CA MET F 177 -4.85 83.45 -40.48
CA SER F 178 -5.86 84.47 -43.97
CA GLN F 179 -6.07 81.90 -46.74
CA GLN F 180 -4.94 82.46 -50.33
CA SER F 181 -7.12 79.68 -51.80
CA GLY F 182 -5.52 76.78 -49.95
CA ASN F 183 -2.43 78.78 -48.97
CA VAL F 184 -2.35 80.37 -45.52
CA LYS F 185 -1.15 83.93 -45.51
CA ILE F 186 -0.73 83.63 -41.74
CA THR F 187 -0.38 87.12 -40.27
CA VAL F 188 2.18 87.29 -37.44
CA ASN F 189 2.79 91.03 -36.88
CA GLY F 190 6.14 90.52 -35.17
CA GLN F 191 5.25 88.27 -32.24
CA THR F 192 6.07 84.74 -31.10
CA VAL F 193 3.28 82.89 -32.92
CA ARG F 194 3.13 79.33 -31.60
CA TYR F 195 1.60 77.73 -35.53
CA LYS F 196 2.20 74.10 -34.64
CA CYS F 197 -0.54 72.79 -36.85
CA ASN F 198 -1.67 70.15 -39.32
CA CYS F 199 -0.55 71.94 -42.49
CA GLY F 200 2.87 69.57 -41.72
CA GLY F 201 2.61 71.93 -38.80
CA SER F 202 4.47 75.09 -39.54
CA ASN F 203 5.84 72.32 -41.15
CA GLU F 204 6.77 72.65 -37.53
CA GLY F 205 7.58 75.32 -34.96
CA LEU F 206 7.03 78.87 -33.65
CA THR F 207 7.57 81.91 -35.85
CA THR F 208 8.22 85.54 -34.99
CA THR F 209 8.15 87.11 -38.48
CA ASP F 210 5.28 87.20 -40.96
CA LYS F 211 4.72 83.98 -42.90
CA VAL F 212 2.95 82.98 -46.09
CA ILE F 213 2.58 79.20 -46.16
CA ASN F 214 1.12 77.24 -49.04
CA ASN F 215 -0.86 73.93 -49.07
CA CYS F 216 -2.97 74.82 -46.04
CA LYS F 217 -6.41 76.11 -45.06
CA VAL F 218 -7.94 77.17 -41.69
CA ASP F 219 -9.04 73.54 -41.17
CA GLN F 220 -5.34 72.68 -40.78
CA CYS F 221 -3.90 75.60 -38.84
CA HIS F 222 -3.76 78.11 -35.93
CA ALA F 223 -1.91 81.23 -34.77
CA ALA F 224 -0.92 81.77 -31.14
CA VAL F 225 1.24 84.57 -29.74
CA THR F 226 3.07 83.21 -26.71
CA ASN F 227 3.34 86.53 -24.90
CA HIS F 228 6.55 86.88 -22.94
CA LYS F 229 7.18 90.53 -22.05
CA LYS F 230 5.18 91.31 -18.88
CA TRP F 231 3.90 89.25 -15.96
CA GLN F 232 0.52 87.58 -15.57
CA TYR F 233 -0.97 86.92 -12.16
CA ASN F 234 -2.66 83.73 -11.05
CA SER F 235 -6.21 84.13 -12.31
CA PRO F 236 -8.86 81.44 -12.88
CA LEU F 237 -9.46 82.85 -16.39
CA VAL F 238 -5.91 82.65 -17.79
CA PRO F 239 -4.29 79.18 -17.74
CA ARG F 240 -0.83 77.60 -17.35
CA ASN F 241 1.88 76.55 -19.80
CA ALA F 242 1.29 72.73 -19.56
CA GLU F 243 3.43 72.19 -16.52
CA LEU F 244 3.88 75.39 -14.57
CA GLY F 245 2.40 78.72 -15.41
CA ASP F 246 2.26 79.08 -11.67
CA ARG F 247 5.88 80.16 -11.98
CA LYS F 248 7.69 82.38 -9.53
CA GLY F 249 6.86 86.05 -9.02
CA LYS F 250 5.09 88.32 -6.53
CA ILE F 251 2.44 91.01 -6.86
CA HIS F 252 1.50 92.34 -3.45
CA ILE F 253 -1.97 93.27 -2.25
CA PRO F 254 -3.63 96.64 -1.72
CA PHE F 255 -6.39 97.50 0.78
CA PRO F 256 -5.86 95.67 4.10
CA LEU F 257 -8.62 95.35 6.69
CA ALA F 258 -9.31 97.29 9.87
CA ASN F 259 -11.44 96.35 12.88
CA VAL F 260 -12.29 100.01 13.43
CA THR F 261 -15.19 102.29 14.24
CA CYS F 262 -18.43 102.34 12.34
CA ARG F 263 -21.44 104.19 13.75
CA VAL F 264 -25.03 102.99 14.01
CA PRO F 265 -27.82 105.45 14.89
CA LYS F 266 -29.55 105.23 18.23
CA ALA F 267 -33.26 104.64 17.98
CA ARG F 268 -35.42 107.50 19.19
CA ASN F 269 -37.02 107.04 22.58
CA PRO F 270 -40.65 105.87 22.59
CA THR F 271 -43.29 107.03 25.03
CA VAL F 272 -43.76 104.94 28.15
CA THR F 273 -46.71 104.70 30.54
CA TYR F 274 -48.23 102.29 33.06
CA GLY F 275 -50.79 99.52 32.83
CA LYS F 276 -52.20 96.82 35.11
CA ASN F 277 -49.01 95.51 36.79
CA GLN F 278 -47.39 96.31 33.44
CA VAL F 279 -46.24 98.87 30.90
CA ILE F 280 -48.46 100.26 28.15
CA MET F 281 -46.31 102.21 25.71
CA LEU F 282 -46.65 103.35 22.10
CA LEU F 283 -43.48 102.18 20.39
CA TYR F 284 -41.75 104.44 17.87
CA PRO F 285 -39.64 103.01 15.05
CA ASP F 286 -39.69 104.52 11.59
CA HIS F 287 -36.94 102.28 10.21
CA PRO F 288 -36.88 98.65 11.49
CA THR F 289 -35.79 98.45 15.10
CA LEU F 290 -35.45 95.54 17.50
CA LEU F 291 -37.11 94.98 20.87
CA SER F 292 -35.69 92.62 23.49
CA TYR F 293 -36.89 92.07 27.05
CA ARG F 294 -35.96 89.62 29.82
CA ASN F 295 -36.48 89.48 33.58
CA MET F 296 -34.40 89.31 36.74
CA GLY F 297 -35.73 85.91 37.81
CA GLU F 298 -34.03 82.54 37.84
CA GLU F 299 -35.51 82.12 34.36
CA PRO F 300 -34.50 84.63 31.65
CA ASN F 301 -37.96 85.17 30.07
CA TYR F 302 -36.10 86.50 27.06
CA GLN F 303 -38.00 87.56 23.94
CA GLU F 304 -36.71 89.34 20.83
CA GLU F 305 -38.61 90.94 17.96
CA TRP F 306 -38.08 93.63 15.30
CA VAL F 307 -40.44 96.53 14.54
CA MET F 308 -40.57 99.23 11.89
CA HIS F 309 -44.06 100.52 12.62
CA LYS F 310 -45.50 102.79 15.29
CA LYS F 311 -47.53 100.41 17.42
CA GLU F 312 -48.75 99.79 20.96
CA VAL F 313 -46.87 97.13 22.89
CA VAL F 314 -48.07 95.84 26.26
CA LEU F 315 -45.11 95.08 28.52
CA THR F 316 -45.94 92.84 31.48
CA VAL F 317 -43.67 93.56 34.43
CA PRO F 318 -43.33 90.88 37.14
CA THR F 319 -42.78 92.12 40.71
CA GLU F 320 -39.08 91.25 40.41
CA GLY F 321 -38.96 93.47 37.33
CA LEU F 322 -37.56 93.04 33.84
CA GLU F 323 -35.45 94.85 31.26
CA VAL F 324 -36.29 96.20 27.82
CA THR F 325 -33.77 97.22 25.15
CA TRP F 326 -34.66 99.55 22.27
CA GLY F 327 -32.52 100.03 19.19
CA ASN F 328 -29.09 101.24 20.16
CA ASN F 329 -30.22 102.65 23.52
CA GLU F 330 -29.38 101.31 26.97
CA PRO F 331 -31.66 98.76 28.67
CA TYR F 332 -34.53 100.08 30.78
CA LYS F 333 -35.39 98.08 33.92
CA TYR F 334 -38.73 98.37 35.68
CA TRP F 335 -40.30 97.62 39.07
CA PRO F 336 -44.08 97.44 39.24
CA GLN F 337 -46.83 98.31 41.68
CA LEU F 338 -50.55 97.63 41.54
CA SER F 339 -54.09 98.54 39.41
CA THR F 340 -56.14 101.74 41.47
CA ASN F 341 -60.28 101.09 40.75
CA GLY F 342 -62.18 99.17 43.41
CA THR F 343 -66.03 100.77 44.43
CA ALA F 344 -66.77 101.53 48.04
CA HIS F 345 -65.43 99.08 51.29
CA GLY F 346 -66.77 99.46 54.80
CA HIS F 347 -66.17 99.03 57.98
CA PRO F 348 -69.21 98.87 59.76
CA HIS F 349 -67.10 95.18 59.04
CA GLU F 350 -65.53 94.97 55.57
CA ILE F 351 -62.04 96.38 54.98
CA ILE F 352 -60.52 93.72 52.74
CA LEU F 353 -60.52 96.10 49.80
CA TYR F 354 -57.75 97.58 51.93
CA TYR F 355 -56.35 94.08 51.42
CA TYR F 356 -57.27 94.08 47.70
CA GLU F 357 -54.73 96.68 46.53
CA LEU F 358 -52.46 95.18 49.21
CA TYR F 359 -50.18 93.09 46.91
CA PRO F 360 -52.92 90.97 45.22
CA THR F 361 -52.78 87.34 44.11
CA MET F 362 -51.38 87.35 47.64
CA THR F 363 -53.42 88.18 50.77
CA VAL F 364 -56.39 88.32 48.42
CA VAL F 365 -56.42 84.64 47.41
CA VAL F 366 -53.63 83.08 49.48
CA VAL F 367 -55.50 84.42 52.45
CA SER F 368 -58.51 82.49 51.10
CA VAL F 369 -56.72 79.13 51.21
CA ALA F 370 -55.60 80.11 54.73
CA THR F 371 -59.11 80.55 56.08
CA PHE F 372 -59.44 76.79 56.53
CA ILE F 373 -57.92 77.20 60.00
CA LEU F 374 -60.76 79.70 60.42
CA LEU F 375 -63.23 77.28 58.82
CA SER F 376 -62.30 74.18 60.84
CA MET F 377 -65.12 75.03 63.28
CA VAL F 378 -68.14 73.42 61.60
CA GLY F 379 -67.22 69.76 62.12
CA MET F 380 -65.83 70.70 65.52
CA ALA F 381 -69.40 71.74 66.35
CA ALA F 382 -70.95 68.58 64.91
CA GLY F 383 -69.68 65.45 66.73
CA MET F 384 -69.32 67.77 69.67
CA CYS F 385 -73.09 68.02 69.66
CA MET F 386 -73.89 64.35 68.92
CA CYS F 387 -72.32 63.78 72.34
CA ALA F 388 -74.70 66.51 73.55
CA ARG F 389 -78.09 65.45 72.16
CA ARG F 390 -77.79 61.87 70.92
CA ARG F 391 -76.34 60.71 74.25
CA CYS F 392 -79.02 62.43 76.37
CA ILE F 393 -81.35 59.48 76.90
CA THR F 394 -78.88 56.95 75.48
CA PRO F 395 -75.97 55.82 77.69
CA TYR F 396 -76.88 55.10 81.37
CA GLU F 397 -80.31 54.00 82.57
CA LEU F 398 -79.05 53.22 86.02
CA THR F 399 -80.57 55.98 88.19
CA PRO F 400 -84.38 56.05 87.92
CA GLY F 401 -86.12 59.39 87.14
CA ALA F 402 -88.06 58.62 83.86
CA THR F 403 -86.02 61.64 82.62
CA VAL F 404 -83.96 64.49 84.01
CA PRO F 405 -86.84 66.57 85.45
CA PHE F 406 -84.98 69.86 85.88
CA LEU F 407 -81.73 70.05 83.93
CA LEU F 408 -82.97 69.46 80.39
CA SER F 409 -82.79 72.92 78.78
CA LEU F 410 -79.23 72.72 80.11
CA ILE F 411 -79.02 69.68 77.78
CA CYS F 412 -81.71 70.56 75.13
CA CYS F 413 -81.87 67.28 73.32
CA ILE F 414 -84.15 66.53 70.39
CA ARG F 415 -87.42 67.79 68.87
CA THR F 416 -87.39 70.40 71.62
CA ALA F 417 -91.13 70.96 71.48
CA LYS F 418 -93.08 69.97 74.63
CA ALA F 419 -95.08 72.27 76.97
CA TYR G 1 52.58 5.80 96.38
CA GLU G 2 50.85 6.97 93.20
CA HIS G 3 48.67 9.80 94.45
CA VAL G 4 46.01 10.31 91.78
CA THR G 5 44.05 13.47 92.55
CA VAL G 6 41.54 15.60 90.65
CA ILE G 7 42.15 19.33 91.03
CA PRO G 8 39.57 21.87 89.84
CA ASN G 9 40.19 24.46 87.12
CA THR G 10 40.86 27.95 88.47
CA VAL G 11 42.97 31.04 88.29
CA GLY G 12 45.60 30.85 90.98
CA VAL G 13 43.50 29.42 93.85
CA PRO G 14 45.58 26.90 95.84
CA TYR G 15 43.49 23.78 96.28
CA LYS G 16 44.44 21.79 99.38
CA THR G 17 45.56 18.40 98.15
CA LEU G 18 45.73 15.68 100.80
CA VAL G 19 48.80 13.62 100.05
CA ASN G 20 48.14 10.93 102.63
CA ARG G 21 51.04 8.59 103.08
CA PRO G 22 50.45 4.84 103.40
CA GLY G 23 51.08 4.39 107.10
CA TYR G 24 52.97 7.59 107.72
CA SER G 25 52.17 11.19 108.64
CA PRO G 26 50.66 12.94 105.57
CA MET G 27 52.02 16.10 103.98
CA VAL G 28 48.91 17.81 102.65
CA LEU G 29 50.14 20.02 99.82
CA GLU G 30 48.23 22.74 98.01
CA MET G 31 48.38 23.36 94.26
CA GLU G 32 47.11 26.11 92.00
CA LEU G 33 47.15 26.18 88.22
CA LEU G 34 48.05 29.28 86.26
CA SER G 35 47.19 28.83 82.56
CA VAL G 36 44.99 26.42 80.62
CA THR G 37 46.43 26.86 77.16
CA LEU G 38 44.39 24.84 74.68
CA GLU G 39 45.10 25.47 71.03
CA PRO G 40 42.92 24.97 67.97
CA THR G 41 44.28 24.33 64.50
CA LEU G 42 44.68 26.73 61.63
CA SER G 43 43.81 25.69 58.11
CA LEU G 44 43.68 28.38 55.44
CA ASP G 45 40.52 28.78 53.41
CA TYR G 46 41.41 32.21 52.00
CA ILE G 47 42.85 35.56 52.86
CA THR G 48 41.32 38.79 51.64
CA CYS G 49 42.82 42.13 50.69
CA GLU G 50 41.59 45.52 49.67
CA TYR G 51 40.75 45.89 46.01
CA LYS G 52 43.20 47.58 43.66
CA THR G 53 41.47 48.50 40.45
CA VAL G 54 44.67 48.87 38.46
CA ILE G 55 43.51 51.14 35.65
CA PRO G 56 46.06 51.57 32.85
CA SER G 57 45.74 54.15 30.13
CA PRO G 58 42.56 54.02 28.01
CA TYR G 59 42.40 52.66 24.48
CA VAL G 60 41.25 55.48 22.20
CA LYS G 61 40.89 55.53 18.40
CA CYS G 62 40.69 58.48 15.99
CA CYS G 63 37.73 58.52 13.57
CA GLY G 64 37.20 54.81 14.10
CA THR G 65 35.69 52.24 16.42
CA ALA G 66 37.93 50.85 19.14
CA GLU G 67 37.77 47.11 19.82
CA CYS G 68 37.13 45.09 22.98
CA LYS G 69 39.88 42.48 23.18
CA ASP G 70 38.82 40.16 25.99
CA LYS G 71 41.40 38.21 27.93
CA ASN G 72 41.89 36.92 31.41
CA LEU G 73 42.89 39.53 33.95
CA PRO G 74 41.73 39.27 37.58
CA ASP G 75 38.23 40.76 37.27
CA TYR G 76 39.00 41.90 33.72
CA SER G 77 36.93 44.71 32.27
CA CYS G 78 37.15 46.69 29.07
CA LYS G 79 34.34 48.55 27.31
CA VAL G 80 34.64 50.67 24.18
CA PHE G 81 33.15 54.13 24.66
CA THR G 82 32.21 55.67 21.35
CA GLY G 83 31.45 59.19 20.20
CA VAL G 84 33.57 60.89 22.85
CA TYR G 85 35.36 64.08 21.77
CA PRO G 86 38.18 64.11 24.32
CA PHE G 87 40.13 67.21 25.25
CA MET G 88 43.66 67.76 26.47
CA TRP G 89 45.42 70.99 27.53
CA GLY G 90 45.19 72.70 24.18
CA GLY G 91 41.63 71.61 23.51
CA ALA G 92 40.52 68.44 21.80
CA TYR G 93 42.65 65.30 21.51
CA CYS G 94 41.48 64.88 17.92
CA PHE G 95 39.36 66.77 15.41
CA CYS G 96 36.93 64.11 14.55
CA ASP G 97 33.64 65.94 14.13
CA ALA G 98 31.93 63.60 16.60
CA GLU G 99 33.74 59.91 16.58
CA ASN G 100 36.51 59.13 18.97
CA THR G 101 36.09 55.70 20.54
CA GLN G 102 37.90 55.18 23.83
CA LEU G 103 38.05 51.79 25.52
CA SER G 104 38.72 51.99 29.24
CA GLU G 105 40.70 49.12 30.71
CA ALA G 106 40.30 48.24 34.38
CA HIS G 107 40.93 45.10 36.39
CA VAL G 108 41.77 44.27 40.00
CA GLU G 109 44.86 42.77 41.64
CA LYS G 110 45.83 41.90 45.22
CA SER G 111 47.56 44.19 47.67
CA GLU G 112 51.14 44.70 48.70
CA SER G 113 49.65 45.81 52.01
CA CYS G 114 47.73 42.51 52.30
CA LYS G 115 51.02 40.66 51.91
CA THR G 116 51.84 41.45 55.52
CA GLU G 117 48.66 42.91 57.06
CA PHE G 118 45.38 41.36 56.02
CA ALA G 119 42.26 39.54 57.11
CA SER G 120 42.64 35.78 56.81
CA ALA G 121 39.82 33.23 56.78
CA TYR G 122 40.55 29.80 58.20
CA ARG G 123 39.21 26.96 60.31
CA ALA G 124 40.34 26.24 63.86
CA HIS G 125 39.66 22.69 64.95
CA THR G 126 41.52 20.74 67.63
CA ALA G 127 41.91 20.39 71.38
CA SER G 128 45.53 20.46 72.49
CA ALA G 129 45.61 21.70 76.07
CA SER G 130 48.65 23.06 77.95
CA ALA G 131 48.96 23.64 81.69
CA LYS G 132 50.95 25.86 84.06
CA LEU G 133 50.71 24.36 87.54
CA ARG G 134 52.22 25.48 90.85
CA VAL G 135 53.08 23.11 93.71
CA LEU G 136 54.65 23.82 97.06
CA TYR G 137 56.94 20.87 96.98
CA GLN G 138 57.33 19.88 100.60
CA GLY G 139 56.64 23.59 100.98
CA ASN G 140 59.01 24.53 98.14
CA ASN G 141 57.10 26.93 95.90
CA ILE G 142 57.79 25.63 92.40
CA THR G 143 55.79 25.83 89.18
CA VAL G 144 55.62 22.86 86.83
CA THR G 145 54.67 23.00 83.16
CA ALA G 146 52.27 20.51 81.64
CA TYR G 147 49.88 19.68 78.92
CA ALA G 148 46.40 19.62 80.43
CA ASN G 149 45.52 16.44 78.59
CA GLY G 150 46.89 12.97 79.32
CA ASP G 151 50.03 13.14 77.17
CA HIS G 152 52.76 15.34 78.72
CA ALA G 153 54.45 13.93 81.80
CA VAL G 154 57.88 15.04 83.02
CA THR G 155 59.70 14.23 86.24
CA VAL G 156 60.82 17.18 88.35
CA LYS G 157 62.26 16.90 91.88
CA ASP G 158 61.66 13.14 92.44
CA ALA G 159 58.04 13.22 91.21
CA LYS G 160 56.13 13.40 87.94
CA PHE G 161 52.48 13.92 87.05
CA ILE G 162 49.68 12.97 84.71
CA VAL G 163 47.85 16.29 84.37
CA GLY G 164 44.50 15.62 82.77
CA PRO G 165 43.01 14.45 80.44
CA MET G 166 40.59 17.32 80.21
CA SER G 167 37.03 16.74 81.39
CA SER G 168 35.36 19.71 79.71
CA ALA G 169 35.96 19.79 75.95
CA TRP G 170 34.51 23.29 75.50
CA THR G 171 36.21 25.58 73.01
CA PRO G 172 35.49 29.25 72.25
CA PHE G 173 36.63 28.61 68.67
CA ASP G 174 34.10 28.04 65.89
CA ASN G 175 34.70 26.43 62.52
CA LYS G 176 34.75 29.66 60.47
CA ILE G 177 37.00 32.34 61.92
CA VAL G 178 38.99 35.26 60.50
CA VAL G 179 42.25 36.65 61.88
CA TYR G 180 43.39 40.16 60.93
CA LYS G 181 46.92 41.63 61.51
CA GLY G 182 46.68 41.05 65.24
CA ASP G 183 43.14 40.11 66.25
CA VAL G 184 40.95 37.10 65.48
CA TYR G 185 37.24 37.28 64.66
CA ASN G 186 34.85 34.32 64.75
CA MET G 187 32.52 35.58 62.07
CA ASP G 188 31.22 32.71 59.98
CA TYR G 189 32.76 33.95 56.75
CA PRO G 190 31.48 33.18 53.29
CA PRO G 191 34.21 30.79 52.16
CA PHE G 192 36.56 30.75 49.17
CA GLY G 193 35.06 31.98 45.91
CA ALA G 194 31.94 33.31 47.66
CA GLY G 195 32.90 36.97 48.06
CA ARG G 196 30.05 39.08 46.74
CA PRO G 197 30.57 42.62 45.36
CA GLY G 198 31.02 44.85 48.34
CA GLN G 199 31.18 41.86 50.65
CA PHE G 200 34.10 40.97 52.94
CA GLY G 201 36.33 38.74 50.88
CA ASP G 202 35.33 39.80 47.38
CA ILE G 203 39.06 39.72 46.59
CA GLN G 204 39.67 36.18 47.64
CA SER G 205 42.89 34.17 47.53
CA ARG G 206 44.33 31.54 49.81
CA THR G 207 47.77 32.89 50.71
CA PRO G 208 48.85 36.54 50.26
CA GLU G 209 51.24 35.59 47.44
CA SER G 210 48.74 33.19 45.85
CA LYS G 211 47.21 34.45 42.62
CA ASP G 212 44.15 32.16 42.83
CA VAL G 213 42.13 35.34 42.53
CA TYR G 214 38.43 35.10 43.05
CA ALA G 215 37.35 38.63 42.26
CA ASN G 216 33.65 39.45 42.27
CA THR G 217 33.92 43.13 43.11
CA GLN G 218 32.06 45.07 40.35
CA LEU G 219 34.72 46.17 37.85
CA VAL G 220 32.54 48.20 35.46
CA LEU G 221 33.00 51.47 33.54
CA GLN G 222 30.08 53.65 32.45
CA ARG G 223 31.34 56.18 29.76
CA PRO G 224 33.32 59.41 29.55
CA ALA G 225 30.44 61.29 27.99
CA ALA G 226 31.72 63.51 25.17
CA GLY G 227 34.09 65.92 26.79
CA THR G 228 37.63 65.09 27.89
CA VAL G 229 40.31 62.46 28.43
CA HIS G 230 38.45 60.79 31.20
CA VAL G 231 37.66 57.56 32.98
CA PRO G 232 34.56 57.71 35.21
CA TYR G 233 34.27 54.67 37.41
CA SER G 234 31.14 53.22 38.92
CA GLN G 235 32.38 51.73 42.16
CA ALA G 236 34.27 48.62 43.03
CA PRO G 237 32.83 48.08 46.52
CA SER G 238 35.28 46.41 48.74
CA GLY G 239 36.40 43.70 51.13
CA PHE G 240 38.46 45.84 53.58
CA LYS G 241 36.77 49.26 53.25
CA TYR G 242 33.65 47.15 53.85
CA TRP G 243 35.32 45.35 56.76
CA LEU G 244 36.83 48.24 58.76
CA LYS G 245 33.47 49.15 60.33
CA GLU G 246 32.20 45.60 60.91
CA ARG G 247 35.27 44.26 62.71
CA GLY G 248 33.36 44.19 65.98
CA ALA G 249 34.72 42.16 68.88
CA SER G 250 37.64 39.76 68.88
CA LEU G 251 37.60 36.32 70.51
CA GLN G 252 39.30 37.81 73.56
CA HIS G 253 36.24 40.09 73.65
CA THR G 254 33.45 37.53 73.18
CA ALA G 255 34.61 34.31 74.84
CA PRO G 256 32.62 33.08 77.85
CA PHE G 257 34.34 32.10 81.11
CA GLY G 258 35.96 35.55 80.81
CA CYS G 259 39.38 34.51 79.53
CA GLN G 260 41.37 36.14 76.78
CA ILE G 261 42.54 34.45 73.62
CA ALA G 262 46.29 34.54 73.01
CA THR G 263 47.23 34.95 69.37
CA ASN G 264 50.02 34.18 66.86
CA PRO G 265 49.29 31.20 66.76
CA VAL G 266 45.80 31.51 68.23
CA ARG G 267 44.85 29.61 71.40
CA ALA G 268 42.67 30.08 74.48
CA VAL G 269 44.43 30.89 77.73
CA ASN G 270 42.86 29.73 81.03
CA CYS G 271 39.09 29.70 80.92
CA ALA G 272 38.39 28.10 84.31
CA VAL G 273 36.19 25.22 83.12
CA GLY G 274 36.00 21.71 84.55
CA ASN G 275 38.70 19.95 86.55
CA MET G 276 42.21 18.50 86.24
CA PRO G 277 42.84 14.81 86.94
CA ILE G 278 46.38 14.88 88.34
CA SER G 279 48.21 11.58 88.88
CA ILE G 280 51.39 12.29 90.85
CA ASP G 281 53.62 9.88 92.77
CA ILE G 282 55.52 9.95 96.06
CA PRO G 283 57.83 7.33 97.57
CA GLU G 284 58.07 6.53 101.23
CA ALA G 285 61.80 7.20 101.04
CA ALA G 286 61.96 10.94 100.30
CA PHE G 287 58.98 11.31 102.66
CA THR G 288 59.16 10.89 106.41
CA ARG G 289 57.61 8.57 108.96
CA VAL G 290 54.80 9.02 111.46
CA VAL G 291 57.16 8.11 114.30
CA ASP G 292 59.75 10.89 113.78
CA ALA G 293 56.93 13.28 113.02
CA PRO G 294 55.52 14.38 116.39
CA SER G 295 52.30 12.72 117.47
CA LEU G 296 50.01 15.28 119.04
CA THR G 297 47.23 15.54 121.62
CA ASP G 298 45.71 18.24 123.84
CA MET G 299 44.32 20.11 120.83
CA SER G 300 41.71 22.56 122.11
CA CYS G 301 39.31 23.61 119.37
CA GLU G 302 38.70 27.34 119.03
CA VAL G 303 39.01 30.17 116.54
CA PRO G 304 39.93 33.75 117.25
CA ALA G 305 37.57 34.71 114.40
CA CYS G 306 36.22 33.49 111.07
CA THR G 307 34.26 35.32 108.36
CA HIS G 308 32.32 33.14 105.93
CA SER G 309 32.78 34.87 102.58
CA SER G 310 35.10 34.25 99.64
CA ASP G 311 37.90 35.95 101.58
CA PHE G 312 40.52 34.42 103.89
CA GLY G 313 38.66 35.92 106.84
CA GLY G 314 39.07 32.80 108.93
CA VAL G 315 41.82 31.65 111.24
CA ALA G 316 41.94 28.96 113.93
CA ILE G 317 44.33 28.85 116.89
CA ILE G 318 44.96 25.37 118.26
CA LYS G 319 46.55 25.09 121.69
CA TYR G 320 48.14 21.67 122.02
CA ALA G 321 50.96 19.42 123.19
CA ALA G 322 52.83 17.28 120.65
CA SER G 323 55.64 14.81 121.29
CA LYS G 324 58.84 15.51 119.32
CA LYS G 325 60.42 18.15 117.12
CA GLY G 326 59.35 18.11 113.49
CA LYS G 327 57.11 19.53 110.78
CA CYS G 328 53.47 18.65 110.31
CA ALA G 329 50.51 18.90 107.92
CA VAL G 330 46.97 20.28 108.31
CA HIS G 331 43.83 18.98 106.59
CA SER G 332 40.10 19.39 107.13
CA MET G 333 37.75 17.18 105.09
CA THR G 334 35.41 20.14 104.89
CA ASN G 335 36.17 21.19 101.32
CA ALA G 336 33.96 24.30 101.44
CA VAL G 337 36.28 25.63 104.14
CA THR G 338 39.66 25.91 102.42
CA ILE G 339 42.66 26.10 104.74
CA ARG G 340 45.40 28.49 103.65
CA GLU G 341 48.56 26.81 104.97
CA ALA G 342 49.30 23.26 106.07
CA GLU G 343 53.04 22.79 106.60
CA ILE G 344 53.98 23.98 110.09
CA GLU G 345 56.92 22.98 112.26
CA VAL G 346 54.86 21.20 116.11
CA GLU G 347 57.83 21.01 118.54
CA GLY G 348 56.00 19.31 121.41
CA ASN G 349 54.07 21.51 123.82
CA SER G 350 53.18 24.62 121.82
CA GLN G 351 50.46 26.46 119.90
CA LEU G 352 50.15 26.92 116.14
CA GLN G 353 48.06 28.90 113.66
CA ILE G 354 46.11 27.99 110.56
CA SER G 355 44.10 30.49 108.54
CA PHE G 356 41.34 29.55 106.13
CA SER G 357 38.76 30.81 103.70
CA THR G 358 35.52 30.27 105.51
CA ALA G 359 32.18 28.79 104.52
CA LEU G 360 30.10 27.63 107.47
CA ALA G 361 28.30 29.97 109.84
CA SER G 362 28.86 27.51 112.69
CA ALA G 363 32.10 25.96 111.45
CA GLU G 364 32.00 22.72 113.44
CA PHE G 365 34.38 20.46 111.53
CA ARG G 366 37.41 18.23 112.10
CA VAL G 367 41.06 18.70 111.17
CA GLN G 368 43.32 15.77 110.34
CA VAL G 369 46.71 16.73 111.77
CA CYS G 370 49.30 14.11 110.59
CA SER G 371 47.15 10.94 110.94
CA THR G 372 45.60 12.31 114.16
CA GLN G 373 42.07 13.59 114.28
CA VAL G 374 40.93 16.67 116.19
CA HIS G 375 37.62 18.46 115.79
CA CYS G 376 37.65 22.22 115.23
CA ALA G 377 34.94 24.38 116.82
CA ALA G 378 33.92 27.77 115.43
CA GLU G 379 31.01 30.20 115.30
CA CYS G 380 31.64 32.45 112.33
CA HIS G 381 31.23 36.65 110.98
CA PRO G 382 28.69 37.40 108.27
CA PRO G 383 30.19 38.92 105.13
CA LYS G 384 30.62 42.69 105.44
CA ARG G 385 32.93 45.29 103.92
CA THR G 386 35.74 41.96 102.80
CA THR G 387 35.09 44.55 99.22
CA VAL G 388 35.26 44.55 95.38
CA TYR G 389 38.50 43.56 93.89
CA TYR G 390 39.37 39.86 96.25
CA PRO G 391 40.91 38.15 93.22
CA ALA G 392 39.68 34.63 94.05
CA SER G 393 36.87 32.53 95.43
CA HIS G 394 36.95 29.12 97.12
CA THR G 395 32.97 28.08 98.90
CA THR G 396 30.06 25.75 98.14
CA LEU G 397 26.97 26.69 100.14
CA GLY G 398 23.59 25.29 99.21
CA VAL G 399 24.84 21.77 99.54
CA GLN G 400 22.00 19.77 102.25
CA ASP G 401 23.35 20.63 105.69
CA ILE G 402 23.41 24.36 106.50
CA SER G 403 23.39 23.68 110.25
CA ALA G 404 24.31 26.91 112.01
CA THR G 405 23.64 28.54 115.40
CA ALA G 406 19.99 29.19 114.44
CA MET G 407 19.49 25.60 113.23
CA SER G 408 19.19 24.39 116.86
CA TRP G 409 15.58 25.61 116.89
CA VAL G 410 14.93 24.03 113.49
CA GLN G 411 16.67 20.69 114.00
CA LYS G 412 15.75 20.01 117.63
CA ILE G 413 12.43 21.43 118.80
CA THR G 414 10.18 21.39 115.75
CA GLY G 415 11.96 18.31 114.49
CA GLY G 416 10.59 16.60 117.60
CA VAL G 417 6.93 17.26 116.85
CA GLY G 418 6.19 14.05 114.98
CA LEU G 419 5.64 11.77 117.96
CA VAL G 420 1.91 12.31 118.06
CA VAL G 421 0.98 9.86 115.27
CA ALA G 422 0.58 6.93 117.71
CA VAL G 423 -2.67 8.13 119.36
CA ALA G 424 -4.96 6.65 116.71
CA ALA G 425 -3.10 3.34 117.12
CA LEU G 426 -2.41 3.57 120.85
CA ILE G 427 -5.67 2.51 122.50
CA LEU G 428 -7.84 3.65 119.59
CA ILE G 429 -6.77 0.39 117.92
CA VAL G 430 -9.48 -1.48 119.85
CA VAL G 431 -11.97 0.91 118.18
CA LEU G 432 -10.38 1.60 114.80
CA CYS G 433 -10.63 -0.65 111.79
CA VAL G 434 -13.23 -1.97 109.36
CA SER G 435 -11.38 -5.29 109.32
CA PHE G 436 -7.75 -5.15 110.47
CA SER G 437 -6.91 -4.89 114.10
CA ARG G 438 -8.09 -6.52 117.26
CA HIS G 439 -8.44 -10.24 117.98
CA ASN H 1 68.12 55.89 42.44
CA PHE H 2 64.53 56.41 41.18
CA ASN H 3 65.79 56.26 37.59
CA VAL H 4 62.33 55.89 36.07
CA TYR H 5 60.94 59.34 36.96
CA LYS H 6 63.49 60.79 34.56
CA ALA H 7 62.66 59.61 31.02
CA THR H 8 58.92 60.08 31.67
CA ARG H 9 56.66 63.03 30.99
CA PRO H 10 53.47 64.40 32.55
CA TYR H 11 50.12 64.86 30.88
CA LEU H 12 47.71 67.80 30.91
CA ALA H 13 44.26 66.35 31.42
CA HIS H 14 40.84 67.46 32.59
CA CYS H 15 40.45 67.87 36.30
CA PRO H 16 36.88 66.96 37.36
CA ASP H 17 36.78 70.26 39.27
CA CYS H 18 39.63 72.74 38.91
CA GLY H 19 38.30 74.84 41.78
CA GLU H 20 35.77 77.69 41.47
CA GLY H 21 32.93 75.14 41.29
CA HIS H 22 33.77 74.16 37.70
CA SER H 23 36.29 72.14 35.73
CA CYS H 24 39.10 72.56 33.20
CA HIS H 25 42.37 70.92 32.23
CA SER H 26 45.16 70.37 34.65
CA PRO H 27 48.76 69.22 35.15
CA VAL H 28 47.64 67.94 38.57
CA ALA H 29 44.68 65.95 37.19
CA LEU H 30 44.45 63.05 39.66
CA GLU H 31 44.43 59.44 38.51
CA ARG H 32 44.86 57.32 41.64
CA ILE H 33 43.76 57.62 45.29
CA ARG H 34 44.95 55.24 48.04
CA ASN H 35 44.62 55.40 51.81
CA GLU H 36 44.93 51.74 52.82
CA ALA H 37 47.37 52.90 55.52
CA THR H 38 45.49 52.48 58.81
CA ASP H 39 47.16 55.47 60.42
CA GLY H 40 45.39 57.59 57.78
CA THR H 41 48.20 58.68 55.46
CA LEU H 42 46.87 59.06 51.93
CA LYS H 43 48.83 58.20 48.79
CA ILE H 44 47.87 59.97 45.58
CA GLN H 45 49.60 59.73 42.22
CA VAL H 46 49.55 63.20 40.68
CA SER H 47 49.73 63.37 36.89
CA LEU H 48 52.96 65.37 36.90
CA GLN H 49 56.04 64.37 38.85
CA ILE H 50 57.79 66.36 41.56
CA GLY H 51 61.39 66.40 42.63
CA ILE H 52 63.05 66.04 39.21
CA LYS H 53 63.44 68.74 36.57
CA THR H 54 63.09 68.17 32.83
CA ASP H 55 66.84 67.39 32.86
CA ASP H 56 65.87 63.78 33.74
CA SER H 57 68.38 63.86 36.60
CA HIS H 58 68.66 62.82 40.26
CA ASP H 59 67.31 66.26 41.18
CA TRP H 60 65.27 67.37 44.15
CA THR H 61 64.92 71.13 43.74
CA LYS H 62 62.25 71.39 41.00
CA LEU H 63 59.31 69.49 39.50
CA ARG H 64 58.47 68.35 35.98
CA TYR H 65 55.02 69.39 34.81
CA MET H 66 53.38 69.35 31.37
CA ASP H 67 52.92 72.62 29.46
CA ASN H 68 52.97 73.78 25.81
CA HIS H 69 53.24 70.28 24.26
CA MET H 70 56.30 69.49 26.41
CA PRO H 71 57.45 68.78 29.97
CA ALA H 72 57.99 72.11 31.71
CA ASP H 73 59.63 72.89 35.05
CA ALA H 74 58.34 74.45 38.25
CA GLU H 75 59.86 74.58 41.72
CA ARG H 76 59.65 71.77 44.27
CA ALA H 77 58.30 73.94 47.10
CA GLY H 78 55.30 75.30 45.17
CA LEU H 79 52.90 72.57 46.33
CA PHE H 80 49.79 73.10 48.45
CA VAL H 81 46.95 70.73 49.36
CA ARG H 82 43.70 71.17 51.26
CA THR H 83 41.15 68.54 52.24
CA SER H 84 39.02 70.70 54.53
CA ALA H 85 41.94 72.57 56.11
CA PRO H 86 45.33 73.10 54.44
CA CYS H 87 46.75 69.84 55.63
CA THR H 88 50.23 68.51 56.32
CA ILE H 89 52.64 66.48 54.21
CA THR H 90 54.79 63.52 55.26
CA GLY H 91 56.98 62.88 52.19
CA THR H 92 56.56 63.13 48.42
CA ILE H 93 58.70 61.78 45.56
CA GLY H 94 58.08 61.23 41.86
CA HIS H 95 54.51 61.33 40.53
CA PHE H 96 53.35 60.52 44.07
CA ILE H 97 52.05 62.66 46.93
CA LEU H 98 51.54 61.63 50.56
CA ALA H 99 49.81 63.75 53.20
CA ARG H 100 49.00 63.66 56.91
CA CYS H 101 45.55 65.08 57.66
CA PRO H 102 42.25 63.93 59.24
CA LYS H 103 38.67 63.47 58.01
CA GLY H 104 37.47 65.42 55.00
CA GLU H 105 35.26 64.73 52.01
CA THR H 106 36.64 67.35 49.63
CA LEU H 107 40.29 67.50 48.66
CA THR H 108 41.99 69.89 46.28
CA VAL H 109 45.60 69.87 45.09
CA GLY H 110 47.73 72.75 43.86
CA PHE H 111 51.24 73.86 43.16
CA THR H 112 52.57 77.34 42.51
CA ASP H 113 54.19 76.99 39.09
CA SER H 114 56.93 78.97 37.37
CA ARG H 115 54.39 81.68 36.41
CA LYS H 116 52.95 81.89 39.98
CA ILE H 117 49.40 80.61 39.38
CA SER H 118 47.37 77.90 41.09
CA HIS H 119 47.09 74.71 39.09
CA SER H 120 44.03 73.61 41.03
CA CYS H 121 42.25 70.26 40.97
CA THR H 122 39.50 69.57 43.50
CA HIS H 123 38.37 66.02 44.17
CA PRO H 124 35.60 64.42 46.24
CA PHE H 125 37.04 61.74 48.51
CA HIS H 126 35.78 61.09 52.02
CA HIS H 127 39.23 60.70 53.53
CA ASP H 128 39.04 58.63 56.63
CA PRO H 129 41.68 57.37 58.98
CA PRO H 130 39.93 54.43 60.66
CA VAL H 131 39.27 54.43 64.38
CA ILE H 132 42.73 53.22 65.22
CA GLY H 133 43.33 50.96 68.22
CA ARG H 134 40.32 50.90 70.50
CA GLU H 135 39.79 54.63 71.09
CA LYS H 136 38.17 57.62 69.38
CA PHE H 137 40.96 60.15 69.87
CA HIS H 138 42.71 62.37 67.35
CA SER H 139 46.30 62.58 68.62
CA ARG H 140 48.38 60.79 71.23
CA PRO H 141 50.19 61.90 74.38
CA GLN H 142 53.13 60.11 75.94
CA HIS H 143 50.85 57.50 77.52
CA GLY H 144 49.69 55.07 74.87
CA LYS H 145 49.64 51.38 74.11
CA GLU H 146 51.17 49.54 71.13
CA LEU H 147 49.16 48.31 68.15
CA PRO H 148 50.52 47.39 64.73
CA CYS H 149 49.22 49.67 62.02
CA SER H 150 49.61 49.90 58.27
CA THR H 151 51.54 52.92 57.05
CA TYR H 152 53.76 53.87 54.14
CA VAL H 153 57.53 53.53 54.08
CA GLN H 154 59.36 56.52 52.60
CA SER H 155 61.26 54.37 50.07
CA THR H 156 61.34 55.41 46.40
CA ALA H 157 63.21 52.33 45.15
CA ALA H 158 60.24 50.00 45.67
CA THR H 159 58.85 47.29 43.42
CA THR H 160 56.41 44.30 43.25
CA GLU H 161 53.57 46.73 42.62
CA GLU H 162 54.10 48.35 39.27
CA ILE H 163 52.61 50.98 36.99
CA GLU H 164 53.50 50.49 33.35
CA VAL H 165 54.98 53.20 31.11
CA HIS H 166 54.38 53.68 27.39
CA MET H 167 54.90 56.18 24.59
CA PRO H 168 52.28 58.97 24.56
CA PRO H 169 50.23 58.78 21.34
CA ASP H 170 49.32 62.42 20.76
CA THR H 171 49.14 65.90 22.27
CA PRO H 172 46.96 68.09 20.07
CA ASP H 173 46.11 71.76 19.66
CA HIS H 174 43.39 73.81 18.01
CA THR H 175 45.39 76.98 18.76
CA LEU H 176 47.97 75.79 16.21
CA MET H 177 45.49 76.66 13.42
CA SER H 178 45.17 80.21 12.16
CA GLN H 179 43.13 80.95 9.04
CA GLN H 180 44.12 83.47 6.37
CA SER H 181 40.55 83.94 5.04
CA GLY H 182 39.98 80.36 3.90
CA ASN H 183 43.69 79.47 4.00
CA VAL H 184 45.01 77.73 7.11
CA LYS H 185 48.25 79.16 8.39
CA ILE H 186 48.62 76.04 10.51
CA THR H 187 51.28 76.68 13.16
CA VAL H 188 53.50 73.65 13.80
CA ASN H 189 56.46 75.01 15.86
CA GLY H 190 58.75 72.12 14.98
CA GLN H 191 56.81 69.08 16.20
CA THR H 192 55.19 66.00 14.65
CA VAL H 193 51.76 67.48 13.91
CA ARG H 194 49.41 64.64 12.99
CA TYR H 195 46.94 67.32 10.30
CA LYS H 196 45.07 64.48 8.65
CA CYS H 197 42.00 66.51 7.91
CA ASN H 198 39.25 67.38 5.45
CA CYS H 199 41.06 70.23 3.71
CA GLY H 200 42.14 67.03 1.17
CA GLY H 201 43.69 66.23 4.52
CA SER H 202 47.11 67.73 4.73
CA ASN H 203 46.21 66.89 1.47
CA GLU H 204 47.37 64.01 3.58
CA GLY H 205 49.91 63.21 6.28
CA LEU H 206 51.91 64.37 9.33
CA THR H 207 54.15 67.41 9.20
CA THR H 208 57.07 68.47 11.37
CA THR H 209 57.81 71.92 9.91
CA ASP H 210 55.54 74.97 9.80
CA LYS H 211 52.88 74.90 7.09
CA VAL H 212 50.68 77.44 5.34
CA ILE H 213 47.92 75.60 3.49
CA ASN H 214 45.34 77.28 1.28
CA ASN H 215 41.69 76.31 0.54
CA CYS H 216 40.88 75.39 4.14
CA LYS H 217 39.19 76.73 7.27
CA VAL H 218 38.97 75.42 10.88
CA ASP H 219 35.80 73.53 9.86
CA GLN H 220 38.06 71.28 7.74
CA CYS H 221 41.19 70.84 9.84
CA HIS H 222 43.12 69.97 13.04
CA ALA H 223 46.64 70.04 14.50
CA ALA H 224 47.98 67.24 16.69
CA VAL H 225 51.53 66.85 17.99
CA THR H 226 52.23 63.13 18.33
CA ASN H 227 54.72 63.47 21.17
CA HIS H 228 57.50 60.91 20.98
CA LYS H 229 60.43 61.96 23.20
CA LYS H 230 59.65 60.84 26.76
CA TRP H 231 57.54 58.07 28.28
CA GLN H 232 53.91 58.23 29.42
CA TYR H 233 52.60 55.95 32.12
CA ASN H 234 49.31 54.08 32.05
CA SER H 235 46.81 56.65 33.27
CA PRO H 236 43.02 56.70 32.84
CA LEU H 237 43.25 60.30 31.56
CA VAL H 238 45.69 59.81 28.67
CA PRO H 239 44.65 57.26 26.01
CA ARG H 240 46.26 54.74 23.63
CA ASN H 241 47.44 54.91 20.02
CA ALA H 242 44.51 52.90 18.45
CA GLU H 243 45.97 49.51 19.09
CA LEU H 244 48.54 49.60 21.85
CA GLY H 245 49.56 52.60 23.83
CA ASP H 246 49.93 50.07 26.59
CA ARG H 247 53.35 49.44 25.08
CA LYS H 248 56.32 48.09 26.93
CA GLY H 249 58.13 50.02 29.66
CA LYS H 250 58.45 50.09 33.45
CA ILE H 251 58.20 52.85 36.04
CA HIS H 252 58.58 51.41 39.52
CA ILE H 253 56.67 52.41 42.62
CA PRO H 254 57.66 54.48 45.63
CA PHE H 255 56.31 54.21 49.20
CA PRO H 256 55.74 50.54 50.17
CA LEU H 257 53.62 49.55 53.17
CA ALA H 258 54.59 48.51 56.69
CA ASN H 259 52.57 46.62 59.30
CA VAL H 260 54.36 48.52 62.05
CA THR H 261 53.73 50.31 65.32
CA CYS H 262 51.19 53.05 65.78
CA ARG H 263 50.23 54.20 69.26
CA VAL H 264 46.76 54.80 70.67
CA PRO H 265 46.32 56.58 74.03
CA LYS H 266 45.10 54.68 77.04
CA ALA H 267 41.90 56.04 78.49
CA ARG H 268 42.23 57.54 81.95
CA ASN H 269 40.96 55.42 84.80
CA PRO H 270 37.46 56.23 86.08
CA THR H 271 36.39 56.12 89.70
CA VAL H 272 34.88 52.85 90.91
CA THR H 273 32.66 52.12 93.92
CA TYR H 274 30.11 49.58 95.11
CA GLY H 275 26.36 49.28 94.83
CA LYS H 276 23.68 46.70 95.65
CA ASN H 277 25.34 43.48 94.39
CA GLN H 278 26.84 45.74 91.74
CA VAL H 279 29.23 48.54 90.82
CA ILE H 280 28.28 52.21 90.89
CA MET H 281 31.00 54.23 89.17
CA LEU H 282 31.25 57.65 87.55
CA LEU H 283 32.76 57.02 84.14
CA TYR H 284 35.37 59.41 82.74
CA PRO H 285 35.84 59.88 79.01
CA ASP H 286 36.55 63.28 77.53
CA HIS H 287 37.07 62.01 73.98
CA PRO H 288 34.83 59.09 72.87
CA THR H 289 35.76 55.86 74.61
CA LEU H 290 34.27 52.37 74.47
CA LEU H 291 32.88 50.24 77.29
CA SER H 292 32.58 46.46 77.04
CA TYR H 293 31.55 43.99 79.74
CA ARG H 294 30.84 40.25 79.82
CA ASN H 295 30.60 37.60 82.51
CA MET H 296 32.29 34.32 83.45
CA GLY H 297 29.13 32.24 83.04
CA GLU H 298 28.21 29.72 80.38
CA GLU H 299 26.58 32.68 78.62
CA PRO H 300 28.80 35.63 77.62
CA ASN H 301 26.44 38.48 78.66
CA TYR H 302 28.52 40.67 76.38
CA GLN H 303 27.56 44.33 75.85
CA GLU H 304 29.49 47.08 74.05
CA GLU H 305 28.92 50.83 73.99
CA TRP H 306 30.88 54.03 73.36
CA VAL H 307 30.96 57.09 75.64
CA MET H 308 32.45 60.58 75.38
CA HIS H 309 30.71 62.12 78.37
CA LYS H 310 31.29 61.95 82.11
CA LYS H 311 28.35 59.89 83.31
CA GLU H 312 27.26 57.42 85.98
CA VAL H 313 27.07 53.80 84.87
CA VAL H 314 25.55 51.09 87.06
CA LEU H 315 27.43 47.82 86.61
CA THR H 316 25.53 44.75 87.84
CA VAL H 317 27.92 42.04 88.99
CA PRO H 318 26.62 38.45 89.20
CA THR H 319 28.07 36.25 91.95
CA GLU H 320 30.27 34.52 89.37
CA GLY H 321 31.61 37.95 88.44
CA LEU H 322 32.14 39.76 85.15
CA GLU H 323 34.74 41.78 83.29
CA VAL H 324 34.76 45.40 82.14
CA THR H 325 37.15 46.93 79.59
CA TRP H 326 37.81 50.68 79.37
CA GLY H 327 39.52 52.36 76.46
CA ASN H 328 42.97 50.92 75.96
CA ASN H 329 43.27 49.63 79.53
CA GLU H 330 43.26 46.02 80.69
CA PRO H 331 39.98 44.29 81.66
CA TYR H 332 38.83 44.60 85.26
CA LYS H 333 37.10 41.53 86.75
CA TYR H 334 34.89 41.72 89.83
CA TRP H 335 33.43 39.43 92.50
CA PRO H 336 30.48 40.72 94.48
CA GLN H 337 29.14 40.47 98.01
CA LEU H 338 25.89 41.71 99.50
CA SER H 339 23.67 45.20 100.41
CA THR H 340 24.37 46.20 104.56
CA ASN H 341 20.77 48.05 105.89
CA GLY H 342 18.25 45.81 107.64
CA THR H 343 16.48 47.44 111.17
CA ALA H 344 16.65 45.48 114.36
CA HIS H 345 16.28 41.21 114.53
CA GLY H 346 15.77 39.34 117.79
CA HIS H 347 16.14 36.51 119.36
CA PRO H 348 13.88 36.33 122.05
CA HIS H 349 13.00 34.03 118.50
CA GLU H 350 13.81 35.86 115.26
CA ILE H 351 17.32 35.66 113.80
CA ILE H 352 16.57 35.29 110.09
CA LEU H 353 17.93 38.75 109.40
CA TYR H 354 21.13 36.85 110.17
CA TYR H 355 19.87 34.79 107.22
CA TYR H 356 18.92 37.92 105.23
CA GLU H 357 22.45 39.16 104.51
CA LEU H 358 23.36 35.46 104.31
CA TYR H 359 23.55 35.13 100.47
CA PRO H 360 19.98 36.35 99.65
CA THR H 361 17.64 35.16 96.91
CA MET H 362 18.94 31.99 98.53
CA THR H 363 18.16 30.92 102.13
CA VAL H 364 15.86 33.93 102.19
CA VAL H 365 13.37 32.73 99.57
CA VAL H 366 14.59 29.23 98.67
CA VAL H 367 14.25 28.49 102.34
CA SER H 368 10.62 29.66 101.98
CA VAL H 369 9.79 27.06 99.33
CA ALA H 370 11.49 24.52 101.61
CA THR H 371 9.24 25.16 104.58
CA PHE H 372 6.57 22.94 103.05
CA ILE H 373 8.21 19.98 104.80
CA LEU H 374 7.74 22.15 107.88
CA LEU H 375 4.19 23.02 106.82
CA SER H 376 3.00 19.48 106.03
CA MET H 377 1.58 19.27 109.58
CA VAL H 378 -1.85 20.85 109.18
CA GLY H 379 -3.52 18.13 107.10
CA MET H 380 -1.63 15.55 109.15
CA ALA H 381 -3.58 16.93 112.12
CA ALA H 382 -6.92 16.92 110.29
CA GLY H 383 -7.87 13.38 109.17
CA MET H 384 -5.89 12.30 112.18
CA CYS H 385 -8.57 13.95 114.27
CA MET H 386 -11.62 12.84 112.24
CA CYS H 387 -10.59 9.38 113.39
CA ALA H 388 -10.50 10.90 116.89
CA ARG H 389 -13.85 12.71 117.18
CA ARG H 390 -16.05 11.59 114.29
CA ARG H 391 -15.49 7.92 115.14
CA CYS H 392 -16.24 8.34 118.86
CA ILE H 393 -19.88 7.29 118.87
CA THR H 394 -19.78 5.99 115.27
CA PRO H 395 -18.18 2.58 114.65
CA TYR H 396 -19.09 -0.17 117.18
CA GLU H 397 -22.31 -0.27 119.19
CA LEU H 398 -21.64 -3.77 120.42
CA THR H 399 -20.84 -3.28 124.12
CA PRO H 400 -23.68 -1.52 125.96
CA GLY H 401 -22.85 1.55 128.13
CA ALA H 402 -25.04 4.35 126.54
CA THR H 403 -21.60 6.09 126.27
CA VAL H 404 -18.10 5.76 127.64
CA PRO H 405 -18.81 6.96 131.20
CA PHE H 406 -15.23 7.66 132.27
CA LEU H 407 -12.79 7.90 129.37
CA LEU H 408 -14.34 10.71 127.35
CA SER H 409 -12.06 13.70 128.02
CA LEU H 410 -9.41 11.19 126.94
CA ILE H 411 -11.39 11.19 123.66
CA CYS H 412 -13.03 14.70 123.77
CA CYS H 413 -15.41 14.35 120.90
CA ILE H 414 -17.83 17.05 119.73
CA ARG H 415 -19.56 20.16 121.10
CA THR H 416 -17.65 19.50 124.30
CA ALA H 417 -20.10 21.40 126.46
CA LYS H 418 -22.02 19.31 129.05
CA ALA H 419 -21.85 19.61 132.88
CA VAL I 1 44.98 62.90 -14.30
CA GLN I 2 45.43 65.83 -11.93
CA LEU I 3 49.20 66.28 -12.22
CA GLN I 4 50.88 65.07 -15.37
CA GLN I 5 54.09 63.18 -16.01
CA SER I 6 57.73 64.22 -15.81
CA GLY I 7 59.40 62.81 -18.90
CA ALA I 8 61.98 60.22 -19.93
CA GLU I 9 65.22 59.30 -18.17
CA LEU I 10 67.99 57.15 -19.63
CA VAL I 11 71.73 57.65 -19.07
CA LYS I 12 75.17 55.95 -18.53
CA PRO I 13 76.22 55.45 -14.85
CA GLY I 14 77.70 58.20 -12.73
CA ALA I 15 76.00 61.57 -12.39
CA SER I 16 72.35 62.59 -12.20
CA VAL I 17 69.58 64.47 -14.00
CA LYS I 18 66.64 66.35 -12.45
CA ILE I 19 63.21 65.24 -13.68
CA SER I 20 59.98 66.98 -12.82
CA CYS I 21 56.30 66.20 -12.90
CA LYS I 22 54.26 69.25 -13.68
CA ALA I 23 52.52 68.96 -10.35
CA SER I 24 49.32 70.59 -11.53
CA GLY I 25 47.15 70.00 -8.49
CA TYR I 26 43.93 71.98 -8.39
CA ALA I 27 45.58 74.58 -6.16
CA PHE I 28 49.32 74.16 -6.32
CA SER I 29 50.57 75.52 -2.97
CA SER I 30 48.70 72.67 -1.26
CA TYR I 31 49.78 69.25 -2.26
CA TRP I 32 52.31 66.94 -0.88
CA MET I 33 53.05 65.74 -4.34
CA ASN I 34 55.32 62.99 -3.22
CA TRP I 35 58.40 61.38 -4.69
CA VAL I 36 59.36 57.80 -4.05
CA LYS I 37 61.78 55.00 -5.01
CA GLN I 38 60.68 51.50 -6.03
CA ARG I 39 62.51 48.54 -7.42
CA PRO I 40 59.87 46.09 -8.76
CA GLY I 41 60.11 43.28 -6.24
CA LYS I 42 60.84 45.51 -3.25
CA GLY I 43 57.75 47.45 -2.26
CA LEU I 44 58.64 51.15 -2.13
CA GLU I 45 61.11 53.54 -0.56
CA TRP I 46 59.65 56.97 -0.08
CA ILE I 47 62.30 59.51 -1.04
CA GLY I 48 60.89 62.92 -0.22
CA GLN I 49 58.33 65.53 -1.01
CA ILE I 50 58.61 69.18 -1.50
CA TYR I 51 55.92 71.18 0.11
CA PRO I 52 55.22 74.12 -2.30
CA GLY I 53 55.01 76.79 0.38
CA ASP I 54 58.21 77.55 2.21
CA GLY I 55 59.81 74.57 0.44
CA ASP I 56 59.59 71.72 2.90
CA THR I 57 60.97 68.21 2.61
CA ASN I 58 60.61 65.15 4.79
CA TYR I 59 62.83 62.18 3.98
CA ASN I 60 63.52 58.53 4.77
CA GLY I 61 66.58 57.36 6.67
CA LYS I 62 68.08 55.98 3.49
CA PHE I 63 67.67 59.35 1.75
CA LYS I 64 68.10 62.01 4.45
CA GLY I 65 71.12 63.68 2.89
CA LYS I 66 70.82 61.75 -0.36
CA ALA I 67 68.08 63.54 -2.34
CA THR I 68 67.58 66.86 -4.11
CA LEU I 69 64.12 68.47 -4.20
CA THR I 70 62.81 71.80 -5.43
CA ALA I 71 59.61 73.06 -7.04
CA ASP I 72 58.28 75.58 -9.55
CA LYS I 73 56.05 77.30 -6.99
CA SER I 74 54.28 79.46 -9.55
CA SER I 75 53.72 77.18 -12.55
CA SER I 76 52.84 73.96 -10.70
CA THR I 77 55.89 71.72 -10.99
CA ALA I 78 57.95 69.82 -8.45
CA TYR I 79 61.56 69.02 -9.40
CA MET I 80 63.20 65.75 -8.50
CA GLN I 81 66.83 64.64 -8.34
CA LEU I 82 68.64 61.79 -6.63
CA SER I 83 72.22 63.03 -7.01
CA SER I 84 74.68 60.63 -8.68
CA LEU I 85 72.15 58.54 -10.62
CA THR I 86 73.55 55.04 -11.16
CA SER I 87 72.01 51.60 -11.64
CA GLU I 88 71.51 51.36 -7.86
CA ASP I 89 69.14 54.33 -7.94
CA SER I 90 67.66 53.20 -11.25
CA ALA I 91 64.10 53.19 -9.92
CA VAL I 92 60.75 54.85 -10.55
CA TYR I 93 60.84 58.41 -9.24
CA PHE I 94 57.54 60.04 -9.97
CA CYS I 95 54.72 61.99 -8.59
CA ALA I 96 50.95 61.75 -8.15
CA ARG I 97 48.25 62.80 -5.69
CA GLY I 98 45.96 59.97 -4.65
CA GLY I 99 48.39 58.26 -2.31
CA LEU I 100 49.19 59.07 1.32
CA THR I 101 52.66 60.72 1.82
CA ILE I 102 53.62 58.49 -1.11
CA ASP I 103 52.87 59.35 -4.72
CA TYR I 104 54.20 56.93 -7.21
CA TRP I 105 52.75 57.63 -10.70
CA GLY I 106 54.42 54.71 -12.39
CA GLN I 107 55.89 56.02 -15.64
CA GLY I 108 59.05 53.98 -15.08
CA THR I 109 61.94 55.87 -16.70
CA THR I 110 64.89 54.32 -14.85
CA LEU I 111 68.57 54.04 -15.67
CA THR I 112 69.41 51.24 -18.10
CA VAL I 113 73.13 51.64 -18.76
CA SER I 114 74.65 49.95 -21.78
CA SER I 115 77.39 49.24 -24.33
CA ALA I 116 75.04 50.26 -27.01
CA LYS I 117 72.59 52.68 -28.46
CA THR I 118 69.55 51.50 -30.45
CA THR I 119 70.78 48.15 -31.71
CA ALA I 120 69.53 45.62 -34.28
CA PRO I 121 68.46 42.12 -33.19
CA SER I 122 70.58 39.12 -34.26
CA VAL I 123 67.85 36.63 -35.10
CA TYR I 124 68.32 32.86 -35.14
CA PRO I 125 66.15 29.72 -35.10
CA LEU I 126 65.58 27.73 -31.92
CA ALA I 127 64.28 24.85 -34.04
CA PRO I 128 63.60 21.46 -32.34
CA VAL I 129 65.69 18.26 -32.22
CA CYS I 130 67.56 17.47 -35.43
CA GLY I 131 66.39 13.88 -35.68
CA GLY I 132 62.84 13.26 -36.84
CA THR I 133 60.79 16.38 -37.67
CA THR I 134 57.58 14.44 -38.30
CA GLY I 135 55.19 13.94 -35.39
CA SER I 136 51.94 15.20 -33.96
CA SER I 137 53.24 18.53 -32.66
CA VAL I 138 56.45 20.08 -31.28
CA THR I 139 57.29 23.34 -29.52
CA LEU I 140 59.34 25.67 -31.67
CA GLY I 141 61.48 28.68 -30.87
CA CYS I 142 63.55 31.53 -32.28
CA LEU I 143 66.74 33.08 -30.88
CA VAL I 144 66.95 36.87 -30.74
CA LYS I 145 70.40 38.16 -29.81
CA GLY I 146 72.09 41.42 -28.95
CA TYR I 147 69.79 44.39 -29.47
CA PHE I 148 68.73 47.62 -27.75
CA PRO I 149 66.26 48.66 -26.46
CA GLU I 150 63.68 46.18 -25.24
CA PRO I 151 61.65 44.73 -26.77
CA VAL I 152 61.69 43.39 -30.29
CA THR I 153 58.35 42.70 -31.93
CA LEU I 154 58.91 39.03 -32.70
CA THR I 155 56.16 38.27 -35.21
CA TRP I 156 55.68 34.71 -36.39
CA ASN I 157 55.14 34.75 -40.19
CA SER I 158 55.30 38.59 -39.96
CA GLY I 159 52.29 38.24 -37.67
CA SER I 160 50.31 35.97 -40.01
CA LEU I 161 50.41 32.75 -37.99
CA SER I 162 51.34 34.48 -34.72
CA SER I 163 48.44 33.48 -32.44
CA GLY I 164 48.83 31.08 -29.55
CA VAL I 165 52.42 32.16 -29.00
CA HIS I 166 54.48 32.81 -25.87
CA THR I 167 56.98 35.63 -26.21
CA PHE I 168 59.74 35.69 -23.63
CA PRO I 169 61.42 38.89 -22.36
CA ALA I 170 65.05 39.68 -22.98
CA LEU I 171 67.53 40.36 -20.18
CA LEU I 172 70.50 42.65 -19.66
CA GLN I 173 73.95 42.07 -21.12
CA SER I 174 75.59 45.54 -21.17
CA GLY I 175 72.44 46.79 -22.91
CA LEU I 176 72.73 44.05 -25.56
CA TYR I 177 69.61 41.93 -25.27
CA THR I 178 69.03 38.21 -25.71
CA LEU I 179 65.43 37.15 -26.39
CA SER I 180 63.46 34.10 -27.47
CA SER I 181 59.79 33.32 -28.21
CA SER I 182 57.67 30.33 -29.19
CA VAL I 183 55.23 29.29 -31.83
CA THR I 184 54.01 25.76 -31.17
CA VAL I 185 54.02 23.91 -34.48
CA THR I 186 52.41 20.70 -35.46
CA SER I 187 54.04 18.54 -38.10
CA ASN I 188 51.06 19.98 -39.97
CA THR I 189 52.75 23.34 -39.20
CA TRP I 190 56.48 22.51 -39.28
CA PRO I 191 58.10 20.91 -41.42
CA SER I 192 54.82 21.50 -43.23
CA GLN I 193 53.67 25.14 -43.02
CA THR I 194 55.77 28.26 -43.36
CA ILE I 195 56.41 29.37 -39.82
CA THR I 196 58.78 32.30 -40.00
CA CYS I 197 60.34 34.23 -37.12
CA ASN I 198 59.99 37.78 -38.43
CA VAL I 199 61.64 39.77 -35.65
CA ALA I 200 61.11 43.43 -36.36
CA HIS I 201 62.53 46.14 -34.10
CA PRO I 202 60.55 49.41 -34.32
CA ALA I 203 63.16 51.54 -32.50
CA SER I 204 66.03 50.74 -34.91
CA SER I 205 63.63 50.00 -37.84
CA THR I 206 65.29 46.57 -38.08
CA LYS I 207 62.83 44.18 -39.76
CA VAL I 208 64.58 40.79 -39.81
CA ASP I 209 63.02 38.06 -41.88
CA LYS I 210 64.22 34.75 -40.44
CA LYS I 211 62.70 31.39 -41.33
CA ILE I 212 63.20 28.72 -38.67
CA GLU I 213 65.88 26.61 -40.31
CA SER I 214 65.82 22.84 -40.60
CA ARG I 215 68.95 21.56 -38.96
CA ARG I 216 70.43 18.18 -39.87
CA ASP J 1 61.71 54.28 11.22
CA ILE J 2 59.31 51.41 12.01
CA VAL J 3 59.67 48.29 9.89
CA LEU J 4 56.38 47.03 8.46
CA THR J 5 56.56 43.35 7.63
CA GLN J 6 53.44 41.97 5.97
CA SER J 7 51.63 38.86 4.81
CA PRO J 8 54.42 36.80 3.20
CA ALA J 9 54.90 38.63 -0.11
CA THR J 10 52.47 36.56 -2.23
CA LEU J 11 48.93 35.30 -1.72
CA SER J 12 46.73 33.62 -4.30
CA VAL J 13 42.91 33.62 -4.45
CA THR J 14 40.26 32.69 -7.01
CA PRO J 15 38.43 35.90 -8.08
CA GLY J 16 35.18 35.86 -6.16
CA ASP J 17 36.60 34.41 -2.94
CA SER J 18 37.65 35.48 0.56
CA VAL J 19 41.17 36.07 1.94
CA SER J 20 42.91 38.48 4.30
CA LEU J 21 46.11 40.48 3.75
CA SER J 22 48.24 41.53 6.68
CA CYS J 23 50.90 43.97 7.82
CA ARG J 24 53.08 43.76 10.94
CA ALA J 25 54.83 46.83 12.34
CA SER J 26 58.01 46.63 14.39
CA GLN J 27 56.97 49.27 16.93
CA SER J 28 53.25 49.53 17.60
CA ILE J 29 52.58 52.60 15.46
CA SER J 30 49.06 51.65 14.55
CA ASP J 31 47.18 54.33 12.71
CA ASN J 32 49.22 55.48 9.72
CA LEU J 33 49.50 52.57 7.28
CA HIS J 34 46.83 51.47 4.91
CA TRP J 35 45.32 48.97 2.59
CA TYR J 36 46.71 49.88 -0.80
CA GLN J 37 45.40 48.60 -4.11
CA GLN J 38 48.76 48.90 -5.85
CA LYS J 39 49.89 47.03 -8.94
CA SER J 40 53.01 47.34 -11.10
CA HIS J 41 53.81 50.92 -12.29
CA GLU J 42 50.77 52.26 -10.47
CA SER J 43 50.51 54.36 -7.32
CA PRO J 44 49.55 52.97 -3.94
CA GLY J 45 45.85 53.69 -4.09
CA LEU J 46 44.31 52.71 -0.79
CA LEU J 47 41.27 50.47 -0.56
CA ILE J 48 41.14 51.33 3.15
CA LYS J 49 42.92 54.20 4.85
CA TYR J 50 44.56 54.16 8.27
CA ALA J 51 44.46 50.34 8.42
CA SER J 52 40.74 50.33 9.25
CA GLN J 53 38.93 53.44 7.92
CA SER J 54 36.64 52.70 4.97
CA ILE J 55 36.79 54.60 1.68
CA SER J 56 34.07 55.64 -0.76
CA GLY J 57 34.42 54.65 -4.41
CA ILE J 58 36.23 51.46 -3.44
CA PRO J 59 33.53 48.78 -2.96
CA SER J 60 32.80 47.42 0.53
CA ARG J 61 34.22 44.03 -0.54
CA PHE J 62 37.72 45.28 0.38
CA SER J 63 37.44 45.35 4.16
CA GLY J 64 40.55 46.44 5.97
CA SER J 65 40.52 46.20 9.74
CA GLY J 66 42.97 45.86 12.55
CA SER J 67 45.38 48.49 13.72
CA GLY J 68 48.83 48.12 15.17
CA THR J 69 51.10 45.24 15.00
CA ASP J 70 48.26 43.01 13.79
CA PHE J 71 46.57 43.95 10.55
CA THR J 72 43.87 42.58 8.28
CA LEU J 73 42.49 43.31 4.83
CA SER J 74 39.68 40.82 4.45
CA ILE J 75 38.82 41.05 0.76
CA ASN J 76 35.96 38.99 -0.61
CA SER J 77 33.92 38.47 -3.82
CA VAL J 78 36.98 39.84 -5.54
CA GLU J 79 37.66 40.50 -9.24
CA THR J 80 40.80 39.63 -11.23
CA GLU J 81 42.00 43.22 -11.90
CA ASP J 82 41.63 44.07 -8.18
CA PHE J 83 44.67 41.88 -7.46
CA GLY J 84 48.23 43.04 -7.19
CA MET J 85 50.51 44.38 -4.55
CA TYR J 86 48.52 45.13 -1.36
CA PHE J 87 50.21 47.29 1.23
CA CYS J 88 50.56 49.72 4.10
CA GLN J 89 52.99 52.62 4.58
CA GLN J 90 54.40 53.75 7.94
CA SER J 91 54.29 57.44 8.70
CA ASN J 92 53.91 57.58 12.50
CA SER J 93 57.44 58.10 13.82
CA TRP J 94 59.05 58.74 10.46
CA PRO J 95 61.65 58.24 8.52
CA TYR J 96 58.84 56.93 6.36
CA THR J 97 58.69 53.17 5.97
CA PHE J 98 56.82 51.11 3.42
CA GLY J 99 55.29 47.69 3.99
CA GLY J 100 57.14 44.44 3.59
CA GLY J 101 55.49 43.11 0.45
CA THR J 102 52.28 41.27 -0.35
CA LYS J 103 51.05 39.96 -3.69
CA LEU J 104 47.80 38.19 -4.41
CA GLU J 105 46.99 36.15 -7.40
CA ILE J 106 44.44 33.95 -9.21
CA LYS J 107 44.12 30.38 -7.90
CA ARG J 108 43.76 27.32 -9.96
CA ALA J 109 45.18 23.81 -9.93
CA ASP J 110 48.93 23.98 -10.31
CA ALA J 111 50.63 23.17 -13.61
CA ALA J 112 54.05 22.01 -14.89
CA PRO J 113 56.56 23.60 -17.30
CA THR J 114 56.88 22.54 -20.91
CA VAL J 115 59.48 20.21 -22.45
CA SER J 116 61.43 21.80 -25.32
CA ILE J 117 64.82 20.92 -26.78
CA PHE J 118 66.31 23.46 -29.17
CA PRO J 119 69.99 22.71 -29.94
CA PRO J 120 72.29 25.34 -31.42
CA SER J 121 72.36 25.00 -35.19
CA SER J 122 74.99 26.57 -37.45
CA GLU J 123 72.90 29.76 -37.11
CA GLN J 124 73.53 29.98 -33.36
CA LEU J 125 77.16 29.24 -34.20
CA THR J 126 76.96 32.48 -36.21
CA SER J 127 75.48 34.31 -33.19
CA GLY J 128 79.01 34.86 -31.89
CA GLY J 129 78.72 31.79 -29.70
CA ALA J 130 75.94 29.21 -29.56
CA SER J 131 72.52 28.83 -27.95
CA VAL J 132 70.69 25.79 -26.66
CA VAL J 133 67.47 27.22 -25.24
CA CYS J 134 64.83 25.21 -23.39
CA PHE J 135 61.25 26.42 -23.09
CA LEU J 136 59.42 25.80 -19.84
CA ASN J 137 55.91 27.20 -20.06
CA ASN J 138 52.19 26.97 -19.18
CA PHE J 139 52.70 26.56 -15.44
CA TYR J 140 51.55 28.04 -12.11
CA PRO J 141 53.06 29.27 -9.73
CA LYS J 142 56.61 30.46 -10.54
CA ASP J 143 58.40 27.73 -8.53
CA ILE J 144 60.69 26.54 -11.32
CA ASN J 145 64.45 26.56 -10.96
CA VAL J 146 66.34 25.43 -14.03
CA LYS J 147 69.63 23.52 -14.02
CA TRP J 148 71.94 23.39 -17.03
CA LYS J 149 74.16 20.35 -17.56
CA ILE J 150 76.38 18.57 -20.02
CA ASP J 151 74.64 15.15 -19.90
CA GLY J 152 74.07 15.21 -16.14
CA SER J 153 77.37 16.91 -15.26
CA GLU J 154 76.16 19.95 -13.29
CA ARG J 155 77.10 23.49 -14.28
CA GLN J 156 75.95 26.94 -13.16
CA ASN J 157 77.25 29.49 -15.66
CA GLY J 158 75.40 30.86 -18.66
CA VAL J 159 72.02 30.25 -17.03
CA LEU J 160 69.64 32.77 -18.61
CA ASN J 161 66.14 32.41 -17.19
CA SER J 162 63.54 34.59 -18.95
CA TRP J 163 60.20 34.76 -17.13
CA THR J 164 56.88 36.07 -18.42
CA ASP J 165 53.63 37.54 -17.11
CA GLN J 166 50.45 36.03 -15.64
CA ASP J 167 47.59 35.08 -17.91
CA SER J 168 44.52 36.49 -16.21
CA LYS J 169 42.21 33.72 -17.50
CA ASP J 170 43.90 30.73 -15.88
CA SER J 171 46.94 32.05 -13.90
CA THR J 172 49.08 30.29 -16.49
CA TYR J 173 52.62 31.40 -17.24
CA SER J 174 55.49 30.99 -19.71
CA MET J 175 59.27 31.04 -19.41
CA SER J 176 62.43 30.82 -21.52
CA SER J 177 65.52 29.12 -20.18
CA THR J 178 68.45 30.12 -22.37
CA LEU J 179 71.98 28.76 -22.08
CA THR J 180 74.73 31.29 -22.77
CA LEU J 181 77.70 29.54 -24.38
CA THR J 182 80.42 29.83 -27.03
CA LYS J 183 80.80 28.27 -30.50
CA ASP J 184 83.96 26.28 -29.70
CA GLU J 185 82.45 25.42 -26.32
CA TYR J 186 79.57 23.92 -28.31
CA GLU J 187 82.12 22.25 -30.60
CA ARG J 188 84.01 20.68 -27.67
CA HIS J 189 81.05 18.56 -26.51
CA ASN J 190 78.05 16.89 -28.10
CA SER J 191 75.06 17.33 -25.82
CA TYR J 192 73.96 20.17 -23.55
CA THR J 193 71.30 19.51 -20.99
CA CYS J 194 68.48 21.36 -19.21
CA GLU J 195 65.67 20.37 -16.84
CA ALA J 196 62.10 21.29 -15.91
CA THR J 197 60.88 21.31 -12.31
CA HIS J 198 57.59 22.19 -10.64
CA LYS J 199 55.80 20.95 -7.57
CA THR J 200 53.65 19.20 -10.21
CA SER J 201 56.70 18.18 -12.24
CA THR J 202 58.69 17.21 -9.14
CA SER J 203 61.18 15.32 -11.26
CA PRO J 204 63.70 17.52 -13.02
CA ILE J 205 62.62 16.79 -16.57
CA VAL J 206 66.23 16.28 -17.63
CA LYS J 207 66.18 16.90 -21.38
CA SER J 208 68.95 17.35 -23.92
CA PHE J 209 69.91 16.85 -27.57
CA ASN J 210 72.79 15.55 -29.62
CA ARG J 211 74.60 17.01 -32.59
CA ASN J 212 72.63 14.13 -34.05
CA GLU J 213 69.42 15.11 -32.35
CA TYR K 1 -36.26 26.16 -28.31
CA GLU K 2 -38.71 29.06 -27.97
CA HIS K 3 -37.84 30.46 -24.55
CA VAL K 4 -40.84 32.52 -23.49
CA THR K 5 -39.98 34.48 -20.35
CA VAL K 6 -41.61 37.32 -18.43
CA ILE K 7 -39.14 39.98 -17.30
CA PRO K 8 -40.18 42.69 -14.82
CA ASN K 9 -40.19 46.42 -15.60
CA THR K 10 -37.22 48.29 -14.16
CA VAL K 11 -34.52 50.81 -14.75
CA GLY K 12 -31.34 48.98 -15.66
CA VAL K 13 -31.54 46.06 -13.19
CA PRO K 14 -30.30 42.86 -14.89
CA TYR K 15 -32.85 40.15 -14.22
CA LYS K 16 -31.34 36.65 -14.28
CA THR K 17 -33.13 34.79 -17.06
CA LEU K 18 -32.73 31.03 -17.00
CA VAL K 19 -32.37 29.91 -20.60
CA ASN K 20 -32.49 26.19 -19.90
CA ARG K 21 -31.63 24.11 -22.89
CA PRO K 22 -33.66 20.98 -23.72
CA GLY K 23 -31.21 18.31 -22.65
CA TYR K 24 -28.08 20.42 -22.66
CA SER K 25 -26.20 22.65 -20.21
CA PRO K 26 -28.14 25.92 -19.77
CA MET K 27 -26.74 29.38 -20.39
CA VAL K 28 -28.59 31.53 -17.86
CA LEU K 29 -28.50 35.03 -19.32
CA GLU K 30 -29.42 38.28 -17.59
CA MET K 31 -31.36 41.11 -19.22
CA GLU K 32 -32.17 44.67 -18.21
CA LEU K 33 -34.46 47.10 -19.97
CA LEU K 34 -33.58 50.76 -20.42
CA SER K 35 -36.63 52.72 -21.62
CA VAL K 36 -40.38 52.06 -21.70
CA THR K 37 -41.43 54.59 -24.30
CA LEU K 38 -45.22 54.56 -24.59
CA GLU K 39 -46.73 57.35 -26.63
CA PRO K 40 -50.21 58.88 -26.50
CA THR K 41 -51.85 60.57 -29.46
CA LEU K 42 -52.20 64.25 -30.18
CA SER K 43 -55.44 65.65 -31.55
CA LEU K 44 -55.84 69.42 -31.64
CA ASP K 45 -58.81 70.99 -29.91
CA TYR K 46 -57.44 74.53 -29.97
CA ILE K 47 -54.36 76.62 -29.44
CA THR K 48 -54.43 79.88 -27.55
CA CYS K 49 -52.46 83.10 -27.90
CA GLU K 50 -52.14 86.36 -26.11
CA TYR K 51 -54.74 88.94 -27.00
CA LYS K 52 -53.88 91.74 -29.39
CA THR K 53 -56.47 94.47 -29.15
CA VAL K 54 -55.58 96.03 -32.49
CA ILE K 55 -56.91 99.56 -32.01
CA PRO K 56 -56.89 101.66 -35.18
CA SER K 57 -57.49 105.38 -35.21
CA PRO K 58 -60.79 106.60 -33.71
CA TYR K 59 -63.77 107.75 -35.75
CA VAL K 60 -64.47 111.38 -34.81
CA LYS K 61 -67.02 113.81 -36.27
CA CYS K 62 -67.16 117.61 -36.11
CA CYS K 63 -70.45 119.15 -34.86
CA GLY K 64 -72.30 115.93 -35.62
CA THR K 65 -73.04 112.47 -34.31
CA ALA K 66 -70.69 109.68 -35.37
CA GLU K 67 -72.22 106.35 -36.34
CA CYS K 68 -71.65 102.78 -35.15
CA LYS K 69 -71.16 100.64 -38.24
CA ASP K 70 -71.22 97.08 -36.97
CA LYS K 71 -69.43 94.35 -38.88
CA ASN K 72 -67.62 91.16 -38.15
CA LEU K 73 -64.13 91.60 -36.76
CA PRO K 74 -62.70 89.10 -34.24
CA ASP K 75 -64.25 90.43 -31.02
CA TYR K 76 -65.43 93.56 -32.85
CA SER K 77 -66.18 96.64 -30.81
CA CYS K 78 -67.05 100.21 -31.71
CA LYS K 79 -68.91 102.73 -29.58
CA VAL K 80 -69.61 106.35 -30.46
CA PHE K 81 -68.50 108.74 -27.73
CA THR K 82 -70.36 112.00 -27.93
CA GLY K 83 -69.78 115.45 -26.51
CA VAL K 84 -66.00 115.12 -26.31
CA TYR K 85 -63.99 118.29 -27.02
CA PRO K 86 -60.69 116.73 -28.07
CA PHE K 87 -57.39 118.57 -28.00
CA MET K 88 -54.23 118.25 -30.03
CA TRP K 89 -50.89 120.11 -29.70
CA GLY K 90 -52.26 123.54 -30.42
CA GLY K 91 -55.37 123.09 -28.32
CA ALA K 92 -58.68 121.71 -29.44
CA TYR K 93 -59.15 119.45 -32.49
CA CYS K 94 -62.30 121.38 -33.38
CA PHE K 95 -64.20 124.41 -32.14
CA CYS K 96 -67.52 122.87 -31.62
CA ASP K 97 -68.86 124.53 -28.49
CA ALA K 98 -69.53 121.15 -26.87
CA GLU K 99 -70.29 118.31 -29.75
CA ASN K 100 -67.51 116.22 -31.13
CA THR K 101 -68.49 112.57 -31.38
CA GLN K 102 -65.62 110.10 -31.49
CA LEU K 103 -66.17 106.40 -32.13
CA SER K 104 -63.35 104.22 -30.84
CA GLU K 105 -62.67 101.07 -32.84
CA ALA K 106 -61.07 98.08 -31.15
CA HIS K 107 -61.00 94.37 -31.91
CA VAL K 108 -58.67 91.47 -31.22
CA GLU K 109 -56.54 89.28 -33.50
CA LYS K 110 -54.16 86.37 -32.93
CA SER K 111 -50.45 86.61 -32.29
CA GLU K 112 -47.39 86.39 -34.48
CA SER K 113 -45.68 85.15 -31.31
CA CYS K 114 -48.30 82.39 -30.92
CA LYS K 115 -47.49 81.22 -34.44
CA THR K 116 -44.33 79.57 -33.11
CA GLU K 117 -44.58 79.72 -29.28
CA PHE K 118 -47.98 79.15 -27.75
CA ALA K 119 -50.09 77.02 -25.45
CA SER K 120 -51.93 74.30 -27.33
CA ALA K 121 -54.92 72.32 -26.08
CA TYR K 122 -55.31 68.77 -27.31
CA ARG K 123 -56.22 65.22 -26.35
CA ALA K 124 -53.69 62.44 -25.88
CA HIS K 125 -55.19 58.98 -26.18
CA THR K 126 -53.38 55.79 -27.17
CA ALA K 127 -50.98 53.17 -25.86
CA SER K 128 -48.07 52.55 -28.22
CA ALA K 129 -45.17 51.26 -26.13
CA SER K 130 -41.50 51.15 -27.16
CA ALA K 131 -38.69 49.24 -25.44
CA LYS K 132 -34.91 49.50 -25.07
CA LEU K 133 -33.64 46.14 -23.84
CA ARG K 134 -30.11 44.93 -23.05
CA VAL K 135 -28.99 41.30 -23.32
CA LEU K 136 -25.60 39.75 -22.74
CA TYR K 137 -25.75 37.52 -25.74
CA GLN K 138 -23.74 34.48 -24.73
CA GLY K 139 -22.08 37.12 -22.59
CA ASN K 140 -21.95 39.65 -25.44
CA ASN K 141 -23.29 42.92 -24.04
CA ILE K 142 -25.71 44.11 -26.72
CA THR K 143 -28.81 46.28 -26.55
CA VAL K 144 -31.86 45.45 -28.65
CA THR K 145 -34.65 47.87 -29.54
CA ALA K 146 -38.28 46.86 -29.30
CA TYR K 147 -41.83 47.92 -28.98
CA ALA K 148 -43.02 46.90 -25.52
CA ASN K 149 -46.29 45.58 -26.90
CA GLY K 150 -46.74 42.43 -28.98
CA ASP K 151 -46.09 43.94 -32.42
CA HIS K 152 -42.39 44.70 -33.03
CA ALA K 153 -40.14 41.67 -33.48
CA VAL K 154 -36.76 41.79 -35.22
CA THR K 155 -34.07 39.14 -35.49
CA VAL K 156 -30.62 40.12 -34.26
CA LYS K 157 -27.68 37.67 -33.87
CA ASP K 158 -29.57 34.39 -34.57
CA ALA K 159 -32.49 35.21 -32.23
CA LYS K 160 -35.58 37.39 -32.16
CA PHE K 161 -38.08 38.34 -29.47
CA ILE K 162 -41.70 39.06 -28.69
CA VAL K 163 -41.36 41.84 -26.11
CA GLY K 164 -44.71 42.31 -24.44
CA PRO K 165 -47.65 42.85 -24.80
CA MET K 166 -47.83 45.21 -21.88
CA SER K 167 -49.51 44.00 -18.71
CA SER K 168 -50.09 47.36 -17.02
CA ALA K 169 -52.03 49.79 -19.22
CA TRP K 170 -51.43 52.78 -16.93
CA THR K 171 -50.81 56.14 -18.57
CA PRO K 172 -49.90 59.46 -16.94
CA PHE K 173 -51.75 61.23 -19.76
CA ASP K 174 -55.29 62.53 -19.26
CA ASN K 175 -57.83 63.40 -21.94
CA LYS K 176 -57.46 67.19 -21.69
CA ILE K 177 -53.87 68.37 -21.77
CA VAL K 178 -52.09 71.56 -22.90
CA VAL K 179 -48.57 71.78 -24.33
CA TYR K 180 -46.71 75.11 -24.34
CA LYS K 181 -43.51 75.92 -26.32
CA GLY K 182 -41.60 73.12 -24.60
CA ASP K 183 -43.59 71.73 -21.68
CA VAL K 184 -46.89 69.86 -21.45
CA TYR K 185 -49.55 70.49 -18.79
CA ASN K 186 -52.41 68.12 -17.99
CA MET K 187 -54.86 70.78 -16.89
CA ASP K 188 -58.38 69.85 -17.94
CA TYR K 189 -58.84 72.85 -20.20
CA PRO K 190 -62.15 74.43 -21.08
CA PRO K 191 -62.39 73.29 -24.71
CA PHE K 192 -62.86 75.16 -27.99
CA GLY K 193 -65.17 78.16 -27.83
CA ALA K 194 -65.31 78.07 -24.01
CA GLY K 195 -62.66 80.66 -23.20
CA ARG K 196 -64.14 83.12 -20.72
CA PRO K 197 -62.92 86.75 -20.43
CA GLY K 198 -59.68 86.60 -18.54
CA GLN K 199 -59.64 82.84 -18.75
CA PHE K 200 -56.90 80.72 -20.34
CA GLY K 201 -57.95 80.29 -23.94
CA ASP K 202 -60.20 83.32 -24.37
CA ILE K 203 -58.48 83.77 -27.73
CA GLN K 204 -59.22 80.36 -29.09
CA SER K 205 -58.35 78.89 -32.47
CA ARG K 206 -57.37 75.41 -33.58
CA THR K 207 -54.06 75.91 -35.38
CA PRO K 208 -51.86 79.06 -35.05
CA GLU K 209 -52.66 80.10 -38.64
CA SER K 210 -56.35 79.22 -38.30
CA LYS K 211 -58.65 82.22 -38.10
CA ASP K 212 -61.52 80.30 -36.45
CA VAL K 213 -61.34 82.94 -33.76
CA TYR K 214 -63.37 82.41 -30.66
CA ALA K 215 -62.74 85.63 -28.81
CA ASN K 216 -64.57 86.24 -25.54
CA THR K 217 -62.04 88.58 -23.96
CA GLN K 218 -63.92 91.82 -23.01
CA LEU K 219 -63.32 94.26 -25.87
CA VAL K 220 -65.10 97.32 -24.47
CA LEU K 221 -64.39 101.07 -24.49
CA GLN K 222 -65.74 103.44 -21.82
CA ARG K 223 -65.38 107.10 -23.11
CA PRO K 224 -62.72 109.77 -23.55
CA ALA K 225 -64.50 112.18 -21.26
CA ALA K 226 -64.36 115.69 -22.75
CA GLY K 227 -60.72 116.57 -22.96
CA THR K 228 -58.32 115.24 -25.59
CA VAL K 229 -57.66 112.87 -28.48
CA HIS K 230 -57.91 109.83 -26.35
CA VAL K 231 -58.89 106.19 -26.12
CA PRO K 232 -59.30 104.88 -22.57
CA TYR K 233 -59.63 101.13 -22.46
CA SER K 234 -61.30 99.03 -19.82
CA GLN K 235 -59.27 95.84 -19.87
CA ALA K 236 -59.15 92.90 -22.17
CA PRO K 237 -58.11 90.27 -19.60
CA SER K 238 -56.08 87.59 -21.16
CA GLY K 239 -55.27 84.00 -21.97
CA PHE K 240 -51.44 84.12 -21.65
CA LYS K 241 -50.96 86.98 -19.16
CA TYR K 242 -53.53 84.95 -17.19
CA TRP K 243 -51.60 81.71 -17.86
CA LEU K 244 -48.01 82.71 -17.02
CA LYS K 245 -48.60 82.42 -13.25
CA GLU K 246 -50.78 79.28 -13.34
CA ARG K 247 -48.48 77.14 -15.46
CA GLY K 248 -47.62 75.00 -12.45
CA ALA K 249 -46.01 71.62 -12.95
CA SER K 250 -45.45 69.77 -16.21
CA LEU K 251 -46.18 66.08 -16.73
CA GLN K 252 -42.51 65.33 -16.08
CA HIS K 253 -43.17 67.02 -12.73
CA THR K 254 -46.42 65.30 -11.71
CA ALA K 255 -46.30 61.76 -13.10
CA PRO K 256 -46.23 58.90 -10.57
CA PHE K 257 -43.65 56.10 -10.81
CA GLY K 258 -41.14 58.98 -10.91
CA CYS K 259 -40.40 59.00 -14.63
CA GLN K 260 -40.09 62.00 -16.87
CA ILE K 261 -42.19 62.68 -19.93
CA ALA K 262 -40.27 63.17 -23.17
CA THR K 263 -41.75 65.77 -25.45
CA ASN K 264 -42.02 66.77 -29.16
CA PRO K 265 -44.00 64.51 -29.76
CA VAL K 266 -45.05 63.81 -26.17
CA ARG K 267 -44.59 60.34 -24.66
CA ALA K 268 -43.76 58.75 -21.31
CA VAL K 269 -40.27 57.34 -20.88
CA ASN K 270 -39.73 54.36 -18.55
CA CYS K 271 -42.10 54.39 -15.60
CA ALA K 272 -41.22 51.01 -14.07
CA VAL K 273 -44.72 49.49 -13.98
CA GLY K 274 -45.71 45.87 -14.51
CA ASN K 275 -43.70 43.27 -16.41
CA MET K 276 -42.49 42.34 -19.90
CA PRO K 277 -43.52 39.04 -21.49
CA ILE K 278 -40.48 38.23 -23.63
CA SER K 279 -40.69 35.35 -26.10
CA ILE K 280 -37.18 34.67 -27.46
CA ASP K 281 -35.85 31.61 -29.27
CA ILE K 282 -32.62 29.60 -29.22
CA PRO K 283 -31.59 26.63 -31.36
CA GLU K 284 -29.58 23.71 -30.15
CA ALA K 285 -27.10 24.37 -32.97
CA ALA K 286 -25.61 27.74 -31.99
CA PHE K 287 -25.75 26.53 -28.38
CA THR K 288 -23.52 23.85 -26.94
CA ARG K 289 -24.03 20.43 -25.40
CA VAL K 290 -23.94 19.19 -21.82
CA VAL K 291 -21.19 16.72 -22.72
CA ASP K 292 -18.57 19.21 -23.96
CA ALA K 293 -19.57 21.54 -21.16
CA PRO K 294 -17.76 20.26 -18.04
CA SER K 295 -19.87 18.27 -15.60
CA LEU K 296 -19.01 19.26 -12.07
CA THR K 297 -18.94 17.83 -8.54
CA ASP K 298 -17.13 18.50 -5.26
CA MET K 299 -18.92 21.85 -4.84
CA SER K 300 -18.45 22.93 -1.22
CA CYS K 301 -21.09 25.46 -0.18
CA GLU K 302 -19.81 28.57 1.56
CA VAL K 303 -19.77 32.33 1.24
CA PRO K 304 -16.99 34.68 2.22
CA ALA K 305 -19.71 37.21 3.15
CA CYS K 306 -23.19 38.34 2.20
CA THR K 307 -25.15 41.45 3.20
CA HIS K 308 -28.92 41.29 2.78
CA SER K 309 -29.86 44.74 1.52
CA SER K 310 -30.61 46.11 -1.95
CA ASP K 311 -26.85 46.24 -2.62
CA PHE K 312 -24.59 43.61 -4.22
CA GLY K 313 -23.14 42.91 -0.79
CA GLY K 314 -23.15 39.17 -1.33
CA VAL K 315 -20.63 36.83 -2.90
CA ALA K 316 -20.22 33.05 -2.78
CA ILE K 317 -17.00 31.12 -3.34
CA ILE K 318 -17.49 27.56 -4.54
CA LYS K 319 -14.54 25.19 -4.31
CA TYR K 320 -15.08 22.35 -6.73
CA ALA K 321 -13.78 19.87 -9.31
CA ALA K 322 -15.30 19.82 -12.79
CA SER K 323 -14.43 17.52 -15.69
CA LYS K 324 -13.37 19.31 -18.88
CA LYS K 325 -12.48 22.76 -20.16
CA GLY K 326 -15.40 25.01 -21.01
CA LYS K 327 -17.72 27.80 -19.93
CA CYS K 328 -20.66 27.38 -17.60
CA ALA K 329 -23.80 29.07 -16.26
CA VAL K 330 -25.01 29.88 -12.73
CA HIS K 331 -28.62 29.93 -11.52
CA SER K 332 -30.33 29.88 -8.15
CA MET K 333 -34.11 29.45 -8.07
CA THR K 334 -34.19 31.85 -5.16
CA ASN K 335 -35.41 34.92 -7.02
CA ALA K 336 -35.13 37.25 -4.02
CA VAL K 337 -31.38 36.59 -4.10
CA THR K 338 -30.28 37.90 -7.48
CA ILE K 339 -26.92 36.62 -8.73
CA ARG K 340 -24.75 39.18 -10.50
CA GLU K 341 -22.87 37.07 -13.05
CA ALA K 342 -23.51 33.61 -14.48
CA GLU K 343 -21.15 32.94 -17.40
CA ILE K 344 -17.82 31.67 -16.07
CA GLU K 345 -15.20 29.55 -17.79
CA VAL K 346 -14.94 25.73 -15.03
CA GLU K 347 -11.73 24.07 -16.35
CA GLY K 348 -11.90 20.94 -14.20
CA ASN K 349 -10.46 21.12 -10.69
CA SER K 350 -10.69 24.79 -9.71
CA GLN K 351 -12.61 27.41 -7.74
CA LEU K 352 -14.91 30.12 -9.06
CA GLN K 353 -16.71 33.21 -7.79
CA ILE K 354 -20.28 34.45 -8.04
CA SER K 355 -21.51 37.65 -6.43
CA PHE K 356 -25.14 38.42 -5.69
CA SER K 357 -27.58 40.92 -4.29
CA THR K 358 -28.68 39.33 -1.08
CA ALA K 359 -32.05 38.79 0.56
CA LEU K 360 -32.05 36.01 3.14
CA ALA K 361 -30.50 36.32 6.59
CA SER K 362 -29.61 32.63 6.53
CA ALA K 363 -29.19 32.23 2.76
CA GLU K 364 -29.64 28.45 2.54
CA PHE K 365 -30.51 27.91 -1.11
CA ARG K 366 -29.44 25.85 -4.13
CA VAL K 367 -27.58 26.81 -7.29
CA GLN K 368 -28.19 25.06 -10.60
CA VAL K 369 -24.79 24.94 -12.28
CA CYS K 370 -25.26 23.66 -15.88
CA SER K 371 -27.92 20.96 -15.23
CA THR K 372 -26.17 19.99 -11.96
CA GLN K 373 -27.59 20.90 -8.60
CA VAL K 374 -25.56 22.07 -5.62
CA HIS K 375 -26.91 23.70 -2.49
CA CYS K 376 -25.36 26.97 -1.32
CA ALA K 377 -24.93 27.64 2.40
CA ALA K 378 -24.72 31.15 3.86
CA GLU K 379 -25.34 33.10 7.06
CA CYS K 380 -25.70 36.72 6.03
CA HIS K 381 -24.68 40.83 7.35
CA PRO K 382 -27.53 43.09 8.39
CA PRO K 383 -27.81 46.27 6.32
CA LYS K 384 -25.49 49.00 7.56
CA ARG K 385 -23.74 52.00 6.01
CA THR K 386 -24.40 50.12 1.98
CA THR K 387 -25.72 54.38 1.81
CA VAL K 388 -28.01 56.81 -0.12
CA TYR K 389 -27.48 57.00 -3.76
CA TYR K 390 -27.33 52.64 -4.79
CA PRO K 391 -29.14 53.23 -8.08
CA ALA K 392 -31.12 49.96 -8.05
CA SER K 393 -33.02 47.44 -5.98
CA HIS K 394 -33.61 43.73 -6.56
CA THR K 395 -35.42 41.78 -2.96
CA THR K 396 -38.81 40.43 -1.89
CA LEU K 397 -38.97 39.87 1.86
CA GLY K 398 -42.28 39.36 3.59
CA VAL K 399 -43.07 36.41 1.40
CA GLN K 400 -44.10 33.15 4.16
CA ASP K 401 -40.72 31.66 5.02
CA ILE K 402 -38.32 34.04 6.77
CA SER K 403 -36.34 31.15 8.27
CA ALA K 404 -33.08 32.56 9.61
CA THR K 405 -30.56 31.69 12.35
CA ALA K 406 -33.04 32.79 15.05
CA MET K 407 -35.88 30.75 13.51
CA SER K 408 -34.41 27.53 14.99
CA TRP K 409 -35.96 28.43 18.34
CA VAL K 410 -39.26 29.34 16.67
CA GLN K 411 -39.56 26.42 14.24
CA LYS K 412 -38.19 23.61 16.40
CA ILE K 413 -38.76 23.96 20.13
CA THR K 414 -42.03 25.84 20.50
CA GLY K 415 -43.28 24.25 17.31
CA GLY K 416 -43.03 20.95 19.19
CA VAL K 417 -45.37 21.92 22.03
CA GLY K 418 -48.59 20.59 20.50
CA LEU K 419 -48.19 16.94 21.46
CA VAL K 420 -50.11 17.27 24.68
CA VAL K 421 -53.63 17.12 23.20
CA ALA K 422 -53.83 13.31 23.52
CA VAL K 423 -54.16 13.17 27.34
CA ALA K 424 -57.93 13.69 27.37
CA ALA K 425 -58.20 10.87 24.80
CA LEU K 426 -55.34 8.70 26.08
CA ILE K 427 -56.83 6.82 29.04
CA LEU K 428 -59.36 9.53 29.86
CA ILE K 429 -61.40 8.05 26.97
CA VAL K 430 -62.76 5.37 29.32
CA VAL K 431 -64.11 8.26 31.44
CA LEU K 432 -64.91 10.94 28.86
CA CYS K 433 -68.05 11.07 26.79
CA VAL K 434 -71.79 11.56 27.23
CA SER K 435 -72.36 9.02 24.46
CA PHE K 436 -69.37 8.43 22.15
CA SER K 437 -66.48 6.36 23.28
CA ARG K 438 -66.05 3.09 25.07
CA HIS K 439 -67.66 -0.27 24.26
CA ASN L 1 -34.44 98.04 -46.90
CA PHE L 2 -37.09 99.31 -44.42
CA ASN L 3 -38.58 101.49 -47.15
CA VAL L 4 -41.78 102.23 -45.25
CA TYR L 5 -40.27 104.32 -42.43
CA LYS L 6 -39.43 106.94 -45.02
CA ALA L 7 -42.69 108.33 -46.46
CA THR L 8 -44.29 108.32 -42.99
CA ARG L 9 -44.53 111.06 -40.39
CA PRO L 10 -44.79 111.14 -36.59
CA TYR L 11 -47.57 112.62 -34.53
CA LEU L 12 -47.47 114.88 -31.47
CA ALA L 13 -49.99 113.50 -29.02
CA HIS L 14 -50.76 113.64 -25.32
CA CYS L 15 -48.53 111.57 -23.12
CA PRO L 16 -50.52 110.25 -20.12
CA ASP L 17 -47.69 111.53 -17.90
CA CYS L 18 -44.89 113.62 -19.40
CA GLY L 19 -42.87 113.39 -16.20
CA GLU L 20 -43.09 115.81 -13.25
CA GLY L 21 -46.24 114.02 -12.03
CA HIS L 22 -48.42 115.57 -14.75
CA SER L 23 -49.15 115.27 -18.45
CA CYS L 24 -48.77 117.18 -21.70
CA HIS L 25 -48.25 116.50 -25.40
CA SER L 26 -45.39 114.47 -26.71
CA PRO L 27 -43.52 113.22 -29.79
CA VAL L 28 -42.81 110.05 -27.77
CA ALA L 29 -46.45 109.47 -26.81
CA LEU L 30 -46.62 105.67 -26.57
CA GLU L 31 -49.21 103.64 -28.46
CA ARG L 32 -48.17 99.99 -28.14
CA ILE L 33 -46.46 97.89 -25.45
CA ARG L 34 -45.34 94.28 -26.02
CA ASN L 35 -43.16 91.98 -23.92
CA GLU L 36 -44.28 88.52 -25.10
CA ALA L 37 -40.57 87.63 -25.34
CA THR L 38 -39.94 85.21 -22.46
CA ASP L 39 -36.40 86.45 -21.92
CA GLY L 40 -37.94 89.78 -20.93
CA THR L 41 -37.10 92.07 -23.84
CA LEU L 42 -39.83 94.66 -24.29
CA LYS L 43 -40.99 96.00 -27.65
CA ILE L 44 -42.59 99.44 -27.71
CA GLN L 45 -43.70 101.40 -30.75
CA VAL L 46 -42.85 105.04 -30.11
CA SER L 47 -44.95 107.61 -31.97
CA LEU L 48 -41.96 109.09 -33.77
CA GLN L 49 -39.45 107.02 -35.70
CA ILE L 50 -35.72 106.76 -35.08
CA GLY L 51 -32.88 106.04 -37.45
CA ILE L 52 -34.15 107.95 -40.51
CA LYS L 53 -34.10 111.72 -41.04
CA THR L 54 -36.86 113.70 -42.72
CA ASP L 55 -34.99 113.02 -46.00
CA ASP L 56 -36.94 109.71 -46.17
CA SER L 57 -33.66 107.90 -46.81
CA HIS L 58 -31.82 104.73 -45.71
CA ASP L 59 -30.28 106.79 -42.90
CA TRP L 60 -29.12 105.75 -39.47
CA THR L 61 -27.62 108.89 -37.96
CA LYS L 62 -30.74 110.89 -37.00
CA LEU L 63 -34.41 110.47 -36.08
CA ARG L 64 -37.64 111.88 -37.49
CA TYR L 65 -39.88 113.48 -34.88
CA MET L 66 -42.96 115.68 -35.19
CA ASP L 67 -42.69 119.42 -34.49
CA ASN L 68 -44.26 122.67 -35.79
CA HIS L 69 -46.86 120.99 -38.05
CA MET L 70 -44.14 118.96 -39.79
CA PRO L 71 -41.67 116.10 -39.31
CA ALA L 72 -38.55 117.50 -37.67
CA ASP L 73 -35.12 115.92 -37.13
CA ALA L 74 -33.16 115.07 -34.01
CA GLU L 75 -30.08 112.91 -33.56
CA ARG L 76 -30.13 109.12 -33.26
CA ALA L 77 -28.10 108.97 -30.04
CA GLY L 78 -30.36 111.30 -28.03
CA LEU L 79 -32.53 108.50 -26.60
CA PHE L 80 -32.84 107.59 -22.93
CA VAL L 81 -35.24 105.23 -21.13
CA ARG L 82 -35.81 104.39 -17.48
CA THR L 83 -38.13 101.79 -15.98
CA SER L 84 -36.88 101.99 -12.39
CA ALA L 85 -33.21 102.36 -13.28
CA PRO L 86 -31.90 103.79 -16.56
CA CYS L 87 -32.03 100.50 -18.38
CA THR L 88 -30.21 99.00 -21.33
CA ILE L 89 -31.11 98.77 -25.02
CA THR L 90 -30.72 95.80 -27.37
CA GLY L 91 -31.59 97.26 -30.80
CA THR L 92 -34.00 99.88 -32.13
CA ILE L 93 -35.15 100.67 -35.67
CA GLY L 94 -38.04 102.64 -37.13
CA HIS L 95 -40.93 103.63 -34.85
CA PHE L 96 -39.91 100.75 -32.59
CA ILE L 97 -37.85 100.55 -29.39
CA LEU L 98 -36.49 97.44 -27.68
CA ALA L 99 -34.84 97.39 -24.26
CA ARG L 100 -33.14 94.93 -21.91
CA CYS L 101 -34.01 95.58 -18.27
CA PRO L 102 -35.64 93.75 -15.34
CA LYS L 103 -38.79 94.22 -13.22
CA GLY L 104 -40.31 97.68 -12.93
CA GLU L 105 -43.79 99.12 -12.82
CA THR L 106 -43.04 102.64 -14.05
CA LEU L 107 -41.36 103.32 -17.36
CA THR L 108 -40.52 106.65 -18.93
CA VAL L 109 -39.08 107.35 -22.37
CA GLY L 110 -37.04 110.31 -23.56
CA PHE L 111 -34.77 111.56 -26.27
CA THR L 112 -32.54 114.62 -26.32
CA ASP L 113 -33.82 116.52 -29.33
CA SER L 114 -32.18 119.12 -31.58
CA ARG L 115 -32.88 121.83 -28.97
CA LYS L 116 -31.47 119.72 -26.07
CA ILE L 117 -34.64 119.19 -24.01
CA SER L 118 -36.24 116.04 -22.62
CA HIS L 119 -39.27 114.90 -24.53
CA SER L 120 -40.52 112.86 -21.60
CA CYS L 121 -43.38 110.36 -21.47
CA THR L 122 -43.86 108.24 -18.35
CA HIS L 123 -45.98 105.10 -18.48
CA PRO L 124 -47.24 102.59 -15.91
CA PHE L 125 -46.40 99.06 -17.02
CA HIS L 126 -45.37 96.32 -14.61
CA HIS L 127 -42.60 95.00 -16.81
CA ASP L 128 -41.92 91.41 -15.99
CA PRO L 129 -39.57 88.90 -17.49
CA PRO L 130 -41.14 85.60 -16.41
CA VAL L 131 -39.29 83.21 -14.15
CA ILE L 132 -37.33 81.68 -16.98
CA GLY L 133 -36.35 78.03 -16.92
CA ARG L 134 -36.80 76.55 -13.46
CA GLU L 135 -34.82 79.02 -11.35
CA LYS L 136 -35.26 82.43 -9.73
CA PHE L 137 -31.96 84.01 -10.76
CA HIS L 138 -31.28 87.30 -12.50
CA SER L 139 -28.24 86.60 -14.70
CA ARG L 140 -26.35 83.51 -15.82
CA PRO L 141 -22.78 82.30 -15.37
CA GLN L 142 -21.00 79.87 -17.67
CA HIS L 143 -22.78 76.90 -16.10
CA GLY L 144 -26.35 76.77 -17.33
CA LYS L 145 -28.77 74.44 -19.04
CA GLU L 146 -30.61 74.94 -22.36
CA LEU L 147 -34.26 75.94 -22.60
CA PRO L 148 -35.99 77.43 -25.64
CA CYS L 149 -37.23 80.94 -25.00
CA SER L 150 -39.13 83.53 -26.99
CA THR L 151 -37.13 86.60 -27.96
CA TYR L 152 -37.05 89.18 -30.73
CA VAL L 153 -35.01 88.88 -33.89
CA GLN L 154 -33.25 92.11 -34.91
CA SER L 155 -34.75 92.06 -38.43
CA THR L 156 -36.37 95.22 -39.81
CA ALA L 157 -37.62 93.64 -43.05
CA ALA L 158 -40.30 91.58 -41.32
CA THR L 159 -43.91 90.97 -42.30
CA THR L 160 -47.05 88.84 -41.55
CA GLU L 161 -47.86 91.15 -38.66
CA GLU L 162 -48.74 94.53 -40.03
CA ILE L 163 -49.62 98.03 -38.92
CA GLU L 164 -51.54 100.00 -41.52
CA VAL L 165 -50.60 103.50 -42.71
CA HIS L 166 -52.96 106.27 -43.79
CA MET L 167 -53.02 109.97 -44.56
CA PRO L 168 -53.17 112.17 -41.42
CA PRO L 169 -56.44 114.13 -41.37
CA ASP L 170 -55.44 117.29 -39.54
CA THR L 171 -52.83 118.98 -37.37
CA PRO L 172 -54.31 122.11 -35.82
CA ASP L 173 -53.15 125.19 -33.94
CA HIS L 174 -54.71 127.86 -31.77
CA THR L 175 -51.40 129.77 -31.81
CA LEU L 176 -52.02 130.47 -35.52
CA MET L 177 -54.75 132.97 -34.52
CA SER L 178 -53.85 136.49 -33.50
CA GLN L 179 -56.56 139.11 -33.05
CA GLN L 180 -56.27 142.74 -34.13
CA SER L 181 -58.98 144.01 -31.73
CA GLY L 182 -61.88 142.03 -33.15
CA ASN L 183 -60.05 141.22 -36.41
CA VAL L 184 -58.28 137.87 -36.68
CA LYS L 185 -54.82 138.08 -38.12
CA ILE L 186 -54.94 134.32 -38.60
CA THR L 187 -51.41 133.06 -39.24
CA VAL L 188 -51.27 130.31 -41.87
CA ASN L 189 -47.54 129.97 -42.76
CA GLY L 190 -48.20 128.29 -46.09
CA GLN L 191 -50.21 125.21 -45.12
CA THR L 192 -53.73 123.89 -45.72
CA VAL L 193 -55.48 125.55 -42.77
CA ARG L 194 -58.93 124.01 -42.39
CA TYR L 195 -60.63 127.82 -40.66
CA LYS L 196 -64.24 126.74 -41.02
CA CYS L 197 -65.47 128.82 -38.15
CA ASN L 198 -68.16 131.11 -36.78
CA CYS L 199 -66.64 134.40 -37.95
CA GLY L 200 -69.20 133.57 -41.21
CA GLY L 201 -66.66 130.78 -41.18
CA SER L 202 -63.69 131.74 -43.25
CA ASN L 203 -66.64 133.21 -44.37
CA GLU L 204 -66.18 129.63 -45.41
CA GLY L 205 -63.42 127.24 -46.47
CA LEU L 206 -59.78 126.13 -46.20
CA THR L 207 -56.91 128.50 -46.90
CA THR L 208 -53.30 127.86 -47.82
CA THR L 209 -51.94 131.43 -47.79
CA ASP L 210 -51.77 133.86 -44.87
CA LYS L 211 -55.05 135.59 -44.04
CA VAL L 212 -56.10 138.71 -42.13
CA ILE L 213 -59.84 138.54 -41.49
CA ASN L 214 -61.85 141.28 -39.83
CA ASN L 215 -65.00 141.07 -37.62
CA CYS L 216 -63.79 138.05 -35.65
CA LYS L 217 -62.21 137.09 -32.33
CA VAL L 218 -60.85 133.77 -30.96
CA ASP L 219 -64.36 133.01 -29.62
CA GLN L 220 -65.46 132.63 -33.27
CA CYS L 221 -62.54 130.89 -34.95
CA HIS L 222 -59.89 128.15 -35.33
CA ALA L 223 -56.86 127.19 -37.44
CA ALA L 224 -56.18 123.62 -38.53
CA VAL L 225 -53.47 122.43 -40.91
CA THR L 226 -54.79 119.37 -42.72
CA ASN L 227 -51.41 117.75 -43.26
CA HIS L 228 -51.17 115.88 -46.54
CA LYS L 229 -47.53 115.21 -47.45
CA LYS L 230 -46.43 112.06 -45.59
CA TRP L 231 -48.24 109.00 -44.23
CA GLN L 232 -49.63 108.45 -40.74
CA TYR L 233 -49.98 104.97 -39.30
CA ASN L 234 -52.98 103.64 -37.40
CA SER L 235 -52.39 104.86 -33.87
CA PRO L 236 -54.92 105.22 -31.02
CA LEU L 237 -53.67 108.80 -30.45
CA VAL L 238 -54.20 110.26 -33.93
CA PRO L 239 -57.77 110.04 -35.30
CA ARG L 240 -59.57 109.62 -38.66
CA ASN L 241 -60.95 112.07 -41.22
CA ALA L 242 -64.70 111.59 -40.37
CA GLU L 243 -65.21 108.57 -42.54
CA LEU L 244 -61.95 106.81 -43.26
CA GLY L 245 -58.57 107.81 -42.01
CA ASP L 246 -58.00 104.10 -41.97
CA ARG L 247 -57.19 104.54 -45.65
CA LYS L 248 -54.98 102.26 -47.67
CA GLY L 249 -51.25 101.95 -47.11
CA LYS L 250 -48.72 99.56 -45.57
CA ILE L 251 -45.86 99.99 -43.11
CA HIS L 252 -44.28 96.65 -42.34
CA ILE L 253 -43.04 95.43 -38.98
CA PRO L 254 -39.53 95.07 -37.58
CA PHE L 255 -38.34 92.57 -34.94
CA PRO L 256 -40.01 89.16 -35.42
CA LEU L 257 -39.99 86.50 -32.70
CA ALA L 258 -37.82 83.42 -32.23
CA ASN L 259 -38.44 80.32 -30.11
CA VAL L 260 -34.70 79.96 -29.53
CA THR L 261 -32.18 79.23 -26.82
CA CYS L 262 -32.00 81.06 -23.54
CA ARG L 263 -29.86 79.72 -20.71
CA VAL L 264 -30.79 79.32 -17.05
CA PRO L 265 -28.09 78.52 -14.46
CA LYS L 266 -27.99 75.14 -12.81
CA ALA L 267 -28.33 75.29 -9.05
CA ARG L 268 -25.26 74.21 -7.13
CA ASN L 269 -25.41 70.77 -5.58
CA PRO L 270 -26.32 70.61 -1.88
CA THR L 271 -24.84 68.20 0.62
CA VAL L 272 -26.71 64.95 1.16
CA THR L 273 -26.61 62.49 4.06
CA TYR L 274 -28.75 59.82 5.68
CA GLY L 275 -31.33 59.84 8.44
CA LYS L 276 -33.80 57.37 9.99
CA ASN L 277 -35.24 55.69 6.86
CA GLN L 278 -34.75 59.11 5.27
CA VAL L 279 -32.42 61.81 3.99
CA ILE L 280 -31.03 64.58 6.18
CA MET L 281 -29.38 67.18 3.96
CA LEU L 282 -28.42 70.84 4.31
CA LEU L 283 -29.91 72.54 1.26
CA TYR L 284 -27.93 75.22 -0.57
CA PRO L 285 -29.66 77.99 -2.51
CA ASP L 286 -28.35 81.53 -2.48
CA HIS L 287 -30.86 82.84 -5.04
CA PRO L 288 -34.39 81.36 -4.87
CA THR L 289 -34.47 77.75 -6.02
CA LEU L 290 -37.27 75.20 -6.22
CA LEU L 291 -37.51 71.77 -4.60
CA SER L 292 -39.82 69.05 -5.90
CA TYR L 293 -40.09 65.44 -4.76
CA ARG L 294 -42.44 62.56 -5.56
CA ASN L 295 -42.33 58.78 -5.13
CA MET L 296 -42.46 55.65 -7.28
CA GLY L 297 -45.70 54.37 -5.73
CA GLU L 298 -49.18 54.18 -7.19
CA GLU L 299 -49.68 57.60 -5.60
CA PRO L 300 -47.40 60.46 -6.72
CA ASN L 301 -46.71 62.01 -3.28
CA TYR L 302 -45.69 65.12 -5.15
CA GLN L 303 -44.67 68.26 -3.26
CA GLU L 304 -43.16 71.51 -4.60
CA GLU L 305 -41.59 74.41 -2.75
CA TRP L 306 -39.11 77.23 -3.41
CA VAL L 307 -36.09 78.10 -1.25
CA MET L 308 -33.53 80.91 -1.24
CA HIS L 309 -31.97 80.18 2.14
CA LYS L 310 -29.45 77.64 3.36
CA LYS L 311 -31.56 75.33 5.49
CA GLU L 312 -31.89 71.74 6.67
CA VAL L 313 -34.57 69.69 4.93
CA VAL L 314 -35.57 66.23 6.14
CA LEU L 315 -36.42 63.99 3.19
CA THR L 316 -38.42 60.89 4.11
CA VAL L 317 -37.70 58.04 1.73
CA PRO L 318 -40.23 55.17 1.51
CA THR L 319 -38.85 51.70 0.80
CA GLU L 320 -40.00 52.01 -2.83
CA GLY L 321 -37.96 55.22 -3.03
CA LEU L 322 -38.69 58.70 -4.31
CA GLU L 323 -37.18 61.42 -6.49
CA VAL L 324 -35.98 64.91 -5.67
CA THR L 325 -35.29 67.70 -8.19
CA TRP L 326 -33.06 70.69 -7.40
CA GLY L 327 -32.92 73.82 -9.49
CA ASN L 328 -31.89 73.00 -13.02
CA ASN L 329 -30.22 69.71 -12.08
CA GLU L 330 -31.42 66.20 -12.91
CA PRO L 331 -33.71 64.30 -10.48
CA TYR L 332 -32.07 62.23 -7.76
CA LYS L 333 -33.81 58.96 -6.84
CA TYR L 334 -33.18 57.14 -3.58
CA TRP L 335 -33.64 53.70 -2.03
CA PRO L 336 -33.54 53.45 1.75
CA GLN L 337 -32.33 51.00 4.37
CA LEU L 338 -32.75 51.03 8.13
CA SER L 339 -31.71 53.15 11.65
CA THR L 340 -28.26 51.22 13.41
CA ASN L 341 -28.65 51.84 17.61
CA GLY L 342 -30.29 49.03 19.59
CA THR L 343 -28.36 48.02 23.28
CA ALA L 344 -27.34 44.46 23.88
CA HIS L 345 -29.70 41.10 22.65
CA GLY L 346 -29.02 37.59 23.86
CA HIS L 347 -29.32 34.39 23.24
CA PRO L 348 -29.15 32.56 26.22
CA HIS L 349 -33.02 33.10 24.41
CA GLU L 350 -33.54 36.59 22.92
CA ILE L 351 -32.42 37.32 19.37
CA ILE L 352 -35.31 39.44 18.09
CA LEU L 353 -33.10 42.51 17.99
CA TYR L 354 -31.71 40.51 15.08
CA TYR L 355 -35.32 40.85 13.93
CA TYR L 356 -35.46 44.54 14.94
CA GLU L 357 -33.12 45.91 12.25
CA LEU L 358 -34.63 43.20 10.03
CA TYR L 359 -37.01 45.41 7.97
CA PRO L 360 -39.01 46.93 10.88
CA THR L 361 -42.69 47.83 11.03
CA MET L 362 -42.59 44.34 9.54
CA THR L 363 -41.45 41.21 11.45
CA VAL L 364 -41.22 43.51 14.46
CA VAL L 365 -44.93 44.31 14.77
CA VAL L 366 -46.56 42.21 12.04
CA VAL L 367 -44.95 39.28 13.75
CA SER L 368 -46.73 40.47 16.92
CA VAL L 369 -50.18 40.19 15.37
CA ALA L 370 -49.11 36.76 14.10
CA THR L 371 -48.34 35.36 17.54
CA PHE L 372 -52.03 34.70 18.13
CA ILE L 373 -51.53 31.28 16.49
CA LEU L 374 -48.82 30.96 19.13
CA LEU L 375 -51.14 32.36 21.81
CA SER L 376 -54.18 30.20 21.05
CA MET L 377 -52.99 27.76 23.76
CA VAL L 378 -54.47 29.28 26.91
CA GLY L 379 -58.16 28.56 26.25
CA MET L 380 -57.12 25.24 24.71
CA ALA L 381 -55.79 24.41 28.18
CA ALA L 382 -58.91 25.64 29.99
CA GLY L 383 -62.01 23.67 28.89
CA MET L 384 -59.56 20.87 28.30
CA CYS L 385 -59.04 20.82 32.05
CA MET L 386 -62.68 21.33 33.12
CA CYS L 387 -63.18 17.92 31.51
CA ALA L 388 -60.21 16.82 33.66
CA ARG L 389 -61.10 18.08 37.16
CA ARG L 390 -64.76 19.12 37.15
CA ARG L 391 -65.83 15.76 35.69
CA CYS L 392 -63.80 13.69 38.19
CA ILE L 393 -66.55 12.94 40.71
CA THR L 394 -69.33 14.26 38.47
CA PRO L 395 -70.54 12.04 35.60
CA TYR L 396 -70.98 8.32 36.46
CA GLU L 397 -71.77 6.99 39.93
CA LEU L 398 -72.44 3.52 38.65
CA THR L 399 -69.47 1.49 39.92
CA PRO L 400 -69.14 1.69 43.72
CA GLY L 401 -65.72 2.62 45.24
CA ALA L 402 -66.53 5.82 47.30
CA THR L 403 -63.74 7.27 45.08
CA VAL L 404 -60.98 6.08 42.80
CA PRO L 405 -58.62 4.72 45.49
CA PHE L 406 -55.45 4.50 43.39
CA LEU L 407 -55.60 6.52 40.18
CA LEU L 408 -56.30 10.00 41.54
CA SER L 409 -52.96 11.81 41.16
CA LEU L 410 -53.33 10.55 37.59
CA ILE L 411 -56.50 12.70 37.64
CA CYS L 412 -55.59 15.34 40.33
CA CYS L 413 -58.94 16.95 40.76
CA ILE L 414 -59.68 19.80 43.17
CA ARG L 415 -58.28 21.32 46.36
CA THR L 416 -55.54 18.73 46.08
CA ALA L 417 -54.73 18.83 49.78
CA LYS L 418 -55.39 15.59 51.72
CA ALA L 419 -52.82 13.34 53.50
CA TYR M 1 -110.09 115.76 -0.56
CA GLU M 2 -107.05 115.70 1.74
CA HIS M 3 -105.43 112.39 0.85
CA VAL M 4 -103.16 111.54 3.78
CA THR M 5 -101.00 108.55 2.87
CA VAL M 6 -97.95 106.89 4.39
CA ILE M 7 -95.32 105.94 1.82
CA PRO M 8 -92.37 103.70 2.77
CA ASN M 9 -88.73 104.76 2.60
CA THR M 10 -86.88 103.42 -0.44
CA VAL M 11 -84.54 104.15 -3.27
CA GLY M 12 -86.58 104.87 -6.37
CA VAL M 13 -89.28 102.18 -6.00
CA PRO M 14 -92.66 103.59 -7.11
CA TYR M 15 -95.19 102.75 -4.41
CA LYS M 16 -98.74 102.52 -5.77
CA THR M 17 -100.73 105.18 -3.94
CA LEU M 18 -104.50 104.81 -4.16
CA VAL M 19 -105.91 108.29 -4.52
CA ASN M 20 -109.56 107.30 -4.21
CA ARG M 21 -111.90 110.12 -5.01
CA PRO M 22 -115.00 110.73 -2.85
CA GLY M 23 -117.69 109.42 -5.16
CA TYR M 24 -115.72 109.53 -8.38
CA SER M 25 -113.40 107.21 -10.33
CA PRO M 26 -110.01 107.07 -8.54
CA MET M 27 -106.68 107.94 -10.11
CA VAL M 28 -104.25 105.62 -8.33
CA LEU M 29 -100.88 107.36 -8.61
CA GLU M 30 -97.48 105.91 -7.80
CA MET M 31 -94.69 107.79 -6.03
CA GLU M 32 -91.04 107.08 -5.37
CA LEU M 33 -88.66 109.06 -3.23
CA LEU M 34 -85.09 109.79 -4.28
CA SER M 35 -83.09 111.19 -1.35
CA VAL M 36 -83.58 111.29 2.42
CA THR M 37 -81.21 114.10 3.32
CA LEU M 38 -81.10 114.46 7.10
CA GLU M 39 -78.41 116.74 8.45
CA PRO M 40 -76.72 116.81 11.85
CA THR M 41 -75.20 119.91 13.38
CA LEU M 42 -71.58 120.93 13.53
CA SER M 43 -70.14 122.44 16.69
CA LEU M 44 -66.39 122.85 16.91
CA ASP M 45 -64.54 121.31 19.82
CA TYR M 46 -61.08 121.62 18.29
CA ILE M 47 -59.10 121.20 15.12
CA THR M 48 -55.70 119.57 15.07
CA CYS M 49 -52.62 120.14 12.95
CA GLU M 50 -49.24 118.60 12.50
CA TYR M 51 -46.62 119.74 14.95
CA LYS M 52 -44.06 122.34 13.94
CA THR M 53 -41.19 122.36 16.39
CA VAL M 54 -39.95 125.78 15.39
CA ILE M 55 -36.34 125.61 16.55
CA PRO M 56 -34.50 128.94 16.39
CA SER M 57 -30.78 129.27 16.82
CA PRO M 58 -29.30 127.93 20.07
CA TYR M 59 -28.17 130.11 22.96
CA VAL M 60 -24.45 129.48 23.51
CA LYS M 61 -22.04 131.17 25.92
CA CYS M 62 -18.22 131.31 25.89
CA CYS M 63 -16.45 130.24 29.11
CA GLY M 64 -19.63 130.79 31.09
CA THR M 65 -22.94 129.23 32.02
CA ALA M 66 -25.90 130.02 29.79
CA GLU M 67 -29.24 130.75 31.46
CA CYS M 68 -32.71 129.27 31.07
CA LYS M 69 -35.11 132.17 30.65
CA ASP M 70 -38.56 130.63 30.88
CA LYS M 71 -41.51 132.28 29.20
CA ASN M 72 -44.71 131.27 27.55
CA LEU M 73 -44.32 129.86 24.07
CA PRO M 74 -46.67 127.12 22.80
CA ASP M 75 -45.01 124.04 24.33
CA TYR M 76 -42.01 126.14 25.33
CA SER M 77 -38.73 124.35 25.97
CA CYS M 78 -35.21 125.56 26.66
CA LYS M 79 -32.45 123.67 28.43
CA VAL M 80 -28.88 124.85 28.95
CA PHE M 81 -26.34 122.28 27.77
CA THR M 82 -23.02 122.78 29.46
CA GLY M 83 -19.49 121.63 28.75
CA VAL M 84 -19.97 121.33 24.98
CA TYR M 85 -16.97 122.24 22.82
CA PRO M 86 -18.76 123.11 19.58
CA PHE M 87 -17.07 123.12 16.20
CA MET M 88 -17.70 125.07 13.03
CA TRP M 89 -15.97 124.82 9.62
CA GLY M 90 -12.55 125.83 10.81
CA GLY M 91 -12.69 123.76 13.97
CA ALA M 92 -14.01 124.84 17.32
CA TYR M 93 -16.47 127.70 17.85
CA CYS M 94 -14.48 128.81 20.90
CA PHE M 95 -11.27 127.83 22.67
CA CYS M 96 -12.62 127.26 26.06
CA ASP M 97 -10.65 124.29 27.37
CA ALA M 98 -13.86 122.43 28.22
CA GLU M 99 -16.89 125.08 29.07
CA ASN M 100 -19.21 126.25 26.37
CA THR M 101 -22.81 126.23 27.53
CA GLN M 102 -25.41 126.09 24.78
CA LEU M 103 -29.12 126.45 25.48
CA SER M 104 -31.31 124.94 22.79
CA GLU M 105 -34.65 126.67 22.22
CA ALA M 106 -37.56 124.72 20.80
CA HIS M 107 -41.32 125.18 20.89
CA VAL M 108 -44.26 124.23 18.71
CA GLU M 109 -46.72 126.28 16.65
CA LYS M 110 -49.68 125.45 14.41
CA SER M 111 -49.56 124.76 10.70
CA GLU M 112 -50.09 126.86 7.63
CA SER M 113 -51.15 123.58 6.03
CA CYS M 114 -53.75 123.01 8.77
CA LYS M 115 -55.23 126.42 7.96
CA THR M 116 -56.91 124.89 4.92
CA GLU M 117 -56.46 121.10 5.21
CA PHE M 118 -56.74 119.60 8.66
CA ALA M 119 -58.57 117.18 10.90
CA SER M 120 -61.36 118.87 12.83
CA ALA M 121 -63.09 117.52 15.93
CA TYR M 122 -66.71 118.48 16.47
CA ARG M 123 -70.12 117.26 17.56
CA ALA M 124 -72.98 116.52 15.16
CA HIS M 125 -76.37 116.58 16.84
CA THR M 126 -79.71 117.29 15.15
CA ALA M 127 -82.33 115.72 12.90
CA SER M 128 -83.26 117.96 9.98
CA ALA M 129 -84.51 115.74 7.18
CA SER M 130 -84.87 116.68 3.50
CA ALA M 131 -86.76 114.76 0.82
CA LYS M 132 -86.65 114.35 -2.97
CA LEU M 133 -89.95 112.82 -4.07
CA ARG M 134 -91.25 111.89 -7.52
CA VAL M 135 -94.95 111.84 -8.46
CA LEU M 136 -96.59 111.08 -11.77
CA TYR M 137 -99.04 113.90 -11.57
CA GLN M 138 -102.08 112.62 -13.40
CA GLY M 139 -99.35 110.66 -15.17
CA ASN M 140 -97.08 113.70 -15.46
CA ASN M 141 -93.64 112.58 -14.24
CA ILE M 142 -92.57 115.40 -11.93
CA THR M 143 -90.25 115.45 -8.93
CA VAL M 144 -91.10 117.54 -5.87
CA THR M 145 -88.64 118.67 -3.22
CA ALA M 146 -89.46 118.41 0.46
CA TYR M 147 -88.22 118.25 3.97
CA ALA M 148 -88.90 114.74 5.25
CA ASN M 149 -90.17 116.07 8.56
CA GLY M 150 -93.45 117.91 9.12
CA ASP M 151 -92.26 121.44 8.35
CA HIS M 152 -91.72 122.04 4.61
CA ALA M 153 -94.87 122.21 2.50
CA VAL M 154 -95.05 123.90 -0.90
CA THR M 155 -97.83 123.90 -3.47
CA VAL M 156 -96.92 122.69 -6.95
CA LYS M 157 -99.45 122.06 -9.76
CA ASP M 158 -102.69 122.54 -7.73
CA ALA M 159 -101.55 120.32 -4.83
CA LYS M 160 -99.23 120.48 -1.83
CA PHE M 161 -97.96 117.91 0.66
CA ILE M 162 -97.01 117.26 4.24
CA VAL M 163 -94.07 114.91 3.82
CA GLY M 164 -93.31 113.35 7.17
CA PRO M 165 -92.66 113.79 10.07
CA MET M 166 -90.07 111.07 10.18
CA SER M 167 -90.95 107.85 11.98
CA SER M 168 -87.45 106.44 12.42
CA ALA M 169 -85.12 108.86 14.20
CA TRP M 170 -81.97 106.80 13.51
CA THR M 171 -78.79 108.69 12.71
CA PRO M 172 -75.40 107.31 11.66
CA PHE M 173 -73.78 110.30 13.39
CA ASP M 174 -72.28 109.97 16.87
CA ASN M 175 -71.51 112.74 19.32
CA LYS M 176 -67.74 112.79 18.78
CA ILE M 177 -66.73 112.90 15.13
CA VAL M 178 -63.73 114.24 13.20
CA VAL M 179 -63.78 115.62 9.65
CA TYR M 180 -60.55 115.86 7.63
CA LYS M 181 -60.05 117.83 4.37
CA GLY M 182 -62.79 115.86 2.61
CA ASP M 183 -63.84 112.87 4.70
CA VAL M 184 -65.53 112.56 8.10
CA TYR M 185 -64.57 110.02 10.76
CA ASN M 186 -66.74 109.08 13.75
CA MET M 187 -63.90 108.25 16.08
CA ASP M 188 -64.75 109.28 19.63
CA TYR M 189 -61.92 111.78 19.91
CA PRO M 190 -60.26 112.84 23.13
CA PRO M 191 -61.67 116.37 23.37
CA PHE M 192 -60.05 119.80 23.70
CA GLY M 193 -56.94 119.91 25.87
CA ALA M 194 -56.72 116.11 26.07
CA GLY M 195 -54.19 115.45 23.32
CA ARG M 196 -51.49 113.21 24.71
CA PRO M 197 -47.91 113.18 23.34
CA GLY M 198 -48.04 111.22 20.13
CA GLN M 199 -51.82 111.13 20.27
CA PHE M 200 -54.18 112.50 17.60
CA GLY M 201 -54.85 116.07 18.62
CA ASP M 202 -51.76 116.79 20.72
CA ILE M 203 -51.65 120.13 18.92
CA GLN M 204 -55.13 121.24 19.81
CA SER M 205 -56.90 124.48 18.95
CA ARG M 206 -60.49 125.28 18.12
CA THR M 207 -60.29 127.06 14.77
CA PRO M 208 -57.23 126.93 12.43
CA GLU M 209 -56.45 130.61 13.12
CA SER M 210 -57.13 130.27 16.85
CA LYS M 211 -54.01 130.35 19.02
CA ASP M 212 -55.67 128.61 21.99
CA VAL M 213 -52.84 126.14 21.73
CA TYR M 214 -53.02 123.04 23.83
CA ALA M 215 -49.68 121.43 23.08
CA ASN M 216 -48.74 118.26 24.92
CA THR M 217 -46.40 116.82 22.31
CA GLN M 218 -43.02 116.17 24.06
CA LEU M 219 -40.85 119.20 23.30
CA VAL M 220 -37.60 118.08 24.96
CA LEU M 221 -33.89 118.37 24.07
CA GLN M 222 -31.27 115.93 25.34
CA ARG M 223 -27.74 117.50 24.80
CA PRO M 224 -25.25 118.09 22.01
CA ALA M 225 -22.57 116.04 23.70
CA ALA M 226 -19.21 117.78 23.38
CA GLY M 227 -18.52 118.00 19.70
CA THR M 228 -20.16 120.48 17.32
CA VAL M 229 -22.78 123.16 16.74
CA HIS M 230 -25.62 120.79 17.16
CA VAL M 231 -29.19 120.30 18.31
CA PRO M 232 -30.19 116.66 18.83
CA TYR M 233 -33.90 116.26 19.34
CA SER M 234 -35.70 113.50 21.14
CA GLN M 235 -38.97 113.26 19.27
CA ALA M 236 -42.09 115.32 19.26
CA PRO M 237 -44.56 112.54 18.37
CA SER M 238 -47.44 113.84 16.46
CA GLY M 239 -51.12 114.34 15.79
CA PHE M 240 -51.14 113.97 11.97
CA LYS M 241 -48.11 111.69 11.39
CA TYR M 242 -49.87 109.62 14.08
CA TRP M 243 -53.24 110.00 12.30
CA LEU M 244 -52.33 109.18 8.68
CA LYS M 245 -52.30 105.42 9.34
CA GLU M 246 -55.33 105.29 11.66
CA ARG M 247 -57.74 107.20 9.43
CA GLY M 248 -59.67 104.00 8.73
CA ALA M 249 -63.15 104.21 7.27
CA SER M 250 -65.28 107.30 6.74
CA LEU M 251 -68.97 107.54 7.64
CA GLN M 252 -69.83 106.78 4.01
CA HIS M 253 -67.85 103.58 4.65
CA THR M 254 -69.32 102.49 7.98
CA ALA M 255 -72.97 103.59 8.01
CA PRO M 256 -75.61 100.85 8.12
CA PHE M 257 -78.53 100.81 5.67
CA GLY M 258 -75.79 101.10 3.02
CA CYS M 259 -76.11 104.79 2.22
CA GLN M 260 -73.30 107.26 1.74
CA ILE M 261 -72.77 110.40 3.76
CA ALA M 262 -72.64 113.63 1.76
CA THR M 263 -70.16 116.14 3.10
CA ASN M 264 -69.45 119.90 3.26
CA PRO M 265 -71.65 120.37 5.34
CA VAL M 266 -72.01 116.75 6.47
CA ARG M 267 -75.38 114.97 6.19
CA ALA M 268 -76.73 111.49 5.50
CA VAL M 269 -78.26 110.89 2.09
CA ASN M 270 -81.07 108.31 1.72
CA CYS M 271 -80.70 105.44 4.12
CA ALA M 272 -83.98 103.62 3.43
CA VAL M 273 -85.33 103.47 6.99
CA GLY M 274 -88.93 103.74 8.14
CA ASN M 275 -91.76 105.38 6.23
CA MET M 276 -93.01 108.77 5.02
CA PRO M 277 -96.38 110.12 6.18
CA ILE M 278 -97.50 112.14 3.15
CA SER M 279 -100.56 114.37 3.45
CA ILE M 280 -101.49 115.60 -0.03
CA ASP M 281 -104.75 117.14 -1.25
CA ILE M 282 -106.89 116.87 -4.38
CA PRO M 283 -110.07 118.75 -5.31
CA GLU M 284 -112.98 117.28 -7.15
CA ALA M 285 -112.65 120.09 -9.71
CA ALA M 286 -109.28 119.35 -11.34
CA PHE M 287 -110.20 115.66 -11.09
CA THR M 288 -112.86 113.97 -13.17
CA ARG M 289 -116.12 112.18 -12.49
CA VAL M 290 -117.07 108.51 -12.45
CA VAL M 291 -119.74 109.17 -15.09
CA ASP M 292 -117.47 110.56 -17.84
CA ALA M 293 -114.89 107.96 -16.93
CA PRO M 294 -115.99 104.72 -18.62
CA SER M 295 -117.68 102.17 -16.39
CA LEU M 296 -116.45 98.71 -17.24
CA THR M 297 -117.60 95.09 -17.18
CA ASP M 298 -116.74 91.83 -18.97
CA MET M 299 -113.30 91.71 -17.35
CA SER M 300 -111.95 88.18 -17.80
CA CYS M 301 -109.24 87.39 -15.26
CA GLU M 302 -106.06 85.87 -16.67
CA VAL M 303 -102.33 86.48 -16.89
CA PRO M 304 -100.05 85.64 -19.76
CA ALA M 305 -97.33 84.98 -17.15
CA CYS M 306 -96.12 86.07 -13.74
CA THR M 307 -92.85 85.36 -11.92
CA HIS M 308 -92.89 85.83 -8.15
CA SER M 309 -89.51 87.37 -7.39
CA SER M 310 -88.38 90.95 -6.77
CA ASP M 311 -88.47 91.57 -10.53
CA PHE M 312 -91.32 92.91 -12.68
CA GLY M 313 -91.81 89.40 -14.05
CA GLY M 314 -95.58 89.65 -13.88
CA VAL M 315 -98.15 90.99 -16.30
CA ALA M 316 -101.91 90.55 -16.54
CA ILE M 317 -104.04 90.91 -19.67
CA ILE M 318 -107.65 91.83 -19.02
CA LYS M 319 -110.13 91.36 -21.86
CA TYR M 320 -113.13 93.57 -21.22
CA ALA M 321 -115.86 95.91 -22.45
CA ALA M 322 -116.11 99.41 -20.97
CA SER M 323 -118.68 102.10 -21.78
CA LYS M 324 -117.20 105.41 -22.98
CA LYS M 325 -113.91 106.93 -24.04
CA GLY M 326 -111.61 108.01 -21.24
CA LYS M 327 -108.63 107.20 -19.04
CA CYS M 328 -108.73 104.89 -16.05
CA ALA M 329 -106.79 103.75 -12.97
CA VAL M 330 -105.66 100.31 -11.75
CA HIS M 331 -105.34 99.18 -8.13
CA SER M 332 -105.04 95.85 -6.38
CA MET M 333 -105.30 95.81 -2.57
CA THR M 334 -102.66 93.10 -2.56
CA ASN M 335 -99.71 95.22 -1.51
CA ALA M 336 -97.16 92.41 -1.85
CA VAL M 337 -97.99 92.36 -5.57
CA THR M 338 -97.00 95.82 -6.78
CA ILE M 339 -98.54 96.89 -10.09
CA ARG M 340 -96.23 98.82 -12.40
CA GLU M 341 -98.62 101.16 -14.23
CA ALA M 342 -102.14 102.34 -13.45
CA GLU M 343 -103.15 105.14 -15.82
CA ILE M 344 -104.46 103.65 -19.06
CA GLU M 345 -106.83 105.15 -21.61
CA VAL M 346 -110.43 102.10 -21.65
CA GLU M 347 -112.33 103.21 -24.79
CA GLY M 348 -115.28 100.83 -24.45
CA ASN M 349 -114.88 97.32 -25.85
CA SER M 350 -111.14 96.65 -25.77
CA GLN M 351 -108.28 94.92 -23.94
CA LEU M 352 -105.57 96.49 -21.79
CA GLN M 353 -102.32 95.51 -20.12
CA ILE M 354 -100.95 95.91 -16.62
CA SER M 355 -97.57 94.59 -15.52
CA PHE M 356 -96.59 93.98 -11.92
CA SER M 357 -93.88 92.83 -9.58
CA THR M 358 -95.15 89.52 -8.35
CA ALA M 359 -95.41 87.91 -4.93
CA LEU M 360 -97.96 85.11 -4.77
CA ALA M 361 -97.44 81.67 -6.28
CA SER M 362 -101.17 81.43 -7.00
CA ALA M 363 -101.89 85.14 -7.45
CA GLU M 364 -105.65 85.07 -6.83
CA PHE M 365 -106.43 88.69 -5.98
CA ARG M 366 -108.78 91.50 -7.01
CA VAL M 367 -108.17 94.70 -8.95
CA GLN M 368 -110.14 97.88 -8.31
CA VAL M 369 -110.55 99.47 -11.73
CA CYS M 370 -112.09 102.97 -11.25
CA SER M 371 -114.60 102.17 -8.46
CA THR M 372 -115.39 98.80 -10.11
CA GLN M 373 -114.15 95.54 -8.69
CA VAL M 374 -112.84 92.63 -10.73
CA HIS M 375 -110.91 89.66 -9.41
CA CYS M 376 -107.62 88.73 -11.10
CA ALA M 377 -106.69 85.06 -11.49
CA ALA M 378 -103.09 83.87 -11.85
CA GLU M 379 -100.86 80.86 -11.28
CA CYS M 380 -97.33 82.17 -11.11
CA HIS M 381 -93.17 81.16 -12.29
CA PRO M 382 -90.70 80.35 -9.54
CA PRO M 383 -87.69 82.68 -9.43
CA LYS M 384 -84.98 81.61 -11.86
CA ARG M 385 -82.20 83.36 -13.78
CA THR M 386 -84.36 87.25 -13.10
CA THR M 387 -80.06 87.77 -11.97
CA VAL M 388 -77.70 89.91 -9.82
CA TYR M 389 -77.82 93.56 -10.42
CA TYR M 390 -82.25 94.23 -10.38
CA PRO M 391 -81.85 97.60 -8.65
CA ALA M 392 -85.01 97.35 -6.52
CA SER M 393 -87.27 95.12 -4.48
CA HIS M 394 -90.98 95.42 -3.72
CA THR M 395 -92.55 91.72 -1.76
CA THR M 396 -93.66 90.60 1.70
CA LEU M 397 -93.90 86.82 1.94
CA GLY M 398 -94.12 85.12 5.30
CA VAL M 399 -97.20 87.09 6.20
CA GLN M 400 -100.19 84.09 7.42
CA ASP M 401 -101.76 83.06 4.12
CA ILE M 402 -99.35 81.46 1.64
CA SER M 403 -102.20 79.69 -0.18
CA ALA M 404 -100.84 78.42 -3.49
CA THR M 405 -101.60 75.57 -5.92
CA ALA M 406 -100.19 73.00 -3.46
CA MET M 407 -102.21 74.42 -0.54
CA SER M 408 -105.36 72.69 -1.84
CA TRP M 409 -104.12 69.44 -0.28
CA VAL M 410 -103.21 71.24 2.95
CA GLN M 411 -106.28 73.44 3.34
CA LYS M 412 -108.99 71.03 2.15
CA ILE M 413 -108.31 67.36 2.76
CA THR M 414 -106.26 67.19 5.94
CA GLY M 415 -108.04 70.27 7.21
CA GLY M 416 -111.18 68.13 7.14
CA VAL M 417 -109.89 65.43 9.48
CA GLY M 418 -111.18 66.90 12.73
CA LEU M 419 -114.77 65.66 12.53
CA VAL M 420 -114.09 62.50 14.47
CA VAL M 421 -114.19 64.05 17.97
CA ALA M 422 -117.96 63.42 18.35
CA VAL M 423 -117.77 59.61 18.74
CA ALA M 424 -117.09 59.70 22.49
CA ALA M 425 -120.08 62.03 22.86
CA LEU M 426 -122.28 60.54 20.12
CA ILE M 427 -123.84 57.46 21.73
CA LEU M 428 -120.97 56.91 24.15
CA ILE M 429 -122.57 59.71 26.21
CA VAL M 430 -125.00 57.18 27.73
CA VAL M 431 -121.90 55.33 28.97
CA LEU M 432 -119.39 58.11 29.61
CA CYS M 433 -119.28 60.25 32.72
CA VAL M 434 -118.59 59.91 36.43
CA SER M 435 -121.30 62.50 37.08
CA PHE M 436 -122.23 64.69 34.08
CA SER M 437 -124.32 63.34 31.32
CA ARG M 438 -127.46 61.30 31.06
CA HIS M 439 -130.79 61.87 32.82
CA ASN N 1 -39.52 139.63 -7.15
CA PHE N 2 -37.98 137.37 -4.46
CA ASN N 3 -36.02 140.35 -3.12
CA VAL N 4 -35.03 138.62 0.12
CA TYR N 5 -32.73 135.95 -1.34
CA LYS N 6 -30.38 138.75 -2.34
CA ALA N 7 -29.07 140.42 0.85
CA THR N 8 -28.71 137.01 2.55
CA ARG N 9 -25.75 134.68 2.80
CA PRO N 10 -25.30 130.92 3.17
CA TYR N 11 -23.58 129.09 5.98
CA LEU N 12 -21.05 126.25 5.91
CA ALA N 13 -22.15 123.77 8.54
CA HIS N 14 -21.64 120.13 9.43
CA CYS N 15 -23.56 117.67 7.32
CA PRO N 16 -24.55 114.62 9.43
CA ASP N 17 -23.13 112.45 6.64
CA CYS N 18 -21.24 114.05 3.75
CA GLY N 19 -21.23 110.78 1.83
CA GLU N 20 -18.54 108.06 2.09
CA GLY N 21 -20.14 106.78 5.31
CA HIS N 22 -18.80 109.70 7.37
CA SER N 23 -19.43 113.39 7.99
CA CYS N 24 -17.84 116.79 7.46
CA HIS N 25 -18.87 120.39 6.85
CA SER N 26 -21.07 121.41 4.00
CA PRO N 27 -22.64 124.29 2.07
CA VAL N 28 -25.62 121.98 1.50
CA ALA N 29 -26.03 121.09 5.18
CA LEU N 30 -29.79 120.50 5.44
CA GLU N 31 -31.93 122.28 8.03
CA ARG N 32 -35.56 121.60 7.09
CA ILE N 33 -37.43 118.67 5.51
CA ARG N 34 -41.10 118.87 4.46
CA ASN N 35 -43.25 116.50 2.41
CA GLU N 36 -46.78 117.39 3.58
CA ALA N 37 -47.77 117.43 -0.12
CA THR N 38 -49.92 114.32 -0.60
CA ASP N 39 -48.72 113.77 -4.16
CA GLY N 40 -45.27 113.15 -2.66
CA THR N 41 -43.28 116.23 -3.66
CA LEU N 42 -40.68 117.00 -1.00
CA LYS N 43 -39.63 120.51 0.03
CA ILE N 44 -36.18 120.94 1.54
CA GLN N 45 -34.49 124.18 2.51
CA VAL N 46 -30.82 123.85 1.60
CA SER N 47 -28.39 126.00 3.57
CA LEU N 48 -27.16 127.84 0.49
CA GLN N 49 -29.43 129.49 -2.03
CA ILE N 50 -29.72 128.73 -5.72
CA GLY N 51 -30.72 130.92 -8.62
CA ILE N 52 -29.08 134.19 -7.50
CA LYS N 53 -25.38 135.05 -7.65
CA THR N 54 -23.50 137.00 -4.99
CA ASP N 55 -24.51 140.13 -6.94
CA ASP N 56 -27.78 140.07 -4.92
CA SER N 57 -29.72 140.42 -8.17
CA HIS N 58 -32.81 138.99 -9.91
CA ASP N 59 -30.53 136.33 -11.41
CA TRP N 60 -31.27 132.78 -12.43
CA THR N 61 -28.04 131.51 -13.96
CA LYS N 62 -25.89 130.85 -10.87
CA LEU N 63 -26.15 130.01 -7.16
CA ARG N 64 -24.81 131.64 -4.01
CA TYR N 65 -22.92 129.28 -1.73
CA MET N 66 -20.69 129.88 1.28
CA ASP N 67 -16.91 129.52 0.95
CA ASN N 68 -13.77 131.16 2.39
CA HIS N 69 -15.60 133.34 4.96
CA MET N 70 -17.83 134.80 2.23
CA PRO N 71 -20.70 133.98 -0.15
CA ALA N 72 -19.21 132.36 -3.25
CA ASP N 73 -20.80 131.57 -6.61
CA ALA N 74 -21.41 128.34 -8.46
CA GLU N 75 -23.59 127.59 -11.47
CA ARG N 76 -27.32 126.94 -11.32
CA ALA N 77 -27.22 123.65 -13.24
CA GLY N 78 -24.66 121.94 -10.97
CA LEU N 79 -27.27 120.34 -8.70
CA PHE N 80 -27.83 116.60 -8.26
CA VAL N 81 -29.97 114.68 -5.76
CA ARG N 82 -30.46 110.99 -5.04
CA THR N 83 -32.86 109.32 -2.61
CA SER N 84 -32.35 105.74 -3.75
CA ALA N 85 -32.14 106.54 -7.47
CA PRO N 86 -31.06 109.89 -8.91
CA CYS N 87 -34.49 111.41 -8.75
CA THR N 88 -36.29 114.14 -10.63
CA ILE N 89 -36.84 117.83 -9.83
CA THR N 90 -40.03 119.88 -10.23
CA GLY N 91 -38.88 123.45 -9.50
CA THR N 92 -36.33 125.09 -7.19
CA ILE N 93 -35.85 128.74 -6.18
CA GLY N 94 -33.95 130.46 -3.37
CA HIS N 95 -32.71 128.37 -0.44
CA PHE N 96 -35.39 125.83 -1.31
CA ILE N 97 -35.33 122.56 -3.27
CA LEU N 98 -38.30 120.52 -4.50
CA ALA N 99 -38.07 117.06 -6.05
CA ARG N 100 -40.34 114.44 -7.62
CA CYS N 101 -39.34 110.90 -6.66
CA PRO N 102 -40.86 107.87 -4.89
CA LYS N 103 -40.12 105.91 -1.70
CA GLY N 104 -36.62 106.00 -0.25
CA GLU N 105 -35.10 106.12 3.21
CA THR N 106 -31.74 107.64 2.32
CA LEU N 107 -31.40 110.95 0.53
CA THR N 108 -28.24 112.79 -0.44
CA VAL N 109 -27.89 116.23 -2.00
CA GLY N 110 -25.10 117.62 -4.14
CA PHE N 111 -24.15 120.35 -6.53
CA THR N 112 -21.15 120.61 -8.83
CA ASP N 113 -19.52 123.83 -7.68
CA SER N 114 -17.17 126.25 -9.46
CA ARG N 115 -14.22 123.93 -8.75
CA LYS N 116 -16.08 120.81 -10.02
CA ILE N 117 -16.36 118.80 -6.79
CA SER N 118 -19.32 117.17 -5.06
CA HIS N 119 -20.58 119.08 -2.05
CA SER N 120 -22.31 116.02 -0.67
CA CYS N 121 -24.72 115.75 2.24
CA THR N 122 -26.53 112.47 2.88
CA HIS N 123 -29.63 112.39 5.08
CA PRO N 124 -31.87 109.64 6.47
CA PHE N 125 -35.49 110.38 5.68
CA HIS N 126 -38.02 107.70 4.79
CA HIS N 127 -39.60 109.68 1.99
CA ASP N 128 -43.11 108.52 1.42
CA PRO N 129 -45.80 109.70 -0.91
CA PRO N 130 -48.95 108.38 0.77
CA VAL N 131 -51.16 105.84 -0.95
CA ILE N 132 -52.99 108.46 -2.96
CA GLY N 133 -56.64 108.03 -3.86
CA ARG N 134 -57.78 104.48 -3.25
CA GLU N 135 -55.16 102.54 -5.23
CA LYS N 136 -51.61 101.24 -4.82
CA PHE N 137 -50.21 102.31 -8.18
CA HIS N 138 -47.11 104.32 -9.00
CA SER N 139 -48.08 106.34 -12.09
CA ARG N 140 -51.29 107.12 -13.94
CA PRO N 141 -52.53 106.45 -17.47
CA GLN N 142 -55.19 108.45 -19.26
CA HIS N 143 -57.97 106.67 -17.35
CA GLY N 144 -58.14 108.00 -13.82
CA LYS N 145 -60.56 109.57 -11.40
CA GLU N 146 -60.34 112.97 -9.68
CA LEU N 147 -59.28 113.44 -6.06
CA PRO N 148 -58.05 116.64 -4.46
CA CYS N 149 -54.46 116.37 -3.29
CA SER N 150 -52.02 118.65 -1.51
CA THR N 151 -49.11 119.82 -3.62
CA TYR N 152 -46.80 122.82 -3.83
CA VAL N 153 -47.42 125.88 -5.97
CA GLN N 154 -44.35 127.13 -7.85
CA SER N 155 -44.68 130.67 -6.45
CA THR N 156 -41.63 132.39 -4.94
CA ALA N 157 -43.49 135.52 -3.76
CA ALA N 158 -45.32 133.70 -0.97
CA THR N 159 -45.93 134.71 2.63
CA THR N 160 -47.92 133.88 5.84
CA GLU N 161 -45.34 131.25 6.67
CA GLU N 162 -42.07 132.95 7.42
CA ILE N 163 -38.46 132.18 8.26
CA GLU N 164 -36.70 135.02 10.05
CA VAL N 165 -33.36 136.50 8.99
CA HIS N 166 -30.64 137.90 11.23
CA MET N 167 -27.03 139.00 11.20
CA PRO N 168 -24.55 136.10 11.39
CA PRO N 169 -22.52 136.33 14.60
CA ASP N 170 -19.22 134.76 13.59
CA THR N 171 -17.40 132.67 10.99
CA PRO N 172 -14.12 131.47 12.45
CA ASP N 173 -10.90 129.85 11.28
CA HIS N 174 -8.00 127.97 12.84
CA THR N 175 -6.18 128.08 9.48
CA LEU N 176 -5.81 131.87 9.97
CA MET N 177 -3.18 131.17 12.66
CA SER N 178 0.41 130.46 11.71
CA GLN N 179 3.11 130.34 14.37
CA GLN N 180 6.63 131.73 13.97
CA SER N 181 8.17 129.55 16.71
CA GLY N 182 6.12 130.88 19.61
CA ASN N 183 4.99 133.99 17.70
CA VAL N 184 1.57 133.89 16.01
CA LYS N 185 1.59 135.24 12.50
CA ILE N 186 -2.20 135.38 12.70
CA THR N 187 -3.60 135.78 9.18
CA VAL N 188 -6.58 138.14 9.02
CA ASN N 189 -7.08 138.87 5.28
CA GLY N 190 -9.03 142.06 5.88
CA GLN N 191 -11.97 140.87 8.00
CA THR N 192 -13.26 141.46 11.53
CA VAL N 193 -11.30 138.73 13.32
CA ARG N 194 -12.73 138.33 16.82
CA TYR N 195 -8.74 137.02 18.48
CA LYS N 196 -9.77 137.39 22.10
CA CYS N 197 -7.41 134.76 23.37
CA ASN N 198 -4.95 133.69 26.04
CA CYS N 199 -1.81 135.11 24.40
CA GLY N 200 -2.89 138.36 26.88
CA GLY N 201 -5.72 138.00 24.41
CA SER N 202 -5.01 140.04 21.36
CA ASN N 203 -3.59 141.39 24.24
CA GLU N 204 -7.26 142.08 23.83
CA GLY N 205 -9.80 142.83 21.11
CA LEU N 206 -10.96 142.35 17.50
CA THR N 207 -8.72 143.16 14.56
CA THR N 208 -9.52 143.90 10.94
CA THR N 209 -5.99 144.16 9.48
CA ASP N 210 -3.30 141.47 9.35
CA LYS N 211 -1.43 140.90 12.61
CA VAL N 212 1.86 139.33 13.63
CA ILE N 213 1.83 138.80 17.40
CA ASN N 214 4.76 137.46 19.39
CA ASN N 215 4.82 135.35 22.61
CA CYS N 216 1.98 133.07 21.55
CA LYS N 217 1.29 129.62 20.08
CA VAL N 218 -1.93 127.91 18.85
CA ASP N 219 -2.47 126.62 22.41
CA GLN N 220 -3.16 130.25 23.41
CA CYS N 221 -5.11 131.68 20.48
CA HIS N 222 -7.93 131.71 17.90
CA ALA N 223 -9.14 133.62 14.82
CA ALA N 224 -12.81 134.37 14.20
CA VAL N 225 -14.28 136.54 11.45
CA THR N 226 -17.46 138.10 12.78
CA ASN N 227 -19.20 138.37 9.42
CA HIS N 228 -21.37 141.46 9.14
CA LYS N 229 -22.20 142.18 5.49
CA LYS N 230 -25.19 140.00 4.52
CA TRP N 231 -28.07 138.43 6.43
CA GLN N 232 -28.27 134.96 7.95
CA TYR N 233 -31.59 133.21 8.43
CA ASN N 234 -32.66 131.31 11.52
CA SER N 235 -31.14 127.88 11.02
CA PRO N 236 -30.46 125.16 13.62
CA LEU N 237 -26.88 124.87 12.30
CA VAL N 238 -25.74 128.50 12.68
CA PRO N 239 -26.00 129.96 16.21
CA ARG N 240 -26.69 133.31 17.92
CA ASN N 241 -24.46 136.14 19.16
CA ALA N 242 -24.78 135.38 22.95
CA GLU N 243 -27.98 137.26 23.47
CA LEU N 244 -29.87 137.73 20.24
CA GLY N 245 -28.82 136.46 16.87
CA ASP N 246 -32.53 136.07 16.38
CA ARG N 247 -32.45 139.74 15.46
CA LYS N 248 -34.95 141.47 13.25
CA GLY N 249 -35.29 140.76 9.53
CA LYS N 250 -37.58 138.92 7.11
CA ILE N 251 -36.99 136.43 4.33
CA HIS N 252 -40.28 135.30 2.85
CA ILE N 253 -41.20 131.80 1.74
CA PRO N 254 -41.51 130.26 -1.71
CA PHE N 255 -43.77 127.37 -2.76
CA PRO N 256 -47.19 127.58 -1.03
CA LEU N 257 -49.59 124.64 -0.90
CA ALA N 258 -52.65 123.81 -2.97
CA ASN N 259 -55.52 121.43 -2.21
CA VAL N 260 -55.91 120.71 -5.92
CA THR N 261 -56.44 117.86 -8.34
CA CYS N 262 -54.31 114.75 -8.47
CA ARG N 263 -55.44 111.75 -10.48
CA VAL N 264 -55.49 108.10 -9.44
CA PRO N 265 -56.10 105.36 -12.04
CA LYS N 266 -59.31 103.40 -11.99
CA ALA N 267 -58.81 99.68 -11.55
CA ARG N 268 -59.77 97.57 -14.53
CA ASN N 269 -63.06 95.72 -14.25
CA PRO N 270 -62.85 92.06 -13.24
CA THR N 271 -65.05 89.30 -14.58
CA VAL N 272 -68.20 88.53 -12.60
CA THR N 273 -70.38 85.41 -12.56
CA TYR N 274 -72.85 83.62 -10.30
CA GLY N 275 -72.51 80.96 -7.64
CA LYS N 276 -74.77 79.28 -5.07
CA ASN N 277 -76.70 82.29 -3.68
CA GLN N 278 -73.46 84.16 -4.30
CA VAL N 279 -70.94 85.61 -6.74
CA ILE N 280 -68.00 83.64 -8.13
CA MET N 281 -65.65 86.03 -9.91
CA LEU N 282 -62.01 85.99 -10.94
CA LEU N 283 -60.56 89.22 -9.59
CA TYR N 284 -58.10 91.24 -11.69
CA PRO N 285 -55.49 93.47 -10.09
CA ASP N 286 -51.98 93.72 -11.48
CA HIS N 287 -50.87 96.46 -9.10
CA PRO N 288 -52.26 96.28 -5.51
CA THR N 289 -55.95 97.10 -5.39
CA LEU N 290 -58.44 97.15 -2.53
CA LEU N 291 -61.70 95.24 -2.15
CA SER N 292 -64.48 96.36 0.18
CA TYR N 293 -67.97 94.90 0.56
CA ARG N 294 -70.87 95.52 2.95
CA ASN N 295 -74.58 94.73 2.96
CA MET N 296 -77.90 96.58 3.11
CA GLY N 297 -78.96 95.03 6.41
CA GLU N 298 -79.21 96.59 9.85
CA GLU N 299 -75.64 95.33 10.31
CA PRO N 300 -72.94 96.63 7.93
CA ASN N 301 -71.10 93.32 7.31
CA TYR N 302 -68.20 95.44 6.16
CA GLN N 303 -64.91 93.81 5.12
CA GLU N 304 -61.85 95.39 3.50
CA GLU N 305 -58.81 93.77 1.91
CA TRP N 306 -56.12 94.60 -0.66
CA VAL N 307 -55.11 92.43 -3.62
CA MET N 308 -52.38 92.60 -6.25
CA HIS N 309 -52.82 89.13 -7.70
CA LYS N 310 -55.30 87.59 -10.12
CA LYS N 311 -57.36 85.33 -7.88
CA GLU N 312 -60.81 83.83 -7.43
CA VAL N 313 -62.96 85.46 -4.76
CA VAL N 314 -66.28 83.97 -3.63
CA LEU N 315 -68.75 86.73 -2.83
CA THR N 316 -71.71 85.60 -0.72
CA VAL N 317 -74.79 87.69 -1.44
CA PRO N 318 -77.60 87.72 1.15
CA THR N 319 -81.16 88.06 -0.17
CA GLU N 320 -81.16 91.74 0.86
CA GLY N 321 -78.02 92.18 -1.26
CA LEU N 322 -74.66 93.79 -0.66
CA GLU N 323 -72.19 96.15 -2.28
CA VAL N 324 -68.67 95.62 -3.56
CA THR N 325 -66.13 98.36 -4.40
CA TRP N 326 -63.13 97.78 -6.66
CA GLY N 327 -60.21 100.14 -6.95
CA ASN N 328 -61.38 103.54 -8.06
CA ASN N 329 -64.61 102.25 -9.61
CA GLU N 330 -68.14 102.79 -8.36
CA PRO N 331 -69.76 100.28 -5.96
CA TYR N 332 -71.61 97.33 -7.46
CA LYS N 333 -74.75 96.17 -5.62
CA TYR N 334 -76.26 92.73 -6.09
CA TRP N 335 -79.54 90.90 -5.52
CA PRO N 336 -79.45 87.11 -5.49
CA GLN N 337 -81.66 84.24 -6.55
CA LEU N 338 -81.27 80.51 -6.02
CA SER N 339 -78.87 77.16 -7.00
CA THR N 340 -80.70 75.12 -10.35
CA ASN N 341 -79.69 71.02 -9.86
CA GLY N 342 -82.26 68.85 -8.09
CA THR N 343 -82.97 65.01 -9.88
CA ALA N 344 -86.48 64.06 -10.78
CA HIS N 345 -89.90 65.05 -8.39
CA GLY N 346 -93.28 63.50 -8.95
CA HIS N 347 -96.52 63.85 -8.58
CA PRO N 348 -98.07 60.69 -8.61
CA HIS N 349 -97.62 62.68 -4.82
CA GLU N 350 -94.27 64.49 -4.43
CA ILE N 351 -93.89 68.06 -5.67
CA ILE N 352 -91.84 69.62 -2.89
CA LEU N 353 -88.85 69.93 -5.17
CA TYR N 354 -91.13 72.59 -6.60
CA TYR N 355 -90.81 73.89 -3.02
CA TYR N 356 -87.05 73.23 -2.95
CA GLU N 357 -85.99 75.96 -5.40
CA LEU N 358 -88.86 77.97 -3.90
CA TYR N 359 -86.79 80.30 -1.64
CA PRO N 360 -84.97 77.60 0.42
CA THR N 361 -83.98 77.66 4.07
CA MET N 362 -87.61 78.82 4.01
CA THR N 363 -90.56 76.60 3.01
CA VAL N 364 -88.00 73.80 2.81
CA VAL N 365 -87.09 73.69 6.52
CA VAL N 366 -89.40 76.26 8.12
CA VAL N 367 -92.19 74.24 6.62
CA SER N 368 -90.68 71.26 8.47
CA VAL N 369 -91.03 72.89 11.89
CA ALA N 370 -94.58 73.79 10.86
CA THR N 371 -95.67 70.22 10.22
CA PHE N 372 -96.21 69.70 13.95
CA ILE N 373 -99.76 70.99 13.47
CA LEU N 374 -99.90 68.24 10.85
CA LEU N 375 -98.20 65.79 13.23
CA SER N 376 -100.37 66.44 16.29
CA MET N 377 -102.56 63.49 15.25
CA VAL N 378 -100.74 60.54 16.79
CA GLY N 379 -101.43 61.25 20.47
CA MET N 380 -104.89 62.45 19.48
CA ALA N 381 -105.43 58.87 18.26
CA ALA N 382 -103.98 57.28 21.40
CA GLY N 383 -105.97 58.28 24.52
CA MET N 384 -108.87 58.55 22.12
CA CYS N 385 -108.58 54.80 21.71
CA MET N 386 -107.90 53.90 25.38
CA CYS N 387 -111.43 55.21 25.90
CA ALA N 388 -112.39 52.86 23.04
CA ARG N 389 -110.79 49.53 24.00
CA ARG N 390 -109.68 49.77 27.63
CA ARG N 391 -113.14 50.93 28.73
CA CYS N 392 -115.01 48.19 26.84
CA ILE N 393 -115.46 45.70 29.67
CA THR N 394 -114.29 48.15 32.35
CA PRO N 395 -116.74 50.84 33.52
CA TYR N 396 -120.36 49.66 34.09
CA GLU N 397 -121.34 46.10 35.01
CA LEU N 398 -124.91 47.07 35.72
CA THR N 399 -126.87 45.53 32.84
CA PRO N 400 -126.33 41.76 32.63
CA GLY N 401 -125.33 40.23 29.25
CA ALA N 402 -121.94 38.50 30.04
CA THR N 403 -120.76 40.74 27.14
CA VAL N 404 -122.21 42.81 24.33
CA PRO N 405 -123.38 39.93 22.09
CA PHE N 406 -123.85 41.90 18.87
CA LEU N 407 -122.13 45.28 18.88
CA LEU N 408 -118.53 44.27 19.53
CA SER N 409 -116.83 44.70 16.13
CA LEU N 410 -118.41 48.15 16.43
CA ILE N 411 -116.20 48.41 19.55
CA CYS N 412 -113.35 45.94 18.66
CA CYS N 413 -111.63 45.77 21.98
CA ILE N 414 -108.55 43.66 22.72
CA ARG N 415 -106.78 40.57 21.38
CA THR N 416 -109.44 40.52 18.69
CA ALA N 417 -109.02 36.83 17.99
CA LYS N 418 -112.05 34.62 18.80
CA ALA N 419 -114.18 32.55 16.34
CA TYR O 1 21.25 20.55 33.63
CA GLU O 2 22.98 20.07 36.99
CA HIS O 3 23.06 16.29 37.31
CA VAL O 4 23.61 15.58 41.00
CA THR O 5 24.30 11.87 41.48
CA VAL O 6 25.55 9.75 44.35
CA ILE O 7 28.12 7.14 43.29
CA PRO O 8 29.20 4.36 45.66
CA ASN O 9 32.75 3.87 46.93
CA THR O 10 34.64 1.09 45.15
CA VAL O 11 37.82 0.00 43.53
CA GLY O 12 37.46 0.45 39.78
CA VAL O 13 33.87 -0.78 39.31
CA PRO O 14 32.10 1.39 36.71
CA TYR O 15 28.75 2.41 38.16
CA LYS O 16 26.16 3.12 35.47
CA THR O 17 25.15 6.75 35.93
CA LEU O 18 21.95 7.78 34.18
CA VAL O 19 22.51 11.25 32.81
CA ASN O 20 18.94 11.84 31.67
CA ARG O 21 18.56 14.94 29.59
CA PRO O 22 15.60 17.28 30.15
CA GLY O 23 13.52 16.44 27.10
CA TYR O 24 16.24 14.82 25.03
CA SER O 25 17.71 11.35 24.57
CA PRO O 26 19.86 10.50 27.62
CA MET O 27 23.51 9.54 27.51
CA VAL O 28 23.87 7.14 30.44
CA LEU O 29 27.54 7.31 31.40
CA GLU O 30 29.43 5.00 33.74
CA MET O 31 32.02 6.16 36.28
CA GLU O 32 34.50 4.36 38.50
CA LEU O 33 36.69 5.86 41.18
CA LEU O 34 40.30 4.84 41.66
CA SER O 35 41.67 6.21 44.94
CA VAL O 36 40.08 7.63 48.10
CA THR O 37 43.05 9.48 49.55
CA LEU O 38 42.09 10.90 52.94
CA GLU O 39 44.93 12.30 55.00
CA PRO O 40 45.25 12.74 58.75
CA THR O 41 47.46 15.36 60.36
CA LEU O 42 50.86 14.95 61.90
CA SER O 43 51.74 16.70 65.15
CA LEU O 44 54.96 15.71 66.88
CA ASP O 45 54.82 14.55 70.47
CA TYR O 46 58.32 13.07 70.52
CA ILE O 47 60.77 11.00 68.58
CA THR O 48 62.85 8.29 70.17
CA CYS O 49 66.34 6.99 69.51
CA GLU O 50 68.56 4.24 70.74
CA TYR O 51 70.45 5.00 73.90
CA LYS O 52 74.09 6.02 73.74
CA THR O 53 75.67 5.71 77.15
CA VAL O 54 78.62 7.95 76.33
CA ILE O 55 81.13 6.79 78.92
CA PRO O 56 84.25 8.98 79.12
CA SER O 57 87.34 7.99 81.05
CA PRO O 58 86.89 7.25 84.77
CA TYR O 59 87.90 9.62 87.56
CA VAL O 60 90.49 7.84 89.70
CA LYS O 61 92.49 9.15 92.67
CA CYS O 62 95.71 7.85 94.23
CA CYS O 63 95.64 7.22 98.01
CA GLY O 64 92.62 9.48 98.38
CA THR O 65 88.88 9.64 98.01
CA ALA O 66 87.52 10.75 94.65
CA GLU O 67 84.57 13.16 94.65
CA CYS O 68 81.14 13.04 93.02
CA LYS O 69 80.65 16.36 91.24
CA ASP O 70 77.00 16.36 90.20
CA LYS O 71 75.88 18.40 87.22
CA ASN O 72 73.31 18.21 84.52
CA LEU O 73 74.09 15.78 81.74
CA PRO O 74 71.29 13.87 79.96
CA ASP O 75 70.74 11.01 82.44
CA TYR O 76 73.87 12.03 84.34
CA SER O 77 75.55 9.43 86.52
CA CYS O 78 78.78 9.38 88.47
CA LYS O 79 79.62 7.22 91.48
CA VAL O 80 82.94 7.08 93.30
CA PHE O 81 84.23 3.53 93.64
CA THR O 82 86.64 3.23 96.51
CA GLY O 83 89.25 0.69 97.50
CA VAL O 84 89.94 -0.53 93.97
CA TYR O 85 93.53 -1.51 93.19
CA PRO O 86 93.51 -1.06 89.41
CA PHE O 87 96.00 -2.71 87.09
CA MET O 88 97.41 -1.72 83.73
CA TRP O 89 99.82 -3.62 81.43
CA GLY O 90 102.73 -3.65 83.82
CA GLY O 91 100.63 -4.46 86.87
CA ALA O 92 98.95 -2.00 89.18
CA TYR O 93 98.08 1.58 88.24
CA CYS O 94 99.25 2.73 91.66
CA PHE O 95 100.89 1.21 94.74
CA CYS O 96 98.41 2.25 97.29
CA ASP O 97 98.24 -0.70 99.67
CA ALA O 98 94.45 -0.87 99.32
CA GLU O 99 92.91 2.84 98.46
CA ASN O 100 92.40 3.92 94.91
CA THR O 101 89.04 5.59 94.42
CA GLN O 102 87.72 5.61 90.87
CA LEU O 103 84.60 7.52 89.89
CA SER O 104 82.96 6.21 86.73
CA GLU O 105 81.20 8.80 84.59
CA ALA O 106 78.35 7.74 82.33
CA HIS O 107 75.44 9.59 80.77
CA VAL O 108 73.26 9.19 77.68
CA GLU O 109 72.86 11.29 74.53
CA LYS O 110 70.75 10.99 71.38
CA SER O 111 71.73 9.22 68.20
CA GLU O 112 73.25 10.33 64.94
CA SER O 113 71.37 7.37 63.48
CA CYS O 114 68.09 8.66 64.92
CA LYS O 115 68.70 11.96 63.13
CA THR O 116 67.59 10.33 59.88
CA GLU O 117 66.12 6.93 60.83
CA PHE O 118 64.07 6.76 63.99
CA ALA O 119 60.71 6.00 65.53
CA SER O 120 58.57 9.11 65.87
CA ALA O 121 55.52 9.51 68.08
CA TYR O 122 52.81 11.87 66.91
CA ARG O 123 49.07 12.40 66.61
CA ALA O 124 47.14 12.10 63.35
CA HIS O 125 43.84 13.92 63.40
CA THR O 126 41.95 15.28 60.38
CA ALA O 127 39.79 14.22 57.46
CA SER O 128 40.99 15.65 54.16
CA ALA O 129 39.83 13.31 51.41
CA SER O 130 41.17 13.16 47.83
CA ALA O 131 39.60 11.37 44.87
CA LYS O 132 40.71 9.82 41.58
CA LEU O 133 37.63 9.39 39.40
CA ARG O 134 37.24 8.00 35.86
CA VAL O 135 34.48 9.07 33.46
CA LEU O 136 33.83 8.01 29.89
CA TYR O 137 33.05 11.46 28.68
CA GLN O 138 30.54 10.92 25.91
CA GLY O 139 32.44 7.65 25.73
CA ASN O 140 35.84 9.38 26.05
CA ASN O 141 37.76 7.47 28.73
CA ILE O 142 39.21 10.24 30.90
CA THR O 143 40.18 10.34 34.57
CA VAL O 144 39.45 13.41 36.68
CA THR O 145 41.15 14.28 39.95
CA ALA O 146 39.17 15.47 42.94
CA TYR O 147 38.99 15.93 46.62
CA ALA O 148 36.38 13.50 47.94
CA ASN O 149 34.88 16.14 50.20
CA GLY O 150 32.84 19.16 49.08
CA ASP O 151 35.72 21.57 48.44
CA HIS O 152 37.64 20.76 45.23
CA ALA O 153 35.80 21.45 41.99
CA VAL O 154 37.54 21.96 38.64
CA THR O 155 36.07 22.23 35.16
CA VAL O 156 37.39 19.77 32.58
CA LYS O 157 35.92 19.31 29.08
CA ASP O 158 32.81 21.55 29.45
CA ALA O 159 31.78 20.07 32.83
CA LYS O 160 32.80 20.25 36.48
CA PHE O 161 31.86 18.27 39.58
CA ILE O 162 31.18 18.44 43.29
CA VAL O 163 32.66 15.14 44.45
CA GLY O 164 31.47 14.51 47.98
CA PRO O 165 31.28 15.52 50.79
CA MET O 166 32.12 12.21 52.34
CA SER O 167 29.33 10.26 54.00
CA SER O 168 31.42 7.85 56.06
CA ALA O 169 33.89 9.63 58.34
CA TRP O 170 35.74 6.45 59.31
CA THR O 171 39.51 6.67 59.69
CA PRO O 172 42.02 3.87 60.37
CA PHE O 173 44.17 6.41 62.21
CA ASP O 174 44.13 6.61 66.01
CA ASN O 175 45.25 9.50 68.18
CA LYS O 176 48.57 7.96 69.28
CA ILE O 177 50.63 6.58 66.43
CA VAL O 178 54.35 6.04 65.79
CA VAL O 179 56.10 6.20 62.41
CA TYR O 180 59.52 4.59 61.94
CA LYS O 181 61.90 5.14 58.97
CA GLY O 182 59.30 3.92 56.50
CA ASP O 183 56.37 2.33 58.31
CA VAL O 184 53.73 3.71 60.68
CA TYR O 185 52.49 1.93 63.80
CA ASN O 186 49.29 2.83 65.67
CA MET O 187 50.50 1.73 69.08
CA ASP O 188 49.14 4.03 71.77
CA TYR O 189 52.54 5.24 72.90
CA PRO O 190 53.36 6.53 76.36
CA PRO O 191 53.75 10.23 75.51
CA PHE O 192 56.57 12.72 76.05
CA GLY O 193 58.48 12.32 79.29
CA ALA O 194 56.84 8.97 80.06
CA GLY O 195 59.52 6.61 78.74
CA ARG O 196 60.25 4.05 81.43
CA PRO O 197 63.64 2.28 81.72
CA GLY O 198 63.65 -0.36 79.03
CA GLN O 199 60.46 1.01 77.57
CA PHE O 200 60.00 2.28 74.01
CA GLY O 201 60.79 5.97 74.17
CA ASP O 202 62.98 6.08 77.27
CA ILE O 203 65.19 8.44 75.28
CA GLN O 204 62.56 10.96 74.45
CA SER O 205 62.87 14.21 72.52
CA ARG O 206 60.55 16.02 70.16
CA THR O 207 62.63 16.47 67.01
CA PRO O 208 65.84 14.52 66.22
CA GLU O 209 67.98 17.65 66.69
CA SER O 210 66.05 18.75 69.80
CA LYS O 211 67.95 18.31 73.04
CA ASP O 212 64.82 18.30 75.23
CA VAL O 213 66.10 14.98 76.52
CA TYR O 214 63.83 12.97 78.72
CA ALA O 215 66.08 10.10 79.68
CA ASN O 216 64.80 7.52 82.13
CA THR O 217 66.89 4.59 80.97
CA GLN O 218 68.83 3.29 84.04
CA LEU O 219 72.27 4.90 83.90
CA VAL O 220 73.89 3.21 86.90
CA LEU O 221 77.38 1.81 87.64
CA GLN O 222 78.00 -0.93 90.21
CA ARG O 223 81.82 -1.04 91.01
CA PRO O 224 85.05 -2.30 89.48
CA ALA O 225 85.75 -4.58 92.40
CA ALA O 226 89.45 -4.41 93.31
CA GLY O 227 91.31 -5.59 90.27
CA THR O 228 91.87 -3.53 87.13
CA VAL O 229 91.13 -0.38 85.15
CA HIS O 230 87.55 -1.25 84.64
CA VAL O 231 84.01 0.00 84.22
CA PRO O 232 81.34 -2.67 84.73
CA TYR O 233 77.92 -1.47 83.66
CA SER O 234 74.58 -2.67 84.88
CA GLN O 235 72.36 -2.22 81.84
CA ALA O 236 70.75 0.74 80.25
CA PRO O 237 67.71 -1.05 78.77
CA SER O 238 66.55 0.59 75.66
CA GLY O 239 63.96 2.22 73.44
CA PHE O 240 65.01 0.73 70.06
CA LYS O 241 66.63 -2.56 71.11
CA TYR O 242 63.36 -2.91 73.05
CA TRP O 243 61.34 -1.85 69.98
CA LEU O 244 62.87 -4.02 67.22
CA LYS O 245 60.94 -7.13 68.31
CA GLU O 246 57.63 -5.40 69.13
CA ARG O 247 57.24 -3.50 65.85
CA GLY O 248 54.41 -5.80 64.83
CA ALA O 249 52.09 -4.75 62.01
CA SER O 250 51.94 -1.41 60.23
CA LEU O 251 48.73 0.46 59.45
CA GLN O 252 48.82 -0.99 55.94
CA HIS O 253 48.78 -4.34 57.75
CA THR O 254 45.98 -3.74 60.27
CA ALA O 255 43.48 -1.39 58.60
CA PRO O 256 39.99 -2.78 57.93
CA PHE O 257 38.33 -2.47 54.50
CA GLY O 258 41.59 -4.04 53.25
CA CYS O 259 43.30 -0.93 51.93
CA GLN O 260 46.91 0.03 52.37
CA ILE O 261 48.16 3.21 54.00
CA ALA O 262 50.41 5.38 51.84
CA THR O 263 53.19 7.06 53.76
CA ASN O 264 55.47 10.16 53.73
CA PRO O 265 53.19 12.01 54.61
CA VAL O 266 50.85 9.32 55.93
CA ARG O 267 47.34 8.93 54.49
CA ALA O 268 44.83 6.17 53.73
CA VAL O 269 44.40 5.18 50.10
CA ASN O 270 41.01 3.87 48.93
CA CYS O 271 39.19 1.93 51.61
CA ALA O 272 35.87 1.36 49.82
CA VAL O 273 33.54 2.81 52.48
CA GLY O 274 30.32 4.74 51.94
CA ASN O 275 29.36 6.66 48.82
CA MET O 276 30.29 9.73 46.77
CA PRO O 277 27.77 12.52 46.20
CA ILE O 278 28.76 13.79 42.76
CA SER O 279 27.17 16.99 41.43
CA ILE O 280 28.10 17.36 37.76
CA ASP O 281 26.52 19.56 35.09
CA ILE O 282 25.64 19.17 31.42
CA PRO O 283 24.18 21.73 29.00
CA GLU O 284 21.69 20.97 26.30
CA ALA O 285 24.09 22.54 23.79
CA ALA O 286 27.06 20.14 23.84
CA PHE O 287 24.51 17.32 24.16
CA THR O 288 22.20 16.21 21.38
CA ARG O 289 18.47 16.06 20.85
CA VAL O 290 15.96 13.21 20.95
CA VAL O 291 14.93 13.99 17.37
CA ASP O 292 18.33 13.52 15.68
CA ALA O 293 18.96 10.55 17.94
CA PRO O 294 17.09 7.63 16.37
CA SER O 295 13.79 6.68 17.98
CA LEU O 296 13.48 2.94 18.18
CA THR O 297 10.83 0.21 18.21
CA ASP O 298 10.61 -3.51 17.38
CA MET O 299 12.87 -4.42 20.32
CA SER O 300 12.48 -8.14 20.94
CA CYS O 301 13.55 -9.08 24.47
CA GLU O 302 15.92 -12.03 24.75
CA VAL O 303 19.34 -12.95 26.05
CA PRO O 304 21.77 -15.42 24.55
CA ALA O 305 22.86 -16.23 28.12
CA CYS O 306 23.27 -14.68 31.56
CA THR O 307 25.04 -15.98 34.67
CA HIS O 308 24.01 -14.41 37.97
CA SER O 309 27.27 -14.09 39.88
CA SER O 310 29.67 -11.19 40.46
CA ASP O 311 31.08 -11.76 36.96
CA PHE O 312 30.06 -10.17 33.66
CA GLY O 313 28.46 -13.46 32.68
CA GLY O 314 25.42 -11.79 31.21
CA VAL O 315 24.70 -10.40 27.76
CA ALA O 316 21.46 -9.44 26.02
CA ILE O 317 20.89 -9.28 22.26
CA ILE O 318 18.12 -6.92 21.19
CA LYS O 319 16.78 -7.26 17.66
CA TYR O 320 15.12 -4.02 16.68
CA ALA O 321 14.35 -1.32 14.12
CA ALA O 322 15.28 2.30 14.88
CA SER O 323 14.68 5.37 12.72
CA LYS O 324 17.81 7.35 11.86
CA LYS O 325 21.58 7.14 12.10
CA GLY O 326 23.08 8.07 15.44
CA LYS O 327 24.45 6.91 18.78
CA CYS O 328 22.33 5.83 21.72
CA ALA O 329 22.40 5.03 25.45
CA VAL O 330 21.36 1.98 27.46
CA HIS O 331 19.92 1.96 31.00
CA SER O 332 18.06 -0.54 33.13
CA MET O 333 16.59 0.67 36.43
CA THR O 334 17.51 -2.69 37.91
CA ASN O 335 20.60 -1.62 39.83
CA ALA O 336 21.50 -5.15 40.96
CA VAL O 337 21.99 -6.00 37.28
CA THR O 338 24.81 -3.71 36.17
CA ILE O 339 25.11 -3.19 32.41
CA ARG O 340 28.66 -3.06 31.06
CA GLU O 341 28.35 -0.67 28.11
CA ALA O 342 25.74 1.90 27.18
CA GLU O 343 26.97 4.04 24.25
CA ILE O 344 26.25 2.23 20.99
CA GLU O 345 25.81 3.66 17.51
CA VAL O 346 21.45 2.32 16.34
CA GLU O 347 21.41 3.05 12.57
CA GLY O 348 17.76 2.17 11.94
CA ASN O 349 16.91 -1.47 11.31
CA SER O 350 19.66 -3.44 13.05
CA GLN O 351 20.63 -5.47 16.12
CA LEU O 352 22.89 -4.44 18.99
CA GLN O 353 24.58 -6.03 22.00
CA ILE O 354 24.78 -5.12 25.67
CA SER O 355 26.58 -7.22 28.25
CA PHE O 356 25.97 -7.02 31.98
CA SER O 357 26.91 -8.34 35.37
CA THR O 358 23.92 -10.40 36.35
CA ALA O 359 21.86 -10.68 39.52
CA LEU O 360 18.40 -12.12 38.95
CA ALA O 361 17.72 -15.79 38.25
CA SER O 362 14.77 -14.83 36.06
CA ALA O 363 16.04 -11.44 34.87
CA GLU O 364 12.71 -9.90 33.85
CA PHE O 365 13.46 -6.18 33.80
CA ARG O 366 13.16 -3.15 31.53
CA VAL O 367 15.79 -1.17 29.64
CA GLN O 368 15.42 2.55 28.97
CA VAL O 369 16.92 3.07 25.52
CA CYS O 370 17.13 6.86 24.85
CA SER O 371 13.76 7.93 26.39
CA THR O 372 12.09 4.78 25.00
CA GLN O 373 11.15 1.89 27.22
CA VAL O 374 11.55 -1.77 26.32
CA HIS O 375 11.33 -4.69 28.72
CA CYS O 376 14.15 -7.25 28.72
CA ALA O 377 13.36 -10.94 29.23
CA ALA O 378 15.89 -13.43 30.58
CA GLU O 379 16.14 -16.73 32.43
CA CYS O 380 19.61 -16.86 33.91
CA HIS O 381 22.96 -19.66 34.75
CA PRO O 382 23.73 -20.46 38.36
CA PRO O 383 27.26 -19.51 39.42
CA LYS O 384 29.79 -22.20 38.53
CA ARG O 385 33.50 -22.28 37.77
CA THR O 386 33.31 -17.86 36.96
CA THR O 387 36.73 -18.67 39.73
CA VAL O 388 38.99 -17.02 42.37
CA TYR O 389 40.77 -13.95 41.32
CA TYR O 390 37.40 -11.70 39.39
CA PRO O 391 38.75 -8.37 40.67
CA ALA O 392 35.33 -6.77 41.28
CA SER O 393 31.78 -7.26 42.45
CA HIS O 394 28.61 -5.38 41.51
CA THR O 395 24.96 -7.45 43.09
CA THR O 396 22.41 -6.97 45.86
CA LEU O 397 20.38 -10.11 46.45
CA GLY O 398 18.32 -10.51 49.59
CA VAL O 399 16.40 -7.36 48.84
CA GLN O 400 12.16 -8.49 49.07
CA ASP O 401 11.45 -9.81 45.57
CA ILE O 402 13.50 -12.87 44.57
CA SER O 403 10.92 -13.90 41.97
CA ALA O 404 12.51 -16.53 39.74
CA THR O 405 11.35 -19.47 37.61
CA ALA O 406 10.54 -21.50 40.74
CA MET O 407 8.58 -18.62 42.32
CA SER O 408 5.59 -19.36 40.05
CA TRP O 409 4.61 -22.19 42.39
CA VAL O 410 5.16 -19.99 45.43
CA GLN O 411 3.51 -16.79 44.20
CA LYS O 412 0.55 -18.25 42.30
CA ILE O 413 -0.80 -21.55 43.60
CA THR O 414 -0.20 -21.48 47.34
CA GLY O 415 -0.65 -17.74 47.34
CA GLY O 416 -4.22 -18.46 46.22
CA VAL O 417 -5.16 -20.60 49.22
CA GLY O 418 -6.60 -17.85 51.39
CA LEU O 419 -10.06 -17.65 49.85
CA VAL O 420 -11.60 -20.09 52.29
CA VAL O 421 -12.10 -17.63 55.18
CA ALA O 422 -15.62 -16.66 54.01
CA VAL O 423 -17.36 -19.95 54.93
CA ALA O 424 -17.96 -19.00 58.57
CA ALA O 425 -19.46 -15.72 57.33
CA LEU O 426 -21.10 -17.04 54.14
CA ILE O 427 -24.32 -18.66 55.33
CA LEU O 428 -22.99 -19.49 58.78
CA ILE O 429 -23.68 -15.81 59.58
CA VAL O 430 -27.35 -16.65 60.25
CA VAL O 431 -26.05 -19.07 62.91
CA LEU O 432 -22.89 -17.36 64.19
CA CYS O 433 -22.81 -14.60 66.73
CA VAL O 434 -23.59 -14.03 70.40
CA SER O 435 -24.85 -10.55 69.50
CA PHE O 436 -23.63 -9.20 66.16
CA SER O 437 -25.09 -10.42 62.95
CA ARG O 438 -28.54 -11.12 61.66
CA HIS O 439 -31.59 -8.84 61.75
CA ASN P 1 92.29 14.07 54.88
CA PHE P 2 91.67 12.22 58.19
CA ASN P 3 94.22 14.46 59.91
CA VAL P 4 93.20 13.45 63.43
CA TYR P 5 94.35 9.81 63.32
CA LYS P 6 97.90 11.10 63.10
CA ALA P 7 98.73 12.93 66.34
CA THR P 8 96.91 10.27 68.39
CA ARG P 9 98.22 7.15 70.07
CA PRO P 10 96.72 3.76 70.98
CA TYR P 11 96.41 2.25 74.43
CA LEU P 12 97.21 -1.23 75.68
CA ALA P 13 94.32 -2.28 77.88
CA HIS P 14 92.77 -5.43 79.27
CA CYS P 15 90.73 -7.44 76.84
CA PRO P 16 87.83 -9.17 78.66
CA ASP P 17 88.89 -12.39 76.94
CA CYS P 18 92.11 -12.52 74.92
CA GLY P 19 91.24 -15.93 73.54
CA GLU P 20 92.12 -19.28 75.15
CA GLY P 21 89.18 -18.91 77.54
CA HIS P 22 90.97 -16.28 79.66
CA SER P 23 91.95 -12.63 79.58
CA CYS P 24 95.01 -10.38 79.39
CA HIS P 25 96.02 -6.99 78.04
CA SER P 26 95.57 -6.02 74.46
CA PRO P 27 96.23 -3.41 71.76
CA VAL P 28 92.88 -4.45 70.26
CA ALA P 29 90.94 -4.07 73.52
CA LEU P 30 87.48 -3.07 72.29
CA GLU P 31 85.70 0.04 73.57
CA ARG P 32 82.69 0.57 71.30
CA ILE P 33 80.29 -1.72 69.42
CA ARG P 34 77.69 -0.42 66.94
CA ASN P 35 75.47 -2.25 64.44
CA GLU P 36 72.59 0.20 63.97
CA ALA P 37 72.97 -0.39 60.22
CA THR P 38 69.91 -2.43 59.22
CA ASP P 39 71.79 -4.35 56.54
CA GLY P 40 73.88 -5.82 59.37
CA THR P 41 77.27 -4.15 58.96
CA LEU P 42 78.92 -3.74 62.36
CA LYS P 43 81.08 -0.76 63.36
CA ILE P 44 83.65 -1.30 66.09
CA GLN P 45 86.22 1.17 67.32
CA VAL P 46 89.39 -0.78 68.03
CA SER P 47 91.77 0.72 70.59
CA LEU P 48 94.63 1.02 68.10
CA GLN P 49 94.31 2.66 64.72
CA ILE P 50 94.90 1.08 61.34
CA GLY P 51 96.03 2.60 58.06
CA ILE P 52 98.52 5.15 59.42
CA LYS P 53 102.04 4.44 60.70
CA THR P 54 103.64 6.17 63.68
CA ASP P 55 104.87 8.79 61.18
CA ASP P 56 101.49 10.54 61.67
CA SER P 57 101.09 10.72 57.89
CA HIS P 58 98.42 10.16 55.22
CA ASP P 59 99.56 6.53 55.05
CA TRP P 60 97.64 3.40 54.20
CA THR P 61 100.22 0.63 54.27
CA LYS P 62 100.70 0.07 58.01
CA LEU P 63 98.91 0.45 61.36
CA ARG P 64 99.77 2.23 64.60
CA TYR P 65 99.51 0.04 67.67
CA MET P 66 100.66 0.55 71.26
CA ASP P 67 103.73 -1.32 72.53
CA ASN P 68 106.63 -0.68 74.97
CA HIS P 69 105.30 2.65 76.32
CA MET P 70 104.99 4.05 72.78
CA PRO P 71 103.01 3.78 69.53
CA ALA P 72 104.50 0.92 67.50
CA ASP P 73 103.89 -0.09 63.88
CA ALA P 74 102.48 -3.21 62.30
CA GLU P 75 101.30 -3.87 58.76
CA ARG P 76 97.86 -2.96 57.43
CA ALA P 77 97.05 -6.43 56.08
CA GLY P 78 97.64 -8.28 59.35
CA LEU P 79 94.02 -8.07 60.51
CA PHE P 80 91.69 -11.02 61.08
CA VAL P 81 88.23 -11.21 62.67
CA ARG P 82 85.90 -14.09 63.50
CA THR P 83 82.37 -13.95 64.89
CA SER P 84 81.50 -17.62 64.44
CA ALA P 85 83.23 -18.02 61.07
CA PRO P 86 86.14 -15.88 59.86
CA CYS P 87 83.94 -13.18 58.45
CA THR P 88 84.31 -10.59 55.72
CA ILE P 89 85.30 -6.92 55.83
CA THR P 90 83.74 -3.99 53.96
CA GLY P 91 86.11 -1.09 54.72
CA THR P 92 88.23 0.01 57.67
CA ILE P 93 89.98 3.32 58.42
CA GLY P 94 91.44 4.87 61.56
CA HIS P 95 90.58 3.38 64.94
CA PHE P 96 87.47 1.91 63.32
CA ILE P 97 86.63 -1.52 61.90
CA LEU P 98 83.63 -2.51 59.79
CA ALA P 99 82.72 -6.07 58.84
CA ARG P 100 80.14 -7.94 56.76
CA CYS P 101 79.03 -11.18 58.41
CA PRO P 102 75.80 -12.78 59.71
CA LYS P 103 74.49 -13.91 63.11
CA GLY P 104 76.96 -14.79 65.85
CA GLU P 105 77.17 -14.31 69.59
CA THR P 106 80.94 -14.51 70.00
CA LEU P 107 83.32 -12.22 68.17
CA THR P 108 87.09 -12.08 68.39
CA VAL P 109 89.46 -9.61 66.77
CA GLY P 110 93.09 -10.05 65.82
CA PHE P 111 95.92 -8.66 63.76
CA THR P 112 99.25 -10.22 62.88
CA ASP P 113 101.72 -7.70 64.24
CA SER P 114 105.34 -6.96 63.34
CA ARG P 115 106.49 -9.94 65.43
CA LYS P 116 103.92 -12.33 63.84
CA ILE P 117 101.73 -13.10 66.88
CA SER P 118 97.97 -12.91 67.39
CA HIS P 119 96.86 -9.92 69.41
CA SER P 120 93.56 -11.57 70.27
CA CYS P 121 90.51 -10.08 71.96
CA THR P 122 87.29 -12.11 72.14
CA HIS P 123 83.99 -10.39 72.87
CA PRO P 124 80.43 -11.56 73.51
CA PHE P 125 78.02 -9.73 71.22
CA HIS P 126 74.97 -11.36 69.67
CA HIS P 127 75.48 -9.78 66.28
CA ASP P 128 72.22 -9.62 64.44
CA PRO P 129 71.28 -8.18 61.11
CA PRO P 130 67.53 -7.67 61.48
CA VAL P 131 65.08 -9.52 59.27
CA ILE P 132 65.43 -7.07 56.44
CA GLY P 133 62.48 -6.29 54.17
CA ARG P 134 59.71 -8.81 54.62
CA GLU P 135 61.62 -12.08 54.10
CA LYS P 136 63.83 -14.48 56.07
CA PHE P 137 66.56 -14.99 53.48
CA HIS P 138 70.32 -14.64 53.80
CA SER P 139 71.44 -13.34 50.39
CA ARG P 140 69.73 -11.93 47.32
CA PRO P 141 69.52 -13.00 43.68
CA GLN P 142 68.82 -10.71 40.77
CA HIS P 143 65.08 -10.69 41.53
CA GLY P 144 64.43 -8.48 44.53
CA LYS P 145 62.37 -5.49 45.57
CA GLU P 146 63.57 -2.11 46.87
CA LEU P 147 63.50 -1.11 50.54
CA PRO P 148 65.50 1.68 52.15
CA CYS P 149 67.96 0.38 54.71
CA SER P 150 70.45 1.94 57.08
CA THR P 151 74.08 1.27 56.24
CA TYR P 152 77.44 2.96 56.68
CA VAL P 153 79.03 5.31 54.17
CA GLN P 154 82.75 4.73 53.59
CA SER P 155 83.66 8.35 54.35
CA THR P 156 86.49 9.10 56.79
CA ALA P 157 86.02 12.89 56.78
CA ALA P 158 82.77 12.76 58.74
CA THR P 159 81.58 14.89 61.65
CA THR P 160 78.53 15.80 63.83
CA GLU P 161 79.18 12.72 65.92
CA GLU P 162 82.43 13.16 67.75
CA ILE P 163 84.79 11.34 70.08
CA GLU P 164 86.97 13.65 72.12
CA VAL P 165 90.77 13.37 72.37
CA HIS P 166 92.94 14.18 75.38
CA MET P 167 96.46 13.76 76.70
CA PRO P 168 97.11 10.30 78.19
CA PRO P 169 97.86 10.60 81.91
CA ASP P 170 100.19 7.67 82.51
CA THR P 171 101.56 4.41 81.11
CA PRO P 172 103.26 2.49 83.92
CA ASP P 173 105.56 -0.50 84.33
CA HIS P 174 106.59 -2.83 87.13
CA THR P 175 109.22 -4.36 84.82
CA LEU P 176 111.12 -1.04 85.01
CA MET P 177 112.11 -1.91 88.61
CA SER P 178 115.06 -4.18 89.28
CA GLN P 179 116.38 -4.61 92.82
CA GLN P 180 120.07 -4.84 93.74
CA SER P 181 119.45 -6.60 97.08
CA GLY P 182 117.45 -3.84 98.74
CA ASN P 183 118.55 -1.20 96.22
CA VAL P 184 116.23 -0.43 93.31
CA LYS P 185 117.98 -0.22 89.98
CA ILE P 186 114.85 1.43 88.59
CA THR P 187 115.01 1.35 84.80
CA VAL P 188 113.67 4.53 83.19
CA ASN P 189 114.79 4.34 79.51
CA GLY P 190 114.45 8.07 78.92
CA GLN P 191 110.80 8.73 79.77
CA THR P 192 108.87 10.71 82.38
CA VAL P 193 108.67 8.05 85.08
CA ARG P 194 106.18 9.21 87.72
CA TYR P 195 108.34 6.97 90.99
CA LYS P 196 106.49 8.70 93.81
CA CYS P 197 106.84 5.81 96.21
CA ASN P 198 107.52 4.66 99.75
CA CYS P 199 111.29 4.26 99.40
CA GLY P 200 111.11 8.22 100.86
CA GLY P 201 109.39 8.30 97.50
CA SER P 202 111.89 9.00 94.81
CA ASN P 203 112.78 10.44 97.87
CA GLU P 204 110.18 12.33 95.92
CA GLY P 205 109.30 13.23 92.34
CA LEU P 206 109.28 12.26 88.64
CA THR P 207 112.45 11.30 86.81
CA THR P 208 113.28 11.26 83.11
CA THR P 209 116.79 9.73 83.22
CA ASP P 210 117.82 6.29 84.48
CA LYS P 211 118.06 5.97 88.25
CA VAL P 212 119.73 3.60 90.70
CA ILE P 213 118.25 4.18 94.16
CA ASN P 214 119.42 2.42 97.30
CA ASN P 215 117.47 1.42 100.46
CA CYS P 216 114.41 0.21 98.57
CA LYS P 217 112.72 -2.96 97.32
CA VAL P 218 109.67 -3.57 95.07
CA ASP P 219 107.47 -3.52 98.21
CA GLN P 220 108.25 0.21 98.45
CA CYS P 221 108.23 1.42 94.85
CA HIS P 222 106.74 1.83 91.34
CA ALA P 223 107.61 3.12 87.87
CA ALA P 224 105.11 5.03 85.73
CA VAL P 225 105.78 6.74 82.40
CA THR P 226 103.44 9.72 82.15
CA ASN P 227 103.21 9.70 78.36
CA HIS P 228 102.93 13.18 76.90
CA LYS P 229 103.75 13.12 73.17
CA LYS P 230 100.58 12.09 71.30
CA TRP P 231 96.86 12.34 72.02
CA GLN P 232 94.60 9.79 73.67
CA TYR P 233 90.90 9.65 72.93
CA ASN P 234 88.14 9.23 75.49
CA SER P 235 87.98 5.48 76.02
CA PRO P 236 86.46 3.54 78.93
CA LEU P 237 89.71 1.55 79.24
CA VAL P 238 92.20 4.41 79.68
CA PRO P 239 91.53 6.77 82.61
CA ARG P 240 91.96 10.46 83.53
CA ASN P 241 94.70 12.43 85.27
CA ALA P 242 92.87 12.93 88.65
CA GLU P 243 90.94 15.96 87.62
CA LEU P 244 90.62 16.20 83.87
CA GLY P 245 91.98 13.76 81.37
CA ASP P 246 88.89 14.71 79.47
CA ARG P 247 90.94 17.66 78.27
CA LYS P 248 90.38 19.54 75.06
CA GLY P 249 90.96 18.02 71.63
CA LYS P 250 88.99 16.63 68.69
CA ILE P 251 89.23 13.42 66.67
CA HIS P 252 86.45 13.29 64.11
CA ILE P 253 84.43 10.26 63.09
CA PRO P 254 84.57 8.07 59.99
CA PHE P 255 81.70 6.10 58.41
CA PRO P 256 78.43 8.08 58.56
CA LEU P 257 75.04 6.44 58.01
CA ALA P 258 72.79 6.33 54.96
CA ASN P 259 69.07 5.55 54.71
CA VAL P 260 69.61 4.04 51.27
CA THR P 261 68.62 1.06 49.17
CA CYS P 262 68.99 -2.53 50.24
CA ARG P 263 67.32 -5.29 48.28
CA VAL P 264 65.26 -8.21 49.58
CA PRO P 265 64.33 -11.11 47.26
CA LYS P 266 60.75 -11.58 46.19
CA ALA P 267 59.31 -14.93 47.18
CA ARG P 268 58.50 -17.23 44.31
CA ASN P 269 54.84 -17.52 43.41
CA PRO P 270 52.99 -20.56 44.81
CA THR P 271 50.33 -22.51 42.98
CA VAL P 272 46.74 -21.43 43.56
CA THR P 273 43.48 -23.33 43.03
CA TYR P 274 39.89 -23.34 44.25
CA GLY P 275 38.09 -25.07 47.08
CA LYS P 276 34.61 -24.98 48.65
CA ASN P 277 33.96 -21.21 48.80
CA GLN P 278 37.70 -20.97 49.38
CA VAL P 279 41.24 -21.34 48.05
CA ILE P 280 43.21 -24.58 48.21
CA MET P 281 46.83 -23.87 47.30
CA LEU P 282 50.15 -25.60 47.86
CA LEU P 283 52.42 -22.93 49.33
CA TYR P 284 56.04 -22.69 48.23
CA PRO P 285 58.73 -21.28 50.51
CA ASP P 286 62.19 -22.79 50.65
CA HIS P 287 63.61 -20.13 53.00
CA PRO P 288 61.23 -18.78 55.70
CA THR P 289 58.52 -16.61 54.21
CA LEU P 290 55.55 -14.81 55.77
CA LEU P 291 51.85 -15.15 54.98
CA SER P 292 49.32 -12.45 55.85
CA TYR P 293 45.64 -12.28 54.92
CA ARG P 294 42.77 -9.97 55.83
CA ASN P 295 39.33 -9.24 54.40
CA MET P 296 37.40 -6.29 52.99
CA GLY P 297 34.74 -6.33 55.71
CA GLU P 298 34.15 -3.92 58.56
CA GLU P 299 36.38 -6.27 60.57
CA PRO P 300 39.97 -6.81 59.38
CA ASN P 301 40.16 -10.62 59.91
CA TYR P 302 43.92 -10.18 59.84
CA GLN P 303 46.22 -13.16 60.41
CA GLU P 304 49.99 -13.39 60.03
CA GLU P 305 52.27 -16.44 60.00
CA TRP P 306 55.70 -17.44 58.69
CA VAL P 307 56.48 -20.56 56.64
CA MET P 308 59.67 -22.18 55.35
CA HIS P 309 58.16 -25.48 54.22
CA LYS P 310 56.18 -26.53 51.18
CA LYS P 311 52.72 -27.12 52.60
CA GLU P 312 49.01 -26.99 51.75
CA VAL P 313 47.15 -23.99 53.12
CA VAL P 314 43.36 -23.72 52.95
CA LEU P 315 42.32 -20.11 52.38
CA THR P 316 38.68 -19.40 53.20
CA VAL P 317 37.31 -16.57 51.06
CA PRO P 318 34.17 -14.74 52.26
CA THR P 319 31.82 -13.44 49.57
CA GLU P 320 33.18 -9.91 50.12
CA GLY P 321 36.65 -11.33 49.43
CA LEU P 322 39.99 -11.02 51.19
CA GLU P 323 43.65 -10.34 50.48
CA VAL P 324 46.73 -12.52 50.82
CA THR P 325 50.35 -11.31 50.82
CA TRP P 326 53.28 -13.61 50.05
CA GLY P 327 56.89 -12.72 50.74
CA ASN P 328 57.85 -9.58 48.89
CA ASN P 329 55.08 -9.90 46.30
CA GLU P 330 52.00 -7.72 45.93
CA PRO P 331 48.73 -8.65 47.71
CA TYR P 332 46.32 -10.95 45.90
CA LYS P 333 42.60 -10.26 46.41
CA TYR P 334 39.91 -12.84 45.71
CA TRP P 335 36.17 -13.03 45.09
CA PRO P 336 34.49 -16.40 45.55
CA GLN P 337 31.67 -18.37 43.98
CA LEU P 338 30.10 -21.66 45.00
CA SER P 339 30.87 -25.80 45.45
CA THR P 340 29.49 -27.82 41.89
CA ASN P 341 28.27 -31.69 43.18
CA GLY P 342 24.56 -32.12 43.94
CA THR P 343 22.80 -35.72 42.44
CA ALA P 344 19.74 -35.47 40.28
CA HIS P 345 16.61 -32.61 40.95
CA GLY P 346 13.25 -32.83 39.22
CA HIS P 347 10.63 -31.18 38.18
CA PRO P 348 7.89 -33.37 37.85
CA HIS P 349 7.98 -30.75 41.27
CA GLU P 350 11.45 -30.33 42.80
CA ILE P 351 13.81 -27.67 41.46
CA ILE P 352 15.34 -26.33 44.66
CA LEU P 353 18.69 -27.83 43.79
CA TYR P 354 18.50 -25.00 41.28
CA TYR P 355 18.20 -23.00 44.51
CA TYR P 356 20.99 -25.01 46.18
CA GLU P 357 23.91 -23.69 44.12
CA LEU P 358 21.98 -20.40 44.09
CA TYR P 359 24.05 -18.51 46.74
CA PRO P 360 23.64 -21.03 49.64
CA THR P 361 23.32 -20.35 53.36
CA MET P 362 20.88 -17.96 51.69
CA THR P 363 17.73 -19.06 49.80
CA VAL P 364 18.62 -22.56 50.96
CA VAL P 365 18.13 -21.98 54.71
CA VAL P 366 16.90 -18.38 54.94
CA VAL P 367 14.13 -19.51 52.65
CA SER P 368 13.41 -22.21 55.26
CA VAL P 369 12.79 -19.70 58.04
CA ALA P 370 10.59 -17.81 55.56
CA THR P 371 8.25 -20.72 54.91
CA PHE P 372 6.37 -19.95 58.13
CA ILE P 373 4.18 -17.57 56.11
CA LEU P 374 3.63 -20.66 53.96
CA LEU P 375 3.14 -22.82 57.07
CA SER P 376 0.67 -20.56 58.88
CA MET P 377 -2.17 -22.61 57.35
CA VAL P 378 -2.52 -25.50 59.81
CA GLY P 379 -3.94 -23.59 62.78
CA MET P 380 -5.93 -21.48 60.34
CA ALA P 381 -7.64 -24.75 59.39
CA ALA P 382 -8.17 -25.84 63.00
CA GLY P 383 -10.36 -23.33 64.89
CA MET P 384 -11.87 -22.66 61.51
CA CYS P 385 -13.23 -26.18 61.66
CA MET P 386 -14.24 -26.23 65.35
CA CYS P 387 -16.73 -23.58 64.25
CA ALA P 388 -17.69 -26.05 61.50
CA ARG P 389 -18.22 -29.34 63.37
CA ARG P 390 -18.36 -28.57 67.09
CA ARG P 391 -21.03 -25.91 66.56
CA CYS P 392 -23.24 -28.13 64.36
CA ILE P 393 -25.67 -29.36 67.01
CA THR P 394 -24.44 -26.91 69.65
CA PRO P 395 -25.59 -23.28 69.44
CA TYR P 396 -29.32 -22.78 68.58
CA GLU P 397 -32.06 -25.28 69.39
CA LEU P 398 -34.78 -22.85 68.49
CA THR P 399 -36.20 -24.25 65.23
CA PRO P 400 -37.42 -27.85 65.65
CA GLY P 401 -36.22 -30.50 63.15
CA ALA P 402 -34.47 -33.12 65.44
CA THR P 403 -31.53 -32.39 63.05
CA VAL P 404 -30.88 -30.78 59.70
CA PRO P 405 -32.45 -33.48 57.49
CA PHE P 406 -30.91 -32.45 54.18
CA LEU P 407 -27.92 -30.14 54.54
CA LEU P 408 -25.63 -32.23 56.70
CA SER P 409 -22.92 -33.44 54.28
CA LEU P 410 -22.74 -29.70 53.54
CA ILE P 411 -21.79 -29.48 57.24
CA CYS P 412 -20.28 -32.99 57.86
CA CYS P 413 -20.00 -32.89 61.60
CA ILE P 414 -18.67 -35.72 63.75
CA ARG P 415 -18.19 -39.50 63.58
CA THR P 416 -19.56 -39.26 60.06
CA ALA P 417 -20.69 -42.87 59.98
CA LYS P 418 -24.47 -43.43 59.70
CA ALA P 419 -26.40 -45.10 56.81
CA TYR Q 1 66.00 -15.77 138.59
CA GLU Q 2 66.07 -18.58 136.02
CA HIS Q 3 64.04 -17.14 133.16
CA VAL Q 4 62.97 -20.11 131.06
CA THR Q 5 61.40 -18.85 127.84
CA VAL Q 6 60.38 -20.45 124.55
CA ILE Q 7 61.34 -18.41 121.50
CA PRO Q 8 60.00 -19.28 118.04
CA ASN Q 9 62.17 -20.30 115.09
CA THR Q 10 62.73 -17.51 112.57
CA VAL Q 11 65.17 -15.68 110.40
CA GLY Q 12 66.27 -12.56 112.23
CA VAL Q 13 62.92 -11.45 113.71
CA PRO Q 14 63.47 -10.07 117.24
CA TYR Q 15 60.93 -11.70 119.51
CA LYS Q 16 60.07 -9.56 122.54
CA THR Q 17 61.06 -11.60 125.58
CA LEU Q 18 59.61 -10.40 128.87
CA VAL Q 19 62.31 -10.80 131.47
CA ASN Q 20 60.15 -9.94 134.47
CA ARG Q 21 62.13 -9.51 137.62
CA PRO Q 22 60.87 -10.97 140.90
CA GLY Q 23 59.71 -7.81 142.63
CA TYR Q 24 61.63 -5.33 140.53
CA SER Q 25 61.10 -3.36 137.32
CA PRO Q 26 61.41 -5.77 134.35
CA MET Q 27 63.82 -5.36 131.46
CA VAL Q 28 61.94 -6.85 128.52
CA LEU Q 29 64.63 -7.92 126.08
CA GLU Q 30 64.19 -9.00 122.47
CA MET Q 31 66.06 -11.87 120.83
CA GLU Q 32 66.39 -13.11 117.27
CA LEU Q 33 68.10 -16.25 116.07
CA LEU Q 34 70.27 -16.34 112.98
CA SER Q 35 71.06 -19.93 111.98
CA VAL Q 36 69.60 -23.32 112.87
CA THR Q 37 72.47 -25.57 111.88
CA LEU Q 38 71.42 -29.20 112.30
CA GLU Q 39 73.78 -31.77 110.86
CA PRO Q 40 73.13 -35.31 109.68
CA THR Q 41 75.76 -38.03 109.64
CA LEU Q 42 77.76 -39.34 106.73
CA SER Q 43 78.39 -43.05 106.33
CA LEU Q 44 79.87 -44.24 103.06
CA ASP Q 45 78.04 -46.89 101.08
CA TYR Q 46 80.01 -46.38 97.87
CA ILE Q 47 81.45 -43.79 95.56
CA THR Q 48 81.16 -44.03 91.80
CA CYS Q 49 83.44 -42.96 88.98
CA GLU Q 50 83.36 -42.87 85.24
CA TYR Q 51 84.28 -46.10 83.54
CA LYS Q 52 87.75 -46.54 82.09
CA THR Q 53 87.80 -49.48 79.73
CA VAL Q 54 91.55 -49.90 79.81
CA ILE Q 55 92.14 -51.76 76.55
CA PRO Q 56 95.69 -53.05 76.12
CA SER Q 57 97.04 -54.41 72.88
CA PRO Q 58 95.14 -57.36 71.35
CA TYR Q 59 96.34 -60.95 71.45
CA VAL Q 60 96.78 -62.12 67.85
CA LYS Q 61 98.14 -65.44 66.54
CA CYS Q 62 99.53 -66.34 63.10
CA CYS Q 63 97.98 -69.40 61.40
CA GLY Q 64 96.68 -70.66 64.73
CA THR Q 65 93.91 -70.27 67.26
CA ALA Q 66 94.47 -67.76 70.04
CA GLU Q 67 93.41 -68.74 73.55
CA CYS Q 68 91.13 -67.13 76.13
CA LYS Q 69 93.04 -67.06 79.41
CA ASP Q 70 90.49 -66.01 82.00
CA LYS Q 71 91.59 -64.27 85.17
CA ASN Q 72 90.29 -61.69 87.54
CA LEU Q 73 90.48 -58.13 86.28
CA PRO Q 74 87.80 -55.57 87.24
CA ASP Q 75 85.09 -56.44 84.70
CA TYR Q 76 87.52 -58.70 82.85
CA SER Q 77 86.78 -59.51 79.22
CA CYS Q 78 88.72 -61.33 76.54
CA LYS Q 79 87.32 -63.04 73.45
CA VAL Q 80 89.30 -64.71 70.69
CA PHE Q 81 88.34 -63.42 67.26
CA THR Q 82 89.22 -65.91 64.57
CA GLY Q 83 89.63 -65.72 60.82
CA VAL Q 84 90.59 -62.05 60.76
CA TYR Q 85 93.17 -61.02 58.13
CA PRO Q 86 94.54 -57.89 59.78
CA PHE Q 87 96.35 -55.15 57.88
CA MET Q 88 99.01 -52.68 58.88
CA TRP Q 89 100.62 -49.86 56.85
CA GLY Q 90 102.17 -52.07 54.22
CA GLY Q 91 99.15 -54.32 53.87
CA ALA Q 92 98.42 -57.44 55.84
CA TYR Q 93 99.91 -58.21 59.27
CA CYS Q 94 100.40 -61.84 58.18
CA PHE Q 95 99.94 -63.92 55.05
CA CYS Q 96 97.75 -66.56 56.42
CA ASP Q 97 95.32 -67.32 53.59
CA ALA Q 98 92.34 -66.79 55.91
CA GLU Q 99 93.36 -67.68 59.80
CA ASN Q 100 94.61 -65.01 62.09
CA THR Q 101 93.00 -65.23 65.51
CA GLN Q 102 93.06 -62.03 67.56
CA LEU Q 103 91.90 -61.93 71.17
CA SER Q 104 90.87 -58.48 72.32
CA GLU Q 105 91.51 -57.72 75.98
CA ALA Q 106 89.39 -55.12 77.76
CA HIS Q 107 88.55 -54.47 81.39
CA VAL Q 108 87.57 -51.47 83.49
CA GLU Q 109 89.33 -49.63 86.32
CA LYS Q 110 88.47 -46.62 88.49
CA SER Q 111 89.27 -43.02 87.72
CA GLU Q 112 92.07 -40.69 88.70
CA SER Q 113 89.47 -37.96 88.25
CA CYS Q 114 87.11 -39.72 90.70
CA LYS Q 115 89.90 -39.67 93.28
CA THR Q 116 89.16 -36.01 93.91
CA GLU Q 117 85.89 -35.23 92.07
CA PHE Q 118 83.22 -37.87 92.11
CA ALA Q 119 79.68 -38.79 93.09
CA SER Q 120 79.54 -40.44 96.49
CA ALA Q 121 76.66 -42.48 97.88
CA TYR Q 122 76.13 -42.43 101.62
CA ARG Q 123 73.55 -42.27 104.40
CA ALA Q 124 72.86 -39.18 106.48
CA HIS Q 125 71.20 -39.93 109.79
CA THR Q 126 71.35 -37.81 112.95
CA ALA Q 127 69.98 -34.66 114.52
CA SER Q 128 72.71 -32.43 115.94
CA ALA Q 129 71.40 -28.87 115.93
CA SER Q 130 73.47 -25.68 116.24
CA ALA Q 131 72.18 -22.17 116.96
CA LYS Q 132 73.25 -18.58 116.30
CA LEU Q 133 71.25 -16.33 118.63
CA ARG Q 134 71.30 -12.55 119.10
CA VAL Q 135 70.42 -10.79 122.38
CA LEU Q 136 70.44 -7.14 123.25
CA TYR Q 137 72.02 -7.62 126.60
CA GLN Q 138 70.61 -4.82 128.71
CA GLY Q 139 70.43 -3.22 125.27
CA ASN Q 140 73.93 -4.42 124.32
CA ASN Q 141 73.62 -6.00 120.87
CA ILE Q 142 75.57 -9.25 121.20
CA THR Q 143 75.26 -12.57 119.41
CA VAL Q 144 75.66 -15.84 121.31
CA THR Q 145 76.47 -19.20 119.77
CA ALA Q 146 74.61 -22.33 120.80
CA TYR Q 147 73.57 -25.80 119.96
CA ALA Q 148 69.83 -25.76 119.38
CA ASN Q 149 69.35 -28.93 121.39
CA GLY Q 150 69.68 -29.25 125.17
CA ASP Q 151 73.43 -29.89 125.35
CA HIS Q 152 75.50 -26.73 124.70
CA ALA Q 153 75.41 -24.11 127.44
CA VAL Q 154 78.07 -21.44 127.91
CA THR Q 155 78.13 -18.42 130.19
CA VAL Q 156 78.66 -15.05 128.51
CA LYS Q 157 78.33 -11.69 130.30
CA ASP Q 158 76.94 -12.95 133.67
CA ALA Q 159 74.30 -15.22 132.08
CA LYS Q 160 74.09 -18.56 130.32
CA PHE Q 161 71.35 -20.38 128.42
CA ILE Q 162 69.76 -23.71 127.68
CA VAL Q 163 68.82 -23.29 124.02
CA GLY Q 164 66.46 -26.07 123.08
CA PRO Q 165 66.00 -29.04 122.95
CA MET Q 166 64.42 -28.91 119.54
CA SER Q 167 60.66 -29.39 119.29
CA SER Q 168 60.41 -30.18 115.59
CA ALA Q 169 62.61 -33.11 114.56
CA TRP Q 170 62.09 -32.57 110.82
CA THR Q 171 65.07 -33.15 108.54
CA PRO Q 172 65.36 -32.55 104.79
CA PHE Q 173 67.85 -35.44 104.64
CA ASP Q 174 66.75 -38.90 103.50
CA ASN Q 175 68.51 -42.19 104.12
CA LYS Q 176 69.97 -42.58 100.62
CA ILE Q 177 71.76 -39.49 99.36
CA VAL Q 178 74.61 -38.80 96.92
CA VAL Q 179 77.11 -35.94 97.13
CA TYR Q 180 79.10 -34.91 94.05
CA LYS Q 181 82.19 -32.61 94.01
CA GLY Q 182 80.24 -29.76 95.59
CA ASP Q 183 76.52 -30.53 95.61
CA VAL Q 184 74.45 -33.17 97.40
CA TYR Q 185 71.56 -35.08 95.81
CA ASN Q 186 68.94 -37.04 97.76
CA MET Q 187 68.26 -39.59 95.06
CA ASP Q 188 67.57 -42.99 96.61
CA TYR Q 189 70.56 -44.67 95.01
CA PRO Q 190 70.84 -48.36 94.23
CA PRO Q 191 73.36 -49.32 96.92
CA PHE Q 192 76.75 -51.05 96.78
CA GLY Q 193 77.05 -53.82 94.21
CA ALA Q 194 73.74 -52.90 92.55
CA GLY Q 195 75.01 -50.74 89.70
CA ARG Q 196 73.41 -51.97 86.50
CA PRO Q 197 75.07 -51.53 83.06
CA GLY Q 198 74.50 -47.94 82.10
CA GLN Q 199 73.14 -47.16 85.54
CA PHE Q 200 74.55 -44.56 87.95
CA GLY Q 201 77.07 -46.44 90.05
CA ASP Q 202 77.92 -49.31 87.71
CA ILE Q 203 81.53 -48.71 88.72
CA GLN Q 204 81.04 -49.05 92.42
CA SER Q 205 83.60 -48.84 95.20
CA ARG Q 206 83.45 -47.49 98.73
CA THR Q 207 86.30 -44.97 98.87
CA PRO Q 208 88.05 -43.49 95.78
CA GLU Q 209 91.25 -45.43 96.55
CA SER Q 210 89.35 -48.62 97.43
CA LYS Q 211 89.63 -51.37 94.84
CA ASP Q 212 86.48 -53.19 95.99
CA VAL Q 213 85.34 -52.86 92.41
CA TYR Q 214 81.81 -53.80 91.60
CA ALA Q 215 81.76 -53.40 87.85
CA ASN Q 216 78.62 -54.35 85.95
CA THR Q 217 79.09 -52.05 82.98
CA GLN Q 218 78.98 -54.24 79.81
CA LEU Q 219 82.60 -54.97 78.90
CA VAL Q 220 82.06 -56.92 75.67
CA LEU Q 221 83.86 -57.06 72.29
CA GLN Q 222 82.11 -58.10 69.07
CA ARG Q 223 84.81 -58.90 66.38
CA PRO Q 224 87.17 -57.08 64.03
CA ALA Q 225 85.62 -58.64 60.97
CA ALA Q 226 88.36 -59.66 58.52
CA GLY Q 227 90.13 -56.48 57.60
CA THR Q 228 92.64 -54.67 59.81
CA VAL Q 229 94.33 -54.34 63.18
CA HIS Q 230 91.20 -53.34 64.93
CA VAL Q 231 89.18 -53.43 68.12
CA PRO Q 232 85.50 -52.56 67.68
CA TYR Q 233 83.77 -52.04 70.99
CA SER Q 234 80.11 -52.44 71.77
CA GLN Q 235 79.53 -49.88 74.47
CA ALA Q 236 80.31 -49.76 78.13
CA PRO Q 237 77.42 -47.53 79.22
CA SER Q 238 78.33 -45.49 82.17
CA GLY Q 239 77.82 -44.18 85.67
CA PHE Q 240 78.90 -40.53 85.15
CA LYS Q 241 78.12 -40.00 81.44
CA TYR Q 242 74.75 -41.45 82.52
CA TRP Q 243 74.66 -39.13 85.57
CA LEU Q 244 75.57 -35.74 84.05
CA LYS Q 245 72.05 -35.21 82.64
CA GLU Q 246 70.11 -36.61 85.62
CA ARG Q 247 71.81 -34.57 88.33
CA GLY Q 248 68.66 -32.50 88.79
CA ALA Q 249 68.25 -30.41 91.91
CA SER Q 250 70.45 -30.36 95.00
CA LEU Q 251 69.14 -30.40 98.57
CA GLN Q 252 69.52 -26.63 98.69
CA HIS Q 253 67.16 -26.69 95.70
CA THR Q 254 64.49 -29.10 96.98
CA ALA Q 255 64.26 -28.62 100.75
CA PRO Q 256 60.98 -27.26 102.13
CA PHE Q 257 60.90 -24.30 104.54
CA GLY Q 258 63.01 -22.58 101.86
CA CYS Q 259 66.42 -22.90 103.50
CA GLN Q 260 69.65 -23.86 101.82
CA ILE Q 261 71.83 -26.81 102.76
CA ALA Q 262 75.41 -25.99 103.67
CA THR Q 263 77.91 -28.56 102.50
CA ASN Q 264 81.36 -30.04 103.32
CA PRO Q 265 80.28 -31.58 105.74
CA VAL Q 266 76.59 -31.44 104.79
CA ARG Q 267 74.05 -29.86 107.17
CA ALA Q 268 70.84 -27.83 106.99
CA VAL Q 269 71.09 -24.14 107.81
CA ASN Q 270 68.07 -22.36 109.35
CA CYS Q 271 64.79 -23.79 108.14
CA ALA Q 272 62.41 -21.83 110.39
CA VAL Q 273 60.52 -24.76 111.93
CA GLY Q 274 59.16 -25.06 115.45
CA ASN Q 275 60.38 -23.14 118.49
CA MET Q 276 63.38 -22.77 120.82
CA PRO Q 277 63.03 -23.46 124.54
CA ILE Q 278 65.54 -21.02 126.03
CA SER Q 279 66.40 -21.27 129.73
CA ILE Q 280 68.44 -18.21 130.70
CA ASP Q 281 69.17 -16.80 134.16
CA ILE Q 282 69.42 -13.33 135.69
CA PRO Q 283 70.36 -12.30 139.23
CA GLU Q 284 68.82 -9.48 141.14
CA ALA Q 285 72.32 -8.05 141.65
CA ALA Q 286 73.37 -7.10 138.12
CA PHE Q 287 69.77 -6.00 137.56
CA THR Q 288 68.21 -2.94 139.14
CA ARG Q 289 65.34 -2.26 141.49
CA VAL Q 290 61.81 -0.96 140.96
CA VAL Q 291 62.50 1.91 143.39
CA ASP Q 292 65.47 3.50 141.56
CA ALA Q 293 63.70 2.84 138.27
CA PRO Q 294 61.15 5.65 137.87
CA SER Q 295 57.56 4.77 138.66
CA LEU Q 296 55.25 6.32 136.12
CA THR Q 297 51.71 7.65 135.78
CA ASP Q 298 49.82 10.09 133.55
CA MET Q 299 50.22 7.83 130.52
CA SER Q 300 47.75 9.00 127.89
CA CYS Q 301 47.01 6.27 125.35
CA GLU Q 302 47.23 7.30 121.70
CA VAL Q 303 49.06 6.45 118.51
CA PRO Q 304 50.13 8.83 115.77
CA ALA Q 305 49.46 5.98 113.31
CA CYS Q 306 49.55 2.21 112.97
CA THR Q 307 49.31 -0.01 109.88
CA HIS Q 308 48.31 -3.62 110.49
CA SER Q 309 50.48 -5.59 108.07
CA SER Q 310 53.73 -7.52 108.48
CA ASP Q 311 55.62 -4.20 108.42
CA PHE Q 312 56.66 -1.97 111.32
CA GLY Q 313 53.96 0.48 110.27
CA GLY Q 314 52.88 1.12 113.84
CA VAL Q 315 54.11 3.56 116.45
CA ALA Q 316 52.61 4.78 119.72
CA ILE Q 317 53.38 8.06 121.48
CA ILE Q 318 52.78 8.02 125.22
CA LYS Q 319 52.62 11.37 127.01
CA TYR Q 320 53.33 10.79 130.68
CA ALA Q 321 54.93 11.84 133.96
CA ALA Q 322 57.35 9.48 135.70
CA SER Q 323 59.17 10.00 139.00
CA LYS Q 324 62.96 9.74 138.79
CA LYS Q 325 65.75 9.50 136.26
CA GLY Q 326 66.41 6.04 134.85
CA LYS Q 327 65.86 3.56 132.03
CA CYS Q 328 62.70 1.53 131.54
CA ALA Q 329 61.20 -1.40 129.65
CA VAL Q 330 58.12 -1.76 127.41
CA HIS Q 331 55.90 -4.83 127.06
CA SER Q 332 52.44 -5.50 125.68
CA MET Q 333 50.90 -8.93 126.30
CA THR Q 334 49.41 -8.73 122.85
CA ASN Q 335 51.82 -11.04 121.05
CA ALA Q 336 50.32 -10.45 117.60
CA VAL Q 337 51.39 -6.81 117.96
CA THR Q 338 55.17 -6.97 118.25
CA ILE Q 339 56.83 -3.89 119.74
CA ARG Q 340 60.12 -2.89 118.12
CA GLU Q 341 62.05 -1.36 121.03
CA ALA Q 342 61.64 -1.62 124.79
CA GLU Q 343 64.64 -0.05 126.56
CA ILE Q 344 64.12 3.70 126.84
CA GLU Q 345 65.59 6.15 129.32
CA VAL Q 346 61.79 7.95 131.45
CA GLU Q 347 63.30 10.96 133.29
CA GLY Q 348 60.14 12.05 135.11
CA ASN Q 349 57.74 14.33 133.25
CA SER Q 350 58.33 13.58 129.57
CA GLN Q 351 57.08 11.76 126.48
CA LEU Q 352 58.54 8.66 124.82
CA GLN Q 353 58.11 6.66 121.63
CA ILE Q 354 57.62 2.99 120.89
CA SER Q 355 57.14 1.59 117.40
CA PHE Q 356 55.61 -1.78 116.63
CA SER Q 357 54.61 -4.21 113.94
CA THR Q 358 50.88 -4.03 113.97
CA ALA Q 359 48.11 -6.64 113.94
CA LEU Q 360 44.80 -5.34 115.22
CA ALA Q 361 42.53 -3.02 113.26
CA SER Q 362 41.37 -1.41 116.51
CA ALA Q 363 44.53 -1.97 118.56
CA GLU Q 364 43.02 -1.64 122.04
CA PHE Q 365 45.62 -3.34 124.25
CA ARG Q 366 47.68 -2.71 127.37
CA VAL Q 367 51.38 -2.03 127.83
CA GLN Q 368 53.27 -3.14 130.93
CA VAL Q 369 55.80 -0.37 131.58
CA CYS Q 370 58.16 -1.52 134.38
CA SER Q 371 55.61 -3.28 136.67
CA THR Q 372 53.04 -0.54 135.92
CA GLN Q 373 50.08 -1.13 133.68
CA VAL Q 374 48.73 1.33 131.14
CA HIS Q 375 46.28 0.56 128.37
CA CYS Q 376 47.15 1.64 124.81
CA ALA Q 377 44.41 2.92 122.50
CA ALA Q 378 44.67 2.77 118.71
CA GLU Q 379 42.55 2.64 115.56
CA CYS Q 380 44.79 1.26 112.84
CA HIS Q 381 45.69 1.69 108.52
CA PRO Q 382 44.76 -1.18 106.23
CA PRO Q 383 47.73 -2.69 104.38
CA LYS Q 384 48.57 -0.75 101.23
CA ARG Q 385 51.71 -0.17 99.16
CA THR Q 386 54.14 -1.48 102.71
CA THR Q 387 55.56 -3.67 99.09
CA VAL Q 388 57.42 -6.86 97.97
CA TYR Q 389 60.77 -7.40 99.42
CA TYR Q 390 59.90 -6.61 103.76
CA PRO Q 391 62.33 -9.33 104.86
CA ALA Q 392 60.29 -10.48 107.88
CA SER Q 393 56.87 -11.16 109.31
CA HIS Q 394 55.64 -11.09 112.90
CA THR Q 395 51.19 -11.39 113.12
CA THR Q 396 48.57 -13.99 114.06
CA LEU Q 397 45.12 -13.01 112.85
CA GLY Q 398 42.32 -15.53 112.75
CA VAL Q 399 42.70 -16.25 116.42
CA GLN Q 400 38.68 -15.77 118.14
CA ASP Q 401 38.49 -12.05 118.83
CA ILE Q 402 38.80 -9.82 115.75
CA SER Q 403 37.01 -6.94 117.50
CA ALA Q 404 37.55 -3.81 115.41
CA THR Q 405 35.73 -0.52 114.77
CA ALA Q 406 33.05 -2.34 112.73
CA MET Q 407 32.55 -5.00 115.43
CA SER Q 408 30.49 -2.53 117.52
CA TRP Q 409 27.49 -3.27 115.30
CA VAL Q 410 28.16 -7.01 115.48
CA GLN Q 411 28.93 -7.33 119.19
CA LYS Q 412 26.40 -4.86 120.61
CA ILE Q 413 23.20 -4.46 118.65
CA THR Q 414 22.55 -7.82 117.03
CA GLY Q 415 24.18 -9.52 119.98
CA GLY Q 416 21.32 -8.07 122.03
CA VAL Q 417 18.51 -9.71 120.05
CA GLY Q 418 18.18 -12.85 122.14
CA LEU Q 419 16.01 -11.46 124.93
CA VAL Q 420 12.76 -12.45 123.29
CA VAL Q 421 12.78 -16.12 124.34
CA ALA Q 422 10.87 -15.40 127.60
CA VAL Q 423 7.47 -14.65 125.99
CA ALA Q 424 6.38 -18.29 125.79
CA ALA Q 425 7.31 -18.64 129.48
CA LEU Q 426 6.30 -15.15 130.62
CA ILE Q 427 2.52 -15.33 131.05
CA LEU Q 428 2.08 -18.07 128.45
CA ILE Q 429 3.25 -20.45 131.22
CA VAL Q 430 -0.31 -20.53 132.62
CA VAL Q 431 -1.39 -21.82 129.18
CA LEU Q 432 1.62 -23.85 128.03
CA CYS Q 433 2.37 -27.39 129.07
CA VAL Q 434 0.93 -30.88 128.70
CA SER Q 435 2.06 -31.62 132.25
CA PHE Q 436 4.77 -29.33 133.62
CA SER Q 437 3.94 -25.87 134.75
CA ARG Q 438 1.25 -24.27 136.81
CA HIS Q 439 0.02 -25.30 140.26
CA ASN R 1 111.85 -33.55 81.70
CA PHE R 2 109.33 -35.77 79.83
CA ASN R 3 112.06 -38.38 79.29
CA VAL R 4 109.66 -41.12 78.21
CA TYR R 5 108.49 -39.57 74.91
CA LYS R 6 112.02 -40.06 73.62
CA ALA R 7 112.74 -43.81 73.45
CA THR R 8 109.23 -44.49 72.13
CA ARG R 9 107.94 -44.80 68.59
CA PRO R 10 104.60 -44.17 66.87
CA TYR R 11 102.48 -46.66 65.01
CA LEU R 12 100.74 -46.42 61.65
CA ALA R 13 97.27 -47.85 62.13
CA HIS R 14 93.87 -47.74 60.47
CA CYS R 15 91.88 -44.60 61.05
CA PRO R 16 88.14 -45.42 61.16
CA ASP R 17 87.63 -42.57 58.67
CA CYS R 18 90.63 -40.83 57.11
CA GLY R 19 88.41 -38.13 55.65
CA GLU R 20 86.71 -38.26 52.23
CA GLY R 21 83.95 -40.47 53.69
CA HIS R 22 86.19 -43.54 53.80
CA SER R 23 89.05 -45.02 55.78
CA CYS R 24 92.73 -45.92 55.48
CA HIS R 25 95.84 -46.13 57.65
CA SER R 26 97.12 -43.24 59.65
CA PRO R 27 99.91 -41.90 61.86
CA VAL R 28 97.19 -39.95 63.70
CA ALA R 29 94.96 -42.99 64.27
CA LEU R 30 93.25 -42.11 67.57
CA GLU R 31 93.26 -44.47 70.54
CA ARG R 32 91.92 -42.50 73.50
CA ILE R 33 89.35 -39.72 73.96
CA ARG R 34 88.82 -37.88 77.25
CA ASN R 35 86.82 -34.76 78.10
CA GLU R 36 86.16 -35.21 81.84
CA ALA R 37 87.23 -31.55 82.25
CA THR R 38 84.01 -29.67 83.05
CA ASP R 39 85.16 -26.53 81.25
CA GLY R 40 85.07 -28.60 78.06
CA THR R 41 88.74 -29.07 77.19
CA LEU R 42 89.24 -32.41 75.44
CA LYS R 43 92.28 -34.64 75.88
CA ILE R 44 93.14 -37.02 73.07
CA GLN R 45 96.16 -39.28 72.82
CA VAL R 46 97.27 -39.26 69.19
CA SER R 47 99.19 -42.33 68.00
CA LEU R 48 102.29 -40.32 67.09
CA GLN R 49 103.97 -37.89 69.45
CA ILE R 50 104.54 -34.19 68.92
CA GLY R 51 107.23 -31.90 70.22
CA ILE R 52 110.20 -34.30 70.06
CA LYS R 53 112.11 -35.34 66.93
CA THR R 54 113.44 -38.83 66.27
CA ASP R 55 116.61 -37.68 68.07
CA ASP R 56 114.87 -38.70 71.34
CA SER R 57 115.79 -35.31 72.80
CA HIS R 58 114.23 -32.53 74.89
CA ASP R 59 113.08 -30.94 71.63
CA TRP R 60 110.09 -28.79 70.88
CA THR R 61 110.45 -27.82 67.23
CA LYS R 62 109.39 -31.02 65.44
CA LEU R 63 107.24 -34.14 65.89
CA ARG R 64 107.97 -37.86 65.69
CA TYR R 65 105.59 -39.75 63.40
CA MET R 66 105.71 -43.28 61.99
CA ASP R 67 106.61 -43.81 58.31
CA ASN R 68 108.48 -46.41 56.21
CA HIS R 69 108.96 -48.96 59.04
CA MET R 70 110.56 -46.30 61.26
CA PRO R 71 109.85 -43.15 63.27
CA ALA R 72 109.97 -40.18 60.88
CA ASP R 73 110.00 -36.45 61.60
CA ALA R 74 107.62 -33.66 60.73
CA GLU R 75 107.38 -30.11 62.05
CA ARG R 76 105.66 -29.12 65.29
CA ALA R 77 103.47 -26.41 63.74
CA GLY R 78 101.88 -28.66 61.08
CA LEU R 79 98.89 -29.63 63.22
CA PHE R 80 95.26 -28.83 62.45
CA VAL R 81 92.03 -30.04 64.07
CA ARG R 82 88.35 -29.50 63.28
CA THR R 83 85.31 -30.67 65.23
CA SER R 84 82.69 -28.71 63.31
CA ALA R 85 84.78 -25.56 62.89
CA PRO R 86 88.60 -25.47 62.90
CA CYS R 87 88.87 -25.19 66.63
CA THR R 88 91.43 -23.79 69.03
CA ILE R 89 94.26 -25.45 70.98
CA THR R 90 95.28 -24.88 74.60
CA GLY R 91 98.52 -26.87 74.93
CA THR R 92 99.90 -30.12 73.50
CA ILE R 93 102.90 -32.23 74.52
CA GLY R 94 103.99 -35.80 73.78
CA HIS R 95 101.46 -38.22 72.28
CA PHE R 96 98.73 -36.00 73.70
CA ILE R 97 96.55 -33.26 72.20
CA LEU R 98 94.31 -30.79 74.03
CA ALA R 99 91.87 -28.42 72.36
CA ARG R 100 89.44 -25.64 73.29
CA CYS R 101 86.25 -25.76 71.22
CA PRO R 102 82.48 -26.13 71.77
CA LYS R 103 79.83 -28.70 70.82
CA GLY R 104 80.41 -30.94 67.82
CA GLU R 105 79.73 -34.56 66.95
CA THR R 106 82.39 -35.02 64.27
CA LEU R 107 86.05 -34.41 64.91
CA THR R 108 88.96 -34.84 62.53
CA VAL R 109 92.67 -34.48 63.23
CA GLY R 110 95.48 -33.61 60.86
CA PHE R 111 99.04 -32.44 60.65
CA THR R 112 100.97 -31.14 57.66
CA ASP R 113 103.90 -33.54 57.47
CA SER R 114 107.37 -33.20 55.93
CA ARG R 115 105.92 -33.92 52.46
CA LYS R 116 103.07 -31.38 52.89
CA ILE R 117 100.05 -33.72 52.86
CA SER R 118 97.12 -34.09 55.25
CA HIS R 119 97.36 -37.11 57.51
CA SER R 120 93.64 -37.06 58.19
CA CYS R 121 91.66 -39.07 60.73
CA THR R 122 87.99 -38.25 61.30
CA HIS R 123 86.22 -39.47 64.42
CA PRO R 124 82.62 -39.40 65.68
CA PHE R 125 82.51 -37.97 69.19
CA HIS R 126 79.70 -35.75 70.43
CA HIS R 127 81.99 -33.33 72.21
CA ASP R 128 80.13 -31.57 74.95
CA PRO R 129 81.23 -29.08 77.54
CA PRO R 130 78.52 -29.46 80.20
CA VAL R 131 76.25 -26.58 81.08
CA ILE R 132 78.76 -25.03 83.43
CA GLY R 133 77.61 -23.15 86.52
CA ARG R 134 73.91 -22.39 86.37
CA GLU R 135 73.68 -20.66 82.98
CA LYS R 136 73.42 -21.57 79.30
CA PHE R 137 75.99 -19.12 77.93
CA HIS R 138 78.97 -19.73 75.67
CA SER R 139 81.58 -17.22 76.88
CA ARG R 140 81.98 -14.92 79.85
CA PRO R 141 82.30 -11.16 80.27
CA GLN R 142 83.92 -9.42 83.20
CA HIS R 143 80.85 -9.96 85.39
CA GLY R 144 80.72 -13.56 86.51
CA LYS R 145 80.54 -15.64 89.65
CA GLU R 146 83.00 -18.27 90.90
CA LEU R 147 82.42 -22.02 90.60
CA PRO R 148 85.06 -24.72 90.85
CA CYS R 149 85.45 -26.63 87.60
CA SER R 150 87.55 -29.56 86.43
CA THR R 151 90.20 -28.68 83.88
CA TYR R 152 93.61 -29.93 82.80
CA VAL R 153 96.90 -28.68 84.18
CA GLN R 154 99.59 -28.08 81.54
CA SER R 155 102.12 -30.31 83.32
CA THR R 156 104.00 -32.97 81.33
CA ALA R 157 105.82 -34.50 84.33
CA ALA R 158 102.67 -36.08 85.75
CA THR R 159 102.11 -39.56 87.19
CA THR R 160 99.64 -41.77 89.16
CA GLU R 161 97.76 -42.44 85.95
CA GLU R 162 99.96 -44.44 83.66
CA ILE R 163 100.03 -45.91 80.17
CA GLU R 164 102.43 -48.83 79.82
CA VAL R 165 105.10 -49.10 77.12
CA HIS R 166 106.34 -52.28 75.43
CA MET R 167 108.40 -53.47 72.50
CA PRO R 168 106.48 -53.43 69.19
CA PRO R 169 106.13 -56.98 67.85
CA ASP R 170 106.06 -56.42 64.10
CA THR R 171 105.67 -53.88 61.31
CA PRO R 172 105.05 -55.71 58.04
CA ASP R 173 104.99 -54.97 54.32
CA HIS R 174 103.61 -56.60 51.20
CA THR R 175 105.44 -53.99 49.09
CA LEU R 176 108.74 -55.63 50.18
CA MET R 177 107.93 -58.58 47.88
CA SER R 178 108.69 -58.39 44.18
CA GLN R 179 108.42 -61.50 42.01
CA GLN R 180 110.84 -62.42 39.22
CA SER R 181 108.37 -64.71 37.39
CA GLY R 182 107.92 -67.26 40.16
CA ASN R 183 111.02 -66.11 42.07
CA VAL R 184 110.54 -63.66 44.94
CA LYS R 185 112.99 -60.80 44.93
CA ILE R 186 111.94 -60.07 48.50
CA THR R 187 113.14 -56.59 49.45
CA VAL R 188 114.40 -56.37 53.03
CA ASN R 189 116.24 -53.00 53.24
CA GLY R 190 118.29 -53.98 56.27
CA GLN R 191 115.61 -54.86 58.85
CA THR R 192 114.49 -57.96 60.74
CA VAL R 193 112.01 -59.32 58.19
CA ARG R 194 109.99 -62.07 59.85
CA TYR R 195 109.39 -64.24 55.93
CA LYS R 196 108.13 -67.43 57.51
CA CYS R 197 106.04 -68.43 54.55
CA ASN R 198 104.85 -71.22 52.27
CA CYS R 199 107.62 -70.91 49.68
CA GLY R 200 109.30 -73.86 52.18
CA GLY R 201 109.03 -70.76 54.31
CA SER R 202 112.14 -68.71 53.99
CA ASN R 203 112.73 -72.12 53.56
CA GLU R 204 112.41 -71.02 57.13
CA GLY R 205 113.30 -68.07 59.37
CA LEU R 206 113.82 -64.31 59.77
CA THR R 207 116.25 -62.40 57.59
CA THR R 208 117.97 -59.06 58.10
CA THR R 209 119.75 -58.68 54.72
CA ASP R 210 118.21 -58.46 51.25
CA LYS R 211 117.09 -61.77 49.78
CA VAL R 212 116.28 -63.10 46.31
CA ILE R 213 114.47 -66.42 46.67
CA ASN R 214 113.42 -68.60 43.76
CA ASN R 215 110.42 -70.99 43.39
CA CYS R 216 107.95 -68.63 45.03
CA LYS R 217 105.21 -66.11 44.23
CA VAL R 218 103.19 -63.67 46.41
CA ASP R 219 100.61 -66.45 46.94
CA GLN R 220 103.27 -68.24 49.02
CA CYS R 221 105.01 -65.46 50.93
CA HIS R 222 105.14 -62.37 53.19
CA ALA R 223 107.58 -59.77 54.56
CA ALA R 224 107.38 -58.50 58.13
CA VAL R 225 109.86 -56.21 59.88
CA THR R 226 109.83 -57.09 63.57
CA ASN R 227 110.77 -53.63 64.81
CA HIS R 228 112.97 -53.71 67.88
CA LYS R 229 114.67 -50.34 68.40
CA LYS R 230 112.20 -48.07 70.24
CA TRP R 231 109.28 -48.65 72.59
CA GLN R 232 105.61 -49.00 71.73
CA TYR R 233 102.91 -48.09 74.23
CA ASN R 234 99.80 -50.13 74.96
CA SER R 235 97.39 -49.05 72.25
CA PRO R 236 94.24 -50.84 71.00
CA LEU R 237 95.52 -50.44 67.41
CA VAL R 238 98.92 -52.13 67.71
CA PRO R 239 98.88 -55.75 68.98
CA ARG R 240 101.04 -58.13 71.07
CA ASN R 241 103.76 -60.65 70.20
CA ALA R 242 101.63 -63.85 70.75
CA GLU R 243 102.18 -64.06 74.44
CA LEU R 244 103.19 -60.73 75.90
CA GLY R 245 103.57 -57.53 74.02
CA ASP R 246 102.31 -56.03 77.22
CA ARG R 247 105.92 -56.25 78.35
CA LYS R 248 107.52 -54.08 80.98
CA GLY R 249 108.12 -50.36 80.52
CA LYS R 250 106.68 -47.02 81.63
CA ILE R 251 105.63 -43.87 79.80
CA HIS R 252 104.20 -41.35 82.22
CA ILE R 253 101.23 -39.08 81.65
CA PRO R 254 101.00 -35.37 80.91
CA PHE R 255 98.15 -33.00 81.80
CA PRO R 256 96.72 -33.80 85.26
CA LEU R 257 93.35 -32.46 86.42
CA ALA R 258 92.47 -29.54 88.68
CA ASN R 259 89.25 -28.82 90.56
CA VAL R 260 89.82 -25.10 90.15
CA THR R 261 88.00 -21.90 89.27
CA CYS R 262 85.92 -21.42 86.16
CA ARG R 263 83.64 -18.40 85.84
CA VAL R 264 80.01 -18.31 84.71
CA PRO R 265 78.34 -14.96 83.92
CA LYS R 266 75.65 -13.62 86.18
CA ALA R 267 72.34 -13.08 84.43
CA ARG R 268 71.24 -9.48 84.15
CA ASN R 269 68.55 -8.37 86.55
CA PRO R 270 64.99 -8.31 85.17
CA THR R 271 62.38 -5.72 86.01
CA VAL R 272 60.07 -6.52 88.92
CA THR R 273 56.64 -5.10 89.81
CA TYR R 274 53.53 -6.05 91.74
CA GLY R 275 50.32 -7.83 90.85
CA LYS R 276 47.24 -9.15 92.68
CA ASN R 277 48.85 -10.81 95.74
CA GLN R 278 51.68 -11.60 93.34
CA VAL R 279 54.57 -10.40 91.20
CA ILE R 280 54.19 -9.29 87.59
CA MET R 281 57.64 -8.93 86.04
CA LEU R 282 59.04 -8.89 82.52
CA LEU R 283 61.85 -11.42 82.55
CA TYR R 284 65.10 -10.69 80.71
CA PRO R 285 67.28 -13.48 79.34
CA ASP R 286 69.03 -13.15 76.00
CA HIS R 287 70.93 -16.43 76.29
CA PRO R 288 69.09 -19.33 78.01
CA THR R 289 68.69 -18.76 81.71
CA LEU R 290 66.97 -20.78 84.44
CA LEU R 291 64.19 -19.75 86.81
CA SER R 292 63.53 -21.53 90.09
CA TYR R 293 61.07 -20.58 92.84
CA ARG R 294 59.91 -22.23 96.06
CA ASN R 295 58.12 -21.08 99.20
CA MET R 296 58.74 -20.91 102.94
CA GLY R 297 55.88 -23.25 103.83
CA GLU R 298 55.95 -26.81 105.09
CA GLU R 299 55.72 -27.77 101.42
CA PRO R 300 58.53 -26.63 99.07
CA ASN R 301 56.34 -25.56 96.09
CA TYR R 302 59.49 -25.84 94.02
CA GLN R 303 59.38 -25.25 90.26
CA GLU R 304 62.25 -24.97 87.78
CA GLU R 305 62.28 -23.80 84.17
CA TRP R 306 64.73 -22.36 81.63
CA VAL R 307 64.16 -19.23 79.51
CA MET R 308 66.04 -17.55 76.68
CA HIS R 309 63.35 -15.10 75.63
CA LYS R 310 62.13 -11.80 77.03
CA LYS R 311 58.73 -12.69 78.42
CA GLU R 312 56.22 -11.81 81.13
CA VAL R 313 56.08 -14.20 84.07
CA VAL R 314 53.39 -13.98 86.74
CA LEU R 315 54.82 -14.90 90.13
CA THR R 316 52.18 -15.76 92.74
CA VAL R 317 53.39 -14.92 96.24
CA PRO R 318 51.67 -16.63 99.20
CA THR R 319 51.41 -14.60 102.43
CA GLU R 320 54.30 -16.61 103.89
CA GLY R 321 56.36 -15.57 100.87
CA LEU R 322 58.56 -17.44 98.43
CA GLU R 323 61.97 -17.25 96.78
CA VAL R 324 62.98 -16.81 93.16
CA THR R 325 66.45 -17.46 91.71
CA TRP R 326 67.63 -15.96 88.41
CA GLY R 327 70.68 -17.12 86.52
CA ASN R 328 73.76 -16.77 88.69
CA ASN R 329 72.22 -14.15 90.98
CA GLU R 330 71.21 -14.57 94.61
CA PRO R 331 67.65 -15.67 95.53
CA TYR R 332 65.04 -12.96 95.96
CA LYS R 333 62.42 -13.53 98.69
CA TYR R 334 59.10 -11.71 98.77
CA TRP R 335 56.31 -10.89 101.22
CA PRO R 336 52.96 -9.85 99.77
CA GLN R 337 50.14 -7.48 100.62
CA LEU R 338 46.76 -6.98 98.99
CA SER R 339 44.86 -5.72 95.43
CA THR R 340 43.70 -1.58 95.91
CA ASN R 341 40.18 -1.10 93.56
CA GLY R 342 36.87 -1.45 95.40
CA THR R 343 33.92 1.48 94.41
CA ALA R 344 32.36 3.49 97.18
CA HIS R 345 31.38 1.85 101.02
CA GLY R 346 29.20 3.66 103.51
CA HIS R 347 28.44 4.04 106.67
CA PRO R 348 25.19 5.37 106.95
CA HIS R 349 25.73 1.18 107.78
CA GLU R 350 28.17 -0.54 105.41
CA ILE R 351 31.89 -0.53 106.18
CA ILE R 352 32.89 -4.07 105.23
CA LEU R 353 34.85 -2.81 102.26
CA TYR R 354 37.06 -1.68 105.14
CA TYR R 355 37.03 -5.42 105.81
CA TYR R 356 37.52 -6.25 102.11
CA GLU R 357 41.12 -5.06 101.78
CA LEU R 358 41.53 -6.30 105.36
CA TYR R 359 43.40 -9.57 104.61
CA PRO R 360 40.79 -11.16 102.24
CA THR R 361 39.83 -14.80 101.85
CA MET R 362 39.82 -14.16 105.60
CA THR R 363 37.34 -11.85 107.38
CA VAL R 364 35.69 -11.51 103.99
CA VAL R 365 34.53 -15.12 103.63
CA VAL R 366 35.56 -16.76 106.91
CA VAL R 367 33.48 -14.09 108.54
CA SER R 368 30.62 -15.31 106.33
CA VAL R 369 30.74 -18.86 107.71
CA ALA R 370 30.87 -17.27 111.18
CA THR R 371 27.61 -15.38 110.80
CA PHE R 372 25.65 -18.53 111.62
CA ILE R 373 25.93 -17.58 115.30
CA LEU R 374 24.38 -14.33 114.07
CA LEU R 375 21.86 -16.24 111.94
CA SER R 376 20.70 -18.70 114.61
CA MET R 377 17.81 -16.33 115.42
CA VAL R 378 15.19 -17.37 112.88
CA GLY R 379 14.30 -20.79 114.29
CA MET R 380 14.70 -19.35 117.78
CA ALA R 381 11.81 -17.06 116.81
CA ALA R 382 9.70 -19.87 115.33
CA GLY R 383 8.89 -22.53 117.97
CA MET R 384 9.12 -19.66 120.40
CA CYS R 385 6.03 -18.28 118.73
CA MET R 386 4.13 -21.57 118.27
CA CYS R 387 4.07 -21.54 122.07
CA ALA R 388 2.74 -17.98 121.71
CA ARG R 389 -0.10 -18.31 119.17
CA ARG R 390 -0.87 -22.00 118.74
CA ARG R 391 -1.24 -22.49 122.50
CA CYS R 392 -3.55 -19.48 122.97
CA ILE R 393 -6.89 -21.26 122.89
CA THR R 394 -5.34 -24.74 123.06
CA PRO R 395 -4.09 -25.99 126.45
CA TYR R 396 -6.41 -25.24 129.44
CA GLU R 397 -10.18 -24.82 129.20
CA LEU R 398 -10.60 -24.87 132.93
CA THR R 399 -11.53 -21.26 133.79
CA PRO R 400 -14.64 -20.11 131.89
CA GLY R 401 -14.50 -16.80 129.95
CA ALA R 402 -15.32 -17.88 126.30
CA THR R 403 -11.95 -16.15 125.63
CA VAL R 404 -9.53 -13.79 127.33
CA PRO R 405 -11.62 -10.60 127.05
CA PHE R 406 -8.86 -8.07 127.75
CA LEU R 407 -5.37 -9.49 127.38
CA LEU R 408 -5.44 -10.70 123.79
CA SER R 409 -3.35 -8.13 121.91
CA LEU R 410 -0.84 -9.00 124.66
CA ILE R 411 -1.09 -12.51 123.14
CA CYS R 412 -2.12 -11.69 119.50
CA CYS R 413 -2.96 -15.14 118.31
CA ILE R 414 -4.19 -15.99 114.82
CA ARG R 415 -5.92 -14.31 111.87
CA THR R 416 -5.79 -11.14 113.94
CA ALA R 417 -8.69 -9.53 112.12
CA LYS R 418 -11.83 -8.87 114.23
CA ALA R 419 -13.40 -5.47 115.10
CA TYR S 1 51.11 -95.00 51.70
CA GLU S 2 50.24 -91.47 50.54
CA HIS S 3 50.41 -89.50 53.77
CA VAL S 4 48.47 -86.31 53.13
CA THR S 5 48.97 -83.92 56.04
CA VAL S 6 48.21 -80.25 56.66
CA ILE S 7 51.04 -78.40 58.39
CA PRO S 8 50.53 -74.88 59.79
CA ASN S 9 52.42 -71.80 58.59
CA THR S 10 55.23 -70.75 60.93
CA VAL S 11 58.77 -69.62 61.27
CA GLY S 12 60.92 -72.62 62.08
CA VAL S 13 58.61 -74.40 64.58
CA PRO S 14 58.81 -78.18 64.04
CA TYR S 15 55.26 -79.50 63.88
CA LYS S 16 55.00 -83.14 64.93
CA THR S 17 53.66 -85.02 61.92
CA LEU S 18 52.30 -88.48 62.65
CA VAL S 19 53.34 -90.68 59.77
CA ASN S 20 51.35 -93.74 60.83
CA ARG S 21 52.18 -96.78 58.81
CA PRO S 22 49.40 -99.11 57.60
CA GLY S 23 49.89 -102.01 59.97
CA TYR S 24 53.42 -101.22 61.06
CA SER S 25 55.11 -99.16 63.78
CA PRO S 26 54.80 -95.44 62.88
CA MET S 27 57.70 -93.04 62.49
CA VAL S 28 56.26 -89.73 63.64
CA LEU S 29 58.38 -87.09 61.92
CA GLU S 30 58.45 -83.37 62.62
CA MET S 31 58.64 -80.67 59.95
CA GLU S 32 59.20 -76.92 60.02
CA LEU S 33 58.97 -74.51 57.14
CA LEU S 34 61.46 -71.71 56.63
CA SER S 35 60.23 -69.26 53.98
CA VAL S 36 56.86 -68.59 52.35
CA THR S 37 57.99 -66.76 49.24
CA LEU S 38 54.94 -65.55 47.32
CA GLU S 39 55.61 -63.17 44.47
CA PRO S 40 53.36 -60.57 42.86
CA THR S 41 53.75 -59.40 39.29
CA LEU S 42 55.35 -56.23 38.01
CA SER S 43 53.74 -54.27 35.19
CA LEU S 44 55.10 -50.82 34.44
CA ASP S 45 52.74 -47.87 34.46
CA TYR S 46 55.47 -45.22 34.54
CA ILE S 47 58.75 -44.27 36.09
CA THR S 48 59.49 -40.78 37.32
CA CYS S 49 62.66 -38.72 37.44
CA GLU S 50 63.75 -35.39 38.75
CA TYR S 51 63.04 -32.47 36.48
CA LYS S 52 65.80 -31.01 34.34
CA THR S 53 64.79 -27.60 33.06
CA VAL S 54 67.35 -27.54 30.28
CA ILE S 55 67.65 -23.80 29.67
CA PRO S 56 69.68 -22.91 26.57
CA SER S 57 70.84 -19.41 25.79
CA PRO S 58 68.12 -16.73 25.52
CA TYR S 59 66.87 -15.29 22.25
CA VAL S 60 67.56 -11.54 22.30
CA LYS S 61 67.01 -8.94 19.56
CA CYS S 62 68.52 -5.47 19.14
CA CYS S 63 66.04 -2.59 18.60
CA GLY S 64 63.35 -5.03 17.54
CA THR S 65 60.76 -7.45 18.83
CA ALA S 66 61.85 -11.06 19.29
CA GLU S 67 59.44 -13.78 18.20
CA CYS S 68 57.93 -16.79 19.98
CA LYS S 69 58.45 -19.79 17.73
CA ASP S 70 56.40 -22.55 19.30
CA LYS S 71 57.32 -26.17 18.75
CA ASN S 72 57.18 -29.41 20.61
CA LEU S 73 59.78 -29.82 23.32
CA PRO S 74 59.00 -31.75 26.52
CA ASP S 75 57.19 -29.06 28.52
CA TYR S 76 58.23 -26.44 25.97
CA SER S 77 58.26 -22.82 27.05
CA CYS S 78 59.42 -19.62 25.39
CA LYS S 79 58.26 -16.10 26.14
CA VAL S 80 59.58 -12.90 24.57
CA PHE S 81 60.62 -10.35 27.16
CA THR S 82 60.58 -6.86 25.74
CA GLY S 83 62.10 -3.57 26.79
CA VAL S 84 65.02 -5.11 28.69
CA TYR S 85 68.33 -3.21 28.52
CA PRO S 86 70.73 -6.06 29.24
CA PHE S 87 74.26 -5.55 30.51
CA MET S 88 77.43 -7.55 30.13
CA TRP S 89 80.91 -6.95 31.63
CA GLY S 90 81.54 -3.65 29.95
CA GLY S 91 78.04 -2.33 30.51
CA ALA S 92 75.06 -2.75 28.24
CA TYR S 93 74.73 -5.52 25.64
CA CYS S 94 73.27 -2.98 23.19
CA PHE S 95 72.61 0.74 23.07
CA CYS S 96 69.00 0.69 22.28
CA ASP S 97 67.55 3.58 24.25
CA ALA S 98 64.95 1.30 25.84
CA GLU S 99 64.05 -1.83 23.33
CA ASN S 100 65.91 -5.07 23.59
CA THR S 101 63.57 -8.05 23.41
CA GLN S 102 64.90 -11.27 24.91
CA LEU S 103 63.03 -14.56 24.59
CA SER S 104 63.96 -17.08 27.26
CA GLU S 105 63.83 -20.72 26.19
CA ALA S 106 63.24 -23.41 28.80
CA HIS S 107 61.92 -26.96 28.63
CA VAL S 108 62.35 -30.14 30.65
CA GLU S 109 63.93 -33.51 29.86
CA LYS S 110 64.43 -36.75 31.79
CA SER S 111 67.39 -37.63 33.95
CA GLU S 112 70.57 -39.56 33.38
CA SER S 113 70.36 -40.27 37.10
CA CYS S 114 66.84 -41.71 36.68
CA LYS S 115 68.20 -44.08 34.06
CA THR S 116 69.63 -46.24 36.84
CA GLU S 117 68.17 -44.87 40.11
CA PHE S 118 64.59 -43.73 40.05
CA ALA S 119 61.10 -44.19 41.45
CA SER S 120 59.02 -46.55 39.34
CA ALA S 121 55.25 -46.88 39.40
CA TYR S 122 53.78 -50.27 38.59
CA ARG S 123 51.12 -52.81 39.52
CA ALA S 124 51.84 -56.02 41.43
CA HIS S 125 49.16 -58.65 40.95
CA THR S 126 49.60 -62.41 41.28
CA ALA S 127 49.98 -65.18 43.85
CA SER S 128 52.93 -67.46 43.12
CA ALA S 129 54.05 -68.98 46.41
CA SER S 130 57.40 -70.66 47.13
CA ALA S 131 58.29 -72.80 50.13
CA LYS S 132 61.41 -73.78 52.08
CA LEU S 133 60.56 -76.82 54.19
CA ARG S 134 62.69 -78.88 56.59
CA VAL S 135 62.09 -82.58 57.32
CA LEU S 136 64.03 -84.94 59.52
CA TYR S 137 63.95 -87.78 57.09
CA GLN S 138 63.92 -90.87 59.26
CA GLY S 139 65.74 -88.45 61.56
CA ASN S 140 67.94 -87.11 58.74
CA ASN S 141 67.78 -83.33 58.97
CA ILE S 142 67.23 -82.24 55.36
CA THR S 143 65.56 -79.19 53.87
CA VAL S 144 63.38 -79.51 50.77
CA THR S 145 62.45 -76.67 48.44
CA ALA S 146 58.91 -76.22 47.20
CA TYR S 147 56.31 -73.96 45.78
CA ALA S 148 53.70 -73.40 48.47
CA ASN S 149 50.88 -73.86 45.99
CA GLY S 150 49.84 -77.12 44.35
CA ASP S 151 52.22 -77.06 41.38
CA HIS S 152 55.84 -77.85 42.36
CA ALA S 153 56.51 -81.45 43.34
CA VAL S 154 59.96 -83.05 43.26
CA THR S 155 61.12 -86.42 44.55
CA VAL S 156 63.99 -86.38 47.04
CA LYS S 157 65.21 -89.44 48.99
CA ASP S 158 62.44 -91.90 47.97
CA ALA S 159 59.58 -89.46 48.67
CA LYS S 160 57.95 -86.43 47.08
CA PHE S 161 55.38 -83.91 48.27
CA ILE S 162 52.43 -81.77 47.27
CA VAL S 163 53.04 -78.65 49.34
CA GLY S 164 49.90 -76.57 49.29
CA PRO S 165 47.84 -75.17 47.62
CA MET S 166 47.72 -72.13 49.82
CA SER S 167 44.69 -71.65 52.05
CA SER S 168 45.12 -67.97 52.86
CA ALA S 169 45.34 -65.81 49.74
CA TRP S 170 46.37 -62.66 51.63
CA THR S 171 48.92 -60.39 50.01
CA PRO S 172 50.59 -57.26 51.43
CA PHE S 173 50.80 -55.91 47.86
CA ASP S 174 48.27 -53.38 46.59
CA ASN S 175 47.46 -52.53 42.98
CA LYS S 176 49.36 -49.22 42.87
CA ILE S 177 52.90 -49.44 44.21
CA VAL S 178 56.16 -47.58 43.56
CA VAL S 179 59.67 -49.03 43.80
CA TYR S 180 62.68 -46.72 44.18
CA LYS S 181 66.37 -47.72 43.72
CA GLY S 182 66.12 -50.34 46.45
CA ASP S 183 62.87 -50.00 48.36
CA VAL S 184 59.22 -50.44 47.36
CA TYR S 185 56.39 -48.15 48.46
CA ASN S 186 52.68 -49.03 48.24
CA MET S 187 51.46 -45.49 47.79
CA ASP S 188 48.49 -45.41 45.44
CA TYR S 189 50.20 -43.27 42.84
CA PRO S 190 48.46 -40.98 40.40
CA PRO S 191 49.01 -43.01 37.21
CA PHE S 192 50.57 -42.19 33.84
CA GLY S 193 49.92 -38.67 32.58
CA ALA S 194 48.46 -37.53 35.92
CA GLY S 195 51.52 -35.91 37.46
CA ARG S 196 50.52 -32.48 38.69
CA PRO S 197 53.03 -29.58 39.00
CA GLY S 198 55.01 -30.26 42.13
CA GLN S 199 53.45 -33.68 42.45
CA PHE S 200 55.34 -37.00 42.53
CA GLY S 201 55.52 -38.11 38.92
CA ASP S 202 55.13 -34.77 37.15
CA ILE S 203 57.91 -35.98 34.87
CA GLN S 204 56.26 -39.16 33.77
CA SER S 205 57.50 -41.80 31.35
CA ARG S 206 57.14 -45.56 31.25
CA THR S 207 60.74 -46.80 31.03
CA PRO S 208 63.83 -44.68 31.87
CA GLU S 209 64.87 -44.56 28.20
CA SER S 210 61.30 -43.96 27.00
CA LYS S 211 60.64 -40.44 25.76
CA ASP S 212 56.86 -40.66 26.23
CA VAL S 213 57.25 -37.55 28.35
CA TYR S 214 54.26 -36.38 30.29
CA ALA S 215 55.56 -33.17 31.78
CA ASN S 216 53.20 -31.01 33.81
CA THR S 217 55.78 -29.33 36.01
CA GLN S 218 55.33 -25.52 35.60
CA LEU S 219 57.88 -24.44 33.00
CA VAL S 220 57.27 -20.67 33.06
CA LEU S 221 59.53 -17.58 32.87
CA GLN S 222 58.54 -14.22 34.33
CA ARG S 223 60.89 -11.47 32.86
CA PRO S 224 64.42 -10.17 33.28
CA ALA S 225 63.23 -6.71 34.21
CA ALA S 226 65.40 -4.09 32.50
CA GLY S 227 68.89 -4.65 33.79
CA THR S 228 71.19 -7.45 32.68
CA VAL S 229 71.67 -10.65 30.71
CA HIS S 230 69.40 -12.63 32.89
CA VAL S 231 66.90 -15.45 33.15
CA PRO S 232 64.77 -15.39 36.31
CA TYR S 233 62.81 -18.57 36.75
CA SER S 234 59.59 -19.06 38.64
CA GLN S 235 59.87 -22.61 39.90
CA ALA S 236 59.47 -25.96 38.31
CA PRO S 237 58.29 -27.88 41.39
CA SER S 238 59.32 -31.43 41.25
CA GLY S 239 58.68 -35.15 41.36
CA PHE S 240 61.81 -36.27 43.31
CA LYS S 241 62.61 -33.13 45.36
CA TYR S 242 58.91 -33.45 46.25
CA TRP S 243 59.31 -37.20 46.92
CA LEU S 244 62.44 -37.30 49.11
CA LYS S 245 60.53 -36.22 52.24
CA GLU S 246 57.37 -38.28 51.62
CA ARG S 247 59.06 -41.62 51.03
CA GLY S 248 57.78 -42.89 54.36
CA ALA S 249 57.80 -46.62 55.07
CA SER S 250 58.57 -49.44 52.67
CA LEU S 251 56.52 -52.62 52.37
CA GLN S 252 59.01 -54.36 54.65
CA HIS S 253 58.06 -51.61 57.12
CA THR S 254 54.26 -51.71 56.82
CA ALA S 255 53.28 -55.31 56.11
CA PRO S 256 51.20 -57.10 58.76
CA PHE S 257 52.18 -60.56 60.05
CA GLY S 258 55.57 -58.90 60.69
CA CYS S 259 57.47 -60.27 57.71
CA GLN S 260 59.82 -58.38 55.45
CA ILE S 261 59.44 -57.99 51.72
CA ALA S 262 62.35 -59.21 49.62
CA THR S 263 63.06 -57.06 46.59
CA ASN S 264 64.54 -57.21 43.06
CA PRO S 265 62.11 -58.71 41.95
CA VAL S 266 59.70 -57.88 44.77
CA ARG S 267 58.02 -60.67 46.77
CA ALA S 268 56.86 -61.35 50.33
CA VAL S 269 58.99 -63.68 52.42
CA ASN S 270 57.32 -65.80 55.13
CA CYS S 271 54.36 -64.07 56.70
CA ALA S 272 53.07 -66.91 58.89
CA VAL S 273 49.47 -67.02 57.64
CA GLY S 274 47.24 -70.05 57.22
CA ASN S 275 48.41 -73.64 56.76
CA MET S 276 50.20 -75.92 54.29
CA PRO S 277 48.43 -78.97 52.88
CA ILE S 278 51.33 -81.40 52.40
CA SER S 279 50.75 -84.65 50.50
CA ILE S 280 53.81 -86.86 50.92
CA ASP S 281 54.19 -90.59 50.30
CA ILE S 282 55.96 -93.48 52.02
CA PRO S 283 56.24 -97.12 50.97
CA GLU S 284 56.20 -100.06 53.31
CA ALA S 285 59.52 -101.18 51.81
CA ALA S 286 61.90 -98.40 52.89
CA PHE S 287 60.01 -98.34 56.20
CA THR S 288 60.18 -101.06 58.82
CA ARG S 289 57.73 -103.45 60.41
CA VAL S 290 56.01 -103.49 63.79
CA VAL S 291 57.51 -106.92 64.52
CA ASP S 292 61.21 -105.99 64.23
CA ALA S 293 60.46 -102.73 65.99
CA PRO S 294 60.32 -103.54 69.72
CA SER S 295 56.86 -103.84 71.22
CA LEU S 296 56.79 -102.19 74.61
CA THR S 297 55.00 -102.41 77.96
CA ASP S 298 55.68 -101.44 81.58
CA MET S 299 55.53 -97.74 80.74
CA SER S 300 55.14 -95.84 84.01
CA CYS S 301 53.71 -92.37 83.44
CA GLU S 302 55.55 -89.52 85.14
CA VAL S 303 57.35 -86.29 84.38
CA PRO S 304 60.36 -84.87 86.16
CA ALA S 305 58.91 -81.41 85.46
CA CYS S 306 56.84 -79.47 82.94
CA THR S 307 56.25 -75.73 82.55
CA HIS S 308 53.19 -74.71 80.55
CA SER S 309 54.36 -71.69 78.56
CA SER S 310 55.54 -71.27 74.97
CA ASP S 311 58.94 -72.66 76.01
CA PHE S 312 60.21 -76.26 75.93
CA GLY S 313 59.92 -76.34 79.70
CA GLY S 314 58.45 -79.82 79.71
CA VAL S 315 60.04 -83.24 79.74
CA ALA S 316 58.68 -86.70 80.52
CA ILE S 317 60.69 -89.71 81.69
CA ILE S 318 59.12 -93.06 80.87
CA LYS S 319 60.44 -96.12 82.69
CA TYR S 320 59.57 -99.20 80.66
CA ALA S 321 60.44 -102.62 79.28
CA ALA S 322 60.36 -103.20 75.51
CA SER S 323 61.06 -106.42 73.63
CA LYS S 324 63.82 -106.16 71.02
CA LYS S 325 66.52 -103.80 69.82
CA GLY S 326 65.39 -101.04 67.48
CA LYS S 327 64.33 -97.44 67.05
CA CYS S 328 60.90 -96.08 67.89
CA ALA S 329 58.59 -93.09 67.49
CA VAL S 330 56.72 -90.88 69.99
CA HIS S 331 53.34 -89.21 69.47
CA SER S 332 50.75 -87.64 71.73
CA MET S 333 47.38 -86.70 70.20
CA THR S 334 47.39 -83.65 72.43
CA ASN S 335 48.37 -81.06 69.83
CA ALA S 336 48.59 -78.19 72.32
CA VAL S 337 51.44 -80.09 73.98
CA THR S 338 54.09 -80.33 71.28
CA ILE S 339 56.74 -83.02 71.82
CA ARG S 340 60.26 -82.04 70.85
CA GLU S 341 61.78 -85.33 69.70
CA ALA S 342 60.21 -88.62 68.60
CA GLU S 343 62.88 -90.92 67.13
CA ILE S 344 64.62 -92.79 69.94
CA GLU S 345 66.45 -96.11 69.84
CA VAL S 346 64.04 -98.76 72.90
CA GLU S 347 66.41 -101.74 73.38
CA GLY S 348 64.15 -103.81 75.61
CA ASN S 349 64.23 -103.09 79.34
CA SER S 350 65.32 -99.45 79.62
CA GLN S 351 64.20 -95.86 80.18
CA LEU S 352 63.94 -93.05 77.64
CA GLN S 353 63.38 -89.30 77.57
CA ILE S 354 61.05 -87.05 75.63
CA SER S 355 60.89 -83.29 76.10
CA PHE S 356 57.97 -81.12 75.06
CA SER S 357 56.57 -77.64 74.90
CA THR S 358 53.85 -77.69 77.49
CA ALA S 359 50.25 -76.51 77.53
CA LEU S 360 48.15 -78.19 80.20
CA ALA S 361 48.38 -77.40 83.90
CA SER S 362 47.51 -81.01 84.72
CA ALA S 363 48.97 -82.65 81.61
CA GLU S 364 47.01 -85.92 81.71
CA PHE S 365 47.30 -87.20 78.15
CA ARG S 366 48.32 -90.32 76.23
CA VAL S 367 51.37 -91.07 74.10
CA GLN S 368 51.23 -93.41 71.12
CA VAL S 369 54.57 -95.21 71.14
CA CYS S 370 54.86 -97.28 67.90
CA SER S 371 51.24 -98.55 67.67
CA THR S 372 51.14 -99.02 71.46
CA GLN S 373 49.20 -96.72 73.71
CA VAL S 374 50.39 -95.47 77.09
CA HIS S 375 48.90 -92.61 79.07
CA CYS S 376 51.24 -89.87 80.35
CA ALA S 377 50.60 -88.31 83.77
CA ALA S 378 51.82 -84.83 84.69
CA GLU S 379 51.08 -81.92 87.00
CA CYS S 380 52.73 -78.90 85.46
CA HIS S 381 54.93 -75.20 86.54
CA PRO S 382 53.21 -71.88 85.92
CA PRO S 383 55.09 -69.59 83.53
CA LYS S 384 57.79 -67.60 85.29
CA ARG S 385 61.10 -66.01 84.28
CA THR S 386 61.11 -68.67 80.66
CA THR S 387 61.95 -64.47 79.37
CA VAL S 388 61.78 -62.12 76.34
CA TYR S 389 63.56 -63.23 73.30
CA TYR S 390 62.11 -67.47 73.03
CA PRO S 391 62.01 -67.32 69.23
CA ALA S 392 58.91 -69.52 68.82
CA SER S 393 55.51 -70.47 70.15
CA HIS S 394 53.60 -73.73 69.87
CA THR S 395 49.98 -73.75 72.53
CA THR S 396 46.21 -73.45 72.18
CA LEU S 397 44.55 -72.75 75.52
CA GLY S 398 40.98 -71.53 75.67
CA VAL S 399 39.78 -74.53 73.76
CA GLN S 400 36.53 -76.25 76.19
CA ASP S 401 38.39 -78.48 78.63
CA ILE S 402 40.84 -76.66 80.93
CA SER S 403 40.68 -79.46 83.52
CA ALA S 404 43.55 -78.93 85.96
CA THR S 405 44.31 -79.76 89.60
CA ALA S 406 41.81 -77.11 90.78
CA MET S 407 39.09 -78.39 88.44
CA SER S 408 38.38 -81.31 90.81
CA TRP S 409 36.34 -78.95 92.99
CA VAL S 410 34.58 -77.51 89.94
CA GLN S 411 33.87 -80.72 88.03
CA LYS S 412 33.02 -83.05 90.93
CA ILE S 413 31.42 -81.41 93.95
CA THR S 414 29.41 -78.49 92.60
CA GLY S 415 28.78 -80.44 89.42
CA GLY S 416 26.88 -82.88 91.64
CA VAL S 417 24.39 -80.35 93.00
CA GLY S 418 21.67 -80.87 90.41
CA LEU S 419 20.05 -83.97 91.91
CA VAL S 420 17.50 -82.03 93.90
CA VAL S 421 15.03 -81.40 91.05
CA ALA S 422 13.07 -84.62 91.76
CA VAL S 423 11.43 -83.46 95.02
CA ALA S 424 8.52 -81.69 93.33
CA ALA S 425 7.93 -84.87 91.29
CA LEU S 426 8.90 -87.41 93.97
CA ILE S 427 5.82 -87.65 96.21
CA LEU S 428 4.63 -84.13 95.46
CA ILE S 429 3.30 -85.61 92.20
CA VAL S 430 0.16 -86.80 94.03
CA VAL S 431 -0.40 -83.13 94.95
CA LEU S 432 1.00 -81.26 91.95
CA CYS S 433 -0.83 -80.68 88.72
CA VAL S 434 -3.87 -78.81 87.41
CA SER S 435 -4.50 -81.71 85.03
CA PHE S 436 -1.50 -83.97 84.37
CA SER S 437 -0.41 -86.46 86.91
CA ARG S 438 -2.10 -88.98 89.12
CA HIS S 439 -4.63 -91.64 88.14
CA ASN T 1 92.14 -37.35 26.43
CA PHE T 2 89.62 -34.56 27.25
CA ASN T 3 90.33 -32.96 23.86
CA VAL T 4 87.33 -30.62 24.01
CA TYR T 5 88.49 -28.41 26.91
CA LYS T 6 91.26 -27.17 24.65
CA ALA T 7 89.70 -25.26 21.71
CA THR T 8 87.14 -23.66 24.05
CA ARG T 9 87.22 -20.34 25.88
CA PRO T 10 85.69 -19.01 29.10
CA TYR T 11 83.31 -16.11 29.47
CA LEU T 12 83.30 -13.21 31.90
CA ALA T 13 79.74 -12.82 33.11
CA HIS T 14 77.86 -11.28 36.01
CA CYS T 15 77.99 -13.21 39.24
CA PRO T 16 74.70 -12.78 41.17
CA ASP T 17 76.81 -11.92 44.22
CA CYS T 18 80.57 -11.47 43.89
CA GLY T 19 81.00 -11.39 47.65
CA GLU T 20 80.82 -8.24 49.84
CA GLY T 21 77.01 -8.39 49.73
CA HIS T 22 76.86 -7.11 46.14
CA SER T 23 77.45 -8.27 42.59
CA CYS T 24 79.75 -7.71 39.62
CA HIS T 25 81.20 -9.62 36.70
CA SER T 26 83.13 -12.80 37.10
CA PRO T 27 85.22 -15.50 35.40
CA VAL T 28 83.70 -17.94 37.92
CA ALA T 29 80.10 -16.92 37.19
CA LEU T 30 78.21 -20.17 37.84
CA GLU T 31 75.85 -21.67 35.27
CA ARG T 32 74.99 -25.16 36.51
CA ILE T 33 74.52 -26.78 39.93
CA ARG T 34 74.06 -30.54 40.42
CA ASN T 35 74.09 -32.69 43.56
CA GLU T 36 72.07 -35.74 42.48
CA ALA T 37 74.82 -37.87 44.05
CA THR T 38 73.25 -39.34 47.20
CA ASP T 39 76.52 -39.29 49.12
CA GLY T 40 76.37 -35.49 48.85
CA THR T 41 79.11 -34.65 46.35
CA LEU T 42 78.15 -31.54 44.39
CA LYS T 43 78.97 -30.99 40.71
CA ILE T 44 79.20 -27.41 39.48
CA GLN T 45 80.21 -26.24 36.03
CA VAL T 46 82.29 -23.09 36.49
CA SER T 47 82.35 -20.67 33.58
CA LEU T 48 86.11 -20.94 33.13
CA GLN T 49 87.96 -24.21 32.84
CA ILE T 50 90.69 -25.52 35.10
CA GLY T 51 93.57 -27.87 34.40
CA ILE T 52 94.46 -26.68 30.88
CA LYS T 53 96.34 -23.51 29.93
CA THR T 54 95.53 -21.33 26.94
CA ASP T 55 97.94 -23.57 24.98
CA ASP T 56 94.94 -25.91 24.39
CA SER T 57 97.08 -28.83 25.55
CA HIS T 58 96.82 -31.93 27.76
CA ASP T 59 97.99 -29.76 30.66
CA TRP T 60 97.26 -30.02 34.35
CA THR T 61 99.34 -27.28 35.95
CA LYS T 62 97.31 -24.14 35.11
CA LEU T 63 93.76 -22.99 34.33
CA ARG T 64 92.23 -21.07 31.44
CA TYR T 65 90.15 -18.08 32.52
CA MET T 66 88.69 -15.17 30.56
CA ASP T 67 90.31 -11.71 30.80
CA ASN T 68 90.91 -8.71 28.51
CA HIS T 69 88.83 -10.01 25.57
CA MET T 70 90.80 -13.28 25.53
CA PRO T 71 91.41 -16.52 27.44
CA ALA T 72 94.02 -15.82 30.12
CA ASP T 73 95.95 -18.22 32.35
CA ALA T 74 96.09 -18.68 36.10
CA GLU T 75 97.51 -21.51 38.19
CA ARG T 76 95.70 -24.77 38.93
CA ALA T 77 96.17 -24.60 42.71
CA GLY T 78 94.60 -21.14 43.15
CA LEU T 79 91.08 -22.45 43.80
CA PHE T 80 89.11 -22.02 47.02
CA VAL T 81 85.46 -22.75 47.84
CA ARG T 82 83.32 -22.18 50.92
CA THR T 83 79.72 -23.23 51.53
CA SER T 84 79.56 -22.37 55.23
CA ALA T 85 83.07 -23.57 56.06
CA PRO T 86 85.95 -23.76 53.56
CA CYS T 87 85.05 -27.19 52.34
CA THR T 88 86.93 -30.05 50.77
CA ILE T 89 87.41 -31.09 47.13
CA THR T 90 87.27 -34.58 45.63
CA GLY T 91 88.40 -34.05 42.02
CA THR T 92 88.04 -31.31 39.41
CA ILE T 93 88.71 -31.31 35.66
CA GLY T 94 87.71 -29.02 32.81
CA HIS T 95 84.94 -26.46 33.37
CA PHE T 96 83.71 -28.66 36.21
CA ILE T 97 84.19 -28.56 39.99
CA LEU T 98 83.33 -31.25 42.53
CA ALA T 99 83.45 -30.82 46.30
CA ARG T 100 82.95 -32.86 49.47
CA CYS T 101 81.22 -30.87 52.20
CA PRO T 102 78.01 -31.03 54.29
CA LYS T 103 74.88 -28.88 54.68
CA GLY T 104 75.04 -25.20 53.78
CA GLU T 105 72.75 -22.70 52.12
CA THR T 106 75.37 -20.22 50.91
CA LEU T 107 78.23 -21.21 48.65
CA THR T 108 80.94 -19.01 47.20
CA VAL T 109 83.66 -19.94 44.73
CA GLY T 110 87.07 -18.37 44.21
CA PHE T 111 90.46 -18.86 42.68
CA THR T 112 93.66 -16.92 43.23
CA ASP T 113 94.51 -15.73 39.73
CA SER T 114 97.80 -14.67 38.16
CA ARG T 115 97.49 -11.22 39.78
CA LYS T 116 96.70 -12.69 43.25
CA ILE T 117 93.12 -11.44 43.72
CA SER T 118 89.91 -13.27 44.64
CA HIS T 119 87.58 -13.83 41.73
CA SER T 120 84.62 -14.32 44.02
CA CYS T 121 81.13 -15.53 43.18
CA THR T 122 78.68 -16.28 45.99
CA HIS T 123 75.59 -18.39 45.34
CA PRO T 124 72.54 -19.40 47.37
CA PHE T 125 72.08 -23.16 47.24
CA HIS T 126 70.86 -25.20 50.20
CA HIS T 127 73.34 -28.00 49.69
CA ASP T 128 72.04 -31.17 51.19
CA PRO T 129 73.41 -34.66 51.26
CA PRO T 130 70.27 -36.73 51.95
CA VAL T 131 69.95 -38.78 55.10
CA ILE T 132 71.91 -41.68 53.69
CA GLY T 133 71.09 -45.24 54.68
CA ARG T 134 68.83 -45.33 57.70
CA GLU T 135 70.81 -43.16 60.14
CA LYS T 136 71.35 -39.48 60.92
CA PHE T 137 75.13 -39.52 61.29
CA HIS T 138 77.77 -37.37 59.62
CA SER T 139 80.75 -39.70 59.16
CA ARG T 140 81.35 -43.43 59.43
CA PRO T 141 83.61 -45.58 61.59
CA GLN T 142 84.82 -49.05 60.70
CA HIS T 143 81.49 -50.60 61.68
CA GLY T 144 78.92 -49.89 58.99
CA LYS T 145 76.52 -51.66 56.69
CA GLU T 146 76.40 -51.61 52.88
CA LEU T 147 73.91 -49.55 50.88
CA PRO T 148 74.23 -48.58 47.21
CA CYS T 149 74.53 -44.84 46.76
CA SER T 150 74.79 -42.50 43.79
CA THR T 151 78.14 -40.76 43.45
CA TYR T 152 80.32 -39.35 40.69
CA VAL T 153 83.01 -41.28 38.86
CA GLN T 154 86.24 -39.34 38.32
CA SER T 155 86.24 -39.94 34.56
CA THR T 156 86.78 -37.01 32.18
CA ALA T 157 86.20 -38.99 28.97
CA ALA T 158 82.48 -39.38 29.56
CA THR T 159 79.57 -38.99 27.15
CA THR T 160 75.78 -39.59 26.67
CA GLU T 161 75.10 -36.37 28.54
CA GLU T 162 76.36 -33.48 26.49
CA ILE T 163 76.76 -29.73 26.61
CA GLU T 164 76.98 -28.12 23.19
CA VAL T 165 79.71 -25.71 22.09
CA HIS T 166 79.37 -22.77 19.71
CA MET T 167 81.21 -19.70 18.51
CA PRO T 168 80.94 -16.74 20.91
CA PRO T 169 79.09 -13.87 19.22
CA ASP T 170 80.65 -10.83 20.86
CA THR T 171 82.78 -9.56 23.75
CA PRO T 172 82.37 -5.79 24.02
CA ASP T 173 84.02 -2.86 25.78
CA HIS T 174 83.14 0.71 26.65
CA THR T 175 86.72 1.26 27.85
CA LEU T 176 87.84 0.95 24.20
CA MET T 177 86.32 4.40 23.53
CA SER T 178 88.26 7.55 24.36
CA GLN T 179 87.01 10.93 23.18
CA GLN T 180 89.23 13.73 21.88
CA SER T 181 86.70 16.52 22.61
CA GLY T 182 83.95 15.30 20.30
CA ASN T 183 86.25 12.96 18.37
CA VAL T 184 86.33 9.30 19.37
CA LYS T 185 89.81 7.87 19.63
CA ILE T 186 88.22 4.42 19.65
CA THR T 187 90.80 1.89 20.85
CA VAL T 188 90.64 -1.41 18.97
CA ASN T 189 93.89 -3.26 19.91
CA GLY T 190 93.79 -5.55 16.89
CA GLN T 191 90.43 -7.29 17.25
CA THR T 192 87.17 -7.46 15.31
CA VAL T 193 85.41 -4.48 16.91
CA ARG T 194 81.75 -4.56 15.88
CA TYR T 195 81.40 -0.06 16.13
CA LYS T 196 78.07 0.10 14.33
CA CYS T 197 76.96 3.26 16.04
CA ASN T 198 75.25 6.63 15.72
CA CYS T 199 78.38 8.67 14.94
CA GLY T 200 77.06 7.79 11.01
CA GLY T 201 77.92 4.46 12.56
CA SER T 202 81.52 3.66 11.94
CA ASN T 203 80.14 5.63 9.42
CA GLU T 204 79.31 1.98 9.20
CA GLY T 205 80.90 -1.42 9.82
CA LEU T 206 83.33 -3.57 11.85
CA THR T 207 86.99 -2.65 12.21
CA THR T 208 90.01 -4.73 13.13
CA THR T 209 92.70 -2.01 13.30
CA ASP T 210 92.87 0.99 15.62
CA LYS T 211 90.63 3.91 14.65
CA VAL T 212 90.45 7.61 15.44
CA ILE T 213 87.07 8.93 14.33
CA ASN T 214 86.02 12.56 14.53
CA ASN T 215 82.54 14.13 15.08
CA CYS T 216 81.51 11.65 17.76
CA LYS T 217 81.21 11.28 21.54
CA VAL T 218 80.38 8.29 23.80
CA ASP T 219 76.68 9.23 23.50
CA GLN T 220 76.90 8.14 19.84
CA CYS T 221 79.15 5.08 19.90
CA HIS T 222 80.26 1.63 21.13
CA ALA T 223 83.09 -0.90 20.78
CA ALA T 224 82.47 -4.64 20.57
CA VAL T 225 85.03 -7.36 19.87
CA THR T 226 83.24 -10.18 18.08
CA ASN T 227 85.52 -12.94 19.35
CA HIS T 228 86.04 -15.70 16.81
CA LYS T 229 89.08 -17.81 17.75
CA LYS T 230 87.93 -20.41 20.30
CA TRP T 231 84.63 -22.10 21.09
CA GLN T 232 81.99 -21.04 23.60
CA TYR T 233 79.66 -23.56 25.19
CA ASN T 234 75.93 -23.14 25.68
CA SER T 235 75.68 -21.16 28.89
CA PRO T 236 72.74 -19.10 30.23
CA LEU T 237 75.14 -16.17 30.81
CA VAL T 238 76.59 -15.77 27.31
CA PRO T 239 74.04 -15.17 24.52
CA ARG T 240 73.56 -15.96 20.80
CA ASN T 241 74.42 -14.12 17.60
CA ALA T 242 70.81 -13.01 16.70
CA GLU T 243 69.82 -16.18 14.97
CA LEU T 244 72.00 -19.08 16.03
CA GLY T 245 74.79 -18.95 18.53
CA ASP T 246 73.62 -22.43 19.32
CA ARG T 247 75.78 -23.45 16.38
CA LYS T 248 77.33 -26.84 15.89
CA GLY T 249 80.07 -28.23 18.12
CA LYS T 250 80.55 -30.74 20.94
CA ILE T 251 82.22 -30.56 24.34
CA HIS T 252 81.78 -33.84 26.18
CA ILE T 253 81.08 -34.30 29.88
CA PRO T 254 83.31 -35.39 32.74
CA PHE T 255 82.25 -37.19 35.94
CA PRO T 256 79.54 -39.80 35.22
CA LEU T 257 77.43 -41.34 37.97
CA ALA T 258 77.69 -44.67 39.78
CA ASN T 259 75.06 -46.55 41.79
CA VAL T 260 77.79 -47.97 44.02
CA THR T 261 78.58 -48.64 47.66
CA CYS T 262 78.36 -46.06 50.39
CA ARG T 263 78.52 -47.11 54.03
CA VAL T 264 76.28 -46.02 56.90
CA PRO T 265 77.24 -46.85 60.50
CA LYS T 266 75.24 -49.37 62.46
CA ALA T 267 73.68 -47.97 65.60
CA ARG T 268 75.06 -49.39 68.83
CA ASN T 269 72.88 -51.92 70.57
CA PRO T 270 70.74 -50.60 73.46
CA THR T 271 70.01 -52.48 76.65
CA VAL T 272 66.84 -54.57 76.70
CA THR T 273 64.82 -55.90 79.65
CA TYR T 274 61.29 -57.03 80.47
CA GLY T 275 58.20 -55.29 81.72
CA LYS T 276 54.52 -56.16 82.30
CA ASN T 277 53.71 -58.13 79.11
CA GLN T 278 56.18 -55.75 77.48
CA VAL T 279 59.74 -54.54 77.05
CA ILE T 280 61.34 -51.87 79.23
CA MET T 281 64.63 -50.81 77.67
CA LEU T 282 66.90 -47.77 77.93
CA LEU T 283 67.51 -46.70 74.35
CA TYR T 284 70.97 -45.56 73.26
CA PRO T 285 71.45 -43.11 70.41
CA ASP T 286 74.08 -40.39 70.56
CA HIS T 287 73.50 -39.17 66.99
CA PRO T 288 69.86 -39.23 65.73
CA THR T 289 68.63 -42.76 65.16
CA LEU T 290 65.27 -44.14 64.07
CA LEU T 291 62.98 -46.60 65.83
CA SER T 292 60.35 -48.63 64.01
CA TYR T 293 58.14 -51.40 65.38
CA ARG T 294 55.22 -53.42 63.99
CA ASN T 295 53.49 -56.67 64.93
CA MET T 296 52.77 -60.05 63.39
CA GLY T 297 49.00 -59.63 63.46
CA GLU T 298 46.56 -59.06 60.62
CA GLU T 299 47.09 -55.36 61.34
CA PRO T 300 50.62 -53.94 61.01
CA ASN T 301 50.64 -51.74 64.16
CA TYR T 302 53.52 -49.90 62.54
CA GLN T 303 55.07 -46.87 64.26
CA GLU T 304 58.21 -44.92 63.33
CA GLU T 305 60.13 -42.30 65.29
CA TRP T 306 63.64 -40.84 65.45
CA VAL T 307 65.74 -40.42 68.61
CA MET T 308 69.09 -38.80 69.39
CA HIS T 309 68.86 -38.94 73.17
CA LYS T 310 69.38 -41.68 75.72
CA LYS T 311 65.87 -42.36 76.96
CA GLU T 312 63.59 -45.07 78.33
CA VAL T 313 61.10 -46.52 75.86
CA VAL T 314 58.32 -48.88 76.93
CA LEU T 315 57.70 -51.48 74.25
CA THR T 316 54.36 -53.27 74.56
CA VAL T 317 54.54 -56.79 73.16
CA PRO T 318 51.27 -58.54 72.21
CA THR T 319 51.15 -62.32 72.67
CA GLU T 320 51.62 -62.76 68.92
CA GLY T 321 54.78 -60.67 69.23
CA LEU T 322 56.17 -57.72 67.30
CA GLU T 323 59.38 -56.48 65.70
CA VAL T 324 61.62 -53.55 66.51
CA THR T 325 64.32 -52.08 64.23
CA TRP T 326 67.17 -49.94 65.53
CA GLY T 327 69.42 -47.85 63.34
CA ASN T 328 71.16 -50.02 60.79
CA ASN T 329 70.76 -53.22 62.82
CA GLU T 330 68.52 -56.18 62.01
CA PRO T 331 64.94 -56.34 63.36
CA TYR T 332 64.41 -57.90 66.78
CA LYS T 333 61.21 -59.94 67.25
CA TYR T 334 59.76 -60.75 70.65
CA TRP T 335 57.33 -63.19 72.26
CA PRO T 336 55.95 -62.28 75.67
CA GLN T 337 54.94 -64.05 78.85
CA LEU T 338 53.26 -62.72 81.99
CA SER T 339 53.81 -60.11 85.27
CA THR T 340 55.17 -62.45 88.65
CA ASN T 341 53.62 -60.48 92.09
CA GLY T 342 50.35 -61.81 93.47
CA THR T 343 50.18 -62.22 97.73
CA ALA T 344 49.23 -65.54 99.19
CA HIS T 345 46.25 -68.11 97.48
CA GLY T 346 44.83 -71.09 99.33
CA HIS T 347 43.41 -74.02 99.07
CA PRO T 348 41.67 -74.77 102.02
CA HIS T 349 39.37 -73.54 98.60
CA GLU T 350 41.00 -70.73 96.60
CA ILE T 351 43.51 -71.55 93.86
CA ILE T 352 42.51 -69.08 91.16
CA LEU T 353 45.72 -67.14 91.66
CA TYR T 354 47.04 -70.28 89.98
CA TYR T 355 44.61 -69.10 87.29
CA TYR T 356 45.76 -65.47 87.62
CA GLU T 357 49.24 -65.88 86.13
CA LEU T 358 47.60 -68.45 83.84
CA TYR T 359 47.35 -66.31 80.65
CA PRO T 360 45.32 -63.38 82.12
CA THR T 361 42.63 -61.29 80.47
CA MET T 362 41.71 -64.89 79.67
CA THR T 363 40.59 -67.46 82.28
CA VAL T 364 40.73 -64.58 84.74
CA VAL T 365 37.91 -62.50 83.22
CA VAL T 366 36.60 -64.66 80.36
CA VAL T 367 36.05 -67.28 82.99
CA SER T 368 33.97 -64.64 84.82
CA VAL T 369 31.55 -64.19 81.93
CA ALA T 370 31.37 -67.99 81.75
CA THR T 371 30.18 -68.43 85.32
CA PHE T 372 26.63 -67.59 84.26
CA ILE T 373 26.12 -71.30 83.50
CA LEU T 374 27.27 -71.69 87.10
CA LEU T 375 25.02 -68.83 88.22
CA SER T 376 21.84 -69.96 86.47
CA MET T 377 20.78 -71.69 89.71
CA VAL T 378 19.10 -68.86 91.63
CA GLY T 379 15.98 -68.45 89.47
CA MET T 380 15.93 -72.22 89.03
CA ALA T 381 15.44 -72.35 92.80
CA ALA T 382 12.75 -69.64 92.82
CA GLY T 383 9.72 -70.67 90.72
CA MET T 384 10.72 -74.18 91.67
CA CYS T 385 9.79 -73.24 95.22
CA MET T 386 6.63 -71.22 94.44
CA CYS T 387 5.31 -74.57 93.26
CA ALA T 388 6.49 -75.89 96.64
CA ARG T 389 5.07 -73.40 99.15
CA ARG T 390 2.51 -71.24 97.35
CA ARG T 391 0.67 -74.31 96.04
CA CYS T 392 0.53 -76.06 99.43
CA ILE T 393 -2.95 -75.01 100.51
CA THR T 394 -3.86 -73.59 97.10
CA PRO T 395 -4.81 -76.03 94.31
CA TYR T 396 -7.13 -78.92 95.37
CA GLU T 397 -9.59 -78.76 98.25
CA LEU T 398 -11.20 -82.01 97.29
CA THR T 399 -10.10 -84.44 100.02
CA PRO T 400 -11.10 -83.20 103.50
CA GLY T 401 -8.42 -83.06 106.25
CA ALA T 402 -8.42 -79.31 107.27
CA THR T 403 -4.68 -79.66 106.39
CA VAL T 404 -2.12 -82.36 105.79
CA PRO T 405 -1.72 -83.55 109.41
CA PHE T 406 1.54 -85.46 109.01
CA LEU T 407 3.45 -84.60 105.85
CA LEU T 408 3.91 -80.86 106.27
CA SER T 409 7.60 -80.50 107.21
CA LEU T 410 8.01 -82.60 104.05
CA ILE T 411 6.32 -79.59 102.38
CA CYS T 412 7.27 -76.73 104.80
CA CYS T 413 5.06 -74.02 103.46
CA ILE T 414 4.85 -70.50 104.87
CA ARG T 415 5.54 -68.64 108.12
CA THR T 416 6.76 -71.97 109.46
CA ALA T 417 6.16 -71.02 113.07
CA LYS T 418 3.50 -73.06 114.91
CA ALA T 419 3.99 -75.39 117.95
CA ASN U 1 -44.96 -36.71 87.40
CA ASP U 2 -43.69 -40.26 87.84
CA CYS U 3 -41.14 -41.03 85.11
CA ILE U 4 -38.63 -38.16 85.01
CA PHE U 5 -34.99 -37.71 86.11
CA GLU U 6 -33.02 -35.42 88.46
CA VAL U 7 -29.59 -33.76 88.40
CA LYS U 8 -28.03 -31.89 91.34
CA HIS U 9 -25.00 -29.55 91.51
CA GLU U 10 -22.72 -29.92 94.61
CA GLY U 11 -25.44 -31.66 96.58
CA LYS U 12 -27.90 -28.79 96.04
CA VAL U 13 -30.77 -29.74 93.78
CA THR U 14 -31.37 -27.46 90.79
CA GLY U 15 -32.08 -29.41 87.62
CA TYR U 16 -34.19 -32.13 86.07
CA ALA U 17 -33.38 -34.24 83.03
CA CYS U 18 -36.06 -35.70 80.79
CA LEU U 19 -36.97 -38.67 78.58
CA VAL U 20 -38.19 -37.96 75.04
CA GLY U 21 -39.58 -41.44 74.40
CA ASP U 22 -36.47 -43.28 73.25
CA LYS U 23 -33.66 -41.24 74.84
CA VAL U 24 -32.49 -39.32 77.87
CA MET U 25 -32.53 -35.55 77.42
CA LYS U 26 -30.36 -33.06 79.12
CA PRO U 27 -31.00 -29.34 79.00
CA ALA U 28 -27.47 -27.96 79.20
CA HIS U 29 -28.62 -24.57 80.67
CA VAL U 30 -28.91 -26.40 83.88
CA LYS U 31 -25.75 -28.07 85.06
CA GLY U 32 -24.53 -30.07 87.95
CA THR U 33 -23.49 -33.62 88.70
CA ILE U 34 -25.42 -36.63 87.51
CA ASP U 35 -27.59 -38.36 90.08
CA ASN U 36 -27.41 -41.82 88.55
CA ALA U 37 -24.73 -44.44 88.01
CA ASP U 38 -25.98 -45.48 84.55
CA LEU U 39 -26.22 -41.84 83.48
CA ALA U 40 -22.85 -40.65 84.79
CA LYS U 41 -21.88 -43.64 82.67
CA LEU U 42 -23.22 -42.22 79.47
CA ALA U 43 -21.73 -39.40 77.46
CA PHE U 44 -23.52 -36.11 77.70
CA LYS U 45 -23.15 -33.25 75.29
CA ARG U 46 -23.48 -29.63 76.18
CA SER U 47 -24.17 -26.08 75.04
CA SER U 48 -25.95 -22.96 75.95
CA LYS U 49 -28.35 -22.03 73.25
CA TYR U 50 -29.07 -25.32 71.77
CA ASP U 51 -29.12 -26.82 75.24
CA LEU U 52 -29.49 -30.60 74.49
CA GLU U 53 -28.32 -34.19 74.86
CA CYS U 54 -29.33 -37.58 73.42
CA ALA U 55 -28.58 -41.10 74.63
CA GLN U 56 -30.96 -43.95 74.06
CA ILE U 57 -32.51 -46.37 76.61
CA PRO U 58 -32.20 -50.17 76.10
CA VAL U 59 -34.77 -52.34 74.38
CA HIS U 60 -37.56 -52.97 76.95
CA MET U 61 -36.61 -49.75 78.70
CA LYS U 62 -38.79 -47.82 76.25
CA SER U 63 -41.60 -48.03 78.79
CA ASP U 64 -40.28 -45.59 81.39
CA ALA U 65 -39.49 -42.93 78.78
CA SER U 66 -42.15 -40.26 78.32
CA LYS U 67 -43.22 -40.00 74.68
CA PHE U 68 -42.25 -37.01 72.50
CA THR U 69 -44.79 -34.84 70.78
CA HIS U 70 -44.99 -32.04 68.30
CA GLU U 71 -48.38 -30.78 69.42
CA LYS U 72 -49.48 -27.28 70.28
CA PRO U 73 -53.03 -26.51 71.29
CA GLU U 74 -52.91 -22.99 72.72
CA GLY U 75 -54.31 -23.85 76.16
CA TYR U 76 -53.86 -25.03 79.76
CA TYR U 77 -51.06 -27.57 80.18
CA ASN U 78 -49.47 -29.91 82.70
CA TRP U 79 -46.23 -29.81 84.66
CA HIS U 80 -45.24 -30.77 88.16
CA HIS U 81 -45.56 -27.90 90.66
CA GLY U 82 -48.52 -26.44 88.70
CA ALA U 83 -50.28 -25.94 85.33
CA VAL U 84 -49.21 -23.27 82.81
CA GLN U 85 -51.83 -21.97 80.40
CA TYR U 86 -50.96 -20.25 77.12
CA SER U 87 -52.64 -16.83 76.87
CA GLY U 88 -52.38 -15.33 73.40
CA GLY U 89 -48.57 -15.06 73.25
CA ARG U 90 -47.98 -15.72 76.88
CA PHE U 91 -47.16 -18.63 79.12
CA THR U 92 -48.36 -17.61 82.58
CA ILE U 93 -47.63 -18.76 86.08
CA PRO U 94 -49.52 -17.50 89.07
CA THR U 95 -46.79 -15.54 90.85
CA GLY U 96 -45.66 -18.23 93.24
CA ALA U 97 -45.85 -21.09 90.76
CA GLY U 98 -42.42 -19.93 89.57
CA LYS U 99 -39.62 -20.66 92.02
CA PRO U 100 -35.94 -21.69 92.05
CA GLY U 101 -35.09 -25.38 92.17
CA ASP U 102 -36.96 -26.91 89.24
CA SER U 103 -34.90 -26.28 86.10
CA GLY U 104 -35.83 -28.90 83.57
CA ARG U 105 -39.48 -29.63 84.38
CA PRO U 106 -41.08 -31.06 81.23
CA ILE U 107 -44.39 -29.50 80.20
CA PHE U 108 -47.16 -31.94 79.30
CA ASP U 109 -50.58 -31.63 77.76
CA ASN U 110 -53.61 -32.98 79.62
CA LYS U 111 -52.61 -36.40 78.20
CA GLY U 112 -48.96 -36.59 79.28
CA ARG U 113 -47.33 -35.86 75.94
CA VAL U 114 -43.98 -34.14 75.90
CA VAL U 115 -44.06 -30.76 74.14
CA ALA U 116 -42.06 -28.61 76.43
CA ILE U 117 -39.48 -28.35 79.19
CA VAL U 118 -39.40 -25.28 81.39
CA LEU U 119 -36.11 -23.75 82.70
CA GLY U 120 -37.19 -20.35 84.07
CA GLY U 121 -40.00 -17.90 84.71
CA ALA U 122 -40.49 -14.14 84.88
CA ASN U 123 -43.02 -11.95 86.62
CA GLU U 124 -43.73 -8.45 85.34
CA GLY U 125 -46.81 -7.54 87.33
CA ALA U 126 -49.89 -7.51 85.08
CA ARG U 127 -48.61 -10.51 83.09
CA THR U 128 -46.22 -13.30 84.16
CA ALA U 129 -43.78 -15.07 81.87
CA LEU U 130 -41.82 -18.29 81.49
CA SER U 131 -38.67 -19.19 79.59
CA VAL U 132 -39.37 -22.68 78.37
CA VAL U 133 -38.18 -25.23 75.83
CA THR U 134 -41.18 -25.87 73.34
CA TRP U 135 -41.47 -27.40 69.76
CA ASN U 136 -42.61 -26.33 65.85
CA LYS U 137 -42.30 -29.53 63.33
CA ASP U 138 -39.63 -32.11 65.37
CA ILE U 139 -36.47 -30.43 67.80
CA VAL U 140 -37.07 -27.68 70.82
CA THR U 141 -37.59 -23.72 70.97
CA LYS U 142 -37.38 -20.86 73.53
CA ILE U 143 -39.46 -17.75 73.75
CA THR U 144 -37.07 -15.62 75.81
CA PRO U 145 -38.86 -12.94 77.85
CA GLU U 146 -36.92 -10.52 79.99
CA GLY U 147 -36.10 -11.84 83.44
CA ALA U 148 -35.69 -15.39 82.06
CA GLU U 149 -34.79 -17.33 85.19
CA GLU U 150 -32.67 -20.43 85.61
CA TRP U 151 -34.77 -22.38 88.14
CA VAL V 1 75.52 13.00 -4.64
CA GLN V 2 77.82 13.15 -1.62
CA LEU V 3 81.03 11.90 -3.26
CA GLN V 4 81.41 12.37 -6.98
CA GLN V 5 82.72 10.15 -9.74
CA SER V 6 86.22 9.01 -10.66
CA GLY V 7 86.47 9.33 -14.42
CA ALA V 8 86.81 7.20 -17.54
CA GLU V 9 88.87 4.03 -18.00
CA LEU V 10 89.62 2.34 -21.33
CA VAL V 11 92.88 0.62 -22.26
CA LYS V 12 94.54 -2.35 -24.12
CA PRO V 13 95.26 -5.48 -21.98
CA GLY V 14 98.24 -5.76 -19.67
CA ALA V 15 99.03 -3.09 -17.11
CA SER V 16 96.83 -0.91 -14.91
CA VAL V 17 95.73 2.65 -14.24
CA LYS V 18 94.69 4.17 -10.89
CA ILE V 19 91.26 5.82 -10.89
CA SER V 20 89.86 7.83 -8.02
CA CYS V 21 86.49 9.06 -6.88
CA LYS V 22 86.75 12.40 -5.16
CA ALA V 23 85.40 10.89 -1.98
CA SER V 24 83.85 14.12 -0.75
CA GLY V 25 81.96 12.79 2.26
CA TYR V 26 80.67 15.43 4.63
CA ALA V 27 83.71 14.91 6.87
CA PHE V 28 86.36 13.05 4.94
CA SER V 29 88.37 11.21 7.62
CA SER V 30 85.24 9.19 8.41
CA TYR V 31 83.91 7.18 5.57
CA TRP V 32 84.52 3.72 4.46
CA MET V 33 84.15 4.83 0.91
CA ASN V 34 84.28 1.36 -0.48
CA TRP V 35 85.60 -0.11 -3.70
CA VAL V 36 84.15 -3.20 -5.29
CA LYS V 37 84.25 -5.44 -8.38
CA GLN V 38 81.16 -6.50 -10.35
CA ARG V 39 80.66 -8.30 -13.59
CA PRO V 40 77.02 -7.79 -14.64
CA GLY V 41 75.60 -11.26 -14.11
CA LYS V 42 77.73 -12.09 -11.08
CA GLY V 43 76.57 -10.10 -8.08
CA LEU V 44 79.57 -8.27 -6.62
CA GLU V 45 83.08 -8.88 -5.35
CA TRP V 46 84.10 -6.36 -2.74
CA ILE V 47 87.69 -5.38 -3.43
CA GLY V 48 88.75 -3.11 -0.60
CA GLN V 49 88.34 0.19 1.12
CA ILE V 50 90.80 2.67 2.34
CA TYR V 51 90.03 4.12 5.66
CA PRO V 52 91.17 7.79 5.50
CA GLY V 53 92.82 7.88 8.90
CA ASP V 54 95.90 5.74 9.30
CA GLY V 55 95.19 4.27 5.84
CA ASP V 56 93.39 1.02 6.50
CA THR V 57 92.27 -1.62 4.05
CA ASN V 58 90.21 -4.76 4.43
CA TYR V 59 90.05 -7.11 1.47
CA ASN V 60 88.37 -10.21 0.06
CA GLY V 61 90.14 -13.55 -0.33
CA LYS V 62 90.26 -13.07 -4.08
CA PHE V 63 91.95 -9.67 -3.65
CA LYS V 64 94.08 -9.90 -0.50
CA GLY V 65 97.40 -9.24 -2.23
CA LYS V 66 95.77 -8.26 -5.51
CA ALA V 67 94.64 -4.63 -5.03
CA THR V 68 96.21 -1.20 -4.61
CA LEU V 69 94.50 1.43 -2.44
CA THR V 70 95.48 4.88 -1.26
CA ALA V 71 93.67 8.15 -0.54
CA ASP V 72 94.06 11.92 -0.74
CA LYS V 73 93.53 12.39 3.01
CA SER V 74 93.35 16.18 2.80
CA SER V 75 91.33 16.90 -0.34
CA SER V 76 88.74 14.10 -0.04
CA THR V 77 89.71 11.50 -2.63
CA ALA V 78 90.29 7.76 -2.44
CA TYR V 79 92.55 6.24 -5.09
CA MET V 80 91.86 2.86 -6.64
CA GLN V 81 94.00 0.42 -8.59
CA LEU V 82 93.74 -3.27 -9.40
CA SER V 83 97.29 -3.87 -10.65
CA SER V 84 97.63 -5.43 -14.13
CA LEU V 85 94.25 -4.38 -15.51
CA THR V 86 93.13 -6.86 -18.17
CA SER V 87 89.76 -8.01 -19.49
CA GLU V 88 89.43 -10.34 -16.47
CA ASP V 89 89.42 -7.34 -14.11
CA SER V 90 87.38 -5.28 -16.57
CA ALA V 91 84.67 -4.52 -14.01
CA VAL V 92 83.04 -1.56 -12.29
CA TYR V 93 85.40 -0.21 -9.66
CA PHE V 94 83.80 2.78 -8.02
CA CYS V 95 82.89 4.41 -4.84
CA ALA V 96 79.82 5.68 -3.00
CA ARG V 97 78.49 6.00 0.56
CA GLY V 98 75.01 4.61 1.02
CA GLY V 99 75.98 0.96 0.98
CA LEU V 100 77.31 -1.20 3.81
CA THR V 101 81.07 -2.05 3.49
CA ILE V 102 80.27 -2.03 -0.24
CA ASP V 103 80.01 1.13 -2.30
CA TYR V 104 79.41 0.60 -5.92
CA TRP V 105 78.51 3.90 -7.67
CA GLY V 106 77.92 2.38 -11.06
CA GLN V 107 79.68 4.60 -13.58
CA GLY V 108 80.92 1.54 -15.46
CA THR V 109 84.26 2.43 -17.07
CA THR V 110 85.71 -1.04 -17.62
CA LEU V 111 88.36 -2.37 -19.99
CA THR V 112 87.14 -2.96 -23.53
CA VAL V 113 90.26 -3.98 -25.45
CA SER V 114 90.23 -3.82 -29.23
CA SER V 115 91.76 -3.90 -32.70
CA ALA V 116 90.43 -0.49 -33.28
CA LYS V 117 89.93 3.06 -32.20
CA THR V 118 86.72 4.95 -32.99
CA THR V 119 85.52 3.10 -36.07
CA ALA V 120 82.83 3.70 -38.70
CA PRO V 121 79.88 1.29 -39.05
CA SER V 122 79.60 -0.86 -42.18
CA VAL V 123 75.88 -0.66 -42.83
CA TYR V 124 73.90 -3.20 -44.84
CA PRO V 125 70.25 -4.22 -45.36
CA LEU V 126 68.75 -7.21 -43.58
CA ALA V 127 65.83 -7.10 -46.02
CA PRO V 128 63.28 -10.00 -46.00
CA VAL V 129 62.94 -13.01 -48.31
CA CYS V 130 63.73 -12.33 -51.95
CA GLY V 131 60.56 -13.89 -53.33
CA GLY V 132 57.34 -11.94 -53.00
CA THR V 133 57.63 -8.53 -51.29
CA THR V 134 53.87 -7.89 -51.31
CA GLY V 135 51.87 -8.96 -48.26
CA SER V 136 50.19 -7.61 -45.18
CA SER V 137 53.36 -6.93 -43.17
CA VAL V 138 56.91 -8.28 -42.76
CA THR V 139 59.68 -7.73 -40.24
CA LEU V 140 62.61 -5.85 -41.69
CA GLY V 141 66.21 -5.44 -40.56
CA CYS V 142 69.51 -3.69 -41.21
CA LEU V 143 73.05 -5.05 -40.77
CA VAL V 144 75.57 -2.85 -38.97
CA LYS V 145 79.12 -4.20 -39.13
CA GLY V 146 82.52 -3.47 -37.67
CA TYR V 147 82.54 -0.23 -35.68
CA PHE V 148 83.82 1.19 -32.38
CA PRO V 149 82.61 2.13 -29.84
CA GLU V 150 79.11 0.98 -28.95
CA PRO V 151 76.54 1.97 -29.95
CA VAL V 152 75.55 3.33 -33.30
CA THR V 153 72.41 5.45 -33.47
CA LEU V 154 70.52 3.38 -36.02
CA THR V 155 67.76 5.74 -37.13
CA TRP V 156 65.10 4.46 -39.51
CA ASN V 157 64.49 7.16 -42.20
CA SER V 158 67.02 9.34 -40.28
CA GLY V 159 64.58 9.04 -37.39
CA SER V 160 61.49 9.98 -39.40
CA LEU V 161 59.68 6.65 -39.40
CA SER V 162 61.66 5.24 -36.47
CA SER V 163 58.91 4.49 -33.93
CA GLY V 164 57.88 0.98 -33.00
CA VAL V 165 61.40 -0.33 -33.60
CA HIS V 166 63.58 -2.84 -31.78
CA THR V 167 67.27 -1.99 -31.78
CA PHE V 168 69.61 -4.84 -30.94
CA PRO V 169 72.98 -4.39 -29.17
CA ALA V 170 76.27 -5.16 -30.84
CA LEU V 171 78.79 -7.62 -29.44
CA LEU V 172 82.57 -7.87 -29.23
CA GLN V 173 84.82 -8.87 -32.11
CA SER V 174 88.25 -7.40 -31.23
CA GLY V 175 86.48 -4.08 -30.63
CA LEU V 176 84.85 -4.26 -34.09
CA TYR V 177 81.11 -4.36 -33.51
CA THR V 178 78.30 -6.14 -35.36
CA LEU V 179 74.80 -4.75 -34.84
CA SER V 180 71.31 -5.08 -36.25
CA SER V 181 67.92 -3.44 -35.62
CA SER V 182 64.34 -3.74 -36.86
CA VAL V 183 61.64 -1.61 -38.34
CA THR V 184 58.53 -3.69 -38.97
CA VAL V 185 57.21 -2.76 -42.39
CA THR V 186 53.89 -3.41 -43.96
CA SER V 187 53.68 -3.84 -47.70
CA ASN V 188 52.14 -0.41 -47.20
CA THR V 189 55.59 0.44 -45.74
CA TRP V 190 57.98 -1.71 -47.80
CA PRO V 191 58.14 -2.09 -50.90
CA SER V 192 55.84 0.92 -50.61
CA GLN V 193 57.21 3.58 -48.26
CA THR V 194 60.77 4.80 -47.94
CA ILE V 195 62.16 2.98 -44.97
CA THR V 196 65.83 3.85 -44.75
CA CYS V 197 68.40 2.52 -42.29
CA ASN V 198 70.26 5.74 -41.49
CA VAL V 199 72.94 4.48 -39.13
CA ALA V 200 74.77 7.46 -37.72
CA HIS V 201 77.70 7.09 -35.32
CA PRO V 202 78.16 10.17 -33.10
CA ALA V 203 81.63 9.18 -31.82
CA SER V 204 83.24 8.90 -35.28
CA SER V 205 80.74 11.38 -36.86
CA THR V 206 79.89 8.62 -39.37
CA LYS V 207 76.39 9.30 -40.73
CA VAL V 208 75.65 6.42 -43.11
CA ASP V 209 72.61 6.71 -45.32
CA LYS V 210 71.57 3.20 -46.28
CA LYS V 211 68.26 2.34 -47.89
CA ILE V 212 67.13 -1.24 -47.30
CA GLU V 213 67.81 -2.75 -50.71
CA SER V 214 65.42 -4.90 -52.68
CA ARG V 215 67.16 -8.17 -53.36
CA ARG V 216 66.16 -10.37 -56.28
CA ASP W 1 84.67 -16.15 3.82
CA ILE W 2 81.07 -17.37 4.12
CA VAL W 3 79.28 -18.14 0.86
CA LEU W 4 75.85 -16.52 0.58
CA THR W 5 73.65 -18.40 -1.87
CA GLN W 6 70.27 -16.80 -2.46
CA SER W 7 66.85 -17.18 -4.03
CA PRO W 8 67.66 -18.73 -7.44
CA ALA W 9 68.98 -15.70 -9.33
CA THR W 10 65.68 -14.55 -10.90
CA LEU W 11 62.15 -14.06 -9.58
CA SER W 12 59.25 -12.48 -11.41
CA VAL W 13 56.26 -10.66 -9.89
CA THR W 14 53.46 -8.41 -11.16
CA PRO W 15 53.97 -4.90 -9.70
CA GLY W 16 51.51 -4.66 -6.84
CA ASP W 17 51.90 -8.26 -5.64
CA SER W 18 53.58 -10.28 -2.90
CA VAL W 19 56.78 -12.38 -3.06
CA SER W 20 59.77 -13.15 -0.85
CA LEU W 21 63.48 -12.99 -1.72
CA SER W 22 65.97 -15.17 0.13
CA CYS W 23 69.63 -15.56 1.01
CA ARG W 24 71.37 -18.65 2.39
CA ALA W 25 74.73 -18.40 4.15
CA SER W 26 77.20 -21.28 4.27
CA GLN W 27 78.17 -20.76 7.92
CA SER W 28 75.47 -19.33 10.15
CA ILE W 29 76.73 -15.75 10.23
CA SER W 30 73.35 -14.17 10.60
CA ASP W 31 73.44 -10.47 11.24
CA ASN W 32 75.57 -8.78 8.59
CA LEU W 33 73.84 -9.18 5.23
CA HIS W 34 70.95 -7.16 4.03
CA TRP W 35 68.07 -6.59 1.71
CA TYR W 36 69.54 -4.49 -1.07
CA GLN W 37 67.54 -2.61 -3.67
CA GLN W 38 70.25 -2.83 -6.31
CA LYS W 39 69.80 -2.57 -10.06
CA SER W 40 72.29 -2.41 -12.91
CA HIS W 41 75.08 0.22 -12.50
CA GLU W 42 73.64 1.29 -9.16
CA SER W 43 74.93 0.73 -5.63
CA PRO W 44 73.50 -1.86 -3.26
CA GLY W 45 71.06 0.37 -1.45
CA LEU W 46 69.43 -1.63 1.29
CA LEU W 47 65.67 -1.80 1.73
CA ILE W 48 66.32 -3.56 5.05
CA LYS W 49 69.59 -3.65 6.94
CA TYR W 50 71.04 -6.58 8.86
CA ALA W 51 68.58 -9.02 7.23
CA SER W 52 65.73 -7.87 9.46
CA GLN W 53 66.17 -4.27 10.67
CA SER W 54 63.76 -1.82 9.02
CA ILE W 55 64.86 1.40 7.32
CA SER W 56 63.25 4.83 7.09
CA GLY W 57 62.70 6.35 3.66
CA ILE W 58 62.18 2.91 2.12
CA PRO W 59 58.43 2.16 2.40
CA SER W 60 57.22 -0.56 4.76
CA ARG W 61 56.15 -2.66 1.74
CA PHE W 62 59.71 -4.05 1.53
CA SER W 63 59.75 -6.27 4.61
CA GLY W 64 62.97 -8.15 5.17
CA SER W 65 63.02 -10.68 7.98
CA GLY W 66 64.87 -13.78 8.95
CA SER W 67 68.45 -13.96 10.06
CA GLY W 68 71.00 -16.68 9.53
CA THR W 69 70.97 -19.40 7.06
CA ASP W 70 67.30 -18.75 6.30
CA PHE W 71 66.39 -15.34 4.96
CA THR W 72 63.29 -13.53 3.72
CA LEU W 73 62.48 -10.26 2.00
CA SER W 74 58.72 -10.31 1.74
CA ILE W 75 57.97 -7.44 -0.62
CA ASN W 76 54.37 -6.57 -1.43
CA SER W 77 52.28 -3.93 -3.27
CA VAL W 78 55.42 -3.38 -5.27
CA GLU W 79 56.16 -0.93 -8.11
CA THR W 80 57.97 -1.64 -11.40
CA GLU W 81 61.09 0.50 -10.74
CA ASP W 82 61.54 -1.16 -7.32
CA PHE W 83 62.60 -4.37 -9.08
CA GLY W 84 66.12 -5.43 -9.87
CA MET W 85 68.87 -7.29 -8.17
CA TYR W 86 67.96 -7.94 -4.51
CA PHE W 87 70.77 -8.99 -2.23
CA CYS W 88 72.71 -9.44 0.98
CA GLN W 89 76.45 -9.03 1.68
CA GLN W 90 78.45 -11.09 4.19
CA SER W 91 80.70 -9.20 6.56
CA ASN W 92 80.70 -11.35 9.72
CA SER W 93 83.85 -13.46 9.46
CA TRP W 94 85.32 -11.67 6.48
CA PRO W 95 86.94 -11.92 3.63
CA TYR W 96 83.80 -10.11 2.56
CA THR W 97 81.33 -12.14 0.55
CA PHE W 98 78.44 -10.98 -1.59
CA GLY W 99 75.16 -12.78 -2.08
CA GLY W 100 74.55 -15.42 -4.73
CA GLY W 101 72.26 -13.52 -7.06
CA THR W 102 68.56 -12.69 -7.17
CA LYS W 103 66.61 -10.85 -9.83
CA LEU W 104 62.92 -10.04 -9.81
CA GLU W 105 60.84 -9.04 -12.73
CA ILE W 106 57.39 -8.12 -14.07
CA LYS W 107 54.99 -11.05 -14.59
CA ARG W 108 52.70 -11.50 -17.47
CA ALA W 109 51.63 -14.38 -19.70
CA ASP W 110 54.64 -15.72 -21.53
CA ALA W 111 55.27 -14.91 -25.19
CA ALA W 112 57.14 -16.38 -28.18
CA PRO W 113 59.96 -14.99 -30.37
CA THR W 114 59.35 -13.51 -33.79
CA VAL W 115 59.85 -15.17 -37.19
CA SER W 116 62.19 -13.25 -39.50
CA ILE W 117 64.22 -14.41 -42.48
CA PHE W 118 66.82 -11.97 -43.78
CA PRO W 119 69.20 -13.62 -46.29
CA PRO W 120 72.54 -12.08 -47.20
CA SER W 121 72.17 -9.94 -50.29
CA SER W 122 75.07 -8.71 -52.43
CA GLU W 123 75.44 -5.98 -49.78
CA GLN W 124 76.28 -8.50 -47.06
CA LEU W 125 78.62 -10.08 -49.62
CA THR W 126 80.36 -6.69 -49.54
CA SER W 127 80.50 -6.78 -45.73
CA GLY W 128 83.68 -8.86 -45.98
CA GLY W 129 81.67 -12.03 -45.61
CA ALA W 130 77.90 -12.49 -45.52
CA SER W 131 75.08 -12.19 -42.98
CA VAL W 132 71.84 -14.09 -42.64
CA VAL W 133 70.29 -12.64 -39.49
CA CYS W 134 67.08 -13.87 -37.87
CA PHE W 135 65.05 -11.67 -35.52
CA LEU W 136 63.42 -13.30 -32.52
CA ASN W 137 61.53 -10.68 -30.53
CA ASN W 138 58.54 -9.71 -28.36
CA PHE W 139 58.90 -12.56 -25.88
CA TYR W 140 59.10 -13.21 -22.13
CA PRO W 141 61.19 -14.64 -20.36
CA LYS W 142 64.64 -14.99 -21.95
CA ASP W 143 64.46 -18.79 -22.45
CA ILE W 144 65.36 -18.80 -26.14
CA ASN W 145 68.33 -20.72 -27.47
CA VAL W 146 68.92 -20.35 -31.19
CA LYS W 147 70.31 -23.04 -33.48
CA TRP W 148 71.87 -22.26 -36.86
CA LYS W 149 71.68 -24.83 -39.65
CA ILE W 150 72.17 -25.40 -43.34
CA ASP W 151 68.69 -26.83 -44.10
CA GLY W 152 68.49 -28.93 -40.93
CA SER W 153 72.17 -29.91 -40.86
CA GLU W 154 73.24 -28.71 -37.40
CA ARG W 155 76.12 -26.28 -36.90
CA GLN W 156 77.42 -24.31 -33.93
CA ASN W 157 79.89 -21.71 -35.22
CA GLY W 158 79.11 -18.11 -36.10
CA VAL W 159 76.19 -18.00 -33.68
CA LEU W 160 75.81 -14.34 -32.68
CA ASN W 161 72.93 -13.86 -30.26
CA SER W 162 72.16 -10.21 -29.48
CA TRP W 163 69.76 -9.74 -26.56
CA THR W 164 67.89 -6.60 -25.51
CA ASP W 165 66.35 -5.04 -22.42
CA GLN W 166 63.01 -5.46 -20.63
CA ASP W 167 60.07 -3.34 -21.60
CA SER W 168 58.65 -2.14 -18.32
CA LYS W 169 55.05 -2.01 -19.60
CA ASP W 170 54.59 -5.68 -20.48
CA SER W 171 57.89 -7.48 -19.65
CA THR W 172 58.32 -7.92 -23.40
CA TYR W 173 61.74 -8.34 -24.97
CA SER W 174 63.59 -8.34 -28.29
CA MET W 175 66.59 -10.21 -29.67
CA SER W 176 68.80 -10.44 -32.75
CA SER W 177 70.23 -13.77 -33.84
CA THR W 178 73.03 -13.07 -36.33
CA LEU W 179 74.95 -15.71 -38.26
CA THR W 180 78.64 -14.94 -38.79
CA LEU W 181 79.78 -16.35 -42.13
CA THR W 182 81.93 -15.73 -45.20
CA LYS W 183 81.05 -14.69 -48.76
CA ASP W 184 82.34 -17.86 -50.44
CA GLU W 185 80.82 -19.86 -47.58
CA TYR W 186 77.53 -18.24 -48.59
CA GLU W 187 78.34 -19.00 -52.23
CA ARG W 188 79.01 -22.70 -51.52
CA HIS W 189 75.44 -23.41 -50.35
CA ASN W 190 71.97 -22.09 -51.08
CA SER W 191 70.04 -21.90 -47.83
CA TYR W 192 71.07 -21.06 -44.27
CA THR W 193 68.73 -21.89 -41.46
CA CYS W 194 67.77 -20.58 -38.02
CA GLU W 195 65.10 -21.43 -35.44
CA ALA W 196 62.94 -19.83 -32.75
CA THR W 197 62.20 -21.54 -29.45
CA HIS W 198 60.27 -20.55 -26.33
CA LYS W 199 58.27 -22.47 -23.78
CA THR W 200 55.35 -20.92 -25.71
CA SER W 201 57.00 -21.66 -29.06
CA THR W 202 58.13 -25.13 -27.99
CA SER W 203 58.76 -26.10 -31.58
CA PRO W 204 62.01 -24.75 -32.98
CA ILE W 205 60.51 -22.47 -35.60
CA VAL W 206 62.94 -23.74 -38.21
CA LYS W 207 63.08 -20.96 -40.78
CA SER W 208 65.38 -20.33 -43.73
CA PHE W 209 65.62 -18.76 -47.19
CA ASN W 210 66.94 -19.59 -50.62
CA ARG W 211 69.10 -17.61 -53.01
CA ASN W 212 65.68 -17.60 -54.63
CA GLU W 213 63.88 -16.60 -51.50
CA TYR X 1 13.41 -49.55 -7.34
CA GLU X 2 11.84 -52.55 -9.08
CA HIS X 3 8.75 -51.04 -10.66
CA VAL X 4 6.43 -53.95 -11.40
CA THR X 5 3.51 -52.74 -13.50
CA VAL X 6 0.74 -54.43 -15.46
CA ILE X 7 0.12 -52.84 -18.86
CA PRO X 8 -2.95 -53.76 -20.93
CA ASN X 9 -2.81 -55.39 -24.37
CA THR X 10 -3.42 -52.95 -27.23
CA VAL X 11 -2.36 -51.75 -30.60
CA GLY X 12 -0.15 -48.71 -30.15
CA VAL X 13 -2.07 -46.93 -27.34
CA PRO X 14 0.42 -45.37 -24.89
CA TYR X 15 -0.66 -46.35 -21.40
CA LYS X 16 0.45 -43.84 -18.76
CA THR X 17 2.71 -45.75 -16.39
CA LEU X 18 3.36 -44.05 -13.06
CA VAL X 19 6.99 -44.67 -12.22
CA ASN X 20 6.87 -43.21 -8.72
CA ARG X 21 10.26 -42.85 -7.17
CA PRO X 22 10.82 -43.78 -3.52
CA GLY X 23 11.08 -40.35 -1.98
CA TYR X 24 11.81 -38.40 -5.13
CA SER X 25 9.81 -36.66 -7.88
CA PRO X 26 8.25 -39.32 -10.15
CA MET X 27 8.77 -39.58 -13.89
CA VAL X 28 5.48 -40.99 -15.13
CA LEU X 29 6.33 -42.69 -18.42
CA GLU X 30 3.92 -43.99 -21.03
CA MET X 31 4.34 -47.27 -22.92
CA GLU X 32 2.58 -48.84 -25.88
CA LEU X 33 3.08 -52.31 -27.27
CA LEU X 34 3.23 -53.03 -30.98
CA SER X 35 3.02 -56.77 -31.64
CA VAL X 36 1.94 -59.79 -29.59
CA THR X 37 3.61 -62.56 -31.56
CA LEU X 38 2.60 -65.91 -30.07
CA GLU X 39 3.56 -68.95 -32.08
CA PRO X 40 2.05 -72.43 -32.15
CA THR X 41 3.96 -75.54 -33.12
CA LEU X 42 3.96 -77.40 -36.38
CA SER X 43 3.92 -81.18 -36.45
CA LEU X 44 3.30 -82.89 -39.77
CA ASP X 45 0.45 -85.36 -40.06
CA TYR X 46 0.43 -85.45 -43.87
CA ILE X 47 0.65 -83.36 -46.96
CA THR X 48 -1.63 -83.86 -49.93
CA CYS X 49 -1.12 -83.44 -53.65
CA GLU X 50 -3.18 -83.65 -56.77
CA TYR X 51 -3.63 -87.13 -58.16
CA LYS X 52 -1.53 -88.27 -61.10
CA THR X 53 -3.05 -91.37 -62.63
CA VAL X 54 0.11 -92.39 -64.45
CA ILE X 55 -1.33 -94.59 -67.19
CA PRO X 56 1.31 -96.49 -69.18
CA SER X 57 0.56 -98.33 -72.38
CA PRO X 58 -2.13 -101.05 -72.21
CA TYR X 59 -1.41 -104.76 -72.16
CA VAL X 60 -3.08 -106.31 -75.22
CA LYS X 61 -2.95 -109.90 -76.49
CA CYS X 62 -3.72 -111.31 -79.95
CA CYS X 63 -6.23 -114.21 -80.09
CA GLY X 64 -5.66 -114.93 -76.41
CA THR X 65 -6.58 -113.87 -72.92
CA ALA X 66 -4.39 -111.26 -71.27
CA GLU X 67 -3.49 -111.76 -67.61
CA CYS X 68 -3.87 -109.56 -64.53
CA LYS X 69 -0.50 -109.53 -62.78
CA ASP X 70 -1.16 -107.85 -59.45
CA LYS X 71 1.63 -106.05 -57.64
CA ASN X 72 2.06 -103.10 -55.39
CA LEU X 73 1.88 -99.74 -57.11
CA PRO X 74 0.40 -96.70 -55.34
CA ASP X 75 -3.32 -97.32 -55.93
CA TYR X 76 -2.49 -100.11 -58.37
CA SER X 77 -5.12 -101.09 -60.91
CA CYS X 78 -5.12 -103.43 -63.88
CA LYS X 79 -8.11 -105.14 -65.46
CA VAL X 80 -8.08 -107.35 -68.55
CA PHE X 81 -10.61 -106.21 -71.14
CA THR X 82 -11.55 -109.04 -73.44
CA GLY X 83 -13.20 -109.24 -76.84
CA VAL X 84 -12.05 -105.80 -77.98
CA TYR X 85 -11.21 -105.45 -81.68
CA PRO X 86 -8.89 -102.46 -81.53
CA PHE X 87 -8.12 -100.24 -84.50
CA MET X 88 -5.12 -98.17 -85.44
CA TRP X 89 -4.58 -95.84 -88.44
CA GLY X 90 -4.89 -98.50 -91.10
CA GLY X 91 -7.84 -100.22 -89.45
CA ALA X 92 -7.69 -103.00 -86.90
CA TYR X 93 -4.68 -103.73 -84.69
CA CYS X 94 -5.20 -107.45 -85.27
CA PHE X 95 -7.46 -109.69 -87.32
CA CYS X 96 -8.82 -111.81 -84.62
CA ASP X 97 -12.44 -112.38 -85.60
CA ALA X 98 -13.65 -111.17 -82.20
CA GLU X 99 -10.80 -111.89 -79.32
CA ASN X 100 -8.26 -109.27 -78.47
CA THR X 101 -7.80 -108.92 -74.73
CA GLN X 102 -6.35 -105.62 -73.55
CA LEU X 103 -5.37 -105.02 -69.94
CA SER X 104 -5.29 -101.35 -69.00
CA GLU X 105 -2.72 -100.39 -66.38
CA ALA X 106 -3.30 -97.34 -64.21
CA HIS X 107 -2.00 -96.25 -60.83
CA VAL X 108 -1.41 -92.96 -59.03
CA GLU X 109 1.76 -91.20 -57.86
CA LYS X 110 2.48 -87.91 -56.09
CA SER X 111 3.10 -84.58 -57.72
CA GLU X 112 6.19 -82.67 -58.72
CA SER X 113 4.02 -79.60 -58.20
CA CYS X 114 3.19 -80.73 -54.64
CA LYS X 115 6.91 -80.92 -53.92
CA THR X 116 6.98 -77.14 -53.59
CA GLU X 117 3.33 -75.99 -53.58
CA PHE X 118 0.86 -78.13 -51.74
CA ALA X 119 -1.67 -78.36 -48.93
CA SER X 120 -0.13 -79.66 -45.73
CA ALA X 121 -2.00 -81.06 -42.74
CA TYR X 122 -0.44 -80.60 -39.34
CA ARG X 123 -1.10 -79.78 -35.69
CA ALA X 124 -0.26 -76.44 -34.09
CA HIS X 125 0.04 -76.63 -30.33
CA THR X 126 2.06 -74.31 -28.09
CA ALA X 127 2.06 -70.84 -26.58
CA SER X 128 5.32 -68.98 -27.15
CA ALA X 129 4.56 -65.27 -27.05
CA SER X 130 6.77 -62.45 -28.38
CA ALA X 131 6.41 -58.73 -27.68
CA LYS X 132 7.31 -55.44 -29.37
CA LEU X 133 7.09 -52.70 -26.74
CA ARG X 134 7.74 -48.96 -26.98
CA VAL X 135 8.93 -46.81 -24.06
CA LEU X 136 9.76 -43.13 -23.93
CA TYR X 137 12.84 -43.58 -21.84
CA GLN X 138 13.04 -40.41 -19.80
CA GLY X 139 11.20 -39.12 -22.86
CA ASN X 140 13.52 -40.95 -25.27
CA ASN X 141 11.26 -42.75 -27.75
CA ILE X 142 12.77 -46.24 -27.96
CA THR X 143 11.22 -49.61 -28.77
CA VAL X 144 12.26 -52.72 -26.85
CA THR X 145 11.79 -56.29 -28.01
CA ALA X 146 10.49 -58.96 -25.69
CA TYR X 147 8.84 -62.28 -25.29
CA ALA X 148 5.38 -61.66 -23.85
CA ASN X 149 5.76 -64.51 -21.40
CA GLY X 150 8.03 -64.56 -18.34
CA ASP X 151 11.21 -65.80 -20.03
CA HIS X 152 12.90 -63.11 -22.15
CA ALA X 153 14.55 -60.29 -20.23
CA VAL X 154 17.28 -58.06 -21.66
CA THR X 155 18.85 -54.91 -20.25
CA VAL X 156 18.72 -51.83 -22.48
CA LYS X 157 19.72 -48.31 -21.35
CA ASP X 158 20.24 -49.03 -17.60
CA ALA X 159 16.95 -50.96 -17.20
CA LYS X 160 15.52 -54.37 -18.03
CA PHE X 161 12.02 -55.84 -17.91
CA ILE X 162 9.97 -58.93 -17.17
CA VAL X 163 7.27 -58.66 -19.83
CA GLY X 164 4.52 -61.09 -18.95
CA PRO X 165 3.77 -63.93 -18.33
CA MET X 166 0.63 -63.83 -20.40
CA SER X 167 -2.69 -63.69 -18.60
CA SER X 168 -4.97 -64.75 -21.45
CA ALA X 169 -3.95 -68.08 -22.97
CA TRP X 170 -6.33 -67.80 -25.94
CA THR X 171 -5.12 -69.05 -29.29
CA PRO X 172 -6.83 -68.83 -32.70
CA PHE X 173 -5.10 -72.10 -33.64
CA ASP X 174 -6.96 -75.41 -33.48
CA ASN X 175 -5.47 -78.89 -33.33
CA LYS X 176 -6.15 -79.81 -36.97
CA ILE X 177 -5.04 -77.18 -39.46
CA VAL X 178 -3.88 -77.19 -43.09
CA VAL X 179 -1.40 -74.78 -44.67
CA TYR X 180 -1.28 -74.36 -48.46
CA LYS X 181 1.52 -72.63 -50.46
CA GLY X 182 1.00 -69.36 -48.59
CA ASP X 183 -2.18 -69.50 -46.51
CA VAL X 184 -3.22 -71.59 -43.51
CA TYR X 185 -6.67 -73.12 -43.04
CA ASN X 186 -8.02 -74.45 -39.72
CA MET X 187 -10.27 -77.08 -41.23
CA ASP X 188 -10.35 -80.16 -39.03
CA TYR X 189 -8.87 -82.45 -41.65
CA PRO X 190 -9.40 -86.18 -41.84
CA PRO X 191 -5.94 -87.33 -40.74
CA PHE X 192 -3.34 -89.60 -42.33
CA GLY X 193 -4.72 -92.59 -44.20
CA ALA X 194 -8.29 -91.27 -44.03
CA GLY X 195 -8.56 -89.61 -47.43
CA ARG X 196 -11.73 -90.83 -49.09
CA PRO X 197 -12.14 -90.96 -52.91
CA GLY X 198 -12.78 -87.42 -54.01
CA GLN X 199 -12.00 -86.13 -50.54
CA PHE X 200 -9.28 -83.61 -49.66
CA GLY X 201 -6.22 -85.69 -48.90
CA ASP X 202 -7.04 -88.86 -50.83
CA ILE X 203 -3.42 -88.78 -51.96
CA GLN X 204 -1.88 -88.73 -48.54
CA SER X 205 1.79 -88.70 -47.56
CA ARG X 206 3.67 -87.05 -44.75
CA THR X 207 6.39 -85.04 -46.51
CA PRO X 208 6.34 -84.14 -50.24
CA GLU X 209 9.24 -86.52 -50.95
CA SER X 210 7.82 -89.26 -48.71
CA LYS X 211 6.40 -92.22 -50.59
CA ASP X 212 4.20 -93.39 -47.69
CA VAL X 213 1.35 -93.18 -50.17
CA TYR X 214 -2.13 -93.59 -48.86
CA ALA X 215 -4.14 -93.51 -52.05
CA ASN X 216 -7.88 -94.08 -51.87
CA THR X 217 -8.85 -92.14 -54.98
CA GLN X 218 -10.85 -94.56 -57.23
CA LEU X 219 -8.37 -95.97 -59.75
CA VAL X 220 -10.74 -98.07 -61.88
CA LEU X 221 -11.06 -98.78 -65.62
CA GLN X 222 -14.35 -99.78 -67.24
CA ARG X 223 -13.60 -101.25 -70.78
CA PRO X 224 -12.71 -100.07 -74.27
CA ALA X 225 -15.79 -101.61 -75.78
CA ALA X 226 -14.91 -103.28 -79.10
CA GLY X 227 -13.61 -100.54 -81.30
CA THR X 228 -10.16 -98.98 -81.04
CA VAL X 229 -6.89 -98.65 -79.13
CA HIS X 230 -8.49 -96.99 -76.21
CA VAL X 231 -8.48 -96.46 -72.47
CA PRO X 232 -11.72 -95.04 -71.06
CA TYR X 233 -11.35 -93.95 -67.48
CA SER X 234 -14.04 -93.67 -64.87
CA GLN X 235 -12.84 -90.83 -62.70
CA ALA X 236 -10.20 -90.53 -60.05
CA PRO X 237 -11.84 -87.75 -58.00
CA SER X 238 -9.29 -85.64 -56.33
CA GLY X 239 -7.72 -83.98 -53.32
CA PHE X 240 -6.74 -80.61 -54.92
CA LYS X 241 -9.34 -80.29 -57.72
CA TYR X 242 -11.73 -81.04 -54.82
CA TRP X 243 -9.95 -78.50 -52.59
CA LEU X 244 -9.68 -75.46 -54.89
CA LYS X 245 -13.33 -74.47 -54.34
CA GLU X 246 -13.50 -75.26 -50.61
CA ARG X 247 -10.43 -73.31 -49.54
CA GLY X 248 -12.62 -70.70 -47.86
CA ALA X 249 -11.09 -68.31 -45.36
CA SER X 250 -7.59 -68.37 -43.91
CA LEU X 251 -6.78 -67.89 -40.23
CA GLN X 252 -6.03 -64.24 -40.93
CA HIS X 253 -9.62 -64.16 -42.20
CA THR X 254 -11.40 -65.97 -39.37
CA ALA X 255 -9.54 -65.13 -36.15
CA PRO X 256 -11.42 -63.14 -33.52
CA PHE X 257 -9.90 -60.01 -31.92
CA GLY X 258 -9.40 -58.90 -35.55
CA CYS X 259 -5.69 -59.64 -35.89
CA GLN X 260 -3.98 -61.28 -38.82
CA ILE X 261 -1.94 -64.45 -38.68
CA ALA X 262 1.65 -64.16 -39.90
CA THR X 263 2.87 -67.21 -41.76
CA ASN X 264 6.06 -69.17 -42.62
CA PRO X 265 6.30 -70.30 -39.78
CA VAL X 266 2.70 -69.62 -38.69
CA ARG X 267 2.00 -67.44 -35.63
CA ALA X 268 -0.60 -64.92 -34.45
CA VAL X 269 0.40 -61.27 -34.49
CA ASN X 270 -1.13 -58.89 -31.92
CA CYS X 271 -4.66 -59.84 -30.99
CA ALA X 272 -5.28 -57.33 -28.20
CA VAL X 273 -6.31 -59.75 -25.46
CA GLY X 274 -5.59 -59.53 -21.74
CA ASN X 275 -2.75 -57.58 -20.13
CA MET X 276 1.03 -57.52 -19.78
CA PRO X 277 2.67 -57.82 -16.36
CA ILE X 278 5.81 -55.72 -16.81
CA SER X 279 8.48 -55.78 -14.10
CA ILE X 280 11.02 -53.04 -14.84
CA ASP X 281 13.62 -51.48 -12.55
CA ILE X 282 14.97 -47.98 -11.94
CA PRO X 283 17.76 -46.83 -9.63
CA GLU X 284 17.76 -43.63 -7.67
CA ALA X 285 21.11 -42.76 -9.28
CA ALA X 286 20.19 -42.32 -12.95
CA PHE X 287 16.97 -40.66 -11.74
CA THR X 288 16.80 -37.27 -10.10
CA ARG X 289 15.72 -35.93 -6.73
CA VAL X 290 12.60 -34.10 -5.58
CA VAL X 291 14.75 -31.20 -4.36
CA ASP X 292 16.41 -30.29 -7.69
CA ALA X 293 13.11 -30.92 -9.41
CA PRO X 294 11.02 -27.77 -8.90
CA SER X 295 8.35 -27.97 -6.22
CA LEU X 296 5.20 -26.27 -7.42
CA THR X 297 2.17 -24.42 -6.08
CA ASP X 298 -0.37 -21.88 -7.37
CA MET X 299 -1.88 -24.44 -9.77
CA SER X 300 -5.24 -23.09 -10.88
CA CYS X 301 -7.49 -25.86 -12.19
CA GLU X 302 -9.16 -25.22 -15.53
CA VAL X 303 -9.42 -26.63 -19.03
CA PRO X 304 -9.75 -24.70 -22.26
CA ALA X 305 -11.91 -27.59 -23.53
CA CYS X 306 -12.38 -31.35 -23.24
CA THR X 307 -14.44 -33.76 -25.36
CA HIS X 308 -15.30 -37.08 -23.74
CA SER X 309 -14.97 -39.58 -26.59
CA SER X 310 -12.21 -41.99 -27.61
CA ASP X 311 -10.34 -39.06 -29.19
CA PHE X 312 -7.69 -36.78 -27.65
CA GLY X 313 -10.29 -34.02 -27.52
CA GLY X 314 -9.21 -32.90 -24.08
CA VAL X 315 -6.55 -30.50 -22.90
CA ALA X 316 -5.95 -28.76 -19.57
CA ILE X 317 -4.04 -25.51 -19.03
CA ILE X 318 -2.55 -25.13 -15.57
CA LYS X 319 -1.40 -21.66 -14.52
CA TYR X 320 1.10 -22.02 -11.71
CA ALA X 321 4.30 -20.98 -9.97
CA ALA X 322 7.04 -23.56 -9.37
CA SER X 323 10.38 -23.07 -7.62
CA LYS X 324 13.43 -23.97 -9.72
CA LYS X 325 14.39 -24.89 -13.25
CA GLY X 326 13.85 -28.52 -14.22
CA LYS X 327 11.65 -31.11 -15.89
CA CYS X 328 8.54 -32.62 -14.34
CA ALA X 329 5.98 -35.41 -14.68
CA VAL X 330 2.17 -35.43 -14.91
CA HIS X 331 -0.18 -38.11 -13.57
CA SER X 332 -3.88 -38.32 -12.83
CA MET X 333 -5.16 -41.37 -10.96
CA THR X 334 -8.26 -41.22 -13.12
CA ASN X 335 -7.41 -44.05 -15.50
CA ALA X 336 -10.46 -43.52 -17.72
CA VAL X 337 -9.03 -40.09 -18.55
CA THR X 338 -5.71 -40.86 -20.24
CA ILE X 339 -3.23 -37.98 -20.36
CA ARG X 340 -1.24 -37.68 -23.57
CA GLU X 341 2.09 -36.25 -22.38
CA ALA X 342 3.74 -36.12 -18.96
CA GLU X 343 7.35 -34.93 -19.29
CA ILE X 344 7.42 -31.13 -19.39
CA GLU X 345 10.22 -28.76 -18.46
CA VAL X 346 8.35 -26.16 -15.00
CA GLU X 347 10.90 -23.31 -14.72
CA GLY X 348 9.32 -21.54 -11.73
CA ASN X 349 6.52 -19.08 -12.40
CA SER X 350 4.97 -20.21 -15.70
CA GLN X 351 2.10 -22.07 -17.35
CA LEU X 352 2.13 -25.49 -18.99
CA GLN X 353 -0.13 -27.66 -21.13
CA ILE X 354 -1.29 -31.25 -20.90
CA SER X 355 -3.69 -32.84 -23.37
CA PHE X 356 -5.71 -35.96 -22.67
CA SER X 357 -8.22 -38.42 -24.02
CA THR X 358 -11.34 -37.62 -22.09
CA ALA X 359 -13.90 -39.72 -20.27
CA LEU X 360 -15.88 -37.78 -17.68
CA ALA X 361 -18.62 -35.28 -18.52
CA SER X 362 -17.69 -33.24 -15.46
CA ALA X 363 -13.99 -34.13 -15.29
CA GLU X 364 -13.36 -33.27 -11.64
CA PHE X 365 -10.17 -35.18 -10.84
CA ARG X 366 -6.70 -34.63 -9.39
CA VAL X 367 -3.28 -34.54 -11.02
CA GLN X 368 -0.14 -35.69 -9.22
CA VAL X 369 2.58 -33.33 -10.44
CA CYS X 370 5.97 -34.62 -9.12
CA SER X 371 4.87 -35.71 -5.60
CA THR X 372 2.58 -32.66 -5.33
CA GLN X 373 -1.16 -32.95 -5.59
CA VAL X 374 -3.42 -30.51 -7.41
CA HIS X 375 -7.03 -31.10 -8.36
CA CYS X 376 -8.10 -30.49 -11.97
CA ALA X 377 -11.52 -28.98 -12.69
CA ALA X 378 -13.34 -29.50 -15.99
CA GLU X 379 -16.81 -29.53 -17.52
CA CYS X 380 -16.53 -31.50 -20.74
CA HIS X 381 -18.04 -31.60 -24.91
CA PRO X 382 -20.32 -34.45 -25.89
CA PRO X 383 -18.97 -36.59 -28.73
CA LYS X 384 -19.77 -35.10 -32.13
CA ARG X 385 -18.18 -35.23 -35.60
CA THR X 386 -14.38 -36.62 -33.66
CA THR X 387 -15.33 -39.32 -37.08
CA VAL X 388 -14.68 -42.86 -38.47
CA TYR X 389 -11.14 -43.82 -38.89
CA TYR X 390 -9.47 -42.54 -34.93
CA PRO X 391 -7.11 -45.51 -34.82
CA ALA X 392 -7.31 -46.04 -31.04
CA SER X 393 -9.48 -46.02 -27.96
CA HIS X 394 -8.57 -45.44 -24.32
CA THR X 395 -12.23 -44.98 -21.77
CA THR X 396 -14.17 -47.01 -19.21
CA LEU X 397 -17.61 -45.57 -18.60
CA GLY X 398 -20.26 -47.58 -16.83
CA VAL X 399 -18.04 -48.04 -13.82
CA GLN X 400 -20.45 -46.74 -10.38
CA ASP X 401 -19.88 -43.00 -10.30
CA ILE X 402 -21.06 -41.13 -13.41
CA SER X 403 -21.36 -37.85 -11.48
CA ALA X 404 -21.71 -35.04 -14.02
CA THR X 405 -23.27 -31.57 -14.15
CA ALA X 406 -26.78 -33.08 -14.17
CA MET X 407 -26.01 -35.37 -11.21
CA SER X 408 -26.39 -32.43 -8.79
CA TRP X 409 -30.17 -32.84 -8.99
CA VAL X 410 -29.87 -36.61 -8.58
CA GLN X 411 -27.25 -36.74 -5.80
CA LYS X 412 -28.38 -33.77 -3.70
CA ILE X 413 -32.09 -33.00 -3.76
CA THR X 414 -33.82 -36.34 -4.24
CA GLY X 415 -31.03 -38.03 -2.33
CA GLY X 416 -32.19 -35.95 0.64
CA VAL X 417 -35.76 -37.26 0.69
CA GLY X 418 -35.23 -40.12 3.13
CA LEU X 419 -35.42 -38.15 6.37
CA VAL X 420 -39.12 -38.71 6.84
CA VAL X 421 -38.89 -42.23 8.31
CA ALA X 422 -38.68 -40.93 11.91
CA VAL X 423 -42.32 -39.76 12.21
CA ALA X 424 -43.70 -43.16 13.19
CA ALA X 425 -40.97 -43.36 15.85
CA LEU X 426 -40.86 -39.66 16.78
CA ILE X 427 -43.83 -39.17 19.12
CA LEU X 428 -45.85 -42.00 17.60
CA ILE X 429 -43.63 -44.30 19.72
CA VAL X 430 -45.87 -43.66 22.75
CA VAL X 431 -48.73 -45.05 20.63
CA LEU X 432 -47.02 -47.64 18.43
CA CYS X 433 -46.17 -51.15 19.49
CA VAL X 434 -47.92 -54.38 20.48
CA SER X 435 -45.15 -55.00 23.00
CA PHE X 436 -41.91 -53.06 22.39
CA SER X 437 -41.66 -49.43 23.19
CA ARG X 438 -42.67 -47.25 26.07
CA HIS X 439 -41.96 -47.75 29.76
CA ASN Y 1 20.30 -78.61 -75.31
CA PHE Y 2 16.94 -80.48 -75.43
CA ASN Y 3 18.71 -83.50 -76.95
CA VAL Y 4 15.79 -85.87 -76.39
CA TYR Y 5 13.31 -84.29 -78.83
CA LYS Y 6 15.62 -85.38 -81.62
CA ALA Y 7 15.72 -89.20 -81.72
CA THR Y 8 11.97 -89.38 -81.04
CA ARG Y 9 9.04 -89.62 -83.42
CA PRO Y 10 5.39 -88.54 -83.32
CA TYR Y 11 2.35 -90.75 -83.60
CA LEU Y 12 -0.80 -90.38 -85.66
CA ALA Y 13 -3.69 -91.23 -83.38
CA HIS Y 14 -7.43 -90.66 -83.14
CA CYS Y 15 -8.48 -87.24 -82.01
CA PRO Y 16 -11.72 -87.45 -79.98
CA ASP Y 17 -13.09 -84.66 -82.19
CA CYS Y 18 -11.11 -83.48 -85.21
CA GLY Y 19 -13.43 -80.51 -85.69
CA GLU Y 20 -16.64 -80.51 -87.79
CA GLY Y 21 -18.51 -82.20 -84.92
CA HIS Y 22 -16.87 -85.59 -85.58
CA SER Y 23 -13.60 -87.42 -85.10
CA CYS Y 24 -10.71 -88.89 -87.08
CA HIS Y 25 -6.98 -89.49 -86.73
CA SER Y 26 -4.55 -86.76 -85.96
CA PRO Y 27 -0.89 -85.78 -85.58
CA VAL Y 28 -2.07 -83.36 -82.87
CA ALA Y 29 -4.04 -85.99 -80.94
CA LEU Y 30 -3.75 -84.73 -77.35
CA GLU Y 31 -2.49 -86.94 -74.53
CA ARG Y 32 -1.91 -84.66 -71.54
CA ILE Y 33 -3.57 -81.50 -70.18
CA ARG Y 34 -2.15 -79.47 -67.28
CA ASN Y 35 -3.07 -76.04 -65.92
CA GLU Y 36 -1.81 -76.23 -62.32
CA ALA Y 37 -0.26 -72.78 -62.91
CA THR Y 38 -2.40 -70.39 -60.83
CA ASP Y 39 -1.97 -67.53 -63.31
CA GLY Y 40 -3.89 -69.70 -65.79
CA THR Y 41 -1.24 -70.77 -68.29
CA LEU Y 42 -2.08 -74.20 -69.67
CA LYS Y 43 0.50 -76.87 -70.54
CA ILE Y 44 -0.47 -79.46 -73.13
CA GLN Y 45 1.73 -82.18 -74.58
CA VAL Y 46 0.85 -82.47 -78.26
CA SER Y 47 1.53 -85.85 -79.88
CA LEU Y 48 3.96 -84.38 -82.42
CA GLN Y 49 6.87 -82.16 -81.50
CA ILE Y 50 7.51 -78.62 -82.65
CA GLY Y 51 10.73 -76.71 -83.11
CA ILE Y 52 12.92 -79.55 -84.46
CA LYS Y 53 12.85 -81.00 -87.98
CA THR Y 54 13.26 -84.68 -88.81
CA ASP Y 55 17.01 -83.97 -88.96
CA ASP Y 56 17.06 -84.58 -85.16
CA SER Y 57 18.98 -81.31 -84.73
CA HIS Y 58 19.01 -78.24 -82.48
CA ASP Y 59 16.56 -76.62 -84.90
CA TRP Y 60 13.87 -74.06 -84.30
CA THR Y 61 12.45 -73.31 -87.75
CA LYS Y 62 10.27 -76.38 -88.40
CA LEU Y 63 8.30 -79.10 -86.60
CA ARG Y 64 8.38 -82.90 -86.72
CA TYR Y 65 4.99 -84.49 -87.30
CA MET Y 66 3.97 -88.04 -88.18
CA ASP Y 67 2.83 -88.86 -91.74
CA ASN Y 68 3.07 -91.79 -94.17
CA HIS Y 69 4.62 -94.28 -91.68
CA MET Y 70 7.42 -91.80 -90.86
CA PRO Y 71 8.19 -88.50 -89.14
CA ALA Y 72 7.43 -85.69 -91.59
CA ASP Y 73 8.24 -81.99 -91.40
CA ALA Y 74 6.07 -78.89 -91.29
CA GLU Y 75 6.95 -75.30 -90.44
CA ARG Y 76 7.22 -73.93 -86.90
CA ALA Y 77 4.87 -70.97 -87.47
CA GLY Y 78 1.92 -73.05 -88.73
CA LEU Y 79 0.32 -73.47 -85.29
CA PHE Y 80 -3.09 -72.13 -84.25
CA VAL Y 81 -5.17 -72.76 -81.12
CA ARG Y 82 -8.65 -71.70 -80.05
CA THR Y 83 -10.40 -72.29 -76.73
CA SER Y 84 -13.39 -70.02 -77.32
CA ALA Y 85 -11.44 -67.26 -79.07
CA PRO Y 86 -8.16 -67.77 -80.95
CA CYS Y 87 -6.01 -67.38 -77.90
CA THR Y 88 -2.45 -66.31 -77.26
CA ILE Y 89 0.75 -68.30 -76.79
CA THR Y 90 3.53 -67.76 -74.23
CA GLY Y 91 6.23 -70.21 -75.32
CA THR Y 92 6.32 -73.69 -76.87
CA ILE Y 93 9.17 -76.20 -77.24
CA GLY Y 94 9.31 -79.91 -78.01
CA HIS Y 95 6.11 -81.98 -77.78
CA PHE Y 96 4.76 -79.30 -75.45
CA ILE Y 97 2.44 -76.31 -75.98
CA LEU Y 98 1.73 -73.45 -73.58
CA ALA Y 99 -0.93 -70.80 -74.07
CA ARG Y 100 -2.22 -67.64 -72.39
CA CYS Y 101 -6.00 -67.35 -72.59
CA PRO Y 102 -8.99 -67.11 -70.21
CA LYS Y 103 -12.05 -69.27 -69.43
CA GLY Y 104 -13.31 -71.70 -72.04
CA GLU Y 105 -14.75 -75.19 -72.05
CA THR Y 106 -13.88 -76.18 -75.63
CA LEU Y 107 -10.35 -76.11 -76.96
CA THR Y 108 -9.12 -77.09 -80.40
CA VAL Y 109 -5.55 -77.28 -81.66
CA GLY Y 110 -4.24 -76.94 -85.19
CA PHE Y 111 -1.17 -76.35 -87.27
CA THR Y 112 -0.87 -75.50 -90.94
CA ASP Y 113 1.26 -78.32 -92.28
CA SER Y 114 3.49 -78.58 -95.36
CA ARG Y 115 0.42 -79.22 -97.55
CA LYS Y 116 -1.53 -76.24 -96.06
CA ILE Y 117 -4.38 -78.09 -94.33
CA SER Y 118 -5.72 -77.91 -90.78
CA HIS Y 119 -4.72 -80.82 -88.62
CA SER Y 120 -7.55 -80.18 -86.19
CA CYS Y 121 -8.20 -81.74 -82.80
CA THR Y 122 -10.96 -80.34 -80.60
CA HIS Y 123 -11.04 -81.15 -76.88
CA PRO Y 124 -13.47 -80.48 -74.03
CA PHE Y 125 -11.63 -78.91 -71.11
CA HIS Y 126 -13.15 -76.22 -68.91
CA HIS Y 127 -10.01 -74.12 -68.77
CA ASP Y 128 -10.02 -71.99 -65.70
CA PRO Y 129 -7.50 -69.60 -64.29
CA PRO Y 130 -8.50 -69.45 -60.62
CA VAL Y 131 -9.68 -66.21 -59.06
CA ILE Y 132 -6.17 -64.97 -58.44
CA GLY Y 133 -5.37 -62.82 -55.43
CA ARG Y 134 -8.52 -61.50 -53.81
CA GLU Y 135 -10.25 -59.89 -56.81
CA LYS Y 136 -12.43 -60.89 -59.76
CA PHE Y 137 -10.64 -58.94 -62.48
CA HIS Y 138 -9.29 -60.09 -65.83
CA SER Y 139 -6.17 -57.97 -66.37
CA ARG Y 140 -4.06 -55.64 -64.26
CA PRO Y 141 -3.15 -51.96 -64.48
CA GLN Y 142 -0.08 -50.38 -62.95
CA HIS Y 143 -1.67 -50.35 -59.48
CA GLY Y 144 -1.63 -53.84 -58.05
CA LYS Y 145 -0.43 -55.74 -55.02
CA GLU Y 146 2.01 -58.67 -54.85
CA LEU Y 147 0.93 -62.28 -54.41
CA PRO Y 148 3.00 -65.37 -55.19
CA CYS Y 149 1.48 -67.44 -57.97
CA SER Y 150 2.35 -70.69 -59.68
CA THR Y 151 3.44 -70.34 -63.31
CA TYR Y 152 5.66 -72.15 -65.78
CA VAL Y 153 9.32 -71.37 -66.35
CA GLN Y 154 10.36 -71.31 -70.01
CA SER Y 155 13.17 -73.83 -69.48
CA THR Y 156 13.47 -76.83 -71.82
CA ALA Y 157 16.36 -78.50 -69.96
CA ALA Y 158 14.19 -79.51 -67.00
CA THR Y 159 14.05 -82.79 -65.09
CA THR Y 160 12.68 -84.52 -61.92
CA GLU Y 161 9.37 -85.01 -63.69
CA GLU Y 162 9.86 -87.42 -66.53
CA ILE Y 163 8.00 -89.02 -69.40
CA GLU Y 164 9.54 -92.28 -70.56
CA VAL Y 165 10.43 -93.09 -74.18
CA HIS Y 166 10.27 -96.49 -75.88
CA MET Y 167 10.41 -98.10 -79.29
CA PRO Y 168 7.11 -97.89 -81.21
CA PRO Y 169 5.73 -101.39 -81.79
CA ASP Y 170 3.84 -100.98 -85.06
CA THR Y 171 2.39 -98.52 -87.56
CA PRO Y 172 0.00 -100.37 -89.86
CA ASP Y 173 -1.86 -99.77 -93.11
CA HIS Y 174 -4.79 -101.29 -94.95
CA THR Y 175 -3.99 -99.09 -97.96
CA LEU Y 176 -0.81 -101.17 -98.46
CA MET Y 177 -3.00 -104.05 -99.72
CA SER Y 178 -4.20 -104.14 -103.30
CA GLN Y 179 -5.87 -107.25 -104.68
CA GLN Y 180 -5.32 -108.64 -108.19
CA SER Y 181 -8.62 -110.59 -108.29
CA GLY Y 182 -7.90 -112.92 -105.39
CA ASN Y 183 -4.15 -112.19 -105.40
CA VAL Y 184 -2.84 -109.59 -102.96
CA LYS Y 185 -0.42 -107.15 -104.51
CA ILE Y 186 0.57 -106.12 -100.99
CA THR Y 187 2.47 -102.83 -101.16
CA VAL Y 188 5.39 -102.67 -98.72
CA ASN Y 189 7.45 -99.62 -99.83
CA GLY Y 190 10.62 -100.79 -98.10
CA GLN Y 191 9.53 -101.14 -94.47
CA THR Y 192 9.18 -103.94 -91.94
CA VAL Y 193 5.61 -105.01 -92.75
CA ARG Y 194 4.41 -107.34 -90.02
CA TYR Y 195 1.67 -109.54 -92.86
CA LYS Y 196 1.02 -112.43 -90.51
CA CYS Y 197 -2.37 -113.22 -91.91
CA ASN Y 198 -4.85 -115.86 -92.99
CA CYS Y 199 -3.77 -116.10 -96.63
CA GLY Y 200 -1.40 -119.18 -94.96
CA GLY Y 201 -0.20 -115.99 -93.34
CA SER Y 202 2.53 -114.46 -95.39
CA ASN Y 203 2.42 -117.93 -95.66
CA GLU Y 204 4.08 -116.65 -92.54
CA GLY Y 205 6.31 -113.80 -91.38
CA LEU Y 206 7.39 -110.15 -91.73
CA THR Y 207 8.58 -108.72 -95.03
CA THR Y 208 10.69 -105.68 -95.82
CA THR Y 209 10.56 -105.72 -99.64
CA ASP Y 210 7.51 -105.39 -101.89
CA LYS Y 211 5.43 -108.55 -102.25
CA VAL Y 212 2.84 -109.88 -104.68
CA ILE Y 213 1.09 -112.85 -103.10
CA ASN Y 214 -1.52 -114.97 -104.85
CA ASN Y 215 -4.55 -116.87 -103.41
CA CYS Y 216 -5.57 -114.08 -101.04
CA LYS Y 217 -8.02 -111.21 -100.67
CA VAL Y 218 -8.38 -108.40 -98.08
CA ASP Y 219 -10.64 -110.72 -96.03
CA GLN Y 220 -7.52 -112.81 -95.34
CA CYS Y 221 -4.74 -110.26 -94.88
CA HIS Y 222 -3.14 -107.14 -93.33
CA ALA Y 223 -0.07 -104.91 -93.64
CA ALA Y 224 1.72 -103.47 -90.61
CA VAL Y 225 4.98 -101.53 -90.58
CA THR Y 226 6.72 -102.25 -87.29
CA ASN Y 227 8.55 -98.93 -87.09
CA HIS Y 228 11.96 -99.22 -85.50
CA LYS Y 229 14.07 -96.14 -86.28
CA LYS Y 230 13.16 -93.45 -83.74
CA TRP Y 231 11.77 -93.47 -80.20
CA GLN Y 232 8.15 -93.28 -79.08
CA TYR Y 233 7.22 -91.87 -75.70
CA ASN Y 234 4.69 -93.36 -73.30
CA SER Y 235 1.38 -92.04 -74.57
CA PRO Y 236 -2.15 -93.36 -73.90
CA LEU Y 237 -2.83 -93.31 -77.67
CA VAL Y 238 0.05 -95.50 -78.88
CA PRO Y 239 0.23 -99.01 -77.37
CA ARG Y 240 2.87 -101.60 -76.37
CA ASN Y 241 4.46 -104.54 -78.17
CA ALA Y 242 2.56 -107.35 -76.29
CA GLU Y 243 4.87 -107.51 -73.35
CA LEU Y 244 6.86 -104.32 -72.97
CA GLY Y 245 6.60 -101.28 -75.14
CA ASP Y 246 7.31 -99.48 -71.92
CA ARG Y 247 10.94 -100.22 -72.72
CA LYS Y 248 13.87 -98.22 -71.48
CA GLY Y 249 14.58 -94.66 -72.59
CA LYS Y 250 14.30 -91.09 -71.30
CA ILE Y 251 12.84 -87.89 -72.73
CA HIS Y 252 13.12 -85.09 -70.21
CA ILE Y 253 10.54 -82.41 -69.48
CA PRO Y 254 10.40 -78.74 -70.44
CA PHE Y 255 8.68 -75.92 -68.52
CA PRO Y 256 9.12 -76.35 -64.75
CA LEU Y 257 6.98 -74.46 -62.23
CA ALA Y 258 7.69 -71.34 -60.19
CA ASN Y 259 5.98 -70.06 -57.04
CA VAL Y 260 6.67 -66.49 -58.11
CA THR Y 261 5.05 -63.09 -58.32
CA CYS Y 262 1.75 -62.42 -60.02
CA ARG Y 263 -0.02 -59.10 -59.52
CA VAL Y 264 -3.68 -58.49 -58.72
CA PRO Y 265 -5.13 -54.95 -58.95
CA LYS Y 266 -6.14 -53.12 -55.81
CA ALA Y 267 -9.79 -52.15 -55.75
CA ARG Y 268 -10.45 -48.43 -55.87
CA ASN Y 269 -11.42 -46.83 -52.59
CA PRO Y 270 -15.16 -46.26 -52.03
CA THR Y 271 -16.66 -43.27 -50.30
CA VAL Y 272 -17.27 -43.58 -46.57
CA THR Y 273 -19.59 -41.61 -44.27
CA TYR Y 274 -21.38 -41.99 -40.96
CA GLY Y 275 -24.79 -43.28 -39.94
CA LYS Y 276 -26.65 -44.03 -36.69
CA ASN Y 277 -23.92 -45.80 -34.66
CA GLN Y 278 -22.79 -47.11 -38.04
CA VAL Y 279 -21.26 -46.47 -41.45
CA ILE Y 280 -23.29 -45.46 -44.49
CA MET Y 281 -21.07 -45.70 -47.57
CA LEU Y 282 -21.65 -46.00 -51.32
CA LEU Y 283 -19.53 -48.95 -52.40
CA TYR Y 284 -17.59 -48.81 -55.66
CA PRO Y 285 -16.73 -51.95 -57.61
CA ASP Y 286 -16.89 -52.03 -61.38
CA HIS Y 287 -15.47 -55.56 -61.70
CA PRO Y 288 -16.53 -58.06 -58.99
CA THR Y 289 -14.94 -57.29 -55.65
CA LEU Y 290 -15.25 -58.90 -52.24
CA LEU Y 291 -16.33 -57.36 -48.93
CA SER Y 292 -15.43 -58.88 -45.57
CA TYR Y 293 -16.04 -57.46 -42.10
CA ARG Y 294 -15.59 -58.78 -38.57
CA ASN Y 295 -15.40 -57.23 -35.10
CA MET Y 296 -12.97 -57.02 -32.21
CA GLY Y 297 -15.24 -58.84 -29.76
CA GLU Y 298 -14.95 -62.32 -28.30
CA GLU Y 299 -17.11 -63.38 -31.25
CA PRO Y 300 -15.77 -62.78 -34.78
CA ASN Y 301 -19.01 -61.51 -36.40
CA TYR Y 302 -17.40 -62.36 -39.70
CA GLN Y 303 -19.33 -61.90 -42.96
CA GLU Y 304 -18.08 -62.18 -46.55
CA GLU Y 305 -19.75 -61.17 -49.81
CA TRP Y 306 -18.77 -60.22 -53.36
CA VAL Y 307 -19.98 -57.14 -55.27
CA MET Y 308 -19.59 -55.88 -58.83
CA HIS Y 309 -22.15 -53.09 -58.68
CA LYS Y 310 -22.10 -49.59 -57.24
CA LYS Y 311 -24.43 -49.88 -54.26
CA GLU Y 312 -25.10 -48.51 -50.79
CA VAL Y 313 -24.00 -50.74 -47.91
CA VAL Y 314 -24.94 -49.98 -44.30
CA LEU Y 315 -22.11 -50.98 -41.98
CA THR Y 316 -23.14 -51.32 -38.34
CA VAL Y 317 -20.24 -50.55 -36.00
CA PRO Y 318 -20.42 -51.84 -32.41
CA THR Y 319 -18.78 -49.67 -29.74
CA GLU Y 320 -15.80 -52.05 -29.67
CA GLY Y 321 -15.44 -51.46 -33.41
CA LEU Y 322 -15.00 -53.75 -36.39
CA GLU Y 323 -12.90 -54.15 -39.51
CA VAL Y 324 -13.81 -54.02 -43.19
CA THR Y 325 -11.65 -55.26 -46.09
CA TRP Y 326 -12.14 -54.10 -49.67
CA GLY Y 327 -10.61 -55.79 -52.68
CA ASN Y 328 -6.85 -55.85 -52.37
CA ASN Y 329 -6.71 -52.93 -49.93
CA GLU Y 330 -5.78 -53.03 -46.25
CA PRO Y 331 -8.50 -53.53 -43.58
CA TYR Y 332 -10.20 -50.43 -42.22
CA LYS Y 333 -11.12 -50.48 -38.51
CA TYR Y 334 -13.72 -48.17 -37.01
CA TRP Y 335 -14.78 -46.82 -33.61
CA PRO Y 336 -18.25 -45.32 -33.33
CA GLN Y 337 -19.96 -42.51 -31.47
CA LEU Y 338 -23.61 -41.57 -31.26
CA SER Y 339 -26.90 -40.16 -33.54
CA THR Y 340 -27.18 -35.88 -33.02
CA ASN Y 341 -31.32 -34.96 -33.35
CA GLY Y 342 -33.26 -34.71 -30.09
CA THR Y 343 -35.96 -31.39 -29.82
CA ALA Y 344 -35.66 -29.07 -26.89
CA HIS Y 345 -34.75 -30.38 -22.90
CA GLY Y 346 -35.14 -28.14 -19.88
CA HIS Y 347 -34.16 -27.52 -16.83
CA PRO Y 348 -36.64 -25.70 -15.14
CA HIS Y 349 -36.23 -29.89 -14.21
CA GLU Y 350 -35.54 -32.06 -17.27
CA ILE Y 351 -31.97 -32.59 -18.45
CA ILE Y 352 -32.01 -36.28 -19.35
CA LEU Y 353 -31.68 -35.46 -23.02
CA TYR Y 354 -28.20 -34.58 -21.78
CA TYR Y 355 -28.33 -38.25 -20.74
CA TYR Y 356 -29.87 -39.29 -24.09
CA GLU Y 357 -26.82 -38.67 -26.28
CA LEU Y 358 -24.81 -39.83 -23.26
CA TYR Y 359 -23.96 -43.38 -24.46
CA PRO Y 360 -27.56 -44.63 -25.04
CA THR Y 361 -29.00 -48.09 -24.49
CA MET Y 362 -27.04 -47.31 -21.32
CA THR Y 363 -28.00 -44.56 -18.82
CA VAL Y 364 -31.09 -44.10 -20.97
CA VAL Y 365 -32.67 -47.52 -20.30
CA VAL Y 366 -30.33 -49.16 -17.80
CA VAL Y 367 -30.97 -46.13 -15.66
CA SER Y 368 -34.67 -46.99 -16.01
CA VAL Y 369 -34.28 -50.44 -14.49
CA ALA Y 370 -32.24 -48.76 -11.75
CA THR Y 371 -35.00 -46.40 -10.68
CA PHE Y 372 -36.62 -49.17 -8.65
CA ILE Y 373 -34.42 -48.12 -5.72
CA LEU Y 374 -35.98 -44.73 -6.38
CA LEU Y 375 -39.44 -46.30 -6.75
CA SER Y 376 -39.36 -48.46 -3.60
CA MET Y 377 -41.16 -45.63 -1.74
CA VAL Y 378 -44.80 -46.35 -2.52
CA GLY Y 379 -45.25 -49.54 -0.47
CA MET Y 380 -42.98 -48.02 2.17
CA ALA Y 381 -45.68 -45.36 2.50
CA ALA Y 382 -48.55 -47.86 2.58
CA GLY Y 383 -48.21 -50.27 5.55
CA MET Y 384 -46.45 -47.37 7.22
CA CYS Y 385 -49.79 -45.59 7.14
CA MET Y 386 -52.02 -48.57 8.07
CA CYS Y 387 -50.16 -48.37 11.37
CA ALA Y 388 -51.07 -44.66 11.32
CA ARG Y 389 -54.81 -44.65 10.56
CA ARG Y 390 -56.11 -48.20 10.99
CA ARG Y 391 -54.59 -48.47 14.47
CA CYS Y 392 -55.98 -45.11 15.67
CA ILE Y 393 -59.09 -46.36 17.45
CA THR Y 394 -58.07 -50.03 17.23
CA PRO Y 395 -55.43 -51.31 19.68
CA TYR Y 396 -55.82 -50.10 23.32
CA GLU Y 397 -59.12 -49.11 24.91
CA LEU Y 398 -57.61 -48.94 28.35
CA THR Y 399 -57.55 -45.20 29.14
CA PRO Y 400 -61.04 -43.65 28.91
CA GLY Y 401 -61.52 -40.48 26.79
CA ALA Y 402 -64.18 -41.58 24.18
CA THR Y 403 -61.44 -40.42 21.73
CA VAL Y 404 -58.26 -38.40 21.74
CA PRO Y 405 -59.81 -34.93 22.18
CA PHE Y 406 -56.81 -32.84 21.14
CA LEU Y 407 -54.17 -34.79 19.25
CA LEU Y 408 -56.18 -36.13 16.32
CA SER Y 409 -55.04 -33.99 13.38
CA LEU Y 410 -51.62 -35.12 14.61
CA ILE Y 411 -53.00 -38.61 13.82
CA CYS Y 412 -55.63 -37.79 11.10
CA CYS Y 413 -57.34 -41.11 10.86
CA ILE Y 414 -60.25 -41.91 8.56
CA ARG Y 415 -63.03 -40.09 6.69
CA THR Y 416 -61.51 -36.91 8.06
CA ALA Y 417 -64.73 -34.93 7.74
CA LYS Y 418 -66.26 -33.71 11.02
CA ALA Y 419 -66.78 -30.08 12.18
CA TYR Z 1 -53.13 -133.44 -63.26
CA GLU Z 2 -54.11 -129.90 -64.24
CA HIS Z 3 -52.15 -127.79 -61.78
CA VAL Z 4 -53.84 -124.40 -61.75
CA THR Z 5 -51.71 -121.95 -59.77
CA VAL Z 6 -51.70 -118.18 -59.30
CA ILE Z 7 -48.23 -116.66 -59.43
CA PRO Z 8 -47.62 -113.03 -58.39
CA ASN Z 9 -46.31 -110.33 -60.71
CA THR Z 10 -42.62 -109.55 -60.21
CA VAL Z 11 -39.31 -108.91 -61.81
CA GLY Z 12 -37.34 -112.15 -61.81
CA VAL Z 13 -38.22 -113.44 -58.32
CA PRO Z 14 -38.68 -117.24 -58.44
CA TYR Z 15 -41.94 -118.04 -56.66
CA LYS Z 16 -41.96 -121.56 -55.19
CA THR Z 17 -44.82 -123.37 -56.89
CA LEU Z 18 -45.94 -126.57 -55.19
CA VAL Z 19 -46.72 -129.05 -57.93
CA ASN Z 20 -48.18 -131.73 -55.67
CA ARG Z 21 -48.78 -134.97 -57.46
CA PRO Z 22 -51.99 -136.94 -56.84
CA GLY Z 23 -50.65 -139.75 -54.70
CA TYR Z 24 -47.00 -139.41 -55.60
CA SER Z 25 -43.97 -137.46 -54.35
CA PRO Z 26 -44.35 -133.79 -55.40
CA MET Z 27 -41.83 -131.86 -57.46
CA VAL Z 28 -42.17 -128.31 -56.14
CA LEU Z 29 -40.97 -126.10 -58.98
CA GLU Z 30 -40.21 -122.39 -58.86
CA MET Z 31 -41.13 -119.89 -61.58
CA GLU Z 32 -40.26 -116.27 -62.23
CA LEU Z 33 -41.69 -114.01 -64.89
CA LEU Z 34 -39.53 -111.62 -66.89
CA SER Z 35 -41.71 -109.17 -68.86
CA VAL Z 36 -45.36 -108.12 -68.66
CA THR Z 37 -45.79 -106.63 -72.12
CA LEU Z 38 -49.26 -105.12 -72.40
CA GLU Z 39 -49.90 -103.02 -75.48
CA PRO Z 40 -52.39 -100.21 -76.06
CA THR Z 41 -53.75 -99.30 -79.46
CA LEU Z 42 -52.73 -96.47 -81.73
CA SER Z 43 -55.35 -94.46 -83.59
CA LEU Z 44 -54.23 -91.28 -85.32
CA ASP Z 45 -55.96 -88.03 -84.48
CA TYR Z 46 -53.34 -85.79 -86.07
CA ILE Z 47 -49.64 -85.24 -86.47
CA THR Z 48 -48.07 -81.82 -86.20
CA CYS Z 49 -45.09 -80.22 -87.91
CA GLU Z 50 -43.17 -77.02 -87.72
CA TYR Z 51 -44.65 -74.15 -89.66
CA LYS Z 52 -43.22 -73.21 -93.04
CA THR Z 53 -44.41 -69.78 -94.04
CA VAL Z 54 -43.62 -70.24 -97.71
CA ILE Z 55 -43.32 -66.61 -98.84
CA PRO Z 56 -43.06 -66.18 -102.61
CA SER Z 57 -42.14 -62.92 -104.26
CA PRO Z 58 -44.35 -59.91 -103.47
CA TYR Z 59 -46.94 -58.49 -105.83
CA VAL Z 60 -45.97 -54.88 -106.58
CA LYS Z 61 -47.57 -52.38 -108.98
CA CYS Z 62 -46.16 -49.18 -110.50
CA CYS Z 63 -48.28 -46.01 -110.07
CA GLY Z 64 -51.36 -48.12 -109.36
CA THR Z 65 -53.16 -50.06 -106.68
CA ALA Z 66 -52.34 -53.76 -106.40
CA GLU Z 67 -55.21 -56.17 -105.83
CA CYS Z 68 -55.89 -58.82 -103.19
CA LYS Z 69 -56.87 -61.99 -105.04
CA ASP Z 70 -58.10 -64.34 -102.34
CA LYS Z 71 -57.92 -68.08 -102.85
CA ASN Z 72 -57.42 -71.17 -100.77
CA LEU Z 73 -53.85 -71.79 -99.69
CA PRO Z 74 -53.08 -73.42 -96.32
CA ASP Z 75 -53.37 -70.39 -94.02
CA TYR Z 76 -53.52 -68.08 -97.04
CA SER Z 77 -52.60 -64.45 -96.56
CA CYS Z 78 -52.14 -61.55 -98.94
CA LYS Z 79 -52.43 -57.86 -98.14
CA VAL Z 80 -51.78 -54.97 -100.52
CA PHE Z 81 -49.34 -52.45 -99.10
CA THR Z 82 -49.75 -49.08 -100.72
CA GLY Z 83 -47.61 -45.99 -100.95
CA VAL Z 84 -44.30 -47.82 -100.59
CA TYR Z 85 -41.36 -46.42 -102.59
CA PRO Z 86 -39.21 -49.53 -102.83
CA PHE Z 87 -35.50 -49.46 -103.54
CA MET Z 88 -33.16 -51.91 -105.20
CA TRP Z 89 -29.37 -51.72 -105.69
CA GLY Z 90 -29.36 -48.64 -107.85
CA GLY Z 91 -31.95 -46.81 -105.78
CA ALA Z 92 -35.70 -46.94 -106.22
CA TYR Z 93 -37.56 -49.76 -107.97
CA CYS Z 94 -39.80 -47.19 -109.65
CA PHE Z 95 -40.07 -43.41 -109.87
CA CYS Z 96 -43.58 -43.00 -108.76
CA ASP Z 97 -43.54 -39.84 -106.68
CA ALA Z 98 -45.19 -41.63 -103.76
CA GLU Z 99 -47.53 -44.74 -105.11
CA ASN Z 100 -46.11 -48.18 -105.42
CA THR Z 101 -48.49 -50.80 -104.06
CA GLN Z 102 -46.90 -54.09 -103.05
CA LEU Z 103 -48.98 -57.10 -102.01
CA SER Z 104 -47.07 -59.57 -99.89
CA GLU Z 105 -48.07 -63.21 -100.29
CA ALA Z 106 -47.50 -65.65 -97.45
CA HIS Z 107 -49.05 -68.98 -96.52
CA VAL Z 108 -47.97 -72.07 -94.61
CA GLU Z 109 -47.34 -75.67 -95.68
CA LYS Z 110 -46.25 -78.83 -93.88
CA SER Z 111 -42.70 -80.00 -93.38
CA GLU Z 112 -40.43 -82.39 -95.22
CA SER Z 113 -38.81 -82.88 -91.82
CA CYS Z 114 -42.18 -83.81 -90.28
CA LYS Z 115 -42.56 -86.50 -92.93
CA THR Z 116 -40.13 -88.68 -90.98
CA GLU Z 117 -39.59 -86.95 -87.61
CA PHE Z 118 -42.59 -85.32 -86.01
CA ALA Z 119 -44.91 -85.19 -83.04
CA SER Z 120 -47.98 -87.34 -83.55
CA ALA Z 121 -51.23 -87.13 -81.58
CA TYR Z 122 -53.20 -90.32 -81.14
CA ARG Z 123 -55.26 -92.41 -78.73
CA ALA Z 124 -53.99 -95.58 -77.07
CA HIS Z 125 -56.78 -97.83 -75.85
CA THR Z 126 -56.59 -101.59 -75.34
CA ALA Z 127 -55.23 -104.24 -72.98
CA SER Z 128 -53.28 -106.94 -74.80
CA ALA Z 129 -50.81 -108.42 -72.35
CA SER Z 130 -47.73 -110.52 -73.19
CA ALA Z 131 -45.64 -112.60 -70.78
CA LYS Z 132 -42.08 -113.90 -70.53
CA LEU Z 133 -42.04 -116.67 -67.94
CA ARG Z 134 -39.19 -118.88 -66.68
CA VAL Z 135 -39.67 -122.42 -65.32
CA LEU Z 136 -37.13 -124.90 -64.10
CA TYR Z 137 -38.70 -127.84 -65.82
CA GLN Z 138 -37.92 -130.76 -63.57
CA GLY Z 139 -34.97 -128.51 -62.78
CA ASN Z 140 -34.38 -127.65 -66.46
CA ASN Z 141 -34.04 -123.87 -66.63
CA ILE Z 142 -36.23 -122.93 -69.59
CA THR Z 143 -38.13 -119.74 -70.41
CA VAL Z 144 -41.60 -119.92 -71.96
CA THR Z 145 -43.31 -117.11 -73.84
CA ALA Z 146 -46.93 -116.23 -73.21
CA TYR Z 147 -49.65 -113.71 -73.42
CA ALA Z 148 -50.48 -112.64 -69.87
CA ASN Z 149 -54.21 -112.82 -70.57
CA GLY Z 150 -56.23 -115.99 -71.07
CA ASP Z 151 -55.68 -116.42 -74.81
CA HIS Z 152 -52.16 -117.67 -75.66
CA ALA Z 153 -51.43 -121.27 -74.73
CA VAL Z 154 -48.67 -123.35 -76.31
CA THR Z 155 -47.34 -126.76 -75.36
CA VAL Z 156 -43.62 -126.99 -74.67
CA LYS Z 157 -41.87 -130.09 -73.23
CA ASP Z 158 -44.99 -132.19 -72.44
CA ALA Z 159 -46.86 -129.33 -70.72
CA LYS Z 160 -48.78 -126.19 -71.64
CA PHE Z 161 -50.15 -123.27 -69.64
CA ILE Z 162 -52.97 -120.80 -69.29
CA VAL Z 163 -51.11 -117.69 -68.18
CA GLY Z 164 -53.63 -115.19 -66.91
CA PRO Z 165 -56.11 -113.60 -67.49
CA MET Z 166 -54.80 -110.46 -65.90
CA SER Z 167 -56.23 -109.45 -62.54
CA SER Z 168 -55.10 -105.81 -62.49
CA ALA Z 169 -56.29 -103.88 -65.54
CA TRP Z 170 -54.15 -100.81 -64.79
CA THR Z 171 -52.56 -99.02 -67.72
CA PRO Z 172 -50.12 -96.08 -67.70
CA PHE Z 173 -51.61 -94.97 -71.03
CA ASP Z 174 -54.18 -92.17 -71.17
CA ASN Z 175 -56.62 -91.43 -73.98
CA LYS Z 176 -54.75 -88.43 -75.41
CA ILE Z 177 -51.06 -89.07 -75.98
CA VAL Z 178 -48.41 -87.73 -78.37
CA VAL Z 179 -45.41 -89.65 -79.72
CA TYR Z 180 -42.43 -87.77 -81.17
CA LYS Z 181 -39.59 -89.30 -83.27
CA GLY Z 182 -38.67 -91.71 -80.49
CA ASP Z 183 -40.46 -90.80 -77.27
CA VAL Z 184 -44.13 -90.79 -76.27
CA TYR Z 185 -45.78 -88.05 -74.19
CA ASN Z 186 -49.16 -88.42 -72.46
CA MET Z 187 -50.10 -84.76 -72.64
CA ASP Z 188 -53.83 -84.39 -73.21
CA TYR Z 189 -53.47 -82.66 -76.56
CA PRO Z 190 -55.98 -80.29 -78.07
CA PRO Z 191 -57.32 -82.55 -80.84
CA PHE Z 192 -57.60 -82.13 -84.61
CA GLY Z 193 -58.47 -78.64 -85.79
CA ALA Z 194 -57.92 -77.13 -82.33
CA GLY Z 195 -54.36 -75.87 -82.71
CA ARG Z 196 -54.26 -72.26 -81.56
CA PRO Z 197 -51.68 -69.75 -82.88
CA GLY Z 198 -48.47 -70.53 -81.09
CA GLN Z 199 -49.97 -73.68 -79.62
CA PHE Z 200 -48.63 -77.21 -80.10
CA GLY Z 201 -50.41 -78.53 -83.16
CA ASP Z 202 -51.31 -75.27 -84.89
CA ILE Z 203 -50.21 -76.98 -88.10
CA GLN Z 204 -52.48 -79.96 -87.84
CA SER Z 205 -52.89 -82.87 -90.24
CA ARG Z 206 -53.59 -86.54 -89.71
CA THR Z 207 -50.74 -88.29 -91.52
CA PRO Z 208 -47.46 -86.58 -92.57
CA GLU Z 209 -48.42 -86.82 -96.26
CA SER Z 210 -52.04 -85.78 -95.61
CA LYS Z 211 -52.88 -82.28 -96.75
CA ASP Z 212 -55.91 -81.93 -94.46
CA VAL Z 213 -54.22 -78.80 -93.19
CA TYR Z 214 -55.68 -77.12 -90.19
CA ALA Z 215 -53.51 -74.05 -89.92
CA ASN Z 216 -54.30 -71.46 -87.27
CA THR Z 217 -50.81 -70.05 -86.83
CA GLN Z 218 -51.05 -66.24 -87.42
CA LEU Z 219 -50.07 -65.67 -91.06
CA VAL Z 220 -50.21 -61.86 -91.15
CA LEU Z 221 -48.08 -59.14 -92.80
CA GLN Z 222 -47.87 -55.60 -91.44
CA ARG Z 223 -46.34 -53.30 -94.21
CA PRO Z 224 -42.96 -52.49 -95.73
CA ALA Z 225 -43.19 -48.85 -94.75
CA ALA Z 226 -41.94 -46.66 -97.61
CA GLY Z 227 -38.37 -47.62 -98.17
CA THR Z 228 -37.21 -50.79 -99.92
CA VAL Z 229 -38.10 -54.13 -101.48
CA HIS Z 230 -39.13 -55.64 -98.24
CA VAL Z 231 -41.41 -58.06 -96.45
CA PRO Z 232 -41.63 -57.52 -92.68
CA TYR Z 233 -43.39 -60.37 -90.95
CA SER Z 234 -45.24 -60.29 -87.68
CA GLN Z 235 -44.70 -63.77 -86.30
CA ALA Z 236 -46.18 -67.11 -87.09
CA PRO Z 237 -45.81 -68.67 -83.62
CA SER Z 238 -45.33 -72.34 -83.84
CA GLY Z 239 -46.17 -75.92 -82.99
CA PHE Z 240 -42.62 -77.36 -82.72
CA LYS Z 241 -40.58 -74.27 -81.72
CA TYR Z 242 -43.34 -74.01 -79.09
CA TRP Z 243 -43.01 -77.73 -78.26
CA LEU Z 244 -39.24 -78.15 -77.91
CA LYS Z 245 -39.20 -76.64 -74.41
CA GLU Z 246 -42.41 -78.27 -73.13
CA ARG Z 247 -41.57 -81.85 -74.08
CA GLY Z 248 -41.10 -82.74 -70.43
CA ALA Z 249 -41.09 -86.38 -69.39
CA SER Z 250 -41.90 -89.42 -71.50
CA LEU Z 251 -44.12 -92.29 -70.36
CA GLN Z 252 -41.00 -94.24 -69.44
CA HIS Z 253 -40.31 -91.25 -67.16
CA THR Z 254 -43.71 -90.81 -65.52
CA ALA Z 255 -45.27 -94.29 -65.22
CA PRO Z 256 -45.88 -95.62 -61.71
CA PHE Z 257 -44.71 -99.09 -60.67
CA GLY Z 258 -41.33 -97.90 -61.99
CA CYS Z 259 -41.33 -99.69 -65.34
CA GLN Z 260 -40.27 -98.29 -68.67
CA ILE Z 261 -42.46 -98.04 -71.74
CA ALA Z 262 -41.13 -99.77 -74.85
CA THR Z 263 -41.86 -97.93 -78.05
CA ASN Z 264 -42.38 -98.46 -81.81
CA PRO Z 265 -45.18 -99.66 -81.39
CA VAL Z 266 -45.73 -98.35 -77.86
CA ARG Z 267 -46.42 -100.75 -74.99
CA ALA Z 268 -45.69 -101.07 -71.27
CA VAL Z 269 -43.03 -103.56 -70.24
CA ASN Z 270 -43.29 -105.28 -66.84
CA CYS Z 271 -44.87 -103.06 -64.22
CA ALA Z 272 -45.13 -105.57 -61.35
CA VAL Z 273 -48.86 -105.22 -60.63
CA GLY Z 274 -51.28 -107.93 -59.55
CA ASN Z 275 -50.86 -111.67 -60.09
CA MET Z 276 -50.78 -114.32 -62.82
CA PRO Z 277 -53.30 -117.16 -62.82
CA ILE Z 278 -51.28 -119.99 -64.37
CA SER Z 279 -53.07 -123.22 -65.33
CA ILE Z 280 -50.42 -125.82 -66.22
CA ASP Z 281 -50.77 -129.60 -66.50
CA ILE Z 282 -48.65 -132.61 -65.56
CA PRO Z 283 -49.29 -136.31 -66.18
CA GLU Z 284 -48.42 -139.07 -63.79
CA ALA Z 285 -46.45 -140.73 -66.59
CA ALA Z 286 -43.59 -138.27 -67.18
CA PHE Z 287 -43.53 -137.75 -63.39
CA THR Z 288 -42.32 -140.33 -60.90
CA ARG Z 289 -43.85 -142.25 -58.03
CA VAL Z 290 -43.60 -141.87 -54.27
CA VAL Z 291 -42.28 -145.44 -53.98
CA ASP Z 292 -39.16 -145.05 -56.16
CA ALA Z 293 -38.61 -141.63 -54.66
CA PRO Z 294 -36.93 -142.21 -51.29
CA SER Z 295 -39.16 -141.93 -48.25
CA LEU Z 296 -37.35 -140.11 -45.48
CA THR Z 297 -37.21 -139.89 -41.70
CA ASP Z 298 -34.70 -138.83 -39.02
CA MET Z 299 -34.90 -135.19 -40.12
CA SER Z 300 -33.40 -133.08 -37.33
CA CYS Z 301 -34.59 -129.48 -37.53
CA GLU Z 302 -31.88 -126.82 -37.30
CA VAL Z 303 -30.41 -123.94 -39.24
CA PRO Z 304 -26.79 -122.86 -39.36
CA ALA Z 305 -28.07 -119.27 -39.66
CA CYS Z 306 -30.94 -117.20 -41.03
CA THR Z 307 -31.28 -113.45 -41.51
CA HIS Z 308 -34.82 -112.11 -41.84
CA SER Z 309 -34.53 -109.41 -44.49
CA SER Z 310 -35.29 -109.34 -48.22
CA ASP Z 311 -31.99 -111.15 -48.85
CA PHE Z 312 -31.29 -114.88 -49.12
CA GLY Z 313 -29.63 -114.72 -45.71
CA GLY Z 314 -31.21 -117.96 -44.56
CA VAL Z 315 -30.17 -121.56 -44.94
CA ALA Z 316 -31.27 -124.75 -43.17
CA ILE Z 317 -29.23 -127.94 -42.80
CA ILE Z 318 -31.32 -131.07 -42.33
CA LYS Z 319 -29.55 -134.19 -41.07
CA TYR Z 320 -31.61 -137.21 -42.01
CA ALA Z 321 -31.89 -140.80 -43.23
CA ALA Z 322 -33.92 -141.56 -46.36
CA SER Z 323 -34.57 -144.95 -47.95
CA LYS Z 324 -33.50 -145.23 -51.59
CA LYS Z 325 -31.58 -143.34 -54.24
CA GLY Z 326 -33.47 -140.59 -56.02
CA LYS Z 327 -34.26 -136.89 -56.29
CA CYS Z 328 -36.64 -135.02 -54.03
CA ALA Z 329 -38.55 -131.75 -53.59
CA VAL Z 330 -38.66 -129.17 -50.78
CA HIS Z 331 -41.68 -127.07 -49.74
CA SER Z 332 -42.61 -125.03 -46.70
CA MET Z 333 -46.17 -123.70 -46.47
CA THR Z 334 -44.75 -120.57 -44.91
CA ASN Z 335 -44.98 -118.29 -47.94
CA ALA Z 336 -43.26 -115.34 -46.25
CA VAL Z 337 -40.15 -117.55 -46.00
CA THR Z 338 -39.26 -118.31 -49.61
CA ILE Z 339 -36.99 -121.31 -50.13
CA ARG Z 340 -34.35 -120.89 -52.83
CA GLU Z 341 -33.96 -124.42 -54.19
CA ALA Z 342 -36.17 -127.50 -53.97
CA GLU Z 343 -34.84 -130.24 -56.29
CA ILE Z 344 -32.10 -132.17 -54.50
CA GLU Z 345 -30.89 -135.72 -55.10
CA VAL Z 346 -31.66 -137.83 -50.95
CA GLU Z 347 -29.68 -141.09 -51.38
CA GLY Z 348 -30.68 -142.70 -48.07
CA ASN Z 349 -28.67 -141.78 -44.99
CA SER Z 350 -27.25 -138.33 -45.71
CA GLN Z 351 -27.57 -134.60 -45.11
CA LEU Z 352 -28.81 -131.92 -47.51
CA GLN Z 353 -28.98 -128.14 -47.72
CA ILE Z 354 -31.74 -125.68 -48.51
CA SER Z 355 -31.28 -121.93 -48.47
CA PHE Z 356 -34.10 -119.43 -48.18
CA SER Z 357 -35.06 -115.78 -48.03
CA THR Z 358 -36.09 -115.31 -44.46
CA ALA Z 359 -39.03 -113.64 -42.78
CA LEU Z 360 -39.65 -114.86 -39.25
CA ALA Z 361 -37.50 -113.91 -36.26
CA SER Z 362 -38.17 -117.31 -34.70
CA ALA Z 363 -38.65 -119.30 -37.90
CA GLU Z 364 -40.59 -122.25 -36.45
CA PHE Z 365 -42.27 -123.75 -39.52
CA ARG Z 366 -42.66 -127.08 -41.31
CA VAL Z 367 -41.20 -128.37 -44.57
CA GLN Z 368 -43.05 -130.83 -46.78
CA VAL Z 369 -40.35 -133.09 -48.21
CA CYS Z 370 -41.93 -135.33 -50.90
CA SER Z 371 -45.28 -136.10 -49.15
CA THR Z 372 -43.49 -136.36 -45.78
CA GLN Z 373 -43.78 -133.67 -43.15
CA VAL Z 374 -40.93 -132.43 -40.98
CA HIS Z 375 -40.95 -129.27 -38.88
CA CYS Z 376 -38.04 -126.84 -39.26
CA ALA Z 377 -36.70 -125.02 -36.19
CA ALA Z 378 -34.86 -121.70 -36.41
CA GLU Z 379 -34.05 -118.58 -34.39
CA CYS Z 380 -33.13 -115.91 -36.90
CA HIS Z 381 -30.34 -112.50 -37.50
CA PRO Z 382 -31.82 -109.02 -37.57
CA PRO Z 383 -31.19 -107.16 -40.83
CA LYS Z 384 -27.80 -105.46 -40.88
CA ARG Z 385 -25.33 -104.43 -43.58
CA THR Z 386 -27.40 -107.26 -46.39
CA THR Z 387 -26.93 -103.30 -48.41
CA VAL Z 388 -28.39 -101.10 -51.22
CA TYR Z 389 -28.50 -102.63 -54.58
CA TYR Z 390 -30.28 -106.63 -53.60
CA PRO Z 391 -32.28 -106.67 -56.84
CA ALA Z 392 -35.36 -108.44 -55.39
CA SER Z 393 -37.68 -108.82 -52.45
CA HIS Z 394 -39.78 -111.78 -51.35
CA THR Z 395 -41.52 -111.14 -47.28
CA THR Z 396 -44.92 -110.33 -45.74
CA LEU Z 397 -44.58 -109.22 -42.14
CA GLY Z 398 -47.45 -107.50 -40.39
CA VAL Z 399 -49.74 -110.42 -41.08
CA GLN Z 400 -51.45 -111.51 -37.18
CA ASP Z 401 -48.84 -113.85 -35.73
CA ILE Z 402 -45.41 -112.27 -35.17
CA SER Z 403 -44.50 -114.87 -32.54
CA ALA Z 404 -40.75 -114.63 -31.92
CA THR Z 405 -38.33 -115.35 -29.06
CA ALA Z 406 -39.63 -112.31 -27.13
CA MET Z 407 -43.28 -113.32 -27.64
CA SER Z 408 -42.96 -115.98 -24.90
CA TRP Z 409 -43.38 -113.24 -22.29
CA VAL Z 410 -46.30 -111.73 -24.21
CA GLN Z 411 -48.17 -114.91 -25.14
CA LYS Z 412 -47.66 -116.93 -21.95
CA ILE Z 413 -47.34 -114.92 -18.75
CA THR Z 414 -49.47 -111.83 -19.26
CA GLY Z 415 -51.81 -113.83 -21.45
CA GLY Z 416 -52.54 -115.86 -18.31
CA VAL Z 417 -53.75 -112.94 -16.21
CA GLY Z 418 -57.45 -113.21 -17.03
CA LEU Z 419 -58.37 -115.95 -14.57
CA VAL Z 420 -59.37 -113.56 -11.83
CA VAL Z 421 -62.87 -112.75 -13.14
CA ALA Z 422 -64.49 -115.62 -11.18
CA VAL Z 423 -64.14 -114.06 -7.68
CA ALA Z 424 -67.33 -111.99 -7.92
CA ALA Z 425 -69.16 -115.16 -9.00
CA LEU Z 426 -67.21 -117.66 -6.87
CA ILE Z 427 -68.74 -117.35 -3.40
CA LEU Z 428 -69.80 -113.74 -3.87
CA ILE Z 429 -72.75 -115.19 -5.84
CA VAL Z 430 -74.61 -115.82 -2.56
CA VAL Z 431 -74.28 -112.07 -1.94
CA LEU Z 432 -74.42 -110.58 -5.43
CA CYS Z 433 -77.58 -109.91 -7.37
CA VAL Z 434 -80.66 -107.71 -7.22
CA SER Z 435 -82.69 -110.61 -8.62
CA PHE Z 436 -80.66 -113.31 -10.40
CA SER Z 437 -78.67 -115.80 -8.46
CA ARG Z 438 -79.25 -117.92 -5.42
CA HIS Z 439 -82.17 -120.24 -4.70
CA ASN AA 1 -25.87 -82.59 -111.47
CA PHE AA 2 -27.38 -79.49 -109.79
CA ASN AA 3 -28.41 -78.15 -113.21
CA VAL AA 4 -30.71 -75.47 -111.81
CA TYR AA 5 -28.06 -73.27 -110.16
CA LYS AA 6 -26.77 -72.49 -113.63
CA ALA AA 7 -29.48 -70.57 -115.55
CA THR AA 8 -30.33 -68.54 -112.42
CA ARG AA 9 -29.08 -65.18 -111.25
CA PRO AA 10 -28.62 -63.51 -107.86
CA TYR AA 11 -30.23 -60.33 -106.64
CA LEU AA 12 -28.77 -57.31 -104.86
CA ALA AA 13 -31.16 -56.45 -102.06
CA HIS AA 14 -31.17 -54.55 -98.79
CA CYS AA 15 -29.53 -56.31 -95.89
CA PRO AA 16 -31.30 -55.39 -92.62
CA ASP AA 17 -27.87 -54.63 -91.17
CA CYS AA 18 -24.80 -54.64 -93.42
CA GLY AA 19 -22.48 -54.41 -90.42
CA GLU AA 20 -21.26 -51.17 -88.80
CA GLY AA 21 -24.59 -50.86 -86.93
CA HIS AA 22 -26.47 -49.77 -90.06
CA SER AA 23 -27.89 -51.17 -93.28
CA CYS AA 24 -27.41 -51.04 -97.04
CA HIS AA 25 -27.82 -53.27 -100.08
CA SER AA 26 -26.21 -56.63 -100.37
CA PRO AA 27 -25.51 -59.63 -102.60
CA VAL AA 28 -25.69 -61.74 -99.42
CA ALA AA 29 -29.06 -60.34 -98.31
CA LEU AA 30 -30.59 -63.30 -96.47
CA GLU AA 31 -34.03 -64.65 -97.30
CA ARG AA 32 -34.39 -67.95 -95.44
CA ILE AA 33 -33.14 -69.31 -92.10
CA ARG AA 34 -33.56 -72.96 -91.05
CA ASN AA 35 -32.08 -74.93 -88.15
CA GLU AA 36 -34.59 -77.78 -87.73
CA ALA AA 37 -31.59 -80.12 -87.56
CA THR AA 38 -31.42 -81.24 -83.91
CA ASP AA 39 -27.62 -81.48 -83.93
CA GLY AA 40 -27.62 -77.70 -84.49
CA THR AA 41 -26.50 -77.32 -88.11
CA LEU AA 42 -28.10 -74.24 -89.63
CA LYS AA 43 -29.26 -73.98 -93.25
CA ILE AA 44 -29.43 -70.52 -94.79
CA GLN AA 45 -30.24 -69.66 -98.38
CA VAL AA 46 -28.01 -66.77 -99.38
CA SER AA 47 -29.28 -64.52 -102.16
CA LEU AA 48 -26.32 -65.25 -104.42
CA GLN AA 49 -25.13 -68.74 -105.26
CA ILE AA 50 -21.73 -70.25 -104.57
CA GLY AA 51 -19.82 -72.94 -106.39
CA ILE AA 52 -20.80 -72.06 -109.98
CA LYS AA 53 -19.44 -69.19 -112.07
CA THR AA 54 -21.50 -67.08 -114.46
CA ASP AA 55 -20.63 -69.69 -117.12
CA ASP AA 56 -23.67 -71.68 -115.85
CA SER AA 57 -21.47 -74.78 -115.63
CA HIS AA 58 -20.78 -77.70 -113.28
CA ASP AA 59 -18.12 -75.55 -111.63
CA TRP AA 60 -16.86 -75.51 -108.08
CA THR AA 61 -14.05 -72.96 -108.06
CA LYS AA 62 -15.98 -69.66 -108.07
CA LEU AA 63 -19.33 -68.13 -107.06
CA ARG AA 64 -21.98 -66.20 -108.95
CA TYR AA 65 -22.98 -62.93 -107.31
CA MET AA 66 -25.01 -59.98 -108.54
CA ASP AA 67 -23.25 -56.73 -109.51
CA ASN AA 68 -23.69 -53.94 -112.09
CA HIS AA 69 -27.08 -55.14 -113.42
CA MET AA 70 -25.66 -58.61 -114.11
CA PRO AA 71 -24.40 -61.80 -112.43
CA ALA AA 72 -20.74 -61.28 -111.55
CA ASP AA 73 -18.12 -63.76 -110.36
CA ALA AA 74 -16.11 -64.05 -107.18
CA GLU AA 75 -14.03 -66.92 -105.82
CA ARG AA 76 -15.43 -69.89 -103.92
CA ALA AA 77 -13.08 -69.57 -100.94
CA GLY AA 78 -13.93 -65.93 -100.14
CA LEU AA 79 -16.69 -66.79 -97.67
CA PHE AA 80 -16.68 -65.96 -93.96
CA VAL AA 81 -19.42 -66.21 -91.32
CA ARG AA 82 -19.63 -65.21 -87.66
CA THR AA 83 -22.45 -65.81 -85.19
CA SER AA 84 -20.62 -64.74 -82.05
CA ALA AA 85 -17.28 -66.30 -83.00
CA PRO AA 86 -16.13 -66.96 -86.57
CA CYS AA 87 -17.79 -70.32 -86.79
CA THR AA 88 -17.21 -73.46 -88.80
CA ILE AA 89 -18.75 -74.74 -92.04
CA THR AA 90 -19.91 -78.27 -92.87
CA GLY AA 91 -20.76 -78.06 -96.59
CA THR AA 92 -22.21 -75.44 -98.93
CA ILE AA 93 -23.58 -75.73 -102.47
CA GLY AA 94 -25.73 -73.47 -104.65
CA HIS AA 95 -27.61 -70.58 -103.03
CA PHE AA 96 -27.36 -72.48 -99.75
CA ILE AA 97 -24.99 -72.22 -96.77
CA LEU AA 98 -24.62 -74.66 -93.88
CA ALA AA 99 -22.53 -74.05 -90.76
CA ARG AA 100 -21.48 -75.84 -87.58
CA CYS AA 101 -21.40 -73.52 -84.58
CA PRO AA 102 -23.07 -73.19 -81.14
CA LYS AA 103 -25.38 -70.67 -79.45
CA GLY AA 104 -25.44 -67.09 -80.69
CA GLU AA 105 -28.06 -64.42 -81.21
CA THR AA 106 -26.27 -62.34 -83.84
CA LEU AA 107 -25.07 -63.78 -87.12
CA THR AA 108 -23.33 -61.99 -89.97
CA VAL AA 109 -22.35 -63.37 -93.36
CA GLY AA 110 -19.60 -62.24 -95.70
CA PHE AA 111 -17.53 -63.22 -98.67
CA THR AA 112 -14.38 -61.64 -100.04
CA ASP AA 113 -15.35 -60.74 -103.59
CA SER AA 114 -13.29 -60.16 -106.72
CA ARG AA 115 -12.45 -56.62 -105.55
CA LYS AA 116 -11.45 -57.80 -102.01
CA ILE AA 117 -14.17 -56.12 -99.93
CA SER AA 118 -16.56 -57.50 -97.32
CA HIS AA 119 -20.09 -57.94 -98.57
CA SER AA 120 -21.48 -57.95 -95.05
CA CYS AA 121 -24.99 -58.77 -93.87
CA THR AA 122 -25.68 -59.08 -90.14
CA HIS AA 123 -28.82 -60.83 -88.91
CA PRO AA 124 -30.45 -61.37 -85.52
CA PHE AA 125 -31.19 -65.06 -84.99
CA HIS AA 126 -30.86 -66.78 -81.63
CA HIS AA 127 -29.20 -69.87 -83.04
CA ASP AA 128 -29.77 -72.78 -80.75
CA PRO AA 129 -28.84 -76.40 -81.01
CA PRO AA 130 -31.31 -78.05 -78.62
CA VAL AA 131 -30.12 -79.88 -75.55
CA ILE AA 132 -29.39 -83.06 -77.44
CA GLY AA 133 -29.85 -86.44 -75.80
CA ARG AA 134 -30.22 -86.11 -72.05
CA GLU AA 135 -27.11 -84.06 -71.20
CA LYS AA 136 -25.97 -80.43 -71.20
CA PHE AA 137 -22.56 -80.91 -72.81
CA HIS AA 138 -21.00 -79.17 -75.79
CA SER AA 139 -18.88 -81.86 -77.46
CA ARG AA 140 -18.50 -85.62 -77.14
CA PRO AA 141 -15.62 -87.91 -76.20
CA GLN AA 142 -15.30 -91.53 -77.22
CA HIS AA 143 -17.76 -92.63 -74.52
CA GLY AA 144 -21.28 -91.75 -75.60
CA LYS AA 145 -24.65 -93.35 -76.15
CA GLU AA 146 -26.72 -93.48 -79.35
CA LEU AA 147 -29.72 -91.25 -80.03
CA PRO AA 148 -31.26 -90.51 -83.42
CA CYS AA 149 -30.97 -86.87 -84.36
CA SER AA 150 -32.09 -84.74 -87.27
CA THR AA 151 -29.28 -83.42 -89.46
CA TYR AA 152 -28.75 -82.43 -93.07
CA VAL AA 153 -27.53 -84.76 -95.79
CA GLN AA 154 -24.91 -83.24 -98.10
CA SER AA 155 -26.90 -84.04 -101.26
CA THR AA 156 -27.45 -81.32 -103.87
CA ALA AA 157 -29.75 -83.39 -106.12
CA ALA AA 158 -32.65 -83.30 -103.69
CA THR AA 159 -36.35 -82.68 -104.30
CA THR AA 160 -39.86 -82.86 -102.73
CA GLU AA 161 -39.24 -79.49 -101.12
CA GLU AA 162 -39.01 -76.89 -103.82
CA ILE AA 163 -38.32 -73.20 -104.32
CA GLU AA 164 -39.79 -71.82 -107.53
CA VAL AA 165 -37.84 -69.81 -110.10
CA HIS AA 166 -39.14 -66.98 -112.28
CA MET AA 167 -37.96 -64.21 -114.57
CA PRO AA 168 -36.72 -61.12 -112.69
CA PRO AA 169 -38.96 -58.14 -113.50
CA ASP AA 170 -36.55 -55.23 -113.21
CA THR AA 171 -33.15 -54.07 -111.96
CA PRO AA 172 -33.07 -50.27 -111.92
CA ASP AA 173 -30.55 -47.47 -111.55
CA HIS AA 174 -30.59 -43.78 -110.74
CA THR AA 175 -26.87 -43.59 -111.59
CA LEU AA 176 -27.82 -44.23 -115.25
CA MET AA 177 -29.20 -40.65 -115.43
CA SER AA 178 -26.89 -37.72 -116.02
CA GLN AA 179 -28.31 -34.28 -116.75
CA GLN AA 180 -26.87 -31.84 -119.29
CA SER AA 181 -28.45 -28.73 -117.68
CA GLY AA 182 -32.08 -29.74 -118.13
CA ASN AA 183 -31.27 -32.43 -120.70
CA VAL AA 184 -30.97 -36.02 -119.50
CA LYS AA 185 -27.98 -37.83 -120.89
CA ILE AA 186 -29.57 -41.08 -119.71
CA THR AA 187 -26.95 -43.82 -119.72
CA VAL AA 188 -28.30 -47.17 -120.90
CA ASN AA 189 -25.18 -49.34 -121.54
CA GLY AA 190 -26.99 -51.75 -123.84
CA GLN AA 191 -29.80 -53.07 -121.63
CA THR AA 192 -33.61 -52.95 -121.62
CA VAL AA 193 -34.06 -49.70 -119.68
CA ARG AA 194 -37.72 -49.39 -118.69
CA TYR AA 195 -37.55 -44.88 -118.78
CA LYS AA 196 -41.30 -44.42 -118.64
CA CYS AA 197 -41.15 -41.07 -116.96
CA ASN AA 198 -42.51 -37.55 -116.71
CA CYS AA 199 -40.09 -35.93 -119.18
CA GLY AA 200 -43.31 -36.85 -121.78
CA GLY AA 201 -42.02 -40.17 -120.54
CA SER AA 202 -39.33 -41.43 -122.80
CA ASN AA 203 -41.66 -39.45 -124.46
CA GLU AA 204 -42.75 -42.98 -123.85
CA GLY AA 205 -41.32 -46.51 -123.77
CA LEU AA 206 -38.37 -48.81 -123.05
CA THR AA 207 -34.99 -48.31 -124.68
CA THR AA 208 -32.10 -50.69 -125.22
CA THR AA 209 -29.52 -48.31 -126.73
CA ASP AA 210 -27.95 -45.22 -125.15
CA LYS AA 211 -30.14 -42.13 -125.15
CA VAL AA 212 -29.61 -38.39 -124.77
CA ILE AA 213 -32.96 -36.73 -124.14
CA ASN AA 214 -33.49 -33.00 -123.82
CA ASN AA 215 -36.06 -31.00 -121.75
CA CYS AA 216 -35.74 -33.19 -118.67
CA LYS AA 217 -34.08 -33.34 -115.26
CA VAL AA 218 -33.83 -36.09 -112.59
CA ASP AA 219 -37.09 -34.73 -111.07
CA GLN AA 220 -38.86 -36.02 -114.19
CA CYS AA 221 -37.14 -39.32 -114.95
CA HIS AA 222 -35.82 -42.81 -114.10
CA ALA AA 223 -33.78 -45.68 -115.58
CA ALA AA 224 -34.69 -49.32 -115.03
CA VAL AA 225 -33.08 -52.35 -116.65
CA THR AA 226 -35.73 -55.04 -116.97
CA ASN AA 227 -33.34 -57.97 -116.75
CA HIS AA 228 -34.41 -60.91 -118.89
CA LYS AA 229 -31.49 -63.31 -119.42
CA LYS AA 230 -31.34 -65.62 -116.37
CA TRP AA 231 -33.88 -66.86 -113.84
CA GLN AA 232 -34.76 -65.37 -110.46
CA TYR AA 233 -36.12 -67.51 -107.66
CA ASN AA 234 -39.02 -66.61 -105.40
CA SER AA 235 -37.42 -64.46 -102.72
CA PRO AA 236 -39.09 -61.99 -100.32
CA LEU AA 237 -36.52 -59.35 -101.34
CA VAL AA 238 -37.07 -59.31 -105.11
CA PRO AA 239 -40.63 -58.56 -106.27
CA ARG AA 240 -43.02 -59.49 -109.12
CA ASN AA 241 -43.80 -57.91 -112.49
CA ALA AA 242 -47.26 -56.43 -111.54
CA GLU AA 243 -49.23 -59.55 -112.19
CA LEU AA 244 -47.04 -62.63 -112.08
CA GLY AA 245 -43.37 -62.70 -111.36
CA ASP AA 246 -44.22 -65.98 -109.73
CA ARG AA 247 -43.97 -67.40 -113.23
CA LYS AA 248 -43.16 -70.98 -114.07
CA GLY AA 249 -39.77 -72.55 -113.41
CA LYS AA 250 -38.09 -74.95 -110.98
CA ILE AA 251 -34.90 -74.80 -108.94
CA HIS AA 252 -34.57 -77.90 -106.80
CA ILE AA 253 -33.30 -78.08 -103.24
CA PRO AA 254 -30.00 -79.27 -101.80
CA PHE AA 255 -29.38 -80.76 -98.34
CA PRO AA 256 -32.27 -83.08 -97.31
CA LEU AA 257 -32.76 -84.20 -93.71
CA ALA AA 258 -31.85 -87.44 -91.95
CA ASN AA 259 -33.20 -88.89 -88.70
CA VAL AA 260 -29.83 -90.50 -88.02
CA THR AA 261 -27.33 -91.07 -85.24
CA CYS AA 262 -25.91 -88.34 -83.07
CA ARG AA 263 -23.98 -89.21 -79.93
CA VAL AA 264 -24.33 -87.72 -76.46
CA PRO AA 265 -21.72 -88.47 -73.76
CA LYS AA 266 -22.61 -90.63 -70.81
CA ALA AA 267 -22.20 -88.88 -67.49
CA ARG AA 268 -19.48 -90.29 -65.28
CA ASN AA 269 -20.62 -92.44 -62.40
CA PRO AA 270 -20.86 -90.74 -59.00
CA THR AA 271 -19.97 -92.34 -55.70
CA VAL AA 272 -22.80 -94.03 -53.82
CA THR AA 273 -23.11 -94.95 -50.14
CA TYR AA 274 -25.79 -95.62 -47.53
CA GLY AA 275 -27.65 -93.45 -45.06
CA LYS AA 276 -30.55 -93.86 -42.61
CA ASN AA 277 -33.03 -95.88 -44.72
CA GLN AA 278 -31.60 -93.90 -47.62
CA VAL AA 279 -28.68 -93.15 -49.92
CA ILE AA 280 -26.00 -90.58 -49.15
CA MET AA 281 -23.91 -89.99 -52.27
CA LEU AA 282 -21.61 -87.24 -53.52
CA LEU AA 283 -22.87 -86.43 -57.01
CA TYR AA 284 -20.39 -85.77 -59.81
CA PRO AA 285 -21.26 -83.55 -62.76
CA ASP AA 286 -18.74 -81.16 -64.25
CA HIS AA 287 -20.98 -80.06 -67.13
CA PRO AA 288 -24.74 -79.76 -66.36
CA THR AA 289 -26.35 -83.14 -65.85
CA LEU AA 290 -29.89 -84.16 -64.93
CA LEU AA 291 -31.11 -86.24 -61.99
CA SER AA 292 -34.45 -88.04 -62.00
CA TYR AA 293 -35.84 -90.46 -59.42
CA ARG AA 294 -39.20 -92.18 -58.92
CA ASN AA 295 -40.43 -95.15 -56.89
CA MET AA 296 -42.09 -98.51 -57.48
CA GLY AA 297 -45.25 -97.63 -55.55
CA GLU AA 298 -48.75 -96.92 -56.81
CA GLU AA 299 -47.65 -93.28 -56.84
CA PRO AA 300 -44.70 -92.31 -59.08
CA ASN AA 301 -42.89 -89.96 -56.63
CA TYR AA 302 -41.13 -88.56 -59.67
CA GLN AA 303 -38.70 -85.65 -59.30
CA GLU AA 304 -36.36 -84.14 -61.90
CA GLU AA 305 -33.51 -81.66 -61.48
CA TRP AA 306 -30.31 -80.63 -63.27
CA VAL AA 307 -26.85 -80.30 -61.69
CA MET AA 308 -23.49 -79.05 -62.89
CA HIS AA 309 -21.73 -78.96 -59.52
CA LYS AA 310 -20.18 -81.62 -57.31
CA LYS AA 311 -22.59 -81.80 -54.40
CA GLU AA 312 -24.02 -84.15 -51.78
CA VAL AA 313 -27.53 -85.42 -52.49
CA VAL AA 314 -29.53 -87.37 -49.90
CA LEU AA 315 -31.65 -90.02 -51.61
CA THR AA 316 -34.46 -91.38 -49.45
CA VAL AA 317 -35.30 -94.97 -50.37
CA PRO AA 318 -38.71 -96.36 -49.35
CA THR AA 319 -38.86 -100.06 -48.48
CA GLU AA 320 -40.43 -100.77 -51.89
CA GLY AA 321 -37.41 -99.05 -53.45
CA LEU AA 322 -36.99 -96.39 -56.11
CA GLU AA 323 -34.99 -95.63 -59.24
CA VAL AA 324 -32.45 -92.94 -60.00
CA THR AA 325 -31.21 -91.92 -63.47
CA TRP AA 326 -27.94 -90.07 -64.03
CA GLY AA 327 -26.99 -88.38 -67.27
CA ASN AA 328 -26.99 -90.87 -70.10
CA ASN AA 329 -26.54 -93.89 -67.83
CA GLU AA 330 -29.07 -96.60 -67.07
CA PRO AA 331 -31.45 -96.26 -64.07
CA TYR AA 332 -30.25 -97.58 -60.72
CA LYS AA 333 -32.91 -99.18 -58.48
CA TYR AA 334 -32.43 -99.64 -54.75
CA TRP AA 335 -33.87 -101.68 -51.87
CA PRO AA 336 -33.21 -100.44 -48.36
CA GLN AA 337 -32.57 -101.91 -44.93
CA LEU AA 338 -32.28 -100.23 -41.55
CA SER AA 339 -29.93 -97.53 -39.28
CA THR AA 340 -27.20 -99.84 -36.84
CA ASN AA 341 -26.58 -97.53 -33.33
CA GLY AA 342 -28.78 -98.38 -30.34
CA THR AA 343 -26.75 -98.54 -26.57
CA ALA AA 344 -27.06 -101.65 -24.49
CA HIS AA 345 -30.68 -103.93 -24.16
CA GLY AA 346 -31.16 -106.62 -21.55
CA HIS AA 347 -32.73 -109.37 -20.74
CA PRO AA 348 -32.74 -109.76 -17.25
CA HIS AA 349 -36.38 -108.45 -19.15
CA GLU AA 350 -35.81 -105.95 -21.98
CA ILE AA 351 -35.14 -107.20 -25.50
CA ILE AA 352 -37.19 -104.78 -27.57
CA LEU AA 353 -34.06 -103.21 -28.99
CA TYR AA 354 -34.04 -106.56 -30.75
CA TYR AA 355 -37.41 -105.25 -31.94
CA TYR AA 356 -35.98 -101.77 -32.62
CA GLU AA 357 -33.81 -102.67 -35.62
CA LEU AA 358 -36.58 -105.15 -36.48
CA TYR AA 359 -38.28 -103.17 -39.30
CA PRO AA 360 -39.04 -99.94 -37.32
CA THR AA 361 -42.03 -97.63 -37.59
CA MET AA 362 -43.50 -101.13 -37.43
CA THR AA 363 -43.28 -103.41 -34.36
CA VAL AA 364 -41.69 -100.44 -32.63
CA VAL AA 365 -44.73 -98.12 -32.72
CA VAL AA 366 -47.48 -100.26 -34.27
CA VAL AA 367 -46.79 -102.65 -31.46
CA SER AA 368 -47.43 -99.70 -29.13
CA VAL AA 369 -50.95 -99.11 -30.42
CA ALA AA 370 -51.46 -102.87 -30.08
CA THR AA 371 -50.68 -102.99 -26.38
CA PHE AA 372 -54.20 -101.78 -25.57
CA ILE AA 373 -55.30 -105.44 -25.57
CA LEU AA 374 -52.50 -105.78 -23.03
CA LEU AA 375 -53.62 -102.61 -21.23
CA SER AA 376 -57.33 -103.45 -21.00
CA MET AA 377 -56.68 -104.86 -17.51
CA VAL AA 378 -56.92 -101.76 -15.32
CA GLY AA 379 -60.66 -101.10 -15.62
CA MET AA 380 -61.22 -104.86 -15.57
CA ALA AA 381 -59.71 -104.73 -12.08
CA ALA AA 382 -61.78 -101.72 -10.98
CA GLY AA 383 -65.53 -102.50 -11.13
CA MET AA 384 -64.45 -106.03 -10.46
CA CYS AA 385 -63.34 -104.82 -7.05
CA MET AA 386 -66.28 -102.47 -6.32
CA CYS AA 387 -68.28 -105.70 -6.31
CA ALA AA 388 -65.62 -106.98 -3.88
CA ARG AA 389 -65.35 -104.19 -1.28
CA ARG AA 390 -68.30 -101.85 -1.75
CA ARG AA 391 -70.78 -104.74 -1.62
CA CYS AA 392 -69.28 -106.29 1.55
CA ILE AA 393 -71.61 -104.79 4.13
CA THR AA 394 -74.04 -103.44 1.52
CA PRO AA 395 -76.47 -105.89 -0.11
CA TYR AA 396 -78.12 -108.43 2.27
CA GLU AA 397 -78.72 -107.83 5.97
CA LEU AA 398 -80.86 -110.91 6.31
CA THR AA 399 -78.68 -113.30 8.34
CA PRO AA 400 -77.64 -111.77 11.68
CA GLY AA 401 -73.93 -111.82 12.66
CA ALA AA 402 -73.11 -108.04 13.14
CA THR AA 403 -70.41 -108.88 10.53
CA VAL AA 404 -68.73 -111.89 8.99
CA PRO AA 405 -66.62 -112.92 12.01
CA PHE AA 406 -64.18 -115.22 10.22
CA LEU AA 407 -64.12 -114.77 6.46
CA LEU AA 408 -63.22 -111.09 6.18
CA SER AA 409 -59.57 -111.12 5.07
CA LEU AA 410 -61.00 -113.42 2.39
CA ILE AA 411 -63.08 -110.32 1.50
CA CYS AA 412 -60.81 -107.47 2.79
CA CYS AA 413 -63.18 -104.60 2.47
CA ILE AA 414 -62.37 -101.00 3.41
CA ARG AA 415 -59.97 -99.07 5.65
CA THR AA 416 -58.49 -102.44 6.53
CA ALA AA 417 -57.06 -101.24 9.83
CA LYS AA 418 -58.54 -102.86 12.96
CA ALA AA 419 -56.73 -105.07 15.55
CA TYR BA 1 -17.29 -107.96 -40.82
CA GLU BA 2 -15.62 -105.02 -39.08
CA HIS BA 3 -14.32 -106.59 -35.89
CA VAL BA 4 -13.73 -103.71 -33.48
CA THR BA 5 -11.88 -104.99 -30.42
CA VAL BA 6 -10.11 -103.36 -27.49
CA ILE BA 7 -6.81 -105.02 -26.61
CA PRO BA 8 -4.96 -104.16 -23.38
CA ASN BA 9 -1.49 -102.61 -23.23
CA THR BA 10 1.26 -105.10 -22.42
CA VAL BA 11 4.68 -106.37 -23.21
CA GLY BA 12 4.34 -109.38 -25.49
CA VAL BA 13 1.37 -111.12 -23.82
CA PRO BA 14 -0.93 -112.62 -26.51
CA TYR BA 15 -4.47 -111.56 -25.70
CA LYS BA 16 -7.06 -114.01 -27.04
CA THR BA 17 -9.20 -112.04 -29.46
CA LEU BA 18 -12.49 -113.66 -30.40
CA VAL BA 19 -13.04 -112.99 -34.08
CA ASN BA 20 -16.56 -114.39 -34.25
CA ARG BA 21 -17.85 -114.68 -37.76
CA PRO BA 22 -21.43 -113.67 -38.59
CA GLY BA 23 -23.00 -117.08 -39.01
CA TYR BA 24 -19.84 -119.08 -39.50
CA SER BA 25 -17.30 -120.90 -37.32
CA PRO BA 26 -15.11 -118.29 -35.56
CA MET BA 27 -11.34 -118.11 -35.77
CA VAL BA 28 -10.32 -116.75 -32.38
CA LEU BA 29 -6.95 -115.11 -32.95
CA GLU BA 30 -4.51 -113.87 -30.32
CA MET BA 31 -2.53 -110.64 -30.55
CA GLU BA 32 0.31 -109.14 -28.56
CA LEU BA 33 1.80 -105.70 -28.90
CA LEU BA 34 5.52 -105.06 -28.75
CA SER BA 35 6.25 -101.32 -28.46
CA VAL BA 36 4.17 -98.27 -27.51
CA THR BA 37 6.31 -95.54 -28.99
CA LEU BA 38 4.82 -92.16 -28.08
CA GLU BA 39 6.96 -89.15 -28.84
CA PRO BA 40 6.98 -85.68 -27.28
CA THR BA 41 8.15 -82.59 -29.10
CA LEU BA 42 11.45 -80.79 -28.81
CA SER BA 43 11.58 -77.00 -28.72
CA LEU BA 44 14.87 -75.37 -27.82
CA ASP BA 45 14.98 -72.93 -24.94
CA TYR BA 46 18.77 -72.92 -24.61
CA ILE BA 47 21.84 -75.09 -24.61
CA THR BA 48 24.62 -74.65 -22.10
CA CYS BA 49 28.37 -75.15 -22.31
CA GLU BA 50 31.31 -75.01 -20.00
CA TYR BA 51 32.73 -71.57 -19.41
CA LYS BA 52 35.85 -70.47 -21.25
CA THR BA 53 37.32 -67.42 -19.59
CA VAL BA 54 39.40 -66.40 -22.58
CA ILE BA 55 42.06 -64.26 -20.92
CA PRO BA 56 44.29 -62.38 -23.37
CA SER BA 57 47.45 -60.61 -22.34
CA PRO BA 58 47.13 -57.92 -19.65
CA TYR BA 59 47.20 -54.20 -20.33
CA VAL BA 60 50.15 -52.74 -18.41
CA LYS BA 61 51.50 -49.16 -18.40
CA CYS BA 62 54.92 -47.84 -17.34
CA CYS BA 63 54.90 -44.96 -14.80
CA GLY BA 64 51.30 -44.16 -15.66
CA THR BA 65 47.72 -45.15 -15.02
CA ALA BA 66 46.20 -47.71 -17.37
CA GLU BA 67 42.64 -47.13 -18.55
CA CYS BA 68 39.49 -49.26 -18.44
CA LYS BA 69 38.02 -49.23 -21.93
CA ASP BA 70 34.62 -50.85 -21.56
CA LYS BA 71 33.00 -52.59 -24.50
CA ASN BA 72 30.73 -55.50 -25.14
CA LEU BA 73 32.38 -58.88 -24.86
CA PRO BA 74 30.43 -61.91 -23.55
CA ASP BA 75 30.73 -61.33 -19.79
CA TYR BA 76 33.29 -58.58 -20.39
CA SER BA 77 35.63 -57.68 -17.56
CA CYS BA 78 38.63 -55.40 -17.31
CA LYS BA 79 40.00 -53.75 -14.19
CA VAL BA 80 43.12 -51.60 -13.94
CA PHE BA 81 45.48 -52.81 -11.23
CA THR BA 82 47.76 -50.03 -10.08
CA GLY BA 83 51.01 -49.92 -8.17
CA VAL BA 84 52.18 -53.37 -9.24
CA TYR BA 85 55.94 -53.78 -9.79
CA PRO BA 86 55.90 -56.76 -12.16
CA PHE BA 87 58.88 -59.03 -12.71
CA MET BA 88 60.02 -61.09 -15.65
CA TRP BA 89 63.00 -63.48 -15.97
CA GLY BA 90 65.68 -60.87 -15.41
CA GLY BA 91 63.84 -59.14 -12.60
CA ALA BA 92 61.37 -56.31 -12.92
CA TYR BA 93 59.40 -55.51 -16.09
CA CYS BA 94 60.02 -51.81 -15.48
CA PHE BA 95 61.93 -49.63 -13.04
CA CYS BA 96 59.16 -47.47 -11.88
CA ASP BA 97 59.86 -46.95 -8.19
CA ALA BA 98 56.37 -48.10 -7.27
CA GLU BA 99 53.73 -47.30 -10.33
CA ASN BA 100 53.04 -49.88 -12.96
CA THR BA 101 49.33 -50.14 -13.71
CA GLN BA 102 48.21 -53.41 -15.28
CA LEU BA 103 44.68 -53.93 -16.55
CA SER BA 104 43.68 -57.57 -16.75
CA GLU BA 105 41.24 -58.47 -19.53
CA ALA BA 106 38.98 -61.48 -19.15
CA HIS BA 107 35.69 -62.49 -20.73
CA VAL BA 108 33.89 -65.73 -21.50
CA GLU BA 109 32.94 -67.44 -24.76
CA LYS BA 110 31.16 -70.68 -25.65
CA SER BA 111 32.79 -74.05 -26.17
CA GLU BA 112 33.99 -75.95 -29.20
CA SER BA 113 33.24 -79.03 -27.11
CA CYS BA 114 29.65 -77.83 -26.55
CA LYS BA 115 29.22 -77.60 -30.31
CA THR BA 116 28.83 -81.37 -30.45
CA GLU BA 117 28.51 -82.55 -26.82
CA PHE BA 118 26.51 -80.38 -24.49
CA ALA BA 119 23.52 -80.14 -22.19
CA SER BA 120 20.48 -78.75 -23.97
CA ALA BA 121 17.38 -77.30 -22.32
CA TYR BA 122 14.09 -77.68 -24.15
CA ARG BA 123 10.40 -78.44 -23.79
CA ALA BA 124 8.80 -81.74 -24.79
CA HIS BA 125 5.08 -81.48 -25.39
CA THR BA 126 2.97 -83.73 -27.61
CA ALA BA 127 1.39 -87.17 -27.75
CA SER BA 128 2.19 -89.01 -30.98
CA ALA BA 129 1.95 -92.72 -30.27
CA SER BA 130 3.40 -95.55 -32.39
CA ALA BA 131 2.60 -99.26 -32.12
CA LYS BA 132 4.29 -102.58 -32.91
CA LEU BA 133 1.60 -105.26 -32.94
CA ARG BA 134 1.82 -109.00 -33.61
CA VAL BA 135 -1.05 -111.09 -35.05
CA LEU BA 136 -1.18 -114.75 -35.92
CA TYR BA 137 -2.99 -114.22 -39.15
CA GLN BA 138 -5.09 -117.35 -39.55
CA GLY BA 139 -2.20 -118.72 -37.49
CA ASN BA 140 0.43 -116.91 -39.58
CA ASN BA 141 2.74 -115.19 -37.12
CA ILE BA 142 3.14 -111.69 -38.57
CA THR BA 143 3.88 -108.35 -36.93
CA VAL BA 144 2.11 -105.20 -38.10
CA THR BA 145 3.31 -101.66 -37.49
CA ALA BA 146 0.95 -98.95 -36.35
CA TYR BA 147 0.48 -95.64 -34.70
CA ALA BA 148 -1.23 -96.26 -31.38
CA ASN BA 149 -3.61 -93.36 -31.92
CA GLY BA 150 -6.46 -93.22 -34.42
CA ASP BA 151 -4.51 -91.99 -37.44
CA HIS BA 152 -2.31 -94.71 -39.00
CA ALA BA 153 -4.15 -97.48 -40.82
CA VAL BA 154 -2.54 -99.70 -43.45
CA THR BA 155 -3.88 -102.82 -45.16
CA VAL BA 156 -1.74 -105.95 -44.88
CA LYS BA 157 -2.85 -109.43 -46.01
CA ASP BA 158 -6.53 -108.63 -46.81
CA ALA BA 159 -7.15 -106.73 -43.55
CA LYS BA 160 -6.38 -103.35 -42.01
CA PHE BA 161 -6.74 -101.89 -38.52
CA ILE BA 162 -7.59 -98.82 -36.51
CA VAL BA 163 -5.16 -99.16 -33.60
CA GLY BA 164 -6.20 -96.75 -30.91
CA PRO BA 165 -6.82 -93.89 -30.18
CA MET BA 166 -5.01 -94.05 -26.90
CA SER BA 167 -7.08 -94.18 -23.73
CA SER BA 168 -4.40 -93.21 -21.23
CA ALA BA 169 -2.73 -89.90 -22.08
CA TRP BA 170 0.03 -90.27 -19.47
CA THR BA 171 3.50 -89.07 -20.40
CA PRO BA 172 6.74 -89.38 -18.43
CA PHE BA 173 7.89 -86.12 -20.04
CA ASP BA 174 7.64 -82.82 -18.17
CA ASN BA 175 7.68 -79.32 -19.64
CA LYS BA 176 11.27 -78.48 -18.66
CA ILE BA 177 13.78 -81.15 -19.59
CA VAL BA 178 17.49 -81.20 -20.46
CA VAL BA 179 19.22 -83.62 -22.83
CA TYR BA 180 23.00 -84.11 -22.66
CA LYS BA 181 25.18 -85.87 -25.30
CA GLY BA 182 23.21 -89.10 -24.96
CA ASP BA 183 20.89 -88.94 -21.97
CA VAL BA 184 17.86 -86.80 -21.14
CA TYR BA 185 17.14 -85.29 -17.72
CA ASN BA 186 13.76 -83.92 -16.62
CA MET BA 187 15.14 -81.33 -14.24
CA ASP BA 188 12.99 -78.21 -14.31
CA TYR BA 189 15.77 -75.96 -15.55
CA PRO BA 190 16.00 -72.24 -14.96
CA PRO BA 191 15.20 -71.03 -18.49
CA PHE BA 192 17.03 -68.78 -20.94
CA GLY BA 193 18.84 -65.84 -19.38
CA ALA BA 194 18.36 -67.18 -15.84
CA GLY BA 195 21.69 -68.92 -15.32
CA ARG BA 196 23.12 -67.75 -12.02
CA PRO BA 197 26.89 -67.71 -11.30
CA GLY BA 198 27.86 -71.27 -10.61
CA GLN BA 199 24.45 -72.48 -11.68
CA PHE BA 200 23.74 -74.96 -14.48
CA GLY BA 201 23.28 -72.84 -17.58
CA ASP BA 202 25.20 -69.71 -16.57
CA ILE BA 203 26.59 -69.78 -20.10
CA GLN BA 204 23.32 -69.76 -21.91
CA SER BA 205 22.63 -69.73 -25.64
CA ARG BA 206 19.94 -71.31 -27.75
CA THR BA 207 21.88 -73.33 -30.34
CA PRO BA 208 25.57 -74.31 -30.00
CA GLU BA 209 26.56 -71.92 -32.82
CA SER BA 210 24.26 -69.15 -31.55
CA LYS BA 211 26.08 -66.23 -29.96
CA ASP BA 212 23.04 -65.02 -27.98
CA VAL BA 213 25.28 -65.32 -24.96
CA TYR BA 214 23.71 -64.91 -21.58
CA ALA BA 215 26.73 -65.07 -19.32
CA ASN BA 216 26.26 -64.52 -15.61
CA THR BA 217 29.24 -66.53 -14.40
CA GLN BA 218 31.37 -64.18 -12.21
CA LEU BA 219 34.11 -62.80 -14.47
CA VAL BA 220 36.08 -60.76 -11.92
CA LEU BA 221 39.79 -60.13 -11.29
CA GLN BA 222 41.17 -59.19 -7.87
CA ARG BA 223 44.78 -57.78 -8.33
CA PRO BA 224 48.31 -59.03 -8.96
CA ALA BA 225 49.61 -57.55 -5.75
CA ALA BA 226 53.01 -55.94 -6.34
CA GLY BA 227 55.27 -58.71 -7.49
CA THR BA 228 55.24 -60.24 -10.96
CA VAL BA 229 53.60 -60.50 -14.37
CA HIS BA 230 50.53 -62.11 -13.03
CA VAL BA 231 46.78 -62.56 -13.35
CA PRO BA 232 45.10 -63.99 -10.24
CA TYR BA 233 41.53 -64.99 -10.90
CA SER BA 234 38.71 -65.25 -8.43
CA GLN BA 235 36.59 -68.04 -9.84
CA ALA BA 236 34.16 -68.26 -12.67
CA PRO BA 237 31.93 -71.01 -11.23
CA SER BA 238 30.42 -73.06 -13.93
CA GLY BA 239 27.53 -74.66 -15.75
CA PHE BA 240 29.13 -78.04 -16.63
CA LYS BA 241 31.69 -78.45 -13.82
CA TYR BA 242 28.64 -77.64 -11.67
CA TRP BA 243 26.50 -80.13 -13.64
CA LEU BA 244 28.76 -83.23 -13.76
CA LYS BA 245 27.90 -84.23 -10.18
CA GLU BA 246 24.18 -83.36 -10.30
CA ARG BA 247 23.33 -85.27 -13.46
CA GLY BA 248 21.44 -87.85 -11.43
CA ALA BA 249 19.01 -90.19 -13.19
CA SER BA 250 17.85 -90.07 -16.79
CA LEU BA 251 14.23 -90.46 -17.89
CA GLN BA 252 14.94 -94.12 -18.62
CA HIS BA 253 15.90 -94.26 -14.94
CA THR BA 254 12.97 -92.41 -13.37
CA ALA BA 255 9.90 -93.17 -15.50
CA PRO BA 256 7.08 -95.13 -13.85
CA PHE BA 257 5.56 -98.20 -15.51
CA GLY BA 258 9.18 -99.37 -15.74
CA CYS BA 259 9.84 -98.61 -19.39
CA GLN BA 260 12.93 -97.03 -20.86
CA ILE BA 261 13.01 -93.83 -22.87
CA ALA BA 262 14.51 -94.11 -26.34
CA THR BA 263 16.52 -91.09 -27.39
CA ASN BA 264 17.66 -89.13 -30.48
CA PRO BA 265 14.88 -87.94 -30.94
CA VAL BA 266 13.49 -88.63 -27.45
CA ARG BA 267 10.35 -90.76 -27.01
CA ALA BA 268 8.91 -93.26 -24.55
CA VAL BA 269 8.96 -96.91 -25.57
CA ASN BA 270 6.22 -99.24 -24.28
CA CYS BA 271 5.05 -98.31 -20.81
CA ALA BA 272 2.15 -100.77 -20.45
CA VAL BA 273 -0.61 -98.30 -19.61
CA GLY BA 274 -4.27 -98.45 -20.63
CA ASN BA 275 -5.68 -100.33 -23.60
CA MET BA 276 -5.72 -100.36 -27.41
CA PRO BA 277 -8.99 -99.97 -29.31
CA ILE BA 278 -8.34 -102.05 -32.42
CA SER BA 279 -10.83 -101.91 -35.30
CA ILE BA 280 -9.93 -104.65 -37.80
CA ASP BA 281 -12.04 -106.14 -40.58
CA ILE BA 282 -12.62 -109.62 -42.01
CA PRO BA 283 -14.71 -110.70 -44.99
CA GLU BA 284 -16.73 -113.86 -45.18
CA ALA BA 285 -14.87 -114.72 -48.41
CA ALA BA 286 -11.29 -115.25 -47.20
CA PHE BA 287 -12.80 -116.91 -44.10
CA THR BA 288 -14.52 -120.26 -44.09
CA ARG BA 289 -17.97 -121.55 -43.30
CA VAL BA 290 -19.41 -123.38 -40.30
CA VAL BA 291 -20.51 -126.24 -42.58
CA ASP BA 292 -17.08 -127.20 -43.97
CA ALA BA 293 -15.60 -126.64 -40.54
CA PRO BA 294 -16.35 -129.79 -38.53
CA SER BA 295 -19.23 -129.56 -36.07
CA LEU BA 296 -18.32 -131.31 -32.86
CA THR BA 297 -19.93 -133.17 -29.97
CA ASP BA 298 -18.89 -135.75 -27.35
CA MET BA 299 -16.58 -133.25 -25.64
CA SER BA 300 -15.76 -134.65 -22.20
CA CYS BA 301 -14.58 -131.92 -19.84
CA GLU BA 302 -11.40 -132.65 -17.92
CA VAL BA 303 -7.90 -131.31 -17.36
CA PRO BA 304 -4.74 -133.30 -16.80
CA ALA BA 305 -3.60 -130.46 -14.52
CA CYS BA 306 -3.84 -126.71 -14.03
CA THR BA 307 -1.86 -124.36 -11.78
CA HIS BA 308 -3.47 -121.00 -11.02
CA SER BA 309 -0.56 -118.56 -11.10
CA SER BA 310 0.73 -116.15 -13.74
CA ASP BA 311 2.39 -119.10 -15.51
CA PHE BA 312 1.02 -121.32 -18.29
CA GLY BA 313 0.63 -124.10 -15.74
CA GLY BA 314 -2.74 -125.14 -17.10
CA VAL BA 315 -3.74 -127.50 -19.87
CA ALA BA 316 -7.04 -129.16 -20.75
CA ILE BA 317 -7.49 -132.38 -22.73
CA ILE BA 318 -10.84 -132.68 -24.49
CA LYS BA 319 -11.86 -136.11 -25.76
CA TYR BA 320 -14.45 -135.68 -28.48
CA ALA BA 321 -15.95 -136.66 -31.82
CA ALA BA 322 -16.28 -134.05 -34.57
CA SER BA 323 -17.76 -134.48 -38.04
CA LYS BA 324 -15.41 -133.59 -40.90
CA LYS BA 325 -11.80 -132.72 -41.57
CA GLY BA 326 -10.80 -129.13 -40.92
CA LYS BA 327 -9.26 -126.59 -38.56
CA CYS BA 328 -11.02 -125.08 -35.57
CA ALA BA 329 -10.84 -122.31 -32.96
CA VAL BA 330 -10.91 -122.33 -29.15
CA HIS BA 331 -12.39 -119.65 -26.89
CA SER BA 332 -13.42 -119.46 -23.26
CA MET BA 333 -15.32 -116.37 -22.10
CA THR BA 334 -13.42 -116.59 -18.85
CA ASN BA 335 -10.93 -113.80 -19.47
CA ALA BA 336 -8.97 -114.42 -16.26
CA VAL BA 337 -8.08 -117.84 -17.66
CA THR BA 338 -6.13 -117.08 -20.81
CA ILE BA 339 -5.87 -119.93 -23.32
CA ARG BA 340 -2.51 -120.29 -25.04
CA GLU BA 341 -3.47 -121.66 -28.46
CA ALA BA 342 -6.74 -121.71 -30.37
CA GLU BA 343 -6.16 -122.88 -33.97
CA ILE BA 344 -6.12 -126.68 -34.07
CA GLU BA 345 -6.87 -129.00 -36.96
CA VAL BA 346 -10.52 -131.55 -35.39
CA GLU BA 347 -10.65 -134.37 -37.98
CA GLY BA 348 -13.78 -136.09 -36.67
CA ASN BA 349 -13.38 -138.59 -33.85
CA SER BA 350 -10.21 -137.53 -32.03
CA GLN BA 351 -8.75 -135.74 -29.02
CA LEU BA 352 -7.04 -132.35 -28.89
CA GLN BA 353 -5.06 -130.25 -26.44
CA ILE BA 354 -5.30 -126.66 -25.27
CA SER BA 355 -3.01 -125.13 -22.66
CA PHE BA 356 -3.80 -122.02 -20.66
CA SER BA 357 -2.61 -119.61 -18.04
CA THR BA 358 -4.80 -120.40 -15.10
CA ALA BA 359 -6.78 -118.28 -12.66
CA LEU BA 360 -9.55 -120.19 -10.92
CA ALA BA 361 -8.97 -122.73 -8.15
CA SER BA 362 -12.00 -124.70 -9.34
CA ALA BA 363 -11.85 -123.77 -13.02
CA GLU BA 364 -15.46 -124.57 -13.95
CA PHE BA 365 -15.96 -122.61 -17.18
CA ARG BA 366 -17.14 -123.10 -20.75
CA VAL BA 367 -15.24 -123.18 -24.03
CA GLN BA 368 -16.76 -121.98 -27.30
CA VAL BA 369 -15.38 -124.34 -29.93
CA CYS BA 370 -16.40 -122.99 -33.40
CA SER BA 371 -19.98 -121.84 -32.58
CA THR BA 372 -20.48 -124.90 -30.35
CA GLN BA 373 -20.53 -124.65 -26.60
CA VAL BA 374 -18.93 -127.14 -24.23
CA HIS BA 375 -18.27 -126.61 -20.54
CA CYS BA 376 -14.77 -127.29 -19.20
CA ALA BA 377 -14.34 -128.85 -15.75
CA ALA BA 378 -11.18 -128.42 -13.67
CA GLU BA 379 -9.94 -128.44 -10.08
CA CYS BA 380 -6.68 -126.54 -10.09
CA HIS BA 381 -2.63 -126.54 -8.24
CA PRO BA 382 -1.79 -123.72 -5.87
CA PRO BA 383 1.20 -121.63 -6.97
CA LYS BA 384 4.49 -123.20 -5.92
CA ARG BA 385 8.07 -123.12 -7.22
CA THR BA 386 6.47 -121.66 -11.15
CA THR BA 387 9.86 -119.03 -9.91
CA VAL BA 388 11.36 -115.52 -10.41
CA TYR BA 389 12.08 -114.54 -13.90
CA TYR BA 390 8.25 -115.74 -15.88
CA PRO BA 391 8.38 -112.74 -18.22
CA ALA BA 392 4.61 -112.12 -18.32
CA SER BA 393 1.37 -112.10 -16.40
CA HIS BA 394 -2.20 -112.61 -17.59
CA THR BA 395 -5.03 -113.04 -14.16
CA THR BA 396 -7.70 -110.98 -12.41
CA LEU BA 397 -8.62 -112.44 -9.03
CA GLY BA 398 -10.56 -110.41 -6.52
CA VAL BA 399 -13.36 -109.88 -8.96
CA GLN BA 400 -17.01 -111.12 -6.85
CA ASP BA 401 -17.12 -114.86 -7.47
CA ILE BA 402 -14.15 -116.80 -6.04
CA SER BA 403 -16.16 -120.04 -5.95
CA ALA BA 404 -13.72 -122.90 -5.42
CA THR BA 405 -13.78 -126.39 -3.89
CA ALA BA 406 -14.01 -124.91 -0.37
CA MET BA 407 -16.85 -122.56 -1.36
CA SER BA 408 -19.34 -125.45 -1.20
CA TRP BA 409 -19.44 -125.07 2.58
CA VAL BA 410 -19.76 -121.29 2.29
CA GLN BA 411 -22.31 -121.09 -0.53
CA LYS BA 412 -24.55 -124.03 0.39
CA ILE BA 413 -24.81 -124.83 4.09
CA THR BA 414 -24.40 -121.52 5.88
CA GLY BA 415 -26.05 -119.76 2.97
CA GLY BA 416 -29.14 -121.79 3.87
CA VAL BA 417 -29.45 -120.50 7.44
CA GLY BA 418 -31.78 -117.60 6.74
CA LEU BA 419 -35.06 -119.51 6.65
CA VAL BA 420 -35.82 -118.96 10.31
CA VAL BA 421 -37.20 -115.41 10.00
CA ALA BA 422 -40.80 -116.64 9.49
CA VAL BA 423 -41.39 -117.84 13.09
CA ALA BA 424 -42.42 -114.42 14.42
CA ALA BA 425 -44.85 -114.16 11.49
CA LEU BA 426 -45.84 -117.83 11.27
CA ILE BA 427 -48.42 -118.29 14.05
CA LEU BA 428 -47.01 -115.51 16.21
CA ILE BA 429 -48.90 -113.16 13.84
CA VAL BA 430 -52.11 -113.75 15.82
CA VAL BA 431 -50.20 -112.43 18.86
CA LEU BA 432 -47.83 -109.87 17.35
CA CYS BA 433 -48.75 -106.34 16.46
CA VAL BA 434 -49.81 -103.10 18.16
CA SER BA 435 -52.10 -102.41 15.20
CA PHE BA 436 -51.25 -104.32 12.00
CA SER BA 437 -52.11 -107.93 11.66
CA ARG BA 438 -55.09 -110.07 12.41
CA HIS BA 439 -58.71 -109.49 11.41
CA ASN CA 1 51.38 -79.23 -42.26
CA PHE CA 2 51.24 -77.41 -38.88
CA ASN CA 3 52.88 -74.35 -40.48
CA VAL CA 4 52.09 -72.03 -37.57
CA TYR CA 5 54.33 -73.64 -34.94
CA LYS CA 6 57.30 -72.51 -37.01
CA ALA CA 7 57.38 -68.68 -37.05
CA THR CA 8 56.42 -68.58 -33.36
CA ARG CA 9 58.57 -68.38 -30.26
CA PRO CA 10 58.20 -69.51 -26.64
CA TYR CA 11 58.23 -67.34 -23.55
CA LEU CA 12 60.04 -67.77 -20.25
CA ALA CA 13 57.54 -66.96 -17.54
CA HIS CA 14 57.03 -67.59 -13.84
CA CYS CA 15 55.83 -71.04 -12.94
CA PRO CA 16 53.55 -70.88 -9.85
CA ASP CA 17 55.66 -73.68 -8.36
CA CYS CA 18 58.84 -74.82 -10.12
CA GLY CA 19 59.14 -77.82 -7.82
CA GLU CA 20 60.99 -77.87 -4.47
CA GLY CA 21 57.97 -76.22 -2.79
CA HIS CA 22 58.76 -72.81 -4.31
CA SER CA 23 58.53 -70.93 -7.59
CA CYS CA 24 60.72 -69.40 -10.29
CA HIS CA 25 60.64 -68.74 -14.02
CA SER CA 26 60.07 -71.44 -16.55
CA PRO CA 27 59.97 -72.36 -20.25
CA VAL CA 28 57.19 -74.81 -19.32
CA ALA CA 29 55.10 -72.22 -17.46
CA LEU CA 30 51.55 -73.47 -18.05
CA GLU CA 31 48.84 -71.25 -19.48
CA ARG CA 32 45.90 -73.53 -20.32
CA ILE CA 33 44.43 -76.72 -18.81
CA ARG CA 34 41.65 -78.73 -20.50
CA ASN CA 35 40.24 -82.18 -19.73
CA GLU CA 36 36.75 -81.98 -21.26
CA ALA CA 37 37.46 -85.40 -22.81
CA THR CA 38 35.24 -87.83 -20.88
CA ASP CA 39 37.75 -90.67 -21.16
CA GLY CA 40 40.07 -88.54 -19.02
CA THR CA 41 42.77 -87.41 -21.47
CA LEU CA 42 44.06 -83.99 -20.46
CA LYS CA 43 45.12 -81.29 -22.93
CA ILE CA 44 47.61 -78.70 -21.72
CA GLN CA 45 49.22 -75.95 -23.76
CA VAL CA 46 52.82 -75.65 -22.60
CA SER CA 47 54.48 -72.28 -23.10
CA LEU CA 48 57.20 -73.69 -25.34
CA GLN CA 49 56.52 -75.87 -28.36
CA ILE CA 50 57.72 -79.40 -28.96
CA GLY CA 51 58.44 -81.24 -32.17
CA ILE CA 52 59.94 -78.38 -34.20
CA LYS CA 53 63.44 -76.92 -33.84
CA THR CA 54 64.28 -73.24 -34.12
CA ASP CA 55 64.72 -73.88 -37.87
CA ASP CA 56 60.93 -73.28 -38.20
CA SER CA 57 60.66 -76.51 -40.18
CA HIS CA 58 58.42 -79.60 -40.44
CA ASP CA 59 60.66 -81.24 -37.84
CA TRP CA 60 59.87 -83.86 -35.24
CA THR CA 61 63.20 -84.62 -33.57
CA LYS CA 62 63.67 -81.57 -31.30
CA LEU CA 63 61.71 -78.89 -29.43
CA ARG CA 64 61.83 -75.10 -29.46
CA TYR CA 65 62.14 -73.56 -26.01
CA MET CA 66 62.94 -70.02 -24.86
CA ASP CA 67 66.39 -69.21 -23.45
CA ASN CA 68 68.83 -66.27 -23.45
CA HIS CA 69 66.45 -63.77 -25.14
CA MET CA 70 65.87 -66.20 -28.03
CA PRO CA 71 64.21 -69.49 -28.98
CA ALA CA 72 66.60 -72.31 -28.07
CA ASP CA 73 66.49 -76.00 -28.96
CA ALA CA 74 66.22 -79.13 -26.85
CA GLU CA 75 65.45 -82.71 -27.85
CA ARG CA 76 61.96 -84.08 -28.42
CA ALA CA 77 62.36 -87.07 -26.08
CA GLY CA 78 63.37 -85.04 -23.01
CA LEU CA 79 59.83 -84.65 -21.68
CA PHE CA 80 58.53 -86.05 -18.38
CA VAL CA 81 55.25 -85.45 -16.52
CA ARG CA 82 53.92 -86.58 -13.16
CA THR CA 83 50.47 -86.02 -11.66
CA SER CA 84 50.83 -88.33 -8.67
CA ALA CA 85 52.74 -91.06 -10.52
CA PRO CA 86 54.87 -90.50 -13.63
CA CYS CA 87 51.99 -90.85 -16.02
CA THR CA 88 51.62 -91.88 -19.63
CA ILE CA 89 51.40 -89.83 -22.84
CA THR CA 90 49.06 -90.35 -25.80
CA GLY CA 91 50.35 -87.84 -28.38
CA THR CA 92 51.88 -84.36 -28.30
CA ILE CA 93 52.46 -81.80 -31.06
CA GLY CA 94 53.23 -78.08 -31.09
CA HIS CA 95 52.75 -76.07 -27.89
CA PHE CA 96 50.33 -78.77 -26.75
CA ILE CA 97 50.70 -81.79 -24.46
CA LEU CA 98 48.25 -84.67 -23.98
CA ALA CA 99 48.55 -87.37 -21.32
CA ARG CA 100 46.79 -90.55 -20.21
CA CYS CA 101 46.70 -90.90 -16.44
CA PRO CA 102 44.09 -91.19 -13.64
CA LYS CA 103 43.08 -89.09 -10.62
CA GLY CA 104 45.58 -86.67 -9.12
CA GLU CA 105 45.47 -83.20 -7.63
CA THR CA 106 49.09 -82.20 -8.21
CA LEU CA 107 50.69 -82.19 -11.62
CA THR CA 108 54.21 -81.19 -12.58
CA VAL CA 109 55.74 -80.94 -16.04
CA GLY CA 110 59.36 -81.25 -17.08
CA PHE CA 111 61.67 -81.79 -19.99
CA THR CA 112 65.36 -82.63 -20.02
CA ASP CA 113 66.85 -79.76 -22.00
CA SER CA 114 70.09 -79.46 -23.98
CA ARG CA 115 72.03 -78.87 -20.75
CA LYS CA 116 70.42 -81.88 -18.96
CA ILE CA 117 68.47 -80.09 -16.21
CA SER CA 118 64.82 -80.30 -15.15
CA HIS CA 119 62.73 -77.37 -16.28
CA SER CA 120 60.09 -78.07 -13.65
CA CYS CA 121 56.67 -76.52 -13.24
CA THR CA 122 54.25 -77.97 -10.67
CA HIS CA 123 50.55 -77.17 -10.87
CA PRO CA 124 47.51 -77.90 -8.68
CA PHE CA 125 44.75 -79.44 -10.76
CA HIS CA 126 42.45 -82.15 -9.45
CA HIS CA 127 42.56 -84.21 -12.63
CA ASP CA 128 39.50 -86.34 -12.88
CA PRO CA 129 38.30 -88.69 -15.54
CA PRO CA 130 34.56 -88.87 -14.82
CA VAL CA 131 32.93 -92.13 -13.82
CA ILE CA 132 32.58 -93.31 -17.38
CA GLY CA 133 29.64 -95.45 -18.44
CA ARG CA 134 27.81 -96.83 -15.45
CA GLU CA 135 30.67 -98.46 -13.52
CA LYS CA 136 33.44 -97.49 -11.11
CA PHE CA 137 36.30 -99.41 -12.71
CA HIS CA 138 39.73 -98.23 -13.78
CA SER CA 139 40.52 -100.30 -16.89
CA ARG CA 140 38.58 -102.60 -19.20
CA PRO CA 141 38.87 -106.26 -20.13
CA GLN CA 142 37.60 -107.80 -23.34
CA HIS CA 143 34.02 -107.87 -22.02
CA GLY CA 144 32.58 -104.38 -22.13
CA LYS CA 145 29.63 -102.47 -23.51
CA GLU CA 146 29.66 -99.50 -25.91
CA LEU CA 147 29.11 -95.90 -24.82
CA PRO CA 148 30.05 -92.78 -26.77
CA CYS CA 149 32.69 -90.73 -25.02
CA SER CA 150 34.46 -87.46 -25.69
CA THR CA 151 38.15 -87.78 -26.51
CA TYR CA 152 40.78 -85.93 -28.51
CA VAL CA 153 41.63 -86.66 -32.12
CA GLN CA 154 45.37 -86.69 -32.87
CA SER CA 155 45.05 -84.12 -35.68
CA THR CA 156 47.38 -81.12 -35.75
CA ALA CA 157 45.74 -79.40 -38.75
CA ALA CA 158 42.62 -78.44 -36.81
CA THR CA 159 40.70 -75.16 -36.75
CA THR CA 160 37.43 -73.46 -35.60
CA GLU CA 161 38.94 -73.02 -32.16
CA GLU CA 162 41.79 -70.59 -32.39
CA ILE CA 163 44.51 -69.01 -30.30
CA GLU CA 164 45.77 -65.72 -31.69
CA VAL CA 165 49.45 -64.90 -32.29
CA HIS CA 166 51.12 -61.51 -31.96
CA MET CA 167 54.53 -59.88 -31.81
CA PRO CA 168 56.18 -60.14 -28.37
CA PRO CA 169 56.65 -56.65 -26.89
CA ASP CA 170 59.76 -57.08 -24.78
CA THR CA 171 62.15 -59.56 -23.17
CA PRO CA 172 64.26 -57.75 -20.57
CA ASP CA 173 67.36 -58.37 -18.50
CA HIS CA 174 68.97 -56.90 -15.40
CA THR CA 175 72.05 -59.08 -16.00
CA LEU CA 176 72.78 -56.94 -19.10
CA MET CA 177 73.84 -54.09 -16.78
CA SER CA 178 77.33 -54.02 -15.31
CA GLN CA 179 78.58 -50.94 -13.48
CA GLN CA 180 82.10 -49.53 -13.75
CA SER CA 181 81.94 -47.63 -10.42
CA GLY CA 182 79.09 -45.29 -11.32
CA ASN CA 183 79.39 -45.97 -15.06
CA VAL CA 184 77.07 -48.55 -16.61
CA LYS CA 185 78.81 -50.94 -18.94
CA ILE CA 186 75.38 -51.97 -20.21
CA THR CA 187 75.71 -55.22 -22.15
CA VAL CA 188 73.50 -55.34 -25.24
CA ASN CA 189 74.77 -58.36 -27.27
CA GLY CA 190 73.30 -57.15 -30.53
CA GLN CA 191 69.59 -56.83 -29.72
CA THR CA 192 67.02 -54.03 -29.52
CA VAL CA 193 67.56 -53.03 -25.88
CA ARG CA 194 64.73 -50.71 -24.85
CA TYR CA 195 67.35 -48.55 -21.87
CA LYS CA 196 64.95 -45.67 -21.36
CA CYS CA 197 66.08 -44.94 -17.85
CA ASN CA 198 66.95 -42.32 -15.26
CA CYS CA 199 70.67 -42.07 -16.06
CA GLY CA 200 69.17 -38.96 -18.50
CA GLY CA 201 67.66 -42.13 -19.87
CA SER CA 202 69.92 -43.60 -22.46
CA ASN CA 203 70.17 -40.13 -22.28
CA GLU CA 204 67.19 -41.40 -24.19
CA GLY CA 205 66.21 -44.22 -26.55
CA LEU CA 206 66.65 -47.85 -27.65
CA THR CA 207 70.04 -49.25 -28.62
CA THR CA 208 71.00 -52.26 -30.71
CA THR CA 209 74.80 -52.21 -30.27
CA ASP CA 210 76.81 -52.59 -27.07
CA LYS CA 211 77.00 -49.45 -24.92
CA VAL CA 212 79.22 -48.17 -22.14
CA ILE CA 213 77.51 -45.23 -20.46
CA ASN CA 214 79.04 -43.15 -17.68
CA ASN CA 215 77.37 -41.30 -14.75
CA CYS CA 216 74.94 -44.10 -13.95
CA LYS CA 217 74.39 -47.02 -11.58
CA VAL CA 218 71.79 -49.84 -11.48
CA ASP CA 219 69.57 -47.56 -9.35
CA GLN CA 220 69.11 -45.42 -12.48
CA CYS CA 221 68.86 -47.92 -15.31
CA HIS CA 222 67.46 -51.02 -17.08
CA ALA CA 223 68.01 -53.20 -20.15
CA ALA CA 224 65.13 -54.62 -22.19
CA VAL CA 225 65.35 -56.51 -25.48
CA THR CA 226 62.21 -55.77 -27.45
CA ASN CA 227 62.15 -59.06 -29.33
CA HIS CA 228 60.83 -58.71 -32.87
CA LYS CA 229 61.78 -61.76 -34.95
CA LYS CA 230 59.18 -64.48 -34.27
CA TRP CA 231 55.56 -64.49 -33.16
CA GLN CA 232 54.16 -64.73 -29.65
CA TYR CA 233 50.72 -66.16 -28.99
CA ASN CA 234 48.14 -64.72 -26.63
CA SER CA 235 49.15 -66.10 -23.25
CA PRO CA 236 48.20 -64.83 -19.77
CA LEU CA 237 51.91 -64.88 -18.80
CA VAL CA 238 53.34 -62.65 -21.54
CA PRO CA 239 51.83 -59.14 -21.79
CA ARG CA 240 51.03 -56.51 -24.45
CA ASN CA 241 52.94 -53.53 -25.86
CA ALA CA 242 50.91 -50.76 -24.06
CA GLU CA 243 48.15 -50.57 -26.58
CA LEU CA 244 47.93 -53.73 -28.64
CA GLY CA 245 50.10 -56.77 -28.27
CA ASP CA 246 46.93 -58.56 -29.25
CA ARG CA 247 48.00 -57.77 -32.79
CA LYS CA 248 47.00 -59.72 -35.85
CA GLY CA 249 48.18 -63.27 -36.53
CA LYS CA 250 46.88 -66.85 -36.41
CA ILE CA 251 48.20 -70.06 -34.89
CA HIS CA 252 45.72 -72.86 -35.40
CA ILE CA 253 44.82 -75.58 -32.94
CA PRO CA 254 45.76 -79.25 -32.77
CA PHE CA 255 43.74 -82.11 -31.25
CA PRO CA 256 40.00 -81.68 -31.96
CA LEU CA 257 37.34 -83.61 -30.06
CA ALA CA 258 35.36 -86.72 -30.97
CA ASN CA 259 32.10 -88.03 -29.51
CA VAL CA 260 33.23 -91.59 -30.20
CA THR CA 261 33.33 -95.02 -28.60
CA CYS CA 262 34.78 -95.74 -25.20
CA ARG CA 263 34.16 -99.08 -23.53
CA VAL CA 264 33.08 -99.76 -19.96
CA PRO CA 265 33.21 -103.32 -18.54
CA LYS CA 266 30.02 -105.17 -17.80
CA ALA CA 267 29.67 -106.19 -14.18
CA ARG CA 268 29.74 -109.93 -13.57
CA ASN CA 269 26.41 -111.55 -12.88
CA PRO CA 270 25.57 -112.18 -9.21
CA THR CA 271 23.74 -115.20 -7.88
CA VAL CA 272 19.98 -114.90 -7.56
CA THR CA 273 17.51 -116.91 -5.45
CA TYR CA 274 14.06 -116.57 -3.91
CA GLY CA 275 12.79 -115.33 -0.58
CA LYS CA 276 9.40 -114.63 1.04
CA ASN CA 277 7.59 -112.82 -1.81
CA GLN CA 278 11.03 -111.48 -2.65
CA VAL CA 279 14.56 -112.09 -3.93
CA ILE CA 280 17.44 -113.13 -1.69
CA MET CA 281 20.68 -112.84 -3.66
CA LEU CA 282 24.36 -112.54 -2.79
CA LEU CA 283 25.59 -109.55 -4.78
CA TYR CA 284 29.00 -109.65 -6.47
CA PRO CA 285 30.99 -106.49 -7.12
CA ASP CA 286 34.74 -106.42 -6.68
CA HIS CA 287 35.16 -102.87 -8.00
CA PRO CA 288 32.37 -100.38 -7.12
CA THR CA 289 29.16 -101.15 -8.98
CA LEU CA 290 25.72 -99.54 -8.90
CA LEU CA 291 22.35 -101.11 -8.10
CA SER CA 292 19.07 -99.58 -9.23
CA TYR CA 293 15.56 -101.02 -8.91
CA ARG CA 294 12.07 -99.70 -9.61
CA ASN CA 295 8.63 -101.25 -10.08
CA MET CA 296 5.92 -101.44 -12.74
CA GLY CA 297 3.32 -99.65 -10.63
CA GLU CA 298 1.87 -96.17 -10.98
CA GLU CA 299 4.64 -95.14 -8.58
CA PRO CA 300 8.27 -95.71 -9.66
CA ASN CA 301 9.63 -97.03 -6.32
CA TYR CA 302 13.05 -96.14 -7.67
CA GLN CA 303 16.15 -96.62 -5.51
CA GLU CA 304 19.83 -96.32 -6.46
CA GLU CA 305 22.95 -97.35 -4.57
CA TRP CA 306 26.58 -98.27 -5.28
CA VAL CA 307 28.39 -101.37 -3.99
CA MET CA 308 31.97 -102.61 -4.12
CA HIS CA 309 31.64 -105.45 -1.62
CA LYS CA 310 30.22 -108.95 -1.83
CA LYS CA 311 27.07 -108.70 0.27
CA GLU CA 312 23.56 -110.10 0.64
CA VAL CA 313 20.78 -107.85 -0.63
CA VAL CA 314 17.11 -108.63 0.01
CA LEU CA 315 15.00 -107.59 -2.97
CA THR CA 316 11.29 -107.27 -2.22
CA VAL CA 317 9.19 -108.01 -5.29
CA PRO CA 318 5.59 -106.73 -5.38
CA THR CA 319 3.06 -108.88 -7.24
CA GLU CA 320 3.21 -106.45 -10.19
CA GLY CA 321 6.96 -107.02 -10.26
CA LEU CA 322 9.96 -104.73 -10.44
CA GLU CA 323 13.24 -104.28 -12.29
CA VAL CA 324 16.83 -104.42 -11.11
CA THR CA 325 19.88 -103.13 -13.02
CA TRP CA 326 23.43 -104.30 -12.27
CA GLY CA 327 26.53 -102.59 -13.55
CA ASN CA 328 26.51 -102.47 -17.32
CA ASN CA 329 24.10 -105.39 -17.70
CA GLU CA 330 20.50 -105.27 -18.89
CA PRO CA 331 17.63 -104.83 -16.39
CA TYR CA 332 16.15 -107.96 -14.83
CA LYS CA 333 12.38 -107.92 -14.19
CA TYR CA 334 10.70 -110.29 -11.76
CA TRP CA 335 7.23 -111.66 -10.98
CA PRO CA 336 6.69 -113.21 -7.57
CA GLN CA 337 4.72 -116.05 -6.05
CA LEU CA 338 4.23 -117.05 -2.43
CA SER CA 339 6.25 -118.50 0.99
CA THR CA 340 5.73 -122.79 1.15
CA ASN CA 341 5.75 -123.78 5.29
CA GLY CA 342 2.36 -124.06 6.98
CA THR CA 343 1.88 -127.42 9.60
CA ALA CA 344 -1.01 -129.75 9.05
CA HIS CA 345 -4.91 -128.44 7.84
CA GLY CA 346 -7.94 -130.68 7.97
CA HIS CA 347 -10.92 -131.30 6.76
CA PRO CA 348 -12.79 -133.17 9.06
CA HIS CA 349 -13.69 -128.97 8.66
CA GLU CA 350 -10.60 -126.78 8.24
CA ILE CA 351 -9.15 -126.19 4.77
CA ILE CA 352 -8.26 -122.50 4.93
CA LEU CA 353 -4.58 -123.31 4.87
CA TYR CA 354 -5.56 -124.13 1.31
CA TYR CA 355 -6.60 -120.47 1.40
CA TYR CA 356 -3.39 -119.45 3.22
CA GLU CA 357 -0.96 -120.01 0.33
CA LEU CA 358 -3.83 -118.84 -1.89
CA TYR CA 359 -2.58 -115.26 -2.59
CA PRO CA 360 -2.28 -114.06 1.07
CA THR CA 361 -2.96 -110.63 2.51
CA MET CA 362 -5.96 -111.39 0.31
CA THR CA 363 -8.52 -114.16 1.03
CA VAL CA 364 -6.61 -114.66 4.27
CA VAL CA 365 -7.41 -111.27 5.85
CA VAL CA 366 -9.74 -109.59 3.34
CA VAL CA 367 -11.90 -112.64 3.77
CA SER CA 368 -11.84 -111.85 7.52
CA VAL CA 369 -13.34 -108.38 7.05
CA ALA CA 370 -15.91 -110.04 4.79
CA THR CA 371 -17.18 -112.45 7.41
CA PHE CA 372 -19.33 -109.70 8.92
CA ILE CA 373 -22.09 -110.72 6.48
CA LEU CA 374 -21.53 -114.13 8.04
CA LEU CA 375 -21.44 -112.62 11.54
CA SER CA 376 -24.57 -110.48 11.25
CA MET CA 377 -26.56 -113.33 12.85
CA VAL CA 378 -26.06 -112.67 16.57
CA GLY CA 379 -28.14 -109.49 16.90
CA MET CA 380 -30.60 -110.97 14.42
CA ALA CA 381 -31.13 -113.68 17.03
CA ALA CA 382 -31.44 -111.22 19.92
CA GLY CA 383 -34.38 -108.83 19.40
CA MET CA 384 -35.89 -111.70 17.48
CA CYS CA 385 -36.07 -113.53 20.79
CA MET CA 386 -37.17 -110.59 22.98
CA CYS CA 387 -40.32 -110.77 20.87
CA ALA CA 388 -40.33 -114.49 21.73
CA ARG CA 389 -39.87 -114.56 25.51
CA ARG CA 390 -40.40 -111.04 26.83
CA ARG CA 391 -43.75 -110.75 25.05
CA CYS CA 392 -45.05 -114.12 26.30
CA ILE CA 393 -47.06 -112.93 29.28
CA THR CA 394 -46.78 -109.26 28.34
CA PRO CA 395 -49.02 -107.93 25.54
CA TYR CA 396 -52.68 -109.15 25.63
CA GLU CA 397 -54.52 -110.20 28.78
CA LEU CA 398 -57.83 -110.36 27.01
CA THR CA 399 -58.60 -114.09 26.83
CA PRO CA 400 -58.62 -115.69 30.31
CA GLY CA 401 -56.54 -118.86 30.89
CA ALA CA 402 -54.14 -117.81 33.77
CA THR CA 403 -51.50 -118.92 31.20
CA VAL CA 404 -51.26 -120.89 27.99
CA PRO CA 405 -51.79 -124.38 29.46
CA PHE CA 406 -50.52 -126.42 26.52
CA LEU CA 407 -48.44 -124.42 24.06
CA LEU CA 408 -45.69 -123.11 26.30
CA SER CA 409 -42.65 -125.23 25.36
CA LEU CA 410 -43.62 -124.05 21.88
CA ILE CA 411 -42.95 -120.58 23.37
CA CYS CA 412 -40.43 -121.43 26.18
CA CYS CA 413 -40.35 -118.13 27.95
CA ILE CA 414 -38.28 -117.39 31.05
CA ARG CA 415 -36.61 -119.23 33.93
CA THR CA 416 -37.85 -122.40 32.26
CA ALA CA 417 -37.77 -124.43 35.46
CA LYS CA 418 -41.16 -125.67 36.73
CA ALA CA 419 -42.34 -129.33 37.10
CA TYR DA 1 -78.75 -17.42 -75.25
CA GLU DA 2 -75.52 -17.85 -73.29
CA HIS DA 3 -75.49 -21.58 -72.58
CA VAL DA 4 -73.09 -22.06 -69.68
CA THR DA 5 -72.47 -25.77 -69.17
CA VAL DA 6 -69.98 -27.81 -67.15
CA ILE DA 7 -68.56 -30.77 -69.06
CA PRO DA 8 -66.53 -33.48 -67.29
CA ASN DA 9 -62.89 -34.27 -68.05
CA THR DA 10 -62.42 -37.39 -70.18
CA VAL DA 11 -60.69 -38.96 -73.10
CA GLY DA 12 -62.97 -38.76 -76.10
CA VAL DA 13 -66.32 -39.60 -74.44
CA PRO DA 14 -69.09 -37.44 -75.96
CA TYR DA 15 -71.06 -35.92 -73.11
CA LYS DA 16 -74.65 -35.11 -74.08
CA THR DA 17 -75.04 -31.37 -73.63
CA LEU DA 18 -78.62 -30.12 -73.53
CA VAL DA 19 -78.67 -26.84 -75.42
CA ASN DA 20 -82.25 -25.92 -74.57
CA ARG DA 21 -83.51 -22.97 -76.50
CA PRO DA 22 -85.56 -20.27 -74.77
CA GLY DA 23 -89.00 -21.09 -76.12
CA TYR DA 24 -87.93 -23.16 -79.08
CA SER DA 25 -87.15 -26.81 -79.81
CA PRO DA 26 -83.74 -27.67 -78.28
CA MET DA 27 -80.78 -29.06 -80.17
CA VAL DA 28 -79.04 -31.26 -77.60
CA LEU DA 29 -75.44 -31.44 -78.76
CA GLU DA 30 -72.72 -33.77 -77.50
CA MET DA 31 -69.11 -32.74 -76.90
CA GLU DA 32 -65.93 -34.64 -76.11
CA LEU DA 33 -62.56 -33.21 -75.21
CA LEU DA 34 -59.33 -34.60 -76.59
CA SER DA 35 -56.33 -33.16 -74.72
CA VAL DA 36 -55.88 -31.33 -71.41
CA THR DA 37 -52.49 -29.74 -72.01
CA LEU DA 38 -51.39 -27.96 -68.83
CA GLU DA 39 -47.83 -26.75 -68.79
CA PRO DA 40 -45.50 -26.06 -65.86
CA THR DA 41 -42.62 -23.60 -66.01
CA LEU DA 42 -38.95 -24.29 -66.46
CA SER DA 43 -36.37 -22.41 -64.43
CA LEU DA 44 -32.79 -23.65 -64.55
CA ASP DA 45 -31.04 -24.49 -61.31
CA TYR DA 46 -28.16 -26.38 -62.94
CA ILE DA 47 -27.27 -28.86 -65.60
CA THR DA 48 -24.82 -31.67 -65.01
CA CYS DA 49 -22.33 -33.42 -67.25
CA GLU DA 50 -19.96 -36.31 -67.04
CA TYR DA 51 -16.61 -35.53 -65.48
CA LYS DA 52 -13.58 -34.97 -67.68
CA THR DA 53 -10.43 -35.20 -65.61
CA VAL DA 54 -8.27 -33.39 -68.14
CA ILE DA 55 -4.82 -34.63 -67.15
CA PRO DA 56 -1.97 -32.82 -68.90
CA SER DA 57 1.61 -34.02 -68.80
CA PRO DA 58 3.19 -34.41 -65.34
CA TYR DA 59 5.68 -31.97 -63.84
CA VAL DA 60 8.91 -33.88 -63.19
CA LYS DA 61 12.26 -32.59 -61.92
CA CYS DA 62 15.74 -34.14 -62.13
CA CYS DA 63 17.68 -34.47 -58.85
CA GLY DA 64 15.47 -31.83 -57.24
CA THR DA 65 12.13 -31.28 -55.58
CA ALA DA 66 9.25 -30.26 -57.83
CA GLU DA 67 6.90 -27.54 -56.58
CA CYS DA 68 3.13 -27.37 -56.12
CA LYS DA 69 1.96 -24.18 -57.78
CA ASP DA 70 -1.66 -23.82 -56.72
CA LYS DA 71 -4.09 -21.89 -58.89
CA ASN DA 72 -7.72 -21.98 -59.77
CA LEU DA 73 -8.71 -24.69 -62.21
CA PRO DA 74 -12.12 -26.40 -61.98
CA ASP DA 75 -11.42 -28.96 -59.24
CA TYR DA 76 -7.71 -28.19 -59.44
CA SER DA 77 -5.27 -30.78 -58.15
CA CYS DA 78 -1.51 -31.06 -58.22
CA LYS DA 79 0.69 -33.07 -55.86
CA VAL DA 80 4.46 -33.46 -56.08
CA PHE DA 81 5.51 -37.10 -56.01
CA THR DA 82 9.07 -37.47 -54.85
CA GLY DA 83 11.66 -40.22 -55.07
CA VAL DA 84 10.25 -41.77 -58.24
CA TYR DA 85 12.79 -43.22 -60.68
CA PRO DA 86 10.77 -43.06 -63.89
CA PHE DA 87 11.52 -45.16 -66.94
CA MET DA 88 10.95 -44.62 -70.63
CA TRP DA 89 11.63 -46.95 -73.59
CA GLY DA 90 15.36 -47.13 -73.12
CA GLY DA 91 15.18 -47.46 -69.35
CA ALA DA 92 15.17 -44.66 -66.84
CA TYR DA 93 14.12 -41.08 -67.63
CA CYS DA 94 17.04 -39.81 -65.51
CA PHE DA 95 19.97 -41.27 -63.61
CA CYS DA 96 19.32 -39.76 -60.29
CA ASP DA 97 20.29 -42.49 -57.82
CA ALA DA 98 16.91 -42.24 -56.10
CA GLU DA 99 15.36 -38.44 -56.47
CA ASN DA 100 13.09 -37.60 -59.32
CA THR DA 101 10.10 -35.57 -58.17
CA GLN DA 102 7.08 -35.67 -60.46
CA LEU DA 103 4.03 -33.48 -59.88
CA SER DA 104 0.89 -34.83 -61.48
CA GLU DA 105 -1.60 -32.22 -62.68
CA ALA DA 106 -5.27 -33.11 -62.93
CA HIS DA 107 -8.46 -31.05 -62.95
CA VAL DA 108 -11.97 -31.43 -64.33
CA GLU DA 109 -13.88 -29.54 -67.03
CA LYS DA 110 -17.37 -29.83 -68.52
CA SER DA 111 -18.37 -31.95 -71.49
CA GLU DA 112 -18.77 -31.26 -75.16
CA SER DA 113 -21.30 -34.10 -75.01
CA CYS DA 114 -23.22 -32.30 -72.24
CA LYS DA 115 -23.48 -29.26 -74.48
CA THR DA 116 -26.25 -30.98 -76.42
CA GLU DA 117 -27.18 -34.11 -74.41
CA PHE DA 118 -27.21 -33.79 -70.65
CA ALA DA 119 -29.24 -34.04 -67.49
CA SER DA 120 -30.68 -30.68 -66.47
CA ALA DA 121 -32.04 -29.76 -63.04
CA TYR DA 122 -34.80 -27.20 -62.90
CA ARG DA 123 -38.08 -26.25 -61.24
CA ALA DA 124 -41.47 -26.57 -62.92
CA HIS DA 125 -44.12 -24.37 -61.36
CA THR DA 126 -47.25 -23.03 -63.07
CA ALA DA 127 -50.71 -24.06 -64.25
CA SER DA 128 -51.38 -23.04 -67.84
CA ALA DA 129 -53.97 -25.42 -69.24
CA SER DA 130 -54.79 -26.00 -72.92
CA ALA DA 131 -57.82 -27.81 -74.34
CA LYS DA 132 -58.73 -29.73 -77.50
CA LEU DA 133 -62.52 -29.96 -77.65
CA ARG DA 134 -64.84 -31.55 -80.24
CA VAL DA 135 -68.39 -30.36 -80.92
CA LEU DA 136 -70.91 -31.60 -83.44
CA TYR DA 137 -72.02 -28.19 -84.49
CA GLN DA 138 -75.66 -28.64 -85.41
CA GLY DA 139 -74.33 -32.12 -86.15
CA ASN DA 140 -71.21 -30.78 -87.90
CA ASN DA 141 -68.28 -32.68 -86.42
CA ILE DA 142 -65.72 -29.95 -85.72
CA THR DA 143 -62.93 -29.69 -83.17
CA VAL DA 144 -62.22 -26.40 -81.41
CA THR DA 145 -58.99 -25.49 -79.67
CA ALA DA 146 -58.97 -23.85 -76.26
CA TYR DA 147 -57.11 -23.10 -73.13
CA ALA DA 148 -58.73 -25.10 -70.34
CA ASN DA 149 -58.63 -22.13 -67.99
CA GLY DA 150 -60.76 -18.99 -68.23
CA ASP DA 151 -58.56 -16.99 -70.60
CA HIS DA 152 -58.71 -18.26 -74.20
CA ALA DA 153 -61.97 -17.60 -76.04
CA VAL DA 154 -62.27 -17.56 -79.83
CA THR DA 155 -65.37 -17.39 -82.02
CA VAL DA 156 -65.79 -20.18 -84.57
CA LYS DA 157 -68.94 -20.73 -86.67
CA ASP DA 158 -71.22 -18.11 -84.99
CA ALA DA 159 -70.36 -19.20 -81.42
CA LYS DA 160 -67.52 -18.87 -78.93
CA PHE DA 161 -66.76 -20.48 -75.57
CA ILE DA 162 -65.34 -19.95 -72.13
CA VAL DA 163 -63.65 -23.30 -71.51
CA GLY DA 164 -62.79 -23.52 -67.85
CA PRO DA 165 -61.37 -22.27 -65.51
CA MET DA 166 -60.02 -25.54 -64.23
CA SER DA 167 -61.59 -27.02 -61.12
CA SER DA 168 -58.87 -29.49 -60.18
CA ALA DA 169 -55.46 -27.84 -59.80
CA TRP DA 170 -53.56 -31.14 -59.57
CA THR DA 171 -50.18 -31.33 -61.26
CA PRO DA 172 -47.88 -34.35 -61.66
CA PHE DA 173 -44.91 -31.94 -61.58
CA ASP DA 174 -42.90 -31.45 -58.39
CA ASN DA 175 -40.61 -28.55 -57.54
CA LYS DA 176 -37.32 -30.38 -58.17
CA ILE DA 177 -37.20 -32.21 -61.48
CA VAL DA 178 -34.45 -33.22 -63.92
CA VAL DA 179 -34.80 -33.53 -67.70
CA TYR DA 180 -32.26 -35.57 -69.69
CA LYS DA 181 -31.83 -35.53 -73.52
CA GLY DA 182 -35.42 -36.62 -74.06
CA ASP DA 183 -37.00 -37.72 -70.79
CA VAL DA 184 -37.86 -35.86 -67.58
CA TYR DA 185 -37.33 -37.24 -64.07
CA ASN DA 186 -38.95 -35.83 -60.92
CA MET DA 187 -36.16 -36.80 -58.57
CA ASP DA 188 -35.74 -34.16 -55.88
CA TYR DA 189 -32.19 -33.27 -56.89
CA PRO DA 190 -29.57 -31.83 -54.59
CA PRO DA 191 -29.49 -28.28 -55.97
CA PHE DA 192 -26.67 -26.10 -57.33
CA GLY DA 193 -23.34 -26.46 -55.56
CA ALA DA 194 -24.50 -29.54 -53.62
CA GLY DA 195 -23.11 -32.29 -55.84
CA ARG DA 196 -21.18 -34.70 -53.65
CA PRO DA 197 -18.29 -36.84 -54.98
CA GLY DA 198 -19.87 -39.65 -56.91
CA GLN DA 199 -23.27 -38.03 -56.61
CA PHE DA 200 -25.49 -36.99 -59.53
CA GLY DA 201 -24.53 -33.42 -60.27
CA ASP DA 202 -21.02 -33.33 -58.84
CA ILE DA 203 -20.09 -31.41 -61.99
CA GLN DA 204 -22.60 -28.66 -61.61
CA SER DA 205 -23.18 -25.63 -63.81
CA ARG DA 206 -26.31 -23.75 -64.80
CA THR DA 207 -26.23 -23.77 -68.60
CA PRO DA 208 -24.07 -26.15 -70.71
CA GLU DA 209 -21.83 -23.27 -71.84
CA SER DA 210 -21.72 -21.73 -68.36
CA LYS DA 211 -18.40 -22.14 -66.58
CA ASP DA 212 -19.85 -21.60 -63.09
CA VAL DA 213 -18.28 -24.94 -62.27
CA TYR DA 214 -19.11 -26.50 -58.96
CA ALA DA 215 -16.88 -29.53 -58.98
CA ASN DA 216 -16.79 -31.75 -55.91
CA THR DA 217 -15.81 -34.99 -57.62
CA GLN DA 218 -12.62 -36.27 -55.90
CA LEU DA 219 -9.71 -35.09 -58.05
CA VAL DA 220 -6.82 -36.73 -56.17
CA LEU DA 221 -3.58 -38.47 -57.21
CA GLN DA 222 -1.84 -41.05 -55.04
CA ARG DA 223 1.79 -41.55 -56.36
CA PRO DA 224 3.62 -43.29 -59.19
CA ALA DA 225 5.65 -45.42 -56.82
CA ALA DA 226 9.26 -45.60 -58.04
CA GLY DA 227 9.12 -47.22 -61.42
CA THR DA 228 8.02 -45.49 -64.61
CA VAL DA 229 6.52 -42.43 -66.28
CA HIS DA 230 3.18 -42.93 -64.72
CA VAL DA 231 0.05 -41.30 -63.36
CA PRO DA 232 -2.08 -43.59 -61.17
CA TYR DA 233 -5.45 -42.08 -60.42
CA SER DA 234 -7.68 -42.78 -57.48
CA GLN DA 235 -11.14 -42.30 -58.91
CA ALA DA 236 -13.19 -39.31 -59.78
CA PRO DA 237 -16.64 -40.83 -59.18
CA SER DA 238 -19.19 -39.31 -61.39
CA GLY DA 239 -22.47 -37.57 -62.09
CA PHE DA 240 -23.51 -39.41 -65.29
CA LYS DA 241 -21.76 -42.80 -64.84
CA TYR DA 242 -23.49 -42.61 -61.44
CA TRP DA 243 -26.78 -41.55 -63.08
CA LEU DA 244 -27.11 -44.08 -65.93
CA LYS DA 245 -28.32 -46.85 -63.60
CA GLU DA 246 -30.57 -44.69 -61.39
CA ARG DA 247 -32.55 -43.02 -64.17
CA GLY DA 248 -35.61 -45.04 -63.25
CA ALA DA 249 -39.02 -43.94 -64.51
CA SER DA 250 -39.90 -40.74 -66.36
CA LEU DA 251 -42.92 -38.59 -65.55
CA GLN DA 252 -44.81 -40.29 -68.37
CA HIS DA 253 -44.08 -43.47 -66.39
CA THR DA 254 -45.04 -42.35 -62.88
CA ALA DA 255 -47.91 -39.87 -63.25
CA PRO DA 256 -51.28 -40.87 -61.79
CA PHE DA 257 -54.49 -40.62 -63.83
CA GLY DA 258 -52.52 -42.67 -66.40
CA CYS DA 259 -51.61 -39.88 -68.82
CA GLN DA 260 -48.28 -39.32 -70.48
CA ILE DA 261 -46.18 -36.20 -70.17
CA ALA DA 262 -45.31 -34.48 -73.44
CA THR DA 263 -41.85 -33.00 -73.52
CA ASN DA 264 -39.76 -30.21 -75.15
CA PRO DA 265 -41.10 -28.03 -73.45
CA VAL DA 266 -42.52 -30.32 -70.75
CA ARG DA 267 -46.27 -30.40 -70.05
CA ALA DA 268 -48.94 -32.91 -69.01
CA VAL DA 269 -51.32 -34.11 -71.70
CA ASN DA 270 -54.88 -35.09 -70.74
CA CYS DA 271 -55.07 -36.60 -67.28
CA ALA DA 272 -58.86 -36.91 -66.94
CA VAL DA 273 -59.30 -35.00 -63.67
CA GLY DA 274 -62.18 -32.75 -62.67
CA ASN DA 275 -64.56 -30.97 -65.02
CA MET DA 276 -64.70 -28.19 -67.63
CA PRO DA 277 -66.97 -25.19 -67.12
CA ILE DA 278 -67.92 -24.30 -70.70
CA SER DA 279 -69.77 -21.05 -71.37
CA ILE DA 280 -70.95 -21.07 -75.00
CA ASP DA 281 -73.59 -18.91 -76.68
CA ILE DA 282 -76.33 -19.47 -79.25
CA PRO DA 283 -78.70 -16.95 -80.84
CA GLU DA 284 -82.30 -17.62 -81.69
CA ALA DA 285 -81.54 -16.54 -85.27
CA ALA DA 286 -79.16 -19.25 -86.48
CA PHE DA 287 -81.30 -21.73 -84.52
CA THR DA 288 -84.79 -22.77 -85.48
CA ARG DA 289 -88.23 -22.52 -83.93
CA VAL DA 290 -90.45 -25.04 -82.16
CA VAL DA 291 -93.21 -24.42 -84.72
CA ASP DA 292 -91.28 -25.41 -87.87
CA ALA DA 293 -89.71 -28.24 -85.94
CA PRO DA 294 -92.29 -31.06 -85.89
CA SER DA 295 -94.25 -31.46 -82.68
CA LEU DA 296 -94.63 -35.13 -81.86
CA THR DA 297 -96.99 -37.51 -80.09
CA ASP DA 298 -97.84 -41.23 -80.20
CA MET DA 299 -94.42 -42.17 -78.80
CA SER DA 300 -94.63 -45.77 -77.61
CA CYS DA 301 -91.89 -46.56 -75.09
CA GLU DA 302 -89.91 -49.73 -75.73
CA VAL DA 303 -86.39 -50.95 -76.34
CA PRO DA 304 -85.30 -53.79 -78.58
CA ALA DA 305 -82.51 -54.44 -76.04
CA CYS DA 306 -80.22 -52.71 -73.56
CA THR DA 307 -77.14 -53.96 -71.73
CA HIS DA 308 -76.13 -52.04 -68.62
CA SER DA 309 -72.33 -51.96 -68.78
CA SER DA 310 -69.85 -49.32 -69.92
CA ASP DA 311 -70.57 -50.31 -73.54
CA PHE DA 312 -73.13 -48.87 -75.97
CA GLY DA 313 -75.19 -52.02 -75.54
CA GLY DA 314 -78.44 -50.12 -75.37
CA VAL DA 315 -80.81 -48.92 -78.05
CA ALA DA 316 -84.43 -47.72 -77.93
CA ILE DA 317 -86.92 -47.78 -80.80
CA ILE DA 318 -89.69 -45.20 -80.54
CA LYS DA 319 -92.73 -45.66 -82.74
CA TYR DA 320 -94.46 -42.32 -83.10
CA ALA DA 321 -96.33 -39.74 -85.19
CA ALA DA 322 -94.93 -36.22 -85.51
CA SER DA 323 -96.42 -33.28 -87.39
CA LYS DA 324 -94.13 -31.75 -90.02
CA LYS DA 325 -90.86 -32.39 -91.79
CA GLY DA 326 -87.73 -31.38 -89.89
CA LYS DA 327 -84.85 -32.44 -87.67
CA CYS DA 328 -85.11 -33.03 -83.94
CA ALA DA 329 -83.10 -33.54 -80.75
CA VAL DA 330 -83.06 -36.30 -78.11
CA HIS DA 331 -82.37 -35.88 -74.39
CA SER DA 332 -82.93 -37.97 -71.30
CA MET DA 333 -82.32 -36.35 -67.90
CA THR DA 334 -80.95 -39.67 -66.73
CA ASN DA 335 -77.25 -38.83 -66.88
CA ALA DA 336 -76.08 -42.34 -65.96
CA VAL DA 337 -77.71 -43.52 -69.20
CA THR DA 338 -75.81 -41.67 -71.92
CA ILE DA 339 -77.54 -41.48 -75.29
CA ARG DA 340 -75.28 -41.86 -78.31
CA GLU DA 341 -76.98 -39.69 -80.94
CA ALA DA 342 -79.54 -36.90 -80.67
CA GLU DA 343 -79.95 -35.16 -84.04
CA ILE DA 344 -82.42 -37.12 -86.17
CA GLU DA 345 -84.58 -35.91 -89.04
CA VAL DA 346 -88.96 -36.82 -87.54
CA GLU DA 347 -90.98 -36.37 -90.78
CA GLY DA 348 -94.43 -36.86 -89.27
CA ASN DA 349 -95.70 -40.42 -88.88
CA SER DA 350 -92.57 -42.56 -88.62
CA GLN DA 351 -90.22 -44.44 -86.30
CA LEU DA 352 -86.71 -43.48 -85.22
CA GLN DA 353 -83.76 -45.02 -83.39
CA ILE DA 354 -81.57 -43.87 -80.54
CA SER DA 355 -78.78 -45.96 -79.05
CA PHE DA 356 -77.28 -45.41 -75.61
CA SER DA 357 -74.74 -46.56 -73.11
CA THR DA 358 -76.83 -48.18 -70.44
CA ALA DA 359 -76.88 -47.97 -66.65
CA LEU DA 360 -80.18 -49.03 -65.13
CA ALA DA 361 -81.35 -52.64 -64.88
CA SER DA 362 -84.95 -51.51 -65.28
CA ALA DA 363 -84.32 -48.39 -67.37
CA GLU DA 364 -87.59 -46.57 -66.67
CA PHE DA 365 -86.76 -42.96 -67.58
CA ARG DA 366 -88.06 -40.10 -69.72
CA VAL DA 367 -86.76 -38.59 -72.95
CA GLN DA 368 -87.21 -34.92 -73.78
CA VAL DA 369 -87.77 -34.84 -77.54
CA CYS DA 370 -87.75 -31.18 -78.70
CA SER DA 371 -89.67 -29.60 -75.77
CA THR DA 372 -92.01 -32.62 -75.63
CA GLN DA 373 -91.78 -35.20 -72.90
CA VAL DA 374 -92.14 -38.94 -73.40
CA HIS DA 375 -91.21 -41.63 -70.92
CA CYS DA 376 -88.98 -44.49 -72.08
CA ALA DA 377 -89.59 -48.02 -70.77
CA ALA DA 378 -86.88 -50.67 -70.64
CA GLU DA 379 -85.86 -53.84 -68.81
CA CYS DA 380 -82.16 -54.25 -69.39
CA HIS DA 381 -79.06 -57.35 -70.10
CA PRO DA 382 -76.51 -57.96 -67.37
CA PRO DA 383 -72.91 -57.36 -68.46
CA LYS DA 384 -71.43 -60.38 -70.20
CA ARG DA 385 -68.71 -60.95 -72.80
CA THR DA 386 -69.06 -56.62 -73.93
CA THR DA 387 -64.74 -57.61 -73.32
CA VAL DA 388 -61.33 -56.04 -72.51
CA TYR DA 389 -60.22 -53.29 -74.72
CA TYR DA 390 -63.95 -50.81 -74.85
CA PRO DA 391 -61.94 -47.59 -74.91
CA ALA DA 392 -64.38 -45.54 -72.79
CA SER DA 393 -66.78 -45.52 -69.88
CA HIS DA 394 -69.83 -43.36 -69.22
CA THR DA 395 -72.18 -44.87 -65.72
CA THR DA 396 -72.80 -43.87 -62.09
CA LEU DA 397 -74.36 -46.71 -60.12
CA GLY DA 398 -74.43 -46.61 -56.34
CA VAL DA 399 -76.25 -43.33 -56.36
CA GLN DA 400 -79.77 -43.93 -53.80
CA ASP DA 401 -82.32 -45.42 -56.18
CA ILE DA 402 -81.32 -48.77 -57.71
CA SER DA 403 -84.96 -49.68 -58.40
CA ALA DA 404 -84.97 -52.65 -60.78
CA THR DA 405 -87.27 -55.58 -61.58
CA ALA DA 406 -86.38 -57.26 -58.26
CA MET DA 407 -87.01 -54.06 -56.28
CA SER DA 408 -90.78 -54.61 -56.51
CA TRP DA 409 -90.51 -57.13 -53.66
CA VAL DA 410 -88.28 -54.77 -51.67
CA GLN DA 411 -90.15 -51.50 -52.24
CA LYS DA 412 -93.74 -52.75 -52.09
CA ILE DA 413 -94.37 -55.75 -49.86
CA THR DA 414 -91.85 -55.49 -47.05
CA GLY DA 415 -92.02 -51.72 -47.29
CA GLY DA 416 -95.66 -52.09 -46.25
CA VAL DA 417 -94.96 -53.88 -42.97
CA GLY DA 418 -94.83 -50.81 -40.74
CA LEU DA 419 -98.56 -50.34 -40.22
CA VAL DA 420 -98.69 -52.37 -37.04
CA VAL DA 421 -97.40 -49.68 -34.67
CA ALA DA 422 -100.94 -48.38 -33.92
CA VAL DA 423 -102.09 -51.36 -31.80
CA ALA DA 424 -100.59 -50.08 -28.55
CA ALA DA 425 -102.33 -46.75 -29.21
CA LEU DA 426 -105.49 -48.10 -30.87
CA ILE DA 427 -107.67 -49.24 -27.96
CA LEU DA 428 -104.73 -49.95 -25.66
CA ILE DA 429 -104.67 -46.16 -25.09
CA VAL DA 430 -107.45 -46.52 -22.47
CA VAL DA 431 -105.05 -48.87 -20.62
CA LEU DA 432 -101.62 -47.46 -21.44
CA CYS DA 433 -100.02 -44.53 -19.70
CA VAL DA 434 -98.66 -43.58 -16.27
CA SER DA 435 -100.00 -40.07 -16.81
CA PHE DA 436 -100.70 -39.12 -20.44
CA SER DA 437 -103.73 -40.41 -22.20
CA ARG DA 438 -107.36 -40.79 -21.36
CA HIS DA 439 -109.74 -38.18 -19.98
CA ASN EA 1 -6.92 -31.12 -93.83
CA PHE EA 2 -5.81 -32.60 -90.46
CA ASN EA 3 -2.60 -30.54 -90.64
CA VAL EA 4 -1.67 -31.12 -86.99
CA TYR EA 5 -0.97 -34.87 -87.18
CA LYS EA 6 1.99 -34.04 -89.38
CA ALA EA 7 4.53 -32.05 -87.32
CA THR EA 8 3.90 -34.28 -84.29
CA ARG EA 9 5.71 -37.40 -83.11
CA PRO EA 10 4.73 -40.48 -81.11
CA TYR EA 11 6.19 -41.63 -77.83
CA LEU EA 12 7.33 -45.07 -76.70
CA ALA EA 13 5.98 -45.55 -73.20
CA HIS EA 14 5.22 -48.38 -70.80
CA CYS EA 15 2.08 -50.32 -71.52
CA PRO EA 16 0.48 -51.52 -68.25
CA ASP EA 17 0.28 -54.98 -69.81
CA CYS EA 18 1.95 -55.67 -73.16
CA GLY EA 19 0.27 -59.05 -73.41
CA GLU EA 20 1.68 -62.35 -72.04
CA GLY EA 21 0.46 -61.40 -68.54
CA HIS EA 22 3.25 -58.84 -68.05
CA SER EA 23 4.26 -55.37 -69.13
CA CYS EA 24 6.88 -53.53 -71.17
CA HIS EA 25 7.22 -50.41 -73.29
CA SER EA 26 5.02 -49.71 -76.23
CA PRO EA 27 4.30 -47.44 -79.21
CA VAL EA 28 0.61 -48.20 -78.60
CA ALA EA 29 0.71 -47.30 -74.90
CA LEU EA 30 -2.82 -45.98 -74.29
CA GLU EA 31 -3.46 -42.59 -72.72
CA ARG EA 32 -7.18 -41.89 -73.14
CA ILE EA 33 -10.35 -44.03 -73.19
CA ARG EA 34 -13.78 -42.63 -74.11
CA ASN EA 35 -17.09 -44.38 -74.82
CA GLU EA 36 -19.63 -41.64 -74.07
CA ALA EA 37 -21.33 -42.60 -77.36
CA THR EA 38 -24.56 -44.33 -76.34
CA ASP EA 39 -24.50 -46.69 -79.31
CA GLY EA 40 -21.32 -48.15 -77.79
CA THR EA 41 -18.56 -46.94 -80.12
CA LEU EA 42 -15.35 -46.45 -78.17
CA LYS EA 43 -12.82 -43.70 -78.84
CA ILE EA 44 -9.23 -44.30 -77.79
CA GLN EA 45 -6.25 -42.07 -78.41
CA VAL EA 46 -3.30 -44.33 -79.20
CA SER EA 47 0.15 -42.92 -78.46
CA LEU EA 48 1.28 -43.18 -82.08
CA GLN EA 49 -0.69 -41.81 -85.00
CA ILE EA 50 -2.06 -43.73 -87.95
CA GLY EA 51 -2.75 -42.65 -91.49
CA ILE EA 52 0.23 -40.31 -91.99
CA LYS EA 53 3.85 -41.33 -92.63
CA THR EA 54 6.87 -39.57 -91.19
CA ASP EA 55 6.75 -37.34 -94.29
CA ASP EA 56 4.26 -35.15 -92.36
CA SER EA 57 1.94 -35.26 -95.37
CA HIS EA 58 -1.77 -35.71 -96.19
CA ASP EA 59 -1.10 -39.45 -96.41
CA TRP EA 60 -3.37 -42.38 -95.71
CA THR EA 61 -1.31 -45.44 -96.60
CA LYS EA 62 1.05 -45.73 -93.61
CA LEU EA 63 1.31 -44.85 -89.92
CA ARG EA 64 3.85 -42.91 -87.87
CA TYR EA 65 5.12 -44.78 -84.82
CA MET EA 66 8.03 -44.11 -82.47
CA ASP EA 67 11.19 -46.22 -82.72
CA ASN EA 68 14.97 -45.74 -82.25
CA HIS EA 69 14.76 -42.16 -80.87
CA MET EA 70 12.71 -41.05 -83.90
CA PRO EA 71 9.30 -41.36 -85.58
CA ALA EA 72 9.31 -44.53 -87.67
CA ASP EA 73 6.82 -45.76 -90.28
CA ALA EA 74 4.62 -48.82 -90.46
CA GLU EA 75 1.70 -49.63 -92.75
CA ARG EA 76 -1.85 -48.42 -92.22
CA ALA EA 77 -3.46 -51.87 -92.47
CA GLY EA 78 -1.34 -53.50 -89.76
CA LEU EA 79 -3.79 -52.75 -86.93
CA PHE EA 80 -5.64 -55.33 -84.85
CA VAL EA 81 -7.73 -54.96 -81.69
CA ARG EA 82 -9.44 -57.44 -79.39
CA THR EA 83 -11.69 -56.76 -76.40
CA SER EA 84 -12.88 -60.32 -75.83
CA ALA EA 85 -13.21 -61.21 -79.51
CA PRO EA 86 -11.25 -59.55 -82.33
CA CYS EA 87 -13.72 -56.74 -82.77
CA THR EA 88 -14.69 -54.45 -85.61
CA ILE EA 89 -13.57 -50.94 -86.54
CA THR EA 90 -15.71 -48.01 -87.71
CA GLY EA 91 -13.14 -45.36 -88.69
CA THR EA 92 -9.71 -44.29 -87.44
CA ILE EA 93 -7.64 -41.17 -88.18
CA GLY EA 94 -4.65 -39.54 -86.49
CA HIS EA 95 -3.68 -40.63 -82.99
CA PHE EA 96 -7.27 -41.83 -82.54
CA ILE EA 97 -8.92 -45.25 -82.84
CA LEU EA 98 -12.64 -46.04 -82.93
CA ALA EA 99 -14.12 -49.53 -82.78
CA ARG EA 100 -17.52 -51.24 -82.95
CA CYS EA 101 -17.78 -54.16 -80.54
CA PRO EA 102 -19.93 -55.24 -77.55
CA LYS EA 103 -19.30 -55.91 -73.84
CA GLY EA 104 -15.82 -56.84 -72.68
CA GLU EA 105 -13.64 -56.07 -69.70
CA THR EA 106 -10.23 -56.70 -71.27
CA LEU EA 107 -9.05 -54.88 -74.36
CA THR EA 108 -5.73 -55.18 -76.14
CA VAL EA 109 -4.43 -53.17 -79.08
CA GLY EA 110 -1.88 -54.14 -81.71
CA PHE EA 111 -0.50 -53.28 -85.09
CA THR EA 112 1.76 -55.30 -87.34
CA ASP EA 113 4.73 -52.99 -87.81
CA SER EA 114 7.37 -52.79 -90.54
CA ARG EA 115 9.27 -55.70 -88.97
CA LYS EA 116 6.11 -57.87 -88.65
CA ILE EA 117 5.81 -58.11 -84.85
CA SER EA 118 2.91 -57.43 -82.49
CA HIS EA 119 3.21 -54.16 -80.62
CA SER EA 120 0.77 -55.32 -77.97
CA CYS EA 121 -0.84 -53.32 -75.18
CA THR EA 122 -3.59 -54.91 -73.08
CA HIS EA 123 -5.89 -52.75 -70.99
CA PRO EA 124 -8.65 -53.42 -68.44
CA PHE EA 125 -11.79 -51.51 -69.39
CA HIS EA 126 -15.28 -52.88 -68.89
CA HIS EA 127 -16.56 -51.67 -72.25
CA ASP EA 128 -20.27 -51.27 -72.13
CA PRO EA 129 -22.74 -50.02 -74.66
CA PRO EA 130 -25.70 -49.03 -72.48
CA VAL EA 131 -29.03 -50.75 -72.82
CA ILE EA 132 -30.11 -48.61 -75.74
CA GLY EA 133 -33.74 -47.67 -76.23
CA ARG EA 134 -36.00 -49.79 -74.07
CA GLU EA 135 -34.85 -53.29 -75.05
CA LYS EA 136 -32.09 -55.76 -74.21
CA PHE EA 137 -31.18 -56.83 -77.74
CA HIS EA 138 -27.80 -56.92 -79.45
CA SER EA 139 -28.57 -56.06 -83.09
CA ARG EA 140 -31.57 -54.72 -85.00
CA PRO EA 141 -33.72 -56.07 -87.82
CA GLN EA 142 -35.72 -53.97 -90.22
CA HIS EA 143 -38.47 -53.42 -87.65
CA GLY EA 144 -37.32 -50.90 -85.08
CA LYS EA 145 -38.34 -47.61 -83.56
CA GLU EA 146 -36.43 -44.30 -83.54
CA LEU EA 147 -34.50 -42.99 -80.55
CA PRO EA 148 -31.79 -40.33 -80.59
CA CYS EA 149 -28.43 -41.70 -79.52
CA SER EA 150 -24.98 -40.26 -79.02
CA THR EA 151 -22.37 -41.43 -81.52
CA TYR EA 152 -19.20 -40.14 -83.12
CA VAL EA 153 -19.05 -38.22 -86.38
CA GLN EA 154 -16.24 -39.31 -88.71
CA SER EA 155 -14.85 -35.77 -89.03
CA THR EA 156 -11.12 -35.16 -88.54
CA ALA EA 157 -11.30 -31.35 -88.83
CA ALA EA 158 -13.02 -30.92 -85.48
CA THR EA 159 -12.37 -28.42 -82.69
CA THR EA 160 -13.75 -26.96 -79.39
CA GLU EA 161 -12.28 -29.91 -77.55
CA GLU EA 162 -8.53 -29.70 -77.73
CA ILE EA 163 -5.42 -31.60 -76.74
CA GLU EA 164 -2.35 -29.41 -76.46
CA VAL EA 165 0.99 -30.12 -78.17
CA HIS EA 166 4.46 -29.33 -76.87
CA MET EA 167 8.11 -30.06 -77.50
CA PRO EA 168 9.24 -33.44 -76.11
CA PRO EA 169 11.86 -32.91 -73.40
CA ASP EA 170 13.98 -36.04 -73.69
CA THR EA 171 14.22 -39.55 -75.13
CA PRO EA 172 17.02 -41.43 -73.38
CA ASP EA 173 19.01 -44.62 -73.81
CA HIS EA 174 21.22 -46.82 -71.65
CA THR EA 175 22.14 -48.85 -74.76
CA LEU EA 176 24.05 -45.77 -76.02
CA MET EA 177 26.74 -46.46 -73.39
CA SER EA 178 29.46 -49.01 -74.02
CA GLN EA 179 32.42 -49.27 -71.67
CA GLN EA 180 36.01 -49.88 -72.76
CA SER EA 181 37.16 -51.26 -69.37
CA GLY EA 182 36.49 -48.14 -67.32
CA ASN EA 183 36.25 -45.88 -70.38
CA VAL EA 184 32.80 -45.09 -71.74
CA LYS EA 185 32.54 -45.38 -75.49
CA ILE EA 186 29.25 -43.50 -75.27
CA THR EA 187 27.38 -43.92 -78.54
CA VAL EA 188 25.58 -40.74 -79.65
CA ASN EA 189 24.58 -41.38 -83.32
CA GLY EA 190 24.20 -37.71 -84.15
CA GLN EA 191 21.60 -36.53 -81.64
CA THR EA 192 21.45 -34.11 -78.71
CA VAL EA 193 22.54 -36.49 -75.95
CA ARG EA 194 21.90 -34.81 -72.60
CA TYR EA 195 25.32 -37.01 -70.63
CA LYS EA 196 25.36 -34.84 -67.53
CA CYS EA 197 26.74 -37.52 -65.30
CA ASN EA 198 29.13 -38.44 -62.50
CA CYS EA 199 32.10 -39.33 -64.69
CA GLY EA 200 32.96 -35.26 -63.91
CA GLY EA 201 29.73 -35.26 -65.87
CA SER EA 202 30.47 -35.11 -69.52
CA ASN EA 203 32.91 -33.54 -67.60
CA GLU EA 204 29.81 -31.51 -68.16
CA GLY EA 205 27.21 -30.82 -70.86
CA LEU EA 206 25.19 -32.10 -73.83
CA THR EA 207 26.86 -33.58 -76.89
CA THR EA 208 25.61 -34.04 -80.45
CA THR EA 209 28.55 -35.98 -81.96
CA ASP EA 210 29.88 -39.40 -80.95
CA LYS EA 211 32.06 -39.42 -77.85
CA VAL EA 212 34.62 -41.76 -76.31
CA ILE EA 213 35.24 -40.71 -72.71
CA ASN EA 214 37.77 -42.32 -70.42
CA ASN EA 215 37.73 -42.80 -66.59
CA CYS EA 216 34.07 -43.79 -66.44
CA LYS EA 217 31.78 -46.82 -66.19
CA VAL EA 218 27.98 -47.25 -66.43
CA ASP EA 219 27.78 -46.65 -62.66
CA GLN EA 220 28.79 -43.03 -63.37
CA CYS EA 221 26.95 -42.15 -66.57
CA HIS EA 222 23.85 -41.87 -68.81
CA ALA EA 223 22.83 -40.99 -72.38
CA ALA EA 224 19.70 -38.98 -73.16
CA VAL EA 225 18.62 -37.66 -76.55
CA THR EA 226 16.67 -34.45 -75.96
CA ASN EA 227 14.48 -34.76 -79.03
CA HIS EA 228 13.66 -31.42 -80.61
CA LYS EA 229 12.40 -31.88 -84.17
CA LYS EA 230 8.65 -32.68 -83.97
CA TRP EA 231 5.90 -31.92 -81.47
CA GLN EA 232 4.71 -34.04 -78.55
CA TYR EA 233 1.17 -33.77 -77.25
CA ASN EA 234 0.16 -33.63 -73.61
CA SER EA 235 0.08 -37.27 -72.57
CA PRO EA 236 0.21 -38.75 -69.05
CA LEU EA 237 3.02 -41.10 -70.20
CA VAL EA 238 5.53 -38.54 -71.51
CA PRO EA 239 6.64 -35.86 -69.01
CA ARG EA 240 7.70 -32.20 -68.95
CA ASN EA 241 11.08 -30.43 -69.18
CA ALA EA 242 11.34 -29.43 -65.44
CA GLU EA 243 9.33 -26.28 -65.73
CA LEU EA 244 7.09 -26.33 -68.77
CA GLY EA 245 6.78 -29.12 -71.24
CA ASP EA 246 3.21 -27.97 -71.39
CA ARG EA 247 4.50 -25.41 -73.86
CA LYS EA 248 2.44 -23.75 -76.55
CA GLY EA 249 1.03 -25.62 -79.54
CA LYS EA 250 -2.27 -27.01 -80.81
CA ILE EA 251 -3.33 -30.37 -82.20
CA HIS EA 252 -7.04 -30.39 -82.92
CA ILE EA 253 -9.47 -33.23 -82.32
CA PRO EA 254 -11.12 -35.67 -84.70
CA PHE EA 255 -14.50 -37.40 -84.28
CA PRO EA 256 -17.07 -35.04 -82.73
CA LEU EA 257 -20.33 -36.29 -81.22
CA ALA EA 258 -23.86 -36.39 -82.62
CA ASN EA 259 -27.18 -36.73 -80.80
CA VAL EA 260 -28.63 -38.57 -83.78
CA THR EA 261 -30.75 -41.58 -84.65
CA CYS EA 262 -30.08 -45.08 -83.44
CA ARG EA 263 -32.71 -47.78 -83.85
CA VAL EA 264 -33.93 -50.30 -81.29
CA PRO EA 265 -36.12 -53.25 -82.37
CA LYS EA 266 -39.74 -53.38 -81.36
CA ALA EA 267 -40.63 -56.42 -79.32
CA ARG EA 268 -42.98 -58.84 -81.01
CA ASN EA 269 -46.57 -58.76 -79.84
CA PRO EA 270 -47.57 -61.41 -77.29
CA THR EA 271 -50.92 -63.18 -77.19
CA VAL EA 272 -53.58 -61.62 -74.99
CA THR EA 273 -56.74 -63.16 -73.50
CA TYR EA 274 -59.13 -62.62 -70.60
CA GLY EA 275 -59.27 -63.87 -67.04
CA LYS EA 276 -61.38 -63.22 -63.92
CA ASN EA 277 -61.62 -59.39 -63.98
CA GLN EA 278 -58.14 -59.57 -65.46
CA VAL EA 279 -55.86 -60.48 -68.36
CA ILE EA 280 -54.31 -63.91 -68.80
CA MET EA 281 -51.68 -63.73 -71.55
CA LEU EA 282 -48.66 -65.79 -72.55
CA LEU EA 283 -45.81 -63.31 -72.84
CA TYR EA 284 -43.31 -63.61 -75.68
CA PRO EA 285 -39.74 -62.34 -75.33
CA ASP EA 286 -36.83 -64.24 -76.78
CA HIS EA 287 -34.23 -61.60 -75.91
CA PRO EA 288 -34.74 -59.75 -72.59
CA THR EA 289 -37.70 -57.38 -72.73
CA LEU EA 290 -39.28 -55.11 -70.12
CA LEU EA 291 -42.85 -55.06 -68.84
CA SER EA 292 -44.38 -52.01 -67.18
CA TYR EA 293 -47.98 -51.48 -66.07
CA ARG EA 294 -49.79 -48.76 -64.13
CA ASN EA 295 -53.42 -47.73 -63.67
CA MET EA 296 -55.63 -44.70 -64.27
CA GLY EA 297 -56.45 -44.18 -60.59
CA GLU EA 298 -55.30 -41.49 -58.20
CA GLU EA 299 -52.49 -43.91 -57.33
CA PRO EA 300 -50.11 -44.99 -60.13
CA ASN EA 301 -49.88 -48.72 -59.25
CA TYR EA 302 -46.72 -48.76 -61.31
CA GLN EA 303 -44.64 -51.94 -61.60
CA GLU EA 304 -41.65 -52.67 -63.86
CA GLU EA 305 -39.92 -55.95 -64.64
CA TRP EA 306 -37.77 -57.48 -67.38
CA VAL EA 307 -38.38 -60.83 -69.09
CA MET EA 308 -36.45 -62.94 -71.60
CA HIS EA 309 -38.52 -66.11 -71.32
CA LYS EA 310 -41.87 -67.17 -72.73
CA LYS EA 311 -44.08 -67.21 -69.66
CA GLU EA 312 -47.66 -66.70 -68.48
CA VAL EA 313 -48.35 -63.38 -66.76
CA VAL EA 314 -51.63 -62.67 -64.99
CA LEU EA 315 -52.60 -59.02 -65.43
CA THR EA 316 -55.21 -57.81 -62.95
CA VAL EA 317 -57.32 -55.02 -64.44
CA PRO EA 318 -59.24 -52.73 -62.06
CA THR EA 319 -62.58 -51.38 -63.29
CA GLU EA 320 -60.93 -48.02 -64.02
CA GLY EA 321 -58.43 -49.89 -66.19
CA LEU EA 322 -54.66 -49.86 -66.48
CA GLU EA 323 -51.89 -49.68 -69.07
CA VAL EA 324 -49.23 -52.19 -70.07
CA THR EA 325 -46.10 -51.44 -72.11
CA TRP EA 326 -44.15 -54.12 -73.96
CA GLY EA 327 -40.68 -53.64 -75.36
CA ASN EA 328 -40.66 -50.80 -77.85
CA ASN EA 329 -44.39 -51.01 -78.56
CA GLU EA 330 -47.07 -48.51 -77.58
CA PRO EA 331 -48.94 -48.88 -74.26
CA TYR EA 332 -52.07 -51.00 -74.23
CA LYS EA 333 -54.92 -49.83 -71.97
CA TYR EA 334 -57.72 -52.11 -70.82
CA TRP EA 335 -61.23 -51.90 -69.38
CA PRO EA 336 -62.62 -54.98 -67.67
CA GLN EA 337 -65.94 -56.72 -67.27
CA LEU EA 338 -66.92 -59.69 -65.14
CA SER EA 339 -66.28 -63.84 -64.59
CA THR EA 340 -69.46 -65.98 -66.61
CA ASN EA 341 -70.05 -69.53 -64.36
CA GLY EA 342 -72.80 -69.45 -61.74
CA THR EA 343 -75.31 -72.92 -61.61
CA ALA EA 344 -79.02 -72.48 -61.88
CA HIS EA 345 -81.15 -69.22 -60.08
CA GLY EA 346 -84.92 -69.18 -59.79
CA HIS EA 347 -87.60 -67.31 -59.52
CA PRO EA 348 -90.21 -69.17 -58.10
CA HIS EA 349 -88.19 -66.30 -55.61
CA GLU EA 350 -84.41 -66.18 -56.17
CA ILE EA 351 -82.96 -63.96 -58.89
CA ILE EA 352 -79.89 -62.53 -57.15
CA LEU EA 353 -77.60 -64.51 -59.42
CA TYR EA 354 -78.93 -61.89 -61.82
CA TYR EA 355 -77.35 -59.60 -59.22
CA TYR EA 356 -74.22 -61.78 -58.97
CA GLU EA 357 -72.77 -61.02 -62.40
CA LEU EA 358 -74.22 -57.53 -61.88
CA TYR EA 359 -70.96 -55.69 -60.97
CA PRO EA 360 -69.91 -57.88 -57.97
CA THR EA 361 -68.20 -56.86 -54.75
CA MET EA 362 -71.00 -54.33 -55.22
CA THR EA 363 -74.73 -55.19 -55.05
CA VAL EA 364 -73.57 -58.66 -54.04
CA VAL EA 365 -71.96 -57.71 -50.71
CA VAL EA 366 -72.68 -53.99 -50.36
CA VAL EA 367 -76.30 -54.95 -50.72
CA SER EA 368 -75.69 -57.31 -47.77
CA VAL EA 369 -74.60 -54.53 -45.44
CA ALA EA 370 -77.66 -52.60 -46.66
CA THR EA 371 -80.16 -55.24 -45.59
CA PHE EA 372 -80.01 -53.98 -42.02
CA ILE EA 373 -82.79 -51.53 -42.92
CA LEU EA 374 -84.57 -54.70 -44.02
CA LEU EA 375 -83.47 -56.51 -40.85
CA SER EA 376 -84.48 -53.82 -38.34
CA MET EA 377 -87.82 -55.63 -37.89
CA VAL EA 378 -86.98 -58.23 -35.24
CA GLY EA 379 -86.50 -55.91 -32.25
CA MET EA 380 -89.36 -53.80 -33.58
CA ALA EA 381 -91.49 -56.91 -33.04
CA ALA EA 382 -90.11 -57.61 -29.58
CA GLY EA 383 -90.81 -54.70 -27.18
CA MET EA 384 -93.84 -54.13 -29.35
CA CYS EA 385 -95.12 -57.44 -28.05
CA MET EA 386 -94.04 -57.04 -24.39
CA CYS EA 387 -96.58 -54.21 -24.40
CA ALA EA 388 -98.97 -56.78 -25.89
CA ARG EA 389 -98.63 -59.80 -23.58
CA ARG EA 390 -96.74 -58.70 -20.47
CA ARG EA 391 -99.13 -55.80 -19.92
CA CYS EA 392 -102.30 -57.90 -20.32
CA ILE EA 393 -103.02 -58.60 -16.67
CA THR EA 394 -100.44 -56.11 -15.40
CA PRO EA 395 -101.31 -52.39 -15.48
CA TYR EA 396 -104.89 -51.51 -14.35
CA GLU EA 397 -106.94 -53.58 -11.90
CA LEU EA 398 -109.59 -50.92 -11.60
CA THR EA 399 -112.59 -52.41 -13.43
CA PRO EA 400 -113.61 -55.78 -11.94
CA GLY EA 401 -114.07 -58.77 -14.31
CA ALA EA 402 -111.54 -61.37 -12.93
CA THR EA 403 -110.26 -61.22 -16.55
CA VAL EA 404 -111.38 -59.99 -19.94
CA PRO EA 405 -114.04 -62.67 -20.63
CA PHE EA 406 -114.41 -62.12 -24.37
CA LEU EA 407 -111.56 -60.16 -25.93
CA LEU EA 408 -108.59 -62.32 -25.00
CA SER EA 409 -107.65 -64.06 -28.27
CA LEU EA 410 -107.67 -60.46 -29.51
CA ILE EA 411 -104.90 -60.03 -26.89
CA CYS EA 412 -103.50 -63.64 -26.68
CA CYS EA 413 -101.28 -63.25 -23.68
CA ILE EA 414 -99.19 -66.03 -22.17
CA ARG EA 415 -99.09 -69.84 -22.03
CA THR EA 416 -102.10 -69.73 -24.33
CA ALA EA 417 -103.31 -73.17 -23.32
CA LYS EA 418 -106.70 -73.28 -21.53
CA ALA EA 419 -109.95 -74.95 -22.73
CA VAL FA 1 44.67 -25.62 -60.42
CA GLN FA 2 43.89 -28.72 -62.47
CA LEU FA 3 44.70 -27.36 -65.93
CA GLN FA 4 47.12 -24.48 -66.18
CA GLN FA 5 47.15 -21.32 -68.24
CA SER FA 6 47.77 -20.68 -71.94
CA GLY FA 7 50.06 -17.67 -72.12
CA ALA FA 8 50.07 -14.05 -73.26
CA GLU FA 9 48.37 -12.54 -76.31
CA LEU FA 10 48.98 -9.03 -77.66
CA VAL FA 11 49.03 -8.05 -81.33
CA LYS FA 12 48.12 -5.35 -83.97
CA PRO FA 13 44.69 -5.83 -85.71
CA GLY FA 14 44.15 -8.25 -88.56
CA ALA FA 15 45.20 -11.88 -88.31
CA SER FA 16 45.14 -14.36 -85.44
CA VAL FA 17 47.33 -16.45 -83.14
CA LYS FA 18 46.50 -19.83 -81.58
CA ILE FA 19 46.80 -19.93 -77.78
CA SER FA 20 46.51 -23.08 -75.71
CA CYS FA 21 45.91 -23.99 -72.11
CA LYS FA 22 47.77 -27.11 -71.14
CA ALA FA 23 44.51 -28.83 -70.35
CA SER FA 24 45.99 -31.12 -67.74
CA GLY FA 25 42.81 -32.68 -66.39
CA TYR FA 26 43.31 -35.73 -64.21
CA ALA FA 27 42.61 -37.98 -67.20
CA PHE FA 28 42.92 -35.97 -70.37
CA SER FA 29 40.64 -37.77 -72.86
CA SER FA 30 37.68 -36.85 -70.64
CA TYR FA 31 37.17 -33.19 -70.15
CA TRP FA 32 35.14 -30.70 -71.97
CA MET FA 33 37.77 -28.13 -71.29
CA ASN FA 34 35.75 -25.30 -72.66
CA TRP FA 35 36.64 -22.10 -74.47
CA VAL FA 36 34.58 -18.97 -74.25
CA LYS FA 37 34.41 -15.27 -75.18
CA GLN FA 38 33.68 -12.47 -72.69
CA ARG FA 39 33.77 -8.73 -72.92
CA PRO FA 40 33.66 -7.37 -69.35
CA GLY FA 41 30.18 -5.86 -69.24
CA LYS FA 42 28.56 -8.48 -71.48
CA GLY FA 43 28.26 -11.77 -69.65
CA LEU FA 44 29.85 -14.48 -71.78
CA GLU FA 45 29.73 -15.97 -75.24
CA TRP FA 46 30.69 -19.61 -75.27
CA ILE FA 47 32.90 -20.21 -78.29
CA GLY FA 48 33.55 -23.94 -78.43
CA GLN FA 49 35.18 -26.91 -76.85
CA ILE FA 50 37.25 -29.62 -78.25
CA TYR FA 51 36.46 -33.01 -76.96
CA PRO FA 52 39.83 -34.85 -76.73
CA GLY FA 53 38.62 -38.14 -78.18
CA ASP FA 54 37.59 -38.05 -81.81
CA GLY FA 55 38.01 -34.26 -81.72
CA ASP FA 56 34.53 -32.90 -81.18
CA THR FA 57 33.37 -29.30 -81.12
CA ASN FA 58 30.04 -27.72 -80.29
CA TYR FA 59 29.65 -24.03 -81.03
CA ASN FA 60 27.41 -21.00 -80.57
CA GLY FA 61 25.45 -19.41 -83.42
CA LYS FA 62 27.83 -16.46 -83.43
CA PHE FA 63 30.83 -18.79 -83.79
CA LYS FA 64 29.63 -21.79 -85.82
CA GLY FA 65 32.04 -21.29 -88.71
CA LYS FA 66 34.05 -18.64 -86.90
CA ALA FA 67 36.37 -20.58 -84.55
CA THR FA 68 39.36 -22.89 -84.79
CA LEU FA 69 39.85 -25.68 -82.22
CA THR FA 70 42.29 -28.54 -81.90
CA ALA FA 71 44.00 -30.38 -79.04
CA ASP FA 72 47.23 -32.11 -78.07
CA LYS FA 73 45.50 -35.42 -77.34
CA SER FA 74 48.59 -37.03 -75.84
CA SER FA 75 50.21 -34.30 -73.74
CA SER FA 76 47.05 -32.70 -72.31
CA THR FA 77 46.60 -29.42 -74.18
CA ALA FA 78 43.68 -27.90 -76.05
CA TYR FA 79 44.50 -25.34 -78.75
CA MET FA 80 42.39 -22.26 -79.32
CA GLN FA 81 42.08 -19.84 -82.22
CA LEU FA 82 39.48 -17.33 -83.30
CA SER FA 83 40.69 -16.68 -86.85
CA SER FA 84 41.35 -13.03 -87.78
CA LEU FA 85 41.92 -11.67 -84.27
CA THR FA 86 40.98 -7.99 -84.15
CA SER FA 87 39.76 -5.65 -81.43
CA GLU FA 88 36.22 -7.04 -81.89
CA ASP FA 89 37.40 -10.49 -80.78
CA SER FA 90 39.72 -8.98 -78.19
CA ALA FA 91 38.20 -10.99 -75.34
CA VAL FA 92 39.20 -13.57 -72.74
CA TYR FA 93 39.61 -16.94 -74.42
CA PHE FA 94 40.68 -19.45 -71.83
CA CYS FA 95 40.05 -22.76 -70.35
CA ALA FA 96 39.22 -24.36 -66.99
CA ARG FA 97 37.24 -27.28 -65.59
CA GLY FA 98 34.85 -26.30 -62.82
CA GLY FA 99 32.22 -24.71 -65.02
CA LEU FA 100 29.42 -26.36 -66.98
CA THR FA 101 30.01 -26.42 -70.81
CA ILE FA 102 31.73 -23.08 -70.11
CA ASP FA 103 35.26 -22.79 -68.78
CA TYR FA 104 36.54 -19.32 -68.48
CA TRP FA 105 39.84 -19.24 -66.49
CA GLY FA 106 40.21 -15.51 -66.53
CA GLN FA 107 43.82 -14.76 -67.44
CA GLY FA 108 42.71 -11.93 -69.71
CA THR FA 109 45.25 -11.64 -72.54
CA THR FA 110 43.17 -9.78 -75.14
CA LEU FA 111 44.12 -7.66 -78.12
CA THR FA 112 45.13 -4.11 -77.25
CA VAL FA 113 46.23 -2.59 -80.57
CA SER FA 114 48.32 0.56 -80.54
CA SER FA 115 50.52 3.26 -82.07
CA ALA FA 116 53.16 2.38 -79.62
CA LYS FA 117 55.29 -0.15 -77.88
CA THR FA 118 56.28 0.25 -74.22
CA THR FA 119 56.04 4.00 -73.80
CA ALA FA 120 57.10 6.49 -71.12
CA PRO FA 121 54.48 8.53 -69.21
CA SER FA 122 54.31 12.30 -69.78
CA VAL FA 123 53.71 13.50 -66.24
CA TYR FA 124 52.14 16.82 -65.32
CA PRO FA 125 50.51 18.47 -62.28
CA LEU FA 126 46.75 18.70 -61.90
CA ALA FA 127 47.24 21.30 -59.17
CA PRO FA 128 44.17 23.19 -57.82
CA VAL FA 129 42.85 26.68 -58.61
CA CYS FA 130 45.54 29.31 -59.16
CA GLY FA 131 44.06 31.87 -56.78
CA GLY FA 132 44.50 31.27 -53.07
CA THR FA 133 46.43 28.11 -52.11
CA THR FA 134 45.85 28.57 -48.37
CA GLY FA 135 42.81 26.88 -46.82
CA SER FA 136 41.79 23.93 -44.72
CA SER FA 137 42.23 21.27 -47.41
CA VAL FA 138 41.97 20.86 -51.19
CA THR FA 139 41.92 17.89 -53.55
CA LEU FA 140 45.05 17.63 -55.64
CA GLY FA 141 45.85 15.76 -58.84
CA CYS FA 142 48.56 14.82 -61.33
CA LEU FA 143 48.28 14.41 -65.11
CA VAL FA 144 49.85 11.31 -66.66
CA LYS FA 145 49.90 11.40 -70.45
CA GLY FA 146 50.73 9.13 -73.35
CA TYR FA 147 52.29 5.87 -72.19
CA PHE FA 148 52.09 2.11 -72.83
CA PRO FA 149 51.17 -0.27 -71.33
CA GLU FA 150 48.75 0.21 -68.45
CA PRO FA 151 49.29 1.09 -65.71
CA VAL FA 152 51.85 3.50 -64.35
CA THR FA 153 52.71 3.24 -60.66
CA LEU FA 154 51.82 6.79 -59.68
CA THR FA 155 53.47 7.15 -56.28
CA TRP FA 156 52.92 10.32 -54.29
CA ASN FA 157 56.29 11.43 -52.80
CA SER FA 158 57.79 8.25 -54.37
CA GLY FA 159 55.32 6.41 -52.14
CA SER FA 160 56.22 8.29 -48.95
CA LEU FA 161 53.01 10.25 -48.44
CA SER FA 162 50.95 8.04 -50.75
CA SER FA 163 48.20 6.78 -48.39
CA GLY FA 164 44.59 7.87 -48.67
CA VAL FA 165 44.90 8.32 -52.42
CA HIS FA 166 42.59 7.54 -55.33
CA THR FA 167 44.36 6.41 -58.47
CA PHE FA 168 42.32 6.60 -61.66
CA PRO FA 169 42.76 4.21 -64.62
CA ALA FA 170 43.98 5.35 -68.00
CA LEU FA 171 42.01 4.83 -71.20
CA LEU FA 172 42.82 4.02 -74.81
CA GLN FA 173 44.18 6.52 -77.32
CA SER FA 174 45.91 4.39 -79.99
CA GLY FA 175 47.73 2.63 -77.15
CA LEU FA 176 48.92 5.99 -75.74
CA TYR FA 177 47.43 6.29 -72.28
CA THR FA 178 46.13 9.28 -70.32
CA LEU FA 179 45.95 8.85 -66.54
CA SER FA 180 45.40 10.91 -63.41
CA SER FA 181 45.38 10.25 -59.64
CA SER FA 182 44.74 12.16 -56.44
CA VAL FA 183 46.42 12.93 -53.19
CA THR FA 184 44.16 15.09 -51.02
CA VAL FA 185 46.30 17.82 -49.51
CA THR FA 186 45.62 20.13 -46.67
CA SER FA 187 47.16 23.57 -46.68
CA ASN FA 188 49.20 21.80 -44.02
CA THR FA 189 50.14 19.46 -46.92
CA TRP FA 190 50.19 21.78 -49.95
CA PRO FA 191 51.55 24.59 -50.29
CA SER FA 192 53.11 23.34 -47.07
CA GLN FA 193 54.43 19.77 -47.38
CA THR FA 194 56.30 18.21 -50.25
CA ILE FA 195 53.69 16.28 -52.15
CA THR FA 196 55.36 14.95 -55.27
CA CYS FA 197 53.77 12.97 -58.10
CA ASN FA 198 56.48 10.38 -58.69
CA VAL FA 199 55.03 8.43 -61.61
CA ALA FA 200 57.24 5.44 -62.23
CA HIS FA 201 56.54 2.99 -65.06
CA PRO FA 202 58.00 -0.48 -64.37
CA ALA FA 203 57.55 -1.78 -67.94
CA SER FA 204 59.60 0.99 -69.61
CA SER FA 205 61.68 1.62 -66.42
CA THR FA 206 60.53 5.27 -66.63
CA LYS FA 207 60.74 6.79 -63.14
CA VAL FA 208 59.46 10.36 -63.52
CA ASP FA 209 59.96 12.71 -60.61
CA LYS FA 210 57.32 15.43 -60.89
CA LYS FA 211 56.49 17.88 -58.13
CA ILE FA 212 52.99 19.32 -58.33
CA GLU FA 213 53.76 22.82 -59.57
CA SER FA 214 52.36 26.02 -58.12
CA ARG FA 215 50.60 27.83 -60.91
CA ARG FA 216 50.06 31.58 -60.81
CA ASP GA 1 19.60 -20.61 -79.15
CA ILE GA 2 17.41 -19.57 -76.21
CA VAL GA 3 17.96 -16.07 -74.87
CA LEU GA 4 18.39 -15.92 -71.10
CA THR GA 5 17.51 -12.49 -69.75
CA GLN GA 6 18.11 -12.09 -66.03
CA SER GA 7 17.60 -9.89 -63.00
CA PRO GA 8 18.38 -6.40 -64.35
CA ALA GA 9 22.19 -6.50 -64.55
CA THR GA 10 22.95 -5.06 -61.08
CA LEU GA 11 21.62 -5.72 -57.59
CA SER GA 12 22.99 -4.35 -54.35
CA VAL GA 13 22.77 -5.93 -50.88
CA THR GA 14 24.40 -5.38 -47.49
CA PRO GA 15 26.60 -8.42 -46.70
CA GLY GA 16 24.59 -10.49 -44.26
CA ASP GA 17 21.20 -9.86 -45.89
CA SER GA 18 18.65 -11.55 -48.13
CA VAL GA 19 17.99 -11.03 -51.87
CA SER GA 20 17.11 -13.14 -54.90
CA LEU GA 21 18.78 -13.21 -58.32
CA SER GA 22 16.80 -14.23 -61.39
CA CYS GA 23 17.10 -15.52 -64.93
CA ARG GA 24 14.42 -15.55 -67.64
CA ALA GA 25 14.69 -17.84 -70.66
CA SER GA 26 13.05 -17.06 -73.99
CA GLN GA 27 11.86 -20.60 -74.65
CA SER GA 28 11.04 -22.66 -71.57
CA ILE GA 29 14.25 -24.72 -71.49
CA SER GA 30 14.33 -25.10 -67.75
CA ASP GA 31 16.98 -27.45 -66.53
CA ASN GA 32 20.34 -26.44 -67.96
CA LEU GA 33 21.26 -23.03 -66.54
CA HIS GA 34 22.65 -22.41 -63.14
CA TRP GA 35 23.48 -20.14 -60.29
CA TYR GA 36 27.03 -19.05 -60.96
CA GLN GA 37 29.31 -17.36 -58.46
CA GLN GA 38 31.29 -15.52 -61.12
CA LYS GA 39 33.33 -12.37 -60.67
CA SER GA 40 35.68 -10.49 -63.00
CA HIS GA 41 38.39 -12.67 -64.66
CA GLU GA 42 37.08 -15.75 -62.88
CA SER GA 43 35.18 -18.75 -64.23
CA PRO GA 44 31.45 -19.24 -63.76
CA GLY GA 45 31.58 -21.37 -60.66
CA LEU GA 46 28.05 -22.43 -59.81
CA LEU GA 47 26.60 -21.98 -56.34
CA ILE GA 48 23.64 -24.09 -57.52
CA LYS GA 49 23.56 -26.32 -60.57
CA TYR GA 50 20.64 -26.83 -62.93
CA ALA GA 51 18.81 -23.77 -61.54
CA SER GA 52 17.72 -25.67 -58.42
CA GLN GA 53 20.12 -28.52 -57.54
CA SER GA 54 22.22 -27.83 -54.44
CA ILE GA 55 26.01 -28.13 -54.36
CA SER GA 56 28.40 -29.27 -51.65
CA GLY GA 57 31.25 -26.97 -50.65
CA ILE GA 58 29.14 -23.90 -51.40
CA PRO GA 59 27.29 -23.03 -48.16
CA SER GA 60 23.52 -23.49 -47.96
CA ARG GA 61 23.10 -19.69 -47.76
CA PHE GA 62 23.14 -19.54 -51.58
CA SER GA 63 19.77 -21.12 -52.35
CA GLY GA 64 18.92 -21.33 -56.02
CA SER GA 65 15.45 -22.52 -56.90
CA GLY GA 66 13.01 -22.21 -59.72
CA SER GA 67 13.34 -23.78 -63.12
CA GLY GA 68 12.18 -22.52 -66.47
CA THR GA 69 11.27 -19.10 -67.45
CA ASP GA 70 11.12 -18.04 -63.81
CA PHE GA 71 14.28 -18.36 -61.76
CA THR GA 72 15.45 -17.56 -58.25
CA LEU GA 73 18.74 -17.50 -56.36
CA SER GA 74 17.72 -16.52 -52.86
CA ILE GA 75 21.02 -15.73 -51.19
CA ASN GA 76 21.09 -14.75 -47.52
CA SER GA 77 23.54 -14.04 -44.67
CA VAL GA 78 25.96 -13.21 -47.44
CA GLU GA 79 29.61 -12.12 -47.32
CA THR GA 80 31.29 -9.33 -49.31
CA GLU GA 81 33.58 -11.53 -51.46
CA ASP GA 82 30.60 -13.75 -52.40
CA PHE GA 83 29.26 -10.90 -54.56
CA GLY GA 84 29.86 -10.41 -58.25
CA MET GA 85 28.30 -11.52 -61.46
CA TYR GA 86 25.61 -14.15 -60.77
CA PHE GA 87 24.40 -16.15 -63.73
CA CYS GA 88 22.93 -19.06 -65.66
CA GLN GA 89 24.01 -20.58 -68.99
CA GLN GA 90 21.63 -22.13 -71.55
CA SER GA 91 22.57 -25.51 -72.95
CA ASN GA 92 19.22 -27.17 -73.65
CA SER GA 93 18.57 -26.57 -77.35
CA TRP GA 94 22.00 -25.17 -78.14
CA PRO GA 95 23.75 -22.93 -79.79
CA TYR GA 96 24.84 -22.27 -76.23
CA THR GA 97 23.53 -19.09 -74.67
CA PHE GA 98 24.72 -17.25 -71.59
CA GLY GA 99 22.56 -15.31 -69.17
CA GLY GA 100 21.65 -11.67 -69.59
CA GLY GA 101 23.72 -10.15 -66.81
CA THR GA 102 23.34 -9.72 -63.07
CA LYS GA 103 25.63 -7.94 -60.62
CA LEU GA 104 25.19 -7.61 -56.88
CA GLU GA 105 26.89 -5.19 -54.65
CA ILE GA 106 27.31 -3.81 -51.11
CA LYS GA 107 24.54 -1.48 -49.92
CA ARG GA 108 24.99 1.64 -47.97
CA ALA GA 109 23.54 5.15 -48.03
CA ASP GA 110 24.29 6.77 -51.35
CA ALA GA 111 27.03 9.36 -51.72
CA ALA GA 112 27.97 12.26 -54.04
CA PRO GA 113 31.05 12.90 -56.23
CA THR GA 114 33.83 15.23 -55.18
CA VAL GA 115 34.42 18.83 -56.29
CA SER GA 116 37.85 19.42 -57.85
CA ILE GA 117 39.07 22.12 -60.20
CA PHE GA 118 42.47 21.54 -61.79
CA PRO GA 119 43.16 24.01 -64.63
CA PRO GA 120 45.85 23.38 -67.23
CA SER GA 121 49.07 25.07 -66.17
CA SER GA 122 52.02 25.73 -68.49
CA GLU GA 123 52.93 22.07 -67.83
CA GLN GA 124 49.74 20.79 -69.46
CA LEU GA 125 50.49 23.28 -72.25
CA THR GA 126 53.69 21.23 -72.67
CA SER GA 127 51.68 17.99 -72.78
CA GLY GA 128 51.07 18.58 -76.49
CA GLY GA 129 47.74 20.19 -75.72
CA ALA GA 130 46.22 21.08 -72.36
CA SER GA 131 44.31 19.33 -69.57
CA VAL GA 132 41.64 20.59 -67.21
CA VAL GA 133 40.72 17.50 -65.20
CA CYS GA 134 37.95 17.36 -62.61
CA PHE GA 135 37.89 14.70 -59.90
CA LEU GA 136 34.54 13.24 -58.89
CA ASN GA 137 35.05 10.66 -56.16
CA ASN GA 138 33.82 8.92 -52.99
CA PHE GA 139 30.35 8.12 -54.29
CA TYR GA 140 27.93 5.18 -54.65
CA PRO GA 141 26.48 3.95 -57.07
CA LYS GA 142 28.04 4.79 -60.46
CA ASP GA 143 25.21 7.09 -61.64
CA ILE GA 144 27.39 10.06 -62.55
CA ASN GA 145 27.40 11.53 -66.03
CA VAL GA 146 29.82 14.41 -66.51
CA LYS GA 147 29.27 17.40 -68.80
CA TRP GA 148 32.11 19.59 -70.04
CA LYS GA 149 31.44 23.24 -70.83
CA ILE GA 150 33.05 26.57 -71.55
CA ASP GA 151 31.27 28.60 -68.81
CA GLY GA 152 27.89 26.94 -69.31
CA SER GA 153 28.15 26.63 -73.11
CA GLU GA 154 27.63 22.89 -73.61
CA ARG GA 155 30.15 20.72 -75.43
CA GLN GA 156 30.59 16.98 -75.91
CA ASN GA 157 34.06 16.34 -77.31
CA GLY GA 158 37.17 15.51 -75.34
CA VAL GA 159 35.14 13.96 -72.51
CA LEU GA 160 37.44 11.43 -70.85
CA ASN GA 161 35.71 9.70 -67.94
CA SER GA 162 38.01 7.43 -65.92
CA TRP GA 163 36.16 5.18 -63.46
CA THR GA 164 37.59 3.15 -60.59
CA ASP GA 165 36.77 0.06 -58.53
CA GLN GA 166 34.51 -0.60 -55.54
CA ASP GA 167 35.86 -0.22 -52.04
CA SER GA 168 34.69 -3.32 -50.23
CA LYS GA 169 34.40 -1.56 -46.84
CA ASP GA 170 31.79 1.04 -47.73
CA SER GA 171 30.88 0.55 -51.44
CA THR GA 172 32.60 3.87 -52.07
CA TYR GA 173 34.09 4.74 -55.44
CA SER GA 174 36.37 7.22 -57.21
CA MET GA 175 36.47 8.70 -60.71
CA SER GA 176 38.54 11.00 -62.91
CA SER GA 177 36.86 13.24 -65.45
CA THR GA 178 39.53 14.49 -67.86
CA LEU GA 179 39.00 17.02 -70.63
CA THR GA 180 40.98 16.37 -73.80
CA LEU GA 181 41.91 19.67 -75.43
CA THR GA 182 44.64 21.57 -77.26
CA LYS GA 183 47.08 24.29 -76.15
CA ASP GA 184 45.78 27.00 -78.50
CA GLU GA 185 42.25 25.82 -77.72
CA TYR GA 186 43.10 26.55 -74.10
CA GLU GA 187 44.63 29.86 -75.19
CA ARG GA 188 41.49 30.90 -77.11
CA HIS GA 189 39.26 30.96 -74.01
CA ASN GA 190 39.67 31.63 -70.32
CA SER GA 191 37.57 29.15 -68.38
CA TYR GA 192 36.69 25.49 -68.99
CA THR GA 193 33.87 23.97 -67.05
CA CYS GA 194 32.85 20.58 -65.64
CA GLU GA 195 30.04 19.32 -63.39
CA ALA GA 196 29.29 16.68 -60.76
CA THR GA 197 25.99 14.82 -60.62
CA HIS GA 198 24.58 12.08 -58.42
CA LYS GA 199 21.13 11.21 -57.18
CA THR GA 200 22.51 12.70 -53.94
CA SER GA 201 24.15 15.59 -55.79
CA THR GA 202 21.14 16.12 -58.05
CA SER GA 203 22.42 19.53 -59.06
CA PRO GA 204 25.19 19.44 -61.64
CA ILE GA 205 27.94 20.86 -59.47
CA VAL GA 206 28.99 23.22 -62.24
CA LYS GA 207 32.61 24.05 -61.43
CA SER GA 208 35.33 25.81 -63.41
CA PHE GA 209 38.45 27.97 -63.13
CA ASN GA 210 39.97 31.03 -64.72
CA ARG GA 211 43.42 31.68 -66.09
CA ASN GA 212 43.27 33.75 -62.90
CA GLU GA 213 41.90 30.94 -60.82
CA TYR HA 1 34.29 -26.08 29.52
CA GLU HA 2 35.16 -29.61 30.59
CA HIS HA 3 32.81 -31.71 28.47
CA VAL HA 4 32.62 -35.09 30.17
CA THR HA 5 30.78 -37.54 27.91
CA VAL HA 6 30.26 -41.29 27.89
CA ILE HA 7 30.62 -42.84 24.44
CA PRO HA 8 29.59 -46.46 23.77
CA ASN HA 9 31.96 -49.20 22.65
CA THR HA 10 31.73 -49.99 18.95
CA VAL HA 11 33.56 -50.67 15.75
CA GLY HA 12 33.73 -47.45 13.77
CA VAL HA 13 30.20 -46.11 14.40
CA PRO HA 14 30.33 -42.31 14.85
CA TYR HA 15 28.34 -41.46 17.96
CA LYS HA 16 26.91 -37.94 17.87
CA THR HA 17 28.41 -36.12 20.83
CA LEU HA 18 26.67 -32.90 21.80
CA VAL HA 19 29.38 -30.43 22.77
CA ASN HA 20 27.06 -27.73 24.05
CA ARG HA 21 28.83 -24.51 24.76
CA PRO HA 22 28.00 -22.51 27.90
CA GLY HA 23 26.00 -19.69 26.40
CA TYR HA 24 27.16 -20.05 22.82
CA SER HA 25 26.10 -22.00 19.72
CA PRO HA 26 27.08 -25.68 20.20
CA MET HA 27 29.29 -27.66 17.84
CA VAL HA 28 27.92 -31.19 18.10
CA LEU HA 29 30.81 -33.44 17.13
CA GLU HA 30 30.69 -37.15 16.37
CA MET HA 31 33.32 -39.67 17.50
CA GLU HA 32 33.99 -43.31 16.70
CA LEU HA 33 36.51 -45.59 18.32
CA LEU HA 34 38.62 -48.01 16.33
CA SER HA 35 40.41 -50.46 18.66
CA VAL HA 36 39.95 -51.50 22.28
CA THR HA 37 43.35 -53.02 22.96
CA LEU HA 38 43.36 -54.52 26.46
CA GLU HA 39 46.35 -56.65 27.32
CA PRO HA 40 46.72 -59.45 29.87
CA THR HA 41 50.01 -60.39 31.47
CA LEU HA 42 52.31 -63.25 30.64
CA SER HA 43 53.96 -65.27 33.39
CA LEU HA 44 55.73 -68.46 32.41
CA ASP HA 45 54.73 -71.70 34.09
CA TYR HA 46 56.48 -73.97 31.60
CA ILE HA 47 57.14 -74.55 27.95
CA THR HA 48 56.94 -77.97 26.37
CA CYS HA 49 58.84 -79.60 23.53
CA GLU HA 50 58.75 -82.82 21.63
CA TYR HA 51 60.55 -85.71 23.26
CA LYS HA 52 64.01 -86.68 22.08
CA THR HA 53 64.88 -90.12 23.36
CA VAL HA 54 68.61 -89.72 22.82
CA ILE HA 55 69.70 -93.35 22.63
CA PRO HA 56 73.48 -93.82 22.64
CA SER HA 57 75.16 -97.10 21.84
CA PRO HA 58 74.18 -100.09 24.01
CA TYR HA 59 76.34 -101.53 26.77
CA VAL HA 60 77.10 -105.15 25.88
CA LYS HA 61 79.36 -107.66 27.66
CA CYS HA 62 80.94 -110.89 26.39
CA CYS HA 63 80.32 -114.04 28.48
CA GLY HA 64 79.42 -111.91 31.48
CA THR HA 65 76.63 -109.93 33.08
CA ALA HA 66 76.46 -106.23 32.22
CA GLU HA 67 75.71 -103.79 35.04
CA CYS HA 68 73.06 -101.11 35.51
CA LYS HA 69 74.86 -97.95 36.61
CA ASP HA 70 72.11 -95.56 37.63
CA LYS HA 71 72.67 -91.84 37.46
CA ASN HA 72 70.68 -88.73 36.80
CA LEU HA 73 69.86 -88.12 33.16
CA PRO HA 74 66.57 -86.46 32.15
CA ASP HA 75 64.22 -89.46 32.28
CA TYR HA 76 67.20 -91.80 32.66
CA SER HA 77 66.74 -95.43 31.73
CA CYS HA 78 69.12 -98.37 31.45
CA LYS HA 79 68.26 -102.05 31.70
CA VAL HA 80 70.64 -104.96 31.24
CA PHE HA 81 69.37 -107.48 28.72
CA THR HA 82 70.92 -110.87 29.26
CA GLY HA 83 71.28 -113.98 27.15
CA VAL HA 84 71.17 -112.16 23.82
CA TYR HA 85 73.35 -113.60 21.04
CA PRO HA 86 73.78 -110.49 18.90
CA PHE HA 87 74.76 -110.59 15.24
CA MET HA 88 76.62 -108.18 13.01
CA TRP HA 89 77.37 -108.39 9.26
CA GLY HA 90 79.49 -111.50 9.44
CA GLY HA 91 77.22 -113.29 11.88
CA ALA HA 92 77.39 -113.15 15.64
CA TYR HA 93 79.03 -110.33 17.61
CA CYS HA 94 80.52 -112.91 19.98
CA PHE HA 95 80.68 -116.69 20.29
CA CYS HA 96 79.32 -117.07 23.71
CA ASP HA 97 77.21 -120.22 23.54
CA ALA HA 98 74.20 -118.37 24.96
CA GLU HA 99 75.41 -115.26 27.38
CA ASN HA 100 75.86 -111.83 25.97
CA THR HA 101 74.36 -109.18 28.24
CA GLN HA 102 73.51 -105.90 26.56
CA LEU HA 103 72.35 -102.86 28.54
CA SER HA 104 70.40 -100.38 26.47
CA GLU HA 105 70.78 -96.74 27.48
CA ALA HA 106 68.01 -94.27 26.70
CA HIS HA 107 67.01 -90.93 28.16
CA VAL HA 108 65.22 -87.82 26.93
CA GLU HA 109 66.38 -84.24 26.36
CA LYS HA 110 64.69 -81.05 25.12
CA SER HA 111 64.45 -79.90 21.54
CA GLU HA 112 66.49 -77.55 19.40
CA SER HA 113 63.22 -77.03 17.53
CA CYS HA 114 61.45 -76.07 20.78
CA LYS HA 115 64.09 -73.40 21.33
CA THR HA 116 62.35 -71.22 18.77
CA GLU HA 117 59.01 -72.92 18.00
CA PHE HA 118 57.18 -74.51 20.88
CA ALA HA 119 54.05 -74.59 22.98
CA SER HA 120 54.36 -72.42 26.07
CA ALA HA 121 52.16 -72.59 29.17
CA TYR HA 122 51.62 -69.39 31.09
CA ARG HA 123 49.10 -67.26 32.96
CA ALA HA 124 47.56 -64.08 31.57
CA HIS HA 125 46.18 -61.80 34.23
CA THR HA 126 45.72 -58.04 33.99
CA ALA HA 127 43.50 -55.37 32.46
CA SER HA 128 45.48 -52.69 30.63
CA ALA HA 129 43.23 -51.20 27.98
CA SER HA 130 44.31 -49.13 24.96
CA ALA HA 131 42.09 -47.04 22.70
CA LYS HA 132 42.11 -45.76 19.12
CA LEU HA 133 39.57 -42.96 18.87
CA ARG HA 134 38.54 -40.75 15.94
CA VAL HA 135 37.19 -37.20 16.31
CA LEU HA 136 36.17 -34.71 13.66
CA TYR HA 137 37.82 -31.79 15.34
CA GLN HA 138 35.65 -28.84 14.38
CA GLY HA 139 35.06 -31.11 11.40
CA ASN HA 140 38.75 -32.00 11.08
CA ASN HA 141 38.90 -35.79 10.77
CA ILE HA 142 41.69 -36.76 13.17
CA THR HA 143 42.34 -39.93 15.14
CA VAL HA 144 43.64 -39.76 18.72
CA THR HA 145 45.36 -42.58 20.57
CA ALA HA 146 44.46 -43.42 24.13
CA TYR HA 147 44.44 -45.95 26.88
CA ALA HA 148 40.83 -46.96 27.46
CA ASN HA 149 41.25 -46.77 31.22
CA GLY HA 150 41.65 -43.60 33.27
CA ASP HA 151 45.43 -43.20 32.99
CA HIS HA 152 46.54 -41.99 29.53
CA ALA HA 153 45.70 -38.39 28.71
CA VAL HA 154 47.51 -36.34 26.05
CA THR HA 155 46.70 -32.92 24.64
CA VAL HA 156 46.27 -32.69 20.88
CA LYS HA 157 44.99 -29.60 19.03
CA ASP HA 158 44.01 -27.47 22.08
CA ALA HA 159 42.12 -30.29 23.83
CA LYS HA 160 42.87 -33.44 25.82
CA PHE HA 161 40.75 -36.33 27.06
CA ILE HA 162 40.17 -38.78 29.86
CA VAL HA 163 39.16 -41.90 27.93
CA GLY HA 164 37.68 -44.36 30.37
CA PRO HA 165 38.07 -45.94 32.89
CA MET HA 166 36.54 -49.08 31.49
CA SER HA 167 33.07 -50.05 32.68
CA SER HA 168 33.05 -53.68 31.57
CA ALA HA 169 36.00 -55.65 32.99
CA TRP HA 170 35.36 -58.72 30.81
CA THR HA 171 38.39 -60.55 29.45
CA PRO HA 172 38.51 -63.50 27.02
CA PHE HA 173 41.71 -64.64 28.75
CA ASP HA 174 41.63 -67.42 31.35
CA ASN HA 175 44.24 -68.18 33.99
CA LYS HA 176 45.78 -71.20 32.22
CA ILE HA 177 46.61 -70.59 28.59
CA VAL HA 178 49.17 -71.98 26.11
CA VAL HA 179 50.76 -70.09 23.22
CA TYR HA 180 52.39 -72.01 20.36
CA LYS HA 181 54.71 -70.51 17.67
CA GLY HA 182 52.03 -68.07 16.54
CA ASP HA 183 48.68 -68.93 18.10
CA VAL HA 184 47.42 -68.92 21.69
CA TYR HA 185 45.20 -71.61 23.20
CA ASN HA 186 43.22 -71.22 26.45
CA MET HA 187 43.31 -74.87 27.41
CA ASP HA 188 43.60 -75.23 31.17
CA TYR HA 189 46.94 -77.00 31.06
CA PRO HA 190 48.24 -79.37 33.69
CA PRO HA 191 50.93 -77.13 35.21
CA PHE HA 192 54.67 -77.59 35.77
CA GLY HA 193 55.75 -81.09 36.73
CA ALA HA 194 52.32 -82.57 35.95
CA GLY HA 195 52.93 -83.85 32.43
CA ARG HA 196 51.76 -87.45 32.28
CA PRO HA 197 53.23 -89.98 29.81
CA GLY HA 198 51.68 -89.21 26.47
CA GLN HA 199 50.15 -86.04 27.84
CA PHE HA 200 50.77 -82.51 26.52
CA GLY HA 201 53.71 -81.22 28.50
CA ASP HA 202 55.33 -84.49 29.56
CA ILE HA 203 58.62 -82.82 28.67
CA GLN HA 204 58.24 -79.83 30.89
CA SER HA 205 60.63 -76.94 31.47
CA ARG HA 206 60.09 -73.26 32.11
CA THR HA 207 62.12 -71.55 29.40
CA PRO HA 208 63.39 -73.29 26.21
CA GLU HA 209 67.00 -73.09 27.42
CA SER HA 210 66.08 -74.09 30.98
CA LYS HA 211 67.13 -77.61 31.93
CA ASP HA 212 64.60 -77.91 34.79
CA VAL HA 213 63.43 -81.03 33.02
CA TYR HA 214 60.31 -82.68 34.27
CA ALA HA 215 60.17 -85.76 32.11
CA ASN HA 216 57.43 -88.31 32.72
CA THR HA 217 57.24 -89.74 29.21
CA GLN HA 218 57.76 -93.54 29.52
CA LEU HA 219 61.45 -94.17 28.80
CA VAL HA 220 61.49 -97.98 28.97
CA LEU HA 221 63.25 -100.73 26.97
CA GLN HA 222 61.89 -104.26 26.68
CA ARG HA 223 64.71 -106.59 25.36
CA PRO HA 224 66.48 -107.44 22.12
CA ALA HA 225 65.44 -111.07 22.28
CA ALA HA 226 68.36 -113.29 21.26
CA GLY HA 227 69.18 -112.35 17.72
CA THR HA 228 71.05 -109.22 16.68
CA VAL HA 229 72.57 -105.89 17.66
CA HIS HA 230 69.28 -104.35 18.45
CA VAL HA 231 67.36 -101.88 20.59
CA PRO HA 232 63.58 -102.37 20.55
CA TYR HA 233 61.77 -99.50 22.16
CA SER HA 234 58.37 -99.53 23.77
CA GLN HA 235 57.08 -96.04 23.11
CA ALA HA 236 57.79 -92.70 24.63
CA PRO HA 237 54.38 -91.10 24.00
CA SER HA 238 54.67 -87.44 23.52
CA GLY HA 239 53.80 -83.85 24.28
CA PHE HA 240 53.81 -82.43 20.71
CA LYS HA 241 52.93 -85.52 18.63
CA TYR HA 242 50.10 -85.73 21.19
CA TRP HA 243 49.34 -82.01 20.79
CA LEU HA 244 49.27 -81.60 16.99
CA LYS HA 245 45.76 -83.07 16.70
CA GLU HA 246 44.27 -81.42 19.81
CA ARG HA 247 45.31 -77.85 19.02
CA GLY HA 248 41.72 -76.93 18.29
CA ALA HA 249 40.73 -73.27 18.18
CA SER HA 250 42.80 -70.25 19.13
CA LEU HA 251 41.55 -67.35 21.25
CA GLN HA 252 40.86 -65.42 18.06
CA HIS HA 253 38.61 -68.38 17.22
CA THR HA 254 36.73 -68.78 20.50
CA ALA HA 255 36.36 -65.30 22.02
CA PRO HA 256 32.82 -63.92 22.36
CA PHE HA 257 31.91 -60.44 21.11
CA GLY HA 258 33.46 -61.66 17.83
CA CYS HA 259 36.82 -59.91 18.07
CA GLN HA 260 40.20 -61.36 17.26
CA ILE HA 261 43.10 -61.63 19.67
CA ALA HA 262 46.31 -59.95 18.55
CA THR HA 263 49.44 -61.82 19.52
CA ASN HA 264 53.17 -61.31 20.31
CA PRO HA 265 52.56 -60.10 23.06
CA VAL HA 266 48.97 -61.37 23.37
CA ARG HA 267 46.08 -58.92 23.83
CA ALA HA 268 42.43 -58.57 22.83
CA VAL HA 269 41.63 -56.08 20.10
CA ASN HA 270 38.24 -54.33 20.11
CA CYS HA 271 35.49 -56.50 21.50
CA ALA HA 272 32.64 -53.97 21.55
CA VAL HA 273 31.65 -54.29 25.22
CA GLY HA 274 30.42 -51.55 27.53
CA ASN HA 275 31.05 -47.83 27.13
CA MET HA 276 33.80 -45.21 27.25
CA PRO HA 277 33.65 -42.35 29.74
CA ILE HA 278 35.37 -39.54 27.83
CA SER HA 279 36.24 -36.32 29.66
CA ILE HA 280 37.35 -33.74 27.08
CA ASP HA 281 37.64 -29.96 27.42
CA ILE HA 282 36.89 -26.96 25.23
CA PRO HA 283 37.50 -23.26 25.89
CA GLU HA 284 35.22 -20.47 24.84
CA ALA HA 285 38.17 -18.86 23.05
CA ALA HA 286 38.93 -21.34 20.26
CA PHE HA 287 35.16 -21.82 19.94
CA THR HA 288 32.79 -19.22 18.54
CA ARG HA 289 29.84 -17.26 19.84
CA VAL HA 290 26.10 -17.60 19.34
CA VAL HA 291 25.95 -14.04 17.98
CA ASP HA 292 28.36 -14.46 15.02
CA ALA HA 293 26.85 -17.88 14.38
CA PRO HA 294 23.61 -17.26 12.46
CA SER HA 295 20.41 -17.50 14.47
CA LEU HA 296 17.78 -19.31 12.47
CA THR HA 297 14.00 -19.48 12.07
CA ASP HA 298 11.50 -20.52 9.37
CA MET HA 299 12.54 -24.18 9.68
CA SER HA 300 9.84 -26.26 7.99
CA CYS HA 301 9.90 -29.86 9.20
CA GLU HA 302 9.85 -32.52 6.50
CA VAL HA 303 11.85 -35.44 5.19
CA PRO HA 304 12.22 -36.54 1.59
CA ALA HA 305 12.38 -40.12 2.91
CA CYS HA 306 13.53 -42.19 5.87
CA THR HA 307 13.94 -45.96 6.27
CA HIS HA 308 13.99 -47.28 9.82
CA SER HA 309 16.63 -50.00 9.74
CA SER HA 310 20.29 -50.10 10.77
CA ASP HA 311 21.17 -48.33 7.50
CA PHE HA 312 21.54 -44.60 6.82
CA GLY HA 313 18.26 -44.73 4.91
CA GLY HA 314 17.04 -41.48 6.40
CA VAL HA 315 17.52 -37.88 5.36
CA ALA HA 316 15.71 -34.67 6.31
CA ILE HA 317 15.53 -31.49 4.25
CA ILE HA 318 14.95 -28.33 6.28
CA LYS HA 319 13.85 -25.21 4.41
CA TYR HA 320 14.68 -22.19 6.51
CA ALA HA 321 15.92 -18.61 6.86
CA ALA HA 322 18.90 -17.88 9.11
CA SER HA 323 20.48 -14.50 9.86
CA LYS HA 324 24.19 -14.27 9.05
CA LYS HA 325 26.95 -16.20 7.32
CA GLY HA 326 28.56 -18.96 9.36
CA LYS HA 327 28.73 -22.66 10.17
CA CYS HA 328 26.28 -24.49 12.40
CA ALA HA 329 25.67 -27.74 14.28
CA VAL HA 330 22.82 -30.29 14.22
CA HIS HA 331 21.56 -32.36 17.16
CA SER HA 332 18.43 -34.36 17.87
CA MET HA 333 17.93 -35.66 21.43
CA THR HA 334 16.44 -38.79 19.91
CA ASN HA 335 19.42 -41.09 20.37
CA ALA HA 336 17.82 -44.03 18.53
CA VAL HA 337 17.82 -41.85 15.42
CA THR HA 338 21.49 -41.14 14.79
CA ILE HA 339 22.22 -38.16 12.54
CA ARG HA 340 25.09 -38.62 10.10
CA GLU HA 341 26.51 -35.10 9.79
CA ALA HA 342 26.17 -32.00 11.96
CA GLU HA 343 28.60 -29.30 10.80
CA ILE HA 344 27.04 -27.37 7.92
CA GLU HA 345 27.76 -23.83 6.75
CA VAL HA 346 23.60 -21.68 7.20
CA GLU HA 347 24.20 -18.43 5.24
CA GLY HA 348 20.86 -16.78 6.00
CA ASN HA 349 17.92 -17.66 3.77
CA SER HA 350 18.70 -21.13 2.42
CA GLN HA 351 18.03 -24.86 2.72
CA LEU HA 352 20.30 -27.56 4.14
CA GLN HA 353 20.46 -31.34 4.35
CA ILE HA 354 21.03 -33.79 7.16
CA SER HA 355 20.98 -37.56 6.72
CA PHE HA 356 20.46 -40.03 9.54
CA SER HA 357 20.20 -43.66 10.49
CA THR HA 358 16.55 -44.08 11.26
CA ALA HA 359 14.65 -45.74 14.09
CA LEU HA 360 11.09 -44.47 14.44
CA ALA HA 361 8.26 -45.40 12.09
CA SER HA 362 6.69 -41.97 12.63
CA ALA HA 363 9.87 -40.01 13.33
CA GLU HA 364 8.33 -37.04 15.15
CA PHE HA 365 11.28 -35.56 17.03
CA ARG HA 366 13.08 -32.25 17.54
CA VAL HA 367 16.44 -31.00 16.30
CA GLN HA 368 18.55 -28.57 18.29
CA VAL HA 369 20.19 -26.34 15.69
CA CYS HA 370 22.78 -24.10 17.45
CA SER HA 371 20.81 -23.30 20.67
CA THR HA 372 17.59 -23.03 18.64
CA GLN HA 373 14.91 -25.68 18.76
CA VAL HA 374 12.93 -26.91 15.77
CA HIS HA 375 10.80 -30.04 15.64
CA CYS HA 376 11.36 -32.50 12.78
CA ALA HA 377 8.37 -34.29 11.24
CA ALA HA 378 8.68 -37.63 9.42
CA GLU HA 379 6.70 -40.72 8.49
CA CYS HA 380 9.23 -43.43 7.77
CA HIS HA 381 9.99 -46.85 5.05
CA PRO HA 382 9.91 -50.33 6.54
CA PRO HA 383 13.19 -52.24 6.17
CA LYS HA 384 13.47 -53.94 2.79
CA ARG HA 385 16.32 -55.02 0.51
CA THR HA 386 19.01 -52.22 2.77
CA THR HA 387 21.01 -56.20 2.47
CA VAL HA 388 23.68 -58.41 4.14
CA TYR HA 389 27.05 -56.92 4.49
CA TYR HA 390 25.98 -52.92 6.17
CA PRO HA 391 29.06 -52.89 8.40
CA ALA HA 392 27.43 -51.09 11.36
CA SER HA 393 24.34 -50.66 13.46
CA HIS HA 394 23.12 -47.67 15.46
CA THR HA 395 18.92 -48.26 16.92
CA THR HA 396 17.14 -49.03 20.19
CA LEU HA 397 13.56 -50.11 19.60
CA GLY HA 398 11.59 -51.79 22.34
CA VAL HA 399 12.14 -48.88 24.66
CA GLN HA 400 8.15 -47.72 26.08
CA ASP HA 401 6.91 -45.39 23.36
CA ILE HA 402 6.59 -46.98 19.90
CA SER HA 403 4.06 -44.35 18.80
CA ALA HA 404 3.70 -44.61 15.02
CA THR HA 405 1.04 -43.88 12.40
CA ALA HA 406 -1.02 -46.88 13.57
CA MET HA 407 -0.76 -45.86 17.24
CA SER HA 408 -3.44 -43.17 16.71
CA TRP HA 409 -6.10 -45.88 16.95
CA VAL HA 410 -4.40 -47.39 20.01
CA GLN HA 411 -3.59 -44.20 21.93
CA LYS HA 412 -6.71 -42.15 21.18
CA ILE HA 413 -9.90 -44.13 20.65
CA THR HA 414 -9.57 -47.22 22.82
CA GLY HA 415 -7.54 -45.22 25.30
CA GLY HA 416 -10.70 -43.15 25.80
CA VAL HA 417 -12.92 -46.05 26.86
CA GLY HA 418 -12.36 -45.77 30.60
CA LEU HA 419 -14.85 -42.99 31.34
CA VAL HA 420 -17.68 -45.34 32.16
CA VAL HA 421 -16.64 -46.15 35.74
CA ALA HA 422 -18.68 -43.25 37.20
CA VAL HA 423 -22.15 -44.77 36.61
CA ALA HA 424 -22.17 -46.83 39.81
CA ALA HA 425 -21.19 -43.66 41.70
CA LEU HA 426 -23.15 -41.15 39.60
CA ILE HA 427 -26.72 -41.41 40.88
CA LEU HA 428 -26.36 -45.02 41.99
CA ILE HA 429 -24.60 -43.58 45.06
CA VAL HA 430 -27.99 -42.89 46.68
CA VAL HA 431 -28.63 -46.64 46.33
CA LEU HA 432 -25.18 -48.18 46.72
CA CYS HA 433 -23.47 -48.84 50.01
CA VAL HA 434 -23.87 -51.02 53.09
CA SER HA 435 -22.59 -48.13 55.20
CA PHE HA 436 -20.64 -45.45 53.29
CA SER HA 437 -22.40 -42.96 51.16
CA ARG HA 438 -25.45 -40.80 51.50
CA HIS HA 439 -26.35 -38.45 54.35
CA ASN IA 1 83.75 -76.68 5.36
CA PHE IA 2 81.98 -79.78 6.73
CA ASN IA 3 85.32 -81.12 7.99
CA VAL IA 4 83.77 -83.80 10.20
CA TYR IA 5 82.31 -86.00 7.45
CA LYS IA 6 85.86 -86.78 6.39
CA ALA IA 7 87.58 -88.70 9.22
CA THR IA 8 84.41 -90.72 9.86
CA ARG IA 9 83.33 -94.10 8.52
CA PRO IA 10 79.99 -95.77 7.82
CA TYR IA 11 78.67 -98.96 9.36
CA LEU IA 12 76.99 -101.96 7.77
CA ALA IA 13 74.03 -102.84 9.96
CA HIS IA 14 70.78 -104.73 9.73
CA CYS IA 15 68.00 -102.99 7.90
CA PRO IA 16 64.61 -103.91 9.45
CA ASP IA 17 63.41 -104.67 5.91
CA CYS IA 18 65.85 -104.64 3.00
CA GLY IA 19 63.02 -104.88 0.50
CA GLU IA 20 61.50 -108.12 -0.83
CA GLY IA 21 59.41 -108.44 2.36
CA HIS IA 22 62.41 -109.53 4.45
CA SER IA 23 65.51 -108.12 6.08
CA CYS IA 24 69.29 -108.25 5.87
CA HIS IA 25 72.30 -106.02 6.50
CA SER IA 26 72.70 -102.66 4.91
CA PRO IA 27 74.97 -99.64 4.36
CA VAL IA 28 71.78 -97.54 4.32
CA ALA IA 29 70.44 -98.95 7.60
CA LEU IA 30 68.49 -95.98 9.00
CA GLU IA 31 69.09 -94.65 12.50
CA ARG IA 32 67.20 -91.35 12.73
CA ILE IA 33 63.95 -89.99 11.26
CA ARG IA 34 62.87 -86.34 11.60
CA ASN IA 35 60.08 -84.37 9.93
CA GLU IA 36 59.48 -81.53 12.41
CA ALA IA 37 59.50 -79.18 9.40
CA THR IA 38 55.88 -78.07 8.97
CA ASP IA 39 56.17 -77.83 5.19
CA GLY IA 40 56.73 -81.60 5.23
CA THR IA 41 60.41 -81.97 4.36
CA LEU IA 42 61.83 -85.06 6.06
CA LYS IA 43 65.36 -85.31 7.46
CA ILE IA 44 66.89 -88.77 7.74
CA GLN IA 45 70.42 -89.63 8.81
CA VAL IA 46 71.56 -92.52 6.64
CA SER IA 47 74.26 -94.77 8.10
CA LEU IA 48 76.71 -94.02 5.30
CA GLN IA 49 77.63 -90.54 4.18
CA ILE IA 50 77.18 -89.03 0.74
CA GLY IA 51 79.12 -86.33 -1.05
CA ILE IA 52 82.63 -87.21 0.18
CA LYS IA 53 84.83 -90.08 -1.03
CA THR IA 54 87.06 -92.18 1.19
CA ASP IA 55 89.77 -89.55 0.51
CA ASP IA 56 88.30 -87.57 3.46
CA SER IA 57 88.22 -84.48 1.24
CA HIS IA 58 85.92 -81.55 0.40
CA ASP IA 59 84.46 -83.72 -2.37
CA TRP IA 60 81.00 -83.74 -3.88
CA THR IA 61 81.18 -86.30 -6.68
CA LYS IA 62 81.07 -89.61 -4.76
CA LEU IA 63 79.83 -91.14 -1.49
CA ARG IA 64 81.54 -93.07 1.29
CA TYR IA 65 79.82 -96.33 2.16
CA MET IA 66 80.93 -99.29 4.28
CA ASP IA 67 82.02 -102.54 2.58
CA ASN IA 68 84.57 -105.33 3.20
CA HIS IA 69 85.66 -104.12 6.68
CA MET IA 70 86.43 -100.65 5.31
CA PRO IA 71 84.85 -97.47 3.94
CA ALA IA 72 84.22 -97.99 0.23
CA ASP IA 73 83.21 -95.50 -2.46
CA ALA IA 74 80.18 -95.22 -4.69
CA GLU IA 75 78.96 -92.35 -6.87
CA ARG IA 76 76.96 -89.38 -5.59
CA ALA IA 77 74.16 -89.70 -8.15
CA GLY IA 78 73.30 -93.33 -7.36
CA LEU IA 79 70.63 -92.49 -4.78
CA PHE IA 80 66.94 -93.33 -5.05
CA VAL IA 81 64.12 -93.08 -2.48
CA ARG IA 82 60.46 -94.08 -2.54
CA THR IA 83 57.80 -93.50 0.11
CA SER IA 84 54.79 -94.56 -1.94
CA ALA IA 85 55.96 -92.99 -5.20
CA PRO IA 86 59.61 -92.33 -6.10
CA CYS IA 87 59.71 -88.97 -4.43
CA THR IA 88 61.74 -85.82 -4.87
CA ILE IA 89 64.86 -84.55 -3.10
CA THR IA 90 65.62 -81.02 -1.88
CA GLY IA 91 69.27 -81.22 -0.77
CA THR IA 92 71.51 -83.84 0.83
CA ILE IA 93 74.95 -83.55 2.44
CA GLY IA 94 76.97 -85.80 4.73
CA HIS IA 95 75.23 -88.70 6.49
CA PHE IA 96 71.97 -86.81 6.02
CA ILE IA 97 69.17 -87.06 3.45
CA LEU IA 98 66.31 -84.63 2.89
CA ALA IA 99 63.34 -85.24 0.59
CA ARG IA 100 60.23 -83.45 -0.68
CA CYS IA 101 57.25 -85.79 -0.96
CA PRO IA 102 53.70 -86.11 0.46
CA LYS IA 103 51.87 -88.64 2.65
CA GLY IA 104 53.10 -92.22 2.78
CA GLU IA 105 53.45 -94.89 5.43
CA THR IA 106 56.19 -96.97 3.82
CA LEU IA 107 59.54 -95.53 2.84
CA THR IA 108 62.51 -97.30 1.31
CA VAL IA 109 65.96 -95.92 0.58
CA GLY IA 110 68.49 -97.03 -2.01
CA PHE IA 111 71.59 -96.06 -3.86
CA THR IA 112 73.18 -97.64 -6.92
CA ASP IA 113 76.64 -98.52 -5.69
CA SER IA 114 79.92 -99.10 -7.55
CA ARG IA 115 78.81 -102.64 -8.47
CA LYS IA 116 75.35 -101.47 -9.71
CA ILE IA 117 73.09 -103.15 -7.14
CA SER IA 118 70.32 -101.78 -4.93
CA HIS IA 119 71.32 -101.35 -1.33
CA SER IA 120 67.72 -101.33 -0.18
CA CYS IA 121 66.29 -100.52 3.23
CA THR IA 122 62.52 -100.21 3.67
CA HIS IA 123 61.08 -98.46 6.72
CA PRO IA 124 57.58 -97.93 8.11
CA PHE IA 125 57.00 -94.25 8.81
CA HIS IA 126 53.66 -92.53 8.25
CA HIS IA 127 55.18 -89.44 6.71
CA ASP IA 128 52.86 -86.53 7.11
CA PRO IA 129 53.17 -82.90 6.20
CA PRO IA 130 50.61 -81.27 8.51
CA VAL IA 131 47.63 -79.44 7.10
CA ILE IA 132 49.56 -76.26 6.51
CA GLY IA 133 47.88 -72.87 6.86
CA ARG IA 134 44.12 -73.22 6.97
CA GLU IA 135 43.50 -75.26 3.81
CA LYS IA 136 43.58 -78.89 2.67
CA PHE IA 137 45.42 -78.41 -0.63
CA HIS IA 138 48.50 -80.14 -1.97
CA SER IA 139 50.30 -77.44 -3.97
CA ARG IA 140 50.01 -73.69 -4.37
CA PRO IA 141 49.27 -71.39 -7.30
CA GLN IA 142 50.30 -67.77 -7.54
CA HIS IA 143 47.44 -66.69 -5.28
CA GLY IA 144 48.27 -67.57 -1.70
CA LYS IA 145 48.59 -65.97 1.70
CA GLU IA 146 51.63 -65.83 3.99
CA LEU IA 147 52.11 -68.06 7.03
CA PRO IA 148 55.38 -68.80 8.80
CA CYS IA 149 56.35 -72.45 8.57
CA SER IA 150 59.18 -74.57 9.89
CA THR IA 151 61.56 -75.87 7.24
CA TYR IA 152 65.20 -76.87 6.95
CA VAL IA 153 68.00 -74.53 5.93
CA GLN IA 154 70.48 -76.04 3.46
CA SER IA 155 73.49 -75.24 5.68
CA THR IA 156 76.06 -77.95 6.40
CA ALA IA 157 78.15 -75.89 8.85
CA ALA IA 158 75.51 -75.98 11.58
CA THR IA 159 75.88 -76.60 15.30
CA THR IA 160 74.06 -76.44 18.71
CA GLU IA 161 72.51 -79.81 17.97
CA GLU IA 162 75.22 -82.41 17.92
CA ILE IA 163 75.77 -86.09 17.28
CA GLU IA 164 78.87 -87.47 18.96
CA VAL IA 165 81.58 -89.47 17.18
CA HIS IA 166 83.67 -92.30 18.63
CA MET IA 167 86.04 -95.06 17.60
CA PRO IA 168 84.25 -98.16 16.25
CA PRO IA 169 84.91 -101.13 18.53
CA ASP IA 170 84.79 -104.05 16.11
CA THR IA 171 83.78 -105.21 12.62
CA PRO IA 172 83.75 -109.00 12.55
CA ASP IA 173 83.57 -111.79 9.99
CA HIS IA 174 82.76 -115.50 9.98
CA THR IA 175 83.86 -115.67 6.33
CA LEU IA 176 87.44 -115.04 7.52
CA MET IA 177 87.53 -118.61 8.91
CA SER IA 178 88.29 -121.54 6.64
CA GLN IA 179 88.92 -124.98 8.10
CA GLN IA 180 91.56 -127.41 6.85
CA SER IA 181 89.85 -130.53 8.31
CA GLY IA 182 90.04 -129.53 11.96
CA ASN IA 183 92.67 -126.83 11.34
CA VAL IA 184 91.48 -123.24 10.96
CA LYS IA 185 93.06 -121.42 8.06
CA ILE IA 186 91.77 -118.18 9.58
CA THR IA 187 91.96 -115.45 6.96
CA VAL IA 188 93.04 -112.09 8.40
CA ASN IA 189 93.90 -109.91 5.34
CA GLY IA 190 96.05 -107.50 7.30
CA GLN IA 191 93.66 -106.19 9.95
CA THR IA 192 93.38 -106.32 13.75
CA VAL IA 193 91.42 -109.56 14.06
CA ARG IA 194 90.19 -109.87 17.65
CA TYR IA 195 90.29 -114.39 17.48
CA LYS IA 196 89.90 -114.84 21.21
CA CYS IA 197 88.23 -118.20 20.93
CA ASN IA 198 87.89 -121.74 22.27
CA CYS IA 199 90.54 -123.34 20.04
CA GLY IA 200 92.89 -122.42 23.43
CA GLY IA 201 91.74 -119.09 22.06
CA SER IA 202 94.19 -117.83 19.52
CA ASN IA 203 95.70 -119.82 21.97
CA GLU IA 204 95.00 -116.29 23.02
CA GLY IA 205 95.01 -112.76 21.58
CA LEU IA 206 94.48 -110.45 18.59
CA THR IA 207 96.36 -110.94 15.34
CA THR IA 208 97.09 -108.57 12.49
CA THR IA 209 98.77 -110.95 10.02
CA ASP IA 210 97.31 -114.02 8.34
CA LYS IA 211 97.16 -117.13 10.53
CA VAL IA 212 96.83 -120.86 9.97
CA ILE IA 213 95.97 -122.53 13.27
CA ASN IA 214 95.62 -126.27 13.77
CA ASN IA 215 93.39 -128.26 16.18
CA CYS IA 216 90.33 -126.08 15.66
CA LYS IA 217 87.04 -125.94 13.76
CA VAL IA 218 84.38 -123.19 13.34
CA ASP IA 219 82.64 -124.54 16.47
CA GLN IA 220 85.64 -123.25 18.46
CA CYS IA 221 86.52 -119.95 16.80
CA HIS IA 222 85.75 -116.45 15.43
CA ALA IA 223 87.36 -113.59 13.49
CA ALA IA 224 86.75 -109.95 14.37
CA VAL IA 225 88.47 -106.91 12.88
CA THR IA 226 88.60 -104.22 15.55
CA ASN IA 227 88.54 -101.29 13.15
CA HIS IA 228 90.60 -98.36 14.37
CA LYS IA 229 91.32 -95.95 11.49
CA LYS IA 230 88.29 -93.64 11.14
CA TRP IA 231 85.58 -92.41 13.50
CA GLN IA 232 82.15 -93.91 14.14
CA TYR IA 233 79.27 -91.77 15.30
CA ASN IA 234 76.81 -92.67 18.04
CA SER IA 235 74.26 -94.83 16.26
CA PRO IA 236 71.75 -97.30 17.75
CA LEU IA 237 72.94 -99.94 15.26
CA VAL IA 238 76.67 -99.98 16.07
CA PRO IA 239 77.57 -100.73 19.70
CA ARG IA 240 80.26 -99.80 22.28
CA ASN IA 241 83.57 -101.37 23.30
CA ALA IA 242 82.39 -102.85 26.67
CA GLU IA 243 82.88 -99.74 28.69
CA LEU IA 244 82.93 -96.65 26.50
CA GLY IA 245 82.47 -96.58 22.79
CA ASP IA 246 80.78 -93.31 23.53
CA ARG IA 247 84.28 -91.89 23.52
CA LYS IA 248 85.16 -88.30 22.77
CA GLY IA 249 84.75 -86.72 19.34
CA LYS IA 250 82.44 -84.33 17.50
CA ILE IA 251 80.62 -84.48 14.17
CA HIS IA 252 78.49 -81.39 13.70
CA ILE IA 253 75.03 -81.20 12.19
CA PRO IA 254 73.83 -80.02 8.80
CA PHE IA 255 70.42 -78.52 7.94
CA PRO IA 256 69.18 -76.22 10.75
CA LEU IA 257 65.55 -75.10 11.00
CA ALA IA 258 63.86 -71.87 9.98
CA ASN IA 259 60.52 -70.41 11.09
CA VAL IA 260 60.07 -68.80 7.69
CA THR IA 261 57.48 -68.24 5.00
CA CYS IA 262 55.41 -70.96 3.43
CA ARG IA 263 52.41 -70.09 1.29
CA VAL IA 264 48.93 -71.59 1.40
CA PRO IA 265 46.42 -70.85 -1.40
CA LYS IA 266 43.41 -68.70 -0.71
CA ALA IA 267 40.12 -70.44 -1.35
CA ARG IA 268 38.11 -69.04 -4.21
CA ASN IA 269 35.15 -66.89 -3.27
CA PRO IA 270 31.74 -68.60 -3.27
CA THR IA 271 28.50 -67.00 -4.38
CA VAL IA 272 26.44 -65.31 -1.68
CA THR IA 273 22.74 -64.39 -1.63
CA TYR IA 274 19.95 -63.73 0.86
CA GLY IA 275 17.36 -65.90 2.55
CA LYS IA 276 14.72 -65.51 5.27
CA ASN IA 277 16.65 -63.49 7.89
CA GLN IA 278 19.64 -65.46 6.67
CA VAL IA 279 22.15 -66.21 3.91
CA ILE IA 280 21.56 -68.78 1.18
CA MET IA 281 24.82 -69.36 -0.69
CA LEU IA 282 26.23 -72.10 -2.90
CA LEU IA 283 29.63 -72.90 -1.41
CA TYR IA 284 32.60 -73.57 -3.69
CA PRO IA 285 35.47 -75.78 -2.60
CA ASP IA 286 37.14 -78.16 -5.03
CA HIS IA 287 39.87 -79.26 -2.59
CA PRO IA 288 38.83 -79.56 1.09
CA THR IA 289 38.20 -76.18 2.68
CA LEU IA 290 37.04 -75.17 6.15
CA LEU IA 291 34.03 -73.10 7.16
CA SER IA 292 33.81 -71.30 10.49
CA TYR IA 293 31.12 -68.89 11.71
CA ARG IA 294 30.39 -67.17 15.02
CA ASN IA 295 28.29 -64.21 16.12
CA MET IA 296 28.75 -60.85 17.82
CA GLY IA 297 26.60 -61.73 20.83
CA GLU IA 298 27.62 -62.44 24.40
CA GLU IA 299 27.74 -66.08 23.32
CA PRO IA 300 30.18 -67.05 20.52
CA ASN IA 301 27.85 -69.40 18.55
CA TYR IA 302 31.01 -70.79 17.00
CA GLN IA 303 30.82 -73.70 14.55
CA GLU IA 304 33.58 -75.20 12.39
CA GLU IA 305 33.35 -77.68 9.52
CA TRP IA 306 35.38 -78.71 6.45
CA VAL IA 307 34.03 -79.03 2.90
CA MET IA 308 35.45 -80.28 -0.39
CA HIS IA 309 32.21 -80.38 -2.37
CA LYS IA 310 30.12 -77.72 -4.07
CA LYS IA 311 27.05 -77.54 -1.86
CA GLU IA 312 24.34 -75.20 -0.61
CA VAL IA 313 24.80 -73.94 2.94
CA VAL IA 314 22.07 -71.98 4.75
CA LEU IA 315 23.62 -69.33 6.99
CA THR IA 316 21.27 -67.99 9.65
CA VAL IA 317 22.12 -64.39 10.55
CA PRO IA 318 20.87 -63.01 13.88
CA THR IA 319 19.99 -59.30 13.98
CA GLU IA 320 23.29 -58.60 15.77
CA GLY IA 321 25.05 -60.32 12.86
CA LEU IA 322 27.74 -62.97 12.64
CA GLU IA 323 31.00 -63.72 10.86
CA VAL IA 324 31.94 -66.41 8.36
CA THR IA 325 35.49 -67.41 7.37
CA TRP IA 326 36.28 -69.26 4.14
CA GLY IA 327 39.58 -70.95 3.42
CA ASN IA 328 42.39 -68.45 3.62
CA ASN IA 329 40.15 -65.44 3.01
CA GLU IA 330 39.21 -62.73 5.49
CA PRO IA 331 36.06 -63.07 7.65
CA TYR IA 332 32.80 -61.76 6.23
CA LYS IA 333 30.38 -60.16 8.71
CA TYR IA 334 26.69 -59.71 7.99
CA TRP IA 335 23.72 -57.68 9.22
CA PRO IA 336 20.26 -58.92 8.33
CA GLN IA 337 16.88 -57.46 7.45
CA LEU IA 338 13.54 -59.14 6.93
CA SER IA 339 11.44 -61.84 4.43
CA THR IA 340 9.19 -59.53 1.54
CA ASN IA 341 5.73 -61.85 0.69
CA GLY IA 342 2.60 -60.99 2.66
CA THR IA 343 -1.02 -60.84 0.38
CA ALA IA 344 -3.13 -57.74 0.54
CA HIS IA 345 -3.71 -55.46 4.13
CA GLY IA 346 -6.36 -52.78 4.42
CA HIS IA 347 -7.26 -50.03 5.94
CA PRO IA 348 -10.76 -49.64 5.72
CA HIS IA 349 -9.11 -50.96 9.48
CA GLU IA 350 -6.24 -53.45 9.10
CA ILE IA 351 -2.68 -52.18 8.68
CA ILE IA 352 -0.75 -54.62 10.87
CA LEU IA 353 0.87 -56.18 7.84
CA TYR IA 354 2.63 -52.82 7.94
CA TYR IA 355 3.58 -54.13 11.39
CA TYR IA 356 4.37 -57.62 10.00
CA GLU IA 357 7.52 -56.71 8.05
CA LEU IA 358 8.17 -54.23 10.87
CA TYR IA 359 10.87 -56.21 12.77
CA PRO IA 360 8.85 -59.44 13.38
CA THR IA 361 8.92 -61.75 16.38
CA MET IA 362 8.66 -58.25 17.84
CA THR IA 363 5.60 -55.98 17.41
CA VAL IA 364 3.99 -58.95 15.70
CA VAL IA 365 3.87 -61.27 18.74
CA VAL IA 366 5.23 -59.13 21.60
CA VAL IA 367 2.47 -56.74 20.71
CA SER IA 368 0.09 -59.70 21.18
CA VAL IA 369 1.14 -60.29 24.78
CA ALA IA 370 0.76 -56.52 25.28
CA THR IA 371 -2.88 -56.42 24.24
CA PHE IA 372 -3.92 -57.62 27.69
CA ILE IA 373 -4.00 -53.98 28.79
CA LEU IA 374 -6.35 -53.64 25.82
CA LEU IA 375 -8.21 -56.81 26.81
CA SER IA 376 -8.70 -55.97 30.49
CA MET IA 377 -12.15 -54.55 29.62
CA VAL IA 378 -14.34 -57.67 29.70
CA GLY IA 379 -14.30 -58.33 33.46
CA MET IA 380 -14.39 -54.58 34.01
CA ALA IA 381 -17.77 -54.71 32.26
CA ALA IA 382 -19.00 -57.72 34.25
CA GLY IA 383 -19.11 -56.95 38.00
CA MET IA 384 -19.72 -53.41 36.88
CA CYS IA 385 -23.03 -54.63 35.54
CA MET IA 386 -23.96 -56.98 38.42
CA CYS IA 387 -24.12 -53.74 40.41
CA ALA IA 388 -26.36 -52.47 37.60
CA ARG IA 389 -28.93 -55.25 37.14
CA ARG IA 390 -28.67 -57.61 40.12
CA ARG IA 391 -28.98 -54.72 42.58
CA CYS IA 392 -32.03 -53.17 40.87
CA ILE IA 393 -34.75 -54.69 43.01
CA THR IA 394 -32.32 -56.03 45.62
CA PRO IA 395 -30.85 -53.57 48.16
CA TYR IA 396 -33.36 -51.04 49.64
CA GLU IA 397 -37.09 -51.64 49.99
CA LEU IA 398 -37.57 -48.57 52.09
CA THR IA 399 -39.46 -46.18 49.79
CA PRO IA 400 -42.72 -47.71 48.51
CA GLY IA 401 -43.44 -47.66 44.74
CA ALA IA 402 -43.86 -51.44 43.89
CA THR IA 403 -41.06 -50.60 41.37
CA VAL IA 404 -39.42 -47.58 39.80
CA PRO IA 405 -42.29 -46.55 37.49
CA PHE IA 406 -40.34 -44.24 35.19
CA LEU IA 407 -36.58 -44.70 35.39
CA LEU IA 408 -36.23 -48.36 34.51
CA SER IA 409 -34.88 -48.34 30.94
CA LEU IA 410 -32.31 -46.04 32.56
CA ILE IA 411 -31.56 -49.13 34.70
CA CYS IA 412 -32.68 -51.98 32.33
CA CYS IA 413 -32.53 -54.86 34.71
CA ILE IA 414 -33.40 -58.46 33.84
CA ARG IA 415 -35.46 -60.38 31.29
CA THR IA 416 -36.25 -57.02 29.75
CA ALA IA 417 -39.43 -58.21 28.10
CA LYS IA 418 -42.67 -56.61 29.35
CA ALA IA 419 -45.13 -54.41 27.38
CA TYR JA 1 44.23 -142.04 54.07
CA GLU JA 2 42.41 -141.42 50.78
CA HIS JA 3 41.97 -137.66 50.80
CA VAL JA 4 39.20 -136.93 48.31
CA THR JA 5 38.98 -133.18 47.74
CA VAL JA 6 37.19 -130.96 45.23
CA ILE JA 7 39.36 -128.12 43.92
CA PRO JA 8 37.85 -125.27 41.88
CA ASN JA 9 38.79 -124.47 38.30
CA THR JA 10 41.16 -121.51 37.95
CA VAL JA 11 44.23 -120.12 36.35
CA GLY JA 12 47.14 -120.56 38.73
CA VAL JA 13 45.42 -119.66 42.04
CA PRO JA 14 46.69 -121.97 44.81
CA TYR JA 15 43.67 -123.32 46.65
CA LYS JA 16 44.46 -124.25 50.27
CA THR JA 17 43.73 -127.95 50.57
CA LEU JA 18 43.42 -129.26 54.11
CA VAL JA 19 45.06 -132.66 54.17
CA ASN JA 20 44.02 -133.57 57.71
CA ARG JA 21 45.70 -136.67 58.97
CA PRO JA 22 43.71 -139.28 60.91
CA GLY JA 23 45.00 -138.61 64.41
CA TYR JA 24 48.14 -136.75 63.48
CA SER JA 25 49.15 -133.14 62.79
CA PRO JA 26 47.79 -132.11 59.35
CA MET JA 27 49.89 -130.81 56.48
CA VAL JA 28 47.55 -128.41 54.70
CA LEU JA 29 48.83 -128.25 51.13
CA GLU JA 30 47.84 -125.80 48.42
CA MET JA 31 47.28 -126.72 44.78
CA GLU JA 32 46.75 -124.73 41.61
CA LEU JA 33 45.87 -126.03 38.18
CA LEU JA 34 47.46 -124.69 35.02
CA SER JA 35 45.60 -125.95 31.94
CA VAL JA 36 42.19 -127.53 31.35
CA THR JA 37 42.78 -129.10 27.96
CA LEU JA 38 39.54 -130.63 26.71
CA GLU JA 39 39.52 -131.78 23.12
CA PRO JA 40 36.65 -132.22 20.69
CA THR JA 41 36.71 -134.63 17.78
CA LEU JA 42 37.34 -133.91 14.14
CA SER JA 43 35.27 -135.61 11.46
CA LEU JA 44 35.60 -134.34 7.90
CA ASP JA 45 32.50 -133.22 6.06
CA TYR JA 46 34.34 -131.42 3.27
CA ILE JA 47 37.21 -129.11 2.51
CA THR JA 48 36.91 -126.23 0.10
CA CYS JA 49 39.35 -124.61 -2.29
CA GLU JA 50 39.43 -121.68 -4.61
CA TYR JA 51 37.94 -122.28 -8.02
CA LYS JA 52 40.19 -122.95 -10.98
CA THR JA 53 38.26 -122.52 -14.19
CA VAL JA 54 40.73 -124.47 -16.30
CA ILE JA 55 39.95 -123.10 -19.76
CA PRO JA 56 41.67 -124.99 -22.59
CA SER JA 57 41.77 -123.74 -26.14
CA PRO JA 58 38.42 -123.07 -27.83
CA TYR JA 59 36.83 -125.36 -30.41
CA VAL JA 60 36.42 -123.36 -33.63
CA LYS JA 61 35.19 -124.50 -37.04
CA CYS JA 62 35.64 -122.91 -40.48
CA CYS JA 63 32.45 -122.33 -42.52
CA GLY JA 64 30.58 -124.86 -40.42
CA THR JA 65 28.77 -125.35 -37.14
CA ALA JA 66 30.84 -126.58 -34.21
CA GLU JA 67 29.32 -129.24 -31.96
CA CYS JA 68 28.71 -129.43 -28.22
CA LYS JA 69 30.09 -132.76 -27.04
CA ASP JA 70 28.90 -133.10 -23.45
CA LYS JA 71 30.84 -135.22 -20.99
CA ASN JA 72 31.59 -135.24 -17.33
CA LEU JA 73 34.18 -132.73 -16.22
CA PRO JA 74 33.96 -131.07 -12.79
CA ASP JA 75 31.43 -128.30 -13.53
CA TYR JA 76 31.70 -129.04 -17.25
CA SER JA 77 30.69 -126.31 -19.68
CA CYS JA 78 30.91 -125.97 -23.43
CA LYS JA 79 28.77 -123.77 -25.67
CA VAL JA 80 29.14 -123.33 -29.42
CA PHE JA 81 29.39 -119.68 -30.41
CA THR JA 82 28.37 -119.17 -34.00
CA GLY JA 83 28.89 -116.41 -36.53
CA VAL JA 84 32.10 -115.11 -34.98
CA TYR JA 85 34.72 -113.79 -37.42
CA PRO JA 86 37.84 -114.22 -35.29
CA PHE JA 87 41.06 -112.33 -35.89
CA MET JA 88 44.67 -113.15 -35.21
CA TRP JA 89 47.82 -111.02 -35.75
CA GLY JA 90 47.50 -110.74 -39.49
CA GLY JA 91 43.76 -110.14 -39.44
CA ALA JA 92 41.05 -112.76 -39.56
CA TYR JA 93 41.54 -116.41 -38.55
CA CYS JA 94 39.45 -117.47 -41.56
CA PHE JA 95 37.75 -115.84 -44.52
CA CYS JA 96 34.32 -117.11 -44.02
CA ASP JA 97 32.08 -114.21 -45.01
CA ALA JA 98 30.23 -114.38 -41.70
CA GLU JA 99 30.28 -118.22 -40.22
CA ASN JA 100 32.98 -119.31 -37.86
CA THR JA 101 31.59 -121.29 -34.95
CA GLN JA 102 33.77 -121.40 -31.85
CA LEU JA 103 32.93 -123.59 -28.87
CA SER JA 104 34.51 -122.42 -25.65
CA GLU JA 105 35.43 -125.14 -23.17
CA ALA JA 106 35.62 -124.34 -19.48
CA HIS JA 107 35.38 -126.44 -16.32
CA VAL JA 108 36.66 -126.21 -12.78
CA GLU JA 109 39.16 -128.32 -10.80
CA LYS JA 110 40.54 -128.19 -7.26
CA SER JA 111 43.61 -126.31 -6.12
CA GLU JA 112 47.22 -127.26 -5.61
CA SER JA 113 47.19 -124.47 -3.03
CA CYS JA 114 44.21 -126.09 -1.24
CA LYS JA 115 46.23 -129.29 -0.96
CA THR JA 116 48.18 -127.75 1.90
CA GLU JA 117 46.37 -124.50 2.82
CA PHE JA 118 42.61 -124.55 2.72
CA ALA JA 119 39.39 -124.13 4.65
CA SER JA 120 38.09 -127.42 5.99
CA ALA JA 121 34.56 -128.12 7.20
CA TYR JA 122 34.14 -130.70 9.92
CA ARG JA 123 32.31 -131.59 13.13
CA ALA JA 124 33.89 -131.43 16.57
CA HIS JA 125 32.09 -133.56 19.13
CA THR JA 126 33.58 -135.07 22.29
CA ALA JA 127 34.70 -134.18 25.80
CA SER JA 128 38.19 -135.47 26.58
CA ALA JA 129 39.66 -133.24 29.26
CA SER JA 130 43.35 -132.93 30.21
CA ALA JA 131 44.79 -131.28 33.31
CA LYS JA 132 48.04 -129.60 34.38
CA LEU JA 133 48.07 -129.44 38.17
CA ARG JA 134 50.68 -128.09 40.60
CA VAL JA 135 51.17 -129.37 44.15
CA LEU JA 136 53.67 -128.35 46.78
CA TYR JA 137 54.44 -131.85 47.86
CA GLN JA 138 55.27 -131.53 51.53
CA GLY JA 139 56.29 -128.10 50.30
CA ASN JA 140 58.05 -129.50 47.22
CA ASN JA 141 56.81 -127.45 44.26
CA ILE JA 142 56.01 -130.08 41.64
CA THR JA 143 53.55 -130.11 38.75
CA VAL JA 144 51.57 -133.26 37.93
CA THR JA 145 49.90 -134.00 34.62
CA ALA JA 146 46.38 -135.39 34.45
CA TYR JA 147 43.27 -135.88 32.48
CA ALA JA 148 40.57 -133.71 34.05
CA ASN JA 149 38.02 -136.50 33.81
CA GLY JA 150 37.97 -139.69 35.89
CA ASP JA 151 40.27 -141.81 33.73
CA HIS JA 152 43.95 -140.81 34.03
CA ALA JA 153 45.61 -141.64 37.33
CA VAL JA 154 49.38 -141.97 37.78
CA THR JA 155 51.44 -142.34 40.93
CA VAL JA 156 54.15 -139.75 41.48
CA LYS JA 157 56.18 -139.41 44.71
CA ASP JA 158 54.25 -141.94 46.89
CA ALA JA 159 50.80 -140.58 45.92
CA LYS JA 160 48.39 -140.68 43.00
CA PHE JA 161 45.18 -138.83 42.16
CA ILE JA 162 41.76 -139.08 40.60
CA VAL JA 163 41.44 -135.67 38.97
CA GLY JA 164 37.83 -135.17 37.98
CA PRO JA 165 35.47 -136.23 36.46
CA MET JA 166 34.47 -132.86 35.14
CA SER JA 167 31.41 -131.19 36.63
CA SER JA 168 30.76 -128.61 33.92
CA ALA JA 169 30.38 -130.17 30.48
CA TRP JA 170 30.45 -126.84 28.63
CA THR JA 171 32.27 -126.71 25.31
CA PRO JA 172 32.96 -123.69 23.07
CA PHE JA 173 32.81 -126.04 20.07
CA ASP JA 174 29.67 -126.27 17.93
CA ASN JA 175 28.69 -129.06 15.58
CA LYS JA 176 29.56 -127.23 12.34
CA ILE JA 177 32.99 -125.64 12.36
CA VAL JA 178 35.60 -124.76 9.72
CA VAL JA 179 39.37 -124.72 10.20
CA TYR JA 180 41.60 -122.80 7.77
CA LYS JA 181 45.42 -123.11 7.46
CA GLY JA 182 45.91 -122.11 11.09
CA ASP JA 183 42.67 -120.81 12.58
CA VAL JA 184 39.31 -122.45 13.30
CA TYR JA 185 35.94 -120.81 12.68
CA ASN JA 186 32.64 -122.02 14.16
CA MET JA 187 30.46 -120.84 11.32
CA ASP JA 188 27.61 -123.28 10.75
CA TYR JA 189 28.67 -124.18 7.22
CA PRO JA 190 26.37 -125.41 4.50
CA PRO JA 191 27.50 -129.05 4.39
CA PHE JA 192 28.79 -131.27 1.60
CA GLY JA 193 27.17 -130.72 -1.80
CA ALA JA 194 25.42 -127.53 -0.65
CA GLY JA 195 27.87 -124.94 -1.91
CA ARG JA 196 25.93 -122.33 -3.86
CA PRO JA 197 27.50 -120.25 -6.67
CA GLY JA 198 29.57 -117.61 -4.97
CA GLN JA 199 29.04 -119.26 -1.61
CA PHE JA 200 31.79 -120.54 0.69
CA GLY JA 201 32.32 -124.15 -0.32
CA ASP JA 202 31.01 -124.07 -3.88
CA ILE JA 203 34.04 -126.19 -4.74
CA GLN JA 204 33.38 -128.96 -2.29
CA SER JA 205 35.34 -132.14 -1.69
CA ARG JA 206 36.08 -134.14 1.43
CA THR JA 207 39.88 -134.38 1.49
CA PRO JA 208 42.23 -132.13 -0.56
CA GLU JA 209 43.22 -135.05 -2.81
CA SER JA 210 39.65 -136.34 -3.07
CA LYS JA 211 38.03 -135.76 -6.45
CA ASP JA 212 34.45 -136.05 -5.11
CA VAL JA 213 33.92 -132.64 -6.65
CA TYR JA 214 30.71 -130.86 -5.90
CA ALA JA 215 31.02 -127.80 -8.07
CA ASN JA 216 28.12 -125.37 -8.23
CA THR JA 217 30.09 -122.25 -9.08
CA GLN JA 218 28.58 -120.80 -12.31
CA LEU JA 219 30.73 -122.08 -15.17
CA VAL JA 220 29.08 -120.27 -18.09
CA LEU JA 221 30.36 -118.56 -21.26
CA GLN JA 222 28.43 -115.80 -23.03
CA ARG JA 223 29.91 -115.33 -26.61
CA PRO JA 224 32.93 -113.77 -28.30
CA ALA JA 225 30.79 -111.45 -30.37
CA ALA JA 226 32.14 -111.29 -33.93
CA GLY JA 227 35.61 -109.92 -33.65
CA THR JA 228 38.65 -111.89 -32.47
CA VAL JA 229 40.04 -115.08 -30.97
CA HIS JA 230 38.40 -114.54 -27.67
CA VAL JA 231 36.81 -116.11 -24.63
CA PRO JA 232 34.72 -113.71 -22.53
CA TYR JA 233 33.75 -115.21 -19.22
CA SER JA 234 30.79 -114.34 -17.07
CA GLN JA 235 32.06 -114.96 -13.58
CA ALA JA 236 32.64 -118.05 -11.54
CA PRO JA 237 32.03 -116.54 -8.09
CA SER JA 238 34.04 -118.26 -5.50
CA GLY JA 239 34.49 -120.10 -2.23
CA PHE JA 240 37.78 -118.50 -1.06
CA LYS JA 241 37.64 -115.07 -2.75
CA TYR JA 242 34.18 -115.05 -1.15
CA TRP JA 243 35.62 -116.27 2.18
CA LEU JA 244 38.63 -113.96 2.65
CA LYS JA 245 36.46 -111.04 3.84
CA GLU JA 246 34.03 -113.09 5.96
CA ARG JA 247 36.61 -114.98 8.00
CA GLY JA 248 35.72 -112.95 11.08
CA ALA JA 249 36.79 -114.19 14.50
CA SER JA 250 38.36 -117.52 15.38
CA LEU JA 251 37.31 -119.66 18.34
CA GLN JA 252 40.16 -118.19 20.35
CA HIS JA 253 38.44 -114.88 19.60
CA THR JA 254 34.84 -115.75 20.43
CA ALA JA 255 34.93 -118.31 23.26
CA PRO JA 256 33.43 -117.24 26.60
CA PHE JA 257 35.34 -117.70 29.87
CA GLY JA 258 38.11 -115.81 28.03
CA CYS JA 259 40.36 -118.74 27.15
CA GLN JA 260 42.09 -119.37 23.87
CA ILE JA 261 41.64 -122.42 21.70
CA ALA JA 262 44.81 -124.37 20.91
CA THR JA 263 44.89 -125.79 17.43
CA ASN JA 264 46.40 -128.65 15.35
CA PRO JA 265 44.49 -130.72 16.59
CA VAL JA 266 41.92 -128.26 17.95
CA ARG JA 267 41.11 -128.20 21.68
CA ALA JA 268 40.15 -125.67 24.36
CA VAL JA 269 42.83 -124.70 26.85
CA ASN JA 270 41.81 -123.70 30.39
CA CYS JA 271 38.47 -121.96 30.49
CA ALA JA 272 38.03 -121.69 34.27
CA VAL JA 273 34.61 -123.37 34.57
CA GLY JA 274 33.35 -125.58 37.38
CA ASN JA 275 35.49 -127.57 39.80
CA MET JA 276 37.88 -130.52 39.98
CA PRO JA 277 37.09 -133.53 42.17
CA ILE JA 278 40.55 -134.68 43.22
CA SER JA 279 40.94 -138.00 45.04
CA ILE JA 280 44.50 -138.26 46.34
CA ASP JA 281 45.93 -140.57 48.99
CA ILE JA 282 48.44 -140.25 51.83
CA PRO JA 283 49.77 -142.91 54.21
CA GLU JA 284 50.54 -142.36 57.83
CA ALA JA 285 54.06 -143.68 57.18
CA ALA JA 286 55.54 -141.02 54.89
CA PHE JA 287 53.68 -138.45 57.01
CA THR JA 288 54.59 -137.53 60.56
CA ARG JA 289 52.91 -137.74 63.93
CA VAL JA 290 51.25 -135.13 66.13
CA VAL JA 291 53.66 -135.97 68.96
CA ASP JA 292 56.94 -135.18 67.16
CA ALA JA 293 55.27 -132.18 65.58
CA PRO JA 294 55.33 -129.42 68.22
CA SER JA 295 52.08 -128.81 70.07
CA LEU JA 296 51.53 -125.11 70.49
CA THR JA 297 49.84 -122.64 72.83
CA ASP JA 298 50.18 -118.95 73.76
CA MET JA 299 48.99 -117.87 70.31
CA SER JA 300 48.04 -114.19 70.53
CA CYS JA 301 45.68 -113.19 67.74
CA GLU JA 302 46.61 -110.03 65.84
CA VAL JA 303 47.43 -108.81 62.37
CA PRO JA 304 49.89 -106.11 61.40
CA ALA JA 305 47.51 -105.23 58.54
CA CYS JA 306 45.00 -106.75 56.14
CA THR JA 307 43.37 -105.32 53.02
CA HIS JA 308 40.15 -107.00 51.87
CA SER JA 309 40.44 -107.03 48.09
CA SER JA 310 41.49 -109.71 45.58
CA ASP JA 311 45.14 -108.98 46.45
CA PHE JA 312 47.38 -110.64 49.05
CA GLY JA 313 47.09 -107.50 51.16
CA GLY JA 314 46.68 -109.43 54.37
CA VAL JA 315 49.18 -110.86 56.81
CA ALA JA 316 48.86 -112.10 60.39
CA ILE JA 317 51.63 -112.29 62.97
CA ILE JA 318 51.09 -114.89 65.69
CA LYS JA 319 53.22 -114.64 68.82
CA TYR JA 320 53.28 -118.02 70.50
CA ALA JA 321 55.11 -120.77 72.38
CA ALA JA 322 55.23 -124.28 70.93
CA SER JA 323 56.84 -127.38 72.43
CA LYS JA 324 59.43 -129.05 70.20
CA LYS JA 325 61.36 -128.49 67.00
CA GLY JA 326 59.50 -129.31 63.79
CA LYS JA 327 57.46 -128.06 60.86
CA CYS JA 328 53.77 -127.19 61.01
CA ALA JA 329 50.71 -126.42 58.89
CA VAL JA 330 48.26 -123.48 58.83
CA HIS JA 331 44.55 -123.63 58.00
CA SER JA 332 41.61 -121.33 58.50
CA MET JA 333 38.13 -122.70 57.74
CA THR JA 334 37.24 -119.28 56.39
CA ASN JA 335 37.46 -120.07 52.69
CA ALA JA 336 36.83 -116.49 51.56
CA VAL JA 337 40.08 -115.56 53.31
CA THR JA 338 42.72 -117.57 51.47
CA ILE JA 339 46.01 -118.03 53.31
CA ARG JA 340 49.13 -117.83 51.16
CA GLU JA 341 51.53 -120.21 52.91
CA ALA JA 342 50.98 -123.02 55.41
CA GLU JA 343 54.20 -124.99 55.89
CA ILE JA 344 56.38 -123.24 58.47
CA GLU JA 345 59.09 -124.68 60.70
CA VAL JA 346 57.50 -123.74 65.05
CA GLU JA 347 60.62 -124.45 67.16
CA GLY JA 348 59.03 -123.91 70.58
CA ASN JA 349 58.86 -120.35 71.89
CA SER JA 350 58.86 -118.15 68.79
CA GLN JA 351 56.76 -116.07 66.40
CA LEU JA 352 55.74 -116.89 62.84
CA GLN JA 353 54.12 -115.18 59.87
CA ILE JA 354 51.27 -116.10 57.56
CA SER JA 355 50.03 -113.85 54.76
CA PHE JA 356 46.63 -114.13 53.13
CA SER JA 357 44.29 -112.76 50.54
CA THR JA 358 41.68 -111.00 52.57
CA ALA JA 359 37.89 -110.94 52.49
CA LEU JA 360 36.33 -109.81 55.75
CA ALA JA 361 36.30 -106.22 56.97
CA SER JA 362 36.49 -107.43 60.57
CA ALA JA 363 38.38 -110.68 59.94
CA GLU JA 364 37.43 -112.51 63.16
CA PHE JA 365 38.12 -116.15 62.29
CA ARG JA 366 39.99 -119.18 63.61
CA VAL JA 367 43.15 -120.89 62.39
CA GLN JA 368 43.72 -124.63 62.80
CA VAL JA 369 47.43 -124.97 63.49
CA CYS JA 370 48.32 -128.72 63.44
CA SER JA 371 45.23 -130.12 65.23
CA THR JA 372 45.23 -127.13 67.62
CA GLN JA 373 42.69 -124.36 67.34
CA VAL JA 374 43.44 -120.66 67.79
CA HIS JA 375 41.18 -117.79 66.83
CA CYS JA 376 42.63 -114.98 64.69
CA ALA JA 377 41.54 -111.38 65.33
CA ALA JA 378 41.70 -108.68 62.65
CA GLU JA 379 40.14 -105.38 61.64
CA CYS JA 380 40.88 -104.95 57.96
CA HIS JA 381 41.91 -101.86 54.94
CA PRO JA 382 39.32 -101.01 52.32
CA PRO JA 383 40.49 -101.63 48.76
CA LYS JA 384 42.50 -98.72 47.38
CA ARG JA 385 45.22 -98.28 44.77
CA THR JA 386 46.04 -102.70 45.07
CA THR JA 387 45.65 -101.59 40.76
CA VAL JA 388 44.84 -103.05 37.29
CA TYR JA 389 46.90 -105.93 36.20
CA TYR JA 390 46.71 -108.47 39.89
CA PRO JA 391 46.61 -111.67 37.83
CA ALA JA 392 44.28 -113.58 40.16
CA SER JA 393 41.29 -113.44 42.45
CA HIS JA 394 40.37 -115.59 45.44
CA THR JA 395 36.89 -113.89 47.69
CA THR JA 396 33.19 -114.63 48.17
CA LEU JA 397 31.37 -111.68 49.72
CA GLY JA 398 27.61 -111.51 49.66
CA VAL JA 399 27.32 -114.82 51.43
CA GLN JA 400 24.69 -114.09 54.87
CA ASP JA 401 27.08 -112.81 57.53
CA ILE JA 402 28.87 -109.57 56.63
CA SER JA 403 29.51 -108.76 60.30
CA ALA JA 404 32.08 -105.97 60.45
CA THR JA 405 33.01 -103.15 62.83
CA ALA JA 406 29.85 -101.21 61.86
CA MET JA 407 27.62 -104.27 62.36
CA SER JA 408 27.76 -103.80 66.16
CA TRP JA 409 25.11 -101.09 65.84
CA VAL JA 410 23.04 -103.26 63.50
CA GLN JA 411 23.31 -106.59 65.32
CA LYS JA 412 23.12 -105.39 68.93
CA ILE JA 413 21.09 -102.25 69.54
CA THR JA 414 18.35 -102.27 66.92
CA GLY JA 415 18.33 -106.06 67.02
CA GLY JA 416 17.19 -105.66 70.64
CA VAL JA 417 14.06 -103.64 69.86
CA GLY JA 418 11.63 -106.53 69.60
CA LEU JA 419 10.95 -107.02 73.31
CA VAL JA 420 7.93 -104.77 73.35
CA VAL JA 421 5.41 -107.28 71.95
CA ALA JA 422 4.45 -108.57 75.43
CA VAL JA 423 2.51 -105.46 76.56
CA ALA JA 424 -0.77 -106.49 74.93
CA ALA JA 425 -0.40 -109.89 76.63
CA LEU JA 426 1.23 -108.70 79.86
CA ILE JA 427 -1.67 -107.39 81.97
CA LEU JA 428 -3.81 -106.47 78.97
CA ILE JA 429 -4.65 -110.21 78.82
CA VAL JA 430 -7.32 -109.71 81.51
CA VAL JA 431 -8.92 -107.20 79.10
CA LEU JA 432 -8.09 -108.61 75.66
CA CYS JA 433 -9.98 -111.38 73.96
CA VAL JA 434 -13.40 -112.05 72.47
CA SER JA 435 -13.16 -115.62 73.77
CA PHE JA 436 -9.64 -116.84 74.57
CA SER JA 437 -7.90 -115.72 77.67
CA ARG JA 438 -8.82 -115.34 81.28
CA HIS JA 439 -10.48 -117.89 83.57
CA ASN KA 1 66.87 -127.60 -15.93
CA PHE KA 2 63.61 -125.96 -17.13
CA ASN KA 3 63.86 -127.89 -20.41
CA VAL KA 4 60.29 -127.14 -21.48
CA TYR KA 5 60.66 -123.37 -22.01
CA LYS KA 6 62.96 -124.18 -24.91
CA ALA KA 7 60.94 -125.98 -27.62
CA THR KA 8 57.96 -123.65 -27.04
CA ARG KA 9 56.99 -120.43 -28.76
CA PRO KA 10 55.07 -117.30 -27.75
CA TYR KA 11 51.90 -115.96 -29.30
CA LEU KA 12 50.96 -112.45 -30.36
CA ALA KA 13 47.42 -111.87 -29.13
CA HIS KA 14 45.10 -108.99 -28.37
CA CYS KA 15 45.75 -107.20 -25.13
CA PRO KA 16 42.45 -105.94 -23.62
CA ASP KA 17 44.13 -102.54 -23.22
CA CYS KA 18 47.58 -101.93 -24.70
CA GLY KA 19 47.89 -98.62 -22.88
CA GLU KA 20 46.72 -95.24 -24.21
CA GLY KA 21 43.13 -96.07 -23.20
CA HIS KA 22 42.67 -98.51 -26.11
CA SER KA 23 43.65 -101.99 -27.20
CA CYS KA 24 45.74 -103.79 -29.81
CA HIS KA 25 47.77 -106.98 -30.17
CA SER KA 26 50.58 -107.88 -27.88
CA PRO KA 27 53.41 -110.30 -27.12
CA VAL KA 28 52.67 -109.66 -23.43
CA ALA KA 29 48.94 -110.41 -23.73
CA LEU KA 30 48.13 -111.83 -20.30
CA GLU KA 31 46.39 -115.17 -19.86
CA ARG KA 32 46.62 -116.04 -16.16
CA ILE KA 33 46.60 -114.03 -12.90
CA ARG KA 34 47.31 -115.59 -9.49
CA ASN KA 35 47.94 -114.01 -6.09
CA GLU KA 36 46.96 -116.82 -3.69
CA ALA KA 37 50.21 -116.05 -1.83
CA THR KA 38 49.10 -114.41 1.44
CA ASP KA 39 52.17 -112.16 1.60
CA GLY KA 40 50.86 -110.52 -1.58
CA THR KA 41 53.26 -111.72 -4.28
CA LEU KA 42 51.43 -112.01 -7.59
CA LYS KA 43 52.12 -114.68 -10.20
CA ILE KA 44 51.25 -113.89 -13.80
CA GLN KA 45 51.94 -116.04 -16.84
CA VAL KA 46 52.93 -113.70 -19.65
CA SER KA 47 52.30 -114.95 -23.19
CA LEU KA 48 55.98 -114.78 -24.15
CA GLN KA 49 58.75 -116.34 -22.11
CA ILE KA 50 61.72 -114.59 -20.53
CA GLY KA 51 65.17 -115.84 -19.73
CA ILE KA 52 65.72 -118.08 -22.78
CA LYS KA 53 66.56 -116.95 -26.32
CA THR KA 54 65.19 -118.53 -29.48
CA ASP KA 55 68.21 -120.88 -29.31
CA ASP KA 56 66.08 -123.10 -26.98
CA SER KA 57 68.99 -123.19 -24.53
CA HIS KA 58 69.64 -122.92 -20.78
CA ASP KA 59 70.04 -119.17 -21.28
CA TRP KA 60 69.35 -116.30 -18.93
CA THR KA 61 70.45 -113.21 -20.82
CA LYS KA 62 67.57 -112.70 -23.30
CA LEU KA 63 63.86 -113.42 -23.76
CA ARG KA 64 61.87 -115.19 -26.47
CA TYR KA 65 58.96 -113.14 -27.80
CA MET KA 66 56.71 -113.60 -30.83
CA ASP KA 67 57.19 -111.38 -33.89
CA ASN KA 68 56.89 -111.70 -37.70
CA HIS KA 69 55.36 -115.22 -37.70
CA MET KA 70 58.24 -116.54 -35.55
CA PRO KA 71 59.78 -116.43 -32.07
CA ALA KA 72 61.99 -113.34 -31.86
CA ASP KA 73 64.52 -112.31 -29.22
CA ALA KA 74 64.72 -109.35 -26.88
CA GLU KA 75 66.90 -108.75 -23.84
CA ARG KA 76 66.16 -110.08 -20.35
CA ALA KA 77 66.47 -106.71 -18.60
CA GLY KA 78 63.92 -104.89 -20.77
CA LEU KA 79 60.96 -105.62 -18.48
CA PHE KA 80 58.89 -103.02 -16.63
CA VAL KA 81 55.62 -103.36 -14.70
CA ARG KA 82 53.34 -100.84 -12.98
CA THR KA 83 50.23 -101.50 -10.90
CA SER KA 84 49.73 -97.97 -9.60
CA ALA KA 85 53.44 -97.24 -9.06
CA PRO KA 86 56.28 -98.93 -10.96
CA CYS KA 87 56.50 -101.85 -8.60
CA THR KA 88 59.21 -104.29 -7.59
CA ILE KA 89 60.05 -107.79 -8.81
CA THR KA 90 61.01 -110.83 -6.74
CA GLY KA 91 62.00 -113.43 -9.38
CA THR KA 92 60.88 -114.32 -12.89
CA ILE KA 93 61.58 -117.38 -15.05
CA GLY KA 94 59.97 -118.82 -18.18
CA HIS KA 95 56.56 -117.56 -19.25
CA PHE KA 96 56.00 -116.48 -15.66
CA ILE KA 97 56.35 -113.14 -13.85
CA LEU KA 98 56.30 -112.50 -10.11
CA ALA KA 99 56.21 -109.06 -8.49
CA ARG KA 100 56.29 -107.50 -5.02
CA CYS KA 101 53.98 -104.49 -4.75
CA PRO KA 102 50.94 -103.39 -2.70
CA LYS KA 103 47.29 -102.54 -3.45
CA GLY KA 104 46.34 -101.42 -6.95
CA GLU KA 105 43.42 -101.99 -9.29
CA THR KA 106 45.18 -101.30 -12.59
CA LEU KA 107 48.25 -103.20 -13.71
CA THR KA 108 50.19 -102.83 -16.93
CA VAL KA 109 53.10 -104.91 -18.17
CA GLY KA 110 55.87 -103.95 -20.57
CA PHE KA 111 59.28 -104.88 -21.83
CA THR KA 112 61.72 -102.87 -23.90
CA ASP KA 113 62.23 -105.08 -26.94
CA SER KA 114 65.08 -105.29 -29.46
CA ARG KA 115 63.69 -102.24 -31.31
CA LYS KA 116 63.32 -100.18 -28.08
CA ILE KA 117 59.52 -99.80 -27.94
CA SER KA 118 57.01 -100.51 -25.18
CA HIS KA 119 55.04 -103.68 -25.69
CA SER KA 120 52.31 -102.53 -23.33
CA CYS KA 121 49.38 -104.46 -21.94
CA THR KA 122 47.22 -102.90 -19.21
CA HIS KA 123 44.94 -105.07 -17.10
CA PRO KA 124 42.30 -104.40 -14.43
CA PHE KA 125 43.02 -106.47 -11.34
CA HIS KA 126 42.43 -105.21 -7.81
CA HIS KA 127 45.67 -106.60 -6.45
CA ASP KA 128 45.36 -107.15 -2.75
CA PRO KA 129 47.73 -108.59 -0.23
CA PRO KA 130 45.37 -109.61 2.59
CA VAL KA 131 45.63 -108.03 6.01
CA ILE KA 132 48.40 -110.33 7.11
CA GLY KA 133 48.70 -111.42 10.72
CA ARG KA 134 46.52 -109.31 12.98
CA GLU KA 135 47.68 -105.81 12.02
CA LYS KA 136 47.06 -103.20 9.33
CA PHE KA 137 50.67 -102.24 8.61
CA HIS KA 138 52.55 -102.08 5.32
CA SER KA 139 56.10 -103.13 6.22
CA ARG KA 140 57.82 -104.66 9.23
CA PRO KA 141 60.59 -103.50 11.56
CA GLN KA 142 62.82 -105.78 13.59
CA HIS KA 143 60.09 -106.32 16.20
CA GLY KA 144 57.50 -108.69 14.83
CA LYS KA 145 55.80 -111.96 15.63
CA GLU KA 146 55.75 -115.18 13.60
CA LEU KA 147 52.79 -116.30 11.49
CA PRO KA 148 52.86 -118.85 8.68
CA CYS KA 149 52.01 -117.31 5.33
CA SER KA 150 51.61 -118.60 1.80
CA THR KA 151 54.27 -117.42 -0.63
CA TYR KA 152 55.96 -118.66 -3.79
CA VAL KA 153 59.15 -120.69 -3.87
CA GLN KA 154 61.64 -119.60 -6.53
CA SER KA 155 61.90 -123.09 -8.04
CA THR KA 156 61.55 -123.52 -11.81
CA ALA KA 157 61.69 -127.35 -11.78
CA ALA KA 158 58.25 -127.71 -10.22
CA THR KA 159 55.40 -130.08 -11.10
CA THR KA 160 51.99 -131.45 -9.92
CA GLU KA 161 50.32 -128.38 -11.35
CA GLU KA 162 50.67 -128.44 -15.10
CA ILE KA 163 49.91 -126.39 -18.18
CA GLU KA 164 49.69 -128.45 -21.34
CA VAL KA 165 51.58 -127.67 -24.56
CA HIS KA 166 50.40 -128.27 -28.12
CA MET KA 167 51.23 -127.42 -31.71
CA PRO KA 168 50.02 -123.95 -32.76
CA PRO KA 169 47.41 -124.27 -35.52
CA ASP KA 170 47.93 -121.08 -37.49
CA THR KA 171 49.51 -117.62 -37.52
CA PRO KA 172 47.96 -115.58 -40.32
CA ASP KA 173 48.59 -112.32 -42.16
CA HIS KA 174 46.64 -109.96 -44.37
CA THR KA 175 49.84 -108.02 -45.07
CA LEU KA 176 51.09 -111.06 -47.04
CA MET KA 177 48.60 -110.17 -49.82
CA SER KA 178 49.46 -107.54 -52.40
CA GLN KA 179 47.25 -107.07 -55.45
CA GLN KA 180 48.54 -106.37 -58.96
CA SER KA 181 45.26 -104.81 -60.20
CA GLY KA 182 43.06 -107.87 -59.76
CA ASN KA 183 46.02 -110.26 -59.47
CA VAL KA 184 47.19 -111.24 -55.98
CA LYS KA 185 50.93 -111.11 -55.56
CA ILE KA 186 50.49 -113.11 -52.35
CA THR KA 187 53.69 -112.89 -50.32
CA VAL KA 188 54.59 -116.17 -48.61
CA ASN KA 189 58.22 -115.72 -47.42
CA GLY KA 190 58.89 -119.44 -47.16
CA GLN KA 191 56.23 -120.61 -44.72
CA THR KA 192 53.20 -122.92 -44.80
CA VAL KA 193 50.59 -120.40 -45.93
CA ARG KA 194 47.14 -121.95 -45.49
CA TYR KA 195 45.43 -119.56 -48.91
CA LYS KA 196 42.26 -121.59 -49.17
CA CYS KA 197 40.19 -118.77 -50.54
CA ASN KA 198 37.54 -117.65 -53.00
CA CYS KA 199 39.90 -116.73 -55.85
CA GLY KA 200 38.99 -120.73 -56.90
CA GLY KA 201 40.80 -120.94 -53.59
CA SER KA 202 44.49 -121.21 -54.17
CA ASN KA 203 42.62 -122.61 -56.76
CA GLU KA 204 42.96 -124.78 -53.72
CA GLY KA 205 45.50 -125.66 -51.04
CA LEU KA 206 48.43 -124.59 -48.83
CA THR KA 207 51.62 -123.16 -50.29
CA THR KA 208 55.12 -122.89 -48.88
CA THR KA 209 56.84 -120.90 -51.66
CA ASP KA 210 56.03 -117.40 -52.89
CA LYS KA 211 53.02 -117.17 -55.21
CA VAL KA 212 51.70 -114.67 -57.75
CA ILE KA 213 48.10 -115.55 -58.56
CA ASN KA 214 45.98 -113.76 -61.13
CA ASN KA 215 42.18 -113.12 -61.24
CA CYS KA 216 41.91 -112.28 -57.55
CA LYS KA 217 41.67 -109.33 -55.16
CA VAL KA 218 41.75 -109.07 -51.33
CA ASP KA 219 37.94 -109.51 -51.33
CA GLN KA 220 38.57 -113.11 -52.45
CA CYS KA 221 41.63 -114.19 -50.50
CA HIS KA 222 43.73 -114.68 -47.33
CA ALA KA 223 47.20 -115.75 -46.19
CA ALA KA 224 47.76 -117.90 -43.10
CA VAL KA 225 51.04 -119.40 -41.92
CA THR KA 226 50.25 -122.65 -40.14
CA ASN KA 227 53.23 -122.55 -37.80
CA HIS KA 228 54.64 -125.98 -37.05
CA LYS KA 229 58.15 -125.71 -35.61
CA LYS KA 230 57.81 -125.05 -31.85
CA TRP KA 231 55.16 -125.83 -29.25
CA GLN KA 232 52.27 -123.64 -28.10
CA TYR KA 233 50.80 -123.99 -24.64
CA ASN KA 234 47.11 -124.02 -23.80
CA SER KA 235 46.21 -120.35 -23.61
CA PRO KA 236 42.75 -118.72 -23.85
CA LEU KA 237 44.13 -116.32 -26.50
CA VAL KA 238 45.44 -118.83 -29.04
CA PRO KA 239 42.90 -121.36 -30.38
CA ARG KA 240 42.76 -124.98 -31.59
CA ASN KA 241 43.07 -126.61 -35.01
CA ALA KA 242 39.32 -127.46 -35.49
CA GLU KA 243 39.38 -130.69 -33.60
CA LEU KA 244 42.33 -130.86 -31.24
CA GLY KA 245 44.88 -128.17 -30.70
CA ASP KA 246 44.82 -129.46 -27.17
CA ARG KA 247 47.25 -132.08 -28.44
CA LYS KA 248 49.77 -133.91 -26.35
CA GLY KA 249 52.76 -132.22 -24.72
CA LYS KA 250 53.94 -131.01 -21.32
CA ILE KA 251 55.40 -127.75 -20.06
CA HIS KA 252 55.95 -127.90 -16.33
CA ILE KA 253 55.35 -125.15 -13.81
CA PRO KA 254 57.75 -122.86 -11.96
CA PHE KA 255 57.24 -121.25 -8.53
CA PRO KA 256 55.48 -123.66 -6.13
CA LEU KA 257 53.87 -122.47 -2.89
CA ALA KA 258 55.10 -122.56 0.69
CA ASN KA 259 53.15 -122.28 3.94
CA VAL KA 260 56.12 -120.61 5.59
CA THR KA 261 57.01 -117.73 7.87
CA CYS KA 262 55.97 -114.16 7.29
CA ARG KA 263 56.37 -111.58 10.04
CA VAL KA 264 53.84 -109.01 11.24
CA PRO KA 265 54.93 -106.20 13.60
CA LYS KA 266 53.76 -106.16 17.18
CA ALA KA 267 51.80 -103.08 18.10
CA ARG KA 268 53.47 -100.82 20.62
CA ASN KA 269 52.13 -100.99 24.15
CA PRO KA 270 49.64 -98.27 25.15
CA THR KA 271 49.45 -96.64 28.55
CA VAL KA 272 47.08 -98.22 31.05
CA THR KA 273 45.51 -96.76 34.19
CA TYR KA 274 42.48 -97.27 36.43
CA GLY KA 275 38.96 -95.88 36.47
CA LYS KA 276 35.74 -96.48 38.40
CA ASN KA 277 35.63 -100.32 38.49
CA GLN KA 278 37.28 -100.06 35.08
CA VAL KA 279 40.32 -99.19 32.98
CA ILE KA 280 40.96 -95.71 31.59
CA MET KA 281 43.80 -95.91 29.08
CA LEU KA 282 45.03 -93.76 26.19
CA LEU KA 283 45.35 -96.15 23.26
CA TYR KA 284 48.31 -95.87 20.90
CA PRO KA 285 48.08 -96.97 17.28
CA ASP KA 286 49.74 -95.02 14.51
CA HIS KA 287 48.89 -97.52 11.77
CA PRO KA 288 45.48 -99.27 12.05
CA THR KA 289 45.40 -101.74 14.92
CA LEU KA 290 42.64 -103.96 16.28
CA LEU KA 291 41.19 -104.11 19.79
CA SER KA 292 39.34 -107.15 21.12
CA TYR KA 293 38.05 -107.77 24.64
CA ARG KA 294 35.93 -110.49 26.26
CA ASN KA 295 35.26 -111.63 29.82
CA MET KA 296 35.64 -114.76 31.92
CA GLY KA 297 31.92 -115.17 32.56
CA GLU KA 298 29.48 -117.73 31.19
CA GLU KA 299 28.83 -115.16 28.45
CA PRO KA 300 31.77 -114.10 26.24
CA ASN KA 301 31.05 -110.33 26.13
CA TYR KA 302 33.26 -110.25 23.07
CA GLN KA 303 33.76 -107.00 21.15
CA GLU KA 304 36.17 -106.25 18.29
CA GLU KA 305 37.16 -102.94 16.72
CA TRP KA 306 40.05 -101.43 14.75
CA VAL KA 307 41.86 -98.17 15.57
CA MET KA 308 44.54 -96.10 13.85
CA HIS KA 309 44.28 -93.01 16.03
CA LYS KA 310 45.57 -92.13 19.48
CA LYS KA 311 42.40 -92.05 21.55
CA GLU KA 312 41.05 -92.66 25.05
CA VAL KA 313 39.18 -95.93 25.52
CA VAL KA 314 37.23 -96.69 28.70
CA LEU KA 315 37.49 -100.39 29.54
CA THR KA 316 34.85 -101.61 31.98
CA VAL KA 317 36.12 -104.53 34.04
CA PRO KA 318 33.57 -106.81 35.76
CA THR KA 319 34.60 -108.32 39.09
CA GLU KA 320 35.27 -111.65 37.34
CA GLY KA 321 37.63 -109.77 35.02
CA LEU KA 322 38.08 -109.66 31.26
CA GLU KA 323 40.79 -109.83 28.61
CA VAL KA 324 42.00 -107.28 26.10
CA THR KA 325 44.16 -107.98 23.04
CA TRP KA 326 46.20 -105.29 21.28
CA GLY KA 327 47.74 -105.70 17.86
CA ASN KA 328 50.12 -108.63 17.83
CA ASN KA 329 50.67 -108.60 21.60
CA GLU KA 330 49.47 -111.17 24.12
CA PRO KA 331 46.08 -110.73 25.87
CA TYR KA 332 45.99 -108.73 29.08
CA LYS KA 333 43.55 -109.93 31.76
CA TYR KA 334 42.37 -107.71 34.60
CA TRP KA 335 40.76 -108.00 38.04
CA PRO KA 336 39.10 -104.91 39.47
CA GLN KA 337 38.61 -103.28 42.84
CA LEU KA 338 36.56 -100.27 43.85
CA SER KA 339 36.20 -96.08 43.36
CA THR KA 340 38.15 -94.16 46.70
CA ASN KA 341 36.01 -90.53 47.32
CA GLY KA 342 33.26 -90.62 49.94
CA THR KA 343 33.14 -87.24 52.60
CA ALA KA 344 33.23 -87.84 56.29
CA HIS KA 345 31.22 -91.11 58.21
CA GLY KA 346 30.75 -91.29 61.95
CA HIS KA 347 30.29 -93.24 64.54
CA PRO KA 348 28.82 -91.43 67.16
CA HIS KA 349 26.32 -94.13 64.91
CA GLU KA 350 27.04 -94.11 61.16
CA ILE KA 351 29.74 -96.39 59.75
CA ILE KA 352 28.10 -97.62 56.56
CA LEU KA 353 30.54 -95.65 54.45
CA TYR KA 354 32.78 -98.40 55.77
CA TYR KA 355 30.16 -100.53 53.99
CA TYR KA 356 30.14 -98.21 50.95
CA GLU KA 357 33.61 -99.07 49.62
CA LEU KA 358 32.88 -102.59 50.90
CA TYR KA 359 32.06 -104.25 47.53
CA PRO KA 360 29.19 -101.90 46.45
CA THR KA 361 26.02 -102.74 44.54
CA MET KA 362 26.27 -105.39 47.26
CA THR KA 363 25.95 -104.67 51.01
CA VAL KA 364 25.15 -101.11 49.94
CA VAL KA 365 21.85 -101.87 48.16
CA VAL KA 366 21.32 -105.60 48.71
CA VAL KA 367 21.55 -104.79 52.37
CA SER KA 368 18.72 -102.29 51.73
CA VAL KA 369 16.34 -104.95 50.43
CA ALA KA 370 17.35 -107.03 53.46
CA THR KA 371 16.28 -104.46 56.01
CA PHE KA 372 12.66 -105.57 55.65
CA ILE KA 373 13.33 -108.15 58.36
CA LEU KA 374 14.48 -105.10 60.32
CA LEU KA 375 11.43 -103.12 59.16
CA SER KA 376 8.78 -105.75 59.93
CA MET KA 377 8.24 -104.05 63.33
CA VAL KA 378 5.74 -101.31 62.47
CA GLY KA 379 2.69 -103.49 61.77
CA MET KA 380 3.80 -105.78 64.60
CA ALA KA 381 3.29 -102.73 66.83
CA ALA KA 382 -0.09 -101.83 65.32
CA GLY KA 383 -2.62 -104.68 65.80
CA MET KA 384 -0.62 -105.44 68.89
CA CYS KA 385 -1.85 -102.14 70.25
CA MET KA 386 -5.47 -102.34 68.99
CA CYS KA 387 -5.67 -105.27 71.41
CA ALA KA 388 -4.21 -102.86 73.98
CA ARG KA 389 -6.38 -99.73 73.65
CA ARG KA 390 -9.44 -100.64 71.58
CA ARG KA 391 -10.22 -103.61 73.83
CA CYS KA 392 -9.88 -101.65 77.08
CA ILE KA 393 -13.53 -100.84 77.69
CA THR KA 394 -14.78 -103.17 74.94
CA PRO KA 395 -14.87 -106.92 75.67
CA TYR KA 396 -16.21 -107.89 79.16
CA GLU KA 397 -18.67 -105.82 81.17
CA LEU KA 398 -19.19 -108.55 83.69
CA THR KA 399 -17.44 -107.26 86.83
CA PRO KA 400 -18.84 -103.87 87.92
CA GLY KA 401 -16.39 -101.00 88.61
CA ALA KA 402 -17.56 -98.24 86.12
CA THR KA 403 -13.88 -98.49 85.00
CA VAL KA 404 -10.60 -99.89 86.22
CA PRO KA 405 -9.93 -97.36 89.01
CA PHE KA 406 -6.23 -98.07 89.53
CA LEU KA 407 -4.62 -99.97 86.68
CA LEU KA 408 -5.33 -97.67 83.76
CA SER KA 409 -1.95 -96.02 83.04
CA LEU KA 410 -0.85 -99.67 82.97
CA ILE KA 411 -3.35 -99.88 80.07
CA CYS KA 412 -3.37 -96.23 78.80
CA CYS KA 413 -6.27 -96.40 76.45
CA ILE KA 414 -7.59 -93.49 74.40
CA ARG KA 415 -7.57 -89.67 74.45
CA THR KA 416 -5.42 -89.99 77.56
CA ALA KA 417 -6.35 -86.56 78.86
CA LYS KA 418 -8.29 -86.51 82.16
CA ALA KA 419 -7.17 -85.02 85.52
CA TYR LA 1 -18.56 -19.58 -35.87
CA GLU LA 2 -21.67 -19.65 -38.04
CA HIS LA 3 -23.66 -16.70 -36.72
CA VAL LA 4 -27.24 -17.27 -37.86
CA THR LA 5 -29.29 -14.17 -37.14
CA VAL LA 6 -32.75 -12.94 -38.14
CA ILE LA 7 -32.83 -9.28 -39.11
CA PRO LA 8 -36.14 -7.44 -39.58
CA ASN LA 9 -37.28 -5.86 -42.85
CA THR LA 10 -36.85 -2.10 -42.98
CA VAL LA 11 -35.71 0.86 -44.95
CA GLY LA 12 -32.19 1.75 -43.87
CA VAL LA 13 -32.53 1.25 -40.09
CA PRO LA 14 -29.33 -0.34 -38.70
CA TYR LA 15 -30.35 -3.26 -36.52
CA LYS LA 16 -27.77 -4.02 -33.82
CA THR LA 17 -26.61 -7.57 -34.47
CA LEU LA 18 -24.77 -9.22 -31.59
CA VAL LA 19 -21.95 -11.23 -33.11
CA ASN LA 20 -20.86 -12.93 -29.90
CA ARG LA 21 -17.64 -14.81 -30.26
CA PRO LA 22 -17.24 -18.26 -28.70
CA GLY LA 23 -15.03 -17.42 -25.77
CA TYR LA 24 -13.75 -14.09 -26.99
CA SER LA 25 -14.82 -10.43 -26.82
CA PRO LA 26 -17.82 -9.90 -29.16
CA MET LA 27 -17.95 -7.40 -31.99
CA VAL LA 28 -21.61 -6.40 -32.10
CA LEU LA 29 -22.19 -5.21 -35.66
CA GLU LA 30 -25.21 -3.37 -37.02
CA MET LA 31 -26.80 -4.04 -40.40
CA GLU LA 32 -29.46 -2.28 -42.44
CA LEU LA 33 -31.05 -3.47 -45.65
CA LEU LA 34 -31.73 -1.16 -48.57
CA SER LA 35 -33.97 -2.87 -51.15
CA VAL LA 36 -36.23 -5.92 -51.10
CA THR LA 37 -36.52 -6.57 -54.81
CA LEU LA 38 -38.97 -9.43 -55.39
CA GLU LA 39 -40.01 -10.02 -58.97
CA PRO LA 40 -43.14 -11.64 -60.38
CA THR LA 41 -43.28 -13.31 -63.76
CA LEU LA 42 -44.65 -11.99 -67.01
CA SER LA 43 -46.70 -14.20 -69.28
CA LEU LA 44 -48.51 -12.57 -72.18
CA ASP LA 45 -52.24 -13.06 -72.52
CA TYR LA 46 -52.76 -10.26 -75.04
CA ILE LA 47 -51.82 -6.73 -75.91
CA THR LA 48 -54.36 -4.19 -77.07
CA CYS LA 49 -54.13 -1.28 -79.48
CA GLU LA 50 -56.35 1.49 -80.68
CA TYR LA 51 -58.73 0.57 -83.45
CA LYS LA 52 -57.92 1.51 -87.03
CA THR LA 53 -61.01 1.21 -89.17
CA VAL LA 54 -59.11 1.09 -92.44
CA ILE LA 55 -61.80 2.21 -94.88
CA PRO LA 56 -60.83 1.83 -98.54
CA SER LA 57 -62.81 3.32 -101.37
CA PRO LA 58 -66.48 2.30 -101.63
CA TYR LA 59 -67.84 -0.17 -104.15
CA VAL LA 60 -70.42 1.65 -106.29
CA LYS LA 61 -72.36 0.42 -109.32
CA CYS LA 62 -74.17 2.37 -112.06
CA CYS LA 63 -77.81 1.41 -112.71
CA GLY LA 64 -77.29 -1.94 -111.02
CA THR LA 65 -77.10 -3.66 -107.67
CA ALA LA 66 -73.68 -3.92 -106.06
CA GLU LA 67 -72.76 -7.21 -104.40
CA CYS LA 68 -71.56 -8.10 -100.90
CA LYS LA 69 -68.51 -10.33 -101.32
CA ASP LA 70 -67.77 -11.62 -97.84
CA LYS LA 71 -64.27 -12.66 -96.89
CA ASN LA 72 -62.08 -12.68 -93.86
CA LEU LA 73 -60.65 -9.33 -92.89
CA PRO LA 74 -60.08 -8.42 -89.22
CA ASP LA 75 -63.61 -7.33 -88.23
CA TYR LA 76 -64.67 -7.40 -91.88
CA SER LA 77 -67.69 -5.36 -92.89
CA CYS LA 78 -69.28 -4.55 -96.23
CA LYS LA 79 -72.88 -3.57 -96.88
CA VAL LA 80 -74.39 -2.60 -100.22
CA PHE LA 81 -76.22 0.72 -100.06
CA THR LA 82 -78.78 1.01 -102.81
CA GLY LA 83 -80.66 3.88 -104.37
CA VAL LA 84 -78.02 6.50 -103.59
CA TYR LA 85 -77.56 9.25 -106.19
CA PRO LA 86 -74.00 10.30 -105.39
CA PHE LA 87 -72.53 13.65 -106.36
CA MET LA 88 -69.02 14.78 -107.13
CA TRP LA 89 -67.68 18.28 -107.94
CA GLY LA 90 -69.67 18.76 -111.11
CA GLY LA 91 -72.86 17.29 -109.71
CA ALA LA 92 -73.91 13.67 -109.78
CA TYR LA 93 -71.51 10.74 -110.17
CA CYS LA 94 -73.99 9.08 -112.52
CA PHE LA 95 -77.31 9.89 -114.15
CA CYS LA 96 -79.26 6.97 -113.01
CA ASP LA 97 -82.71 8.34 -112.31
CA ALA LA 98 -82.69 6.87 -108.81
CA GLU LA 99 -80.34 3.49 -108.68
CA ASN LA 100 -76.72 3.73 -107.76
CA THR LA 101 -75.71 1.01 -105.32
CA GLN LA 102 -72.61 1.72 -103.27
CA LEU LA 103 -71.04 -0.89 -101.00
CA SER LA 104 -68.93 0.58 -98.24
CA GLU LA 105 -65.95 -1.51 -97.15
CA ALA LA 106 -64.57 -1.13 -93.64
CA HIS LA 107 -62.51 -3.38 -91.40
CA VAL LA 108 -60.05 -2.90 -88.55
CA GLU LA 109 -56.32 -3.59 -88.21
CA LYS LA 110 -53.78 -3.14 -85.43
CA SER LA 111 -51.68 -0.07 -84.79
CA GLU LA 112 -48.19 0.97 -85.75
CA SER LA 113 -48.33 3.02 -82.56
CA CYS LA 114 -49.20 -0.09 -80.53
CA LYS LA 115 -46.09 -1.77 -81.90
CA THR LA 116 -43.99 0.25 -79.47
CA GLU LA 117 -46.45 1.93 -77.07
CA PHE LA 118 -49.45 -0.07 -75.99
CA ALA LA 119 -51.36 -1.60 -73.12
CA SER LA 120 -50.37 -5.21 -72.54
CA ALA LA 121 -52.35 -7.79 -70.55
CA TYR LA 122 -50.39 -10.49 -68.78
CA ARG LA 123 -50.08 -12.54 -65.61
CA ALA LA 124 -47.42 -11.97 -62.96
CA HIS LA 125 -46.82 -14.98 -60.77
CA THR LA 126 -43.63 -15.82 -58.86
CA ALA LA 127 -41.63 -14.86 -55.80
CA SER LA 128 -37.97 -14.21 -56.60
CA ALA LA 129 -36.63 -11.84 -53.95
CA SER LA 130 -33.44 -9.75 -54.16
CA ALA LA 131 -31.70 -7.94 -51.32
CA LYS LA 132 -29.40 -4.94 -50.86
CA LEU LA 133 -27.82 -5.20 -47.42
CA ARG LA 134 -25.32 -2.94 -45.63
CA VAL LA 135 -22.84 -4.17 -43.00
CA LEU LA 136 -20.18 -2.28 -41.12
CA TYR LA 137 -17.58 -4.96 -41.47
CA GLN LA 138 -15.50 -4.64 -38.33
CA GLY LA 139 -16.71 -1.07 -38.70
CA ASN LA 140 -16.03 -0.99 -42.45
CA ASN LA 141 -19.17 0.40 -44.08
CA ILE LA 142 -19.78 -1.96 -47.00
CA THR LA 143 -22.95 -2.95 -48.82
CA VAL LA 144 -23.49 -6.56 -49.92
CA THR LA 145 -25.91 -7.70 -52.59
CA ALA LA 146 -28.16 -10.70 -52.07
CA TYR LA 147 -31.25 -12.53 -53.01
CA ALA LA 148 -33.66 -12.30 -50.09
CA ASN LA 149 -34.56 -15.95 -50.37
CA GLY LA 150 -32.32 -18.90 -49.48
CA ASP LA 151 -30.50 -19.25 -52.80
CA HIS LA 152 -27.90 -16.51 -53.37
CA ALA LA 153 -24.81 -16.70 -51.19
CA VAL LA 154 -21.50 -15.04 -52.08
CA THR LA 155 -18.35 -14.62 -50.01
CA VAL LA 156 -17.08 -11.07 -49.55
CA LYS LA 157 -14.25 -10.07 -47.18
CA ASP LA 158 -13.76 -13.45 -45.42
CA ALA LA 159 -17.49 -14.01 -44.78
CA LYS LA 160 -20.60 -15.05 -46.68
CA PHE LA 161 -24.31 -15.07 -45.85
CA ILE LA 162 -27.57 -16.91 -46.25
CA VAL LA 163 -30.02 -14.02 -46.56
CA GLY LA 164 -33.50 -15.38 -46.16
CA PRO LA 165 -35.56 -17.35 -47.11
CA MET LA 166 -38.39 -14.88 -46.93
CA SER LA 167 -40.90 -15.24 -44.12
CA SER LA 168 -43.71 -13.11 -45.54
CA ALA LA 169 -44.80 -14.26 -49.00
CA TRP LA 170 -47.00 -11.20 -49.65
CA THR LA 171 -47.03 -9.77 -53.15
CA PRO LA 172 -48.75 -6.62 -54.44
CA PHE LA 173 -49.13 -8.36 -57.82
CA ASP LA 174 -52.43 -9.97 -58.82
CA ASN LA 175 -53.00 -12.57 -61.50
CA LYS LA 176 -54.49 -10.22 -64.10
CA ILE LA 177 -52.46 -7.08 -64.67
CA VAL LA 178 -51.92 -4.68 -67.58
CA VAL LA 179 -48.73 -2.72 -68.33
CA TYR LA 180 -48.86 0.32 -70.60
CA LYS LA 181 -45.82 2.11 -72.18
CA GLY LA 182 -44.31 2.81 -68.77
CA ASP LA 183 -46.82 2.05 -66.01
CA VAL LA 184 -48.45 -1.18 -64.81
CA TYR LA 185 -52.10 -1.50 -63.80
CA ASN LA 186 -53.55 -4.40 -61.81
CA MET LA 187 -57.01 -4.24 -63.31
CA ASP LA 188 -58.45 -7.74 -63.69
CA TYR LA 189 -58.72 -7.55 -67.47
CA PRO LA 190 -61.17 -9.50 -69.56
CA PRO LA 191 -58.73 -11.97 -71.15
CA PHE LA 192 -57.94 -12.87 -74.76
CA GLY LA 193 -60.91 -12.88 -77.12
CA ALA LA 194 -63.19 -11.24 -74.54
CA GLY LA 195 -62.92 -7.61 -75.65
CA ARG LA 196 -66.43 -6.24 -75.97
CA PRO LA 197 -67.30 -3.33 -78.34
CA GLY LA 198 -66.09 -0.21 -76.65
CA GLN LA 199 -64.35 -2.25 -73.98
CA PHE LA 200 -60.63 -2.13 -73.17
CA GLY LA 201 -59.07 -4.79 -75.36
CA ASP LA 202 -61.66 -5.03 -78.12
CA ILE LA 203 -58.70 -5.14 -80.50
CA GLN LA 204 -56.97 -8.08 -78.96
CA SER LA 205 -53.77 -9.81 -80.02
CA ARG LA 206 -50.98 -11.45 -78.07
CA THR LA 207 -47.85 -9.67 -79.29
CA PRO LA 208 -47.85 -6.30 -81.17
CA GLU LA 209 -46.75 -8.01 -84.40
CA SER LA 210 -49.13 -10.95 -83.92
CA LYS LA 211 -52.11 -10.93 -86.26
CA ASP LA 212 -54.24 -13.20 -84.04
CA VAL LA 213 -56.81 -10.44 -84.19
CA TYR LA 214 -59.80 -10.71 -81.96
CA ALA LA 215 -61.82 -7.71 -83.05
CA ASN LA 216 -65.25 -7.17 -81.52
CA THR LA 217 -65.41 -3.41 -81.94
CA GLN LA 218 -68.63 -2.62 -83.91
CA LEU LA 219 -67.58 -2.26 -87.56
CA VAL LA 220 -70.93 -1.28 -89.09
CA LEU LA 221 -72.03 1.18 -91.80
CA GLN LA 222 -75.50 2.71 -91.93
CA ARG LA 223 -76.07 4.26 -95.47
CA PRO LA 224 -75.09 7.34 -97.45
CA ALA LA 225 -78.68 8.41 -97.91
CA ALA LA 226 -79.21 9.63 -101.48
CA GLY LA 227 -76.93 12.59 -101.88
CA THR LA 228 -73.17 12.38 -102.39
CA VAL LA 229 -70.04 10.25 -102.48
CA HIS LA 230 -70.15 9.49 -98.83
CA VAL LA 231 -69.42 7.01 -96.09
CA PRO LA 232 -71.23 7.70 -92.80
CA TYR LA 233 -69.92 5.56 -89.99
CA SER LA 234 -71.73 4.51 -86.86
CA GLN LA 235 -68.95 4.27 -84.32
CA ALA LA 236 -66.28 1.74 -83.65
CA PRO LA 237 -65.94 2.32 -79.89
CA SER LA 238 -62.49 1.64 -78.73
CA GLY LA 239 -59.93 -0.03 -76.51
CA PHE LA 240 -57.53 2.92 -76.00
CA LYS LA 241 -59.86 5.92 -76.41
CA TYR LA 242 -61.92 3.95 -73.87
CA TRP LA 243 -58.82 3.33 -71.71
CA LEU LA 244 -57.25 6.80 -71.52
CA LYS LA 245 -59.73 7.99 -68.86
CA GLU LA 246 -59.86 4.76 -66.82
CA ARG LA 247 -56.11 4.30 -66.40
CA GLY LA 248 -56.38 5.20 -62.73
CA ALA LA 249 -53.53 4.35 -60.38
CA SER LA 250 -50.46 2.27 -61.12
CA LEU LA 251 -49.09 -0.42 -58.80
CA GLN LA 252 -46.61 2.09 -57.43
CA HIS LA 253 -49.74 4.08 -56.53
CA THR LA 254 -51.86 1.36 -54.93
CA ALA LA 255 -49.46 -1.06 -53.21
CA PRO LA 256 -49.68 -1.31 -49.42
CA PHE LA 257 -46.58 -1.04 -47.22
CA GLY LA 258 -45.99 2.20 -49.16
CA CYS LA 259 -43.31 0.99 -51.56
CA GLN LA 260 -43.07 1.73 -55.24
CA ILE LA 261 -43.02 -0.85 -57.99
CA ALA LA 262 -40.01 -0.74 -60.29
CA THR LA 263 -40.81 -1.52 -63.90
CA ASN LA 264 -39.26 -2.92 -67.12
CA PRO LA 265 -39.32 -5.80 -66.06
CA VAL LA 266 -41.86 -5.23 -63.27
CA ARG LA 267 -40.94 -6.01 -59.64
CA ALA LA 268 -41.65 -4.67 -56.15
CA VAL LA 269 -38.88 -2.71 -54.46
CA ASN LA 270 -38.61 -2.79 -50.64
CA CYS LA 271 -41.97 -3.08 -48.96
CA ALA LA 272 -40.82 -3.50 -45.35
CA VAL LA 273 -42.67 -6.73 -44.53
CA GLY LA 274 -41.50 -9.57 -42.31
CA ASN LA 275 -37.90 -10.39 -41.43
CA MET LA 276 -34.64 -11.65 -42.94
CA PRO LA 277 -33.03 -14.85 -41.65
CA ILE LA 278 -29.33 -14.11 -42.16
CA SER LA 279 -26.81 -16.92 -41.67
CA ILE LA 280 -23.30 -15.40 -41.70
CA ASP LA 281 -20.03 -16.89 -40.49
CA ILE LA 282 -16.97 -15.61 -38.63
CA PRO LA 283 -13.74 -17.43 -37.74
CA GLU LA 284 -11.82 -16.96 -34.56
CA ALA LA 285 -8.74 -16.16 -36.66
CA ALA LA 286 -9.70 -12.87 -38.35
CA PHE LA 287 -11.39 -11.91 -35.07
CA THR LA 288 -9.55 -11.05 -31.89
CA ARG LA 289 -9.35 -12.47 -28.39
CA VAL LA 290 -10.87 -11.38 -25.09
CA VAL LA 291 -7.37 -11.13 -23.57
CA ASP LA 292 -5.90 -8.55 -25.97
CA ALA LA 293 -9.20 -6.72 -25.93
CA PRO LA 294 -9.23 -4.65 -22.73
CA SER LA 295 -11.27 -6.03 -19.86
CA LEU LA 296 -13.15 -3.26 -18.16
CA THR LA 297 -14.56 -2.31 -14.76
CA ASP LA 298 -15.51 0.89 -12.89
CA MET LA 299 -18.40 1.56 -15.28
CA SER LA 300 -20.66 4.14 -13.63
CA CYS LA 301 -24.16 4.06 -15.09
CA GLU LA 302 -25.61 7.42 -16.10
CA VAL LA 303 -26.99 9.26 -19.10
CA PRO LA 304 -26.63 12.93 -19.89
CA ALA LA 305 -30.11 12.73 -21.44
CA CYS LA 306 -32.47 10.39 -23.29
CA THR LA 307 -35.72 11.09 -25.13
CA HIS LA 308 -38.02 8.11 -25.68
CA SER LA 309 -39.40 8.65 -29.17
CA SER LA 310 -38.47 7.21 -32.57
CA ASP LA 311 -35.53 9.64 -32.71
CA PHE LA 312 -31.92 9.12 -31.59
CA GLY LA 313 -32.62 11.41 -28.64
CA GLY LA 314 -30.73 9.21 -26.22
CA VAL LA 315 -27.08 9.05 -25.27
CA ALA LA 316 -25.26 7.43 -22.34
CA ILE LA 317 -21.88 8.45 -20.94
CA ILE LA 318 -20.02 5.68 -19.15
CA LYS LA 319 -17.10 6.66 -16.94
CA TYR LA 320 -14.85 3.65 -16.50
CA ALA LA 321 -11.40 2.09 -16.23
CA ALA LA 322 -10.40 -0.65 -18.67
CA SER LA 323 -7.13 -2.59 -18.78
CA LYS LA 324 -5.29 -2.40 -22.12
CA LYS LA 325 -5.39 -0.58 -25.43
CA GLY LA 326 -7.88 -1.89 -27.97
CA LYS LA 327 -11.29 -1.57 -29.57
CA CYS LA 328 -14.51 -2.80 -28.01
CA ALA LA 329 -18.18 -3.52 -28.71
CA VAL LA 330 -21.43 -2.31 -27.10
CA HIS LA 331 -24.66 -4.29 -26.72
CA SER LA 332 -27.78 -3.95 -24.63
CA MET LA 333 -30.27 -6.84 -24.64
CA THR LA 334 -33.04 -4.29 -24.52
CA ASN LA 335 -34.10 -4.43 -28.15
CA ALA LA 336 -36.64 -1.61 -27.85
CA VAL LA 337 -33.73 0.69 -27.02
CA THR LA 338 -31.54 0.57 -30.12
CA ILE LA 339 -27.95 1.71 -29.65
CA ARG LA 340 -26.49 3.75 -32.49
CA GLU LA 341 -22.81 2.81 -32.41
CA ALA LA 342 -20.95 -0.12 -30.87
CA GLU LA 343 -17.32 -0.16 -32.05
CA ILE LA 344 -15.27 2.19 -29.88
CA GLU LA 345 -11.55 2.15 -29.18
CA VAL LA 346 -11.34 1.63 -24.49
CA GLU LA 347 -7.66 2.45 -23.80
CA GLY LA 348 -7.70 1.69 -20.06
CA ASN LA 349 -8.83 4.46 -17.73
CA SER LA 350 -11.11 6.66 -19.82
CA GLN LA 351 -14.71 7.58 -20.66
CA LEU LA 352 -16.68 6.74 -23.79
CA GLN LA 353 -19.97 7.65 -25.42
CA ILE LA 354 -22.82 5.64 -26.88
CA SER LA 355 -25.97 7.19 -28.31
CA PHE LA 356 -29.25 5.35 -28.78
CA SER LA 357 -32.80 5.57 -29.95
CA THR LA 358 -34.77 5.46 -26.76
CA ALA LA 359 -37.83 3.54 -25.63
CA LEU LA 360 -38.16 3.30 -21.86
CA ALA LA 361 -39.24 6.19 -19.65
CA SER LA 362 -37.02 4.87 -16.86
CA ALA LA 363 -34.36 3.19 -19.01
CA GLU LA 364 -32.94 0.80 -16.41
CA PHE LA 365 -31.18 -1.82 -18.53
CA ARG LA 366 -27.81 -3.54 -18.87
CA VAL LA 367 -25.09 -3.19 -21.49
CA GLN LA 368 -22.84 -6.10 -22.46
CA VAL LA 369 -19.45 -4.52 -23.11
CA CYS LA 370 -17.13 -7.21 -24.60
CA SER LA 371 -18.20 -10.21 -22.45
CA THR LA 372 -18.48 -7.93 -19.39
CA GLN LA 373 -21.82 -6.90 -17.97
CA VAL LA 374 -22.64 -3.43 -16.66
CA HIS LA 375 -26.10 -2.09 -15.93
CA CYS LA 376 -27.10 1.27 -17.42
CA ALA LA 377 -29.25 3.66 -15.40
CA ALA LA 378 -31.44 6.33 -17.00
CA GLU LA 379 -34.56 8.41 -16.40
CA CYS LA 380 -35.74 9.55 -19.80
CA HIS LA 381 -37.56 13.04 -21.87
CA PRO LA 382 -41.10 12.68 -23.15
CA PRO LA 383 -41.42 13.16 -26.90
CA LYS LA 384 -41.70 16.82 -27.86
CA ARG LA 385 -40.84 18.90 -30.93
CA THR LA 386 -38.16 15.57 -32.28
CA THR LA 387 -40.79 16.77 -35.68
CA VAL LA 388 -42.27 15.49 -39.00
CA TYR LA 389 -39.86 14.26 -41.51
CA TYR LA 390 -37.31 11.61 -38.93
CA PRO LA 391 -36.89 9.09 -41.74
CA ALA LA 392 -36.89 5.98 -39.52
CA SER LA 393 -38.35 4.29 -36.48
CA HIS LA 394 -36.86 1.67 -34.17
CA THR LA 395 -39.38 1.04 -30.54
CA THR LA 396 -41.79 -1.57 -29.17
CA LEU LA 397 -43.85 -0.22 -26.30
CA GLY LA 398 -46.93 -2.03 -25.12
CA VAL LA 399 -44.96 -5.17 -24.47
CA GLN LA 400 -45.90 -6.31 -20.33
CA ASP LA 401 -43.42 -4.27 -18.31
CA ILE LA 402 -43.80 -0.49 -18.65
CA SER LA 403 -42.08 0.12 -15.31
CA ALA LA 404 -41.18 3.81 -15.12
CA THR LA 405 -40.67 6.43 -12.40
CA ALA LA 406 -44.43 6.50 -11.68
CA MET LA 407 -44.64 2.69 -11.48
CA SER LA 408 -43.11 2.76 -7.97
CA TRP LA 409 -46.53 3.69 -6.58
CA VAL LA 410 -48.22 1.03 -8.70
CA GLN LA 411 -45.78 -1.85 -8.20
CA LYS LA 412 -44.90 -1.33 -4.52
CA ILE LA 413 -47.62 0.20 -2.37
CA THR LA 414 -50.90 -0.98 -3.85
CA GLY LA 415 -49.23 -4.19 -4.94
CA GLY LA 416 -48.75 -4.84 -1.21
CA VAL LA 417 -52.44 -4.69 -0.30
CA GLY LA 418 -53.22 -8.38 -0.66
CA LEU LA 419 -51.95 -9.57 2.72
CA VAL LA 420 -55.31 -9.24 4.41
CA VAL LA 421 -56.81 -12.53 3.16
CA ALA LA 422 -55.52 -14.51 6.19
CA VAL LA 423 -57.92 -13.02 8.78
CA ALA LA 424 -60.77 -15.43 8.02
CA ALA LA 425 -58.27 -18.29 8.37
CA LEU LA 426 -56.12 -16.79 11.13
CA ILE LA 427 -58.08 -17.44 14.33
CA LEU LA 428 -61.45 -17.45 12.60
CA ILE LA 429 -60.55 -21.02 11.57
CA VAL LA 430 -61.73 -22.30 14.97
CA VAL LA 431 -65.12 -20.76 14.09
CA LEU LA 432 -65.32 -21.13 10.31
CA CYS LA 433 -66.34 -24.28 8.52
CA VAL LA 434 -69.40 -26.49 8.04
CA SER LA 435 -67.09 -29.52 8.03
CA PHE LA 436 -63.43 -28.78 7.26
CA SER LA 437 -61.21 -27.26 9.84
CA ARG LA 438 -60.57 -27.83 13.50
CA HIS LA 439 -59.79 -31.09 15.28
CA ASN MA 1 -36.69 9.99 -102.33
CA PHE MA 2 -40.50 10.00 -101.86
CA ASN MA 3 -40.92 8.69 -105.42
CA VAL MA 4 -44.58 7.76 -104.98
CA TYR MA 5 -46.01 11.28 -104.57
CA LYS MA 6 -45.04 11.92 -108.18
CA ALA MA 7 -47.10 9.60 -110.43
CA THR MA 8 -50.20 10.19 -108.27
CA ARG MA 9 -53.01 12.70 -108.64
CA PRO MA 10 -55.40 14.44 -106.24
CA TYR MA 11 -59.16 14.26 -106.22
CA LEU MA 12 -61.78 16.99 -105.91
CA ALA MA 13 -64.37 15.72 -103.46
CA HIS MA 14 -67.08 17.09 -101.21
CA CYS MA 15 -65.90 18.69 -98.03
CA PRO MA 16 -68.45 18.11 -95.23
CA ASP MA 17 -68.26 21.85 -94.52
CA CYS MA 18 -66.32 24.14 -96.85
CA GLY MA 19 -66.62 27.04 -94.41
CA GLU MA 20 -69.49 29.57 -94.32
CA GLY MA 21 -71.64 27.04 -92.42
CA HIS MA 22 -72.28 24.94 -95.54
CA SER MA 23 -70.56 22.45 -97.80
CA CYS MA 24 -69.24 22.07 -101.34
CA HIS MA 25 -66.47 20.26 -103.21
CA SER MA 26 -62.86 20.60 -102.31
CA PRO MA 27 -59.26 19.76 -103.24
CA VAL MA 28 -58.56 19.66 -99.49
CA ALA MA 29 -61.43 17.27 -98.70
CA LEU MA 30 -60.08 15.34 -95.70
CA GLU MA 31 -59.98 11.55 -95.63
CA ARG MA 32 -57.88 10.59 -92.59
CA ILE MA 33 -57.32 12.08 -89.12
CA ARG MA 34 -54.68 10.76 -86.69
CA ASN MA 35 -53.37 12.15 -83.41
CA GLU MA 36 -52.03 9.04 -81.67
CA ALA MA 37 -48.90 11.08 -80.87
CA THR MA 38 -49.07 11.72 -77.11
CA ASP MA 39 -47.40 15.12 -77.40
CA GLY MA 40 -50.47 16.21 -79.38
CA THR MA 41 -49.18 16.52 -82.95
CA LEU MA 42 -51.95 15.69 -85.40
CA LYS MA 43 -51.42 13.87 -88.71
CA ILE MA 44 -53.97 14.47 -91.46
CA GLN MA 45 -53.85 13.16 -95.01
CA VAL MA 46 -55.15 15.92 -97.25
CA SER MA 47 -56.66 14.83 -100.57
CA LEU MA 48 -54.14 16.79 -102.62
CA GLN MA 49 -50.40 16.56 -102.14
CA ILE MA 50 -48.02 19.36 -101.24
CA GLY MA 51 -44.36 19.83 -102.02
CA ILE MA 52 -44.31 18.39 -105.56
CA LYS MA 53 -45.58 20.07 -108.74
CA THR MA 54 -47.39 18.29 -111.54
CA ASP MA 55 -43.94 17.64 -113.04
CA ASP MA 56 -43.80 14.51 -110.82
CA SER MA 57 -40.37 15.58 -109.61
CA HIS MA 58 -38.35 15.82 -106.38
CA ASP MA 59 -39.74 19.34 -105.95
CA TRP MA 60 -40.44 21.33 -102.84
CA THR MA 61 -41.57 24.73 -104.08
CA LYS MA 62 -45.15 24.02 -105.21
CA LEU MA 63 -48.09 21.67 -104.57
CA ARG MA 64 -50.16 19.41 -106.81
CA TYR MA 65 -53.90 19.94 -106.49
CA MET MA 66 -56.82 18.73 -108.58
CA ASP MA 67 -58.62 21.16 -110.92
CA ASN MA 68 -60.35 21.05 -114.33
CA HIS MA 69 -60.19 17.25 -114.76
CA MET MA 70 -56.41 17.28 -114.16
CA PRO MA 71 -53.74 17.80 -111.50
CA ALA MA 72 -53.07 21.53 -111.23
CA ASP MA 73 -50.30 23.41 -109.42
CA ALA MA 74 -50.33 25.91 -106.58
CA GLU MA 75 -47.51 27.22 -104.41
CA ARG MA 76 -46.11 25.40 -101.37
CA ALA MA 77 -46.46 28.37 -98.99
CA GLY MA 78 -50.18 28.94 -99.61
CA LEU MA 79 -51.34 26.70 -96.75
CA PHE MA 80 -53.27 27.85 -93.67
CA VAL MA 81 -54.98 25.85 -90.91
CA ARG MA 82 -57.12 26.83 -87.93
CA THR MA 83 -58.51 24.61 -85.18
CA SER MA 84 -59.76 27.38 -82.88
CA ALA MA 85 -56.81 29.71 -83.45
CA PRO MA 86 -54.63 29.74 -86.58
CA CYS MA 87 -52.29 27.08 -85.31
CA THR MA 88 -48.70 26.14 -85.96
CA ILE MA 89 -47.12 23.56 -88.28
CA THR MA 90 -44.26 21.16 -87.55
CA GLY MA 91 -43.53 19.59 -90.95
CA THR MA 92 -45.58 18.55 -94.00
CA ILE MA 93 -44.70 16.39 -97.00
CA GLY MA 94 -46.75 14.63 -99.67
CA HIS MA 95 -50.49 14.22 -99.15
CA PHE MA 96 -49.85 14.59 -95.43
CA ILE MA 97 -50.14 17.54 -93.01
CA LEU MA 98 -48.85 17.77 -89.45
CA ALA MA 99 -49.60 20.60 -87.03
CA ARG MA 100 -48.70 21.73 -83.52
CA CYS MA 101 -51.66 23.24 -81.68
CA PRO MA 102 -53.71 22.61 -78.51
CA LYS MA 103 -57.33 21.69 -77.74
CA GLY MA 104 -60.04 22.50 -80.26
CA GLU MA 105 -63.17 20.83 -81.56
CA THR MA 106 -63.42 22.54 -84.94
CA LEU MA 107 -60.63 22.42 -87.49
CA THR MA 108 -60.56 23.93 -90.96
CA VAL MA 109 -57.88 23.59 -93.62
CA GLY MA 110 -57.02 25.95 -96.45
CA PHE MA 111 -54.41 26.84 -98.99
CA THR MA 112 -54.10 29.93 -101.15
CA ASP MA 113 -54.08 28.50 -104.66
CA SER MA 114 -52.75 29.86 -107.95
CA ARG MA 115 -55.87 32.04 -108.33
CA LYS MA 116 -55.64 33.39 -104.74
CA ILE MA 117 -58.81 31.92 -103.24
CA SER MA 118 -59.41 29.88 -100.08
CA HIS MA 119 -59.98 26.21 -100.72
CA SER MA 120 -61.66 25.75 -97.36
CA CYS MA 121 -62.69 22.54 -95.63
CA THR MA 122 -63.92 22.67 -92.04
CA HIS MA 123 -64.01 19.50 -89.94
CA PRO MA 124 -65.30 18.62 -86.46
CA PHE MA 125 -62.58 16.88 -84.46
CA HIS MA 126 -62.07 17.41 -80.75
CA HIS MA 127 -58.31 17.60 -80.98
CA ASP MA 128 -56.78 16.68 -77.69
CA PRO MA 129 -53.20 16.32 -76.59
CA PRO MA 130 -53.53 14.07 -73.54
CA VAL MA 131 -52.51 15.29 -70.11
CA ILE MA 132 -48.87 14.50 -70.66
CA GLY MA 133 -46.67 13.37 -67.79
CA ARG MA 134 -48.33 14.01 -64.47
CA GLU MA 135 -49.19 17.71 -64.79
CA LYS MA 136 -51.87 19.93 -66.30
CA PHE MA 137 -49.62 22.53 -67.91
CA HIS MA 138 -49.53 23.83 -71.48
CA SER MA 139 -45.84 24.52 -72.14
CA ARG MA 140 -42.57 23.74 -70.41
CA PRO MA 141 -39.79 25.87 -68.93
CA GLN MA 142 -36.21 24.76 -68.46
CA HIS MA 143 -37.10 22.77 -65.34
CA GLY MA 144 -38.86 19.58 -66.34
CA LYS MA 145 -38.60 15.84 -65.90
CA GLU MA 146 -38.22 13.16 -68.59
CA LEU MA 147 -41.07 10.96 -69.80
CA PRO MA 148 -41.19 8.99 -73.04
CA CYS MA 149 -43.91 10.22 -75.36
CA SER MA 150 -45.22 9.20 -78.76
CA THR MA 151 -44.54 11.69 -81.53
CA TYR MA 152 -44.00 11.67 -85.27
CA VAL MA 153 -40.63 11.40 -86.97
CA GLN MA 154 -40.17 13.77 -89.93
CA SER MA 155 -39.21 10.95 -92.31
CA THR MA 156 -40.90 10.72 -95.71
CA ALA MA 157 -39.26 7.42 -96.75
CA ALA MA 158 -41.26 5.35 -94.29
CA THR MA 159 -43.00 2.00 -94.75
CA THR MA 160 -44.73 -0.92 -92.91
CA GLU MA 161 -47.93 1.11 -92.82
CA GLU MA 162 -49.20 1.54 -96.32
CA ILE MA 163 -51.94 3.24 -98.29
CA GLU MA 164 -52.64 1.60 -101.63
CA VAL MA 165 -52.77 3.44 -104.96
CA HIS MA 166 -54.99 2.64 -107.95
CA MET MA 167 -56.16 4.09 -111.24
CA PRO MA 168 -58.98 6.65 -110.84
CA PRO MA 169 -62.14 5.37 -112.54
CA ASP MA 170 -63.83 8.58 -113.64
CA THR MA 171 -63.93 12.36 -113.28
CA PRO MA 172 -67.18 13.66 -114.73
CA ASP MA 173 -68.74 16.96 -115.73
CA HIS MA 174 -72.21 18.31 -116.43
CA THR MA 175 -70.66 21.59 -117.63
CA LEU MA 176 -69.27 19.67 -120.64
CA MET MA 177 -72.82 19.51 -122.07
CA SER MA 178 -74.26 22.43 -123.98
CA GLN MA 179 -77.53 22.06 -125.86
CA GLN MA 180 -78.25 23.57 -129.28
CA SER MA 181 -82.07 23.50 -128.87
CA GLY MA 182 -82.45 19.74 -128.55
CA ASN MA 183 -78.98 19.01 -129.93
CA VAL MA 184 -76.16 18.42 -127.44
CA LYS MA 185 -72.97 20.26 -128.28
CA ILE MA 186 -71.20 18.03 -125.79
CA THR MA 187 -67.81 19.56 -124.96
CA VAL MA 188 -65.05 16.97 -124.61
CA ASN MA 189 -61.78 18.98 -124.63
CA GLY MA 190 -59.63 16.01 -125.62
CA GLN MA 191 -60.31 13.52 -122.82
CA THR MA 192 -61.88 10.08 -122.51
CA VAL MA 193 -65.49 11.14 -121.96
CA ARG MA 194 -67.49 8.11 -120.84
CA TYR MA 195 -71.29 9.69 -122.70
CA LYS MA 196 -73.17 6.43 -122.40
CA CYS MA 197 -76.55 8.04 -122.18
CA ASN MA 198 -80.20 7.99 -123.22
CA CYS MA 199 -79.85 10.14 -126.33
CA GLY MA 200 -79.44 6.29 -128.04
CA GLY MA 201 -76.49 6.69 -125.73
CA SER MA 202 -73.62 8.25 -127.57
CA ASN MA 203 -75.69 6.35 -129.65
CA GLU MA 204 -73.25 4.35 -127.59
CA GLY MA 205 -69.70 4.55 -126.28
CA LEU MA 206 -66.82 6.69 -124.98
CA THR MA 207 -65.39 9.57 -127.00
CA THR MA 208 -62.06 11.34 -126.83
CA THR MA 209 -62.62 14.14 -129.39
CA ASP MA 210 -65.20 16.93 -129.28
CA LYS MA 211 -68.71 15.91 -130.30
CA VAL MA 212 -71.85 17.69 -131.47
CA ILE MA 213 -74.78 15.28 -131.23
CA ASN MA 214 -78.30 16.08 -132.35
CA ASN MA 215 -81.70 14.83 -131.01
CA CYS MA 216 -80.70 15.14 -127.35
CA LYS MA 217 -81.07 17.41 -124.32
CA VAL MA 218 -79.49 17.37 -120.82
CA ASP MA 219 -82.41 15.17 -119.66
CA GLN MA 220 -80.94 12.41 -121.85
CA CYS MA 221 -77.18 12.74 -121.41
CA HIS MA 222 -73.94 13.03 -119.39
CA ALA MA 223 -70.21 13.65 -119.81
CA ALA MA 224 -67.60 11.76 -117.80
CA VAL MA 225 -63.82 11.89 -118.24
CA THR MA 226 -62.43 8.52 -117.24
CA ASN MA 227 -59.05 9.82 -116.09
CA HIS MA 228 -56.23 7.41 -116.82
CA LYS MA 229 -52.86 9.19 -116.62
CA LYS MA 230 -51.81 9.28 -112.95
CA TRP MA 231 -52.56 7.14 -109.91
CA GLN MA 232 -55.30 7.60 -107.32
CA TYR MA 233 -54.90 6.31 -103.79
CA ASN MA 234 -57.53 4.46 -101.79
CA SER MA 235 -59.65 7.24 -100.34
CA PRO MA 236 -63.21 7.06 -98.95
CA LEU MA 237 -64.17 10.03 -101.16
CA VAL MA 238 -63.17 8.67 -104.58
CA PRO MA 239 -64.81 5.37 -105.60
CA ARG MA 240 -63.99 2.22 -107.62
CA ASN MA 241 -64.53 1.22 -111.25
CA ALA MA 242 -67.45 -1.26 -110.64
CA GLU MA 243 -65.31 -4.22 -109.82
CA LEU MA 244 -61.85 -3.17 -108.72
CA GLY MA 245 -60.61 0.34 -108.38
CA ASP MA 246 -58.66 -1.12 -105.52
CA ARG MA 247 -56.18 -2.15 -108.20
CA LYS MA 248 -52.50 -2.74 -107.64
CA GLY MA 249 -50.05 0.01 -106.74
CA LYS MA 250 -48.14 1.35 -103.73
CA ILE MA 251 -47.72 4.80 -102.22
CA HIS MA 252 -45.63 4.60 -99.07
CA ILE MA 253 -46.16 6.53 -95.86
CA PRO MA 254 -44.33 9.52 -94.39
CA PHE MA 255 -43.94 10.40 -90.69
CA PRO MA 256 -43.40 7.26 -88.58
CA LEU MA 257 -43.82 7.27 -84.80
CA ALA MA 258 -41.26 7.47 -82.00
CA ASN MA 259 -41.59 6.52 -78.33
CA VAL MA 260 -39.14 9.25 -77.39
CA THR MA 261 -38.60 12.01 -74.86
CA CYS MA 262 -41.12 14.69 -74.08
CA ARG MA 263 -40.66 16.91 -71.04
CA VAL MA 264 -43.22 17.87 -68.42
CA PRO MA 265 -42.46 20.66 -65.90
CA LYS MA 266 -41.91 19.83 -62.28
CA ALA MA 267 -44.36 21.54 -59.95
CA ARG MA 268 -42.83 24.10 -57.63
CA ASN MA 269 -42.36 23.02 -54.05
CA PRO MA 270 -45.04 24.14 -51.58
CA THR MA 271 -44.40 25.20 -48.02
CA VAL MA 272 -44.65 22.49 -45.37
CA THR MA 273 -45.19 22.77 -41.61
CA TYR MA 274 -46.50 20.69 -38.70
CA GLY MA 275 -49.90 20.25 -37.11
CA LYS MA 276 -51.48 18.03 -34.45
CA ASN MA 277 -50.00 14.61 -35.35
CA GLN MA 278 -50.20 15.90 -38.92
CA VAL MA 279 -48.96 18.28 -41.60
CA ILE MA 280 -50.41 21.75 -42.15
CA MET MA 281 -49.08 23.13 -45.43
CA LEU MA 282 -50.15 25.83 -47.87
CA LEU MA 283 -50.17 24.14 -51.25
CA TYR MA 284 -48.88 25.98 -54.32
CA PRO MA 285 -50.15 25.21 -57.80
CA ASP MA 286 -50.75 27.94 -60.34
CA HIS MA 287 -51.61 25.56 -63.19
CA PRO MA 288 -53.57 22.40 -62.25
CA THR MA 289 -51.44 19.95 -60.31
CA LEU MA 290 -52.23 16.59 -58.73
CA LEU MA 291 -51.86 15.48 -55.12
CA SER MA 292 -51.60 11.83 -54.12
CA TYR MA 293 -50.91 10.37 -50.67
CA ARG MA 294 -50.88 6.85 -49.22
CA ASN MA 295 -49.46 5.24 -46.09
CA MET MA 296 -47.02 2.49 -45.16
CA GLY MA 297 -49.62 0.33 -43.43
CA GLU MA 298 -51.16 -2.95 -44.53
CA GLU MA 299 -53.87 -0.78 -46.10
CA PRO MA 300 -52.84 1.73 -48.81
CA ASN MA 301 -54.97 4.70 -47.64
CA TYR MA 302 -54.50 6.06 -51.14
CA GLN MA 303 -56.19 9.31 -52.18
CA GLU MA 304 -55.73 11.36 -55.37
CA GLU MA 305 -56.90 14.86 -56.22
CA TRP MA 306 -55.98 17.70 -58.57
CA VAL MA 307 -55.46 21.35 -57.57
CA MET MA 308 -54.84 24.58 -59.47
CA HIS MA 309 -55.36 27.00 -56.59
CA LYS MA 310 -53.20 28.08 -53.68
CA LYS MA 311 -54.93 26.48 -50.71
CA GLU MA 312 -54.31 25.01 -47.26
CA VAL MA 313 -54.34 21.22 -47.08
CA VAL MA 314 -54.28 19.36 -43.76
CA LEU MA 315 -52.25 16.17 -44.08
CA THR MA 316 -52.87 13.65 -41.31
CA VAL MA 317 -49.79 11.51 -40.66
CA PRO MA 318 -50.25 8.18 -38.86
CA THR MA 319 -47.40 7.05 -36.62
CA GLU MA 320 -46.27 4.59 -39.31
CA GLY MA 321 -46.07 7.56 -41.69
CA LEU MA 322 -47.33 8.17 -45.21
CA GLU MA 323 -46.18 9.53 -48.55
CA VAL MA 324 -47.28 12.56 -50.55
CA THR MA 325 -46.53 13.21 -54.23
CA TRP MA 326 -46.68 16.69 -55.79
CA GLY MA 327 -46.71 17.34 -59.50
CA ASN MA 328 -43.62 15.89 -61.11
CA ASN MA 329 -41.60 15.86 -57.89
CA GLU MA 330 -40.48 12.84 -55.90
CA PRO MA 331 -42.68 11.46 -53.06
CA TYR MA 332 -42.19 12.91 -49.59
CA LYS MA 333 -42.56 10.48 -46.67
CA TYR MA 334 -43.22 11.63 -43.11
CA TRP MA 335 -42.96 10.33 -39.55
CA PRO MA 336 -44.94 12.14 -36.88
CA GLN MA 337 -44.55 13.05 -33.23
CA LEU MA 338 -47.01 14.64 -30.82
CA SER MA 339 -49.17 18.18 -30.02
CA THR MA 340 -46.94 20.52 -27.15
CA ASN MA 341 -49.86 22.64 -24.89
CA GLY MA 342 -50.95 21.04 -21.62
CA THR MA 343 -51.27 23.72 -18.29
CA ALA MA 344 -49.40 22.93 -15.14
CA HIS MA 345 -48.92 18.95 -13.61
CA GLY MA 346 -47.66 18.26 -10.11
CA HIS MA 347 -46.16 16.11 -8.15
CA PRO MA 348 -46.97 16.78 -4.80
CA HIS MA 349 -48.89 13.43 -6.71
CA GLU MA 350 -49.89 14.09 -10.34
CA ILE MA 351 -47.38 13.49 -13.13
CA ILE MA 352 -49.57 11.91 -15.79
CA LEU MA 353 -49.26 14.96 -17.98
CA TYR MA 354 -45.78 13.49 -18.28
CA TYR MA 355 -47.82 10.54 -19.57
CA TYR MA 356 -50.04 12.82 -21.71
CA GLU MA 357 -47.44 13.82 -24.30
CA LEU MA 358 -46.09 10.28 -23.85
CA TYR MA 359 -47.53 8.71 -27.06
CA PRO MA 360 -51.25 9.50 -26.44
CA THR MA 361 -54.31 7.44 -27.30
CA MET MA 362 -51.90 5.00 -25.65
CA THR MA 363 -50.86 5.18 -21.96
CA VAL MA 364 -53.39 8.00 -21.70
CA VAL MA 365 -56.52 5.93 -22.40
CA VAL MA 366 -55.23 2.36 -22.73
CA VAL MA 367 -53.82 2.87 -19.28
CA SER MA 368 -57.39 3.78 -18.24
CA VAL MA 369 -58.82 0.44 -19.33
CA ALA MA 370 -55.89 -1.17 -17.49
CA THR MA 371 -56.72 0.37 -14.13
CA PHE MA 372 -59.37 -2.29 -13.53
CA ILE MA 373 -56.64 -4.47 -12.00
CA LEU MA 374 -56.11 -1.41 -9.80
CA LEU MA 375 -59.86 -1.02 -9.30
CA SER MA 376 -60.65 -4.63 -8.40
CA MET MA 377 -60.33 -3.69 -4.70
CA VAL MA 378 -63.82 -2.40 -3.90
CA GLY MA 379 -65.73 -5.69 -4.08
CA MET MA 380 -62.72 -7.41 -2.52
CA ALA MA 381 -63.40 -5.16 0.48
CA ALA MA 382 -67.15 -5.84 0.50
CA GLY MA 383 -67.88 -9.57 1.02
CA MET MA 384 -64.64 -9.56 2.93
CA CYS MA 385 -66.38 -7.36 5.46
CA MET MA 386 -69.77 -9.14 5.49
CA CYS MA 387 -67.76 -12.01 6.96
CA ALA MA 388 -66.43 -9.42 9.42
CA ARG MA 389 -69.59 -7.67 10.69
CA ARG MA 390 -72.59 -9.73 9.62
CA ARG MA 391 -71.10 -12.91 11.11
CA CYS MA 392 -70.23 -11.30 14.47
CA ILE MA 393 -73.27 -12.36 16.45
CA THR MA 394 -74.51 -14.77 13.77
CA PRO MA 395 -72.79 -18.16 13.47
CA TYR MA 396 -72.02 -19.93 16.80
CA GLU MA 397 -73.99 -19.44 20.00
CA LEU MA 398 -72.27 -22.31 21.72
CA THR MA 399 -70.03 -20.61 24.31
CA PRO MA 400 -72.06 -18.39 26.68
CA GLY MA 401 -70.92 -14.77 27.24
CA ALA MA 402 -74.01 -12.69 26.12
CA THR MA 403 -71.40 -11.08 23.81
CA VAL MA 404 -67.64 -10.87 23.43
CA PRO MA 405 -66.94 -8.56 26.40
CA PHE MA 406 -63.42 -7.47 25.42
CA LEU MA 407 -62.56 -8.14 21.80
CA LEU MA 408 -65.29 -6.21 20.03
CA SER MA 409 -63.49 -3.12 18.68
CA LEU MA 410 -61.18 -5.79 17.26
CA ILE MA 411 -64.35 -6.91 15.43
CA CYS MA 412 -66.36 -3.61 15.28
CA CYS MA 413 -69.65 -4.94 14.08
CA ILE MA 414 -72.75 -2.82 13.46
CA ARG MA 415 -74.22 0.52 14.52
CA THR MA 416 -71.03 1.00 16.51
CA ALA MA 417 -72.61 3.46 18.92
CA LYS MA 418 -72.81 2.31 22.56
CA ALA MA 419 -71.07 3.87 25.63
CA TYR NA 1 -125.38 -9.23 -90.48
CA GLU NA 2 -124.39 -5.98 -88.76
CA HIS NA 3 -121.43 -7.04 -86.64
CA VAL NA 4 -121.04 -4.37 -83.99
CA THR NA 5 -117.79 -4.93 -82.10
CA VAL NA 6 -115.73 -2.89 -79.64
CA ILE NA 7 -112.01 -2.99 -80.34
CA PRO NA 8 -109.49 -1.65 -77.81
CA ASN NA 9 -107.12 1.25 -78.47
CA THR NA 10 -103.55 0.16 -79.23
CA VAL NA 11 -100.54 0.58 -81.41
CA GLY NA 12 -100.61 -2.10 -84.07
CA VAL NA 13 -101.77 -5.08 -81.96
CA PRO NA 14 -104.19 -7.23 -83.99
CA TYR NA 15 -107.23 -7.90 -81.83
CA LYS NA 16 -109.00 -11.13 -82.76
CA THR NA 17 -112.52 -10.13 -83.79
CA LEU NA 18 -115.03 -12.97 -83.92
CA VAL NA 19 -117.22 -12.34 -86.94
CA ASN NA 20 -119.70 -15.13 -86.23
CA ARG NA 21 -122.07 -15.71 -89.07
CA PRO NA 22 -125.78 -16.31 -88.40
CA GLY NA 23 -125.98 -20.04 -89.05
CA TYR NA 24 -122.78 -20.40 -91.03
CA SER NA 25 -119.10 -21.07 -90.32
CA PRO NA 26 -117.55 -17.89 -88.83
CA MET NA 27 -114.55 -16.07 -90.25
CA VAL NA 28 -112.85 -14.64 -87.17
CA LEU NA 29 -110.89 -11.66 -88.43
CA GLU NA 30 -108.25 -9.67 -86.57
CA MET NA 31 -107.92 -5.89 -86.69
CA GLU NA 32 -105.30 -3.43 -85.48
CA LEU NA 33 -105.51 0.33 -85.47
CA LEU NA 34 -102.57 2.52 -86.43
CA SER NA 35 -103.26 6.17 -85.53
CA VAL NA 36 -105.75 7.91 -83.25
CA THR NA 37 -105.59 11.41 -84.68
CA LEU NA 38 -107.74 13.72 -82.55
CA GLU NA 39 -107.38 17.42 -83.26
CA PRO NA 40 -108.04 20.41 -81.03
CA THR NA 41 -108.96 23.84 -82.35
CA LEU NA 42 -106.78 26.87 -82.78
CA SER NA 43 -108.05 30.31 -81.85
CA LEU NA 44 -105.55 33.15 -81.75
CA ASP NA 45 -105.21 35.18 -78.58
CA TYR NA 46 -101.93 36.84 -79.55
CA ILE NA 47 -98.55 36.24 -81.08
CA THR NA 48 -95.38 37.67 -79.62
CA CYS NA 49 -92.16 38.88 -81.18
CA GLU NA 50 -88.82 40.12 -80.04
CA TYR NA 51 -88.69 43.79 -79.16
CA LYS NA 52 -87.25 46.28 -81.63
CA THR NA 53 -86.50 49.54 -79.89
CA VAL NA 54 -86.36 51.56 -83.08
CA ILE NA 55 -84.27 54.53 -81.96
CA PRO NA 56 -84.11 57.36 -84.49
CA SER NA 57 -81.72 60.27 -84.20
CA PRO NA 58 -81.92 62.35 -81.01
CA TYR NA 59 -83.52 65.77 -80.78
CA VAL NA 60 -80.84 68.23 -79.67
CA LYS NA 61 -81.05 72.02 -79.27
CA CYS NA 62 -78.28 74.63 -79.13
CA CYS NA 63 -78.34 77.03 -76.14
CA GLY NA 64 -82.00 76.24 -75.54
CA THR NA 65 -84.35 73.72 -73.98
CA ALA NA 66 -85.60 70.93 -76.22
CA GLU NA 67 -89.27 69.98 -75.96
CA CYS NA 68 -91.05 66.68 -75.32
CA LYS NA 69 -93.70 66.30 -77.99
CA ASP NA 70 -95.78 63.34 -76.90
CA LYS NA 71 -97.66 61.28 -79.45
CA ASN NA 72 -98.72 57.72 -79.95
CA LEU NA 73 -95.96 55.39 -81.04
CA PRO NA 74 -95.92 51.74 -79.90
CA ASP NA 75 -94.36 52.12 -76.44
CA TYR NA 76 -93.51 55.75 -77.20
CA SER NA 77 -90.75 57.38 -75.20
CA CYS NA 78 -89.01 60.73 -75.43
CA LYS NA 79 -87.22 62.59 -72.65
CA VAL NA 80 -85.33 65.87 -72.97
CA PHE NA 81 -81.82 65.63 -71.57
CA THR NA 82 -80.48 69.02 -70.63
CA GLY NA 83 -77.05 70.42 -69.96
CA VAL NA 84 -75.21 67.91 -72.15
CA TYR NA 85 -72.15 69.23 -73.99
CA PRO NA 86 -72.01 66.71 -76.85
CA PHE NA 87 -68.89 66.01 -78.88
CA MET NA 88 -68.36 64.87 -82.43
CA TRP NA 89 -65.10 64.06 -84.28
CA GLY NA 90 -63.63 67.52 -84.06
CA GLY NA 91 -64.67 68.08 -80.46
CA ALA NA 92 -67.93 69.56 -79.26
CA TYR NA 93 -71.13 69.63 -81.31
CA CYS NA 94 -71.78 73.18 -80.10
CA PHE NA 95 -70.02 75.80 -77.99
CA CYS NA 96 -72.67 76.44 -75.51
CA ASP NA 97 -70.79 76.96 -72.25
CA ALA NA 98 -72.91 74.33 -70.51
CA GLU NA 99 -76.64 74.10 -72.23
CA ASN NA 100 -77.31 71.68 -75.00
CA THR NA 101 -80.60 69.87 -74.50
CA GLN NA 102 -80.93 66.56 -76.33
CA LEU NA 103 -84.21 64.63 -76.42
CA SER NA 104 -83.76 60.94 -77.12
CA GLU NA 105 -86.56 59.27 -79.05
CA ALA NA 106 -87.17 55.55 -78.66
CA HIS NA 107 -90.17 53.33 -79.23
CA VAL NA 108 -90.76 49.68 -80.09
CA GLU NA 109 -92.23 47.95 -83.15
CA LYS NA 110 -92.85 44.34 -84.13
CA SER NA 111 -90.44 42.06 -85.94
CA GLU NA 112 -89.95 41.11 -89.55
CA SER NA 113 -88.57 37.87 -88.11
CA CYS NA 114 -91.79 37.32 -86.12
CA LYS NA 115 -93.75 37.62 -89.36
CA THR NA 116 -92.72 34.07 -90.24
CA GLU NA 117 -91.08 32.62 -87.10
CA PHE NA 118 -92.61 33.52 -83.78
CA ALA NA 119 -94.28 32.28 -80.63
CA SER NA 120 -98.04 32.31 -80.90
CA ALA NA 121 -100.52 32.14 -78.03
CA TYR NA 122 -103.85 30.49 -78.69
CA ARG NA 123 -106.51 28.17 -77.30
CA ALA NA 124 -107.00 24.58 -78.44
CA HIS NA 125 -110.45 23.23 -77.68
CA THR NA 126 -112.25 20.44 -79.52
CA ALA NA 127 -112.34 16.67 -79.93
CA SER NA 128 -112.28 15.60 -83.57
CA ALA NA 129 -110.80 12.12 -83.72
CA SER NA 130 -109.38 10.37 -86.80
CA ALA NA 131 -108.54 6.68 -87.17
CA LYS NA 132 -106.21 4.49 -89.23
CA LEU NA 133 -107.45 0.92 -88.99
CA ARG NA 134 -106.14 -2.31 -90.55
CA VAL NA 135 -108.32 -5.32 -91.39
CA LEU NA 136 -107.40 -8.60 -93.00
CA TYR NA 137 -110.42 -8.71 -95.23
CA GLN NA 138 -111.15 -12.39 -95.61
CA GLY NA 139 -107.40 -12.50 -95.03
CA ASN NA 140 -106.73 -9.59 -97.39
CA ASN NA 141 -104.45 -7.20 -95.52
CA ILE NA 142 -106.02 -3.79 -96.14
CA THR NA 143 -105.99 -0.58 -94.13
CA VAL NA 144 -109.13 1.55 -93.85
CA THR NA 145 -109.21 5.21 -92.87
CA ALA NA 146 -111.75 6.52 -90.40
CA TYR NA 147 -112.72 9.16 -87.96
CA ALA NA 148 -112.58 7.62 -84.50
CA ASN NA 149 -115.85 9.23 -83.52
CA GLY NA 150 -119.31 8.27 -84.81
CA ASP NA 151 -119.36 10.44 -87.94
CA HIS NA 152 -117.12 9.08 -90.73
CA ALA NA 153 -118.34 5.92 -92.42
CA VAL NA 154 -117.24 4.81 -95.88
CA THR NA 155 -117.87 1.55 -97.71
CA VAL NA 156 -114.80 -0.33 -98.93
CA LYS NA 157 -114.86 -3.87 -100.39
CA ASP NA 158 -118.56 -4.71 -99.71
CA ALA NA 159 -118.48 -3.48 -96.08
CA LYS NA 160 -118.49 -0.23 -94.15
CA PHE NA 161 -117.93 0.66 -90.50
CA ILE NA 162 -118.98 2.91 -87.66
CA VAL NA 163 -115.65 3.46 -85.89
CA GLY NA 164 -116.35 4.99 -82.52
CA PRO NA 165 -117.65 7.22 -80.98
CA MET NA 166 -114.75 7.64 -78.62
CA SER NA 167 -115.15 6.39 -75.07
CA SER NA 168 -112.27 8.27 -73.45
CA ALA NA 169 -112.46 12.02 -74.02
CA TRP NA 170 -108.97 12.72 -72.65
CA THR NA 171 -106.90 15.38 -74.39
CA PRO NA 172 -103.29 16.39 -73.74
CA PHE NA 173 -104.21 19.93 -74.84
CA ASP NA 174 -104.90 22.65 -72.27
CA ASN NA 175 -106.77 25.89 -72.80
CA LYS NA 176 -103.70 28.16 -72.91
CA ILE NA 177 -100.98 26.93 -75.24
CA VAL NA 178 -98.21 28.56 -77.28
CA VAL NA 179 -96.82 27.32 -80.59
CA TYR NA 180 -93.41 28.52 -81.81
CA LYS NA 181 -92.00 28.08 -85.37
CA GLY NA 182 -92.29 24.31 -85.16
CA ASP NA 183 -93.07 23.22 -81.61
CA VAL NA 184 -96.08 23.75 -79.34
CA TYR NA 185 -95.86 24.55 -75.62
CA ASN NA 186 -98.75 24.23 -73.17
CA MET NA 187 -97.62 26.98 -70.84
CA ASP NA 188 -100.60 28.85 -69.45
CA TYR NA 189 -99.64 32.17 -70.99
CA PRO NA 190 -100.60 35.56 -69.65
CA PRO NA 191 -103.15 36.53 -72.32
CA PHE NA 192 -103.47 39.53 -74.64
CA GLY NA 193 -102.42 42.85 -73.13
CA ALA NA 194 -100.89 41.19 -70.06
CA GLY NA 195 -97.25 41.06 -71.12
CA ARG NA 196 -95.16 42.49 -68.31
CA PRO NA 197 -91.75 44.14 -68.91
CA GLY NA 198 -89.32 41.31 -69.44
CA GLN NA 199 -92.14 38.81 -69.55
CA PHE NA 200 -92.93 36.48 -72.46
CA GLY NA 201 -95.37 38.39 -74.62
CA ASP NA 202 -94.54 41.96 -73.62
CA ILE NA 203 -94.76 42.76 -77.32
CA GLN NA 204 -98.23 41.46 -77.86
CA SER NA 205 -100.32 41.46 -81.03
CA ARG NA 206 -102.83 39.00 -82.43
CA THR NA 207 -101.50 38.22 -85.92
CA PRO NA 208 -97.91 38.95 -87.08
CA GLU NA 209 -99.12 41.71 -89.41
CA SER NA 210 -101.57 43.10 -86.84
CA LYS NA 211 -100.50 46.40 -85.31
CA ASP NA 212 -102.70 46.01 -82.21
CA VAL NA 213 -99.50 46.53 -80.26
CA TYR NA 214 -99.60 45.96 -76.55
CA ALA NA 215 -96.11 46.98 -75.55
CA ASN NA 216 -95.21 47.01 -71.87
CA THR NA 217 -91.48 46.44 -72.24
CA GLN NA 218 -89.71 49.32 -70.40
CA LEU NA 219 -88.85 51.91 -73.06
CA VAL NA 220 -86.94 54.42 -70.91
CA LEU NA 221 -83.83 56.57 -71.44
CA GLN NA 222 -81.65 57.79 -68.56
CA ARG NA 223 -79.35 60.66 -69.86
CA PRO NA 224 -76.20 61.12 -71.91
CA ALA NA 225 -74.37 62.80 -69.06
CA ALA NA 226 -72.39 65.77 -70.37
CA GLY NA 227 -69.91 64.35 -72.82
CA THR NA 228 -70.77 63.22 -76.35
CA VAL NA 229 -73.42 62.50 -78.97
CA HIS NA 230 -74.84 59.62 -77.09
CA VAL NA 231 -77.91 57.59 -76.23
CA PRO NA 232 -77.52 55.37 -73.17
CA TYR NA 233 -80.39 52.95 -72.82
CA SER NA 234 -81.65 51.31 -69.67
CA GLN NA 235 -82.94 47.98 -70.90
CA ALA NA 236 -86.02 46.91 -72.72
CA PRO NA 237 -86.28 43.38 -71.31
CA SER NA 238 -87.85 41.06 -73.74
CA GLY NA 239 -90.39 38.49 -74.81
CA PHE NA 240 -88.15 36.22 -76.94
CA LYS NA 241 -84.72 36.78 -75.34
CA TYR NA 242 -86.69 36.01 -72.16
CA TRP NA 243 -88.33 32.99 -73.83
CA LEU NA 244 -85.35 31.21 -75.42
CA LYS NA 245 -84.24 29.69 -72.09
CA GLU NA 246 -87.71 28.85 -70.75
CA ARG NA 247 -88.99 26.98 -73.80
CA GLY NA 248 -88.78 23.70 -71.92
CA ALA NA 249 -90.63 20.67 -73.26
CA SER NA 250 -93.09 20.51 -76.13
CA LEU NA 251 -96.40 18.65 -76.01
CA GLN NA 252 -94.75 15.73 -77.77
CA HIS NA 253 -92.40 15.78 -74.77
CA THR NA 254 -94.91 16.03 -71.92
CA ALA NA 255 -98.04 14.17 -73.02
CA PRO NA 256 -98.99 11.06 -71.02
CA PHE NA 257 -99.78 7.75 -72.75
CA GLY NA 258 -96.40 8.31 -74.45
CA CYS NA 259 -97.62 9.54 -77.83
CA GLN NA 260 -96.23 12.41 -79.83
CA ILE NA 261 -98.17 15.45 -80.94
CA ALA NA 262 -98.22 16.09 -84.68
CA THR NA 263 -98.09 19.75 -85.60
CA ASN NA 264 -99.12 22.23 -88.35
CA PRO NA 265 -102.08 22.11 -87.54
CA VAL NA 266 -101.58 20.64 -84.06
CA ARG NA 267 -103.22 17.33 -83.10
CA ALA NA 268 -102.48 14.28 -80.96
CA VAL NA 269 -101.48 11.11 -82.77
CA ASN NA 270 -102.36 7.72 -81.22
CA CYS NA 271 -102.30 7.80 -77.45
CA ALA NA 272 -103.64 4.30 -76.73
CA VAL NA 273 -106.54 5.26 -74.45
CA GLY NA 274 -109.94 3.59 -74.19
CA ASN NA 275 -111.61 1.49 -76.87
CA MET NA 276 -113.17 1.72 -80.33
CA PRO NA 277 -116.81 0.76 -80.88
CA ILE NA 278 -116.74 -0.60 -84.43
CA SER NA 279 -120.03 -1.37 -86.18
CA ILE NA 280 -119.27 -3.26 -89.40
CA ASP NA 281 -121.59 -5.32 -91.59
CA ILE NA 282 -121.33 -8.58 -93.53
CA PRO NA 283 -123.88 -10.26 -95.79
CA GLU NA 284 -124.45 -13.96 -96.03
CA ALA NA 285 -123.88 -13.70 -99.79
CA ALA NA 286 -120.20 -12.69 -100.02
CA PHE NA 287 -119.59 -15.04 -97.08
CA THR NA 288 -119.75 -18.81 -97.28
CA ARG NA 289 -121.84 -21.53 -95.70
CA VAL NA 290 -121.14 -24.02 -92.92
CA VAL NA 291 -121.89 -26.90 -95.29
CA ASP NA 292 -119.24 -26.16 -97.94
CA ALA NA 293 -116.84 -25.25 -95.17
CA PRO NA 294 -115.46 -28.55 -93.82
CA SER NA 295 -116.95 -29.77 -90.57
CA LEU NA 296 -114.24 -31.16 -88.35
CA THR NA 297 -113.73 -33.73 -85.61
CA ASP NA 298 -110.84 -35.78 -84.18
CA MET NA 299 -109.16 -32.65 -82.80
CA SER NA 300 -106.55 -33.78 -80.27
CA CYS NA 301 -105.64 -30.98 -77.87
CA GLU NA 302 -101.94 -30.38 -77.36
CA VAL NA 303 -99.30 -27.69 -77.70
CA PRO NA 304 -95.69 -28.13 -78.71
CA ALA NA 305 -94.89 -25.24 -76.35
CA CYS NA 306 -96.30 -22.02 -74.94
CA THR NA 307 -94.62 -19.20 -73.00
CA HIS NA 308 -96.92 -16.95 -70.99
CA SER NA 309 -95.44 -13.48 -71.45
CA SER NA 310 -96.34 -10.58 -73.74
CA ASP NA 311 -94.56 -12.37 -76.59
CA PHE NA 312 -95.99 -14.76 -79.20
CA GLY NA 313 -94.24 -17.61 -77.40
CA GLY NA 314 -97.21 -19.92 -77.74
CA VAL NA 315 -98.28 -22.28 -80.50
CA ALA NA 316 -100.76 -25.15 -80.59
CA ILE NA 317 -100.73 -28.09 -83.00
CA ILE NA 318 -104.11 -29.70 -83.56
CA LYS NA 319 -104.18 -33.14 -85.17
CA TYR NA 320 -107.60 -33.69 -86.67
CA ALA NA 321 -109.84 -35.00 -89.45
CA ALA NA 322 -112.20 -32.60 -91.23
CA SER NA 323 -114.68 -33.40 -94.00
CA LYS NA 324 -114.21 -31.37 -97.19
CA LYS NA 325 -111.78 -28.97 -98.81
CA GLY NA 326 -112.05 -25.36 -97.72
CA LYS NA 327 -110.76 -22.58 -95.49
CA CYS NA 328 -111.60 -22.19 -91.82
CA ALA NA 329 -111.44 -19.82 -88.85
CA VAL NA 330 -109.94 -20.12 -85.35
CA HIS NA 331 -111.28 -18.53 -82.16
CA SER NA 332 -110.74 -19.07 -78.45
CA MET NA 333 -113.03 -17.21 -76.03
CA THR NA 334 -110.04 -16.81 -73.75
CA ASN NA 335 -109.26 -13.18 -74.51
CA ALA NA 336 -106.10 -13.09 -72.37
CA VAL NA 337 -104.64 -15.67 -74.75
CA THR NA 338 -104.57 -13.91 -78.12
CA ILE NA 339 -104.28 -16.18 -81.14
CA ARG NA 340 -102.05 -14.91 -83.93
CA GLU NA 341 -103.70 -16.32 -87.06
CA ALA NA 342 -107.18 -17.67 -87.72
CA GLU NA 343 -107.71 -18.21 -91.46
CA ILE NA 344 -106.30 -21.59 -92.45
CA GLU NA 345 -107.21 -23.80 -95.39
CA VAL NA 346 -108.67 -27.78 -93.33
CA GLU NA 347 -108.76 -30.20 -96.32
CA GLY NA 348 -110.20 -33.20 -94.47
CA ASN NA 349 -107.79 -35.46 -92.62
CA SER NA 350 -104.81 -33.25 -91.78
CA GLN NA 351 -103.04 -31.22 -89.09
CA LEU NA 352 -102.84 -27.44 -88.75
CA GLN NA 353 -100.99 -24.85 -86.69
CA ILE NA 354 -102.07 -21.82 -84.70
CA SER NA 355 -99.67 -19.64 -82.74
CA PHE NA 356 -100.71 -17.34 -79.92
CA SER NA 357 -99.56 -14.83 -77.35
CA THR NA 358 -99.89 -16.71 -74.12
CA ALA NA 359 -101.36 -15.85 -70.73
CA LEU NA 360 -102.25 -18.89 -68.66
CA ALA NA 361 -99.71 -21.11 -66.93
CA SER NA 362 -101.96 -24.11 -67.45
CA ALA NA 363 -103.68 -22.96 -70.65
CA GLU NA 364 -106.77 -25.18 -70.48
CA PHE NA 365 -109.22 -23.43 -72.79
CA ARG NA 366 -111.47 -24.13 -75.78
CA VAL NA 367 -111.17 -23.15 -79.43
CA GLN NA 368 -114.21 -22.51 -81.60
CA VAL NA 369 -113.23 -23.84 -85.03
CA CYS NA 370 -115.99 -22.83 -87.54
CA SER NA 371 -119.08 -23.42 -85.32
CA THR NA 372 -117.45 -26.55 -83.84
CA GLN NA 373 -116.07 -26.60 -80.34
CA VAL NA 374 -112.83 -28.30 -79.29
CA HIS NA 375 -111.00 -27.79 -76.03
CA CYS NA 376 -107.28 -26.96 -76.13
CA ALA NA 377 -104.94 -28.42 -73.50
CA ALA NA 378 -101.63 -26.79 -72.55
CA GLU NA 379 -99.14 -26.52 -69.71
CA CYS NA 380 -97.14 -23.38 -70.36
CA HIS NA 381 -93.02 -21.74 -70.03
CA PRO NA 382 -92.42 -19.01 -67.49
CA PRO NA 383 -91.15 -15.76 -69.00
CA LYS NA 384 -87.40 -15.79 -69.51
CA ARG NA 385 -84.97 -14.07 -71.88
CA THR NA 386 -88.43 -13.18 -74.59
CA THR NA 387 -86.09 -9.42 -73.98
CA VAL NA 388 -86.37 -5.59 -74.11
CA TYR NA 389 -87.54 -4.14 -77.30
CA TYR NA 390 -91.09 -6.76 -78.11
CA PRO NA 391 -93.05 -3.84 -79.58
CA ALA NA 392 -96.46 -4.94 -78.26
CA SER NA 393 -98.39 -6.48 -75.42
CA HIS NA 394 -101.67 -8.41 -75.43
CA THR NA 395 -102.49 -10.29 -71.45
CA THR NA 396 -104.79 -9.73 -68.47
CA LEU NA 397 -103.63 -11.67 -65.43
CA GLY NA 398 -105.00 -10.87 -62.01
CA VAL NA 399 -108.54 -11.45 -63.17
CA GLN NA 400 -110.25 -14.31 -60.31
CA ASP NA 401 -109.19 -17.68 -61.72
CA ILE NA 402 -105.41 -18.21 -61.87
CA SER NA 403 -105.83 -22.00 -61.88
CA ALA NA 404 -102.50 -23.52 -62.89
CA THR NA 405 -100.62 -26.79 -62.29
CA ALA NA 406 -99.95 -25.81 -58.66
CA MET NA 407 -103.60 -24.87 -58.05
CA SER NA 408 -104.54 -28.57 -57.75
CA TRP NA 409 -103.23 -28.53 -54.18
CA VAL NA 410 -105.04 -25.27 -53.46
CA GLN NA 411 -108.38 -26.00 -55.11
CA LYS NA 412 -108.77 -29.68 -54.21
CA ILE NA 413 -107.19 -30.77 -50.94
CA THR NA 414 -107.37 -27.75 -48.66
CA GLY NA 415 -110.58 -26.70 -50.36
CA GLY NA 416 -112.04 -29.93 -48.97
CA VAL NA 417 -111.33 -29.17 -45.32
CA GLY NA 418 -114.66 -27.53 -44.49
CA LEU NA 419 -116.71 -30.68 -43.91
CA VAL NA 420 -116.08 -30.77 -40.20
CA VAL NA 421 -118.68 -28.18 -39.18
CA ALA NA 422 -121.43 -30.82 -38.74
CA VAL NA 423 -120.04 -32.41 -35.53
CA ALA NA 424 -121.64 -29.88 -33.17
CA ALA NA 425 -124.95 -30.50 -34.96
CA LEU NA 426 -124.47 -34.21 -35.69
CA ILE NA 427 -125.33 -35.95 -32.41
CA LEU NA 428 -124.34 -32.99 -30.25
CA ILE NA 429 -127.75 -31.54 -31.23
CA VAL NA 430 -129.40 -33.62 -28.48
CA VAL NA 431 -127.08 -31.81 -26.05
CA LEU NA 432 -126.67 -28.37 -27.61
CA CYS NA 433 -129.13 -25.55 -27.29
CA VAL NA 434 -130.55 -23.23 -24.62
CA SER NA 435 -133.91 -23.41 -26.40
CA PHE NA 436 -133.77 -24.52 -30.05
CA SER NA 437 -133.28 -28.11 -30.92
CA ARG NA 438 -134.65 -31.38 -29.73
CA HIS NA 439 -138.29 -32.39 -29.30
CA ASN OA 1 -80.55 48.10 -107.63
CA PHE OA 2 -79.84 49.36 -104.07
CA ASN OA 3 -80.28 52.95 -105.27
CA VAL OA 4 -80.50 54.42 -101.77
CA TYR OA 5 -76.92 53.72 -100.65
CA LYS OA 6 -75.78 56.21 -103.26
CA ALA OA 7 -77.10 59.67 -102.31
CA THR OA 8 -76.32 59.02 -98.63
CA ARG OA 9 -73.27 59.86 -96.58
CA PRO OA 10 -71.60 58.36 -93.50
CA TYR OA 11 -70.99 60.03 -90.18
CA LEU OA 12 -67.89 60.14 -87.99
CA ALA OA 13 -69.06 59.53 -84.45
CA HIS OA 14 -67.64 58.40 -81.13
CA CYS OA 15 -67.00 54.71 -80.81
CA PRO OA 16 -67.59 53.58 -77.19
CA ASP OA 17 -64.19 51.86 -77.35
CA CYS OA 18 -61.93 52.38 -80.36
CA GLY OA 19 -59.60 49.63 -79.22
CA GLU OA 20 -56.59 50.09 -76.88
CA GLY OA 21 -58.93 50.10 -73.87
CA HIS OA 22 -60.18 53.63 -74.61
CA SER OA 23 -62.47 55.51 -76.96
CA CYS OA 24 -62.40 58.06 -79.75
CA HIS OA 25 -64.33 58.97 -82.89
CA SER OA 26 -64.94 56.54 -85.67
CA PRO OA 27 -66.30 56.00 -89.18
CA VAL OA 28 -67.31 52.51 -88.00
CA ALA OA 29 -69.16 53.74 -84.90
CA LEU OA 30 -71.89 51.12 -84.49
CA GLU OA 31 -75.55 52.06 -84.20
CA ARG OA 32 -77.53 48.81 -84.51
CA ILE OA 33 -76.93 45.18 -83.49
CA ARG OA 34 -79.23 42.32 -84.53
CA ASN OA 35 -78.83 38.54 -84.25
CA GLU OA 36 -82.45 37.33 -84.32
CA ALA OA 37 -81.31 34.72 -86.86
CA THR OA 38 -81.41 31.40 -84.99
CA ASP OA 39 -78.46 29.98 -86.89
CA GLY OA 40 -76.38 32.72 -85.25
CA THR OA 41 -75.62 35.12 -88.10
CA LEU OA 42 -75.34 38.66 -86.76
CA LYS OA 43 -76.52 41.76 -88.62
CA ILE OA 44 -74.87 45.06 -87.75
CA GLN OA 45 -75.42 48.41 -89.42
CA VAL OA 46 -72.05 50.14 -89.60
CA SER OA 47 -72.11 53.93 -89.75
CA LEU OA 48 -70.34 54.07 -93.10
CA GLN OA 49 -71.44 52.08 -96.13
CA ILE OA 50 -69.44 49.51 -98.04
CA GLY OA 51 -69.59 48.46 -101.66
CA ILE OA 52 -70.27 51.87 -103.26
CA LYS OA 53 -67.76 54.66 -103.81
CA THR OA 54 -68.50 58.36 -103.38
CA ASP OA 55 -69.55 58.31 -107.05
CA ASP OA 56 -73.02 57.22 -105.83
CA SER OA 57 -72.96 54.39 -108.38
CA HIS OA 58 -73.81 50.68 -108.63
CA ASP OA 59 -70.23 49.94 -107.53
CA TRP OA 60 -68.81 47.03 -105.61
CA THR OA 61 -65.07 47.65 -105.52
CA LYS OA 62 -64.77 50.37 -102.86
CA LEU OA 63 -66.54 51.75 -99.76
CA ARG OA 64 -67.82 55.20 -98.81
CA TYR OA 65 -66.60 56.39 -95.43
CA MET OA 66 -66.72 59.81 -93.75
CA ASP OA 67 -63.54 61.91 -93.51
CA ASN OA 68 -62.59 65.61 -93.60
CA HIS OA 69 -66.18 66.96 -93.61
CA MET OA 70 -67.06 64.80 -96.62
CA PRO OA 71 -67.66 61.21 -97.76
CA ALA OA 72 -64.28 59.66 -98.55
CA ASP OA 73 -63.43 56.38 -100.28
CA ALA OA 74 -61.61 53.27 -99.14
CA GLU OA 75 -61.39 49.82 -100.70
CA ARG OA 76 -64.03 47.12 -100.32
CA ALA OA 77 -61.61 44.41 -99.16
CA GLY OA 78 -60.16 46.40 -96.24
CA LEU OA 79 -62.63 45.06 -93.67
CA PHE OA 80 -61.77 42.96 -90.63
CA VAL OA 81 -63.88 41.89 -87.64
CA ARG OA 82 -63.10 39.99 -84.44
CA THR OA 83 -65.48 38.85 -81.72
CA SER OA 84 -63.05 36.66 -79.79
CA ALA OA 85 -61.32 35.23 -82.85
CA PRO OA 86 -61.11 36.94 -86.25
CA CYS OA 87 -64.40 35.57 -87.44
CA THR OA 88 -65.92 34.83 -90.82
CA ILE OA 89 -68.24 36.85 -93.06
CA THR OA 90 -71.28 35.65 -95.01
CA GLY OA 91 -72.24 38.68 -97.12
CA THR OA 92 -72.19 42.46 -96.67
CA ILE OA 93 -73.83 45.25 -98.68
CA GLY OA 94 -74.55 48.92 -97.98
CA HIS OA 95 -74.27 50.22 -94.41
CA PHE OA 96 -74.79 46.64 -93.25
CA ILE OA 97 -72.41 43.89 -92.12
CA LEU OA 98 -73.19 40.21 -91.59
CA ALA OA 99 -70.81 37.67 -90.04
CA ARG OA 100 -70.64 33.96 -89.26
CA CYS OA 101 -68.93 33.27 -85.93
CA PRO OA 102 -69.75 31.61 -82.58
CA LYS OA 103 -70.03 32.78 -78.96
CA GLY OA 104 -68.17 35.90 -77.86
CA GLU OA 105 -68.87 38.82 -75.58
CA THR OA 106 -66.48 41.36 -77.12
CA LEU OA 107 -66.66 42.36 -80.76
CA THR OA 108 -64.54 44.88 -82.60
CA VAL OA 109 -64.88 46.09 -86.17
CA GLY OA 110 -62.23 47.49 -88.49
CA PHE OA 111 -61.41 48.28 -92.06
CA THR OA 112 -58.07 49.15 -93.63
CA ASP OA 113 -58.74 52.54 -95.18
CA SER OA 114 -57.05 54.41 -98.03
CA ARG OA 115 -54.23 55.49 -95.69
CA LYS OA 116 -53.71 51.93 -94.30
CA ILE OA 117 -54.77 52.44 -90.68
CA SER OA 118 -57.23 50.55 -88.47
CA HIS OA 119 -60.50 52.37 -87.95
CA SER OA 120 -61.27 50.35 -84.84
CA CYS OA 121 -64.48 50.20 -82.82
CA THR OA 122 -64.82 47.61 -80.05
CA HIS OA 123 -68.25 46.73 -78.69
CA PRO OA 124 -69.53 44.56 -75.83
CA PHE OA 125 -72.17 42.15 -77.11
CA HIS OA 126 -72.52 38.60 -75.84
CA HIS OA 127 -73.08 37.10 -79.27
CA ASP OA 128 -74.96 33.87 -78.97
CA PRO OA 129 -76.27 31.49 -81.53
CA PRO OA 130 -78.97 29.63 -79.60
CA VAL OA 131 -78.71 25.91 -78.99
CA ILE OA 132 -80.12 25.02 -82.37
CA GLY OA 133 -82.24 21.91 -82.83
CA ARG OA 134 -81.95 19.60 -79.85
CA GLU OA 135 -78.17 19.23 -79.59
CA LYS OA 136 -75.17 21.08 -78.17
CA PHE OA 137 -72.83 20.76 -81.13
CA HIS OA 138 -70.89 23.42 -83.01
CA SER OA 139 -70.85 22.19 -86.62
CA ARG OA 140 -72.64 19.50 -88.61
CA PRO OA 141 -71.49 16.44 -90.52
CA GLN OA 142 -73.40 14.79 -93.34
CA HIS OA 143 -75.74 13.05 -90.90
CA GLY OA 144 -78.23 15.55 -89.54
CA LYS OA 145 -81.94 16.09 -89.22
CA GLU OA 146 -84.05 18.97 -90.59
CA LEU OA 147 -85.31 21.86 -88.46
CA PRO OA 148 -86.50 25.23 -89.72
CA CYS OA 149 -84.30 28.07 -88.54
CA SER OA 150 -84.31 31.83 -88.91
CA THR OA 151 -81.51 33.22 -91.05
CA TYR OA 152 -80.87 36.20 -93.30
CA VAL OA 153 -81.49 36.27 -97.03
CA GLN OA 154 -78.73 37.94 -99.04
CA SER OA 155 -81.15 40.34 -100.77
CA THR OA 156 -80.32 44.06 -100.87
CA ALA OA 157 -83.60 45.15 -102.51
CA ALA OA 158 -85.67 44.48 -99.39
CA THR OA 159 -88.40 46.56 -97.79
CA THR OA 160 -91.21 46.54 -95.13
CA GLU OA 161 -88.63 47.29 -92.47
CA GLU OA 162 -87.24 50.74 -93.06
CA ILE OA 163 -84.65 53.15 -91.75
CA GLU OA 164 -85.39 56.76 -92.57
CA VAL OA 165 -82.93 59.17 -94.20
CA HIS OA 166 -82.62 62.90 -93.60
CA MET OA 167 -80.33 65.83 -94.26
CA PRO OA 168 -77.37 66.01 -91.84
CA PRO OA 169 -77.59 69.20 -89.76
CA ASP OA 170 -73.94 69.98 -89.09
CA THR OA 171 -70.38 68.66 -89.18
CA PRO OA 172 -68.16 70.97 -87.13
CA ASP OA 173 -64.46 71.59 -86.54
CA HIS OA 174 -62.32 73.33 -83.96
CA THR OA 175 -59.26 72.78 -86.19
CA LEU OA 176 -60.78 75.28 -88.65
CA MET OA 177 -59.90 78.10 -86.20
CA SER OA 178 -56.41 79.56 -86.11
CA GLN OA 179 -55.70 82.69 -84.10
CA GLN OA 180 -53.41 85.51 -85.23
CA SER OA 181 -52.77 86.85 -81.70
CA GLY OA 182 -56.35 87.77 -80.86
CA ASN OA 183 -57.50 87.65 -84.49
CA VAL OA 184 -59.15 84.46 -85.73
CA LYS OA 185 -57.88 83.28 -89.07
CA ILE OA 186 -60.90 80.98 -89.25
CA THR OA 187 -60.31 78.39 -91.97
CA VAL OA 188 -63.44 77.60 -93.99
CA ASN OA 189 -62.19 75.64 -97.05
CA GLY OA 190 -65.27 76.38 -99.13
CA GLN OA 191 -68.09 74.96 -96.98
CA THR OA 192 -71.12 76.33 -95.14
CA VAL OA 193 -69.45 77.13 -91.81
CA ARG OA 194 -72.16 77.87 -89.26
CA TYR OA 195 -69.48 80.68 -86.95
CA LYS OA 196 -72.27 82.16 -84.87
CA CYS OA 197 -70.07 82.99 -81.94
CA ASN OA 198 -69.15 85.48 -79.24
CA CYS OA 199 -66.52 87.40 -81.22
CA GLY OA 200 -69.94 89.75 -82.05
CA GLY OA 201 -70.65 86.38 -83.56
CA SER OA 202 -69.39 86.28 -87.09
CA ASN OA 203 -70.35 89.48 -86.10
CA GLU OA 204 -73.18 87.22 -87.08
CA GLY OA 205 -74.01 84.48 -89.58
CA LEU OA 206 -72.82 81.53 -91.69
CA THR OA 207 -69.95 81.84 -94.14
CA THR OA 208 -68.99 79.76 -97.15
CA THR OA 209 -65.68 81.42 -98.11
CA ASP OA 210 -62.50 81.68 -96.06
CA LYS OA 211 -62.53 84.36 -93.38
CA VAL OA 212 -59.94 86.24 -91.34
CA ILE OA 213 -61.67 87.97 -88.45
CA ASN OA 214 -59.95 90.25 -85.97
CA ASN OA 215 -60.69 90.90 -82.24
CA CYS OA 216 -61.35 87.26 -81.41
CA LYS OA 217 -59.72 84.20 -79.86
CA VAL OA 218 -60.81 80.52 -79.58
CA ASP OA 219 -62.53 81.40 -76.28
CA GLN OA 220 -65.04 83.41 -78.34
CA CYS OA 221 -65.59 81.31 -81.45
CA HIS OA 222 -66.41 78.09 -83.36
CA ALA OA 223 -66.51 76.65 -86.89
CA ALA OA 224 -69.26 74.31 -88.06
CA VAL OA 225 -69.83 73.01 -91.58
CA THR OA 226 -73.56 72.47 -92.01
CA ASN OA 227 -73.25 69.68 -94.55
CA HIS OA 228 -76.01 69.72 -97.15
CA LYS OA 229 -75.04 67.60 -100.17
CA LYS OA 230 -75.91 63.97 -99.35
CA TRP OA 231 -78.42 62.29 -97.06
CA GLN OA 232 -77.94 61.14 -93.48
CA TYR OA 233 -79.97 58.30 -92.04
CA ASN OA 234 -81.60 58.24 -88.62
CA SER OA 235 -78.78 57.14 -86.33
CA PRO OA 236 -78.50 57.55 -82.53
CA LEU OA 237 -75.01 59.03 -83.01
CA VAL OA 238 -75.82 61.91 -85.39
CA PRO OA 239 -78.44 64.41 -84.14
CA ARG OA 240 -81.21 66.66 -85.52
CA ASN OA 241 -81.31 70.28 -86.68
CA ALA OA 242 -83.20 71.71 -83.60
CA GLU OA 243 -86.64 70.90 -84.82
CA LEU OA 244 -86.59 68.16 -87.42
CA GLY OA 245 -83.56 66.36 -88.67
CA ASP OA 246 -85.94 63.47 -88.90
CA ARG OA 247 -86.90 64.97 -92.24
CA LYS OA 248 -88.36 63.05 -95.14
CA GLY OA 249 -86.41 60.45 -97.10
CA LYS OA 250 -86.15 56.67 -97.48
CA ILE OA 251 -83.24 54.24 -97.45
CA HIS OA 252 -84.50 50.69 -97.77
CA ILE OA 253 -83.20 47.63 -95.96
CA PRO OA 254 -81.03 44.75 -97.13
CA PHE OA 255 -81.01 41.17 -95.80
CA PRO OA 256 -84.56 39.99 -94.98
CA LEU OA 257 -85.22 36.93 -92.83
CA ALA OA 258 -86.14 33.36 -93.77
CA ASN OA 259 -87.72 30.63 -91.65
CA VAL OA 260 -85.81 28.00 -93.60
CA THR OA 261 -83.79 24.84 -93.13
CA CYS OA 262 -80.86 24.52 -90.79
CA ARG OA 263 -79.44 21.10 -89.96
CA VAL OA 264 -78.53 19.70 -86.55
CA PRO OA 265 -76.52 16.44 -86.28
CA LYS OA 266 -78.17 13.33 -84.97
CA ALA OA 267 -76.50 11.93 -81.88
CA ARG OA 268 -74.84 8.57 -82.35
CA ASN OA 269 -76.70 5.59 -80.97
CA PRO OA 270 -75.56 4.33 -77.55
CA THR OA 271 -75.40 0.70 -76.51
CA VAL OA 272 -78.48 -0.70 -74.79
CA THR OA 273 -78.87 -3.77 -72.56
CA TYR OA 274 -81.16 -5.11 -69.85
CA GLY OA 275 -81.20 -4.87 -66.08
CA LYS OA 276 -83.53 -5.86 -63.24
CA ASN OA 277 -86.93 -4.78 -64.64
CA GLN OA 278 -84.93 -1.99 -66.28
CA VAL OA 279 -82.37 -0.89 -68.85
CA ILE OA 280 -78.64 -0.75 -68.16
CA MET OA 281 -76.93 1.09 -71.00
CA LEU OA 282 -73.63 2.90 -71.47
CA LEU OA 283 -74.56 6.29 -72.89
CA TYR OA 284 -72.44 7.84 -75.65
CA PRO OA 285 -72.21 11.59 -76.12
CA ASP OA 286 -68.96 13.27 -77.05
CA HIS OA 287 -70.47 16.74 -77.43
CA PRO OA 288 -73.28 17.67 -74.98
CA THR OA 289 -76.46 15.75 -75.70
CA LEU OA 290 -79.84 15.68 -73.96
CA LEU OA 291 -81.70 12.73 -72.46
CA SER OA 292 -85.46 12.77 -71.89
CA TYR OA 293 -87.69 9.91 -70.73
CA ARG OA 294 -91.35 9.63 -69.75
CA ASN OA 295 -93.84 6.78 -69.35
CA MET OA 296 -97.17 5.68 -70.81
CA GLY OA 297 -99.04 5.93 -67.51
CA GLU OA 298 -101.63 8.45 -66.39
CA GLU OA 299 -98.67 10.37 -64.96
CA PRO OA 300 -95.94 11.55 -67.37
CA ASN OA 301 -92.88 10.66 -65.22
CA TYR OA 302 -90.96 13.07 -67.42
CA GLN OA 303 -87.30 13.79 -66.72
CA GLU OA 304 -84.79 15.76 -68.82
CA GLU OA 305 -81.02 16.04 -68.51
CA TRP OA 306 -78.01 16.86 -70.70
CA VAL OA 307 -74.83 14.77 -71.01
CA MET OA 308 -71.49 15.23 -72.75
CA HIS OA 309 -69.66 12.32 -71.15
CA LYS OA 310 -69.66 8.59 -71.76
CA LYS OA 311 -71.44 7.25 -68.69
CA GLU OA 312 -73.66 4.42 -67.46
CA VAL OA 313 -77.32 5.33 -67.01
CA VAL OA 314 -79.79 2.98 -65.32
CA LEU OA 315 -83.20 3.25 -66.96
CA THR OA 316 -86.04 1.84 -64.86
CA VAL OA 317 -88.86 0.55 -67.06
CA PRO OA 318 -92.32 0.12 -65.51
CA THR OA 319 -94.46 -2.74 -66.84
CA GLU OA 320 -96.49 -0.23 -68.89
CA GLY OA 321 -93.22 0.90 -70.45
CA LEU OA 322 -91.65 4.28 -71.08
CA GLU OA 323 -89.92 6.28 -73.79
CA VAL OA 324 -86.39 7.62 -74.06
CA THR OA 325 -85.17 10.28 -76.51
CA TRP OA 326 -81.49 10.71 -77.43
CA GLY OA 327 -80.11 13.73 -79.22
CA ASN OA 328 -81.81 14.16 -82.57
CA ASN OA 329 -82.92 10.54 -82.80
CA GLU OA 330 -86.46 9.18 -82.56
CA PRO OA 331 -87.88 8.09 -79.17
CA TYR OA 332 -87.30 4.50 -78.08
CA LYS OA 333 -90.14 2.82 -76.15
CA TYR OA 334 -89.62 -0.25 -73.99
CA TRP OA 335 -91.65 -3.07 -72.43
CA PRO OA 336 -90.04 -4.99 -69.58
CA GLN OA 337 -89.99 -8.53 -68.28
CA LEU OA 338 -88.45 -9.97 -65.13
CA SER OA 339 -84.76 -10.69 -63.18
CA THR OA 340 -83.59 -14.78 -63.98
CA ASN OA 341 -81.41 -16.03 -60.54
CA GLY OA 342 -83.37 -17.92 -57.90
CA THR OA 343 -81.41 -21.37 -56.28
CA ALA OA 344 -83.19 -24.67 -56.35
CA HIS OA 345 -87.42 -25.08 -55.68
CA GLY OA 346 -89.05 -28.43 -55.07
CA HIS OA 347 -91.81 -30.17 -55.26
CA PRO OA 348 -91.68 -32.88 -53.02
CA HIS OA 349 -94.11 -29.48 -51.94
CA GLU OA 350 -92.52 -26.12 -52.85
CA ILE OA 351 -93.06 -24.65 -56.32
CA ILE OA 352 -93.58 -20.98 -55.50
CA LEU OA 353 -90.28 -20.08 -57.10
CA TYR OA 354 -92.34 -20.93 -60.15
CA TYR OA 355 -94.48 -18.12 -58.72
CA TYR OA 356 -91.40 -15.97 -57.98
CA GLU OA 357 -90.46 -15.14 -61.58
CA LEU OA 358 -94.22 -15.14 -62.23
CA TYR OA 359 -94.78 -11.34 -62.34
CA PRO OA 360 -93.36 -10.46 -58.86
CA THR OA 361 -94.52 -7.82 -56.41
CA MET OA 362 -97.69 -9.61 -57.51
CA THR OA 363 -98.49 -13.27 -56.69
CA VAL OA 364 -95.32 -13.17 -54.61
CA VAL OA 365 -96.50 -10.65 -52.00
CA VAL OA 366 -100.12 -9.93 -52.97
CA VAL OA 367 -100.63 -13.64 -52.62
CA SER OA 368 -99.22 -13.24 -49.08
CA VAL OA 369 -101.90 -10.76 -48.03
CA ALA OA 370 -104.42 -13.16 -49.58
CA THR OA 371 -103.45 -16.11 -47.42
CA PHE OA 372 -105.56 -14.72 -44.57
CA ILE OA 373 -108.53 -16.63 -46.03
CA LEU OA 374 -106.17 -19.58 -45.74
CA LEU OA 375 -105.10 -18.50 -42.24
CA SER OA 376 -108.58 -17.92 -40.81
CA MET OA 377 -108.49 -21.49 -39.42
CA VAL OA 378 -106.69 -21.02 -36.10
CA GLY OA 379 -109.41 -19.12 -34.21
CA MET OA 380 -111.99 -21.29 -35.94
CA ALA OA 381 -110.31 -24.19 -34.14
CA ALA OA 382 -110.19 -22.38 -30.78
CA GLY OA 383 -113.71 -21.48 -29.55
CA MET OA 384 -114.76 -24.53 -31.49
CA CYS OA 385 -112.80 -26.55 -28.96
CA MET OA 386 -113.81 -24.61 -25.82
CA CYS OA 387 -117.27 -25.95 -26.63
CA ALA OA 388 -115.56 -29.35 -26.85
CA ARG OA 389 -113.49 -29.56 -23.65
CA ARG OA 390 -114.63 -26.76 -21.34
CA ARG OA 391 -118.27 -27.80 -21.65
CA CYS OA 392 -117.59 -31.51 -20.97
CA ILE OA 393 -118.37 -31.60 -17.26
CA THR OA 394 -119.88 -28.08 -17.23
CA PRO OA 395 -123.42 -27.63 -18.57
CA TYR OA 396 -125.95 -30.33 -17.51
CA GLU OA 397 -125.72 -32.36 -14.31
CA LEU OA 398 -129.17 -33.79 -14.75
CA THR OA 399 -128.54 -37.45 -15.62
CA PRO OA 400 -126.47 -39.21 -12.93
CA GLY OA 401 -123.36 -41.19 -13.99
CA ALA OA 402 -120.50 -39.46 -12.01
CA THR OA 403 -119.03 -39.06 -15.55
CA VAL OA 404 -119.53 -40.42 -19.03
CA PRO OA 405 -118.08 -43.91 -18.45
CA PHE OA 406 -117.58 -44.91 -22.08
CA LEU OA 407 -117.67 -41.99 -24.50
CA LEU OA 408 -114.88 -39.82 -23.12
CA SER OA 409 -112.03 -40.31 -25.62
CA LEU OA 410 -114.78 -39.35 -28.07
CA ILE OA 411 -114.82 -36.10 -26.06
CA CYS OA 412 -111.20 -36.01 -24.67
CA CYS OA 413 -111.54 -33.18 -22.24
CA ILE OA 414 -108.76 -31.89 -20.01
CA ARG OA 415 -105.46 -33.08 -18.52
CA THR OA 416 -106.07 -36.30 -20.41
CA ALA OA 417 -103.87 -38.37 -18.12
CA LYS OA 418 -105.67 -41.08 -16.10
CA ALA OA 419 -105.18 -44.89 -16.31
CA TYR PA 1 -85.62 80.71 -23.75
CA GLU PA 2 -83.02 77.95 -23.96
CA HIS PA 3 -84.96 75.14 -25.60
CA VAL PA 4 -83.03 71.96 -24.85
CA THR PA 5 -84.46 69.09 -26.87
CA VAL PA 6 -83.36 65.55 -27.66
CA ILE PA 7 -83.87 64.58 -31.29
CA PRO PA 8 -83.52 60.95 -32.44
CA ASN PA 9 -80.94 59.74 -34.95
CA THR PA 10 -82.36 59.17 -38.44
CA VAL PA 11 -81.93 59.65 -42.11
CA GLY PA 12 -83.92 62.69 -43.16
CA VAL PA 13 -87.08 62.15 -41.07
CA PRO PA 14 -88.34 65.52 -39.75
CA TYR PA 15 -89.00 65.12 -36.05
CA LYS PA 16 -91.64 67.55 -34.76
CA THR PA 17 -89.91 69.67 -32.14
CA LEU PA 18 -92.24 71.61 -29.85
CA VAL PA 19 -90.64 74.99 -29.29
CA ASN PA 20 -93.11 76.19 -26.66
CA ARG PA 21 -92.68 79.80 -25.82
CA PRO PA 22 -92.84 80.97 -22.19
CA GLY PA 23 -96.25 82.61 -22.16
CA TYR PA 24 -96.66 83.05 -25.89
CA SER PA 25 -98.01 81.03 -28.83
CA PRO PA 26 -95.52 78.23 -29.66
CA MET PA 27 -93.90 77.70 -33.03
CA VAL PA 28 -93.47 73.93 -33.21
CA LEU PA 29 -90.60 73.39 -35.63
CA GLU PA 30 -89.50 70.12 -37.22
CA MET PA 31 -85.88 69.09 -37.70
CA GLU PA 32 -84.19 66.26 -39.56
CA LEU PA 33 -80.52 65.34 -39.53
CA LEU PA 34 -78.64 64.34 -42.66
CA SER PA 35 -75.24 62.88 -41.77
CA VAL PA 36 -73.66 61.52 -38.58
CA THR PA 37 -70.00 61.76 -39.50
CA LEU PA 38 -67.94 60.23 -36.71
CA GLU PA 39 -64.27 59.71 -37.47
CA PRO PA 40 -61.77 57.27 -35.99
CA THR PA 41 -58.05 57.90 -35.89
CA LEU PA 42 -55.35 56.53 -38.14
CA SER PA 43 -52.06 55.36 -36.71
CA LEU PA 44 -49.71 53.45 -39.00
CA ASP PA 45 -48.50 50.03 -37.94
CA TYR PA 46 -47.19 49.02 -41.36
CA ILE PA 47 -47.94 49.06 -45.03
CA THR PA 48 -47.36 46.06 -47.25
CA CYS PA 49 -46.35 45.71 -50.88
CA GLU PA 50 -45.91 42.96 -53.38
CA TYR PA 51 -42.58 41.17 -53.24
CA LYS PA 52 -39.87 42.03 -55.73
CA THR PA 53 -37.22 39.35 -55.72
CA VAL PA 54 -34.58 41.50 -57.37
CA ILE PA 55 -32.29 38.84 -58.83
CA PRO PA 56 -29.03 40.22 -60.22
CA SER PA 57 -26.66 38.18 -62.33
CA PRO PA 58 -25.33 34.94 -60.78
CA TYR PA 59 -21.84 34.53 -59.37
CA VAL PA 60 -20.11 31.77 -61.35
CA LYS PA 61 -16.52 30.52 -61.12
CA CYS PA 62 -14.46 28.51 -63.62
CA CYS PA 63 -12.80 25.33 -62.30
CA GLY PA 64 -13.14 26.57 -58.73
CA THR PA 65 -15.54 26.90 -55.85
CA ALA PA 66 -17.56 30.11 -55.64
CA GLU PA 67 -17.98 31.72 -52.23
CA CYS PA 68 -21.03 32.79 -50.22
CA LYS PA 69 -20.40 36.34 -49.06
CA ASP PA 70 -23.18 37.08 -46.60
CA LYS PA 71 -24.32 40.63 -46.02
CA ASN PA 72 -27.47 42.45 -45.16
CA LEU PA 73 -29.91 42.83 -48.03
CA PRO PA 74 -33.67 42.80 -47.42
CA ASP PA 75 -34.31 39.04 -47.25
CA TYR PA 76 -30.77 38.38 -48.49
CA SER PA 77 -30.06 35.03 -50.09
CA CYS PA 78 -27.05 33.60 -51.87
CA LYS PA 79 -26.13 29.94 -52.28
CA VAL PA 80 -23.20 28.54 -54.23
CA PHE PA 81 -24.27 25.89 -56.72
CA THR PA 82 -21.40 23.60 -57.60
CA GLY PA 83 -20.73 21.18 -60.41
CA VAL PA 84 -22.94 22.94 -62.94
CA TYR PA 85 -21.73 22.89 -66.56
CA PRO PA 86 -23.54 25.95 -67.88
CA PHE PA 87 -24.23 26.55 -71.55
CA MET PA 88 -24.64 29.70 -73.60
CA TRP PA 89 -25.50 30.11 -77.30
CA GLY PA 90 -22.44 28.37 -78.64
CA GLY PA 91 -22.54 25.57 -76.10
CA ALA PA 92 -20.89 25.53 -72.71
CA TYR PA 93 -19.88 28.66 -70.78
CA CYS PA 94 -16.63 26.94 -69.79
CA PHE PA 95 -14.84 23.69 -70.51
CA CYS PA 96 -14.37 22.49 -67.04
CA ASP PA 97 -14.86 18.74 -67.25
CA ALA PA 98 -17.46 18.83 -64.48
CA GLU PA 99 -16.74 21.99 -61.94
CA ASN PA 100 -18.36 25.30 -62.50
CA THR PA 101 -19.71 26.77 -59.28
CA GLN PA 102 -22.45 29.37 -59.69
CA LEU PA 103 -23.79 31.36 -56.74
CA SER PA 104 -27.26 32.75 -57.33
CA GLU PA 105 -28.02 36.06 -55.64
CA ALA PA 106 -31.59 36.96 -54.79
CA HIS PA 107 -33.17 39.34 -52.29
CA VAL PA 108 -36.40 41.30 -52.02
CA GLU PA 109 -37.16 45.03 -52.04
CA LYS PA 110 -40.34 47.11 -51.79
CA SER PA 111 -42.49 48.24 -54.68
CA GLU PA 112 -42.69 51.40 -56.71
CA SER PA 113 -46.34 50.43 -57.17
CA CYS PA 114 -46.81 50.23 -53.39
CA LYS PA 115 -45.52 53.79 -53.12
CA THR PA 116 -48.90 55.04 -54.30
CA GLU PA 117 -51.25 52.02 -54.30
CA PHE PA 118 -50.87 49.57 -51.45
CA ALA PA 119 -52.51 47.89 -48.50
CA SER PA 120 -51.85 49.73 -45.27
CA ALA PA 121 -52.27 48.35 -41.76
CA TYR PA 122 -53.22 50.78 -39.02
CA ARG PA 123 -55.36 51.33 -35.94
CA ALA PA 124 -58.48 53.49 -35.90
CA HIS PA 125 -59.43 54.66 -32.43
CA THR PA 126 -61.44 57.76 -31.55
CA ALA PA 127 -64.97 59.16 -31.53
CA SER PA 128 -65.21 62.56 -33.19
CA ALA PA 129 -68.75 62.98 -34.46
CA SER PA 130 -69.97 65.50 -37.04
CA ALA PA 131 -73.58 66.43 -37.82
CA LYS PA 132 -75.58 67.80 -40.76
CA LEU PA 133 -78.89 69.07 -39.40
CA ARG PA 134 -81.84 70.70 -41.17
CA VAL PA 135 -84.24 73.15 -39.49
CA LEU PA 136 -87.18 75.03 -40.91
CA TYR PA 137 -86.34 78.27 -39.24
CA GLN PA 138 -89.69 79.90 -38.63
CA GLY PA 139 -90.50 77.82 -41.70
CA ASN PA 140 -87.26 78.79 -43.47
CA ASN PA 141 -85.73 75.56 -44.74
CA ILE PA 142 -82.07 75.88 -43.75
CA THR PA 143 -79.42 73.28 -42.97
CA VAL PA 144 -76.96 73.81 -40.14
CA THR PA 145 -73.63 72.04 -39.75
CA ALA PA 146 -72.53 70.64 -36.41
CA TYR PA 147 -70.37 68.24 -34.56
CA ALA PA 148 -72.64 65.60 -33.05
CA ASN PA 149 -70.81 65.72 -29.74
CA GLY PA 150 -70.93 68.58 -27.22
CA ASP PA 151 -68.13 70.72 -28.67
CA HIS PA 152 -69.17 72.54 -31.88
CA ALA PA 153 -71.66 75.36 -31.44
CA VAL PA 154 -72.14 78.18 -33.95
CA THR PA 155 -74.77 80.89 -34.10
CA VAL PA 156 -76.78 81.12 -37.31
CA LYS PA 157 -79.86 83.36 -37.79
CA ASP PA 158 -80.25 84.57 -34.15
CA ALA PA 159 -79.90 81.08 -32.63
CA LYS PA 160 -77.19 78.54 -31.86
CA PHE PA 161 -77.22 74.92 -30.73
CA ILE PA 162 -75.52 72.32 -28.60
CA VAL PA 163 -75.88 69.23 -30.80
CA GLY PA 164 -75.05 66.20 -28.70
CA PRO PA 165 -73.04 64.84 -26.93
CA MET PA 166 -73.60 61.45 -28.46
CA SER PA 167 -75.52 58.88 -26.45
CA SER PA 168 -74.50 55.75 -28.35
CA ALA PA 169 -70.73 55.33 -28.56
CA TRP PA 170 -70.89 52.47 -31.09
CA THR PA 171 -68.26 52.38 -33.81
CA PRO PA 172 -67.98 50.00 -36.78
CA PHE PA 173 -64.19 50.41 -36.59
CA ASP PA 174 -62.03 47.76 -34.90
CA ASN PA 175 -58.50 48.16 -33.59
CA LYS PA 176 -56.76 46.34 -36.46
CA ILE PA 177 -57.84 47.51 -39.89
CA VAL PA 178 -56.23 47.66 -43.35
CA VAL PA 179 -56.92 50.26 -46.04
CA TYR PA 180 -56.01 49.53 -49.67
CA LYS PA 181 -55.85 52.11 -52.53
CA GLY PA 182 -59.50 53.06 -52.03
CA ASP PA 183 -61.21 50.61 -49.69
CA VAL PA 184 -60.74 49.79 -46.00
CA TYR PA 185 -60.83 46.28 -44.54
CA ASN PA 186 -61.24 45.49 -40.84
CA MET PA 187 -59.27 42.26 -40.89
CA ASP PA 188 -57.32 41.85 -37.67
CA TYR PA 189 -53.93 41.88 -39.36
CA PRO PA 190 -50.81 40.24 -38.01
CA PRO PA 191 -48.90 43.39 -36.98
CA PHE PA 192 -45.46 44.73 -37.86
CA GLY PA 193 -42.74 42.10 -38.24
CA ALA PA 194 -45.25 39.22 -38.14
CA GLY PA 195 -45.71 38.61 -41.87
CA ARG PA 196 -45.25 34.91 -42.51
CA PRO PA 197 -44.05 33.53 -45.88
CA GLY PA 198 -47.02 33.70 -48.18
CA GLN PA 199 -48.99 35.67 -45.63
CA PHE PA 200 -50.47 39.13 -46.15
CA GLY PA 201 -47.79 41.54 -45.04
CA ASP PA 202 -44.70 39.37 -45.45
CA ILE PA 203 -43.07 42.45 -46.95
CA GLN PA 204 -43.67 44.75 -44.06
CA SER PA 205 -42.67 48.39 -43.63
CA ARG PA 206 -44.34 51.32 -41.94
CA THR PA 207 -44.52 53.96 -44.67
CA PRO PA 208 -44.11 53.24 -48.43
CA GLU PA 209 -40.75 55.05 -48.51
CA SER PA 210 -39.60 53.50 -45.22
CA LYS PA 211 -36.93 50.85 -45.60
CA ASP PA 212 -37.65 49.21 -42.21
CA VAL PA 213 -38.08 46.03 -44.20
CA TYR PA 214 -39.42 43.01 -42.41
CA ALA PA 215 -39.18 40.38 -45.10
CA ASN PA 216 -40.11 36.81 -44.25
CA THR PA 217 -41.14 35.68 -47.71
CA GLN PA 218 -39.04 32.57 -48.57
CA LEU PA 219 -36.09 33.82 -50.63
CA VAL PA 220 -34.43 30.48 -51.45
CA LEU PA 221 -32.71 29.02 -54.53
CA GLN PA 222 -32.51 25.29 -55.21
CA ARG PA 223 -29.80 24.66 -57.96
CA PRO PA 224 -29.38 24.96 -61.72
CA ALA PA 225 -28.68 21.28 -62.10
CA ALA PA 226 -25.82 20.77 -64.59
CA GLY PA 227 -27.02 22.20 -67.83
CA THR PA 228 -27.21 25.92 -68.64
CA VAL PA 229 -26.92 29.50 -67.44
CA HIS PA 230 -29.90 29.25 -65.21
CA VAL PA 231 -31.56 30.37 -62.01
CA PRO PA 232 -34.46 28.15 -60.89
CA TYR PA 233 -36.43 29.70 -58.09
CA SER PA 234 -38.50 27.97 -55.48
CA GLN PA 235 -41.24 30.46 -54.76
CA ALA PA 236 -41.41 33.64 -52.80
CA PRO PA 237 -45.09 33.46 -51.81
CA SER PA 238 -46.54 36.85 -51.42
CA GLY PA 239 -48.40 39.54 -49.55
CA PHE PA 240 -50.46 41.02 -52.44
CA LYS PA 241 -50.79 38.02 -54.79
CA TYR PA 242 -51.93 36.34 -51.56
CA TRP PA 243 -54.23 39.27 -50.74
CA LEU PA 244 -56.03 39.84 -54.05
CA LYS PA 245 -58.41 36.90 -53.49
CA GLU PA 246 -58.99 37.45 -49.75
CA ARG PA 247 -59.92 41.12 -49.93
CA GLY PA 248 -63.54 40.29 -49.14
CA ALA PA 249 -65.88 43.03 -47.99
CA SER PA 250 -65.01 46.61 -47.09
CA LEU PA 251 -66.34 48.42 -44.02
CA GLN PA 252 -69.01 50.01 -46.19
CA HIS PA 253 -69.99 46.39 -46.93
CA THR PA 254 -69.98 44.94 -43.40
CA ALA PA 255 -71.07 47.72 -41.04
CA PRO PA 256 -74.36 47.23 -39.18
CA PHE PA 257 -77.04 49.94 -39.14
CA GLY PA 258 -76.66 49.81 -42.94
CA CYS PA 259 -74.54 52.93 -43.43
CA GLN PA 260 -71.53 53.30 -45.67
CA ILE PA 261 -68.07 54.29 -44.56
CA ALA PA 262 -66.61 57.36 -46.23
CA THR PA 263 -62.90 57.13 -46.89
CA ASN PA 264 -59.76 59.29 -47.32
CA PRO PA 265 -59.60 59.89 -44.31
CA VAL PA 266 -61.86 57.05 -43.13
CA ARG PA 267 -65.01 57.82 -41.11
CA ALA PA 268 -68.54 56.45 -40.69
CA VAL PA 269 -71.35 58.43 -42.28
CA ASN PA 270 -74.81 58.36 -40.67
CA CYS PA 271 -75.58 55.06 -39.02
CA ALA PA 272 -78.91 55.94 -37.38
CA VAL PA 273 -78.06 54.97 -33.78
CA GLY PA 274 -79.20 56.64 -30.59
CA ASN PA 275 -80.38 60.22 -30.23
CA MET PA 276 -79.16 63.83 -30.42
CA PRO PA 277 -79.41 66.10 -27.39
CA ILE PA 278 -79.96 69.50 -29.01
CA SER PA 279 -79.81 72.64 -26.85
CA ILE PA 280 -81.02 75.59 -28.92
CA ASP PA 281 -82.18 79.02 -27.76
CA ILE PA 282 -84.93 81.44 -28.75
CA PRO PA 283 -85.68 84.94 -27.43
CA GLU PA 284 -89.10 86.36 -26.91
CA ALA PA 285 -88.11 89.30 -29.13
CA ALA PA 286 -87.64 87.66 -32.54
CA PHE PA 287 -90.64 85.48 -31.68
CA THR PA 288 -94.20 86.72 -31.49
CA ARG PA 289 -96.86 86.97 -28.81
CA VAL PA 290 -99.97 84.93 -28.08
CA VAL PA 291 -102.12 88.07 -28.37
CA ASP PA 292 -101.23 89.02 -31.98
CA ALA PA 293 -101.32 85.36 -32.89
CA PRO PA 294 -105.00 84.49 -33.38
CA SER PA 295 -106.66 82.63 -30.53
CA LEU PA 296 -108.91 79.93 -31.89
CA THR PA 297 -112.07 78.02 -31.02
CA ASP PA 298 -114.80 76.08 -32.88
CA MET PA 299 -112.35 73.35 -33.87
CA SER PA 300 -114.38 70.35 -35.00
CA CYS PA 301 -112.35 67.14 -34.81
CA GLU PA 302 -112.44 64.95 -37.91
CA VAL PA 303 -110.18 63.41 -40.51
CA PRO PA 304 -110.93 62.85 -44.17
CA ALA PA 305 -108.78 59.70 -43.92
CA CYS PA 306 -105.77 58.24 -42.14
CA THR PA 307 -103.74 55.10 -42.86
CA HIS PA 308 -101.67 53.73 -39.99
CA SER PA 309 -98.45 52.59 -41.64
CA SER PA 310 -95.00 54.18 -41.98
CA ASP PA 311 -96.37 56.36 -44.80
CA PHE PA 312 -97.89 59.85 -44.62
CA GLY PA 313 -101.29 58.31 -45.25
CA GLY PA 314 -102.99 60.49 -42.69
CA VAL PA 315 -104.51 63.95 -42.89
CA ALA PA 316 -106.88 65.85 -40.61
CA ILE PA 317 -109.18 68.69 -41.63
CA ILE PA 318 -110.10 71.06 -38.80
CA LYS PA 319 -113.04 73.39 -39.35
CA TYR PA 320 -112.72 76.31 -36.96
CA ALA PA 321 -113.04 80.01 -36.18
CA ALA PA 322 -109.97 81.92 -34.98
CA SER PA 323 -109.75 85.59 -33.98
CA LYS PA 324 -107.16 87.60 -35.93
CA LYS PA 325 -104.86 87.33 -38.91
CA GLY PA 326 -101.58 85.54 -38.30
CA LYS PA 327 -99.59 82.31 -38.54
CA CYS PA 328 -99.91 79.41 -36.14
CA ALA PA 329 -98.30 76.14 -35.04
CA VAL PA 330 -99.59 72.56 -34.77
CA HIS PA 331 -98.55 69.95 -32.19
CA SER PA 332 -99.97 66.67 -30.98
CA MET PA 333 -98.37 65.05 -27.91
CA THR PA 334 -98.94 61.71 -29.55
CA ASN PA 335 -95.39 61.06 -30.73
CA ALA PA 336 -96.25 57.84 -32.58
CA VAL PA 337 -98.44 59.96 -34.86
CA THR PA 338 -96.02 62.36 -36.50
CA ILE PA 339 -97.57 65.46 -38.05
CA ARG PA 340 -96.06 66.58 -41.35
CA GLU PA 341 -96.48 70.36 -41.24
CA ALA PA 342 -97.12 72.78 -38.39
CA GLU PA 343 -96.72 76.38 -39.60
CA ILE PA 344 -99.98 77.53 -41.18
CA GLU PA 345 -101.33 81.05 -41.62
CA VAL PA 346 -105.40 80.95 -39.24
CA GLU PA 347 -107.05 84.20 -40.43
CA GLY PA 348 -110.13 84.02 -38.19
CA ASN PA 349 -113.09 81.99 -39.43
CA SER PA 350 -111.59 79.40 -41.79
CA GLN PA 351 -110.49 75.79 -42.21
CA LEU PA 352 -106.97 74.40 -42.37
CA GLN PA 353 -105.20 71.15 -43.18
CA ILE PA 354 -102.56 69.08 -41.43
CA SER PA 355 -101.26 65.78 -42.75
CA PHE PA 356 -99.50 63.18 -40.64
CA SER PA 357 -97.83 59.80 -40.59
CA THR PA 358 -100.29 57.65 -38.77
CA ALA PA 359 -99.99 55.12 -35.96
CA LEU PA 360 -103.24 54.53 -34.11
CA ALA PA 361 -106.15 52.53 -35.52
CA SER PA 362 -108.59 54.75 -33.64
CA ALA PA 363 -106.52 57.94 -33.59
CA GLU PA 364 -108.22 59.70 -30.68
CA PHE PA 365 -105.65 62.28 -29.61
CA ARG PA 366 -105.33 66.01 -28.93
CA VAL PA 367 -103.62 68.77 -30.89
CA GLN PA 368 -102.07 71.78 -29.18
CA VAL PA 369 -102.73 74.68 -31.56
CA CYS PA 370 -100.80 77.76 -30.28
CA SER PA 371 -101.39 77.32 -26.50
CA THR PA 372 -104.97 76.17 -27.17
CA GLN PA 373 -106.00 72.57 -26.82
CA VAL PA 374 -108.36 70.73 -29.16
CA HIS PA 375 -108.87 66.99 -29.34
CA CYS PA 376 -108.61 65.28 -32.72
CA ALA PA 377 -110.94 62.39 -33.56
CA ALA PA 378 -110.09 59.71 -36.13
CA GLU PA 379 -110.83 56.12 -37.07
CA CYS PA 380 -107.97 54.99 -39.27
CA HIS PA 381 -107.09 52.52 -42.85
CA PRO PA 382 -105.11 49.33 -42.35
CA PRO PA 383 -101.82 49.23 -44.26
CA LYS PA 384 -102.32 48.08 -47.85
CA ARG PA 385 -100.50 48.62 -51.15
CA THR PA 386 -98.52 52.22 -49.32
CA THR PA 387 -95.40 49.69 -51.26
CA VAL PA 388 -91.63 48.91 -51.22
CA TYR PA 389 -89.36 51.79 -51.67
CA TYR PA 390 -91.16 54.70 -48.78
CA PRO PA 391 -87.74 56.04 -47.80
CA ALA PA 392 -88.57 56.64 -44.13
CA SER PA 393 -90.38 55.43 -41.06
CA HIS PA 394 -91.74 57.35 -38.08
CA THR PA 395 -94.30 54.76 -35.49
CA THR PA 396 -94.07 53.02 -32.10
CA LEU PA 397 -96.79 50.42 -31.68
CA GLY PA 398 -96.57 47.84 -28.94
CA VAL PA 399 -96.33 50.51 -26.30
CA GLN PA 400 -99.46 49.53 -23.37
CA ASP PA 401 -102.55 51.18 -24.83
CA ILE PA 402 -103.61 49.84 -28.25
CA SER PA 403 -107.20 51.03 -27.74
CA ALA PA 404 -108.95 50.87 -31.10
CA THR PA 405 -112.51 50.42 -32.39
CA ALA PA 406 -112.47 46.73 -31.39
CA MET PA 407 -111.15 47.52 -27.89
CA SER PA 408 -114.64 48.65 -26.79
CA TRP PA 409 -115.59 44.99 -26.34
CA VAL PA 410 -112.32 44.27 -24.52
CA GLN PA 411 -112.16 47.34 -22.27
CA LYS PA 412 -115.85 47.71 -21.36
CA ILE PA 413 -117.86 44.48 -21.26
CA THR PA 414 -115.42 41.80 -20.17
CA GLY PA 415 -113.54 44.35 -18.12
CA GLY PA 416 -116.75 44.64 -16.07
CA VAL PA 417 -116.92 40.98 -15.07
CA GLY PA 418 -115.03 41.25 -11.81
CA LEU PA 419 -117.87 42.46 -9.60
CA VAL PA 420 -118.88 39.01 -8.48
CA VAL PA 421 -116.20 38.56 -5.79
CA ALA PA 422 -118.43 40.04 -3.05
CA VAL PA 423 -120.88 37.10 -2.78
CA ALA PA 424 -118.73 35.08 -0.38
CA ALA PA 425 -118.43 38.21 1.79
CA LEU PA 426 -121.92 39.62 1.17
CA ILE PA 427 -124.19 37.62 3.47
CA LEU PA 428 -121.96 34.54 3.47
CA ILE PA 429 -119.83 36.46 6.01
CA VAL PA 430 -122.19 35.35 8.80
CA VAL PA 431 -121.34 31.77 7.77
CA LEU PA 432 -117.73 32.03 6.57
CA CYS PA 433 -114.71 32.05 8.80
CA VAL PA 434 -112.86 29.74 11.19
CA SER PA 435 -112.12 32.76 13.39
CA PHE PA 436 -112.42 36.15 11.66
CA SER PA 437 -115.76 37.65 10.94
CA ARG PA 438 -118.97 38.08 12.83
CA HIS PA 439 -119.47 39.53 16.31
CA ASN QA 1 -34.00 61.20 -75.30
CA PHE QA 2 -33.63 57.51 -74.28
CA ASN QA 3 -29.84 57.83 -74.62
CA VAL QA 4 -29.09 54.55 -72.85
CA TYR QA 5 -30.57 52.16 -75.44
CA LYS QA 6 -27.81 53.26 -77.78
CA ALA QA 7 -24.45 52.16 -76.33
CA THR QA 8 -25.95 48.82 -75.23
CA ARG QA 9 -26.05 45.47 -76.99
CA PRO QA 10 -28.40 42.47 -76.95
CA TYR QA 11 -27.54 38.92 -75.98
CA LEU QA 12 -28.37 35.63 -77.67
CA ALA QA 13 -29.51 33.28 -74.93
CA HIS QA 14 -31.49 30.08 -74.55
CA CYS QA 15 -35.23 30.45 -74.80
CA PRO QA 16 -36.97 27.91 -72.52
CA ASP QA 17 -39.14 26.96 -75.50
CA CYS QA 18 -38.38 28.40 -78.95
CA GLY QA 19 -41.64 27.07 -80.33
CA GLU QA 20 -42.15 23.61 -81.89
CA GLY QA 21 -42.38 22.07 -78.40
CA HIS QA 22 -38.62 22.36 -77.80
CA SER QA 23 -35.98 24.93 -76.99
CA CYS QA 24 -32.93 26.64 -78.49
CA HIS QA 25 -31.11 29.96 -78.33
CA SER QA 26 -32.80 33.23 -79.00
CA PRO QA 27 -32.40 36.99 -79.44
CA VAL QA 28 -35.85 37.33 -77.84
CA ALA QA 29 -34.98 35.18 -74.80
CA LEU QA 30 -37.17 36.73 -72.08
CA GLU QA 31 -35.74 37.88 -68.76
CA ARG QA 32 -38.49 39.85 -67.03
CA ILE QA 33 -42.31 39.63 -66.90
CA ARG QA 34 -44.50 42.29 -65.24
CA ASN QA 35 -48.26 42.83 -65.30
CA GLU QA 36 -48.84 44.82 -62.08
CA ALA QA 37 -51.02 47.15 -64.18
CA THR QA 38 -54.60 46.44 -63.03
CA ASP QA 39 -56.05 47.11 -66.49
CA GLY QA 40 -54.08 44.07 -67.65
CA THR QA 41 -51.30 45.56 -69.79
CA LEU QA 42 -48.19 43.39 -69.55
CA LYS QA 43 -44.63 44.72 -69.54
CA ILE QA 44 -41.89 42.39 -70.74
CA GLN QA 45 -38.22 43.23 -71.19
CA VAL QA 46 -37.05 41.42 -74.32
CA SER QA 47 -33.34 40.60 -74.51
CA LEU QA 48 -32.82 42.66 -77.66
CA GLN QA 49 -33.94 46.25 -78.03
CA ILE QA 50 -36.36 47.65 -80.58
CA GLY QA 51 -36.62 51.08 -82.11
CA ILE QA 52 -32.89 51.88 -82.43
CA LYS QA 53 -30.48 50.51 -85.03
CA THR QA 54 -26.88 49.54 -84.33
CA ASP QA 55 -26.00 53.18 -85.16
CA ASP QA 56 -26.75 53.97 -81.47
CA SER QA 57 -28.98 56.83 -82.61
CA HIS QA 58 -32.38 58.37 -81.80
CA ASP QA 59 -33.88 56.02 -84.39
CA TRP QA 60 -37.31 54.48 -84.61
CA THR QA 61 -37.33 52.57 -87.88
CA LYS QA 62 -35.29 49.46 -87.01
CA LEU QA 63 -34.31 47.25 -84.05
CA ARG QA 64 -30.97 46.13 -82.64
CA TYR QA 65 -30.68 42.38 -82.16
CA MET QA 66 -27.72 40.13 -81.42
CA ASP QA 67 -26.24 37.96 -84.18
CA ASN QA 68 -22.80 36.67 -85.24
CA HIS QA 69 -20.92 37.94 -82.14
CA MET QA 70 -22.26 41.47 -82.69
CA PRO QA 71 -25.40 43.62 -82.55
CA ALA QA 72 -27.27 43.19 -85.82
CA ASP QA 73 -30.22 45.12 -87.24
CA ALA QA 74 -33.74 44.11 -88.16
CA GLU QA 75 -36.79 46.23 -88.94
CA ARG QA 76 -39.07 47.77 -86.32
CA ALA QA 77 -42.31 46.38 -87.76
CA GLY QA 78 -41.21 42.73 -87.75
CA LEU QA 79 -42.63 41.98 -84.29
CA PHE QA 80 -45.42 39.51 -83.52
CA VAL QA 81 -46.73 38.18 -80.21
CA ARG QA 82 -49.33 35.57 -79.29
CA THR QA 83 -50.61 34.60 -75.85
CA SER QA 84 -53.49 32.40 -76.97
CA ALA QA 85 -54.54 34.61 -79.88
CA PRO QA 86 -52.22 37.01 -81.74
CA CYS QA 87 -52.78 39.85 -79.36
CA THR QA 88 -52.57 43.62 -79.59
CA ILE QA 89 -49.79 46.06 -78.71
CA THR QA 90 -50.08 49.40 -76.90
CA GLY QA 91 -46.56 50.87 -77.19
CA THR QA 92 -43.02 49.49 -77.20
CA ILE QA 93 -39.64 51.24 -76.82
CA GLY QA 94 -36.13 50.04 -76.03
CA HIS QA 95 -35.65 46.52 -74.65
CA PHE QA 96 -39.26 46.67 -73.47
CA ILE QA 97 -42.52 45.34 -74.91
CA LEU QA 98 -46.07 46.16 -73.81
CA ALA QA 99 -49.20 44.41 -75.05
CA ARG QA 100 -52.98 44.61 -74.67
CA CYS QA 101 -54.60 41.17 -74.56
CA PRO QA 102 -56.75 39.08 -72.17
CA LYS QA 103 -56.31 35.81 -70.26
CA GLY QA 104 -53.82 33.25 -71.52
CA GLU QA 105 -51.35 30.85 -69.96
CA THR QA 106 -48.96 30.47 -72.90
CA LEU QA 107 -47.22 33.40 -74.51
CA THR QA 108 -44.75 33.39 -77.37
CA VAL QA 109 -42.80 36.30 -78.81
CA GLY QA 110 -41.40 36.73 -82.30
CA PHE QA 111 -40.04 39.23 -84.76
CA THR QA 112 -39.42 38.86 -88.48
CA ASP QA 113 -35.72 39.63 -88.77
CA SER QA 114 -33.62 40.83 -91.70
CA ARG QA 115 -33.49 37.28 -93.11
CA LYS QA 116 -37.29 36.77 -92.75
CA ILE QA 117 -37.38 34.00 -90.12
CA SER QA 118 -39.24 33.70 -86.84
CA HIS QA 119 -37.08 34.25 -83.80
CA SER QA 120 -39.53 32.46 -81.55
CA CYS QA 121 -39.58 32.20 -77.77
CA THR QA 122 -42.59 30.65 -76.03
CA HIS QA 123 -43.17 31.24 -72.33
CA PRO QA 124 -45.65 29.92 -69.75
CA PHE QA 125 -47.29 32.81 -67.93
CA HIS QA 126 -50.92 32.78 -66.85
CA HIS QA 127 -51.58 36.35 -67.92
CA ASP QA 128 -54.46 37.75 -65.98
CA PRO QA 129 -56.04 41.15 -65.94
CA PRO QA 130 -57.80 41.18 -62.57
CA VAL QA 131 -61.56 41.48 -62.33
CA ILE QA 132 -61.50 45.23 -62.66
CA GLY QA 133 -64.07 47.37 -60.87
CA ARG QA 134 -66.95 45.28 -59.60
CA GLU QA 135 -67.97 43.46 -62.79
CA LYS QA 136 -66.94 40.42 -64.83
CA PHE QA 137 -67.03 41.99 -68.28
CA HIS QA 138 -64.38 42.05 -71.01
CA SER QA 139 -64.85 45.45 -72.69
CA ARG QA 140 -66.76 48.63 -71.93
CA PRO QA 141 -69.51 50.54 -73.72
CA GLN QA 142 -70.23 54.22 -73.30
CA HIS QA 143 -72.04 53.62 -70.00
CA GLY QA 144 -69.50 52.94 -67.29
CA LYS QA 145 -68.43 54.20 -63.89
CA GLU QA 146 -65.05 55.57 -62.82
CA LEU QA 147 -62.49 53.59 -60.83
CA PRO QA 148 -58.78 54.35 -60.52
CA CYS QA 149 -56.63 51.62 -62.05
CA SER QA 150 -52.92 51.00 -62.38
CA THR QA 151 -51.59 51.20 -65.92
CA TYR QA 152 -48.35 52.09 -67.68
CA VAL QA 153 -47.44 55.55 -68.91
CA GLN QA 154 -45.85 55.62 -72.37
CA SER QA 155 -42.79 57.56 -71.16
CA THR QA 156 -39.31 56.33 -72.10
CA ALA QA 157 -37.40 58.93 -70.05
CA ALA QA 158 -38.36 57.36 -66.72
CA THR QA 159 -36.24 56.67 -63.65
CA THR QA 160 -36.35 55.67 -59.92
CA GLU QA 161 -36.57 52.04 -60.97
CA GLU QA 162 -33.35 51.05 -62.62
CA ILE QA 163 -31.70 48.15 -64.39
CA GLU QA 164 -27.91 48.26 -64.29
CA VAL QA 165 -25.66 47.95 -67.34
CA HIS QA 166 -22.23 46.34 -67.49
CA MET QA 167 -19.63 45.13 -69.96
CA PRO QA 168 -20.41 41.68 -71.43
CA PRO QA 169 -17.72 39.19 -70.39
CA ASP QA 170 -17.69 36.78 -73.32
CA THR QA 171 -19.50 35.59 -76.43
CA PRO QA 172 -18.04 32.26 -77.52
CA ASP QA 173 -18.16 29.94 -80.52
CA HIS QA 174 -17.34 26.33 -81.25
CA THR QA 175 -17.92 27.00 -84.97
CA LEU QA 176 -14.74 29.16 -84.93
CA MET QA 177 -12.67 25.94 -84.66
CA SER QA 178 -11.83 23.94 -87.75
CA GLN QA 179 -9.33 21.10 -87.57
CA GLN QA 180 -6.74 20.32 -90.25
CA SER QA 181 -6.27 16.66 -89.20
CA GLY QA 182 -4.97 17.32 -85.69
CA ASN QA 183 -4.17 20.98 -86.41
CA VAL QA 184 -6.74 23.59 -85.38
CA LYS QA 185 -7.40 26.18 -88.04
CA ILE QA 186 -9.10 28.27 -85.37
CA THR QA 187 -11.15 30.99 -87.05
CA VAL QA 188 -11.01 34.33 -85.21
CA ASN QA 189 -12.48 36.88 -87.68
CA GLY QA 190 -10.85 39.87 -85.98
CA GLN QA 191 -12.20 39.65 -82.43
CA THR QA 192 -10.78 39.09 -78.94
CA VAL QA 193 -10.95 35.28 -78.88
CA ARG QA 194 -10.31 34.12 -75.31
CA TYR QA 195 -8.49 30.23 -76.71
CA LYS QA 196 -7.05 29.32 -73.33
CA CYS QA 197 -7.18 25.61 -73.93
CA ASN QA 198 -5.48 22.25 -73.56
CA CYS QA 199 -3.64 22.28 -76.89
CA GLY QA 200 -0.65 23.92 -74.38
CA GLY QA 201 -3.50 26.40 -74.33
CA SER QA 202 -3.08 28.88 -77.11
CA ASN QA 203 -0.03 27.65 -75.94
CA GLU QA 204 -1.56 30.33 -73.80
CA GLY QA 205 -3.57 33.54 -74.14
CA LEU QA 206 -6.18 35.57 -76.06
CA THR QA 207 -5.84 36.31 -79.75
CA THR QA 208 -7.40 38.99 -81.93
CA THR QA 209 -6.11 37.90 -85.37
CA ASP QA 210 -6.78 34.66 -87.22
CA LYS QA 211 -4.74 31.68 -86.03
CA VAL QA 212 -3.75 28.30 -87.44
CA ILE QA 213 -2.39 26.16 -84.62
CA ASN QA 214 -0.97 22.68 -85.06
CA ASN QA 215 -0.97 19.65 -82.67
CA CYS QA 216 -4.56 20.17 -81.53
CA LYS QA 217 -8.10 18.88 -82.09
CA VAL QA 218 -11.53 20.06 -80.84
CA ASP QA 219 -11.08 17.78 -77.80
CA GLN QA 220 -8.32 20.17 -76.66
CA CYS QA 221 -9.63 23.62 -77.55
CA HIS QA 222 -12.22 26.44 -77.60
CA ALA QA 223 -12.88 29.87 -79.11
CA ALA QA 224 -14.46 32.70 -77.13
CA VAL QA 225 -14.90 36.31 -78.24
CA THR QA 226 -14.74 38.49 -75.14
CA ASN QA 227 -16.98 41.24 -76.50
CA HIS QA 228 -15.96 44.68 -75.30
CA LYS QA 229 -17.55 47.38 -77.49
CA LYS QA 230 -21.09 47.99 -76.17
CA TRP QA 231 -22.79 47.58 -72.80
CA GLN QA 232 -24.70 44.58 -71.48
CA TYR QA 233 -27.42 44.99 -68.88
CA ASN QA 234 -27.91 42.80 -65.82
CA SER QA 235 -29.87 39.86 -67.15
CA PRO QA 236 -30.30 36.37 -65.64
CA LEU QA 237 -29.32 34.84 -69.00
CA VAL QA 238 -25.93 36.50 -69.54
CA PRO QA 239 -23.36 35.97 -66.76
CA ARG QA 240 -20.46 37.84 -65.08
CA ASN QA 241 -16.71 37.94 -65.69
CA ALA QA 242 -15.65 35.79 -62.66
CA GLU QA 243 -15.64 38.59 -60.16
CA LEU QA 244 -17.77 41.50 -61.31
CA GLY QA 245 -19.73 41.66 -64.49
CA ASP QA 246 -22.11 43.66 -62.38
CA ARG QA 247 -19.83 46.58 -63.18
CA LYS QA 248 -20.85 50.19 -63.19
CA GLY QA 249 -23.28 51.67 -65.72
CA LYS QA 250 -26.89 52.83 -65.95
CA ILE QA 251 -29.71 52.12 -68.38
CA HIS QA 252 -32.87 53.86 -67.26
CA ILE QA 253 -36.40 52.50 -67.42
CA PRO QA 254 -39.29 53.27 -69.74
CA PHE QA 255 -43.02 53.03 -68.97
CA PRO QA 256 -43.77 54.22 -65.40
CA LEU QA 257 -47.06 53.46 -63.66
CA ALA QA 258 -50.16 55.57 -63.14
CA ASN QA 259 -52.98 55.17 -60.62
CA VAL QA 260 -55.43 56.65 -63.11
CA THR QA 261 -58.91 56.15 -64.51
CA CYS QA 262 -60.16 52.91 -65.97
CA ARG QA 263 -63.86 52.43 -66.67
CA VAL QA 264 -66.04 49.45 -65.80
CA PRO QA 265 -69.57 49.16 -67.28
CA LYS QA 266 -72.58 49.56 -65.07
CA ALA QA 267 -74.82 46.52 -65.01
CA ARG QA 268 -78.23 47.04 -66.54
CA ASN QA 269 -81.10 47.44 -64.12
CA PRO QA 270 -83.20 44.32 -63.44
CA THR QA 271 -86.93 44.28 -62.92
CA VAL QA 272 -88.16 44.55 -59.34
CA THR QA 273 -91.50 43.59 -57.80
CA TYR QA 274 -92.99 42.63 -54.44
CA GLY QA 275 -93.51 39.37 -52.64
CA LYS QA 276 -94.68 38.23 -49.18
CA ASN QA 277 -92.81 40.69 -46.92
CA GLN QA 278 -90.10 40.48 -49.56
CA VAL QA 279 -88.92 41.25 -53.10
CA ILE QA 280 -89.52 38.95 -56.05
CA MET QA 281 -87.43 40.15 -58.99
CA LEU QA 282 -86.12 38.61 -62.19
CA LEU QA 283 -82.41 39.40 -62.21
CA TYR QA 284 -80.69 40.41 -65.44
CA PRO QA 285 -77.00 39.75 -66.04
CA ASP QA 286 -75.72 38.66 -69.42
CA HIS QA 287 -72.04 38.78 -68.43
CA PRO QA 288 -71.20 37.71 -64.84
CA THR QA 289 -72.39 40.23 -62.29
CA LEU QA 290 -72.28 40.29 -58.49
CA LEU QA 291 -75.13 40.59 -56.01
CA SER QA 292 -74.62 41.77 -52.43
CA TYR QA 293 -77.25 42.49 -49.79
CA ARG QA 294 -77.14 43.37 -46.09
CA ASN QA 295 -79.58 44.88 -43.60
CA MET QA 296 -79.82 47.89 -41.31
CA GLY QA 297 -79.94 45.85 -38.11
CA GLU QA 298 -77.33 45.40 -35.41
CA GLU QA 299 -76.24 42.36 -37.43
CA PRO QA 300 -75.04 42.90 -41.02
CA ASN QA 301 -76.83 39.92 -42.65
CA TYR QA 302 -74.36 40.33 -45.49
CA GLN QA 303 -74.39 37.90 -48.42
CA GLU QA 304 -72.45 38.08 -51.70
CA GLU QA 305 -72.86 36.04 -54.89
CA TRP QA 306 -72.09 36.36 -58.61
CA VAL QA 307 -74.56 35.74 -61.46
CA MET QA 308 -74.30 35.61 -65.24
CA HIS QA 309 -77.72 34.16 -65.96
CA LYS QA 310 -81.21 35.63 -66.07
CA LYS QA 311 -82.84 34.14 -63.00
CA GLU QA 312 -85.46 34.80 -60.33
CA VAL QA 313 -84.10 35.83 -56.94
CA VAL QA 314 -86.32 36.09 -53.86
CA LEU QA 315 -85.18 38.95 -51.66
CA THR QA 316 -86.50 38.79 -48.10
CA VAL QA 317 -86.86 42.27 -46.61
CA PRO QA 318 -87.04 42.59 -42.81
CA THR QA 319 -89.20 45.42 -41.43
CA GLU QA 320 -86.03 47.45 -40.71
CA GLY QA 321 -85.14 47.03 -44.39
CA LEU QA 322 -81.99 46.00 -46.22
CA GLU QA 323 -79.79 47.04 -49.12
CA VAL QA 324 -79.00 45.35 -52.42
CA THR QA 325 -76.12 46.23 -54.77
CA TRP QA 326 -76.11 45.26 -58.46
CA GLY QA 327 -73.05 45.41 -60.66
CA ASN QA 328 -71.67 48.92 -60.76
CA ASN QA 329 -74.96 50.54 -59.74
CA GLU QA 330 -75.76 52.26 -56.46
CA PRO QA 331 -77.27 50.28 -53.54
CA TYR QA 332 -81.05 50.00 -53.38
CA LYS QA 333 -82.61 50.05 -49.89
CA TYR QA 334 -86.10 48.75 -49.18
CA TRP QA 335 -88.82 49.02 -46.52
CA PRO QA 336 -91.51 46.37 -46.50
CA GLN QA 337 -95.21 46.12 -45.77
CA LEU QA 338 -97.48 43.10 -45.57
CA SER QA 339 -99.17 39.96 -47.85
CA THR QA 340 -103.13 41.16 -49.09
CA ASN QA 341 -105.39 37.55 -49.32
CA GLY QA 342 -107.44 36.64 -46.25
CA THR QA 343 -111.42 35.25 -47.05
CA ALA QA 344 -114.29 36.97 -45.36
CA HIS QA 345 -114.17 38.38 -41.32
CA GLY QA 346 -117.27 39.44 -39.43
CA HIS QA 347 -118.47 41.29 -37.02
CA PRO QA 348 -121.56 39.99 -35.95
CA HIS QA 349 -118.10 39.29 -33.47
CA GLU QA 350 -114.93 38.51 -35.44
CA ILE QA 351 -112.72 41.35 -36.68
CA ILE QA 352 -109.26 39.95 -36.00
CA LEU QA 353 -108.59 39.60 -39.70
CA TYR QA 354 -108.45 43.37 -39.29
CA TYR QA 355 -105.69 42.39 -36.86
CA TYR QA 356 -104.25 39.82 -39.31
CA GLU QA 357 -102.88 42.28 -41.89
CA LEU QA 358 -102.14 44.51 -38.88
CA TYR QA 359 -98.35 43.90 -38.62
CA PRO QA 360 -98.45 40.06 -38.26
CA THR QA 361 -96.20 37.81 -36.20
CA MET QA 362 -97.21 40.62 -33.86
CA THR QA 363 -100.77 41.21 -32.59
CA VAL QA 364 -101.62 37.98 -34.40
CA VAL QA 365 -99.51 35.64 -32.24
CA VAL QA 366 -98.06 37.91 -29.54
CA VAL QA 367 -101.63 38.77 -28.77
CA SER QA 368 -102.18 35.01 -28.34
CA VAL QA 369 -99.57 34.69 -25.61
CA ALA QA 370 -101.18 37.76 -24.02
CA THR QA 371 -104.61 36.22 -23.70
CA PHE QA 372 -103.53 34.37 -20.56
CA ILE QA 373 -104.59 37.43 -18.56
CA LEU QA 374 -107.89 36.87 -20.37
CA LEU QA 375 -107.72 33.13 -19.69
CA SER QA 376 -106.90 33.31 -15.98
CA MET QA 377 -110.64 32.99 -15.23
CA VAL QA 378 -111.15 29.22 -15.26
CA GLY QA 379 -109.27 28.34 -12.07
CA MET QA 380 -110.60 31.54 -10.52
CA ALA QA 381 -114.04 29.96 -11.00
CA ALA QA 382 -112.99 26.57 -9.61
CA GLY QA 383 -111.81 26.88 -5.98
CA MET QA 384 -114.19 29.79 -5.83
CA CYS QA 385 -116.97 27.25 -6.26
CA MET QA 386 -115.57 24.52 -3.98
CA CYS QA 387 -116.14 27.10 -1.26
CA ALA QA 388 -119.67 27.39 -2.71
CA ARG QA 389 -120.84 23.77 -2.99
CA ARG QA 390 -118.42 21.59 -1.04
CA ARG QA 391 -118.80 23.76 2.07
CA CYS QA 392 -122.62 23.81 1.96
CA ILE QA 393 -123.34 21.01 4.41
CA THR QA 394 -119.71 20.76 5.58
CA PRO QA 395 -118.43 23.39 8.04
CA TYR QA 396 -120.85 24.30 10.90
CA GLU QA 397 -123.51 21.97 12.30
CA LEU QA 398 -124.24 24.25 15.19
CA THR QA 399 -127.71 25.65 14.39
CA PRO QA 400 -130.28 22.87 13.93
CA GLY QA 401 -132.48 22.89 10.78
CA ALA QA 402 -131.67 19.45 9.13
CA THR QA 403 -130.79 21.73 6.15
CA VAL QA 404 -131.32 25.28 4.99
CA PRO QA 405 -135.04 25.03 4.15
CA PHE QA 406 -135.35 28.17 2.04
CA LEU QA 407 -132.02 29.54 0.84
CA LEU QA 408 -130.65 26.55 -1.06
CA SER QA 409 -131.06 27.54 -4.74
CA LEU QA 410 -129.21 30.63 -3.52
CA ILE QA 411 -126.46 28.09 -2.68
CA CYS QA 412 -127.23 25.27 -5.21
CA CYS QA 413 -124.94 22.61 -3.88
CA ILE QA 414 -124.59 19.12 -5.34
CA ARG QA 415 -126.57 16.67 -7.47
CA THR QA 416 -129.21 19.39 -7.69
CA ALA QA 417 -132.02 16.97 -8.44
CA LYS QA 418 -134.76 16.73 -5.78
CA ALA QA 419 -138.48 17.66 -6.15
CA ASN RA 1 -96.92 -24.24 30.01
CA ASP RA 2 -98.89 -21.01 30.14
CA CYS RA 3 -96.69 -18.15 28.87
CA ILE RA 4 -95.15 -19.26 25.56
CA PHE RA 5 -95.72 -18.38 21.88
CA GLU RA 6 -96.64 -20.22 18.65
CA VAL RA 7 -95.63 -19.96 14.98
CA LYS RA 8 -97.29 -21.88 12.12
CA HIS RA 9 -96.20 -22.42 8.49
CA GLU RA 10 -98.99 -22.29 5.82
CA GLY RA 11 -101.68 -22.91 8.41
CA LYS RA 12 -100.02 -26.12 9.62
CA VAL RA 13 -98.61 -25.79 13.11
CA THR RA 14 -94.94 -26.73 13.53
CA GLY RA 15 -93.06 -24.27 15.70
CA TYR RA 16 -93.06 -22.47 19.03
CA ALA RA 17 -91.29 -19.22 19.89
CA CYS RA 18 -90.13 -18.42 23.40
CA LEU RA 19 -89.59 -15.59 25.91
CA VAL RA 20 -86.19 -15.35 27.63
CA GLY RA 21 -87.31 -12.95 30.35
CA ASP RA 22 -86.98 -9.61 28.60
CA LYS RA 23 -87.29 -10.58 24.91
CA VAL RA 24 -89.03 -12.75 22.36
CA MET RA 25 -86.89 -15.61 21.07
CA LYS RA 26 -87.13 -17.25 17.75
CA PRO RA 27 -85.34 -20.48 16.91
CA ALA RA 28 -84.69 -20.04 13.20
CA HIS RA 29 -84.49 -23.86 12.54
CA VAL RA 30 -88.20 -23.77 12.70
CA LYS RA 31 -89.84 -21.44 10.23
CA GLY RA 32 -93.25 -20.41 9.18
CA THR RA 33 -95.50 -17.39 9.44
CA ILE RA 34 -95.94 -15.40 12.61
CA ASP RA 35 -99.13 -16.01 14.55
CA ASN RA 36 -99.37 -12.57 16.11
CA ALA RA 37 -99.95 -9.03 14.88
CA ASP RA 38 -97.43 -7.43 17.25
CA LEU RA 39 -94.82 -10.03 16.35
CA ALA RA 40 -95.26 -9.95 12.57
CA LYS RA 41 -94.69 -6.30 13.40
CA LEU RA 42 -91.29 -6.80 14.85
CA ALA RA 43 -88.13 -7.59 12.96
CA PHE RA 44 -86.91 -11.14 13.22
CA LYS RA 45 -83.43 -12.32 12.40
CA ARG RA 46 -82.58 -15.70 11.08
CA SER RA 47 -79.97 -18.41 10.62
CA SER RA 48 -79.42 -22.09 10.76
CA LYS RA 49 -76.73 -22.88 13.22
CA TYR RA 50 -76.98 -20.00 15.49
CA ASP RA 51 -80.76 -20.16 15.23
CA LEU RA 52 -81.84 -17.04 17.21
CA GLU RA 53 -83.77 -13.77 17.46
CA CYS RA 54 -84.10 -10.95 20.02
CA ALA RA 55 -86.77 -8.27 20.42
CA GLN RA 56 -87.70 -6.87 23.76
CA ILE RA 57 -91.16 -6.63 25.42
CA PRO RA 58 -92.45 -3.25 26.75
CA VAL RA 59 -92.06 -2.02 30.30
CA HIS RA 60 -94.78 -3.80 32.36
CA MET RA 61 -94.79 -6.61 29.83
CA LYS RA 62 -91.85 -8.21 31.64
CA SER RA 63 -94.35 -10.32 33.59
CA ASP RA 64 -95.46 -12.67 30.79
CA ALA RA 65 -91.88 -13.41 29.74
CA SER RA 66 -90.38 -16.60 31.19
CA LYS RA 67 -87.09 -15.88 32.96
CA PHE RA 68 -83.73 -16.98 31.50
CA THR RA 69 -81.34 -19.21 33.35
CA HIS RA 70 -77.87 -20.57 33.09
CA GLU RA 71 -78.46 -23.58 35.33
CA LYS RA 72 -77.66 -27.20 34.73
CA PRO RA 73 -78.40 -29.84 37.34
CA GLU RA 74 -78.04 -33.16 35.51
CA GLY RA 75 -81.54 -34.45 36.21
CA TYR RA 76 -85.26 -34.70 35.34
CA TYR RA 77 -86.66 -31.54 33.74
CA ASN RA 78 -89.87 -29.92 32.59
CA TRP RA 79 -91.39 -29.28 29.17
CA HIS RA 80 -94.88 -29.41 27.77
CA HIS RA 81 -95.78 -32.84 26.31
CA GLY RA 82 -93.54 -34.59 28.88
CA ALA RA 83 -90.42 -34.50 31.10
CA VAL RA 84 -86.88 -35.15 29.76
CA GLN RA 85 -84.31 -36.46 32.21
CA TYR RA 86 -80.56 -36.18 31.60
CA SER RA 87 -78.86 -39.58 31.84
CA GLY RA 88 -75.08 -39.29 31.92
CA GLY RA 89 -74.61 -37.71 28.47
CA ARG RA 90 -78.09 -38.33 27.27
CA PHE RA 91 -81.38 -36.50 27.11
CA THR RA 92 -84.04 -39.20 26.89
CA ILE RA 93 -87.62 -39.30 25.80
CA PRO RA 94 -89.80 -42.35 26.23
CA THR RA 95 -90.32 -43.36 22.61
CA GLY RA 96 -93.62 -41.61 22.02
CA ALA RA 97 -92.75 -38.46 23.92
CA GLY RA 98 -90.98 -37.35 20.74
CA LYS RA 99 -93.33 -36.43 17.90
CA PRO RA 100 -93.64 -33.93 15.04
CA GLY RA 101 -95.40 -30.64 15.67
CA ASP RA 102 -93.62 -29.14 18.66
CA SER RA 103 -90.43 -27.48 17.39
CA GLY RA 104 -89.45 -24.82 19.88
CA ARG RA 105 -90.69 -26.22 23.19
CA PRO RA 106 -88.65 -24.58 25.95
CA ILE RA 107 -87.20 -26.95 28.55
CA PHE RA 108 -87.68 -25.93 32.18
CA ASP RA 109 -86.35 -27.14 35.49
CA ASN RA 110 -88.79 -28.17 38.22
CA LYS RA 111 -89.05 -24.43 39.01
CA GLY RA 112 -89.90 -23.03 35.56
CA ARG RA 113 -86.51 -21.56 34.69
CA VAL RA 114 -85.50 -21.39 31.07
CA VAL RA 115 -82.39 -23.44 30.29
CA ALA RA 116 -83.33 -25.14 27.10
CA ILE RA 117 -85.52 -25.24 24.02
CA VAL RA 118 -86.04 -28.51 22.20
CA LEU RA 119 -86.32 -28.73 18.36
CA GLY RA 120 -86.02 -32.47 17.65
CA GLY RA 121 -85.60 -35.97 19.04
CA ALA RA 122 -84.05 -39.27 17.99
CA ASN RA 123 -84.71 -42.86 18.95
CA GLU RA 124 -82.00 -45.47 18.56
CA GLY RA 125 -83.51 -48.39 20.43
CA ALA RA 126 -81.68 -48.95 23.72
CA ARG RA 127 -81.23 -45.19 24.25
CA THR RA 128 -83.33 -42.29 22.93
CA ALA RA 129 -81.99 -38.86 22.03
CA LEU RA 130 -83.03 -35.24 21.64
CA SER RA 131 -81.60 -32.34 19.67
CA VAL RA 132 -82.16 -29.39 21.94
CA VAL RA 133 -81.03 -25.81 22.52
CA THR RA 134 -79.28 -25.72 26.05
CA TRP RA 135 -76.82 -23.24 27.82
CA ASN RA 136 -72.93 -23.09 29.40
CA LYS RA 137 -72.15 -19.43 31.00
CA ASP RA 138 -75.01 -16.93 29.11
CA ILE RA 139 -76.22 -17.76 25.04
CA VAL RA 140 -77.66 -21.41 23.75
CA THR RA 141 -75.99 -24.87 22.65
CA LYS RA 142 -76.94 -28.06 20.70
CA ILE RA 143 -75.80 -31.58 21.29
CA THR RA 144 -76.52 -32.98 17.83
CA PRO RA 145 -77.18 -36.74 17.87
CA GLU RA 146 -77.87 -38.62 14.68
CA GLY RA 147 -81.49 -38.52 13.57
CA ALA RA 148 -81.88 -34.99 14.93
CA GLU RA 149 -85.50 -34.23 14.08
CA GLU RA 150 -87.18 -30.94 13.28
CA TRP RA 151 -90.43 -31.33 15.25
CA VAL SA 1 15.08 23.68 -72.22
CA GLN SA 2 12.61 23.49 -75.10
CA LEU SA 3 13.71 26.57 -77.05
CA GLN SA 4 17.27 27.76 -76.60
CA GLN SA 5 18.80 31.18 -76.19
CA SER SA 6 19.34 34.04 -78.62
CA GLY SA 7 22.84 35.32 -78.00
CA ALA SA 8 24.68 38.37 -76.68
CA GLU SA 9 23.79 42.03 -77.17
CA LEU SA 10 26.05 44.98 -76.32
CA VAL SA 11 26.31 48.22 -78.32
CA LYS SA 12 26.73 52.07 -78.17
CA PRO SA 13 23.46 54.10 -78.17
CA GLY SA 14 21.47 54.83 -81.30
CA ALA SA 15 20.45 52.08 -83.70
CA SER SA 16 19.33 48.50 -83.14
CA VAL SA 17 20.26 44.87 -83.70
CA LYS SA 18 17.90 41.91 -84.22
CA ILE SA 19 18.43 39.02 -81.80
CA SER SA 20 16.68 35.68 -82.08
CA CYS SA 21 16.00 32.71 -79.86
CA LYS SA 22 16.00 29.50 -81.82
CA ALA SA 23 12.40 28.89 -80.86
CA SER SA 24 12.67 25.13 -81.04
CA GLY SA 25 9.27 24.20 -79.63
CA TYR SA 26 8.27 20.60 -80.12
CA ALA SA 27 6.23 21.57 -83.18
CA PHE SA 28 7.28 25.00 -84.34
CA SER SA 29 4.19 26.40 -86.10
CA SER SA 30 2.37 26.31 -82.75
CA TYR SA 31 3.91 28.37 -80.08
CA TRP SA 32 3.38 31.87 -79.00
CA MET SA 33 7.01 32.13 -78.18
CA ASN SA 34 6.70 35.50 -76.60
CA TRP SA 35 8.98 38.50 -76.38
CA VAL SA 36 8.91 40.93 -73.51
CA LYS SA 37 10.66 43.94 -71.93
CA GLN SA 38 11.73 44.12 -68.28
CA ARG SA 39 13.77 46.57 -66.31
CA PRO SA 40 14.70 44.87 -63.00
CA GLY SA 41 12.58 46.83 -60.55
CA LYS SA 42 9.64 47.33 -62.91
CA GLY SA 43 7.79 44.07 -63.43
CA LEU SA 44 7.52 43.42 -67.16
CA GLU SA 45 6.33 45.04 -70.37
CA TRP SA 46 5.21 42.50 -72.91
CA ILE SA 47 6.51 43.60 -76.30
CA GLY SA 48 5.07 41.21 -78.83
CA GLN SA 49 5.01 37.70 -80.18
CA ILE SA 50 5.20 36.38 -83.62
CA TYR SA 51 2.84 33.61 -84.36
CA PRO SA 52 4.73 31.23 -86.73
CA GLY SA 53 1.83 30.63 -89.11
CA ASP SA 54 0.72 33.62 -91.11
CA GLY SA 55 3.09 35.78 -89.03
CA ASP SA 56 0.92 37.33 -86.36
CA THR SA 57 1.85 39.87 -83.73
CA ASN SA 58 -0.06 41.30 -80.79
CA TYR SA 59 1.51 44.24 -78.99
CA ASN SA 60 1.25 46.50 -75.94
CA GLY SA 61 0.21 50.15 -76.14
CA LYS SA 62 3.78 51.22 -75.46
CA PHE SA 63 5.04 49.10 -78.37
CA LYS SA 64 2.27 49.08 -80.98
CA GLY SA 65 4.32 50.71 -83.73
CA LYS SA 66 7.58 50.40 -81.81
CA ALA SA 67 8.71 46.79 -82.32
CA THR SA 68 9.99 44.59 -85.14
CA LEU SA 69 9.14 40.87 -85.19
CA THR SA 70 9.70 38.09 -87.69
CA ALA SA 71 10.43 34.35 -87.52
CA ASP SA 72 12.32 31.57 -89.27
CA LYS SA 73 9.17 29.54 -89.94
CA SER SA 74 11.04 26.48 -91.17
CA SER SA 75 14.04 26.15 -88.85
CA SER SA 76 12.34 27.11 -85.56
CA THR SA 77 13.53 30.62 -84.75
CA ALA SA 78 11.72 33.83 -83.89
CA TYR SA 79 13.53 37.09 -84.62
CA MET SA 80 13.35 40.08 -82.30
CA GLN SA 81 14.12 43.76 -82.77
CA LEU SA 82 13.16 46.92 -80.92
CA SER SA 83 14.22 49.50 -83.51
CA SER SA 84 16.63 52.21 -82.32
CA LEU SA 85 18.13 50.34 -79.36
CA THR SA 86 19.29 52.82 -76.73
CA SER SA 87 19.74 52.71 -72.96
CA GLU SA 88 15.98 53.29 -72.57
CA ASP SA 89 15.24 49.99 -74.31
CA SER SA 90 18.22 48.32 -72.65
CA ALA SA 91 16.11 45.51 -71.20
CA VAL SA 92 15.81 41.73 -71.34
CA TYR SA 93 14.23 40.72 -74.63
CA PHE SA 94 14.02 36.97 -74.77
CA CYS SA 95 11.86 34.05 -75.41
CA ALA SA 96 10.59 30.92 -73.66
CA ARG SA 97 7.49 28.73 -73.52
CA GLY SA 98 6.22 28.08 -70.02
CA GLY SA 99 4.68 31.48 -69.47
CA LEU SA 100 1.27 32.77 -70.56
CA THR SA 101 1.41 35.30 -73.49
CA ILE SA 102 4.69 36.30 -71.82
CA ASP SA 103 7.93 34.42 -72.27
CA TYR SA 104 10.87 35.94 -70.59
CA TRP SA 105 13.86 33.52 -70.61
CA GLY SA 106 16.16 35.74 -68.62
CA GLN SA 107 19.53 35.71 -70.38
CA GLY SA 108 19.89 39.45 -69.82
CA THR SA 109 21.94 40.86 -72.71
CA THR SA 110 20.96 44.54 -72.51
CA LEU SA 111 22.63 47.71 -73.75
CA THR SA 112 25.45 48.95 -71.52
CA VAL SA 113 26.90 51.93 -73.41
CA SER SA 114 30.33 53.20 -72.46
CA SER SA 115 33.48 55.26 -72.90
CA ALA SA 116 35.46 52.12 -72.87
CA LYS SA 117 36.06 48.63 -74.07
CA THR SA 118 37.41 45.93 -71.74
CA THR SA 119 39.24 48.03 -69.16
CA ALA SA 120 41.68 47.30 -66.33
CA PRO SA 121 40.70 48.02 -62.70
CA SER SA 122 42.50 50.80 -60.82
CA VAL SA 123 42.94 49.18 -57.44
CA TYR SA 124 43.44 51.08 -54.18
CA PRO SA 125 43.21 50.43 -50.42
CA LEU SA 126 40.18 51.48 -48.40
CA ALA SA 127 42.21 50.97 -45.23
CA PRO SA 128 40.73 52.14 -41.86
CA VAL SA 129 41.40 55.28 -39.81
CA CYS SA 130 45.01 56.46 -39.82
CA GLY SA 131 45.32 56.78 -36.06
CA GLY SA 132 45.69 53.60 -34.04
CA THR SA 133 45.73 50.35 -36.04
CA THR SA 134 45.79 48.13 -32.95
CA GLY SA 135 42.47 46.94 -31.55
CA SER SA 136 40.22 43.91 -31.38
CA SER SA 137 38.95 44.07 -34.97
CA VAL SA 138 38.20 46.62 -37.70
CA THR SA 139 36.38 46.50 -41.02
CA LEU SA 140 38.72 46.86 -43.97
CA GLY SA 141 38.13 47.75 -47.61
CA CYS SA 142 39.71 48.10 -51.05
CA LEU SA 143 38.93 50.65 -53.77
CA VAL SA 144 38.48 49.37 -57.32
CA LYS SA 145 38.26 52.13 -59.90
CA GLY SA 146 37.50 52.55 -63.57
CA TYR SA 147 37.20 49.21 -65.35
CA PHE SA 148 34.98 47.41 -67.87
CA PRO SA 149 33.07 45.14 -67.83
CA GLU SA 150 31.52 44.13 -64.51
CA PRO SA 151 32.68 42.54 -62.35
CA VAL SA 152 36.23 42.24 -61.13
CA THR SA 153 37.13 39.15 -59.12
CA LEU SA 154 38.34 40.92 -55.99
CA THR SA 155 40.22 38.18 -54.16
CA TRP SA 156 41.60 38.88 -50.70
CA ASN SA 157 45.15 37.43 -50.49
CA SER SA 158 44.60 36.11 -54.07
CA GLY SA 159 41.73 34.16 -52.53
CA SER SA 160 43.75 32.73 -49.63
CA LEU SA 161 42.13 34.60 -46.75
CA SER SA 162 39.01 35.54 -48.73
CA SER SA 163 36.23 33.93 -46.66
CA GLY SA 164 33.75 35.95 -44.65
CA VAL SA 165 33.92 38.83 -47.10
CA HIS SA 166 31.31 41.17 -48.55
CA THR SA 167 31.94 42.17 -52.14
CA PHE SA 168 30.06 45.22 -53.35
CA PRO SA 169 28.91 45.74 -56.97
CA ALA SA 170 30.26 48.49 -59.17
CA LEU SA 171 28.06 51.10 -60.82
CA LEU SA 172 28.01 52.95 -64.11
CA GLN SA 173 30.27 55.86 -64.99
CA SER SA 174 30.36 55.93 -68.83
CA GLY SA 175 31.21 52.21 -68.66
CA LEU SA 176 34.11 52.90 -66.27
CA TYR SA 177 33.32 51.07 -63.06
CA THR SA 178 33.96 51.92 -59.41
CA LEU SA 179 33.90 48.99 -56.98
CA SER SA 180 34.79 48.18 -53.39
CA SER SA 181 34.74 45.07 -51.17
CA SER SA 182 35.49 44.14 -47.56
CA VAL SA 183 37.58 41.76 -45.61
CA THR SA 184 36.99 42.24 -41.88
CA VAL SA 185 40.38 42.17 -40.18
CA THR SA 186 41.27 41.76 -36.58
CA SER SA 187 44.40 43.41 -35.27
CA ASN SA 188 45.40 39.75 -35.34
CA THR SA 189 44.71 40.10 -39.11
CA TRP SA 190 45.73 43.70 -39.87
CA PRO SA 191 48.33 45.25 -39.06
CA SER SA 192 49.27 41.67 -38.25
CA GLN SA 193 48.46 39.26 -41.10
CA THR SA 194 48.97 39.78 -44.80
CA ILE SA 195 45.59 40.78 -46.10
CA THR SA 196 46.02 41.68 -49.74
CA CYS SA 197 43.40 43.00 -52.16
CA ASN SA 198 44.26 40.95 -55.25
CA VAL SA 199 41.76 42.31 -57.76
CA ALA SA 200 41.98 40.21 -60.88
CA HIS SA 201 39.86 40.96 -63.95
CA PRO SA 202 39.31 37.85 -66.12
CA ALA SA 203 37.95 39.75 -69.14
CA SER SA 204 41.00 42.02 -69.57
CA SER SA 205 43.36 39.47 -67.90
CA THR SA 206 44.30 42.24 -65.44
CA LYS SA 207 45.59 40.59 -62.24
CA VAL SA 208 46.36 43.47 -59.86
CA ASP SA 209 48.27 42.68 -56.72
CA LYS SA 210 47.46 45.40 -54.19
CA LYS SA 211 48.30 45.19 -50.50
CA ILE SA 212 46.08 47.33 -48.30
CA GLU SA 213 48.48 50.14 -47.43
CA SER SA 214 49.11 51.52 -43.98
CA ARG SA 215 48.35 55.19 -44.10
CA ARG SA 216 49.89 57.61 -41.61
CA ASP TA 1 -5.01 48.18 -71.36
CA ILE TA 2 -6.07 47.40 -67.77
CA VAL TA 3 -3.62 48.43 -65.06
CA LEU TA 4 -2.87 45.67 -62.55
CA THR TA 5 -1.68 47.09 -59.27
CA GLN TA 6 -0.65 44.47 -56.72
CA SER TA 7 0.36 43.81 -53.13
CA PRO TA 8 2.74 46.70 -52.37
CA ALA TA 9 5.88 45.58 -54.22
CA THR TA 10 7.58 43.73 -51.31
CA LEU TA 11 6.40 41.23 -48.72
CA SER TA 12 8.56 39.31 -46.29
CA VAL TA 13 7.83 35.90 -44.72
CA THR TA 14 9.79 33.29 -42.77
CA PRO TA 15 10.11 30.14 -44.95
CA GLY TA 16 7.51 27.75 -43.60
CA ASP TA 17 4.85 30.38 -42.88
CA SER TA 18 1.60 31.75 -44.30
CA VAL TA 19 1.01 34.97 -46.30
CA SER TA 20 -1.10 36.14 -49.22
CA LEU TA 21 -0.03 38.02 -52.35
CA SER TA 22 -2.48 40.22 -54.20
CA CYS TA 23 -3.22 41.87 -57.52
CA ARG TA 24 -5.72 44.66 -58.24
CA ALA TA 25 -6.96 45.33 -61.77
CA SER TA 26 -8.21 48.73 -62.89
CA GLN TA 27 -11.15 47.40 -64.90
CA SER TA 28 -12.68 44.16 -63.62
CA ILE TA 29 -11.05 41.82 -66.14
CA SER TA 30 -10.87 38.87 -63.83
CA ASP TA 31 -9.78 35.69 -65.50
CA ASN TA 32 -6.53 36.29 -67.35
CA LEU TA 33 -3.82 37.09 -64.80
CA HIS TA 34 -2.03 34.58 -62.69
CA TRP TA 35 0.10 33.67 -59.76
CA TYR TA 36 3.63 33.70 -61.15
CA GLN TA 37 6.66 32.23 -59.41
CA GLN TA 38 9.07 34.65 -61.05
CA LYS TA 39 12.51 35.64 -59.78
CA SER TA 40 15.29 37.73 -61.32
CA HIS TA 41 16.28 36.73 -64.90
CA GLU TA 42 13.70 33.95 -64.90
CA SER TA 43 10.39 33.67 -66.74
CA PRO TA 44 7.01 34.21 -65.09
CA GLY TA 45 6.26 30.62 -64.25
CA LEU TA 46 2.80 30.46 -62.74
CA LEU TA 47 2.10 28.71 -59.47
CA ILE TA 48 -1.61 29.18 -60.22
CA LYS TA 49 -3.12 30.04 -63.58
CA TYR TA 50 -6.06 32.34 -64.24
CA ALA TA 51 -5.86 33.80 -60.71
CA SER TA 52 -7.52 30.73 -59.19
CA GLN TA 53 -6.94 27.57 -61.27
CA SER TA 54 -4.53 25.11 -59.66
CA ILE TA 55 -1.49 23.66 -61.42
CA SER TA 56 0.16 20.25 -61.24
CA GLY TA 57 3.86 20.05 -60.45
CA ILE TA 58 3.64 23.16 -58.29
CA PRO TA 59 2.82 21.96 -54.74
CA SER TA 60 -0.60 22.70 -53.23
CA ARG TA 61 1.08 25.05 -50.70
CA PHE TA 62 0.87 27.88 -53.28
CA SER TA 63 -2.87 28.52 -53.25
CA GLY TA 64 -4.01 31.30 -55.54
CA SER TA 65 -7.65 32.30 -55.33
CA GLY TA 66 -9.78 35.29 -56.03
CA SER TA 67 -10.62 36.66 -59.43
CA GLY TA 68 -11.21 40.22 -60.51
CA THR TA 69 -10.24 43.33 -58.81
CA ASP TA 70 -9.51 41.41 -55.61
CA PHE TA 71 -6.84 38.74 -55.75
CA THR TA 72 -5.13 36.32 -53.38
CA LEU TA 73 -2.17 33.97 -53.47
CA SER TA 74 -2.21 32.38 -50.05
CA ILE TA 75 1.14 30.61 -49.87
CA ASN TA 76 2.02 28.57 -46.81
CA SER TA 77 4.71 26.18 -45.48
CA VAL TA 78 6.96 27.91 -47.96
CA GLU TA 79 10.63 27.35 -48.83
CA THR TA 80 13.35 29.98 -49.31
CA GLU TA 81 13.94 29.44 -53.07
CA ASP TA 82 10.17 29.69 -53.70
CA PHE TA 83 10.37 33.43 -52.96
CA GLY TA 84 10.82 36.19 -55.48
CA MET TA 85 8.64 38.32 -57.65
CA TYR TA 86 5.03 37.04 -57.54
CA PHE TA 87 2.71 38.33 -60.22
CA CYS TA 88 -0.23 38.38 -62.60
CA GLN TA 89 -0.42 39.49 -66.25
CA GLN TA 90 -3.45 41.12 -67.87
CA SER TA 91 -4.57 39.75 -71.21
CA ASN TA 92 -8.35 40.29 -71.21
CA SER TA 93 -8.88 43.53 -73.13
CA TRP TA 94 -5.32 43.87 -74.34
CA PRO TA 95 -2.78 45.89 -74.94
CA TYR TA 96 -1.21 43.40 -72.58
CA THR TA 97 -0.50 44.66 -69.08
CA PHE TA 98 1.73 43.19 -66.42
CA GLY TA 99 1.15 43.34 -62.68
CA GLY TA 100 2.27 46.18 -60.46
CA GLY TA 101 5.06 44.46 -58.55
CA THR TA 102 5.28 42.16 -55.56
CA LYS TA 103 8.35 40.77 -53.85
CA LEU TA 104 8.48 38.43 -50.89
CA GLU TA 105 11.38 37.77 -48.68
CA ILE TA 106 12.77 35.94 -45.62
CA LYS TA 107 11.76 37.41 -42.23
CA ARG TA 108 13.96 37.80 -39.28
CA ALA TA 109 14.59 40.46 -36.66
CA ASP TA 110 15.80 43.61 -38.33
CA ALA TA 111 19.46 44.61 -38.27
CA ALA TA 112 21.59 47.78 -38.59
CA PRO TA 113 24.34 48.77 -41.05
CA THR TA 114 28.02 48.59 -40.19
CA VAL TA 115 30.33 51.42 -39.12
CA SER TA 116 33.39 51.82 -41.33
CA ILE TA 117 35.66 54.80 -41.91
CA PHE TA 118 38.09 54.52 -44.82
CA PRO TA 119 39.74 57.87 -45.64
CA PRO TA 120 41.46 58.49 -48.97
CA SER TA 121 45.15 57.76 -48.65
CA SER TA 122 47.80 58.90 -51.15
CA GLU TA 123 46.69 55.89 -53.20
CA GLN TA 124 43.18 57.27 -53.69
CA LEU TA 125 44.90 60.58 -54.48
CA THR TA 126 46.48 58.61 -57.36
CA SER TA 127 43.04 57.32 -58.44
CA GLY TA 128 42.54 60.55 -60.40
CA GLY TA 129 40.65 62.04 -57.49
CA ALA TA 130 40.11 60.66 -53.99
CA SER TA 131 37.81 58.17 -52.27
CA VAL TA 132 36.44 58.09 -48.75
CA VAL TA 133 34.19 55.02 -48.76
CA CYS TA 134 31.98 53.94 -45.86
CA PHE TA 135 30.76 50.37 -45.50
CA LEU TA 136 27.25 49.80 -44.21
CA ASN TA 137 26.53 46.08 -44.05
CA ASN TA 138 24.84 43.12 -42.34
CA PHE TA 139 21.38 44.64 -42.20
CA TYR TA 140 17.75 43.85 -43.10
CA PRO TA 141 15.68 45.30 -44.86
CA LYS TA 142 17.15 47.76 -47.38
CA ASP TA 143 15.88 50.93 -45.63
CA ILE TA 144 19.21 52.73 -45.48
CA ASN TA 145 19.72 56.14 -47.02
CA VAL TA 146 23.23 57.50 -46.74
CA LYS TA 147 24.16 61.17 -46.34
CA TRP TA 148 27.61 62.53 -47.15
CA LYS TA 149 28.92 65.56 -45.28
CA ILE TA 150 31.99 67.62 -44.54
CA ASP TA 151 31.78 67.47 -40.70
CA GLY TA 152 28.00 67.88 -40.55
CA SER TA 153 27.73 70.32 -43.46
CA GLU TA 154 25.28 68.54 -45.75
CA ARG TA 155 26.11 67.71 -49.36
CA GLN TA 156 24.45 65.61 -52.04
CA ASN TA 157 26.92 65.13 -54.89
CA GLY TA 158 29.29 62.21 -55.36
CA VAL TA 159 26.99 59.86 -53.43
CA LEU TA 160 27.72 56.37 -54.75
CA ASN TA 161 25.59 53.76 -53.00
CA SER TA 162 26.50 50.17 -53.93
CA TRP TA 163 23.96 47.60 -52.74
CA THR TA 164 24.33 43.82 -52.55
CA ASP TA 165 22.18 40.69 -52.58
CA GLN TA 166 20.16 38.84 -49.92
CA ASP TA 167 21.81 36.14 -47.87
CA SER TA 168 19.33 33.28 -47.92
CA LYS TA 169 20.30 32.03 -44.44
CA ASP TA 170 19.40 35.10 -42.42
CA SER TA 171 18.06 37.75 -44.87
CA THR TA 172 21.22 39.71 -44.10
CA TYR TA 173 22.65 42.20 -46.57
CA SER TA 174 25.74 44.29 -47.35
CA MET TA 175 26.31 47.69 -48.93
CA SER TA 176 29.09 50.05 -50.02
CA SER TA 177 28.66 53.79 -49.73
CA THR TA 178 31.36 55.45 -51.83
CA LEU TA 179 32.01 59.17 -52.03
CA THR TA 180 33.07 60.44 -55.46
CA LEU TA 181 35.48 63.35 -55.07
CA THR TA 182 38.63 64.99 -56.40
CA LYS TA 183 42.22 65.09 -55.12
CA ASP TA 184 42.36 68.87 -54.60
CA GLU TA 185 38.82 68.70 -53.22
CA TYR TA 186 40.24 66.28 -50.66
CA GLU TA 187 43.19 68.62 -50.16
CA ARG TA 188 40.93 71.64 -49.51
CA HIS TA 189 39.33 70.15 -46.39
CA ASN TA 190 40.35 67.77 -43.63
CA SER TA 191 37.42 65.51 -42.82
CA TYR TA 192 34.69 63.96 -44.98
CA THR TA 193 31.67 62.52 -43.31
CA CYS TA 194 29.13 59.72 -43.86
CA GLU TA 195 26.29 58.22 -41.83
CA ALA TA 196 24.47 54.93 -41.22
CA THR TA 197 20.71 54.73 -40.77
CA HIS TA 198 18.26 51.89 -40.24
CA LYS TA 199 14.99 51.55 -38.40
CA THR TA 200 17.22 49.70 -35.90
CA SER TA 201 19.98 52.30 -36.21
CA THR TA 202 17.53 55.21 -36.15
CA SER TA 203 20.33 57.64 -35.42
CA PRO TA 204 22.40 58.56 -38.46
CA ILE TA 205 25.66 57.01 -37.32
CA VAL TA 206 27.57 60.13 -38.31
CA LYS TA 207 31.13 58.93 -38.83
CA SER TA 208 34.18 60.57 -40.37
CA PHE TA 209 37.98 60.72 -40.27
CA ASN TA 210 40.75 63.27 -40.25
CA ARG TA 211 43.89 63.57 -42.30
CA ASN TA 212 45.13 62.60 -38.84
CA GLU TA 213 42.67 59.80 -38.44
#